data_8X9X
#
_entry.id   8X9X
#
_cell.length_a   1.00
_cell.length_b   1.00
_cell.length_c   1.00
_cell.angle_alpha   90.00
_cell.angle_beta   90.00
_cell.angle_gamma   90.00
#
_symmetry.space_group_name_H-M   'P 1'
#
loop_
_entity.id
_entity.type
_entity.pdbx_description
1 polymer 'Major capsid protein'
2 polymer 'Small capsomere-interacting protein'
3 polymer Tri2A
4 polymer Tri2B
5 polymer Tri1
#
loop_
_entity_poly.entity_id
_entity_poly.type
_entity_poly.pdbx_seq_one_letter_code
_entity_poly.pdbx_strand_id
1 'polypeptide(L)'
;PAGIIPTGNVLSTIEVCAHRCIFDFFKQIRSDDNSLYSAQFDILLGTYCNTLNFVRFLELGLSVACICTKFPELAYVRDG
VIQFEVQQPMIARDGPHPVDQPVHNYMVKRIHKRSLSAAFAIASEALSLLSNTYVDGTEIDSSLRIRAIQQMARNLRTVL
DSFERGTADQLLGVLLEKAPPLSLLSPINKFQPEGHLNRVARAALLSDLKRRVCADMFFMTRHAREPRLISAYLSDMVSC
TQPSVMVSRITHTNTRGRQVDGVLVTTATLKRQLLQGILQIDDTAADVPVTYGEMVLQGTNLVTALVMGKAVRGMDDVAR
HLLDITDPNTLNIPSIPPQSNSDSTTAGLPVNARVPADLVIVGDKLVFLEALERRVYQATRVAYPLIGNIDITFIMPMGV
FQANSMDRYTRHAGDFSTVSEQDPRQFPPQGIFFYNKDGILTQLTLRDAMGTICHSSLLDVEATLVALRQQHLDRQCYFG
VYVAEGTEDTLDVQMGRFMETWADMMPHHPHWVNEHLTILQFIAPSNPRLRFELNPAFDFFVAPGDVDLPGPQRPPEAMP
TVNATLRIINGNIPVPLCPISFRDCRGTQLGLGRHTMTPATIKAVKDTFEDRAYPTIFYMLEAVIHGNERNFCALLRLLT
QCIRGYWEQSHRVAFVNNFHMLMYITTYLGNGELPEVCINIYRDLLQHVRALRQTITDFTIQGEGHNGETSEALNNILTD
DTFIAPILWDCDALIYRDEAARDRLPAIRVSGRNGYQALHFVDMAGHNFQRRDNVLIHGRPVRGDTGQAIPITPHHDREW
GILSKIYYYIVIPAFSRGSCCTMGVRYDRLYPALQAVIVPEIPADEEAPTTPEDPRHPLHAHQLVPNSLNVYFHNAHLTV
DGDALLTLQELMGDMAERTTAILVSSAPDAGAATATTRNMRIYDGALYHGLIMMAYQAYDETIATGTFFYPVPVNPLFAC
PEHLASLRGMTNARRVLAKMVPPIPPFLGANHHATIRQPVAYHVTHSKSDFNTLTYSLLGGYFKFTPISLTHQLRTGFHP
GIAFTVVRQDRFATEQLLYAERASESYFVGQIQVHHHDAIGGVNFTLTQPRAHVDLGVGYTAVCATAALRCPLTDMGNTA
QNLFFSRGGVPMLHDNVTESLRRITASGGRLNPTEPLPIFGGLRPATSAGIARGQASVCEFVAMPVSTDLQYFRTACNPR
GRASGMLYMGDRDADIEAIMFDHTQSDVAYTDRATLNPWASQKHSYGDRLYNGTYNLTGASPIYSPCFKFFTPAEVNTNC
NTLDRLLMEAKAVASQSSTDTEYQFKRPPGSTEMTQDPCGLFQEAYPPLCSSDAAMLRTAHAGETGADEVHLAQYLIRDA
SPLRGCLPL
;
A,C,D,E,F,H
2 'polypeptide(L)'
;SNPTTFSVEAIAAYTPVALIRLLNASGPLQPGHRVDIADARSIYTVGAAASAARARANHNANTIRRTAMFAETDPMTWLR
PTVGLRRTFNPRII
;
B,G,L,Q,V,g
3 'polypeptide(L)'
;AMPFEIEVLLPGELSPAETSALQKCEGKIITFSTLRHRASLVDIALSSYYINGAPPDTLSLLEAYRMRFAAVITRVIPGK
LLAHAIGVGTPTPGLFIQNTSPVDLCNGDYICLLPPVYGSADSIRLDSVGLEIVFPLTIPQTLMREIIAKVVARAVEDLN
LMFSINEGCLLILALIPRLLALLIPRLLALVTREAAQLIHPEAPMLMLPIYETISSWISTSSRLGDTLGTRAILRVCVFD
GPSTVHPGDRTAVIQV
;
I,K
4 'polypeptide(L)'
;AMPFEIEVLLPGEISPAETSALQKCEGKIITFSTLRHRASLVDIALSSYYINGAPPDTLSLLEAYRMRFAAVITRVIPGK
LLAHAIGVGTPTPGLFIQNTSPVDLCNGDYICLLPPVFGSADEIRLDSVGLEIVFPLTIPQTLMREIIAKVVARAVERTA
ADVICYNGRRYELETNLQHRDGSDAAIRTLVLNLMFSINEGTTLILTLITRLLRFPIYEAISSWISTSSRLGDTLGTRAI
LRVCVFDGPSTVHPGDRTAVIQV
;
N,P
5 'polypeptide(L)'
;AAAAAAAAAAAAAAAAAAAAFKSTTQLIQQVSLTDFFRPDIEHAGSTVLILRHPTDLPALARHRAPPGRQTERLAEAWGQ
LLEASRAYVTSLSFIAACRAEEYTDKQAAEANRTAIVSAYGCSRMGARLIRFSECLRAMVQCHVFPHRFISFFGSLLEYT
IQDNLCNITAVAKGPQEAARTDKTSTRRVTANIPACVFWDVDKDLHLSADGLKHVFLVFVYTQRRQREGVRLHLALSQLN
EQCFGRGIGFLLGARICMYAAYTLIGTIPSESVRYTRRMERFGGYNVPTIWLEGVVWGGTNTWNEC
;
S,U
#
# COMPACT_ATOMS: atom_id res chain seq x y z
N PRO A 1 -53.80 -79.57 -19.56
CA PRO A 1 -53.51 -80.49 -20.68
C PRO A 1 -52.60 -79.98 -21.78
N ALA A 2 -52.80 -78.74 -22.22
CA ALA A 2 -52.06 -78.05 -23.29
C ALA A 2 -52.17 -78.77 -24.64
N GLY A 3 -53.19 -79.59 -24.84
CA GLY A 3 -53.42 -80.25 -26.11
C GLY A 3 -52.35 -81.26 -26.52
N ILE A 4 -51.83 -82.01 -25.54
CA ILE A 4 -50.82 -83.02 -25.81
C ILE A 4 -51.54 -84.34 -26.07
N ILE A 5 -50.88 -85.21 -26.81
CA ILE A 5 -51.46 -86.52 -27.11
C ILE A 5 -51.43 -87.37 -25.85
N PRO A 6 -52.56 -87.97 -25.45
CA PRO A 6 -52.54 -88.87 -24.29
C PRO A 6 -51.67 -90.09 -24.55
N THR A 7 -50.99 -90.53 -23.50
CA THR A 7 -50.07 -91.65 -23.58
C THR A 7 -50.75 -92.99 -23.26
N GLY A 8 -51.52 -93.05 -22.19
CA GLY A 8 -52.18 -94.28 -21.82
C GLY A 8 -53.66 -94.12 -21.58
N ASN A 9 -54.44 -95.13 -21.97
CA ASN A 9 -55.88 -95.11 -21.78
C ASN A 9 -56.21 -95.51 -20.35
N VAL A 10 -56.95 -94.66 -19.65
CA VAL A 10 -57.30 -94.90 -18.25
C VAL A 10 -58.61 -95.66 -18.20
N LEU A 11 -58.61 -96.79 -17.51
CA LEU A 11 -59.80 -97.61 -17.34
C LEU A 11 -60.52 -97.21 -16.05
N SER A 12 -61.71 -97.78 -15.85
CA SER A 12 -62.50 -97.67 -14.62
C SER A 12 -62.82 -96.21 -14.28
N THR A 13 -63.64 -95.60 -15.12
CA THR A 13 -64.10 -94.23 -14.88
C THR A 13 -65.05 -94.21 -13.70
N ILE A 14 -64.55 -93.83 -12.53
CA ILE A 14 -65.33 -93.76 -11.31
C ILE A 14 -65.26 -92.35 -10.75
N GLU A 15 -66.00 -92.13 -9.66
CA GLU A 15 -66.12 -90.82 -9.04
C GLU A 15 -64.79 -90.45 -8.39
N VAL A 16 -63.97 -89.67 -9.08
CA VAL A 16 -62.65 -89.32 -8.56
C VAL A 16 -62.71 -88.18 -7.55
N CYS A 17 -63.87 -87.54 -7.37
CA CYS A 17 -63.97 -86.47 -6.39
C CYS A 17 -63.97 -87.00 -4.97
N ALA A 18 -64.43 -88.24 -4.77
CA ALA A 18 -64.41 -88.84 -3.44
C ALA A 18 -62.99 -89.15 -2.99
N HIS A 19 -62.19 -89.71 -3.88
CA HIS A 19 -60.78 -89.99 -3.58
C HIS A 19 -59.93 -88.77 -3.95
N ARG A 20 -60.21 -87.68 -3.25
CA ARG A 20 -59.53 -86.41 -3.50
C ARG A 20 -58.26 -86.26 -2.68
N CYS A 21 -58.13 -87.00 -1.56
CA CYS A 21 -56.98 -86.91 -0.69
C CYS A 21 -55.78 -87.73 -1.18
N ILE A 22 -55.76 -88.07 -2.46
CA ILE A 22 -54.60 -88.59 -3.16
C ILE A 22 -54.16 -87.47 -4.11
N PHE A 23 -53.15 -87.75 -4.93
CA PHE A 23 -52.59 -86.87 -5.98
C PHE A 23 -51.89 -85.70 -5.28
N ASP A 24 -51.60 -84.61 -5.99
CA ASP A 24 -51.03 -83.43 -5.35
C ASP A 24 -51.91 -82.23 -5.59
N PHE A 25 -52.49 -82.12 -6.78
CA PHE A 25 -53.25 -80.94 -7.16
C PHE A 25 -54.45 -81.39 -7.97
N PHE A 26 -55.65 -81.09 -7.48
CA PHE A 26 -56.89 -81.57 -8.06
C PHE A 26 -57.78 -80.37 -8.32
N LYS A 27 -57.99 -80.04 -9.59
CA LYS A 27 -58.90 -78.97 -9.99
C LYS A 27 -60.03 -79.59 -10.79
N GLN A 28 -61.28 -79.33 -10.37
CA GLN A 28 -62.47 -79.86 -11.01
C GLN A 28 -63.26 -78.72 -11.60
N ILE A 29 -63.59 -78.83 -12.89
CA ILE A 29 -64.37 -77.82 -13.59
C ILE A 29 -65.70 -78.44 -14.01
N ARG A 30 -66.77 -77.63 -13.93
CA ARG A 30 -68.11 -78.11 -14.23
C ARG A 30 -68.29 -78.51 -15.69
N SER A 31 -68.24 -77.53 -16.60
CA SER A 31 -68.28 -77.80 -18.02
C SER A 31 -67.07 -77.25 -18.75
N ASP A 32 -66.78 -75.96 -18.56
CA ASP A 32 -65.58 -75.34 -19.09
C ASP A 32 -65.23 -74.17 -18.18
N ASP A 33 -63.97 -73.76 -18.23
CA ASP A 33 -63.50 -72.69 -17.37
C ASP A 33 -62.47 -71.89 -18.15
N ASN A 34 -62.38 -70.60 -17.83
CA ASN A 34 -61.50 -69.71 -18.56
C ASN A 34 -60.04 -69.84 -18.13
N SER A 35 -59.74 -70.61 -17.10
CA SER A 35 -58.37 -70.82 -16.65
C SER A 35 -57.65 -71.91 -17.42
N LEU A 36 -58.33 -72.56 -18.36
CA LEU A 36 -57.68 -73.55 -19.21
C LEU A 36 -56.95 -72.93 -20.39
N TYR A 37 -57.12 -71.63 -20.62
CA TYR A 37 -56.54 -70.94 -21.77
C TYR A 37 -55.58 -69.89 -21.25
N SER A 38 -54.35 -70.30 -20.98
CA SER A 38 -53.30 -69.40 -20.52
C SER A 38 -52.04 -69.64 -21.33
N ALA A 39 -51.33 -68.56 -21.66
CA ALA A 39 -50.17 -68.68 -22.52
C ALA A 39 -48.98 -67.84 -22.09
N GLN A 40 -48.76 -67.64 -20.80
CA GLN A 40 -47.58 -66.91 -20.35
C GLN A 40 -46.31 -67.72 -20.61
N PHE A 41 -45.24 -67.04 -21.02
CA PHE A 41 -43.95 -67.68 -21.20
C PHE A 41 -42.84 -66.65 -21.03
N ASP A 42 -41.64 -67.15 -20.80
CA ASP A 42 -40.43 -66.35 -20.77
C ASP A 42 -39.62 -66.62 -22.02
N ILE A 43 -38.90 -65.62 -22.49
CA ILE A 43 -38.14 -65.77 -23.73
C ILE A 43 -36.72 -65.28 -23.49
N LEU A 44 -35.77 -65.94 -24.14
CA LEU A 44 -34.37 -65.55 -24.10
C LEU A 44 -34.04 -64.88 -25.42
N LEU A 45 -33.54 -63.65 -25.34
CA LEU A 45 -33.41 -62.79 -26.51
C LEU A 45 -31.99 -62.74 -27.06
N GLY A 46 -31.26 -63.84 -26.99
CA GLY A 46 -29.93 -63.92 -27.57
C GLY A 46 -28.84 -63.79 -26.52
N THR A 47 -27.74 -64.49 -26.76
CA THR A 47 -26.54 -64.42 -25.91
C THR A 47 -25.40 -63.85 -26.73
N TYR A 48 -24.57 -63.03 -26.09
CA TYR A 48 -23.45 -62.39 -26.75
C TYR A 48 -22.15 -62.77 -26.06
N CYS A 49 -21.15 -63.14 -26.85
CA CYS A 49 -19.83 -63.47 -26.34
C CYS A 49 -18.78 -62.75 -27.19
N ASN A 50 -17.73 -62.28 -26.53
CA ASN A 50 -16.68 -61.56 -27.24
C ASN A 50 -15.54 -62.52 -27.56
N THR A 51 -14.78 -62.17 -28.59
CA THR A 51 -13.58 -62.90 -28.96
C THR A 51 -12.36 -62.06 -28.60
N LEU A 52 -11.40 -62.69 -27.95
CA LEU A 52 -10.18 -61.98 -27.57
C LEU A 52 -9.32 -61.74 -28.80
N ASN A 53 -8.64 -60.59 -28.81
CA ASN A 53 -7.70 -60.26 -29.86
C ASN A 53 -6.30 -60.72 -29.46
N PHE A 54 -5.63 -61.41 -30.36
CA PHE A 54 -4.31 -61.96 -30.09
C PHE A 54 -3.24 -61.02 -30.59
N VAL A 55 -2.29 -60.70 -29.71
CA VAL A 55 -1.19 -59.82 -30.06
C VAL A 55 0.12 -60.61 -30.03
N ARG A 56 0.89 -60.48 -31.09
CA ARG A 56 2.21 -61.08 -31.19
C ARG A 56 3.26 -60.03 -30.84
N PHE A 57 4.35 -60.48 -30.22
CA PHE A 57 5.35 -59.56 -29.70
C PHE A 57 6.05 -58.80 -30.82
N LEU A 58 6.41 -59.49 -31.91
CA LEU A 58 7.23 -58.87 -32.94
C LEU A 58 6.47 -57.79 -33.70
N GLU A 59 5.13 -57.85 -33.68
CA GLU A 59 4.35 -56.85 -34.39
C GLU A 59 4.39 -55.49 -33.69
N LEU A 60 4.80 -55.45 -32.43
CA LEU A 60 4.89 -54.18 -31.71
C LEU A 60 6.10 -53.38 -32.19
N GLY A 61 6.07 -52.09 -31.89
CA GLY A 61 7.23 -51.25 -32.13
C GLY A 61 8.29 -51.34 -31.07
N LEU A 62 8.03 -52.08 -30.00
CA LEU A 62 9.05 -52.33 -28.99
C LEU A 62 10.04 -53.40 -29.44
N SER A 63 9.70 -54.16 -30.48
CA SER A 63 10.55 -55.25 -30.94
C SER A 63 11.84 -54.77 -31.58
N VAL A 64 11.91 -53.49 -31.98
CA VAL A 64 13.14 -52.96 -32.56
C VAL A 64 14.16 -52.62 -31.48
N ALA A 65 13.74 -52.54 -30.22
CA ALA A 65 14.62 -52.20 -29.11
C ALA A 65 15.39 -53.39 -28.57
N CYS A 66 15.21 -54.57 -29.14
CA CYS A 66 15.91 -55.75 -28.62
C CYS A 66 16.15 -56.74 -29.75
N ILE A 67 17.17 -57.57 -29.55
CA ILE A 67 17.47 -58.68 -30.47
C ILE A 67 17.20 -59.96 -29.71
N CYS A 68 16.11 -60.63 -30.05
CA CYS A 68 15.73 -61.87 -29.39
C CYS A 68 16.28 -63.06 -30.15
N THR A 69 16.70 -64.08 -29.40
CA THR A 69 17.18 -65.32 -29.99
C THR A 69 16.85 -66.48 -29.06
N LYS A 70 16.54 -67.63 -29.66
CA LYS A 70 16.18 -68.80 -28.88
C LYS A 70 17.44 -69.47 -28.33
N PHE A 71 17.29 -70.06 -27.14
CA PHE A 71 18.42 -70.70 -26.46
C PHE A 71 17.84 -71.78 -25.56
N PRO A 72 17.85 -73.03 -26.00
CA PRO A 72 17.19 -74.09 -25.21
C PRO A 72 17.88 -74.41 -23.91
N GLU A 73 19.20 -74.51 -23.91
CA GLU A 73 19.95 -74.89 -22.71
C GLU A 73 20.40 -73.66 -21.92
N LEU A 74 19.47 -72.76 -21.60
CA LEU A 74 19.81 -71.60 -20.79
C LEU A 74 19.97 -71.96 -19.32
N ALA A 75 19.22 -72.94 -18.83
CA ALA A 75 19.27 -73.30 -17.42
C ALA A 75 20.58 -73.94 -16.99
N TYR A 76 21.43 -74.34 -17.94
CA TYR A 76 22.75 -74.86 -17.63
C TYR A 76 23.85 -73.82 -17.84
N VAL A 77 23.53 -72.54 -17.87
CA VAL A 77 24.52 -71.48 -18.03
C VAL A 77 24.79 -70.90 -16.65
N ARG A 78 26.03 -71.03 -16.19
CA ARG A 78 26.39 -70.49 -14.87
C ARG A 78 26.55 -68.98 -14.95
N ASP A 79 27.41 -68.51 -15.83
CA ASP A 79 27.71 -67.08 -15.96
C ASP A 79 28.06 -66.80 -17.41
N GLY A 80 27.06 -66.41 -18.20
CA GLY A 80 27.30 -66.02 -19.57
C GLY A 80 28.08 -64.74 -19.63
N VAL A 81 28.90 -64.54 -20.66
CA VAL A 81 29.89 -63.47 -20.67
C VAL A 81 29.99 -62.91 -22.09
N ILE A 82 30.20 -61.61 -22.20
CA ILE A 82 30.34 -60.92 -23.48
C ILE A 82 31.47 -59.91 -23.35
N GLN A 83 32.20 -59.69 -24.45
CA GLN A 83 33.39 -58.85 -24.41
C GLN A 83 33.26 -57.65 -25.35
N PHE A 84 34.11 -56.66 -25.09
CA PHE A 84 34.26 -55.49 -25.95
C PHE A 84 35.75 -55.18 -26.09
N GLU A 85 36.16 -54.74 -27.28
CA GLU A 85 37.55 -54.34 -27.54
C GLU A 85 37.51 -53.01 -28.28
N VAL A 86 37.60 -51.90 -27.54
CA VAL A 86 37.47 -50.56 -28.09
C VAL A 86 38.83 -49.90 -28.07
N GLN A 87 39.25 -49.38 -29.24
CA GLN A 87 40.50 -48.66 -29.38
C GLN A 87 40.21 -47.17 -29.57
N GLN A 88 41.19 -46.35 -29.22
CA GLN A 88 41.02 -44.90 -29.27
C GLN A 88 42.14 -44.27 -30.09
N PRO A 89 41.85 -43.15 -30.76
CA PRO A 89 42.89 -42.45 -31.53
C PRO A 89 43.73 -41.53 -30.67
N MET A 90 44.59 -40.71 -31.30
CA MET A 90 45.45 -39.81 -30.54
C MET A 90 45.78 -38.57 -31.37
N ILE A 91 46.29 -37.55 -30.68
CA ILE A 91 46.68 -36.28 -31.28
C ILE A 91 48.17 -36.08 -31.06
N ALA A 92 48.90 -35.83 -32.14
CA ALA A 92 50.32 -35.51 -32.05
C ALA A 92 50.48 -34.01 -31.86
N ARG A 93 51.38 -33.62 -30.95
CA ARG A 93 51.52 -32.21 -30.57
C ARG A 93 52.99 -31.95 -30.25
N ASP A 94 53.31 -30.71 -29.92
CA ASP A 94 54.67 -30.32 -29.59
C ASP A 94 54.75 -29.79 -28.17
N GLY A 95 55.91 -29.23 -27.83
CA GLY A 95 56.13 -28.65 -26.53
C GLY A 95 56.72 -29.63 -25.54
N PRO A 96 57.09 -29.15 -24.33
CA PRO A 96 57.62 -30.02 -23.28
C PRO A 96 56.56 -30.86 -22.55
N HIS A 97 55.68 -31.49 -23.32
CA HIS A 97 54.67 -32.37 -22.77
C HIS A 97 55.19 -33.80 -22.86
N PRO A 98 54.76 -34.71 -21.98
CA PRO A 98 55.04 -36.13 -22.23
C PRO A 98 54.29 -36.59 -23.47
N VAL A 99 54.95 -37.33 -24.36
CA VAL A 99 54.34 -37.70 -25.62
C VAL A 99 53.26 -38.76 -25.37
N ASP A 100 52.10 -38.55 -25.98
CA ASP A 100 50.97 -39.43 -25.73
C ASP A 100 51.10 -40.72 -26.53
N GLN A 101 50.42 -41.75 -26.06
CA GLN A 101 50.43 -43.07 -26.66
C GLN A 101 49.01 -43.53 -26.90
N PRO A 102 48.76 -44.31 -27.95
CA PRO A 102 47.41 -44.81 -28.19
C PRO A 102 47.03 -45.86 -27.16
N VAL A 103 45.74 -45.91 -26.84
CA VAL A 103 45.23 -46.73 -25.75
C VAL A 103 44.18 -47.69 -26.28
N HIS A 104 44.23 -48.93 -25.82
CA HIS A 104 43.20 -49.91 -26.09
C HIS A 104 42.43 -50.17 -24.80
N ASN A 105 41.12 -50.29 -24.91
CA ASN A 105 40.26 -50.60 -23.78
C ASN A 105 39.62 -51.95 -23.99
N TYR A 106 39.45 -52.69 -22.90
CA TYR A 106 38.80 -54.00 -22.93
C TYR A 106 37.73 -54.03 -21.87
N MET A 107 36.50 -54.32 -22.28
CA MET A 107 35.34 -54.30 -21.39
C MET A 107 34.67 -55.65 -21.42
N VAL A 108 34.04 -56.01 -20.29
CA VAL A 108 33.44 -57.33 -20.11
C VAL A 108 32.10 -57.17 -19.39
N LYS A 109 31.08 -57.88 -19.87
CA LYS A 109 29.77 -57.86 -19.24
C LYS A 109 29.22 -59.27 -19.13
N ARG A 110 28.28 -59.44 -18.21
CA ARG A 110 27.68 -60.74 -17.94
C ARG A 110 26.17 -60.67 -18.10
N ILE A 111 25.55 -61.83 -18.33
CA ILE A 111 24.11 -61.88 -18.53
C ILE A 111 23.40 -61.78 -17.19
N HIS A 112 22.10 -61.50 -17.24
CA HIS A 112 21.28 -61.44 -16.04
C HIS A 112 20.00 -62.22 -16.30
N LYS A 113 19.65 -63.12 -15.39
CA LYS A 113 18.56 -64.06 -15.62
C LYS A 113 17.25 -63.57 -15.00
N ARG A 114 16.19 -63.63 -15.81
CA ARG A 114 14.85 -63.28 -15.36
C ARG A 114 13.88 -64.31 -15.90
N SER A 115 12.70 -64.38 -15.30
CA SER A 115 11.74 -65.41 -15.63
C SER A 115 10.37 -64.82 -15.92
N LEU A 116 9.46 -65.70 -16.36
CA LEU A 116 8.06 -65.38 -16.56
C LEU A 116 7.23 -66.56 -16.07
N SER A 117 6.01 -66.30 -15.62
CA SER A 117 5.14 -67.37 -15.15
C SER A 117 3.69 -67.01 -15.35
N ALA A 118 2.90 -67.99 -15.78
CA ALA A 118 1.47 -67.83 -15.96
C ALA A 118 0.77 -69.10 -15.49
N ALA A 119 -0.44 -68.94 -14.97
CA ALA A 119 -1.17 -70.03 -14.35
C ALA A 119 -2.34 -70.45 -15.23
N PHE A 120 -2.93 -71.59 -14.88
CA PHE A 120 -4.00 -72.20 -15.67
C PHE A 120 -4.66 -73.26 -14.80
N ALA A 121 -5.96 -73.15 -14.60
CA ALA A 121 -6.68 -73.98 -13.64
C ALA A 121 -7.69 -74.88 -14.34
N ILE A 122 -7.93 -76.05 -13.76
CA ILE A 122 -8.92 -77.00 -14.22
C ILE A 122 -9.76 -77.45 -13.03
N ALA A 123 -11.08 -77.41 -13.18
CA ALA A 123 -11.96 -77.83 -12.10
C ALA A 123 -12.02 -79.35 -12.01
N SER A 124 -12.52 -79.83 -10.87
CA SER A 124 -12.53 -81.28 -10.61
C SER A 124 -13.58 -81.99 -11.45
N GLU A 125 -14.71 -81.33 -11.71
CA GLU A 125 -15.74 -81.93 -12.55
C GLU A 125 -15.25 -82.14 -13.97
N ALA A 126 -14.41 -81.23 -14.47
CA ALA A 126 -13.82 -81.39 -15.79
C ALA A 126 -12.89 -82.60 -15.83
N LEU A 127 -12.10 -82.81 -14.77
CA LEU A 127 -11.24 -83.99 -14.71
C LEU A 127 -12.06 -85.28 -14.66
N SER A 128 -13.16 -85.25 -13.91
CA SER A 128 -14.03 -86.43 -13.84
C SER A 128 -14.67 -86.72 -15.19
N LEU A 129 -15.06 -85.68 -15.93
CA LEU A 129 -15.68 -85.91 -17.24
C LEU A 129 -14.65 -86.31 -18.29
N LEU A 130 -13.41 -85.85 -18.18
CA LEU A 130 -12.40 -86.20 -19.16
C LEU A 130 -11.68 -87.50 -18.83
N SER A 131 -11.87 -88.07 -17.64
CA SER A 131 -11.17 -89.27 -17.23
C SER A 131 -11.99 -90.55 -17.43
N ASN A 132 -12.74 -90.64 -18.53
CA ASN A 132 -13.56 -91.82 -18.77
C ASN A 132 -12.74 -92.99 -19.30
N THR A 133 -12.11 -92.81 -20.47
CA THR A 133 -11.33 -93.82 -21.19
C THR A 133 -12.17 -95.08 -21.48
N TYR A 134 -13.16 -94.87 -22.37
CA TYR A 134 -14.02 -95.91 -22.93
C TYR A 134 -14.91 -96.57 -21.87
N VAL A 135 -15.57 -95.74 -21.07
CA VAL A 135 -16.62 -96.19 -20.16
C VAL A 135 -17.96 -95.53 -20.44
N ASP A 136 -17.97 -94.31 -20.96
CA ASP A 136 -19.17 -93.49 -21.11
C ASP A 136 -19.46 -93.25 -22.59
N GLY A 137 -20.35 -92.30 -22.85
CA GLY A 137 -20.85 -92.07 -24.20
C GLY A 137 -22.34 -91.83 -24.28
N THR A 138 -22.99 -91.60 -23.13
CA THR A 138 -24.39 -91.23 -23.12
C THR A 138 -24.58 -89.82 -23.71
N GLU A 139 -25.82 -89.47 -23.98
CA GLU A 139 -26.14 -88.27 -24.74
C GLU A 139 -26.23 -87.02 -23.86
N ILE A 140 -26.06 -87.15 -22.55
CA ILE A 140 -26.06 -86.02 -21.65
C ILE A 140 -24.67 -85.67 -21.16
N ASP A 141 -23.84 -86.69 -20.84
CA ASP A 141 -22.48 -86.43 -20.41
C ASP A 141 -21.56 -86.02 -21.55
N SER A 142 -21.92 -86.36 -22.80
CA SER A 142 -21.12 -85.94 -23.94
C SER A 142 -21.13 -84.42 -24.09
N SER A 143 -22.27 -83.78 -23.85
CA SER A 143 -22.34 -82.33 -23.93
C SER A 143 -21.49 -81.67 -22.85
N LEU A 144 -21.49 -82.24 -21.64
CA LEU A 144 -20.64 -81.71 -20.58
C LEU A 144 -19.16 -81.91 -20.91
N ARG A 145 -18.83 -83.03 -21.56
CA ARG A 145 -17.45 -83.25 -21.98
C ARG A 145 -17.02 -82.23 -23.03
N ILE A 146 -17.90 -81.94 -24.00
CA ILE A 146 -17.61 -80.93 -25.00
C ILE A 146 -17.43 -79.57 -24.36
N ARG A 147 -18.28 -79.22 -23.38
CA ARG A 147 -18.15 -77.92 -22.71
C ARG A 147 -16.85 -77.83 -21.91
N ALA A 148 -16.42 -78.94 -21.30
CA ALA A 148 -15.14 -78.96 -20.61
C ALA A 148 -13.99 -78.77 -21.59
N ILE A 149 -14.09 -79.36 -22.78
CA ILE A 149 -13.06 -79.15 -23.79
C ILE A 149 -13.08 -77.70 -24.30
N GLN A 150 -14.26 -77.08 -24.38
CA GLN A 150 -14.34 -75.66 -24.73
C GLN A 150 -13.60 -74.81 -23.73
N GLN A 151 -13.83 -75.07 -22.44
CA GLN A 151 -13.16 -74.28 -21.40
C GLN A 151 -11.66 -74.53 -21.41
N MET A 152 -11.26 -75.77 -21.70
CA MET A 152 -9.84 -76.10 -21.86
C MET A 152 -9.17 -75.27 -22.94
N ALA A 153 -9.76 -75.25 -24.14
CA ALA A 153 -9.15 -74.53 -25.26
C ALA A 153 -9.18 -73.02 -25.03
N ARG A 154 -10.31 -72.50 -24.54
CA ARG A 154 -10.45 -71.07 -24.31
C ARG A 154 -9.52 -70.61 -23.20
N ASN A 155 -9.21 -71.49 -22.26
CA ASN A 155 -8.23 -71.20 -21.22
C ASN A 155 -6.81 -71.22 -21.77
N LEU A 156 -6.48 -72.25 -22.55
CA LEU A 156 -5.10 -72.47 -22.97
C LEU A 156 -4.63 -71.40 -23.96
N ARG A 157 -5.53 -70.95 -24.83
CA ARG A 157 -5.17 -69.91 -25.79
C ARG A 157 -4.79 -68.62 -25.08
N THR A 158 -5.54 -68.26 -24.04
CA THR A 158 -5.23 -67.05 -23.27
C THR A 158 -3.92 -67.21 -22.49
N VAL A 159 -3.68 -68.41 -21.94
CA VAL A 159 -2.43 -68.64 -21.21
C VAL A 159 -1.22 -68.49 -22.12
N LEU A 160 -1.30 -69.02 -23.35
CA LEU A 160 -0.17 -68.86 -24.27
C LEU A 160 -0.07 -67.44 -24.81
N ASP A 161 -1.19 -66.73 -24.90
CA ASP A 161 -1.12 -65.33 -25.34
C ASP A 161 -0.49 -64.45 -24.27
N SER A 162 -0.57 -64.86 -23.00
CA SER A 162 -0.06 -64.04 -21.91
C SER A 162 1.46 -63.89 -21.98
N PHE A 163 2.17 -64.84 -22.58
CA PHE A 163 3.62 -64.72 -22.68
C PHE A 163 4.00 -63.64 -23.69
N GLU A 164 3.31 -63.60 -24.83
CA GLU A 164 3.53 -62.54 -25.80
C GLU A 164 3.14 -61.19 -25.22
N ARG A 165 2.11 -61.14 -24.38
CA ARG A 165 1.78 -59.89 -23.72
C ARG A 165 2.79 -59.51 -22.64
N GLY A 166 3.46 -60.49 -22.05
CA GLY A 166 4.38 -60.21 -20.96
C GLY A 166 5.81 -59.92 -21.34
N THR A 167 6.22 -60.31 -22.54
CA THR A 167 7.57 -59.98 -23.00
C THR A 167 7.77 -58.48 -23.10
N ALA A 168 6.78 -57.75 -23.63
CA ALA A 168 6.86 -56.30 -23.71
C ALA A 168 6.87 -55.67 -22.32
N ASP A 169 6.15 -56.28 -21.37
CA ASP A 169 6.16 -55.80 -19.99
C ASP A 169 7.56 -55.93 -19.39
N GLN A 170 8.22 -57.06 -19.63
CA GLN A 170 9.57 -57.24 -19.10
C GLN A 170 10.55 -56.28 -19.76
N LEU A 171 10.38 -56.02 -21.07
CA LEU A 171 11.25 -55.05 -21.74
C LEU A 171 11.07 -53.65 -21.16
N LEU A 172 9.82 -53.24 -20.91
CA LEU A 172 9.60 -51.93 -20.30
C LEU A 172 10.20 -51.86 -18.90
N GLY A 173 10.07 -52.93 -18.12
CA GLY A 173 10.64 -52.93 -16.78
C GLY A 173 12.15 -52.79 -16.79
N VAL A 174 12.82 -53.57 -17.65
CA VAL A 174 14.28 -53.53 -17.66
C VAL A 174 14.78 -52.23 -18.30
N LEU A 175 14.06 -51.67 -19.26
CA LEU A 175 14.49 -50.41 -19.86
C LEU A 175 14.28 -49.24 -18.91
N LEU A 176 13.23 -49.28 -18.08
CA LEU A 176 13.04 -48.23 -17.10
C LEU A 176 14.04 -48.32 -15.96
N GLU A 177 14.45 -49.54 -15.58
CA GLU A 177 15.52 -49.58 -14.59
C GLU A 177 16.89 -49.32 -15.21
N LYS A 178 17.00 -49.34 -16.53
CA LYS A 178 18.27 -49.12 -17.21
C LYS A 178 18.50 -47.68 -17.65
N ALA A 179 17.53 -46.79 -17.51
CA ALA A 179 17.61 -45.48 -18.13
C ALA A 179 17.89 -44.40 -17.10
N PRO A 180 18.98 -43.64 -17.24
CA PRO A 180 19.20 -42.48 -16.39
C PRO A 180 18.30 -41.33 -16.78
N PRO A 181 18.09 -40.35 -15.91
CA PRO A 181 17.27 -39.19 -16.30
C PRO A 181 17.92 -38.36 -17.38
N LEU A 182 17.10 -37.71 -18.19
CA LEU A 182 17.60 -36.83 -19.24
C LEU A 182 18.28 -35.60 -18.64
N SER A 183 17.69 -35.03 -17.59
CA SER A 183 18.19 -33.78 -17.01
C SER A 183 19.58 -33.96 -16.39
N LEU A 184 19.92 -35.18 -15.98
CA LEU A 184 21.27 -35.48 -15.55
C LEU A 184 22.18 -35.96 -16.67
N LEU A 185 21.64 -36.68 -17.66
CA LEU A 185 22.52 -37.22 -18.70
C LEU A 185 22.98 -36.15 -19.68
N SER A 186 22.08 -35.26 -20.09
CA SER A 186 22.41 -34.32 -21.16
C SER A 186 23.52 -33.33 -20.84
N PRO A 187 23.58 -32.68 -19.66
CA PRO A 187 24.75 -31.82 -19.42
C PRO A 187 26.02 -32.59 -19.09
N ILE A 188 25.94 -33.86 -18.71
CA ILE A 188 27.17 -34.66 -18.58
C ILE A 188 27.77 -34.93 -19.95
N ASN A 189 26.95 -35.29 -20.92
CA ASN A 189 27.42 -35.59 -22.27
C ASN A 189 27.92 -34.36 -23.01
N LYS A 190 27.53 -33.17 -22.57
CA LYS A 190 27.89 -31.93 -23.24
C LYS A 190 29.00 -31.17 -22.52
N PHE A 191 28.86 -30.93 -21.22
CA PHE A 191 29.79 -30.07 -20.50
C PHE A 191 31.05 -30.80 -20.07
N GLN A 192 31.14 -32.11 -20.28
CA GLN A 192 32.33 -32.90 -19.96
C GLN A 192 32.99 -33.30 -21.26
N PRO A 193 34.10 -32.66 -21.64
CA PRO A 193 34.68 -32.91 -22.97
C PRO A 193 35.30 -34.29 -23.13
N GLU A 194 36.20 -34.69 -22.22
CA GLU A 194 36.87 -35.97 -22.36
C GLU A 194 36.69 -36.85 -21.13
N GLY A 195 36.59 -36.23 -19.96
CA GLY A 195 36.57 -36.97 -18.72
C GLY A 195 37.73 -36.58 -17.85
N HIS A 196 37.71 -37.11 -16.62
CA HIS A 196 38.67 -36.80 -15.55
C HIS A 196 38.78 -35.29 -15.33
N LEU A 197 37.65 -34.71 -14.94
CA LEU A 197 37.62 -33.29 -14.63
C LEU A 197 38.30 -33.06 -13.28
N ASN A 198 38.72 -31.82 -13.06
CA ASN A 198 39.30 -31.44 -11.78
C ASN A 198 38.20 -31.27 -10.73
N ARG A 199 38.58 -30.76 -9.56
CA ARG A 199 37.58 -30.43 -8.56
C ARG A 199 36.71 -29.27 -9.03
N VAL A 200 37.33 -28.28 -9.67
CA VAL A 200 36.62 -27.07 -10.07
C VAL A 200 35.61 -27.34 -11.18
N ALA A 201 36.04 -28.08 -12.21
CA ALA A 201 35.15 -28.38 -13.32
C ALA A 201 34.00 -29.28 -12.88
N ARG A 202 34.30 -30.25 -12.01
CA ARG A 202 33.25 -31.11 -11.47
C ARG A 202 32.26 -30.31 -10.62
N ALA A 203 32.75 -29.36 -9.82
CA ALA A 203 31.85 -28.57 -8.99
C ALA A 203 30.95 -27.66 -9.82
N ALA A 204 31.52 -27.01 -10.85
CA ALA A 204 30.71 -26.16 -11.71
C ALA A 204 29.68 -26.97 -12.48
N LEU A 205 30.07 -28.13 -13.00
CA LEU A 205 29.13 -28.99 -13.71
C LEU A 205 28.06 -29.52 -12.74
N LEU A 206 28.44 -29.74 -11.49
CA LEU A 206 27.48 -30.20 -10.48
C LEU A 206 26.42 -29.14 -10.19
N SER A 207 26.83 -27.88 -10.06
CA SER A 207 25.86 -26.80 -9.86
C SER A 207 24.95 -26.66 -11.07
N ASP A 208 25.52 -26.84 -12.28
CA ASP A 208 24.72 -26.84 -13.49
C ASP A 208 23.69 -27.98 -13.47
N LEU A 209 24.08 -29.16 -12.98
CA LEU A 209 23.17 -30.29 -12.86
C LEU A 209 22.02 -29.97 -11.91
N LYS A 210 22.32 -29.35 -10.76
CA LYS A 210 21.29 -29.05 -9.79
C LYS A 210 20.27 -28.06 -10.34
N ARG A 211 20.75 -27.01 -11.02
CA ARG A 211 19.82 -26.04 -11.61
C ARG A 211 19.02 -26.66 -12.75
N ARG A 212 19.65 -27.53 -13.54
CA ARG A 212 18.96 -28.17 -14.66
C ARG A 212 17.87 -29.12 -14.18
N VAL A 213 18.14 -29.88 -13.12
CA VAL A 213 17.13 -30.77 -12.57
C VAL A 213 15.97 -29.99 -11.96
N CYS A 214 16.26 -28.91 -11.23
CA CYS A 214 15.18 -28.08 -10.70
C CYS A 214 14.37 -27.41 -11.81
N ALA A 215 15.00 -27.13 -12.95
CA ALA A 215 14.30 -26.42 -14.03
C ALA A 215 13.40 -27.33 -14.85
N ASP A 216 13.99 -28.35 -15.50
CA ASP A 216 13.28 -29.13 -16.51
C ASP A 216 12.82 -30.45 -15.93
N MET A 217 11.65 -30.42 -15.28
CA MET A 217 11.11 -31.57 -14.57
C MET A 217 9.77 -32.03 -15.12
N PHE A 218 8.86 -31.11 -15.40
CA PHE A 218 7.51 -31.39 -15.88
C PHE A 218 7.29 -30.67 -17.20
N PHE A 219 8.22 -30.88 -18.13
CA PHE A 219 8.45 -29.90 -19.18
C PHE A 219 7.32 -29.85 -20.20
N MET A 220 6.51 -30.90 -20.28
CA MET A 220 5.36 -30.87 -21.19
C MET A 220 4.05 -30.47 -20.50
N THR A 221 4.07 -30.10 -19.23
CA THR A 221 2.92 -29.43 -18.64
C THR A 221 3.22 -28.02 -18.20
N ARG A 222 4.49 -27.60 -18.25
CA ARG A 222 4.83 -26.19 -18.05
C ARG A 222 4.87 -25.47 -19.40
N HIS A 223 5.73 -25.94 -20.29
CA HIS A 223 5.84 -25.38 -21.63
C HIS A 223 4.93 -26.12 -22.62
N ALA A 224 3.66 -26.25 -22.25
CA ALA A 224 2.69 -26.95 -23.10
C ALA A 224 2.12 -26.04 -24.18
N ARG A 225 2.14 -24.73 -23.95
CA ARG A 225 1.58 -23.80 -24.92
C ARG A 225 2.55 -23.51 -26.07
N GLU A 226 3.83 -23.85 -25.88
CA GLU A 226 4.83 -23.61 -26.92
C GLU A 226 5.17 -24.94 -27.58
N PRO A 227 4.75 -25.18 -28.82
CA PRO A 227 5.07 -26.45 -29.49
C PRO A 227 6.46 -26.50 -30.10
N ARG A 228 7.26 -25.44 -29.97
CA ARG A 228 8.61 -25.47 -30.51
C ARG A 228 9.62 -26.00 -29.51
N LEU A 229 9.49 -25.63 -28.24
CA LEU A 229 10.45 -26.06 -27.23
C LEU A 229 10.39 -27.57 -26.98
N ILE A 230 9.19 -28.16 -27.09
CA ILE A 230 9.04 -29.59 -26.87
C ILE A 230 9.75 -30.36 -27.97
N SER A 231 9.54 -29.97 -29.23
CA SER A 231 10.32 -30.55 -30.32
C SER A 231 11.78 -30.13 -30.27
N ALA A 232 12.11 -29.06 -29.57
CA ALA A 232 13.49 -28.65 -29.39
C ALA A 232 14.22 -29.47 -28.35
N TYR A 233 13.53 -30.11 -27.41
CA TYR A 233 14.26 -30.93 -26.47
C TYR A 233 14.05 -32.42 -26.74
N LEU A 234 13.08 -32.79 -27.59
CA LEU A 234 13.04 -34.16 -28.09
C LEU A 234 14.24 -34.48 -28.95
N SER A 235 14.68 -33.54 -29.79
CA SER A 235 15.91 -33.76 -30.56
C SER A 235 17.14 -33.68 -29.68
N ASP A 236 17.01 -33.07 -28.51
CA ASP A 236 18.09 -33.13 -27.52
C ASP A 236 18.12 -34.50 -26.85
N MET A 237 16.95 -35.07 -26.57
CA MET A 237 16.87 -36.40 -26.00
C MET A 237 17.41 -37.46 -26.96
N VAL A 238 17.01 -37.39 -28.22
CA VAL A 238 17.39 -38.42 -29.18
C VAL A 238 18.87 -38.33 -29.53
N SER A 239 19.35 -37.12 -29.81
CA SER A 239 20.76 -36.94 -30.17
C SER A 239 21.61 -36.65 -28.94
N CYS A 240 21.48 -37.49 -27.91
CA CYS A 240 22.37 -37.48 -26.76
C CYS A 240 22.84 -38.85 -26.35
N THR A 241 22.13 -39.91 -26.71
CA THR A 241 22.48 -41.27 -26.36
C THR A 241 23.32 -41.91 -27.47
N GLN A 242 24.19 -42.84 -27.06
CA GLN A 242 25.08 -43.48 -28.02
C GLN A 242 24.38 -44.64 -28.71
N PRO A 243 24.72 -44.93 -29.96
CA PRO A 243 24.13 -46.09 -30.62
C PRO A 243 24.73 -47.40 -30.14
N SER A 244 24.34 -48.51 -30.77
CA SER A 244 24.80 -49.83 -30.35
C SER A 244 25.46 -50.54 -31.51
N VAL A 245 25.72 -51.85 -31.37
CA VAL A 245 26.48 -52.55 -32.40
C VAL A 245 25.61 -52.71 -33.65
N MET A 246 26.27 -52.96 -34.78
CA MET A 246 25.60 -52.92 -36.07
C MET A 246 25.63 -54.28 -36.77
N VAL A 247 25.69 -55.37 -36.02
CA VAL A 247 25.58 -56.71 -36.62
C VAL A 247 24.09 -57.04 -36.77
N SER A 248 23.70 -57.38 -38.00
CA SER A 248 22.32 -57.65 -38.34
C SER A 248 22.27 -58.30 -39.71
N ARG A 249 21.14 -58.93 -40.00
CA ARG A 249 20.80 -59.38 -41.34
C ARG A 249 19.57 -58.69 -41.88
N ILE A 250 18.46 -58.74 -41.14
CA ILE A 250 17.24 -58.02 -41.48
C ILE A 250 16.83 -57.20 -40.27
N THR A 251 16.48 -55.94 -40.49
CA THR A 251 16.14 -55.03 -39.41
C THR A 251 14.85 -54.30 -39.76
N HIS A 252 14.36 -53.51 -38.83
CA HIS A 252 13.09 -52.81 -39.01
C HIS A 252 13.28 -51.61 -39.93
N THR A 253 12.60 -51.65 -41.07
CA THR A 253 12.62 -50.57 -42.06
C THR A 253 11.20 -50.14 -42.34
N ASN A 254 11.06 -48.94 -42.90
CA ASN A 254 9.76 -48.44 -43.33
C ASN A 254 9.43 -49.02 -44.71
N THR A 255 8.37 -48.52 -45.34
CA THR A 255 7.95 -49.04 -46.63
C THR A 255 8.95 -48.69 -47.72
N ARG A 256 9.51 -47.48 -47.66
CA ARG A 256 10.48 -47.06 -48.67
C ARG A 256 11.77 -47.86 -48.57
N GLY A 257 12.29 -48.05 -47.36
CA GLY A 257 13.50 -48.82 -47.18
C GLY A 257 14.47 -48.23 -46.18
N ARG A 258 14.14 -47.07 -45.62
CA ARG A 258 15.01 -46.44 -44.64
C ARG A 258 14.96 -47.18 -43.31
N GLN A 259 16.13 -47.45 -42.74
CA GLN A 259 16.22 -48.15 -41.47
C GLN A 259 15.83 -47.22 -40.33
N VAL A 260 15.00 -47.73 -39.42
CA VAL A 260 14.64 -46.97 -38.23
C VAL A 260 15.79 -47.04 -37.22
N ASP A 261 15.71 -46.19 -36.19
CA ASP A 261 16.80 -46.06 -35.24
C ASP A 261 16.42 -46.38 -33.80
N GLY A 262 15.13 -46.44 -33.47
CA GLY A 262 14.78 -46.77 -32.11
C GLY A 262 13.29 -46.73 -31.88
N VAL A 263 12.93 -46.74 -30.60
CA VAL A 263 11.54 -46.64 -30.17
C VAL A 263 11.46 -45.55 -29.10
N LEU A 264 10.38 -44.78 -29.12
CA LEU A 264 10.16 -43.71 -28.15
C LEU A 264 8.79 -43.95 -27.54
N VAL A 265 8.75 -44.68 -26.43
CA VAL A 265 7.50 -45.18 -25.86
C VAL A 265 6.95 -44.15 -24.88
N THR A 266 5.65 -43.87 -24.98
CA THR A 266 4.99 -42.80 -24.24
C THR A 266 3.69 -43.32 -23.63
N THR A 267 2.91 -42.39 -23.11
CA THR A 267 1.52 -42.61 -22.72
C THR A 267 0.63 -42.11 -23.85
N ALA A 268 -0.60 -42.64 -23.94
CA ALA A 268 -1.49 -42.33 -25.05
C ALA A 268 -1.87 -40.86 -25.07
N THR A 269 -2.02 -40.23 -23.90
CA THR A 269 -2.22 -38.79 -23.84
C THR A 269 -1.02 -38.05 -24.40
N LEU A 270 0.18 -38.48 -24.02
CA LEU A 270 1.39 -37.84 -24.54
C LEU A 270 1.56 -38.12 -26.03
N LYS A 271 1.20 -39.32 -26.48
CA LYS A 271 1.27 -39.62 -27.91
C LYS A 271 0.33 -38.72 -28.71
N ARG A 272 -0.87 -38.48 -28.19
CA ARG A 272 -1.79 -37.54 -28.82
C ARG A 272 -1.22 -36.13 -28.84
N GLN A 273 -0.61 -35.71 -27.73
CA GLN A 273 -0.07 -34.34 -27.64
C GLN A 273 1.09 -34.13 -28.62
N LEU A 274 2.01 -35.08 -28.72
CA LEU A 274 3.06 -34.99 -29.73
C LEU A 274 2.53 -35.11 -31.15
N LEU A 275 1.60 -36.04 -31.41
CA LEU A 275 1.17 -36.25 -32.78
C LEU A 275 0.16 -35.23 -33.27
N GLN A 276 -0.34 -34.36 -32.38
CA GLN A 276 -1.27 -33.32 -32.79
C GLN A 276 -0.59 -32.31 -33.70
N GLY A 277 0.44 -31.62 -33.20
CA GLY A 277 1.08 -30.60 -33.99
C GLY A 277 2.58 -30.45 -33.84
N ILE A 278 3.22 -31.33 -33.06
CA ILE A 278 4.62 -31.15 -32.72
C ILE A 278 5.52 -31.88 -33.72
N LEU A 279 5.30 -33.18 -33.87
CA LEU A 279 6.09 -33.99 -34.79
C LEU A 279 5.33 -34.18 -36.10
N GLN A 280 5.93 -34.96 -37.01
CA GLN A 280 5.31 -35.24 -38.30
C GLN A 280 5.36 -36.73 -38.58
N ILE A 281 4.37 -37.23 -39.32
CA ILE A 281 4.33 -38.63 -39.70
C ILE A 281 5.25 -38.86 -40.90
N ASP A 282 6.15 -39.82 -40.76
CA ASP A 282 7.02 -40.18 -41.86
C ASP A 282 6.48 -41.36 -42.66
N ASP A 283 5.88 -42.34 -41.98
CA ASP A 283 5.27 -43.48 -42.63
C ASP A 283 4.27 -44.10 -41.67
N THR A 284 3.27 -44.79 -42.23
CA THR A 284 2.26 -45.47 -41.44
C THR A 284 2.38 -46.99 -41.47
N ALA A 285 3.38 -47.54 -42.15
CA ALA A 285 3.61 -48.97 -42.17
C ALA A 285 5.11 -49.23 -42.05
N ALA A 286 5.46 -50.44 -41.64
CA ALA A 286 6.84 -50.79 -41.43
C ALA A 286 7.10 -52.22 -41.90
N ASP A 287 8.38 -52.54 -42.07
CA ASP A 287 8.82 -53.89 -42.40
C ASP A 287 9.47 -54.50 -41.15
N VAL A 288 8.98 -55.66 -40.73
CA VAL A 288 9.30 -56.22 -39.43
C VAL A 288 9.72 -57.67 -39.59
N PRO A 289 10.83 -58.11 -38.97
CA PRO A 289 11.20 -59.52 -39.04
C PRO A 289 10.24 -60.39 -38.25
N VAL A 290 10.09 -61.63 -38.70
CA VAL A 290 9.12 -62.56 -38.12
C VAL A 290 9.77 -63.73 -37.38
N THR A 291 11.03 -64.02 -37.63
CA THR A 291 11.69 -65.17 -37.04
C THR A 291 12.76 -64.71 -36.04
N TYR A 292 12.81 -65.39 -34.90
CA TYR A 292 13.72 -65.01 -33.82
C TYR A 292 15.18 -65.23 -34.20
N GLY A 293 15.50 -66.41 -34.71
CA GLY A 293 16.88 -66.77 -34.93
C GLY A 293 17.37 -67.69 -33.83
N GLU A 294 17.56 -68.97 -34.17
CA GLU A 294 17.80 -70.01 -33.18
C GLU A 294 19.29 -70.33 -33.11
N MET A 295 19.72 -70.82 -31.96
CA MET A 295 21.12 -71.21 -31.77
C MET A 295 21.21 -72.32 -30.73
N VAL A 296 22.10 -73.27 -30.99
CA VAL A 296 22.31 -74.41 -30.11
C VAL A 296 23.81 -74.66 -29.97
N LEU A 297 24.16 -75.54 -29.04
CA LEU A 297 25.52 -76.02 -28.91
C LEU A 297 25.55 -77.51 -29.24
N GLN A 298 26.48 -77.90 -30.11
CA GLN A 298 26.62 -79.29 -30.50
C GLN A 298 28.04 -79.54 -30.99
N GLY A 299 28.44 -80.79 -30.97
CA GLY A 299 29.75 -81.17 -31.46
C GLY A 299 30.86 -80.68 -30.56
N THR A 300 31.70 -79.80 -31.10
CA THR A 300 32.86 -79.32 -30.36
C THR A 300 32.45 -78.49 -29.16
N ASN A 301 31.40 -77.67 -29.30
CA ASN A 301 30.90 -76.89 -28.19
C ASN A 301 30.35 -77.79 -27.09
N LEU A 302 29.64 -78.85 -27.47
CA LEU A 302 29.08 -79.76 -26.49
C LEU A 302 30.17 -80.51 -25.73
N VAL A 303 31.16 -81.03 -26.44
CA VAL A 303 32.22 -81.78 -25.76
C VAL A 303 33.08 -80.85 -24.93
N THR A 304 33.26 -79.59 -25.36
CA THR A 304 34.03 -78.63 -24.57
C THR A 304 33.29 -78.25 -23.30
N ALA A 305 31.98 -78.00 -23.40
CA ALA A 305 31.17 -77.71 -22.22
C ALA A 305 31.04 -78.90 -21.29
N LEU A 306 31.17 -80.12 -21.79
CA LEU A 306 31.07 -81.26 -20.90
C LEU A 306 32.40 -81.59 -20.21
N VAL A 307 33.52 -81.52 -20.92
CA VAL A 307 34.76 -81.98 -20.29
C VAL A 307 35.50 -80.84 -19.61
N MET A 308 35.31 -79.59 -20.05
CA MET A 308 36.06 -78.47 -19.50
C MET A 308 35.24 -77.59 -18.57
N GLY A 309 34.09 -77.12 -19.03
CA GLY A 309 33.30 -76.16 -18.29
C GLY A 309 33.18 -74.81 -18.94
N LYS A 310 33.53 -74.67 -20.21
CA LYS A 310 33.36 -73.43 -20.95
C LYS A 310 32.91 -73.75 -22.37
N ALA A 311 32.47 -72.72 -23.09
CA ALA A 311 32.10 -72.84 -24.48
C ALA A 311 32.12 -71.46 -25.11
N VAL A 312 32.06 -71.40 -26.44
CA VAL A 312 31.98 -70.14 -27.16
C VAL A 312 30.83 -70.22 -28.16
N ARG A 313 30.37 -69.05 -28.59
CA ARG A 313 29.36 -69.00 -29.65
C ARG A 313 30.04 -69.16 -31.00
N ASN A 352 10.45 -60.40 -44.36
CA ASN A 352 9.87 -59.28 -43.65
C ASN A 352 8.35 -59.32 -43.81
N ALA A 353 7.66 -58.63 -42.91
CA ALA A 353 6.21 -58.54 -42.95
C ALA A 353 5.78 -57.08 -42.82
N ARG A 354 4.67 -56.74 -43.46
CA ARG A 354 4.11 -55.40 -43.35
C ARG A 354 3.26 -55.31 -42.09
N VAL A 355 3.53 -54.32 -41.26
CA VAL A 355 2.89 -54.16 -39.96
C VAL A 355 2.34 -52.74 -39.88
N PRO A 356 1.07 -52.55 -39.54
CA PRO A 356 0.57 -51.18 -39.33
C PRO A 356 1.08 -50.55 -38.05
N ALA A 357 2.01 -49.62 -38.17
CA ALA A 357 2.53 -48.88 -37.03
C ALA A 357 2.99 -47.51 -37.51
N ASP A 358 2.79 -46.49 -36.68
CA ASP A 358 3.12 -45.12 -37.05
C ASP A 358 4.56 -44.78 -36.72
N LEU A 359 5.22 -44.09 -37.64
CA LEU A 359 6.63 -43.75 -37.55
C LEU A 359 6.79 -42.24 -37.61
N VAL A 360 7.54 -41.68 -36.68
CA VAL A 360 7.81 -40.25 -36.67
C VAL A 360 9.31 -40.05 -36.90
N ILE A 361 9.66 -38.86 -37.37
CA ILE A 361 11.04 -38.47 -37.58
C ILE A 361 11.36 -37.29 -36.66
N VAL A 362 12.41 -37.47 -35.85
CA VAL A 362 12.85 -36.45 -34.91
C VAL A 362 14.33 -36.18 -35.15
N GLY A 363 14.69 -34.90 -35.17
CA GLY A 363 16.06 -34.51 -35.49
C GLY A 363 16.45 -34.93 -36.89
N ASP A 364 17.29 -35.95 -36.98
CA ASP A 364 17.67 -36.57 -38.24
C ASP A 364 17.56 -38.09 -38.19
N LYS A 365 16.70 -38.60 -37.31
CA LYS A 365 16.55 -40.02 -37.08
C LYS A 365 15.10 -40.43 -37.24
N LEU A 366 14.86 -41.64 -37.73
CA LEU A 366 13.52 -42.19 -37.87
C LEU A 366 13.29 -43.16 -36.72
N VAL A 367 12.28 -42.88 -35.89
CA VAL A 367 12.02 -43.65 -34.69
C VAL A 367 10.58 -44.14 -34.71
N PHE A 368 10.33 -45.26 -34.05
CA PHE A 368 8.96 -45.66 -33.73
C PHE A 368 8.42 -44.77 -32.62
N LEU A 369 7.10 -44.72 -32.49
CA LEU A 369 6.46 -44.04 -31.37
C LEU A 369 5.25 -44.89 -31.00
N GLU A 370 5.39 -45.67 -29.93
CA GLU A 370 4.30 -46.49 -29.43
C GLU A 370 3.82 -45.96 -28.08
N ALA A 371 2.52 -46.02 -27.87
CA ALA A 371 1.89 -45.70 -26.60
C ALA A 371 0.92 -46.79 -26.22
N LEU A 372 1.44 -48.02 -26.24
CA LEU A 372 0.64 -49.25 -26.19
C LEU A 372 -0.18 -49.34 -24.90
N GLU A 373 -1.49 -49.20 -25.06
CA GLU A 373 -2.46 -49.21 -23.97
C GLU A 373 -3.64 -50.10 -24.35
N ARG A 374 -3.87 -50.26 -25.65
CA ARG A 374 -5.00 -51.07 -26.10
C ARG A 374 -4.56 -52.49 -26.43
N ARG A 375 -3.36 -52.65 -27.00
CA ARG A 375 -2.89 -53.99 -27.33
C ARG A 375 -2.52 -54.77 -26.08
N VAL A 376 -1.79 -54.16 -25.16
CA VAL A 376 -1.50 -54.75 -23.86
C VAL A 376 -1.94 -53.78 -22.77
N TYR A 377 -1.94 -54.26 -21.52
CA TYR A 377 -2.33 -53.49 -20.34
C TYR A 377 -3.77 -52.99 -20.39
N GLN A 378 -4.64 -53.66 -21.13
CA GLN A 378 -6.05 -53.29 -21.19
C GLN A 378 -6.89 -54.47 -20.73
N ALA A 379 -7.85 -54.19 -19.84
CA ALA A 379 -8.76 -55.18 -19.26
C ALA A 379 -7.98 -56.28 -18.54
N THR A 380 -6.89 -55.90 -17.89
CA THR A 380 -6.09 -56.78 -17.07
C THR A 380 -5.82 -56.09 -15.74
N ARG A 381 -5.29 -56.85 -14.79
CA ARG A 381 -5.18 -56.37 -13.42
C ARG A 381 -3.83 -55.74 -13.13
N VAL A 382 -2.96 -55.60 -14.10
CA VAL A 382 -1.62 -55.05 -13.89
C VAL A 382 -1.63 -53.57 -14.23
N ALA A 383 -0.96 -52.77 -13.41
CA ALA A 383 -0.84 -51.35 -13.66
C ALA A 383 0.18 -51.08 -14.74
N TYR A 384 -0.02 -50.01 -15.46
CA TYR A 384 0.85 -49.62 -16.55
C TYR A 384 2.10 -48.94 -15.99
N PRO A 385 3.31 -49.32 -16.45
CA PRO A 385 4.50 -48.50 -16.16
C PRO A 385 4.47 -47.18 -16.92
N LEU A 386 5.53 -46.38 -16.80
CA LEU A 386 5.56 -44.97 -17.23
C LEU A 386 4.53 -44.12 -16.49
N ILE A 387 4.01 -44.61 -15.38
CA ILE A 387 3.03 -43.89 -14.57
C ILE A 387 3.71 -43.82 -13.20
N GLY A 388 5.03 -43.74 -13.22
CA GLY A 388 5.79 -43.76 -12.00
C GLY A 388 5.64 -42.49 -11.17
N ASN A 389 6.00 -42.62 -9.91
CA ASN A 389 5.85 -41.55 -8.93
C ASN A 389 7.20 -40.92 -8.63
N ILE A 390 7.17 -39.72 -8.07
CA ILE A 390 8.38 -39.06 -7.58
C ILE A 390 8.13 -38.55 -6.18
N ASP A 391 9.22 -38.29 -5.45
CA ASP A 391 9.14 -37.82 -4.08
C ASP A 391 9.85 -36.48 -3.96
N ILE A 392 9.13 -35.49 -3.44
CA ILE A 392 9.66 -34.14 -3.23
C ILE A 392 9.46 -33.78 -1.77
N THR A 393 10.50 -33.29 -1.12
CA THR A 393 10.43 -32.90 0.29
C THR A 393 10.48 -31.38 0.40
N PHE A 394 9.59 -30.82 1.20
CA PHE A 394 9.52 -29.37 1.43
C PHE A 394 9.99 -29.06 2.84
N ILE A 395 10.71 -27.95 3.00
CA ILE A 395 11.13 -27.47 4.31
C ILE A 395 10.71 -26.03 4.50
N MET A 396 10.39 -25.67 5.75
CA MET A 396 9.61 -24.50 6.13
C MET A 396 10.09 -24.08 7.52
N PRO A 397 10.47 -22.83 7.72
CA PRO A 397 10.85 -22.39 9.06
C PRO A 397 9.69 -21.77 9.80
N MET A 398 9.57 -22.08 11.10
CA MET A 398 8.40 -21.67 11.87
C MET A 398 8.64 -20.47 12.77
N GLY A 399 9.53 -20.58 13.75
CA GLY A 399 9.58 -19.56 14.78
C GLY A 399 10.69 -18.54 14.59
N VAL A 400 11.16 -18.38 13.35
CA VAL A 400 12.33 -17.56 13.08
C VAL A 400 12.00 -16.09 13.31
N PHE A 401 12.81 -15.43 14.11
CA PHE A 401 12.70 -14.00 14.37
C PHE A 401 13.91 -13.31 13.77
N GLN A 402 13.67 -12.33 12.91
CA GLN A 402 14.74 -11.57 12.26
C GLN A 402 15.38 -10.66 13.31
N ALA A 403 16.56 -11.07 13.79
CA ALA A 403 17.13 -10.44 14.99
C ALA A 403 17.62 -9.03 14.71
N ASN A 404 18.12 -8.77 13.52
CA ASN A 404 18.65 -7.45 13.19
C ASN A 404 17.51 -6.45 13.03
N SER A 405 17.67 -5.28 13.65
CA SER A 405 16.62 -4.26 13.58
C SER A 405 16.56 -3.61 12.20
N MET A 406 17.64 -3.71 11.43
CA MET A 406 17.61 -3.28 10.04
C MET A 406 16.69 -4.18 9.20
N ASP A 407 16.64 -5.47 9.54
CA ASP A 407 15.89 -6.43 8.73
C ASP A 407 14.39 -6.33 9.01
N ARG A 408 14.00 -5.67 10.10
CA ARG A 408 12.58 -5.52 10.43
C ARG A 408 12.04 -4.20 9.90
N TYR A 409 11.85 -4.16 8.59
CA TYR A 409 11.43 -2.97 7.87
C TYR A 409 10.03 -3.15 7.31
N THR A 410 9.36 -2.03 7.01
CA THR A 410 8.11 -2.06 6.28
C THR A 410 8.25 -1.27 4.99
N ARG A 411 7.61 -1.76 3.93
CA ARG A 411 7.81 -1.18 2.61
C ARG A 411 7.05 0.13 2.45
N HIS A 412 6.02 0.35 3.25
CA HIS A 412 5.27 1.60 3.26
C HIS A 412 4.73 1.85 4.67
N ALA A 413 4.19 3.05 4.86
CA ALA A 413 3.71 3.44 6.19
C ALA A 413 2.42 2.71 6.55
N GLY A 414 1.37 2.94 5.77
CA GLY A 414 0.09 2.30 6.04
C GLY A 414 -0.12 1.01 5.27
N ASP A 415 0.59 -0.06 5.65
CA ASP A 415 0.47 -1.31 4.92
C ASP A 415 -0.54 -2.25 5.58
N PHE A 416 -0.36 -2.54 6.87
CA PHE A 416 -1.29 -3.38 7.62
C PHE A 416 -1.54 -2.70 8.97
N SER A 417 -2.49 -1.78 9.01
CA SER A 417 -2.82 -1.09 10.24
C SER A 417 -4.00 -1.77 10.92
N THR A 418 -4.16 -1.48 12.20
CA THR A 418 -5.25 -2.00 13.02
C THR A 418 -5.90 -0.85 13.77
N VAL A 419 -6.78 -1.19 14.71
CA VAL A 419 -7.37 -0.21 15.61
C VAL A 419 -6.53 -0.19 16.87
N SER A 420 -5.71 -1.21 17.05
CA SER A 420 -4.91 -1.35 18.26
C SER A 420 -3.81 -0.29 18.32
N GLU A 421 -3.57 0.21 19.54
CA GLU A 421 -2.49 1.16 19.78
C GLU A 421 -1.12 0.50 19.72
N GLN A 422 -1.07 -0.82 19.79
CA GLN A 422 0.15 -1.59 19.57
C GLN A 422 -0.04 -2.44 18.32
N ASP A 423 0.86 -2.29 17.36
CA ASP A 423 0.76 -3.06 16.13
C ASP A 423 1.04 -4.53 16.43
N PRO A 424 0.10 -5.43 16.20
CA PRO A 424 0.33 -6.83 16.58
C PRO A 424 1.06 -7.63 15.52
N ARG A 425 2.12 -7.05 14.96
CA ARG A 425 3.01 -7.77 14.07
C ARG A 425 4.47 -7.62 14.46
N GLN A 426 4.79 -6.72 15.40
CA GLN A 426 6.14 -6.65 15.93
C GLN A 426 6.48 -7.88 16.76
N PHE A 427 5.48 -8.56 17.30
CA PHE A 427 5.69 -9.71 18.14
C PHE A 427 6.25 -10.87 17.31
N PRO A 428 7.09 -11.71 17.90
CA PRO A 428 7.70 -12.80 17.14
C PRO A 428 6.67 -13.81 16.69
N PRO A 429 6.76 -14.30 15.46
CA PRO A 429 5.77 -15.22 14.94
C PRO A 429 5.83 -16.58 15.63
N GLN A 430 4.67 -17.23 15.66
CA GLN A 430 4.53 -18.53 16.32
C GLN A 430 3.94 -19.61 15.44
N GLY A 431 3.53 -19.30 14.21
CA GLY A 431 3.01 -20.30 13.31
C GLY A 431 3.44 -20.02 11.89
N ILE A 432 3.03 -20.90 10.97
CA ILE A 432 3.25 -20.69 9.56
C ILE A 432 2.07 -21.24 8.78
N PHE A 433 1.70 -20.56 7.70
CA PHE A 433 0.51 -20.88 6.91
C PHE A 433 0.95 -21.27 5.51
N PHE A 434 0.33 -22.31 4.96
CA PHE A 434 0.65 -22.73 3.60
C PHE A 434 -0.64 -23.18 2.92
N TYR A 435 -0.52 -23.76 1.73
CA TYR A 435 -1.65 -24.33 1.01
C TYR A 435 -1.63 -25.85 0.99
N ASN A 436 -2.83 -26.41 0.94
CA ASN A 436 -3.07 -27.83 0.96
C ASN A 436 -2.88 -28.41 -0.44
N LYS A 437 -3.29 -29.66 -0.63
CA LYS A 437 -3.31 -30.24 -1.96
C LYS A 437 -4.36 -29.58 -2.84
N ASP A 438 -5.49 -29.19 -2.25
CA ASP A 438 -6.61 -28.60 -2.97
C ASP A 438 -6.58 -27.08 -2.98
N GLY A 439 -5.54 -26.47 -2.43
CA GLY A 439 -5.50 -25.03 -2.31
C GLY A 439 -6.12 -24.47 -1.05
N ILE A 440 -6.46 -25.31 -0.09
CA ILE A 440 -7.02 -24.86 1.18
C ILE A 440 -5.90 -24.32 2.05
N LEU A 441 -6.19 -23.27 2.81
CA LEU A 441 -5.19 -22.72 3.72
C LEU A 441 -5.16 -23.53 5.01
N THR A 442 -3.97 -23.97 5.42
CA THR A 442 -3.78 -24.74 6.64
C THR A 442 -2.63 -24.14 7.44
N GLN A 443 -2.60 -24.45 8.73
CA GLN A 443 -1.69 -23.80 9.66
C GLN A 443 -0.89 -24.83 10.45
N LEU A 444 0.40 -24.56 10.63
CA LEU A 444 1.25 -25.25 11.59
C LEU A 444 1.62 -24.27 12.69
N THR A 445 1.00 -24.41 13.85
CA THR A 445 1.40 -23.65 15.02
C THR A 445 2.44 -24.42 15.82
N LEU A 446 2.93 -23.81 16.90
CA LEU A 446 3.96 -24.46 17.70
C LEU A 446 3.42 -25.62 18.51
N ARG A 447 2.10 -25.73 18.64
CA ARG A 447 1.49 -26.84 19.36
C ARG A 447 1.73 -28.19 18.67
N ASP A 448 2.07 -28.17 17.38
CA ASP A 448 2.37 -29.40 16.67
C ASP A 448 3.78 -29.92 16.95
N ALA A 449 4.62 -29.14 17.62
CA ALA A 449 5.94 -29.62 18.02
C ALA A 449 5.93 -30.25 19.40
N MET A 450 4.76 -30.32 20.05
CA MET A 450 4.66 -30.93 21.36
C MET A 450 4.84 -32.43 21.32
N GLY A 451 4.63 -33.05 20.17
CA GLY A 451 4.92 -34.46 20.07
C GLY A 451 6.36 -34.80 19.86
N THR A 452 7.20 -33.80 19.60
CA THR A 452 8.61 -34.02 19.32
C THR A 452 9.53 -33.46 20.40
N ILE A 453 9.33 -32.20 20.81
CA ILE A 453 10.25 -31.62 21.79
C ILE A 453 9.86 -31.99 23.21
N CYS A 454 8.59 -32.34 23.45
CA CYS A 454 8.13 -32.70 24.79
C CYS A 454 8.17 -34.21 25.00
N HIS A 455 9.14 -34.88 24.40
CA HIS A 455 9.41 -36.29 24.62
C HIS A 455 10.49 -36.42 25.68
N SER A 456 10.75 -37.65 26.10
CA SER A 456 11.86 -37.89 27.01
C SER A 456 13.19 -37.98 26.29
N SER A 457 13.20 -37.88 24.96
CA SER A 457 14.45 -37.89 24.21
C SER A 457 15.16 -36.54 24.26
N LEU A 458 14.52 -35.52 24.81
CA LEU A 458 15.19 -34.25 25.04
C LEU A 458 16.28 -34.36 26.12
N LEU A 459 16.23 -35.40 26.95
CA LEU A 459 17.09 -35.57 28.11
C LEU A 459 17.83 -36.90 28.02
N ASP A 460 18.48 -37.12 26.88
CA ASP A 460 19.21 -38.35 26.60
C ASP A 460 20.70 -38.02 26.45
N VAL A 461 21.22 -37.26 27.41
CA VAL A 461 22.56 -36.68 27.31
C VAL A 461 23.67 -37.70 27.56
N GLU A 462 23.34 -38.92 27.99
CA GLU A 462 24.36 -39.85 28.47
C GLU A 462 25.28 -40.33 27.34
N ALA A 463 24.69 -40.68 26.19
CA ALA A 463 25.50 -41.14 25.06
C ALA A 463 26.35 -40.01 24.51
N THR A 464 25.81 -38.78 24.52
CA THR A 464 26.58 -37.62 24.10
C THR A 464 27.77 -37.39 25.03
N LEU A 465 27.56 -37.53 26.33
CA LEU A 465 28.67 -37.38 27.29
C LEU A 465 29.71 -38.46 27.11
N VAL A 466 29.28 -39.70 26.83
CA VAL A 466 30.21 -40.79 26.59
C VAL A 466 31.05 -40.53 25.34
N ALA A 467 30.42 -40.04 24.27
CA ALA A 467 31.14 -39.76 23.04
C ALA A 467 32.07 -38.56 23.19
N LEU A 468 31.66 -37.56 23.97
CA LEU A 468 32.50 -36.37 24.14
C LEU A 468 33.69 -36.66 25.06
N ARG A 469 33.51 -37.55 26.04
CA ARG A 469 34.56 -37.81 27.01
C ARG A 469 35.74 -38.58 26.45
N GLN A 470 35.64 -39.11 25.22
CA GLN A 470 36.72 -39.84 24.59
C GLN A 470 37.44 -39.00 23.54
N GLN A 471 37.56 -37.70 23.78
CA GLN A 471 38.25 -36.81 22.85
C GLN A 471 39.45 -36.15 23.51
N HIS A 472 40.09 -35.23 22.80
CA HIS A 472 41.25 -34.52 23.33
C HIS A 472 40.77 -33.37 24.21
N LEU A 473 41.22 -33.35 25.46
CA LEU A 473 40.80 -32.35 26.43
C LEU A 473 42.03 -31.59 26.93
N ASP A 474 41.87 -30.31 27.19
CA ASP A 474 42.93 -29.46 27.71
C ASP A 474 42.63 -29.01 29.13
N ARG A 475 43.68 -28.65 29.86
CA ARG A 475 43.55 -28.18 31.23
C ARG A 475 42.99 -26.76 31.23
N GLN A 476 41.68 -26.63 31.38
CA GLN A 476 41.00 -25.35 31.46
C GLN A 476 40.81 -24.98 32.93
N CYS A 477 40.87 -23.69 33.21
CA CYS A 477 40.66 -23.19 34.57
C CYS A 477 39.28 -23.57 35.11
N TYR A 478 39.24 -23.97 36.37
CA TYR A 478 38.03 -24.49 37.00
C TYR A 478 37.31 -23.40 37.78
N PHE A 479 37.33 -22.17 37.28
CA PHE A 479 36.70 -21.09 38.04
C PHE A 479 35.18 -21.15 37.95
N GLY A 480 34.64 -21.51 36.78
CA GLY A 480 33.21 -21.43 36.59
C GLY A 480 32.45 -22.72 36.75
N VAL A 481 33.13 -23.83 37.06
CA VAL A 481 32.46 -25.14 37.09
C VAL A 481 32.72 -25.85 38.40
N TYR A 482 33.33 -25.16 39.37
CA TYR A 482 33.71 -25.76 40.63
C TYR A 482 33.04 -25.04 41.79
N VAL A 483 32.56 -25.81 42.77
CA VAL A 483 31.94 -25.28 43.98
C VAL A 483 32.67 -25.87 45.18
N ALA A 484 32.72 -25.10 46.26
CA ALA A 484 33.46 -25.50 47.46
C ALA A 484 32.55 -25.43 48.68
N GLU A 485 33.17 -25.58 49.85
CA GLU A 485 32.46 -25.57 51.12
C GLU A 485 32.93 -24.41 51.99
N GLY A 486 32.20 -24.18 53.08
CA GLY A 486 32.64 -23.22 54.06
C GLY A 486 33.79 -23.74 54.89
N THR A 487 34.39 -22.85 55.68
CA THR A 487 35.55 -23.17 56.50
C THR A 487 35.31 -22.59 57.90
N GLU A 488 34.06 -22.18 58.14
CA GLU A 488 33.60 -21.59 59.39
C GLU A 488 34.42 -20.37 59.78
N ASP A 489 34.36 -19.36 58.93
CA ASP A 489 35.05 -18.10 59.17
C ASP A 489 34.04 -16.96 59.05
N THR A 490 34.53 -15.73 59.20
CA THR A 490 33.66 -14.56 59.32
C THR A 490 33.46 -13.83 58.01
N LEU A 491 33.61 -14.53 56.88
CA LEU A 491 33.38 -14.04 55.50
C LEU A 491 34.37 -12.96 55.07
N ASP A 492 35.23 -12.50 55.97
CA ASP A 492 36.34 -11.63 55.59
C ASP A 492 37.56 -12.47 55.22
N VAL A 493 37.84 -13.48 56.04
CA VAL A 493 38.93 -14.41 55.76
C VAL A 493 38.63 -15.21 54.50
N GLN A 494 37.37 -15.65 54.34
CA GLN A 494 36.97 -16.42 53.16
C GLN A 494 37.10 -15.59 51.89
N MET A 495 36.60 -14.35 51.92
CA MET A 495 36.66 -13.49 50.75
C MET A 495 38.11 -13.12 50.43
N GLY A 496 38.92 -12.84 51.45
CA GLY A 496 40.32 -12.53 51.22
C GLY A 496 41.09 -13.69 50.63
N ARG A 497 40.87 -14.90 51.15
CA ARG A 497 41.51 -16.08 50.59
C ARG A 497 41.07 -16.34 49.17
N PHE A 498 39.79 -16.10 48.86
CA PHE A 498 39.32 -16.28 47.50
C PHE A 498 39.95 -15.25 46.56
N MET A 499 40.12 -14.01 47.01
CA MET A 499 40.77 -13.00 46.18
C MET A 499 42.23 -13.36 45.92
N GLU A 500 42.95 -13.80 46.95
CA GLU A 500 44.35 -14.17 46.77
C GLU A 500 44.50 -15.39 45.87
N THR A 501 43.56 -16.35 45.97
CA THR A 501 43.61 -17.50 45.09
C THR A 501 43.23 -17.14 43.66
N TRP A 502 42.23 -16.28 43.50
CA TRP A 502 41.69 -15.97 42.18
C TRP A 502 42.59 -15.00 41.42
N ALA A 503 43.50 -14.32 42.13
CA ALA A 503 44.43 -13.40 41.47
C ALA A 503 45.32 -14.11 40.47
N ASP A 504 45.58 -15.40 40.70
CA ASP A 504 46.35 -16.21 39.77
C ASP A 504 45.69 -17.56 39.47
N MET A 505 44.40 -17.70 39.75
CA MET A 505 43.68 -18.91 39.40
C MET A 505 43.44 -19.02 37.90
N MET A 506 42.98 -17.94 37.27
CA MET A 506 42.65 -17.98 35.86
C MET A 506 43.83 -17.46 35.05
N PRO A 507 44.45 -18.28 34.21
CA PRO A 507 45.50 -17.78 33.30
C PRO A 507 44.99 -17.21 32.00
N HIS A 508 43.69 -17.27 31.74
CA HIS A 508 43.13 -16.82 30.47
C HIS A 508 41.70 -16.36 30.70
N HIS A 509 41.00 -16.06 29.60
CA HIS A 509 39.64 -15.57 29.62
C HIS A 509 38.71 -16.77 29.60
N PRO A 510 37.85 -16.95 30.60
CA PRO A 510 36.92 -18.10 30.58
C PRO A 510 35.92 -18.00 29.43
N HIS A 511 35.48 -19.16 28.95
CA HIS A 511 34.69 -19.24 27.74
C HIS A 511 33.23 -18.87 27.92
N TRP A 512 32.77 -18.68 29.16
CA TRP A 512 31.38 -18.36 29.42
C TRP A 512 31.15 -16.88 29.66
N VAL A 513 32.12 -16.02 29.37
CA VAL A 513 31.98 -14.60 29.63
C VAL A 513 31.69 -13.89 28.31
N ASN A 514 32.31 -14.35 27.22
CA ASN A 514 32.18 -13.66 25.95
C ASN A 514 30.82 -13.88 25.30
N GLU A 515 29.78 -13.29 25.88
CA GLU A 515 28.46 -13.31 25.29
C GLU A 515 28.22 -12.12 24.36
N HIS A 516 29.25 -11.32 24.11
CA HIS A 516 29.12 -10.20 23.18
C HIS A 516 29.19 -10.65 21.73
N LEU A 517 29.45 -11.93 21.47
CA LEU A 517 29.53 -12.42 20.10
C LEU A 517 28.18 -12.34 19.41
N THR A 518 28.19 -12.02 18.12
CA THR A 518 26.99 -12.07 17.32
C THR A 518 26.79 -13.48 16.80
N ILE A 519 25.71 -13.69 16.04
CA ILE A 519 25.39 -15.03 15.55
C ILE A 519 26.43 -15.48 14.52
N LEU A 520 26.88 -14.56 13.67
CA LEU A 520 27.83 -14.93 12.61
C LEU A 520 29.19 -15.29 13.20
N GLN A 521 29.59 -14.65 14.30
CA GLN A 521 30.86 -15.00 14.91
C GLN A 521 30.75 -16.29 15.71
N PHE A 522 29.62 -16.54 16.37
CA PHE A 522 29.43 -17.77 17.12
C PHE A 522 29.40 -18.97 16.19
N ILE A 523 28.72 -18.86 15.06
CA ILE A 523 28.65 -19.94 14.07
C ILE A 523 29.99 -20.22 13.42
N ALA A 524 30.88 -19.22 13.33
CA ALA A 524 32.14 -19.35 12.60
C ALA A 524 33.02 -20.45 13.20
N PRO A 525 33.76 -21.19 12.36
CA PRO A 525 34.43 -22.40 12.84
C PRO A 525 35.54 -22.16 13.85
N SER A 526 36.06 -20.94 13.96
CA SER A 526 37.11 -20.66 14.93
C SER A 526 36.59 -20.58 16.36
N ASN A 527 35.29 -20.61 16.57
CA ASN A 527 34.73 -20.60 17.92
C ASN A 527 35.03 -21.93 18.60
N PRO A 528 35.71 -21.93 19.75
CA PRO A 528 35.98 -23.21 20.44
C PRO A 528 34.78 -23.78 21.15
N ARG A 529 33.78 -22.97 21.50
CA ARG A 529 32.61 -23.45 22.21
C ARG A 529 31.59 -24.10 21.27
N LEU A 530 31.79 -23.97 19.95
CA LEU A 530 30.83 -24.51 18.99
C LEU A 530 30.78 -26.03 19.05
N ARG A 531 31.92 -26.67 19.32
CA ARG A 531 31.95 -28.12 19.45
C ARG A 531 31.20 -28.61 20.69
N PHE A 532 31.11 -27.81 21.74
CA PHE A 532 30.51 -28.24 23.00
C PHE A 532 29.05 -27.83 23.16
N GLU A 533 28.45 -27.18 22.17
CA GLU A 533 27.08 -26.68 22.33
C GLU A 533 26.18 -27.52 21.43
N LEU A 534 25.54 -28.53 22.02
CA LEU A 534 24.77 -29.50 21.26
C LEU A 534 23.29 -29.51 21.59
N ASN A 535 22.92 -29.74 22.85
CA ASN A 535 21.49 -29.77 23.09
C ASN A 535 20.96 -28.37 23.37
N PRO A 536 19.67 -28.11 23.16
CA PRO A 536 19.11 -26.82 23.59
C PRO A 536 18.79 -26.76 25.07
N ALA A 537 18.77 -27.89 25.77
CA ALA A 537 18.48 -27.91 27.20
C ALA A 537 19.62 -28.46 28.04
N PHE A 538 20.84 -28.48 27.53
CA PHE A 538 21.99 -28.96 28.29
C PHE A 538 23.19 -28.06 28.05
N ASP A 539 23.95 -27.80 29.11
CA ASP A 539 25.16 -27.00 29.06
C ASP A 539 26.35 -27.92 29.27
N PHE A 540 27.19 -28.05 28.25
CA PHE A 540 28.39 -28.89 28.32
C PHE A 540 29.59 -28.02 28.60
N PHE A 541 30.51 -28.50 29.43
CA PHE A 541 31.71 -27.76 29.76
C PHE A 541 32.85 -28.74 29.98
N VAL A 542 33.97 -28.22 30.47
CA VAL A 542 35.11 -29.02 30.88
C VAL A 542 35.24 -28.91 32.39
N ALA A 543 35.19 -30.06 33.07
CA ALA A 543 35.17 -30.10 34.52
C ALA A 543 36.24 -31.06 35.02
N PRO A 544 36.78 -30.82 36.20
CA PRO A 544 37.72 -31.79 36.78
C PRO A 544 37.00 -33.07 37.16
N GLY A 545 37.63 -34.20 36.83
CA GLY A 545 37.02 -35.50 37.04
C GLY A 545 37.17 -35.98 38.48
N ASP A 546 36.35 -36.99 38.81
CA ASP A 546 36.38 -37.76 40.06
C ASP A 546 36.37 -36.88 41.32
N VAL A 547 35.79 -35.69 41.22
CA VAL A 547 35.69 -34.76 42.34
C VAL A 547 34.22 -34.65 42.71
N ASP A 548 33.92 -34.96 43.97
CA ASP A 548 32.55 -34.91 44.47
C ASP A 548 32.23 -33.48 44.88
N LEU A 549 31.36 -32.83 44.12
CA LEU A 549 30.96 -31.48 44.44
C LEU A 549 29.98 -31.47 45.60
N PRO A 550 30.14 -30.58 46.59
CA PRO A 550 31.25 -29.64 46.74
C PRO A 550 32.49 -30.28 47.37
N GLY A 551 33.68 -29.81 46.98
CA GLY A 551 34.91 -30.38 47.46
C GLY A 551 35.62 -29.48 48.44
N PRO A 552 36.94 -29.66 48.57
CA PRO A 552 37.72 -28.79 49.46
C PRO A 552 37.90 -27.40 48.86
N GLN A 553 38.40 -26.49 49.71
CA GLN A 553 38.55 -25.11 49.28
C GLN A 553 39.70 -24.96 48.29
N ARG A 554 40.64 -25.89 48.29
CA ARG A 554 41.66 -25.96 47.27
C ARG A 554 41.25 -27.00 46.23
N PRO A 555 41.13 -26.66 44.96
CA PRO A 555 40.67 -27.63 43.97
C PRO A 555 41.78 -28.62 43.63
N PRO A 556 41.55 -29.90 43.87
CA PRO A 556 42.60 -30.89 43.59
C PRO A 556 42.81 -31.10 42.10
N GLU A 557 44.05 -31.40 41.75
CA GLU A 557 44.42 -31.65 40.35
C GLU A 557 43.85 -32.99 39.92
N ALA A 558 43.27 -33.03 38.72
CA ALA A 558 42.68 -34.26 38.22
C ALA A 558 42.66 -34.22 36.70
N MET A 559 42.35 -35.37 36.10
CA MET A 559 42.18 -35.45 34.67
C MET A 559 40.92 -34.70 34.25
N PRO A 560 40.95 -34.01 33.11
CA PRO A 560 39.75 -33.26 32.69
C PRO A 560 38.72 -34.17 32.02
N THR A 561 37.46 -33.94 32.36
CA THR A 561 36.34 -34.65 31.77
C THR A 561 35.30 -33.64 31.33
N VAL A 562 34.30 -34.11 30.60
CA VAL A 562 33.21 -33.28 30.10
C VAL A 562 31.94 -33.67 30.83
N ASN A 563 31.37 -32.74 31.57
CA ASN A 563 30.12 -32.95 32.29
C ASN A 563 29.04 -32.05 31.70
N ALA A 564 27.80 -32.51 31.83
CA ALA A 564 26.65 -31.74 31.36
C ALA A 564 25.93 -31.15 32.56
N THR A 565 25.12 -30.13 32.30
CA THR A 565 24.26 -29.55 33.32
C THR A 565 23.03 -28.96 32.63
N LEU A 566 21.86 -29.30 33.18
CA LEU A 566 20.58 -28.93 32.59
C LEU A 566 20.38 -27.43 32.70
N ARG A 567 20.06 -26.79 31.58
CA ARG A 567 19.75 -25.36 31.54
C ARG A 567 18.30 -25.21 31.97
N ILE A 568 18.07 -24.69 33.18
CA ILE A 568 16.71 -24.60 33.69
C ILE A 568 15.93 -23.51 32.96
N ILE A 569 16.50 -22.32 32.87
CA ILE A 569 15.85 -21.18 32.24
C ILE A 569 15.95 -21.34 30.74
N ASN A 570 14.96 -20.84 29.99
CA ASN A 570 15.17 -20.74 28.55
C ASN A 570 15.92 -19.46 28.18
N GLY A 571 16.00 -18.51 29.11
CA GLY A 571 16.87 -17.37 28.96
C GLY A 571 18.33 -17.66 29.24
N ASN A 572 18.63 -18.84 29.79
CA ASN A 572 20.01 -19.25 29.99
C ASN A 572 20.67 -19.73 28.70
N ILE A 573 19.89 -19.87 27.63
CA ILE A 573 20.45 -20.09 26.29
C ILE A 573 21.32 -18.90 25.94
N PRO A 574 22.51 -19.09 25.37
CA PRO A 574 23.42 -17.96 25.14
C PRO A 574 22.85 -16.92 24.20
N VAL A 575 23.29 -15.67 24.42
CA VAL A 575 22.72 -14.52 23.69
C VAL A 575 22.84 -14.63 22.18
N PRO A 576 23.94 -15.12 21.58
CA PRO A 576 23.92 -15.32 20.11
C PRO A 576 22.89 -16.33 19.62
N LEU A 577 22.37 -17.21 20.48
CA LEU A 577 21.33 -18.13 20.06
C LEU A 577 19.93 -17.63 20.39
N CYS A 578 19.79 -16.78 21.40
CA CYS A 578 18.53 -16.16 21.77
C CYS A 578 18.79 -14.68 22.04
N PRO A 579 18.61 -13.80 21.06
CA PRO A 579 19.17 -12.44 21.16
C PRO A 579 18.44 -11.54 22.14
N ILE A 580 19.00 -10.34 22.34
CA ILE A 580 18.37 -9.36 23.22
C ILE A 580 17.13 -8.76 22.56
N SER A 581 17.18 -8.54 21.24
CA SER A 581 16.05 -7.93 20.54
C SER A 581 14.83 -8.85 20.55
N PHE A 582 15.06 -10.16 20.36
CA PHE A 582 13.96 -11.11 20.43
C PHE A 582 13.36 -11.17 21.83
N ARG A 583 14.20 -11.15 22.86
CA ARG A 583 13.68 -11.18 24.23
C ARG A 583 12.90 -9.92 24.54
N ASP A 584 13.34 -8.76 24.04
CA ASP A 584 12.61 -7.53 24.29
C ASP A 584 11.28 -7.51 23.56
N CYS A 585 11.23 -8.02 22.33
CA CYS A 585 9.96 -8.10 21.61
C CYS A 585 9.00 -9.07 22.28
N ARG A 586 9.50 -10.21 22.76
CA ARG A 586 8.66 -11.14 23.51
C ARG A 586 8.15 -10.53 24.79
N GLY A 587 9.00 -9.76 25.48
CA GLY A 587 8.57 -9.10 26.70
C GLY A 587 7.52 -8.03 26.45
N THR A 588 7.63 -7.33 25.32
CA THR A 588 6.57 -6.41 24.94
C THR A 588 5.27 -7.17 24.62
N GLN A 589 5.40 -8.36 24.05
CA GLN A 589 4.21 -9.18 23.78
C GLN A 589 3.52 -9.62 25.07
N LEU A 590 4.29 -9.95 26.10
CA LEU A 590 3.68 -10.34 27.37
C LEU A 590 2.96 -9.17 28.02
N GLY A 591 3.60 -8.00 28.04
CA GLY A 591 3.02 -6.85 28.70
C GLY A 591 2.19 -5.99 27.76
N LEU A 592 1.19 -6.59 27.12
CA LEU A 592 0.37 -5.84 26.18
C LEU A 592 -0.63 -4.96 26.89
N GLY A 593 -1.57 -5.57 27.63
CA GLY A 593 -2.52 -4.83 28.42
C GLY A 593 -2.29 -4.91 29.91
N ARG A 594 -1.15 -5.42 30.35
CA ARG A 594 -0.89 -5.61 31.78
C ARG A 594 -0.56 -4.29 32.44
N HIS A 595 -0.41 -4.33 33.76
CA HIS A 595 -0.14 -3.12 34.53
C HIS A 595 1.26 -2.61 34.25
N THR A 596 1.39 -1.29 34.18
CA THR A 596 2.65 -0.61 33.94
C THR A 596 2.88 0.44 35.02
N MET A 597 4.10 0.94 35.08
CA MET A 597 4.49 1.94 36.08
C MET A 597 4.43 3.33 35.47
N THR A 598 3.98 4.29 36.28
CA THR A 598 3.91 5.68 35.85
C THR A 598 5.31 6.24 35.63
N PRO A 599 5.46 7.25 34.77
CA PRO A 599 6.80 7.84 34.57
C PRO A 599 7.39 8.49 35.81
N ALA A 600 6.55 8.94 36.74
CA ALA A 600 7.06 9.62 37.94
C ALA A 600 7.81 8.66 38.85
N THR A 601 7.25 7.47 39.06
CA THR A 601 7.94 6.49 39.91
C THR A 601 9.16 5.92 39.21
N ILE A 602 9.15 5.86 37.88
CA ILE A 602 10.35 5.44 37.15
C ILE A 602 11.46 6.46 37.34
N LYS A 603 11.13 7.74 37.23
CA LYS A 603 12.13 8.78 37.42
C LYS A 603 12.66 8.78 38.85
N ALA A 604 11.78 8.61 39.84
CA ALA A 604 12.20 8.63 41.24
C ALA A 604 13.06 7.41 41.60
N VAL A 605 12.65 6.22 41.17
CA VAL A 605 13.39 5.00 41.52
C VAL A 605 14.70 4.91 40.76
N LYS A 606 14.71 5.33 39.48
CA LYS A 606 15.98 5.46 38.77
C LYS A 606 16.89 6.47 39.44
N ASP A 607 16.34 7.57 39.96
CA ASP A 607 17.14 8.55 40.67
C ASP A 607 17.74 7.96 41.95
N THR A 608 17.01 7.08 42.66
CA THR A 608 17.62 6.56 43.88
C THR A 608 18.56 5.39 43.65
N PHE A 609 18.43 4.64 42.56
CA PHE A 609 19.53 3.71 42.24
C PHE A 609 20.74 4.38 41.61
N GLU A 610 20.57 5.47 40.87
CA GLU A 610 21.73 6.16 40.32
C GLU A 610 22.30 7.20 41.26
N ASP A 611 21.81 7.26 42.50
CA ASP A 611 22.38 8.15 43.49
C ASP A 611 23.67 7.55 44.05
N ARG A 612 24.72 8.37 44.13
CA ARG A 612 25.97 7.97 44.77
C ARG A 612 26.17 8.61 46.14
N ALA A 613 25.48 9.71 46.43
CA ALA A 613 25.54 10.33 47.75
C ALA A 613 24.45 9.80 48.67
N TYR A 614 23.94 8.61 48.39
CA TYR A 614 22.92 7.99 49.22
C TYR A 614 23.48 7.72 50.61
N PRO A 615 22.81 8.16 51.67
CA PRO A 615 23.40 8.08 53.01
C PRO A 615 23.53 6.63 53.49
N THR A 616 24.55 6.39 54.30
CA THR A 616 24.73 5.07 54.90
C THR A 616 23.83 4.86 56.10
N ILE A 617 23.09 5.88 56.51
CA ILE A 617 22.23 5.77 57.69
C ILE A 617 21.07 4.84 57.39
N PHE A 618 20.54 4.90 56.17
CA PHE A 618 19.51 3.99 55.73
C PHE A 618 20.02 2.56 55.73
N TYR A 619 21.29 2.37 55.33
CA TYR A 619 21.87 1.04 55.35
C TYR A 619 22.03 0.52 56.77
N MET A 620 22.48 1.40 57.68
CA MET A 620 22.63 1.00 59.08
C MET A 620 21.28 0.64 59.69
N LEU A 621 20.24 1.43 59.39
CA LEU A 621 18.91 1.15 59.91
C LEU A 621 18.35 -0.15 59.34
N GLU A 622 18.58 -0.41 58.04
CA GLU A 622 18.11 -1.66 57.45
C GLU A 622 18.90 -2.85 57.96
N ALA A 623 20.15 -2.63 58.38
CA ALA A 623 20.93 -3.72 58.94
C ALA A 623 20.49 -4.06 60.36
N VAL A 624 20.20 -3.05 61.18
CA VAL A 624 19.86 -3.31 62.57
C VAL A 624 18.41 -3.78 62.69
N ILE A 625 17.49 -3.15 61.95
CA ILE A 625 16.10 -3.61 61.92
C ILE A 625 16.02 -5.02 61.34
N HIS A 626 16.76 -5.26 60.26
CA HIS A 626 16.97 -6.57 59.60
C HIS A 626 15.65 -7.30 59.32
N GLY A 627 14.64 -6.54 58.90
CA GLY A 627 13.40 -7.13 58.41
C GLY A 627 12.58 -7.87 59.44
N ASN A 628 12.43 -7.27 60.62
CA ASN A 628 11.57 -7.82 61.67
C ASN A 628 10.42 -6.85 61.90
N GLU A 629 9.19 -7.38 61.98
CA GLU A 629 8.03 -6.54 62.21
C GLU A 629 8.07 -5.90 63.59
N ARG A 630 8.59 -6.62 64.58
CA ARG A 630 8.70 -6.07 65.93
C ARG A 630 9.70 -4.92 65.99
N ASN A 631 10.78 -5.00 65.19
CA ASN A 631 11.73 -3.90 65.15
C ASN A 631 11.21 -2.73 64.32
N PHE A 632 10.47 -3.02 63.25
CA PHE A 632 9.97 -1.94 62.40
C PHE A 632 8.86 -1.16 63.07
N CYS A 633 7.92 -1.84 63.72
CA CYS A 633 6.77 -1.15 64.28
C CYS A 633 7.14 -0.27 65.47
N ALA A 634 8.23 -0.60 66.18
CA ALA A 634 8.70 0.25 67.26
C ALA A 634 9.41 1.49 66.77
N LEU A 635 9.79 1.54 65.48
CA LEU A 635 10.54 2.65 64.92
C LEU A 635 9.76 3.39 63.85
N LEU A 636 8.44 3.50 64.02
CA LEU A 636 7.62 4.12 62.98
C LEU A 636 7.87 5.62 62.91
N ARG A 637 8.06 6.27 64.06
CA ARG A 637 8.20 7.72 64.06
C ARG A 637 9.57 8.16 63.53
N LEU A 638 10.63 7.46 63.94
CA LEU A 638 11.97 7.79 63.46
C LEU A 638 12.08 7.56 61.95
N LEU A 639 11.52 6.46 61.46
CA LEU A 639 11.57 6.19 60.02
C LEU A 639 10.65 7.13 59.26
N THR A 640 9.55 7.57 59.87
CA THR A 640 8.69 8.57 59.24
C THR A 640 9.44 9.87 59.04
N GLN A 641 10.10 10.35 60.08
CA GLN A 641 10.89 11.58 59.98
C GLN A 641 12.06 11.41 59.03
N CYS A 642 12.65 10.22 59.00
CA CYS A 642 13.78 9.94 58.11
C CYS A 642 13.36 10.00 56.64
N ILE A 643 12.27 9.32 56.29
CA ILE A 643 11.81 9.28 54.90
C ILE A 643 11.27 10.64 54.47
N ARG A 644 10.56 11.34 55.36
CA ARG A 644 10.10 12.68 55.04
C ARG A 644 11.26 13.65 54.82
N GLY A 645 12.29 13.57 55.68
CA GLY A 645 13.44 14.44 55.52
C GLY A 645 14.25 14.13 54.27
N TYR A 646 14.30 12.85 53.89
CA TYR A 646 15.00 12.50 52.67
C TYR A 646 14.20 12.88 51.43
N TRP A 647 12.87 12.89 51.53
CA TRP A 647 12.08 13.14 50.33
C TRP A 647 12.04 14.62 49.98
N GLU A 648 11.49 15.45 50.88
CA GLU A 648 11.32 16.85 50.51
C GLU A 648 12.59 17.66 50.73
N GLN A 649 13.72 17.10 50.30
CA GLN A 649 14.95 17.85 50.07
C GLN A 649 15.64 17.44 48.78
N SER A 650 15.34 16.26 48.22
CA SER A 650 15.95 15.81 46.98
C SER A 650 14.98 15.13 46.03
N HIS A 651 13.71 14.98 46.40
CA HIS A 651 12.69 14.27 45.62
C HIS A 651 13.15 12.87 45.22
N ARG A 652 13.65 12.14 46.20
CA ARG A 652 14.15 10.79 46.00
C ARG A 652 13.49 9.87 47.00
N VAL A 653 13.16 8.68 46.57
CA VAL A 653 12.50 7.70 47.43
C VAL A 653 13.58 6.89 48.13
N ALA A 654 13.34 6.55 49.40
CA ALA A 654 14.32 5.84 50.21
C ALA A 654 13.82 4.44 50.55
N PHE A 655 14.74 3.62 51.06
CA PHE A 655 14.48 2.29 51.58
C PHE A 655 13.92 1.34 50.53
N VAL A 656 14.19 1.60 49.25
CA VAL A 656 13.74 0.71 48.18
C VAL A 656 14.65 -0.51 48.06
N ASN A 657 15.75 -0.51 48.82
CA ASN A 657 16.70 -1.62 48.81
C ASN A 657 16.06 -2.92 49.26
N ASN A 658 15.65 -2.98 50.52
CA ASN A 658 15.21 -4.21 51.15
C ASN A 658 13.75 -4.47 50.80
N PHE A 659 13.42 -5.75 50.61
CA PHE A 659 12.03 -6.07 50.33
C PHE A 659 11.18 -6.01 51.58
N HIS A 660 11.73 -6.34 52.74
CA HIS A 660 10.97 -6.19 53.97
C HIS A 660 11.07 -4.78 54.53
N MET A 661 10.93 -3.78 53.70
CA MET A 661 10.57 -2.45 54.17
C MET A 661 9.40 -1.87 53.39
N LEU A 662 9.35 -2.07 52.07
CA LEU A 662 8.26 -1.47 51.31
C LEU A 662 6.94 -2.19 51.55
N MET A 663 6.97 -3.48 51.84
CA MET A 663 5.77 -4.13 52.36
C MET A 663 5.38 -3.54 53.71
N TYR A 664 6.35 -3.35 54.61
CA TYR A 664 6.04 -2.75 55.90
C TYR A 664 5.61 -1.30 55.76
N ILE A 665 6.23 -0.56 54.83
CA ILE A 665 5.85 0.84 54.61
C ILE A 665 4.42 0.92 54.07
N THR A 666 4.08 0.08 53.10
CA THR A 666 2.73 0.12 52.55
C THR A 666 1.68 -0.35 53.53
N THR A 667 2.00 -1.34 54.38
CA THR A 667 1.01 -1.82 55.34
C THR A 667 0.84 -0.86 56.51
N TYR A 668 1.92 -0.25 57.01
CA TYR A 668 1.82 0.58 58.20
C TYR A 668 1.79 2.07 57.90
N LEU A 669 2.79 2.59 57.20
CA LEU A 669 2.83 4.02 56.88
C LEU A 669 2.09 4.31 55.58
N GLY A 670 0.89 3.78 55.41
CA GLY A 670 0.18 3.93 54.15
C GLY A 670 -1.08 4.74 54.26
N ASN A 671 -1.37 5.25 55.45
CA ASN A 671 -2.60 5.99 55.70
C ASN A 671 -2.42 7.50 55.64
N GLY A 672 -1.25 7.98 55.26
CA GLY A 672 -1.00 9.40 55.17
C GLY A 672 0.07 9.92 56.11
N GLU A 673 0.78 9.06 56.83
CA GLU A 673 1.88 9.53 57.66
C GLU A 673 3.03 10.07 56.83
N LEU A 674 3.26 9.50 55.66
CA LEU A 674 4.14 9.99 54.63
C LEU A 674 3.37 10.90 53.69
N PRO A 675 4.04 11.73 52.89
CA PRO A 675 3.32 12.56 51.92
C PRO A 675 2.60 11.75 50.86
N GLU A 676 1.79 12.44 50.06
CA GLU A 676 0.94 11.80 49.07
C GLU A 676 1.74 11.10 47.98
N VAL A 677 2.78 11.73 47.46
CA VAL A 677 3.49 11.21 46.29
C VAL A 677 4.30 9.96 46.62
N CYS A 678 4.89 9.89 47.83
CA CYS A 678 5.73 8.76 48.19
C CYS A 678 4.93 7.47 48.24
N ILE A 679 3.74 7.53 48.82
CA ILE A 679 2.91 6.34 48.99
C ILE A 679 2.43 5.82 47.65
N ASN A 680 2.20 6.70 46.69
CA ASN A 680 1.87 6.25 45.34
C ASN A 680 3.04 5.51 44.72
N ILE A 681 4.28 5.96 44.97
CA ILE A 681 5.47 5.28 44.47
C ILE A 681 5.57 3.86 45.05
N TYR A 682 5.45 3.75 46.38
CA TYR A 682 5.58 2.44 47.02
C TYR A 682 4.45 1.50 46.62
N ARG A 683 3.21 2.01 46.64
CA ARG A 683 2.06 1.20 46.26
C ARG A 683 2.11 0.80 44.80
N ASP A 684 2.65 1.65 43.92
CA ASP A 684 2.71 1.28 42.52
C ASP A 684 3.80 0.25 42.27
N LEU A 685 4.92 0.34 42.99
CA LEU A 685 5.93 -0.72 42.90
C LEU A 685 5.38 -2.06 43.35
N LEU A 686 4.64 -2.07 44.46
CA LEU A 686 4.06 -3.31 44.96
C LEU A 686 2.99 -3.84 44.01
N GLN A 687 2.21 -2.93 43.40
CA GLN A 687 1.22 -3.32 42.40
C GLN A 687 1.89 -3.93 41.18
N HIS A 688 3.04 -3.41 40.78
CA HIS A 688 3.75 -3.96 39.63
C HIS A 688 4.29 -5.35 39.94
N VAL A 689 4.76 -5.56 41.17
CA VAL A 689 5.21 -6.90 41.56
C VAL A 689 4.06 -7.89 41.52
N ARG A 690 2.89 -7.49 42.04
CA ARG A 690 1.74 -8.38 42.01
C ARG A 690 1.22 -8.58 40.58
N ALA A 691 1.41 -7.59 39.71
CA ALA A 691 1.03 -7.76 38.31
C ALA A 691 1.93 -8.77 37.61
N LEU A 692 3.23 -8.77 37.94
CA LEU A 692 4.12 -9.80 37.40
C LEU A 692 3.72 -11.18 37.91
N ARG A 693 3.30 -11.27 39.18
CA ARG A 693 2.81 -12.55 39.70
C ARG A 693 1.57 -13.02 38.94
N GLN A 694 0.65 -12.10 38.64
CA GLN A 694 -0.55 -12.46 37.88
C GLN A 694 -0.19 -12.86 36.45
N THR A 695 0.85 -12.25 35.89
CA THR A 695 1.30 -12.64 34.55
C THR A 695 1.85 -14.06 34.54
N ILE A 696 2.56 -14.45 35.62
CA ILE A 696 2.99 -15.84 35.74
C ILE A 696 1.78 -16.77 35.83
N THR A 697 0.77 -16.37 36.62
CA THR A 697 -0.39 -17.24 36.82
C THR A 697 -1.21 -17.40 35.54
N ASP A 698 -1.30 -16.34 34.74
CA ASP A 698 -2.12 -16.39 33.52
C ASP A 698 -1.52 -17.33 32.48
N PHE A 699 -0.21 -17.35 32.33
CA PHE A 699 0.41 -18.08 31.22
C PHE A 699 0.65 -19.54 31.53
N THR A 700 0.24 -20.03 32.70
CA THR A 700 0.36 -21.43 33.05
C THR A 700 -1.02 -22.07 33.04
N ILE A 701 -1.07 -23.39 33.14
CA ILE A 701 -2.32 -24.14 33.21
C ILE A 701 -2.39 -24.77 34.60
N GLN A 702 -3.45 -24.45 35.33
CA GLN A 702 -3.57 -24.87 36.71
C GLN A 702 -4.08 -26.31 36.80
N GLY A 703 -4.05 -26.85 38.02
CA GLY A 703 -4.60 -28.15 38.30
C GLY A 703 -3.75 -29.33 37.88
N GLU A 704 -2.54 -29.09 37.37
CA GLU A 704 -1.68 -30.14 36.88
C GLU A 704 -0.41 -30.14 37.73
N GLY A 705 -0.43 -30.88 38.84
CA GLY A 705 0.69 -30.92 39.75
C GLY A 705 1.20 -32.32 39.98
N HIS A 706 2.53 -32.49 39.96
CA HIS A 706 3.15 -33.80 40.02
C HIS A 706 4.00 -33.91 41.28
N ASN A 707 3.65 -34.87 42.14
CA ASN A 707 4.44 -35.31 43.29
C ASN A 707 4.67 -34.17 44.29
N GLY A 708 3.56 -33.52 44.67
CA GLY A 708 3.59 -32.46 45.64
C GLY A 708 4.29 -31.20 45.19
N GLU A 709 4.10 -30.83 43.91
CA GLU A 709 4.62 -29.59 43.38
C GLU A 709 3.49 -28.91 42.60
N THR A 710 3.17 -27.67 42.96
CA THR A 710 2.17 -26.92 42.24
C THR A 710 2.67 -26.58 40.84
N SER A 711 1.73 -26.33 39.93
CA SER A 711 2.08 -26.11 38.53
C SER A 711 2.84 -24.82 38.33
N GLU A 712 2.69 -23.87 39.25
CA GLU A 712 3.50 -22.65 39.24
C GLU A 712 4.98 -22.99 39.38
N ALA A 713 5.30 -23.89 40.31
CA ALA A 713 6.68 -24.28 40.52
C ALA A 713 7.18 -25.18 39.39
N LEU A 714 6.26 -25.87 38.72
CA LEU A 714 6.67 -26.74 37.63
C LEU A 714 6.80 -25.99 36.31
N ASN A 715 6.29 -24.76 36.24
CA ASN A 715 6.46 -23.94 35.05
C ASN A 715 7.51 -22.85 35.22
N ASN A 716 7.47 -22.12 36.32
CA ASN A 716 8.31 -20.95 36.53
C ASN A 716 9.41 -21.27 37.53
N ILE A 717 10.23 -20.25 37.83
CA ILE A 717 11.25 -20.32 38.87
C ILE A 717 10.93 -19.39 40.02
N LEU A 718 10.45 -18.18 39.73
CA LEU A 718 10.10 -17.22 40.77
C LEU A 718 8.91 -17.68 41.60
N THR A 719 8.16 -18.69 41.14
CA THR A 719 7.12 -19.31 41.93
C THR A 719 7.53 -20.68 42.45
N ASP A 720 8.81 -21.03 42.36
CA ASP A 720 9.32 -22.30 42.86
C ASP A 720 9.92 -22.10 44.24
N ASP A 721 9.43 -22.85 45.21
CA ASP A 721 9.88 -22.65 46.59
C ASP A 721 11.26 -23.22 46.84
N THR A 722 11.79 -24.07 45.95
CA THR A 722 13.14 -24.58 46.13
C THR A 722 14.18 -23.49 45.89
N PHE A 723 13.95 -22.65 44.89
CA PHE A 723 14.87 -21.57 44.59
C PHE A 723 14.65 -20.41 45.56
N ILE A 724 15.73 -19.93 46.18
CA ILE A 724 15.62 -18.98 47.27
C ILE A 724 16.21 -17.63 46.88
N ALA A 725 15.83 -16.61 47.64
CA ALA A 725 16.21 -15.24 47.36
C ALA A 725 17.72 -15.03 47.56
N PRO A 726 18.31 -14.01 46.94
CA PRO A 726 19.72 -13.71 47.20
C PRO A 726 20.02 -13.35 48.65
N ILE A 727 19.09 -12.69 49.34
CA ILE A 727 19.24 -12.38 50.76
C ILE A 727 18.05 -12.95 51.51
N LEU A 728 18.35 -13.69 52.58
CA LEU A 728 17.34 -14.14 53.52
C LEU A 728 17.49 -13.35 54.81
N TRP A 729 16.41 -12.74 55.26
CA TRP A 729 16.37 -12.08 56.57
C TRP A 729 15.78 -12.98 57.64
N ASP A 730 14.80 -13.80 57.29
CA ASP A 730 14.22 -14.77 58.18
C ASP A 730 14.54 -16.18 57.69
N CYS A 731 14.27 -17.16 58.54
CA CYS A 731 14.48 -18.55 58.18
C CYS A 731 13.24 -19.18 57.56
N ASP A 732 12.18 -18.40 57.33
CA ASP A 732 10.92 -18.95 56.82
C ASP A 732 11.05 -19.45 55.39
N ALA A 733 11.89 -18.79 54.58
CA ALA A 733 12.11 -19.24 53.21
C ALA A 733 12.77 -20.62 53.19
N LEU A 734 13.70 -20.86 54.12
CA LEU A 734 14.32 -22.17 54.23
C LEU A 734 13.33 -23.21 54.71
N ILE A 735 12.40 -22.82 55.59
CA ILE A 735 11.36 -23.74 56.06
C ILE A 735 10.47 -24.18 54.91
N TYR A 736 10.03 -23.22 54.09
CA TYR A 736 9.17 -23.55 52.95
C TYR A 736 9.95 -24.31 51.88
N ARG A 737 11.23 -24.01 51.72
CA ARG A 737 12.05 -24.74 50.75
C ARG A 737 12.22 -26.20 51.16
N ASP A 738 12.49 -26.44 52.44
CA ASP A 738 12.58 -27.81 52.93
C ASP A 738 11.25 -28.54 52.88
N GLU A 739 10.15 -27.88 53.21
CA GLU A 739 8.85 -28.54 53.21
C GLU A 739 8.34 -28.79 51.80
N ALA A 740 8.74 -27.96 50.83
CA ALA A 740 8.13 -28.04 49.51
C ALA A 740 8.78 -29.10 48.63
N ALA A 741 10.11 -29.19 48.63
CA ALA A 741 10.75 -30.10 47.69
C ALA A 741 10.61 -31.55 48.13
N ARG A 742 11.31 -31.92 49.21
CA ARG A 742 11.10 -33.15 50.00
C ARG A 742 11.32 -34.45 49.22
N ASP A 743 11.55 -34.35 47.91
CA ASP A 743 11.81 -35.45 47.00
C ASP A 743 13.04 -35.21 46.16
N ARG A 744 13.27 -33.98 45.73
CA ARG A 744 14.53 -33.58 45.14
C ARG A 744 15.52 -33.41 46.28
N LEU A 745 16.57 -34.24 46.29
CA LEU A 745 17.48 -34.46 47.41
C LEU A 745 18.15 -33.17 47.87
N PRO A 746 17.76 -32.63 49.02
CA PRO A 746 18.30 -31.33 49.45
C PRO A 746 19.54 -31.45 50.31
N ALA A 747 20.30 -30.36 50.40
CA ALA A 747 21.45 -30.28 51.29
C ALA A 747 21.78 -28.82 51.51
N ILE A 748 21.81 -28.39 52.78
CA ILE A 748 22.05 -27.01 53.14
C ILE A 748 23.36 -26.94 53.91
N ARG A 749 24.27 -26.07 53.48
CA ARG A 749 25.61 -25.96 54.05
C ARG A 749 25.77 -24.55 54.63
N VAL A 750 25.42 -24.39 55.90
CA VAL A 750 25.47 -23.09 56.56
C VAL A 750 26.82 -23.04 57.29
N SER A 751 27.84 -22.57 56.57
CA SER A 751 29.16 -22.23 57.12
C SER A 751 29.81 -23.43 57.82
N GLY A 752 30.14 -24.45 57.03
CA GLY A 752 30.74 -25.63 57.61
C GLY A 752 29.74 -26.77 57.76
N ARG A 753 29.20 -26.94 58.96
CA ARG A 753 28.28 -28.02 59.25
C ARG A 753 27.00 -27.89 58.43
N ASN A 754 26.29 -29.01 58.30
CA ASN A 754 25.11 -29.11 57.45
C ASN A 754 23.86 -28.91 58.30
N GLY A 755 22.96 -28.07 57.83
CA GLY A 755 21.71 -27.86 58.53
C GLY A 755 21.76 -26.65 59.45
N TYR A 756 20.61 -26.03 59.64
CA TYR A 756 20.47 -24.83 60.45
C TYR A 756 19.82 -25.17 61.79
N GLN A 757 19.88 -24.20 62.71
CA GLN A 757 19.42 -24.40 64.08
C GLN A 757 18.29 -23.46 64.49
N ALA A 758 18.39 -22.17 64.14
CA ALA A 758 17.35 -21.16 64.34
C ALA A 758 17.02 -20.98 65.83
N LEU A 759 18.00 -20.47 66.57
CA LEU A 759 17.79 -20.02 67.95
C LEU A 759 17.52 -18.52 67.91
N HIS A 760 16.24 -18.16 68.06
CA HIS A 760 15.82 -16.77 67.96
C HIS A 760 16.01 -16.03 69.28
N PHE A 761 15.73 -14.73 69.25
CA PHE A 761 15.67 -13.85 70.41
C PHE A 761 17.00 -13.80 71.16
N VAL A 762 17.98 -13.22 70.49
CA VAL A 762 19.32 -13.04 71.06
C VAL A 762 19.45 -11.58 71.50
N ASP A 763 19.56 -11.36 72.80
CA ASP A 763 19.71 -10.04 73.40
C ASP A 763 21.16 -9.80 73.84
N MET A 764 21.38 -8.72 74.58
CA MET A 764 22.72 -8.36 75.05
C MET A 764 23.31 -9.37 76.03
N ALA A 765 22.48 -10.25 76.60
CA ALA A 765 22.98 -11.23 77.55
C ALA A 765 23.95 -12.22 76.88
N GLY A 766 23.51 -12.83 75.78
CA GLY A 766 24.30 -13.84 75.09
C GLY A 766 24.60 -13.57 73.64
N HIS A 767 25.02 -12.34 73.27
CA HIS A 767 25.01 -11.94 71.87
C HIS A 767 26.01 -12.73 71.04
N ASN A 768 27.27 -12.82 71.49
CA ASN A 768 28.31 -13.70 70.93
C ASN A 768 28.55 -13.42 69.44
N PHE A 769 29.11 -12.23 69.18
CA PHE A 769 29.35 -11.77 67.81
C PHE A 769 30.26 -12.71 67.04
N GLN A 770 31.21 -13.33 67.72
CA GLN A 770 32.13 -14.26 67.07
C GLN A 770 31.65 -15.70 67.23
N ARG A 771 30.44 -15.97 66.75
CA ARG A 771 29.89 -17.31 66.79
C ARG A 771 30.31 -18.07 65.54
N ARG A 772 30.85 -19.26 65.72
CA ARG A 772 31.34 -20.09 64.62
C ARG A 772 30.40 -21.23 64.27
N ASP A 773 29.22 -21.28 64.88
CA ASP A 773 28.28 -22.38 64.68
C ASP A 773 27.43 -22.10 63.44
N ASN A 774 26.37 -22.90 63.27
CA ASN A 774 25.42 -22.72 62.17
C ASN A 774 24.07 -22.24 62.71
N VAL A 775 24.10 -21.33 63.67
CA VAL A 775 22.87 -20.79 64.27
C VAL A 775 22.44 -19.56 63.49
N LEU A 776 21.19 -19.52 63.08
CA LEU A 776 20.62 -18.38 62.38
C LEU A 776 19.61 -17.69 63.29
N ILE A 777 19.55 -16.36 63.18
CA ILE A 777 18.66 -15.58 64.03
C ILE A 777 17.31 -15.46 63.34
N HIS A 778 16.32 -16.20 63.83
CA HIS A 778 15.03 -16.24 63.14
C HIS A 778 14.21 -14.98 63.41
N GLY A 779 14.37 -14.39 64.59
CA GLY A 779 13.67 -13.17 64.93
C GLY A 779 12.53 -13.46 65.90
N ARG A 780 12.05 -12.42 66.56
CA ARG A 780 10.94 -12.60 67.49
C ARG A 780 9.66 -12.78 66.70
N PRO A 781 8.83 -13.77 67.01
CA PRO A 781 7.55 -13.91 66.30
C PRO A 781 6.63 -12.73 66.57
N VAL A 782 5.78 -12.42 65.60
CA VAL A 782 4.95 -11.23 65.66
C VAL A 782 3.79 -11.38 66.64
N ARG A 783 2.89 -12.33 66.43
CA ARG A 783 1.81 -12.66 67.35
C ARG A 783 2.07 -14.00 68.04
N GLY A 784 2.92 -14.03 69.07
CA GLY A 784 3.20 -15.28 69.73
C GLY A 784 4.09 -15.12 70.94
N ASP A 785 4.48 -16.26 71.51
CA ASP A 785 5.41 -16.32 72.62
C ASP A 785 6.71 -16.97 72.16
N THR A 786 7.83 -16.35 72.52
CA THR A 786 9.15 -16.79 72.06
C THR A 786 9.50 -18.18 72.59
N GLY A 787 9.66 -18.30 73.91
CA GLY A 787 9.99 -19.56 74.54
C GLY A 787 11.39 -20.04 74.19
N GLN A 788 11.65 -21.28 74.58
CA GLN A 788 12.87 -21.98 74.20
C GLN A 788 12.60 -23.35 73.60
N ALA A 789 11.62 -24.08 74.13
CA ALA A 789 11.28 -25.39 73.61
C ALA A 789 10.25 -25.32 72.49
N ILE A 790 9.66 -24.15 72.25
CA ILE A 790 8.66 -24.02 71.20
C ILE A 790 9.35 -24.06 69.84
N PRO A 791 8.91 -24.90 68.90
CA PRO A 791 9.53 -24.94 67.58
C PRO A 791 9.23 -23.67 66.79
N ILE A 792 10.13 -23.37 65.86
CA ILE A 792 10.03 -22.16 65.05
C ILE A 792 8.86 -22.27 64.10
N THR A 793 8.29 -21.14 63.74
CA THR A 793 7.23 -21.03 62.77
C THR A 793 7.60 -19.97 61.72
N PRO A 794 7.14 -20.12 60.48
CA PRO A 794 7.34 -19.05 59.50
C PRO A 794 6.58 -17.79 59.88
N HIS A 795 7.24 -16.64 59.71
CA HIS A 795 6.61 -15.37 60.06
C HIS A 795 5.47 -15.03 59.11
N HIS A 796 5.64 -15.30 57.83
CA HIS A 796 4.77 -14.76 56.81
C HIS A 796 4.13 -15.88 55.99
N ASP A 797 3.32 -15.47 55.02
CA ASP A 797 2.62 -16.40 54.15
C ASP A 797 3.59 -17.02 53.16
N ARG A 798 3.07 -17.90 52.30
CA ARG A 798 3.89 -18.44 51.23
C ARG A 798 4.06 -17.46 50.09
N GLU A 799 3.08 -16.56 49.90
CA GLU A 799 3.16 -15.61 48.79
C GLU A 799 4.22 -14.55 49.01
N TRP A 800 4.64 -14.35 50.26
CA TRP A 800 5.72 -13.42 50.55
C TRP A 800 7.01 -13.88 49.89
N GLY A 801 7.28 -15.18 49.91
CA GLY A 801 8.47 -15.70 49.24
C GLY A 801 8.43 -15.46 47.74
N ILE A 802 7.26 -15.66 47.14
CA ILE A 802 7.11 -15.44 45.70
C ILE A 802 7.31 -13.98 45.34
N LEU A 803 6.73 -13.08 46.14
CA LEU A 803 6.87 -11.65 45.85
C LEU A 803 8.30 -11.18 46.08
N SER A 804 8.98 -11.74 47.09
CA SER A 804 10.37 -11.38 47.31
C SER A 804 11.26 -11.86 46.17
N LYS A 805 11.03 -13.06 45.68
CA LYS A 805 11.81 -13.57 44.56
C LYS A 805 11.56 -12.75 43.30
N ILE A 806 10.30 -12.39 43.05
CA ILE A 806 9.96 -11.58 41.88
C ILE A 806 10.62 -10.21 41.97
N TYR A 807 10.56 -9.59 43.15
CA TYR A 807 11.15 -8.28 43.34
C TYR A 807 12.66 -8.33 43.13
N TYR A 808 13.34 -9.24 43.82
CA TYR A 808 14.80 -9.29 43.79
C TYR A 808 15.33 -9.72 42.43
N TYR A 809 14.60 -10.56 41.70
CA TYR A 809 15.11 -11.07 40.44
C TYR A 809 14.52 -10.37 39.22
N ILE A 810 13.63 -9.40 39.41
CA ILE A 810 13.11 -8.65 38.29
C ILE A 810 13.36 -7.16 38.48
N VAL A 811 12.80 -6.57 39.55
CA VAL A 811 12.70 -5.12 39.62
C VAL A 811 14.03 -4.50 40.01
N ILE A 812 14.77 -5.14 40.92
CA ILE A 812 16.09 -4.64 41.31
C ILE A 812 17.09 -4.62 40.16
N PRO A 813 17.27 -5.70 39.37
CA PRO A 813 18.20 -5.58 38.24
C PRO A 813 17.64 -4.75 37.08
N ALA A 814 16.33 -4.65 36.91
CA ALA A 814 15.80 -3.85 35.81
C ALA A 814 16.05 -2.36 36.03
N PHE A 815 16.12 -1.93 37.28
CA PHE A 815 16.47 -0.55 37.57
C PHE A 815 17.97 -0.36 37.69
N SER A 816 18.65 -1.27 38.40
CA SER A 816 20.07 -1.06 38.70
C SER A 816 20.94 -1.35 37.48
N ARG A 817 20.56 -2.35 36.68
CA ARG A 817 21.30 -2.80 35.49
C ARG A 817 22.73 -3.22 35.84
N GLY A 818 22.81 -4.18 36.76
CA GLY A 818 24.09 -4.79 37.08
C GLY A 818 25.06 -3.92 37.83
N SER A 819 24.61 -2.80 38.40
CA SER A 819 25.48 -1.96 39.21
C SER A 819 25.35 -2.23 40.70
N CYS A 820 24.18 -2.67 41.15
CA CYS A 820 24.01 -3.03 42.55
C CYS A 820 24.70 -4.35 42.85
N CYS A 821 25.20 -4.48 44.08
CA CYS A 821 25.97 -5.63 44.50
C CYS A 821 25.56 -6.05 45.89
N THR A 822 25.47 -7.36 46.11
CA THR A 822 25.08 -7.88 47.41
C THR A 822 26.32 -8.02 48.30
N MET A 823 26.16 -7.70 49.58
CA MET A 823 27.27 -7.78 50.52
C MET A 823 26.77 -8.04 51.93
N GLY A 824 27.69 -8.48 52.78
CA GLY A 824 27.41 -8.74 54.17
C GLY A 824 27.84 -7.57 55.03
N VAL A 825 27.60 -7.69 56.33
CA VAL A 825 27.81 -6.59 57.27
C VAL A 825 28.74 -7.02 58.39
N ARG A 826 29.31 -6.04 59.06
CA ARG A 826 30.16 -6.24 60.24
C ARG A 826 29.41 -5.66 61.43
N TYR A 827 28.65 -6.51 62.12
CA TYR A 827 27.82 -6.04 63.21
C TYR A 827 28.65 -5.63 64.42
N ASP A 828 29.80 -6.27 64.61
CA ASP A 828 30.66 -5.94 65.75
C ASP A 828 31.27 -4.55 65.65
N ARG A 829 31.41 -4.02 64.43
CA ARG A 829 31.84 -2.64 64.22
C ARG A 829 30.68 -1.67 64.10
N LEU A 830 29.44 -2.16 64.12
CA LEU A 830 28.27 -1.32 63.91
C LEU A 830 27.50 -1.06 65.20
N TYR A 831 27.30 -2.10 66.01
CA TYR A 831 26.51 -1.95 67.23
C TYR A 831 27.13 -1.01 68.26
N PRO A 832 28.44 -1.04 68.56
CA PRO A 832 28.97 0.02 69.44
C PRO A 832 28.93 1.41 68.85
N ALA A 833 28.85 1.54 67.52
CA ALA A 833 28.75 2.86 66.91
C ALA A 833 27.36 3.45 66.99
N LEU A 834 26.37 2.68 67.45
CA LEU A 834 24.99 3.14 67.49
C LEU A 834 24.50 3.36 68.92
N GLN A 835 25.33 3.12 69.93
CA GLN A 835 24.95 3.34 71.32
C GLN A 835 25.39 4.71 71.83
N ALA A 836 25.41 5.72 70.97
CA ALA A 836 25.79 7.07 71.36
C ALA A 836 24.66 8.01 70.98
N VAL A 837 23.88 8.43 71.97
CA VAL A 837 22.82 9.42 71.80
C VAL A 837 23.00 10.53 72.82
N ILE A 838 22.76 11.76 72.40
CA ILE A 838 23.09 12.94 73.21
C ILE A 838 21.78 13.70 73.36
N VAL A 839 20.69 12.96 73.54
CA VAL A 839 19.40 13.60 73.81
C VAL A 839 19.50 14.41 75.11
N PRO A 840 19.01 15.65 75.14
CA PRO A 840 19.27 16.51 76.31
C PRO A 840 18.34 16.25 77.47
N GLU A 841 18.46 17.09 78.51
CA GLU A 841 17.62 17.02 79.70
C GLU A 841 16.61 18.15 79.64
N ILE A 842 15.39 17.83 79.24
CA ILE A 842 14.36 18.87 79.08
C ILE A 842 13.61 19.02 80.40
N PRO A 843 13.56 20.22 80.97
CA PRO A 843 12.75 20.43 82.17
C PRO A 843 11.27 20.33 81.89
N ALA A 844 10.50 20.03 82.93
CA ALA A 844 9.07 19.87 82.80
C ALA A 844 8.39 21.21 82.55
N ASP A 845 7.12 21.13 82.12
CA ASP A 845 6.28 22.28 81.77
C ASP A 845 6.93 23.14 80.68
N GLU A 846 7.54 22.46 79.70
CA GLU A 846 8.16 23.13 78.58
C GLU A 846 7.89 22.34 77.30
N GLU A 847 7.58 23.06 76.24
CA GLU A 847 7.28 22.47 74.94
C GLU A 847 8.57 21.99 74.27
N ALA A 848 8.47 20.89 73.54
CA ALA A 848 9.65 20.21 73.01
C ALA A 848 10.28 21.02 71.88
N PRO A 849 11.60 20.94 71.68
CA PRO A 849 12.22 21.67 70.59
C PRO A 849 11.83 21.11 69.23
N THR A 850 11.44 22.00 68.32
CA THR A 850 11.04 21.63 66.96
C THR A 850 12.09 22.04 65.94
N THR A 851 12.41 23.33 65.87
CA THR A 851 13.44 23.80 64.95
C THR A 851 14.82 23.46 65.51
N PRO A 852 15.80 23.22 64.64
CA PRO A 852 17.15 22.90 65.13
C PRO A 852 18.01 24.10 65.50
N GLU A 853 17.50 25.33 65.41
CA GLU A 853 18.32 26.48 65.75
C GLU A 853 18.33 26.77 67.24
N ASP A 854 17.34 26.23 68.03
CA ASP A 854 17.46 26.46 69.46
C ASP A 854 18.51 25.54 70.07
N PRO A 855 19.10 25.89 71.22
CA PRO A 855 20.13 25.01 71.81
C PRO A 855 19.62 23.65 72.26
N ARG A 856 18.32 23.50 72.53
CA ARG A 856 17.81 22.26 73.10
C ARG A 856 17.65 21.15 72.06
N HIS A 857 17.83 21.45 70.78
CA HIS A 857 17.66 20.43 69.75
C HIS A 857 18.83 19.44 69.79
N PRO A 858 18.59 18.16 69.49
CA PRO A 858 19.70 17.20 69.44
C PRO A 858 20.71 17.49 68.34
N LEU A 859 20.28 18.09 67.23
CA LEU A 859 21.17 18.31 66.09
C LEU A 859 21.79 19.70 66.08
N HIS A 860 21.65 20.47 67.16
CA HIS A 860 22.36 21.73 67.25
C HIS A 860 23.85 21.48 67.35
N ALA A 861 24.64 22.44 66.87
CA ALA A 861 26.09 22.29 66.84
C ALA A 861 26.69 22.21 68.24
N HIS A 862 26.03 22.80 69.23
CA HIS A 862 26.54 22.75 70.60
C HIS A 862 26.48 21.36 71.19
N GLN A 863 25.48 20.57 70.81
CA GLN A 863 25.33 19.19 71.30
C GLN A 863 25.80 18.18 70.26
N LEU A 864 26.60 18.62 69.30
CA LEU A 864 27.04 17.78 68.19
C LEU A 864 28.47 17.35 68.45
N VAL A 865 28.64 16.21 69.10
CA VAL A 865 29.94 15.76 69.60
C VAL A 865 30.47 14.69 68.64
N PRO A 866 31.77 14.66 68.36
CA PRO A 866 32.31 13.70 67.39
C PRO A 866 32.13 12.24 67.81
N ASN A 867 32.04 11.37 66.79
CA ASN A 867 31.94 9.92 66.94
C ASN A 867 30.70 9.51 67.74
N SER A 868 29.55 9.86 67.19
CA SER A 868 28.26 9.54 67.79
C SER A 868 27.24 9.47 66.67
N LEU A 869 25.99 9.16 67.01
CA LEU A 869 24.97 9.10 65.98
C LEU A 869 24.60 10.47 65.45
N ASN A 870 24.89 11.53 66.21
CA ASN A 870 24.49 12.86 65.78
C ASN A 870 25.29 13.33 64.58
N VAL A 871 26.58 12.99 64.52
CA VAL A 871 27.35 13.33 63.32
C VAL A 871 26.92 12.46 62.13
N TYR A 872 26.53 11.20 62.39
CA TYR A 872 25.92 10.39 61.35
C TYR A 872 24.65 11.00 60.78
N PHE A 873 23.77 11.53 61.64
CA PHE A 873 22.53 12.09 61.14
C PHE A 873 22.74 13.47 60.52
N HIS A 874 23.73 14.23 61.01
CA HIS A 874 23.99 15.54 60.44
C HIS A 874 24.81 15.47 59.16
N ASN A 875 25.44 14.32 58.89
CA ASN A 875 26.21 14.19 57.66
C ASN A 875 25.28 14.05 56.45
N ALA A 876 24.06 13.60 56.67
CA ALA A 876 23.09 13.45 55.59
C ALA A 876 22.12 14.61 55.51
N HIS A 877 22.28 15.63 56.36
CA HIS A 877 21.40 16.79 56.46
C HIS A 877 19.96 16.37 56.73
N LEU A 878 19.78 15.69 57.85
CA LEU A 878 18.47 15.20 58.29
C LEU A 878 18.13 15.80 59.64
N THR A 879 16.82 15.87 59.91
CA THR A 879 16.30 16.39 61.16
C THR A 879 15.47 15.30 61.84
N VAL A 880 15.86 14.92 63.06
CA VAL A 880 15.11 13.97 63.86
C VAL A 880 14.95 14.55 65.27
N ASP A 881 13.96 14.03 65.98
CA ASP A 881 13.64 14.49 67.32
C ASP A 881 14.45 13.70 68.35
N GLY A 882 14.31 14.08 69.61
CA GLY A 882 14.97 13.34 70.67
C GLY A 882 14.40 11.94 70.85
N ASP A 883 13.07 11.83 70.81
CA ASP A 883 12.44 10.53 71.01
C ASP A 883 12.63 9.60 69.82
N ALA A 884 12.78 10.19 68.62
CA ALA A 884 13.07 9.39 67.43
C ALA A 884 14.42 8.69 67.56
N LEU A 885 15.43 9.38 68.09
CA LEU A 885 16.68 8.71 68.38
C LEU A 885 16.58 7.81 69.61
N LEU A 886 15.65 8.13 70.52
CA LEU A 886 15.57 7.39 71.77
C LEU A 886 14.90 6.02 71.60
N THR A 887 14.07 5.83 70.57
CA THR A 887 13.44 4.53 70.35
C THR A 887 14.43 3.46 69.87
N LEU A 888 15.66 3.86 69.53
CA LEU A 888 16.70 2.90 69.18
C LEU A 888 17.02 1.97 70.35
N GLN A 889 16.79 2.44 71.58
CA GLN A 889 16.96 1.60 72.75
C GLN A 889 15.99 0.42 72.75
N GLU A 890 14.72 0.67 72.42
CA GLU A 890 13.76 -0.42 72.35
C GLU A 890 14.02 -1.29 71.14
N LEU A 891 14.67 -0.73 70.12
CA LEU A 891 15.15 -1.59 69.03
C LEU A 891 16.25 -2.53 69.51
N MET A 892 17.10 -2.06 70.43
CA MET A 892 18.30 -2.79 70.82
C MET A 892 18.02 -4.10 71.56
N GLY A 893 16.78 -4.33 72.01
CA GLY A 893 16.47 -5.57 72.71
C GLY A 893 16.57 -6.80 71.83
N ASP A 894 16.21 -6.68 70.56
CA ASP A 894 16.36 -7.73 69.57
C ASP A 894 17.39 -7.30 68.54
N MET A 895 18.33 -8.20 68.23
CA MET A 895 19.40 -7.88 67.31
C MET A 895 20.02 -9.15 66.73
N ALA A 896 20.75 -8.98 65.64
CA ALA A 896 21.35 -10.10 64.91
C ALA A 896 22.86 -10.10 65.14
N GLU A 897 23.43 -11.30 65.20
CA GLU A 897 24.83 -11.43 65.60
C GLU A 897 25.78 -11.18 64.43
N ARG A 898 25.66 -11.97 63.37
CA ARG A 898 26.59 -11.84 62.24
C ARG A 898 25.96 -12.44 61.00
N THR A 899 26.55 -12.12 59.85
CA THR A 899 26.09 -12.68 58.59
C THR A 899 26.80 -14.00 58.29
N THR A 900 26.21 -14.78 57.40
CA THR A 900 26.78 -16.06 56.98
C THR A 900 26.38 -16.35 55.54
N ALA A 901 27.10 -17.28 54.92
CA ALA A 901 26.87 -17.64 53.53
C ALA A 901 26.23 -19.02 53.48
N ILE A 902 25.07 -19.11 52.84
CA ILE A 902 24.28 -20.33 52.77
C ILE A 902 24.32 -20.85 51.34
N LEU A 903 24.73 -22.10 51.17
CA LEU A 903 24.73 -22.77 49.88
C LEU A 903 23.74 -23.93 49.96
N VAL A 904 22.54 -23.72 49.43
CA VAL A 904 21.55 -24.78 49.34
C VAL A 904 21.71 -25.46 48.00
N SER A 905 21.30 -26.73 47.94
CA SER A 905 21.48 -27.53 46.74
C SER A 905 20.24 -28.38 46.53
N SER A 906 20.04 -28.80 45.29
CA SER A 906 18.87 -29.60 44.96
C SER A 906 19.13 -30.36 43.67
N ALA A 907 18.34 -31.36 43.44
CA ALA A 907 18.16 -32.12 42.23
C ALA A 907 17.11 -31.43 41.36
N PRO A 908 17.09 -31.66 40.04
CA PRO A 908 16.05 -31.03 39.21
C PRO A 908 14.68 -31.60 39.52
N ASP A 909 13.66 -30.77 39.23
CA ASP A 909 12.28 -31.05 39.64
C ASP A 909 11.72 -32.27 38.90
N ALA A 910 10.50 -32.65 39.31
CA ALA A 910 9.90 -33.91 38.86
C ALA A 910 9.56 -33.90 37.37
N GLY A 911 9.46 -32.73 36.75
CA GLY A 911 9.26 -32.68 35.32
C GLY A 911 10.45 -33.18 34.53
N ALA A 912 11.66 -32.77 34.92
CA ALA A 912 12.88 -33.10 34.20
C ALA A 912 13.74 -34.12 34.93
N ALA A 913 13.18 -34.85 35.89
CA ALA A 913 13.94 -35.83 36.66
C ALA A 913 13.88 -37.17 35.94
N THR A 914 14.85 -37.43 35.09
CA THR A 914 15.01 -38.73 34.47
C THR A 914 16.12 -39.49 35.19
N ALA A 915 16.49 -40.66 34.65
CA ALA A 915 17.44 -41.52 35.33
C ALA A 915 18.86 -40.97 35.31
N THR A 916 19.16 -39.99 34.45
CA THR A 916 20.49 -39.41 34.39
C THR A 916 20.57 -37.96 34.84
N THR A 917 19.45 -37.25 34.95
CA THR A 917 19.49 -35.87 35.42
C THR A 917 19.57 -35.76 36.93
N ARG A 918 19.38 -36.86 37.66
CA ARG A 918 19.45 -36.79 39.11
C ARG A 918 20.87 -36.56 39.60
N ASN A 919 21.86 -36.96 38.80
CA ASN A 919 23.25 -36.72 39.18
C ASN A 919 23.64 -35.26 39.00
N MET A 920 23.15 -34.61 37.95
CA MET A 920 23.45 -33.20 37.75
C MET A 920 22.61 -32.34 38.69
N ARG A 921 23.29 -31.66 39.61
CA ARG A 921 22.66 -30.95 40.70
C ARG A 921 22.82 -29.45 40.46
N ILE A 922 22.00 -28.66 41.13
CA ILE A 922 22.09 -27.20 41.05
C ILE A 922 22.55 -26.66 42.39
N TYR A 923 23.54 -25.77 42.36
CA TYR A 923 24.07 -25.12 43.55
C TYR A 923 23.88 -23.62 43.42
N ASP A 924 23.18 -23.03 44.38
CA ASP A 924 22.95 -21.59 44.39
C ASP A 924 23.16 -21.04 45.80
N GLY A 925 23.65 -19.81 45.86
CA GLY A 925 24.03 -19.25 47.15
C GLY A 925 23.12 -18.13 47.62
N ALA A 926 23.17 -17.84 48.92
CA ALA A 926 22.46 -16.72 49.48
C ALA A 926 23.20 -16.23 50.72
N LEU A 927 23.00 -14.96 51.05
CA LEU A 927 23.60 -14.37 52.23
C LEU A 927 22.52 -14.16 53.28
N TYR A 928 22.79 -14.62 54.49
CA TYR A 928 21.88 -14.37 55.60
C TYR A 928 22.27 -13.05 56.25
N HIS A 929 21.28 -12.18 56.46
CA HIS A 929 21.46 -10.86 57.06
C HIS A 929 22.47 -10.01 56.28
N GLY A 930 22.42 -10.10 54.95
CA GLY A 930 23.27 -9.29 54.10
C GLY A 930 22.51 -8.12 53.49
N LEU A 931 23.26 -7.21 52.87
CA LEU A 931 22.66 -6.01 52.29
C LEU A 931 23.05 -5.88 50.83
N ILE A 932 22.44 -4.90 50.18
CA ILE A 932 22.77 -4.48 48.81
C ILE A 932 22.93 -2.97 48.83
N MET A 933 24.03 -2.47 48.30
CA MET A 933 24.10 -1.04 48.00
C MET A 933 23.85 -0.80 46.52
N MET A 934 23.19 0.33 46.23
CA MET A 934 22.82 0.68 44.87
C MET A 934 24.04 0.88 44.01
N ALA A 935 24.98 1.70 44.50
CA ALA A 935 26.17 2.06 43.76
C ALA A 935 27.22 2.46 44.78
N TYR A 936 28.48 2.23 44.45
CA TYR A 936 29.58 2.47 45.36
C TYR A 936 30.17 3.86 45.16
N GLN A 937 30.26 4.62 46.24
CA GLN A 937 31.00 5.88 46.26
C GLN A 937 32.35 5.60 46.92
N ALA A 938 33.42 6.04 46.26
CA ALA A 938 34.77 5.78 46.73
C ALA A 938 35.43 7.01 47.31
N TYR A 939 34.81 8.17 47.18
CA TYR A 939 35.45 9.45 47.48
C TYR A 939 34.77 10.17 48.63
N ASP A 940 33.85 9.50 49.33
CA ASP A 940 33.28 10.02 50.57
C ASP A 940 34.21 9.60 51.70
N GLU A 941 35.10 10.49 52.09
CA GLU A 941 36.11 10.19 53.10
C GLU A 941 35.64 10.48 54.51
N THR A 942 34.40 10.96 54.68
CA THR A 942 33.90 11.21 56.04
C THR A 942 33.68 9.91 56.80
N ILE A 943 33.48 8.81 56.09
CA ILE A 943 33.45 7.48 56.68
C ILE A 943 34.49 6.65 55.94
N ALA A 944 35.39 6.00 56.70
CA ALA A 944 36.47 5.23 56.10
C ALA A 944 35.92 4.04 55.34
N THR A 945 36.62 3.66 54.27
CA THR A 945 36.16 2.56 53.43
C THR A 945 36.31 1.22 54.15
N GLY A 946 35.35 0.34 53.92
CA GLY A 946 35.37 -0.97 54.55
C GLY A 946 35.13 -0.98 56.04
N THR A 947 34.58 0.11 56.58
CA THR A 947 34.32 0.19 58.01
C THR A 947 33.19 -0.73 58.43
N PHE A 948 32.11 -0.75 57.68
CA PHE A 948 30.94 -1.55 58.01
C PHE A 948 30.69 -2.68 57.02
N PHE A 949 30.91 -2.45 55.74
CA PHE A 949 30.39 -3.30 54.68
C PHE A 949 31.54 -3.87 53.87
N TYR A 950 31.40 -5.11 53.43
CA TYR A 950 32.44 -5.73 52.62
C TYR A 950 31.80 -6.59 51.54
N PRO A 951 32.29 -6.50 50.30
CA PRO A 951 31.55 -7.08 49.16
C PRO A 951 31.66 -8.59 49.12
N VAL A 952 30.52 -9.27 49.19
CA VAL A 952 30.42 -10.70 48.96
C VAL A 952 29.38 -10.92 47.88
N PRO A 953 29.74 -10.81 46.59
CA PRO A 953 28.74 -10.89 45.52
C PRO A 953 28.43 -12.34 45.16
N VAL A 954 27.17 -12.73 45.34
CA VAL A 954 26.68 -14.02 44.86
C VAL A 954 25.41 -13.84 44.02
N ASN A 955 25.63 -13.57 42.72
CA ASN A 955 24.77 -13.80 41.56
C ASN A 955 25.53 -13.29 40.35
N PRO A 956 25.31 -13.83 39.15
CA PRO A 956 25.76 -13.11 37.96
C PRO A 956 25.11 -11.74 37.79
N LEU A 957 23.88 -11.57 38.26
CA LEU A 957 23.19 -10.28 38.13
C LEU A 957 23.80 -9.23 39.04
N PHE A 958 24.17 -9.61 40.25
CA PHE A 958 24.65 -8.68 41.27
C PHE A 958 26.17 -8.57 41.29
N ALA A 959 26.82 -8.75 40.15
CA ALA A 959 28.26 -8.59 40.07
C ALA A 959 28.63 -7.12 40.24
N CYS A 960 29.75 -6.88 40.90
CA CYS A 960 30.17 -5.53 41.27
C CYS A 960 31.67 -5.37 41.05
N PRO A 961 32.08 -4.87 39.90
CA PRO A 961 33.51 -4.64 39.67
C PRO A 961 34.02 -3.42 40.42
N GLU A 962 33.17 -2.41 40.60
CA GLU A 962 33.62 -1.19 41.25
C GLU A 962 33.32 -1.17 42.75
N HIS A 963 32.64 -2.18 43.29
CA HIS A 963 32.41 -2.21 44.74
C HIS A 963 33.54 -2.92 45.48
N LEU A 964 34.47 -3.55 44.77
CA LEU A 964 35.49 -4.34 45.43
C LEU A 964 36.61 -3.49 46.01
N ALA A 965 36.61 -2.19 45.75
CA ALA A 965 37.60 -1.32 46.38
C ALA A 965 37.38 -1.19 47.87
N SER A 966 36.16 -1.43 48.36
CA SER A 966 35.88 -1.40 49.78
C SER A 966 36.43 -2.61 50.52
N LEU A 967 36.87 -3.64 49.82
CA LEU A 967 37.43 -4.81 50.46
C LEU A 967 38.79 -4.48 51.06
N ARG A 968 39.10 -5.12 52.19
CA ARG A 968 40.35 -4.86 52.89
C ARG A 968 41.52 -5.46 52.11
N GLY A 969 42.42 -4.60 51.65
CA GLY A 969 43.62 -5.04 50.97
C GLY A 969 43.38 -5.53 49.56
N MET A 970 42.96 -4.63 48.67
CA MET A 970 42.77 -4.93 47.27
C MET A 970 43.74 -4.12 46.43
N THR A 971 44.44 -4.77 45.51
CA THR A 971 45.35 -4.11 44.60
C THR A 971 44.64 -3.84 43.27
N ASN A 972 45.28 -3.03 42.44
CA ASN A 972 44.68 -2.66 41.17
C ASN A 972 44.71 -3.83 40.18
N ALA A 973 45.60 -4.80 40.39
CA ALA A 973 45.64 -5.98 39.54
C ALA A 973 44.34 -6.79 39.68
N ARG A 974 43.86 -6.97 40.90
CA ARG A 974 42.60 -7.69 41.10
C ARG A 974 41.42 -6.88 40.58
N ARG A 975 41.51 -5.55 40.63
CA ARG A 975 40.44 -4.72 40.08
C ARG A 975 40.35 -4.86 38.57
N VAL A 976 41.50 -4.82 37.89
CA VAL A 976 41.50 -5.01 36.43
C VAL A 976 41.10 -6.43 36.09
N LEU A 977 41.41 -7.40 36.95
CA LEU A 977 40.99 -8.77 36.73
C LEU A 977 39.48 -8.93 36.87
N ALA A 978 38.87 -8.21 37.81
CA ALA A 978 37.43 -8.30 38.03
C ALA A 978 36.63 -7.41 37.10
N LYS A 979 37.30 -6.52 36.34
CA LYS A 979 36.58 -5.75 35.33
C LYS A 979 35.98 -6.64 34.24
N MET A 980 36.56 -7.80 33.96
CA MET A 980 36.09 -8.64 32.88
C MET A 980 35.35 -9.90 33.31
N VAL A 981 35.65 -10.45 34.47
CA VAL A 981 35.04 -11.69 34.96
C VAL A 981 34.28 -11.38 36.24
N PRO A 982 33.03 -11.80 36.39
CA PRO A 982 32.30 -11.55 37.63
C PRO A 982 32.84 -12.41 38.76
N PRO A 983 33.34 -11.79 39.83
CA PRO A 983 33.93 -12.55 40.93
C PRO A 983 32.85 -13.13 41.84
N ILE A 984 32.59 -14.43 41.68
CA ILE A 984 31.68 -15.15 42.55
C ILE A 984 32.43 -16.34 43.14
N PRO A 985 32.55 -16.44 44.46
CA PRO A 985 33.47 -17.42 45.04
C PRO A 985 32.89 -18.82 44.96
N PRO A 986 33.74 -19.85 44.98
CA PRO A 986 33.22 -21.22 44.88
C PRO A 986 32.54 -21.74 46.12
N PHE A 987 32.59 -21.02 47.25
CA PHE A 987 31.81 -21.50 48.40
C PHE A 987 30.39 -20.97 48.37
N LEU A 988 29.99 -20.25 47.32
CA LEU A 988 28.63 -19.76 47.15
C LEU A 988 28.03 -20.15 45.81
N GLY A 989 28.65 -21.06 45.09
CA GLY A 989 28.13 -21.51 43.82
C GLY A 989 28.95 -20.99 42.66
N ALA A 990 28.94 -21.74 41.57
CA ALA A 990 29.62 -21.36 40.35
C ALA A 990 28.61 -21.06 39.26
N ASN A 991 29.12 -20.55 38.13
CA ASN A 991 28.22 -20.12 37.06
C ASN A 991 27.55 -21.30 36.38
N HIS A 992 28.32 -22.34 36.06
CA HIS A 992 27.77 -23.43 35.24
C HIS A 992 26.93 -24.41 36.04
N HIS A 993 26.85 -24.25 37.37
CA HIS A 993 25.96 -25.08 38.17
C HIS A 993 24.79 -24.33 38.77
N ALA A 994 24.78 -23.00 38.66
CA ALA A 994 23.70 -22.22 39.26
C ALA A 994 22.46 -22.22 38.38
N THR A 995 21.40 -21.60 38.89
CA THR A 995 20.19 -21.39 38.12
C THR A 995 20.28 -20.11 37.29
N ILE A 996 20.56 -18.98 37.93
CA ILE A 996 20.76 -17.72 37.23
C ILE A 996 22.19 -17.68 36.72
N ARG A 997 22.34 -17.57 35.41
CA ARG A 997 23.65 -17.71 34.78
C ARG A 997 24.05 -16.41 34.09
N GLN A 998 25.15 -16.47 33.35
CA GLN A 998 25.68 -15.30 32.68
C GLN A 998 24.78 -14.68 31.58
N PRO A 999 24.12 -15.44 30.67
CA PRO A 999 23.37 -14.76 29.61
C PRO A 999 22.24 -13.85 30.07
N VAL A 1000 21.55 -14.18 31.17
CA VAL A 1000 20.51 -13.28 31.65
C VAL A 1000 21.14 -12.03 32.27
N ALA A 1001 22.33 -12.16 32.85
CA ALA A 1001 23.04 -10.98 33.33
C ALA A 1001 23.48 -10.08 32.18
N TYR A 1002 23.92 -10.70 31.07
CA TYR A 1002 24.26 -9.92 29.90
C TYR A 1002 23.03 -9.26 29.30
N HIS A 1003 21.87 -9.92 29.39
CA HIS A 1003 20.64 -9.31 28.92
C HIS A 1003 20.24 -8.12 29.78
N VAL A 1004 20.46 -8.21 31.09
CA VAL A 1004 20.01 -7.10 31.93
C VAL A 1004 21.01 -5.96 31.89
N THR A 1005 22.27 -6.21 31.52
CA THR A 1005 23.24 -5.12 31.53
C THR A 1005 23.44 -4.45 30.18
N HIS A 1006 23.01 -5.06 29.07
CA HIS A 1006 23.26 -4.49 27.76
C HIS A 1006 21.98 -4.24 26.97
N SER A 1007 20.83 -4.15 27.63
CA SER A 1007 19.58 -3.84 26.95
C SER A 1007 19.19 -2.41 27.26
N LYS A 1008 18.89 -1.64 26.21
CA LYS A 1008 18.41 -0.27 26.37
C LYS A 1008 17.10 -0.19 25.62
N SER A 1009 16.02 -0.61 26.27
CA SER A 1009 14.69 -0.53 25.69
C SER A 1009 13.76 0.36 26.51
N ASP A 1010 13.50 -0.01 27.76
CA ASP A 1010 12.51 0.67 28.59
C ASP A 1010 12.69 0.13 30.01
N PHE A 1011 11.76 0.46 30.90
CA PHE A 1011 11.75 -0.13 32.23
C PHE A 1011 10.51 -0.95 32.52
N ASN A 1012 9.49 -0.88 31.66
CA ASN A 1012 8.38 -1.82 31.76
C ASN A 1012 8.60 -3.01 30.83
N THR A 1013 9.04 -2.74 29.61
CA THR A 1013 9.29 -3.83 28.66
C THR A 1013 10.47 -4.68 29.09
N LEU A 1014 11.49 -4.05 29.68
CA LEU A 1014 12.61 -4.82 30.25
C LEU A 1014 12.13 -5.70 31.40
N THR A 1015 11.24 -5.18 32.23
CA THR A 1015 10.69 -5.95 33.35
C THR A 1015 9.91 -7.16 32.86
N TYR A 1016 9.03 -6.96 31.88
CA TYR A 1016 8.26 -8.10 31.38
C TYR A 1016 9.13 -9.04 30.56
N SER A 1017 10.19 -8.54 29.93
CA SER A 1017 11.13 -9.42 29.25
C SER A 1017 11.91 -10.29 30.24
N LEU A 1018 12.29 -9.72 31.37
CA LEU A 1018 12.99 -10.50 32.39
C LEU A 1018 12.06 -11.52 33.02
N LEU A 1019 10.78 -11.19 33.16
CA LEU A 1019 9.81 -12.19 33.59
C LEU A 1019 9.66 -13.30 32.56
N GLY A 1020 9.59 -12.94 31.28
CA GLY A 1020 9.49 -13.94 30.24
C GLY A 1020 10.76 -14.76 30.09
N GLY A 1021 11.87 -14.26 30.62
CA GLY A 1021 13.07 -15.07 30.71
C GLY A 1021 12.87 -16.25 31.64
N TYR A 1022 12.47 -16.00 32.89
CA TYR A 1022 12.46 -17.04 33.92
C TYR A 1022 11.28 -17.99 33.74
N PHE A 1023 11.30 -18.72 32.63
CA PHE A 1023 10.35 -19.79 32.37
C PHE A 1023 11.16 -21.05 32.13
N LYS A 1024 10.79 -22.13 32.81
CA LYS A 1024 11.59 -23.34 32.76
C LYS A 1024 11.53 -23.97 31.37
N PHE A 1025 12.64 -24.62 30.99
CA PHE A 1025 12.73 -25.29 29.70
C PHE A 1025 12.58 -26.79 29.85
N THR A 1026 12.13 -27.23 31.03
CA THR A 1026 11.73 -28.62 31.26
C THR A 1026 10.56 -28.97 30.34
N PRO A 1027 10.52 -30.21 29.81
CA PRO A 1027 9.43 -30.58 28.89
C PRO A 1027 8.01 -30.44 29.44
N ILE A 1028 7.80 -30.56 30.75
CA ILE A 1028 6.47 -30.27 31.28
C ILE A 1028 6.18 -28.77 31.23
N SER A 1029 7.19 -27.96 31.52
CA SER A 1029 7.03 -26.52 31.35
C SER A 1029 6.86 -26.15 29.89
N LEU A 1030 7.53 -26.87 28.99
CA LEU A 1030 7.30 -26.66 27.57
C LEU A 1030 5.89 -27.04 27.16
N THR A 1031 5.34 -28.08 27.80
CA THR A 1031 3.95 -28.44 27.59
C THR A 1031 3.01 -27.30 27.98
N HIS A 1032 3.26 -26.72 29.16
CA HIS A 1032 2.45 -25.59 29.62
C HIS A 1032 2.54 -24.40 28.67
N GLN A 1033 3.76 -24.07 28.23
CA GLN A 1033 3.95 -22.89 27.39
C GLN A 1033 3.39 -23.09 25.98
N LEU A 1034 3.52 -24.30 25.44
CA LEU A 1034 2.97 -24.56 24.11
C LEU A 1034 1.45 -24.62 24.14
N ARG A 1035 0.87 -25.11 25.24
CA ARG A 1035 -0.58 -25.16 25.31
C ARG A 1035 -1.17 -23.77 25.54
N THR A 1036 -0.45 -22.90 26.27
CA THR A 1036 -1.02 -21.59 26.59
C THR A 1036 -0.95 -20.65 25.41
N GLY A 1037 0.24 -20.43 24.85
CA GLY A 1037 0.42 -19.46 23.80
C GLY A 1037 1.74 -18.73 23.89
N PHE A 1038 2.52 -19.08 24.91
CA PHE A 1038 3.86 -18.54 25.07
C PHE A 1038 4.77 -19.06 23.97
N HIS A 1039 5.81 -18.28 23.68
CA HIS A 1039 6.77 -18.65 22.64
C HIS A 1039 8.15 -18.82 23.29
N PRO A 1040 8.60 -20.05 23.49
CA PRO A 1040 9.93 -20.24 24.08
C PRO A 1040 11.03 -19.88 23.10
N GLY A 1041 12.25 -19.76 23.62
CA GLY A 1041 13.36 -19.35 22.79
C GLY A 1041 13.91 -20.44 21.89
N ILE A 1042 13.06 -20.96 21.00
CA ILE A 1042 13.48 -22.01 20.08
C ILE A 1042 12.57 -21.92 18.85
N ALA A 1043 13.12 -22.32 17.71
CA ALA A 1043 12.41 -22.33 16.44
C ALA A 1043 12.53 -23.70 15.81
N PHE A 1044 11.63 -24.01 14.89
CA PHE A 1044 11.59 -25.32 14.27
C PHE A 1044 11.59 -25.20 12.76
N THR A 1045 12.27 -26.12 12.09
CA THR A 1045 12.11 -26.32 10.66
C THR A 1045 11.45 -27.67 10.43
N VAL A 1046 10.43 -27.71 9.59
CA VAL A 1046 9.64 -28.91 9.37
C VAL A 1046 10.12 -29.55 8.08
N VAL A 1047 9.96 -30.86 7.97
CA VAL A 1047 10.28 -31.60 6.76
C VAL A 1047 9.09 -32.51 6.46
N ARG A 1048 8.62 -32.49 5.21
CA ARG A 1048 7.51 -33.35 4.82
C ARG A 1048 7.70 -33.82 3.40
N GLN A 1049 7.61 -35.14 3.20
CA GLN A 1049 7.85 -35.77 1.90
C GLN A 1049 6.54 -36.02 1.20
N ASP A 1050 6.47 -35.68 -0.08
CA ASP A 1050 5.23 -35.72 -0.84
C ASP A 1050 5.43 -36.47 -2.14
N ARG A 1051 4.40 -37.20 -2.55
CA ARG A 1051 4.41 -38.02 -3.75
C ARG A 1051 3.59 -37.35 -4.84
N PHE A 1052 3.98 -37.58 -6.10
CA PHE A 1052 3.25 -37.04 -7.24
C PHE A 1052 3.30 -38.05 -8.37
N ALA A 1053 2.13 -38.43 -8.88
CA ALA A 1053 2.08 -39.34 -10.01
C ALA A 1053 2.39 -38.58 -11.28
N THR A 1054 3.44 -39.01 -11.99
CA THR A 1054 3.88 -38.34 -13.21
C THR A 1054 3.91 -39.34 -14.37
N GLU A 1055 3.66 -38.83 -15.57
CA GLU A 1055 3.80 -39.61 -16.78
C GLU A 1055 5.20 -39.44 -17.34
N GLN A 1056 5.85 -40.55 -17.68
CA GLN A 1056 7.22 -40.54 -18.14
C GLN A 1056 7.27 -40.73 -19.64
N LEU A 1057 8.48 -40.80 -20.17
CA LEU A 1057 8.70 -40.88 -21.61
C LEU A 1057 10.08 -41.48 -21.84
N LEU A 1058 10.11 -42.67 -22.44
CA LEU A 1058 11.33 -43.44 -22.58
C LEU A 1058 11.72 -43.54 -24.04
N TYR A 1059 13.03 -43.42 -24.32
CA TYR A 1059 13.57 -43.62 -25.66
C TYR A 1059 14.64 -44.70 -25.57
N ALA A 1060 14.65 -45.61 -26.54
CA ALA A 1060 15.60 -46.72 -26.57
C ALA A 1060 16.19 -46.86 -27.96
N GLU A 1061 17.45 -47.27 -28.04
CA GLU A 1061 18.13 -47.43 -29.31
C GLU A 1061 17.74 -48.79 -29.91
N ARG A 1062 18.25 -49.09 -31.12
CA ARG A 1062 17.93 -50.36 -31.77
C ARG A 1062 18.45 -51.55 -30.96
N ALA A 1063 19.77 -51.75 -30.94
CA ALA A 1063 20.32 -52.92 -30.29
C ALA A 1063 20.65 -52.60 -28.83
N SER A 1064 19.65 -52.06 -28.14
CA SER A 1064 19.86 -51.69 -26.75
C SER A 1064 20.02 -52.90 -25.85
N GLU A 1065 19.42 -54.03 -26.22
CA GLU A 1065 19.55 -55.23 -25.41
C GLU A 1065 19.53 -56.48 -26.26
N SER A 1066 20.32 -57.48 -25.87
CA SER A 1066 20.23 -58.82 -26.41
C SER A 1066 19.38 -59.65 -25.48
N TYR A 1067 18.36 -60.28 -26.02
CA TYR A 1067 17.34 -60.95 -25.21
C TYR A 1067 17.37 -62.44 -25.53
N PHE A 1068 17.46 -63.27 -24.50
CA PHE A 1068 17.60 -64.71 -24.65
C PHE A 1068 16.32 -65.38 -24.16
N VAL A 1069 15.82 -66.34 -24.93
CA VAL A 1069 14.59 -67.04 -24.59
C VAL A 1069 14.92 -68.51 -24.37
N GLY A 1070 14.47 -69.05 -23.24
CA GLY A 1070 14.71 -70.44 -22.89
C GLY A 1070 13.63 -71.36 -23.42
N GLN A 1071 13.44 -72.47 -22.71
CA GLN A 1071 12.47 -73.48 -23.08
C GLN A 1071 11.44 -73.64 -21.97
N ILE A 1072 10.16 -73.65 -22.36
CA ILE A 1072 9.07 -73.58 -21.40
C ILE A 1072 8.92 -74.92 -20.66
N GLN A 1073 8.53 -74.85 -19.39
CA GLN A 1073 8.34 -76.02 -18.56
C GLN A 1073 7.12 -75.83 -17.66
N VAL A 1074 6.50 -76.95 -17.29
CA VAL A 1074 5.20 -76.92 -16.62
C VAL A 1074 5.35 -77.52 -15.21
N HIS A 1075 4.48 -77.09 -14.29
CA HIS A 1075 4.50 -77.52 -12.90
C HIS A 1075 3.09 -77.96 -12.52
N HIS A 1076 2.83 -79.26 -12.55
CA HIS A 1076 1.52 -79.80 -12.20
C HIS A 1076 1.29 -79.73 -10.71
N HIS A 1077 0.58 -78.69 -10.26
CA HIS A 1077 0.38 -78.46 -8.82
C HIS A 1077 -1.07 -78.66 -8.47
N ASP A 1078 -1.33 -79.37 -7.38
CA ASP A 1078 -2.70 -79.59 -6.93
C ASP A 1078 -3.28 -78.30 -6.39
N ALA A 1079 -4.61 -78.15 -6.49
CA ALA A 1079 -5.27 -76.89 -6.25
C ALA A 1079 -6.41 -77.03 -5.26
N ILE A 1080 -7.24 -76.00 -5.14
CA ILE A 1080 -8.31 -76.01 -4.15
C ILE A 1080 -9.35 -77.07 -4.47
N GLY A 1081 -9.78 -77.16 -5.73
CA GLY A 1081 -10.72 -78.18 -6.12
C GLY A 1081 -10.14 -79.13 -7.14
N GLY A 1082 -9.26 -78.61 -8.00
CA GLY A 1082 -8.69 -79.41 -9.06
C GLY A 1082 -7.18 -79.32 -9.10
N VAL A 1083 -6.64 -78.96 -10.27
CA VAL A 1083 -5.19 -78.86 -10.45
C VAL A 1083 -4.86 -77.49 -11.01
N ASN A 1084 -3.63 -77.03 -10.75
CA ASN A 1084 -3.17 -75.72 -11.18
C ASN A 1084 -1.86 -75.89 -11.94
N PHE A 1085 -1.92 -75.74 -13.27
CA PHE A 1085 -0.70 -75.79 -14.06
C PHE A 1085 -0.04 -74.42 -14.06
N THR A 1086 1.26 -74.39 -13.81
CA THR A 1086 2.06 -73.18 -13.86
C THR A 1086 3.09 -73.36 -14.97
N LEU A 1087 3.09 -72.44 -15.93
CA LEU A 1087 4.01 -72.48 -17.05
C LEU A 1087 5.09 -71.43 -16.85
N THR A 1088 6.33 -71.87 -16.71
CA THR A 1088 7.44 -70.98 -16.37
C THR A 1088 8.50 -71.07 -17.45
N GLN A 1089 9.03 -69.91 -17.86
CA GLN A 1089 10.03 -69.83 -18.91
C GLN A 1089 11.20 -68.95 -18.45
N PRO A 1090 12.43 -69.44 -18.48
CA PRO A 1090 13.57 -68.64 -18.07
C PRO A 1090 14.19 -67.87 -19.24
N ARG A 1091 14.57 -66.63 -18.95
CA ARG A 1091 15.06 -65.71 -19.97
C ARG A 1091 16.29 -64.98 -19.44
N ALA A 1092 16.95 -64.22 -20.33
CA ALA A 1092 18.15 -63.48 -19.94
C ALA A 1092 18.31 -62.27 -20.84
N HIS A 1093 18.95 -61.23 -20.29
CA HIS A 1093 19.13 -59.97 -21.02
C HIS A 1093 20.52 -59.43 -20.80
N VAL A 1094 21.09 -58.85 -21.87
CA VAL A 1094 22.43 -58.27 -21.87
C VAL A 1094 22.31 -56.83 -22.37
N ASP A 1095 22.97 -55.91 -21.70
CA ASP A 1095 23.00 -54.50 -22.12
C ASP A 1095 24.26 -54.29 -22.96
N LEU A 1096 24.14 -54.51 -24.27
CA LEU A 1096 25.29 -54.42 -25.17
C LEU A 1096 25.49 -53.03 -25.76
N GLY A 1097 25.45 -52.03 -24.90
CA GLY A 1097 25.77 -50.66 -25.29
C GLY A 1097 27.00 -50.18 -24.57
N VAL A 1098 27.94 -49.58 -25.32
CA VAL A 1098 29.16 -49.07 -24.72
C VAL A 1098 28.85 -47.88 -23.81
N GLY A 1099 28.05 -46.94 -24.30
CA GLY A 1099 27.62 -45.83 -23.48
C GLY A 1099 26.27 -46.12 -22.84
N TYR A 1100 25.39 -45.13 -22.80
CA TYR A 1100 24.03 -45.30 -22.33
C TYR A 1100 23.10 -45.33 -23.53
N THR A 1101 22.21 -46.31 -23.58
CA THR A 1101 21.36 -46.51 -24.76
C THR A 1101 19.88 -46.27 -24.48
N ALA A 1102 19.52 -45.73 -23.32
CA ALA A 1102 18.11 -45.50 -23.01
C ALA A 1102 18.00 -44.31 -22.07
N VAL A 1103 17.12 -43.37 -22.41
CA VAL A 1103 16.96 -42.12 -21.67
C VAL A 1103 15.48 -41.95 -21.31
N CYS A 1104 15.19 -41.74 -20.03
CA CYS A 1104 13.83 -41.47 -19.59
C CYS A 1104 13.76 -40.08 -18.96
N ALA A 1105 12.60 -39.45 -19.08
CA ALA A 1105 12.39 -38.12 -18.53
C ALA A 1105 10.92 -37.94 -18.22
N THR A 1106 10.63 -37.35 -17.06
CA THR A 1106 9.25 -37.09 -16.69
C THR A 1106 8.66 -36.01 -17.58
N ALA A 1107 7.49 -36.28 -18.14
CA ALA A 1107 6.87 -35.39 -19.10
C ALA A 1107 5.82 -34.48 -18.48
N ALA A 1108 4.79 -35.06 -17.86
CA ALA A 1108 3.68 -34.29 -17.32
C ALA A 1108 3.49 -34.61 -15.85
N LEU A 1109 2.48 -33.98 -15.25
CA LEU A 1109 2.11 -34.20 -13.86
C LEU A 1109 0.65 -34.57 -13.79
N ARG A 1110 0.34 -35.71 -13.18
CA ARG A 1110 -1.03 -36.10 -12.88
C ARG A 1110 -1.36 -35.61 -11.47
N CYS A 1111 -2.45 -36.13 -10.91
CA CYS A 1111 -2.92 -35.67 -9.61
C CYS A 1111 -1.92 -36.05 -8.51
N PRO A 1112 -1.64 -35.15 -7.58
CA PRO A 1112 -0.82 -35.52 -6.42
C PRO A 1112 -1.51 -36.58 -5.57
N LEU A 1113 -0.75 -37.61 -5.22
CA LEU A 1113 -1.33 -38.73 -4.48
C LEU A 1113 -1.42 -38.47 -2.99
N THR A 1114 -0.57 -37.60 -2.45
CA THR A 1114 -0.52 -37.37 -1.02
C THR A 1114 -1.25 -36.09 -0.65
N ASP A 1115 -1.45 -35.92 0.65
CA ASP A 1115 -2.09 -34.75 1.23
C ASP A 1115 -1.02 -33.79 1.70
N MET A 1116 -1.24 -32.50 1.53
CA MET A 1116 -0.31 -31.50 2.03
C MET A 1116 -0.70 -31.08 3.43
N GLY A 1117 -0.92 -32.03 4.33
CA GLY A 1117 -1.60 -31.78 5.58
C GLY A 1117 -0.69 -31.30 6.69
N ASN A 1118 -1.31 -31.09 7.85
CA ASN A 1118 -0.60 -30.77 9.09
C ASN A 1118 -0.83 -31.94 10.04
N THR A 1119 -0.05 -32.99 9.89
CA THR A 1119 -0.10 -34.14 10.78
C THR A 1119 1.26 -34.24 11.46
N ALA A 1120 1.30 -33.89 12.73
CA ALA A 1120 2.55 -33.89 13.47
C ALA A 1120 3.05 -35.31 13.69
N GLN A 1121 4.37 -35.46 13.76
CA GLN A 1121 4.97 -36.74 14.09
C GLN A 1121 4.95 -36.92 15.60
N ASN A 1122 4.36 -38.02 16.05
CA ASN A 1122 4.32 -38.36 17.45
C ASN A 1122 5.50 -39.27 17.77
N LEU A 1123 6.39 -38.81 18.66
CA LEU A 1123 7.60 -39.55 18.99
C LEU A 1123 7.39 -40.53 20.13
N PHE A 1124 6.15 -40.73 20.57
CA PHE A 1124 5.85 -41.70 21.62
C PHE A 1124 5.65 -43.11 21.07
N PHE A 1125 5.83 -43.29 19.77
CA PHE A 1125 5.76 -44.62 19.16
C PHE A 1125 7.01 -45.44 19.41
N SER A 1126 8.08 -44.84 19.87
CA SER A 1126 9.36 -45.52 20.01
C SER A 1126 9.68 -45.75 21.48
N ARG A 1127 10.26 -46.91 21.77
CA ARG A 1127 10.72 -47.25 23.09
C ARG A 1127 12.20 -47.59 23.03
N GLY A 1128 12.92 -47.28 24.10
CA GLY A 1128 14.33 -47.60 24.14
C GLY A 1128 15.18 -46.56 24.82
N GLY A 1129 14.72 -45.31 24.85
CA GLY A 1129 15.44 -44.27 25.52
C GLY A 1129 15.32 -44.38 27.03
N VAL A 1130 16.03 -43.49 27.73
CA VAL A 1130 15.93 -43.43 29.18
C VAL A 1130 14.58 -42.85 29.56
N PRO A 1131 13.78 -43.56 30.35
CA PRO A 1131 12.50 -43.02 30.78
C PRO A 1131 12.65 -42.11 31.98
N MET A 1132 11.65 -41.25 32.17
CA MET A 1132 11.63 -40.41 33.35
C MET A 1132 11.31 -41.24 34.59
N LEU A 1133 11.71 -40.72 35.75
CA LEU A 1133 11.61 -41.49 36.98
C LEU A 1133 10.15 -41.73 37.39
N HIS A 1134 9.33 -40.69 37.36
CA HIS A 1134 7.94 -40.81 37.75
C HIS A 1134 7.13 -41.26 36.54
N ASP A 1135 6.48 -42.41 36.66
CA ASP A 1135 5.73 -42.96 35.53
C ASP A 1135 4.51 -42.11 35.21
N ASN A 1136 3.84 -41.58 36.24
CA ASN A 1136 2.64 -40.78 36.01
C ASN A 1136 2.95 -39.49 35.28
N VAL A 1137 4.19 -39.00 35.39
CA VAL A 1137 4.62 -37.86 34.56
C VAL A 1137 4.59 -38.23 33.09
N THR A 1138 5.12 -39.41 32.75
CA THR A 1138 5.10 -39.88 31.36
C THR A 1138 3.68 -40.10 30.88
N GLU A 1139 2.82 -40.68 31.73
CA GLU A 1139 1.43 -40.91 31.33
C GLU A 1139 0.69 -39.60 31.08
N SER A 1140 0.88 -38.60 31.96
CA SER A 1140 0.21 -37.32 31.77
C SER A 1140 0.76 -36.60 30.55
N LEU A 1141 2.06 -36.71 30.30
CA LEU A 1141 2.67 -36.07 29.14
C LEU A 1141 2.16 -36.68 27.84
N ARG A 1142 2.03 -38.01 27.79
CA ARG A 1142 1.49 -38.67 26.61
C ARG A 1142 0.00 -38.35 26.43
N ARG A 1143 -0.74 -38.29 27.53
CA ARG A 1143 -2.17 -37.94 27.46
C ARG A 1143 -2.36 -36.53 26.93
N ILE A 1144 -1.49 -35.61 27.34
CA ILE A 1144 -1.57 -34.23 26.85
C ILE A 1144 -1.20 -34.17 25.37
N THR A 1145 -0.13 -34.87 24.98
CA THR A 1145 0.32 -34.88 23.59
C THR A 1145 -0.76 -35.48 22.67
N ALA A 1146 -1.52 -36.44 23.19
CA ALA A 1146 -2.63 -37.02 22.43
C ALA A 1146 -3.69 -35.99 22.11
N SER A 1147 -3.96 -35.08 23.04
CA SER A 1147 -4.82 -33.94 22.74
C SER A 1147 -4.11 -33.01 21.77
N GLY A 1148 -4.87 -32.49 20.81
CA GLY A 1148 -4.28 -31.59 19.82
C GLY A 1148 -3.46 -32.28 18.76
N GLY A 1149 -3.61 -33.59 18.60
CA GLY A 1149 -2.89 -34.32 17.57
C GLY A 1149 -3.79 -35.34 16.93
N ARG A 1150 -3.27 -35.99 15.89
CA ARG A 1150 -4.04 -36.97 15.16
C ARG A 1150 -3.52 -38.40 15.30
N LEU A 1151 -2.27 -38.66 14.96
CA LEU A 1151 -1.70 -39.99 15.04
C LEU A 1151 -1.09 -40.18 16.41
N ASN A 1152 -1.62 -41.16 17.14
CA ASN A 1152 -1.24 -41.43 18.51
C ASN A 1152 -1.29 -42.93 18.73
N PRO A 1153 -0.55 -43.47 19.69
CA PRO A 1153 -0.75 -44.87 20.06
C PRO A 1153 -2.12 -45.05 20.70
N THR A 1154 -2.63 -46.27 20.62
CA THR A 1154 -3.92 -46.58 21.22
C THR A 1154 -3.86 -46.46 22.73
N GLU A 1155 -5.00 -46.17 23.34
CA GLU A 1155 -5.05 -45.86 24.77
C GLU A 1155 -4.53 -46.94 25.74
N PRO A 1156 -4.79 -48.25 25.59
CA PRO A 1156 -4.35 -49.15 26.66
C PRO A 1156 -2.86 -49.46 26.64
N LEU A 1157 -2.10 -48.91 25.68
CA LEU A 1157 -0.65 -49.06 25.53
C LEU A 1157 -0.24 -50.53 25.50
N PRO A 1158 -0.42 -51.21 24.36
CA PRO A 1158 -0.26 -52.68 24.32
C PRO A 1158 1.20 -53.08 24.49
N ILE A 1159 1.44 -53.96 25.48
CA ILE A 1159 2.79 -54.46 25.73
C ILE A 1159 3.16 -55.50 24.67
N PHE A 1160 4.43 -55.45 24.26
CA PHE A 1160 4.97 -56.21 23.12
C PHE A 1160 4.10 -56.01 21.87
N GLY A 1161 4.07 -54.77 21.40
CA GLY A 1161 3.28 -54.46 20.23
C GLY A 1161 4.03 -53.49 19.33
N GLY A 1162 3.47 -53.30 18.15
CA GLY A 1162 4.02 -52.36 17.20
C GLY A 1162 3.61 -50.93 17.43
N LEU A 1163 2.70 -50.68 18.38
CA LEU A 1163 2.14 -49.36 18.68
C LEU A 1163 1.55 -48.71 17.43
N ARG A 1164 0.68 -49.45 16.76
CA ARG A 1164 0.06 -48.90 15.58
C ARG A 1164 -0.97 -47.84 15.97
N PRO A 1165 -1.09 -46.76 15.20
CA PRO A 1165 -2.11 -45.75 15.50
C PRO A 1165 -3.49 -46.30 15.24
N ALA A 1166 -4.45 -45.82 16.04
CA ALA A 1166 -5.83 -46.25 15.90
C ALA A 1166 -6.39 -45.77 14.57
N THR A 1167 -6.86 -46.72 13.76
CA THR A 1167 -7.36 -46.39 12.44
C THR A 1167 -8.69 -45.65 12.55
N SER A 1168 -9.01 -44.92 11.50
CA SER A 1168 -10.17 -44.04 11.48
C SER A 1168 -11.12 -44.49 10.39
N ALA A 1169 -12.14 -43.66 10.16
CA ALA A 1169 -13.06 -43.86 9.04
C ALA A 1169 -12.40 -43.37 7.76
N GLY A 1170 -13.18 -43.20 6.70
CA GLY A 1170 -12.67 -42.88 5.39
C GLY A 1170 -11.85 -41.62 5.29
N ILE A 1171 -10.86 -41.60 4.41
CA ILE A 1171 -9.99 -40.45 4.23
C ILE A 1171 -10.52 -39.60 3.08
N ALA A 1172 -10.17 -38.31 3.11
CA ALA A 1172 -10.81 -37.36 2.22
C ALA A 1172 -10.03 -37.13 0.93
N ARG A 1173 -8.79 -36.67 1.05
CA ARG A 1173 -8.09 -36.15 -0.12
C ARG A 1173 -6.71 -36.77 -0.30
N GLY A 1174 -6.51 -37.97 0.20
CA GLY A 1174 -5.29 -38.71 -0.07
C GLY A 1174 -4.58 -39.11 1.19
N GLN A 1175 -3.44 -39.75 1.00
CA GLN A 1175 -2.62 -40.22 2.12
C GLN A 1175 -1.99 -39.03 2.84
N ALA A 1176 -2.15 -38.99 4.16
CA ALA A 1176 -1.65 -37.86 4.93
C ALA A 1176 -0.14 -37.96 5.12
N SER A 1177 0.55 -36.84 4.95
CA SER A 1177 2.00 -36.79 5.02
C SER A 1177 2.42 -36.23 6.36
N VAL A 1178 3.37 -36.88 7.00
CA VAL A 1178 3.86 -36.46 8.32
C VAL A 1178 4.78 -35.26 8.17
N CYS A 1179 4.93 -34.51 9.25
CA CYS A 1179 5.82 -33.36 9.30
C CYS A 1179 6.79 -33.52 10.47
N GLU A 1180 8.06 -33.73 10.17
CA GLU A 1180 9.08 -33.95 11.18
C GLU A 1180 9.75 -32.62 11.52
N PHE A 1181 9.83 -32.31 12.80
CA PHE A 1181 10.32 -31.03 13.29
C PHE A 1181 11.77 -31.16 13.71
N VAL A 1182 12.57 -30.14 13.36
CA VAL A 1182 13.99 -30.09 13.72
C VAL A 1182 14.23 -28.78 14.47
N ALA A 1183 14.83 -28.87 15.65
CA ALA A 1183 15.08 -27.67 16.44
C ALA A 1183 16.26 -26.87 15.86
N MET A 1184 16.21 -25.57 16.10
CA MET A 1184 17.21 -24.63 15.58
C MET A 1184 17.12 -23.33 16.38
N PRO A 1185 18.18 -22.52 16.40
CA PRO A 1185 18.11 -21.25 17.13
C PRO A 1185 17.12 -20.28 16.49
N VAL A 1186 16.65 -19.35 17.30
CA VAL A 1186 15.67 -18.36 16.84
C VAL A 1186 16.30 -17.43 15.82
N SER A 1187 17.47 -16.89 16.13
CA SER A 1187 18.15 -15.94 15.26
C SER A 1187 18.86 -16.69 14.14
N THR A 1188 18.06 -17.17 13.19
CA THR A 1188 18.57 -17.86 12.03
C THR A 1188 18.41 -16.96 10.82
N ASP A 1189 19.46 -16.88 10.00
CA ASP A 1189 19.38 -16.18 8.72
C ASP A 1189 18.26 -16.76 7.88
N LEU A 1190 17.19 -15.98 7.70
CA LEU A 1190 16.02 -16.45 6.99
C LEU A 1190 16.27 -16.59 5.49
N GLN A 1191 17.32 -15.95 4.98
CA GLN A 1191 17.62 -16.02 3.55
C GLN A 1191 18.12 -17.41 3.15
N TYR A 1192 18.53 -18.21 4.14
CA TYR A 1192 18.93 -19.60 3.87
C TYR A 1192 17.78 -20.42 3.32
N PHE A 1193 16.57 -20.23 3.85
CA PHE A 1193 15.42 -21.04 3.50
C PHE A 1193 14.70 -20.57 2.24
N ARG A 1194 15.15 -19.49 1.62
CA ARG A 1194 14.46 -18.99 0.43
C ARG A 1194 14.86 -19.71 -0.85
N THR A 1195 15.88 -20.55 -0.81
CA THR A 1195 16.29 -21.30 -1.99
C THR A 1195 16.29 -22.79 -1.68
N ALA A 1196 16.73 -23.61 -2.63
CA ALA A 1196 16.76 -25.05 -2.43
C ALA A 1196 17.88 -25.43 -1.48
N CYS A 1197 17.61 -25.42 -0.18
CA CYS A 1197 18.61 -25.64 0.83
C CYS A 1197 18.38 -26.97 1.55
N ASN A 1198 19.25 -27.27 2.52
CA ASN A 1198 19.31 -28.57 3.17
C ASN A 1198 18.77 -28.45 4.59
N PRO A 1199 18.00 -29.42 5.08
CA PRO A 1199 17.39 -29.27 6.41
C PRO A 1199 18.34 -29.49 7.56
N ARG A 1200 19.51 -30.07 7.31
CA ARG A 1200 20.43 -30.38 8.41
C ARG A 1200 21.12 -29.14 8.94
N GLY A 1201 21.12 -28.06 8.17
CA GLY A 1201 21.84 -26.87 8.52
C GLY A 1201 23.23 -26.79 7.94
N ARG A 1202 23.73 -27.87 7.36
CA ARG A 1202 25.03 -27.91 6.74
C ARG A 1202 25.00 -28.89 5.58
N ALA A 1203 25.31 -28.41 4.38
CA ALA A 1203 25.25 -29.24 3.20
C ALA A 1203 26.32 -30.33 3.25
N SER A 1204 25.93 -31.54 2.84
CA SER A 1204 26.81 -32.70 2.94
C SER A 1204 26.65 -33.51 1.67
N GLY A 1205 27.13 -34.74 1.70
CA GLY A 1205 26.94 -35.65 0.59
C GLY A 1205 28.22 -36.22 0.02
N MET A 1206 28.07 -37.21 -0.85
CA MET A 1206 29.21 -37.81 -1.54
C MET A 1206 29.55 -37.14 -2.86
N LEU A 1207 28.85 -36.05 -3.19
CA LEU A 1207 29.08 -35.35 -4.45
C LEU A 1207 30.32 -34.47 -4.43
N TYR A 1208 30.96 -34.29 -3.27
CA TYR A 1208 32.12 -33.42 -3.11
C TYR A 1208 33.29 -34.29 -2.66
N MET A 1209 34.19 -34.61 -3.58
CA MET A 1209 35.30 -35.51 -3.30
C MET A 1209 36.55 -34.94 -3.96
N GLY A 1210 37.59 -35.77 -4.11
CA GLY A 1210 38.73 -35.35 -4.89
C GLY A 1210 40.10 -35.83 -4.46
N ASP A 1211 40.27 -36.22 -3.20
CA ASP A 1211 41.63 -36.58 -2.79
C ASP A 1211 41.74 -37.93 -2.09
N ARG A 1212 40.74 -38.32 -1.31
CA ARG A 1212 40.85 -39.51 -0.47
C ARG A 1212 39.55 -40.28 -0.49
N ASP A 1213 39.40 -41.18 0.48
CA ASP A 1213 38.22 -42.04 0.60
C ASP A 1213 37.35 -41.67 1.79
N ALA A 1214 37.94 -41.41 2.95
CA ALA A 1214 37.17 -41.07 4.16
C ALA A 1214 37.07 -39.56 4.31
N ASP A 1215 36.49 -38.93 3.29
CA ASP A 1215 36.26 -37.50 3.29
C ASP A 1215 34.80 -37.14 3.52
N ILE A 1216 33.93 -38.13 3.67
CA ILE A 1216 32.50 -37.89 3.73
C ILE A 1216 32.09 -37.86 5.20
N GLU A 1217 33.06 -37.95 6.08
CA GLU A 1217 32.86 -37.62 7.48
C GLU A 1217 33.38 -36.23 7.82
N ALA A 1218 34.45 -35.78 7.16
CA ALA A 1218 34.92 -34.41 7.38
C ALA A 1218 33.95 -33.38 6.85
N ILE A 1219 33.28 -33.66 5.73
CA ILE A 1219 32.26 -32.76 5.22
C ILE A 1219 31.03 -32.72 6.13
N MET A 1220 30.54 -33.87 6.53
CA MET A 1220 29.27 -33.97 7.24
C MET A 1220 29.36 -33.57 8.71
N PHE A 1221 30.46 -33.86 9.40
CA PHE A 1221 30.51 -33.69 10.84
C PHE A 1221 31.68 -32.86 11.38
N ASP A 1222 32.77 -32.69 10.63
CA ASP A 1222 33.92 -31.95 11.16
C ASP A 1222 33.63 -30.46 11.05
N HIS A 1223 33.69 -29.78 12.20
CA HIS A 1223 33.33 -28.37 12.27
C HIS A 1223 34.54 -27.45 12.38
N THR A 1224 35.76 -27.99 12.39
CA THR A 1224 36.94 -27.13 12.36
C THR A 1224 37.08 -26.43 11.03
N GLN A 1225 36.67 -27.06 9.94
CA GLN A 1225 36.69 -26.44 8.62
C GLN A 1225 35.28 -26.00 8.25
N SER A 1226 35.21 -25.05 7.33
CA SER A 1226 33.95 -24.39 7.02
C SER A 1226 33.05 -25.28 6.17
N ASP A 1227 31.84 -24.79 5.93
CA ASP A 1227 30.86 -25.51 5.13
C ASP A 1227 31.32 -25.54 3.67
N VAL A 1228 30.88 -26.57 2.94
CA VAL A 1228 31.24 -26.66 1.53
C VAL A 1228 30.37 -25.75 0.68
N ALA A 1229 29.12 -25.51 1.07
CA ALA A 1229 28.22 -24.71 0.24
C ALA A 1229 28.31 -23.23 0.60
N TYR A 1230 28.01 -22.89 1.84
CA TYR A 1230 28.05 -21.50 2.31
C TYR A 1230 29.40 -21.33 3.01
N THR A 1231 30.43 -21.01 2.23
CA THR A 1231 31.80 -21.06 2.73
C THR A 1231 32.19 -19.83 3.54
N ASP A 1232 31.41 -19.50 4.57
CA ASP A 1232 31.86 -18.52 5.55
C ASP A 1232 31.42 -18.89 6.95
N ARG A 1233 30.94 -20.11 7.15
CA ARG A 1233 30.38 -20.52 8.43
C ARG A 1233 30.43 -22.03 8.53
N ALA A 1234 30.28 -22.53 9.75
CA ALA A 1234 30.34 -23.98 9.95
C ALA A 1234 29.01 -24.65 9.61
N THR A 1235 27.95 -24.29 10.33
CA THR A 1235 26.64 -24.84 10.08
C THR A 1235 25.58 -23.85 10.52
N LEU A 1236 24.40 -23.95 9.91
CA LEU A 1236 23.32 -23.01 10.24
C LEU A 1236 22.86 -23.18 11.68
N ASN A 1237 22.54 -24.41 12.07
CA ASN A 1237 22.18 -24.67 13.46
C ASN A 1237 23.18 -25.61 14.13
N PRO A 1238 23.75 -25.20 15.26
CA PRO A 1238 24.61 -26.09 16.04
C PRO A 1238 23.85 -27.04 16.94
N TRP A 1239 22.55 -27.22 16.74
CA TRP A 1239 21.76 -28.15 17.54
C TRP A 1239 21.42 -29.42 16.77
N ALA A 1240 21.67 -29.45 15.46
CA ALA A 1240 21.30 -30.59 14.64
C ALA A 1240 22.35 -30.89 13.57
N SER A 1241 23.61 -30.61 13.85
CA SER A 1241 24.64 -30.76 12.83
C SER A 1241 25.92 -31.46 13.29
N GLN A 1242 26.23 -31.48 14.58
CA GLN A 1242 27.46 -32.12 15.03
C GLN A 1242 27.31 -33.64 15.03
N LYS A 1243 28.34 -34.31 15.54
CA LYS A 1243 28.38 -35.77 15.51
C LYS A 1243 27.33 -36.37 16.43
N HIS A 1244 27.08 -35.73 17.58
CA HIS A 1244 26.14 -36.27 18.55
C HIS A 1244 25.22 -35.17 19.07
N SER A 1245 24.80 -34.26 18.20
CA SER A 1245 23.88 -33.21 18.57
C SER A 1245 22.47 -33.77 18.69
N TYR A 1246 21.54 -32.92 19.14
CA TYR A 1246 20.18 -33.36 19.43
C TYR A 1246 19.47 -33.83 18.17
N GLY A 1247 19.61 -33.07 17.08
CA GLY A 1247 19.00 -33.47 15.82
C GLY A 1247 19.61 -34.74 15.25
N ASP A 1248 20.92 -34.92 15.43
CA ASP A 1248 21.55 -36.15 14.95
C ASP A 1248 21.25 -37.32 15.88
N ARG A 1249 21.12 -37.08 17.18
CA ARG A 1249 20.75 -38.16 18.09
C ARG A 1249 19.31 -38.61 17.84
N LEU A 1250 18.43 -37.71 17.44
CA LEU A 1250 17.02 -38.04 17.32
C LEU A 1250 16.63 -38.62 15.97
N TYR A 1251 17.31 -38.24 14.88
CA TYR A 1251 16.85 -38.58 13.55
C TYR A 1251 17.81 -39.41 12.70
N ASN A 1252 18.93 -39.85 13.26
CA ASN A 1252 19.89 -40.62 12.48
C ASN A 1252 19.38 -42.04 12.25
N GLY A 1253 19.79 -42.63 11.13
CA GLY A 1253 19.41 -44.01 10.86
C GLY A 1253 20.30 -45.04 11.52
N THR A 1254 21.57 -44.70 11.76
CA THR A 1254 22.48 -45.66 12.35
C THR A 1254 22.24 -45.82 13.84
N TYR A 1255 21.88 -44.72 14.52
CA TYR A 1255 21.69 -44.77 15.96
C TYR A 1255 20.39 -45.44 16.36
N ASN A 1256 19.36 -45.36 15.50
CA ASN A 1256 18.14 -46.16 15.59
C ASN A 1256 17.37 -45.89 16.89
N LEU A 1257 17.07 -44.61 17.14
CA LEU A 1257 16.21 -44.30 18.28
C LEU A 1257 14.75 -44.50 17.93
N THR A 1258 14.37 -44.25 16.68
CA THR A 1258 12.99 -44.36 16.23
C THR A 1258 12.73 -45.68 15.51
N GLY A 1259 13.39 -46.76 15.97
CA GLY A 1259 13.21 -48.04 15.31
C GLY A 1259 11.84 -48.64 15.50
N ALA A 1260 11.28 -48.52 16.71
CA ALA A 1260 10.00 -49.12 17.01
C ALA A 1260 8.82 -48.40 16.36
N SER A 1261 9.02 -47.17 15.90
CA SER A 1261 7.93 -46.40 15.31
C SER A 1261 7.62 -46.92 13.92
N PRO A 1262 6.36 -47.24 13.61
CA PRO A 1262 6.03 -47.68 12.25
C PRO A 1262 5.81 -46.55 11.27
N ILE A 1263 5.71 -45.31 11.75
CA ILE A 1263 5.52 -44.17 10.86
C ILE A 1263 6.82 -43.82 10.18
N TYR A 1264 6.72 -43.13 9.05
CA TYR A 1264 7.88 -42.75 8.26
C TYR A 1264 8.41 -41.41 8.74
N SER A 1265 9.73 -41.27 8.75
CA SER A 1265 10.37 -40.02 9.12
C SER A 1265 10.97 -39.37 7.88
N PRO A 1266 10.45 -38.24 7.42
CA PRO A 1266 10.89 -37.69 6.13
C PRO A 1266 12.32 -37.20 6.12
N CYS A 1267 12.89 -36.86 7.27
CA CYS A 1267 14.26 -36.38 7.32
C CYS A 1267 15.25 -37.48 7.70
N PHE A 1268 14.88 -38.75 7.53
CA PHE A 1268 15.84 -39.83 7.74
C PHE A 1268 16.89 -39.84 6.65
N LYS A 1269 16.47 -39.58 5.40
CA LYS A 1269 17.40 -39.63 4.27
C LYS A 1269 18.39 -38.47 4.28
N PHE A 1270 18.11 -37.39 5.02
CA PHE A 1270 18.98 -36.24 5.08
C PHE A 1270 20.03 -36.34 6.18
N PHE A 1271 19.82 -37.19 7.17
CA PHE A 1271 20.69 -37.24 8.34
C PHE A 1271 21.62 -38.44 8.37
N THR A 1272 21.20 -39.59 7.85
CA THR A 1272 22.03 -40.79 7.96
C THR A 1272 23.16 -40.74 6.92
N PRO A 1273 24.35 -41.23 7.26
CA PRO A 1273 25.41 -41.31 6.25
C PRO A 1273 25.24 -42.51 5.35
N ALA A 1274 25.14 -42.30 4.04
CA ALA A 1274 24.92 -43.40 3.12
C ALA A 1274 26.20 -44.22 2.94
N GLU A 1275 26.02 -45.53 2.83
CA GLU A 1275 27.12 -46.44 2.54
C GLU A 1275 27.48 -46.33 1.08
N VAL A 1276 28.74 -46.00 0.80
CA VAL A 1276 29.17 -45.64 -0.54
C VAL A 1276 30.60 -46.14 -0.77
N ASN A 1277 30.88 -46.62 -1.97
CA ASN A 1277 32.23 -47.04 -2.37
C ASN A 1277 32.84 -45.91 -3.19
N THR A 1278 34.13 -45.67 -2.98
CA THR A 1278 34.82 -44.56 -3.62
C THR A 1278 35.68 -44.97 -4.81
N ASN A 1279 35.53 -46.19 -5.31
CA ASN A 1279 36.36 -46.64 -6.42
C ASN A 1279 35.97 -45.95 -7.73
N CYS A 1280 34.67 -45.80 -7.97
CA CYS A 1280 34.22 -45.14 -9.19
C CYS A 1280 34.30 -43.63 -9.05
N ASN A 1281 34.34 -42.95 -10.18
CA ASN A 1281 34.33 -41.49 -10.19
C ASN A 1281 32.95 -40.96 -9.82
N THR A 1282 32.89 -39.65 -9.58
CA THR A 1282 31.69 -39.05 -8.97
C THR A 1282 30.50 -39.06 -9.93
N LEU A 1283 30.73 -38.80 -11.22
CA LEU A 1283 29.62 -38.63 -12.15
C LEU A 1283 28.94 -39.96 -12.47
N ASP A 1284 29.73 -41.03 -12.65
CA ASP A 1284 29.13 -42.34 -12.88
C ASP A 1284 28.35 -42.81 -11.67
N ARG A 1285 28.90 -42.61 -10.46
CA ARG A 1285 28.21 -43.02 -9.24
C ARG A 1285 26.93 -42.21 -9.04
N LEU A 1286 26.97 -40.92 -9.41
CA LEU A 1286 25.77 -40.10 -9.45
C LEU A 1286 24.73 -40.69 -10.40
N LEU A 1287 25.18 -41.22 -11.54
CA LEU A 1287 24.24 -41.78 -12.49
C LEU A 1287 23.63 -43.09 -11.98
N MET A 1288 24.41 -43.91 -11.28
CA MET A 1288 23.82 -45.14 -10.72
C MET A 1288 22.88 -44.83 -9.56
N GLU A 1289 23.15 -43.76 -8.80
CA GLU A 1289 22.20 -43.39 -7.76
C GLU A 1289 21.00 -42.64 -8.30
N ALA A 1290 20.99 -42.30 -9.60
CA ALA A 1290 19.94 -41.47 -10.16
C ALA A 1290 18.74 -42.28 -10.65
N LYS A 1291 18.85 -43.60 -10.69
CA LYS A 1291 17.81 -44.40 -11.31
C LYS A 1291 16.60 -44.57 -10.38
N ALA A 1292 15.65 -45.40 -10.81
CA ALA A 1292 14.40 -45.60 -10.08
C ALA A 1292 14.65 -46.47 -8.85
N VAL A 1293 14.92 -45.79 -7.73
CA VAL A 1293 15.18 -46.51 -6.48
C VAL A 1293 13.84 -47.00 -5.92
N ALA A 1294 13.91 -47.99 -5.03
CA ALA A 1294 12.73 -48.48 -4.34
C ALA A 1294 12.19 -47.43 -3.37
N SER A 1295 10.88 -47.46 -3.16
CA SER A 1295 10.22 -46.49 -2.32
C SER A 1295 10.51 -46.75 -0.85
N GLN A 1296 10.38 -45.71 -0.03
CA GLN A 1296 10.55 -45.80 1.41
C GLN A 1296 9.31 -45.31 2.13
N SER A 1297 8.14 -45.54 1.54
CA SER A 1297 6.87 -45.17 2.15
C SER A 1297 5.80 -46.11 1.63
N SER A 1298 4.60 -46.01 2.19
CA SER A 1298 3.52 -46.92 1.85
C SER A 1298 2.48 -46.18 1.01
N THR A 1299 1.85 -46.92 0.11
CA THR A 1299 0.88 -46.34 -0.81
C THR A 1299 -0.56 -46.74 -0.54
N ASP A 1300 -0.80 -47.80 0.23
CA ASP A 1300 -2.16 -48.25 0.51
C ASP A 1300 -2.67 -47.87 1.89
N THR A 1301 -1.80 -47.43 2.79
CA THR A 1301 -2.23 -47.03 4.12
C THR A 1301 -2.73 -45.59 4.07
N GLU A 1302 -2.89 -44.95 5.23
CA GLU A 1302 -3.38 -43.59 5.25
C GLU A 1302 -2.62 -42.69 6.23
N TYR A 1303 -1.44 -43.12 6.69
CA TYR A 1303 -0.63 -42.24 7.53
C TYR A 1303 0.82 -42.19 7.08
N GLN A 1304 1.15 -42.69 5.89
CA GLN A 1304 2.52 -42.77 5.37
C GLN A 1304 3.42 -43.55 6.32
N PHE A 1305 3.14 -44.84 6.45
CA PHE A 1305 3.93 -45.72 7.29
C PHE A 1305 5.28 -46.02 6.63
N LYS A 1306 6.12 -46.75 7.36
CA LYS A 1306 7.39 -47.22 6.83
C LYS A 1306 7.15 -48.22 5.71
N ARG A 1307 8.21 -48.48 4.95
CA ARG A 1307 8.09 -49.37 3.80
C ARG A 1307 7.86 -50.80 4.25
N PRO A 1308 6.76 -51.44 3.86
CA PRO A 1308 6.53 -52.83 4.24
C PRO A 1308 7.48 -53.75 3.49
N PRO A 1309 8.07 -54.73 4.17
CA PRO A 1309 8.95 -55.68 3.47
C PRO A 1309 8.18 -56.48 2.43
N GLY A 1310 8.85 -56.76 1.31
CA GLY A 1310 8.22 -57.44 0.20
C GLY A 1310 7.47 -56.54 -0.75
N SER A 1311 7.37 -55.25 -0.46
CA SER A 1311 6.69 -54.30 -1.33
C SER A 1311 7.72 -53.65 -2.26
N THR A 1312 7.52 -53.84 -3.56
CA THR A 1312 8.42 -53.30 -4.58
C THR A 1312 7.66 -52.26 -5.40
N GLU A 1313 8.06 -51.00 -5.25
CA GLU A 1313 7.52 -49.91 -6.06
C GLU A 1313 8.64 -48.92 -6.31
N MET A 1314 8.99 -48.72 -7.58
CA MET A 1314 10.10 -47.86 -7.95
C MET A 1314 9.62 -46.42 -8.10
N THR A 1315 10.18 -45.53 -7.28
CA THR A 1315 9.90 -44.10 -7.37
C THR A 1315 11.22 -43.37 -7.55
N GLN A 1316 11.28 -42.51 -8.55
CA GLN A 1316 12.46 -41.65 -8.72
C GLN A 1316 12.48 -40.62 -7.59
N ASP A 1317 13.69 -40.28 -7.14
CA ASP A 1317 13.85 -39.32 -6.03
C ASP A 1317 14.77 -38.14 -6.35
N PRO A 1318 14.27 -37.14 -7.08
CA PRO A 1318 14.94 -35.84 -7.09
C PRO A 1318 14.93 -35.23 -5.70
N CYS A 1319 15.97 -34.43 -5.42
CA CYS A 1319 16.31 -33.91 -4.09
C CYS A 1319 16.36 -35.02 -3.03
N GLY A 1320 16.80 -36.21 -3.44
CA GLY A 1320 17.12 -37.26 -2.52
C GLY A 1320 18.58 -37.65 -2.67
N LEU A 1321 19.09 -37.48 -3.88
CA LEU A 1321 20.51 -37.67 -4.15
C LEU A 1321 21.31 -36.38 -4.00
N PHE A 1322 20.69 -35.23 -4.24
CA PHE A 1322 21.36 -33.94 -4.08
C PHE A 1322 21.37 -33.46 -2.65
N GLN A 1323 20.67 -34.16 -1.75
CA GLN A 1323 20.57 -33.84 -0.32
C GLN A 1323 20.07 -32.42 -0.11
N GLU A 1324 18.92 -32.12 -0.72
CA GLU A 1324 18.32 -30.79 -0.63
C GLU A 1324 16.81 -30.91 -0.53
N ALA A 1325 16.17 -29.76 -0.30
CA ALA A 1325 14.72 -29.67 -0.21
C ALA A 1325 14.27 -28.31 -0.73
N TYR A 1326 13.11 -28.28 -1.37
CA TYR A 1326 12.60 -27.06 -1.98
C TYR A 1326 11.56 -26.41 -1.07
N PRO A 1327 11.65 -25.11 -0.81
CA PRO A 1327 10.65 -24.46 0.04
C PRO A 1327 9.39 -24.11 -0.75
N PRO A 1328 8.21 -24.37 -0.19
CA PRO A 1328 6.98 -24.05 -0.91
C PRO A 1328 6.48 -22.64 -0.62
N LEU A 1329 5.34 -22.27 -1.21
CA LEU A 1329 4.75 -20.95 -0.96
C LEU A 1329 4.17 -20.94 0.45
N CYS A 1330 4.87 -20.30 1.38
CA CYS A 1330 4.47 -20.27 2.77
C CYS A 1330 4.62 -18.85 3.30
N SER A 1331 3.83 -18.53 4.32
CA SER A 1331 3.92 -17.23 4.95
C SER A 1331 3.66 -17.37 6.43
N SER A 1332 4.16 -16.40 7.19
CA SER A 1332 3.94 -16.39 8.63
C SER A 1332 2.65 -15.70 9.03
N ASP A 1333 1.88 -15.20 8.06
CA ASP A 1333 0.59 -14.63 8.34
C ASP A 1333 -0.32 -14.93 7.15
N ALA A 1334 -1.59 -15.21 7.44
CA ALA A 1334 -2.56 -15.46 6.38
C ALA A 1334 -2.95 -14.19 5.65
N ALA A 1335 -2.66 -13.02 6.23
CA ALA A 1335 -3.05 -11.76 5.60
C ALA A 1335 -2.26 -11.48 4.34
N MET A 1336 -0.94 -11.68 4.37
CA MET A 1336 -0.10 -11.33 3.24
C MET A 1336 0.02 -12.45 2.21
N LEU A 1337 -0.49 -13.64 2.53
CA LEU A 1337 -0.46 -14.75 1.58
C LEU A 1337 -1.36 -14.54 0.37
N ARG A 1338 -2.41 -13.74 0.52
CA ARG A 1338 -3.31 -13.45 -0.59
C ARG A 1338 -3.48 -11.94 -0.72
N THR A 1339 -3.27 -11.42 -1.92
CA THR A 1339 -3.44 -10.01 -2.21
C THR A 1339 -4.79 -9.77 -2.87
N ALA A 1340 -5.23 -8.51 -2.84
CA ALA A 1340 -6.56 -8.14 -3.31
C ALA A 1340 -6.47 -7.50 -4.70
N HIS A 1341 -6.47 -8.36 -5.71
CA HIS A 1341 -6.42 -7.89 -7.09
C HIS A 1341 -7.29 -8.71 -8.04
N ALA A 1342 -8.04 -9.69 -7.54
CA ALA A 1342 -8.82 -10.66 -8.33
C ALA A 1342 -7.91 -11.37 -9.35
N GLY A 1343 -6.96 -12.13 -8.81
CA GLY A 1343 -5.91 -12.70 -9.63
C GLY A 1343 -4.87 -13.47 -8.84
N GLU A 1344 -3.60 -13.15 -9.07
CA GLU A 1344 -2.48 -13.88 -8.48
C GLU A 1344 -2.42 -13.67 -6.97
N THR A 1345 -1.61 -14.51 -6.31
CA THR A 1345 -1.42 -14.47 -4.87
C THR A 1345 -0.43 -13.38 -4.48
N GLY A 1346 -0.23 -13.22 -3.17
CA GLY A 1346 0.62 -12.16 -2.68
C GLY A 1346 2.08 -12.39 -3.01
N ALA A 1347 2.85 -11.30 -3.00
CA ALA A 1347 4.25 -11.39 -3.41
C ALA A 1347 5.20 -10.56 -2.54
N ASP A 1348 4.69 -9.86 -1.54
CA ASP A 1348 5.55 -9.10 -0.63
C ASP A 1348 6.30 -10.07 0.28
N GLU A 1349 7.57 -9.74 0.56
CA GLU A 1349 8.44 -10.70 1.22
C GLU A 1349 8.36 -10.60 2.74
N VAL A 1350 8.70 -9.44 3.30
CA VAL A 1350 8.59 -9.22 4.75
C VAL A 1350 7.78 -7.96 4.97
N HIS A 1351 6.80 -8.03 5.88
CA HIS A 1351 6.02 -6.82 6.12
C HIS A 1351 6.52 -6.03 7.31
N LEU A 1352 6.48 -6.59 8.52
CA LEU A 1352 7.09 -5.86 9.63
C LEU A 1352 8.10 -6.72 10.36
N ALA A 1353 7.65 -7.87 10.85
CA ALA A 1353 8.51 -8.91 11.38
C ALA A 1353 8.06 -10.29 10.93
N GLN A 1354 6.98 -10.40 10.17
CA GLN A 1354 6.54 -11.63 9.55
C GLN A 1354 7.33 -11.83 8.26
N TYR A 1355 7.01 -12.89 7.52
CA TYR A 1355 7.75 -13.18 6.30
C TYR A 1355 6.88 -14.00 5.37
N LEU A 1356 7.23 -13.97 4.08
CA LEU A 1356 6.57 -14.78 3.07
C LEU A 1356 7.65 -15.34 2.16
N ILE A 1357 7.83 -16.65 2.19
CA ILE A 1357 8.83 -17.30 1.37
C ILE A 1357 8.21 -17.62 0.02
N ARG A 1358 8.79 -17.08 -1.04
CA ARG A 1358 8.26 -17.32 -2.38
C ARG A 1358 8.54 -18.76 -2.81
N ASP A 1359 7.81 -19.20 -3.83
CA ASP A 1359 7.86 -20.60 -4.24
C ASP A 1359 9.10 -20.87 -5.08
N ALA A 1360 10.06 -21.58 -4.49
CA ALA A 1360 11.23 -22.05 -5.22
C ALA A 1360 11.12 -23.52 -5.58
N SER A 1361 9.97 -24.14 -5.37
CA SER A 1361 9.75 -25.53 -5.65
C SER A 1361 9.65 -25.76 -7.16
N PRO A 1362 9.84 -27.01 -7.61
CA PRO A 1362 9.50 -27.32 -9.01
C PRO A 1362 8.02 -27.16 -9.34
N LEU A 1363 7.14 -27.11 -8.35
CA LEU A 1363 5.71 -26.95 -8.59
C LEU A 1363 5.38 -25.46 -8.69
N ARG A 1364 5.92 -24.83 -9.72
CA ARG A 1364 5.68 -23.41 -9.95
C ARG A 1364 4.44 -23.15 -10.80
N GLY A 1365 4.22 -23.94 -11.84
CA GLY A 1365 3.10 -23.73 -12.74
C GLY A 1365 1.99 -24.75 -12.60
N CYS A 1366 1.98 -25.49 -11.49
CA CYS A 1366 0.96 -26.50 -11.26
C CYS A 1366 0.29 -26.25 -9.91
N LEU A 1367 -0.54 -27.21 -9.46
CA LEU A 1367 -1.20 -27.20 -8.16
C LEU A 1367 -2.03 -25.93 -7.93
N PRO A 1368 -3.23 -25.85 -8.51
CA PRO A 1368 -3.97 -24.58 -8.54
C PRO A 1368 -4.29 -24.03 -7.15
N LEU A 1369 -4.31 -22.70 -7.06
CA LEU A 1369 -4.30 -22.00 -5.79
C LEU A 1369 -5.70 -21.67 -5.29
N SER B 1 56.80 45.50 68.70
CA SER B 1 56.06 46.71 68.40
C SER B 1 56.92 47.96 68.62
N ASN B 2 57.65 47.97 69.74
CA ASN B 2 58.52 49.07 70.08
C ASN B 2 59.86 48.56 70.59
N PRO B 3 60.97 49.24 70.25
CA PRO B 3 61.03 50.33 69.28
C PRO B 3 61.53 49.89 67.90
N THR B 4 60.72 50.13 66.87
CA THR B 4 61.12 49.84 65.49
C THR B 4 60.88 50.87 64.37
N THR B 5 59.90 51.79 64.37
CA THR B 5 58.85 52.09 65.36
C THR B 5 57.49 51.64 64.85
N PHE B 6 57.14 52.09 63.64
CA PHE B 6 55.87 51.73 63.02
C PHE B 6 56.18 51.48 61.54
N SER B 7 55.60 50.42 60.98
CA SER B 7 55.79 50.13 59.57
C SER B 7 55.08 51.18 58.73
N VAL B 8 55.84 52.00 58.00
CA VAL B 8 55.28 53.11 57.24
C VAL B 8 55.58 52.84 55.77
N GLU B 9 56.46 51.85 55.52
CA GLU B 9 56.81 51.38 54.18
C GLU B 9 57.40 52.49 53.31
N ALA B 10 58.62 53.00 53.55
CA ALA B 10 59.84 52.38 54.19
C ALA B 10 60.19 50.94 53.78
N ILE B 11 61.23 50.39 54.40
CA ILE B 11 61.64 49.01 54.13
C ILE B 11 61.99 48.37 55.47
N ALA B 12 61.63 49.03 56.58
CA ALA B 12 62.18 48.66 57.89
C ALA B 12 61.81 47.24 58.34
N ALA B 13 60.58 46.72 58.17
CA ALA B 13 59.31 47.43 58.23
C ALA B 13 58.91 47.22 59.67
N TYR B 14 58.60 45.95 59.97
CA TYR B 14 59.03 45.15 61.12
C TYR B 14 58.23 43.88 60.89
N THR B 15 58.53 42.78 61.59
CA THR B 15 57.93 41.51 61.17
C THR B 15 56.45 41.47 61.56
N PRO B 16 56.02 42.02 62.72
CA PRO B 16 54.67 42.63 62.77
C PRO B 16 54.73 44.16 62.67
N VAL B 17 53.87 44.90 61.93
CA VAL B 17 52.51 44.64 61.38
C VAL B 17 51.60 43.76 62.26
N ALA B 18 51.15 44.38 63.36
CA ALA B 18 50.27 43.77 64.35
C ALA B 18 49.08 44.68 64.59
N LEU B 19 48.62 45.34 63.53
CA LEU B 19 47.48 46.26 63.60
C LEU B 19 46.23 45.54 63.14
N ILE B 20 45.06 46.13 63.36
CA ILE B 20 43.80 45.45 63.07
C ILE B 20 43.01 46.23 62.02
N ARG B 21 42.65 45.55 60.93
CA ARG B 21 41.84 46.09 59.83
C ARG B 21 42.40 47.40 59.29
N LEU B 22 43.70 47.41 59.04
CA LEU B 22 44.45 48.64 58.78
C LEU B 22 44.04 49.34 57.49
N LEU B 23 43.75 50.63 57.59
CA LEU B 23 43.63 51.49 56.42
C LEU B 23 44.97 52.20 56.23
N ASN B 24 46.05 51.43 56.24
CA ASN B 24 47.40 51.99 56.27
C ASN B 24 48.06 51.83 54.92
N ALA B 25 47.90 50.66 54.31
CA ALA B 25 48.42 50.41 52.97
C ALA B 25 47.71 51.30 51.96
N SER B 26 46.42 51.57 52.18
CA SER B 26 45.73 52.58 51.40
C SER B 26 44.68 53.32 52.21
N GLY B 27 45.05 54.42 52.87
CA GLY B 27 46.44 54.76 53.17
C GLY B 27 47.26 55.57 52.18
N PRO B 28 48.24 56.31 52.71
CA PRO B 28 49.27 56.90 51.85
C PRO B 28 50.52 56.02 51.78
N LEU B 29 51.37 56.27 50.79
CA LEU B 29 52.61 55.50 50.66
C LEU B 29 53.89 56.34 50.85
N GLN B 30 54.12 57.50 50.21
CA GLN B 30 53.36 58.17 49.14
C GLN B 30 54.28 58.85 48.15
N PRO B 31 54.92 58.09 47.25
CA PRO B 31 54.90 56.64 47.07
C PRO B 31 55.98 55.94 47.89
N GLY B 32 56.33 54.71 47.53
CA GLY B 32 57.42 54.01 48.15
C GLY B 32 58.75 54.72 47.97
N HIS B 33 59.60 54.69 48.99
CA HIS B 33 60.83 55.48 49.00
C HIS B 33 61.86 54.82 48.10
N ARG B 34 62.92 55.55 47.73
CA ARG B 34 63.89 55.12 46.73
C ARG B 34 64.89 54.12 47.32
N VAL B 35 64.38 52.97 47.77
CA VAL B 35 65.25 51.89 48.24
C VAL B 35 64.90 50.68 47.35
N ASP B 36 65.86 49.79 47.14
CA ASP B 36 65.82 48.75 46.11
C ASP B 36 64.64 47.78 46.21
N ILE B 37 64.41 47.25 47.42
CA ILE B 37 63.39 46.29 47.92
C ILE B 37 63.47 44.94 47.21
N ALA B 38 63.35 43.86 47.98
CA ALA B 38 62.96 42.59 47.38
C ALA B 38 61.84 41.94 48.20
N ASP B 39 62.00 41.95 49.53
CA ASP B 39 61.08 41.41 50.53
C ASP B 39 61.24 42.22 51.81
N ALA B 40 60.41 43.23 52.14
CA ALA B 40 59.21 43.81 51.47
C ALA B 40 58.04 42.85 51.22
N ARG B 41 57.91 42.35 49.99
CA ARG B 41 56.71 41.65 49.52
C ARG B 41 56.40 40.39 50.31
N SER B 42 57.39 39.52 50.51
CA SER B 42 57.19 38.29 51.25
C SER B 42 56.93 38.56 52.74
N ILE B 43 57.65 39.53 53.29
CA ILE B 43 57.58 39.89 54.70
C ILE B 43 56.19 40.42 55.01
N TYR B 44 55.62 41.19 54.07
CA TYR B 44 54.28 41.72 54.23
C TYR B 44 53.24 40.61 54.26
N THR B 45 53.40 39.60 53.40
CA THR B 45 52.45 38.49 53.37
C THR B 45 52.51 37.67 54.66
N VAL B 46 53.72 37.31 55.09
CA VAL B 46 53.86 36.46 56.27
C VAL B 46 53.49 37.25 57.52
N GLY B 47 53.59 38.57 57.43
CA GLY B 47 53.18 39.41 58.54
C GLY B 47 51.67 39.59 58.61
N ALA B 48 51.03 39.83 57.46
CA ALA B 48 49.60 40.08 57.40
C ALA B 48 48.80 38.83 57.71
N ALA B 49 49.28 37.67 57.24
CA ALA B 49 48.61 36.40 57.57
C ALA B 49 48.69 36.12 59.06
N ALA B 50 49.85 36.41 59.67
CA ALA B 50 49.99 36.30 61.12
C ALA B 50 49.12 37.30 61.86
N SER B 51 48.95 38.50 61.32
CA SER B 51 48.09 39.52 61.90
C SER B 51 46.63 39.36 61.48
N ALA B 52 46.26 38.19 60.96
CA ALA B 52 44.86 37.79 60.85
C ALA B 52 44.61 36.53 61.66
N ALA B 53 45.57 35.60 61.67
CA ALA B 53 45.48 34.44 62.54
C ALA B 53 45.52 34.84 64.01
N ARG B 54 46.39 35.78 64.38
CA ARG B 54 46.35 36.33 65.72
C ARG B 54 45.11 37.21 65.92
N ALA B 55 44.72 37.97 64.88
CA ALA B 55 43.59 38.88 64.99
C ALA B 55 42.27 38.15 65.08
N ARG B 56 42.25 36.84 64.86
CA ARG B 56 41.08 36.06 65.25
C ARG B 56 40.91 36.20 66.75
N ALA B 57 41.82 35.63 67.54
CA ALA B 57 41.86 35.71 69.00
C ALA B 57 40.52 35.44 69.66
N ASN B 58 39.61 36.42 69.58
CA ASN B 58 38.20 36.22 69.87
C ASN B 58 37.50 35.58 68.68
N HIS B 59 36.16 35.66 68.63
CA HIS B 59 35.30 34.76 67.86
C HIS B 59 35.60 33.35 68.31
N ASN B 60 35.89 33.18 69.59
CA ASN B 60 36.37 31.92 70.15
C ASN B 60 35.47 31.46 71.28
N ALA B 61 34.69 32.38 71.85
CA ALA B 61 33.65 32.02 72.79
C ALA B 61 32.34 31.78 72.04
N ASN B 62 32.42 31.76 70.72
CA ASN B 62 31.27 31.48 69.87
C ASN B 62 31.46 30.12 69.21
N THR B 63 32.71 29.67 69.13
CA THR B 63 33.07 28.30 68.76
C THR B 63 32.69 27.38 69.92
N ILE B 64 32.41 26.06 69.77
CA ILE B 64 32.47 25.09 68.63
C ILE B 64 33.90 24.88 68.12
N ARG B 65 34.65 24.10 68.90
CA ARG B 65 36.03 23.78 68.58
C ARG B 65 36.08 22.86 67.37
N ARG B 66 37.22 22.81 66.68
CA ARG B 66 37.36 22.02 65.46
C ARG B 66 37.30 20.52 65.72
N THR B 67 37.32 19.74 64.64
CA THR B 67 37.01 18.32 64.69
C THR B 67 37.93 17.64 63.67
N ALA B 68 38.05 16.32 63.69
CA ALA B 68 38.88 15.58 62.74
C ALA B 68 38.39 15.67 61.30
N MET B 69 37.15 16.11 61.07
CA MET B 69 36.56 16.36 59.75
C MET B 69 36.51 15.10 58.89
N PHE B 70 37.67 14.58 58.51
CA PHE B 70 37.72 13.31 57.81
C PHE B 70 37.73 12.16 58.80
N ALA B 71 37.87 10.94 58.32
CA ALA B 71 37.76 9.75 59.16
C ALA B 71 39.12 9.07 59.25
N GLU B 72 39.77 9.19 60.40
CA GLU B 72 41.07 8.58 60.62
C GLU B 72 41.30 8.39 62.11
N THR B 73 42.30 7.59 62.47
CA THR B 73 42.68 7.44 63.88
C THR B 73 43.29 8.75 64.39
N ASP B 74 42.86 9.35 65.52
CA ASP B 74 41.97 8.87 66.63
C ASP B 74 42.42 7.54 67.21
N PRO B 75 43.48 7.58 68.03
CA PRO B 75 44.28 6.39 68.31
C PRO B 75 43.62 5.34 69.18
N MET B 76 42.34 5.46 69.53
CA MET B 76 41.76 4.38 70.31
C MET B 76 41.18 3.35 69.35
N THR B 77 40.07 3.69 68.67
CA THR B 77 39.53 3.11 67.44
C THR B 77 39.44 1.57 67.38
N TRP B 78 39.52 0.85 68.49
CA TRP B 78 39.29 -0.58 68.38
C TRP B 78 37.97 -0.99 69.03
N LEU B 79 37.13 -0.03 69.38
CA LEU B 79 35.83 -0.37 69.93
C LEU B 79 34.75 0.59 69.43
N ARG B 80 35.11 1.46 68.50
CA ARG B 80 34.19 2.41 67.87
C ARG B 80 34.82 2.95 66.59
N PRO B 81 34.05 3.08 65.51
CA PRO B 81 34.58 3.71 64.29
C PRO B 81 34.70 5.22 64.45
N THR B 82 35.38 5.83 63.50
CA THR B 82 35.65 7.26 63.51
C THR B 82 34.89 7.93 62.36
N VAL B 83 34.12 8.96 62.71
CA VAL B 83 33.38 9.76 61.74
C VAL B 83 33.58 11.22 62.08
N GLY B 84 33.96 12.01 61.08
CA GLY B 84 34.23 13.41 61.28
C GLY B 84 33.08 14.32 60.89
N LEU B 85 33.14 15.56 61.36
CA LEU B 85 32.10 16.57 61.13
C LEU B 85 32.36 17.25 59.79
N ARG B 86 31.36 17.18 58.93
CA ARG B 86 31.28 18.03 57.75
C ARG B 86 30.76 19.41 58.14
N ARG B 87 31.52 20.45 57.79
CA ARG B 87 31.25 21.80 58.28
C ARG B 87 30.03 22.37 57.56
N THR B 88 28.85 21.97 58.04
CA THR B 88 27.61 22.54 57.55
C THR B 88 26.86 23.33 58.62
N PHE B 89 27.22 23.19 59.88
CA PHE B 89 26.60 23.91 60.97
C PHE B 89 27.25 25.28 61.15
N ASN B 90 26.47 26.23 61.67
CA ASN B 90 27.01 27.54 61.96
C ASN B 90 27.52 27.59 63.39
N PRO B 91 28.79 27.94 63.62
CA PRO B 91 29.29 28.02 64.99
C PRO B 91 28.99 29.36 65.66
N ARG B 92 27.98 29.41 66.53
CA ARG B 92 27.70 30.66 67.23
C ARG B 92 27.42 30.51 68.72
N ILE B 93 26.84 29.39 69.18
CA ILE B 93 26.43 29.03 70.56
C ILE B 93 25.79 30.12 71.44
N ILE B 94 25.66 31.35 70.93
CA ILE B 94 25.14 32.56 71.59
C ILE B 94 25.37 32.67 73.10
N PRO C 1 34.77 -87.07 -13.07
CA PRO C 1 34.14 -88.00 -14.03
C PRO C 1 34.04 -87.35 -15.41
N ALA C 2 35.14 -87.41 -16.16
CA ALA C 2 35.23 -86.72 -17.44
C ALA C 2 34.30 -87.34 -18.47
N GLY C 3 34.16 -88.66 -18.46
CA GLY C 3 33.26 -89.35 -19.33
C GLY C 3 33.79 -89.65 -20.71
N ILE C 4 34.98 -89.15 -21.04
CA ILE C 4 35.59 -89.46 -22.33
C ILE C 4 36.05 -90.91 -22.33
N ILE C 5 36.34 -91.42 -23.52
CA ILE C 5 36.75 -92.83 -23.64
C ILE C 5 38.11 -93.02 -22.96
N PRO C 6 38.31 -94.08 -22.19
CA PRO C 6 39.61 -94.27 -21.53
C PRO C 6 40.73 -94.51 -22.52
N THR C 7 41.90 -93.96 -22.20
CA THR C 7 43.07 -94.15 -23.07
C THR C 7 43.57 -95.58 -23.00
N GLY C 8 43.63 -96.16 -21.81
CA GLY C 8 44.11 -97.52 -21.66
C GLY C 8 43.51 -98.17 -20.43
N ASN C 9 43.43 -99.50 -20.48
CA ASN C 9 42.93 -100.28 -19.35
C ASN C 9 43.92 -100.19 -18.18
N VAL C 10 43.39 -100.36 -16.97
CA VAL C 10 44.19 -100.36 -15.76
C VAL C 10 44.12 -101.75 -15.15
N LEU C 11 45.27 -102.24 -14.68
CA LEU C 11 45.37 -103.52 -14.01
C LEU C 11 45.51 -103.31 -12.50
N SER C 12 45.79 -104.40 -11.80
CA SER C 12 46.10 -104.42 -10.37
C SER C 12 44.95 -103.83 -9.54
N THR C 13 43.82 -104.54 -9.55
CA THR C 13 42.65 -104.13 -8.79
C THR C 13 42.95 -104.32 -7.31
N ILE C 14 43.34 -103.23 -6.64
CA ILE C 14 43.74 -103.26 -5.24
C ILE C 14 42.94 -102.21 -4.50
N GLU C 15 42.99 -102.30 -3.17
CA GLU C 15 42.31 -101.33 -2.30
C GLU C 15 43.09 -100.03 -2.34
N VAL C 16 42.57 -99.07 -3.11
CA VAL C 16 43.28 -97.82 -3.37
C VAL C 16 43.38 -96.95 -2.13
N CYS C 17 42.35 -96.96 -1.27
CA CYS C 17 42.26 -96.01 -0.15
C CYS C 17 43.32 -96.25 0.91
N ALA C 18 44.01 -97.39 0.89
CA ALA C 18 45.08 -97.67 1.85
C ALA C 18 46.23 -96.69 1.69
N HIS C 19 46.60 -96.38 0.45
CA HIS C 19 47.64 -95.39 0.18
C HIS C 19 47.03 -94.25 -0.64
N ARG C 20 46.48 -93.27 0.07
CA ARG C 20 45.97 -92.06 -0.53
C ARG C 20 46.96 -90.91 -0.49
N CYS C 21 48.16 -91.14 0.03
CA CYS C 21 49.21 -90.13 0.07
C CYS C 21 50.00 -90.04 -1.23
N ILE C 22 49.55 -90.77 -2.25
CA ILE C 22 50.06 -90.65 -3.61
C ILE C 22 48.94 -89.89 -4.30
N PHE C 23 49.11 -89.52 -5.56
CA PHE C 23 48.20 -88.71 -6.38
C PHE C 23 48.07 -87.30 -5.80
N ASP C 24 47.20 -86.50 -6.39
CA ASP C 24 46.97 -85.15 -5.87
C ASP C 24 45.52 -84.89 -5.49
N PHE C 25 44.56 -85.65 -6.03
CA PHE C 25 43.17 -85.51 -5.63
C PHE C 25 42.60 -86.91 -5.46
N PHE C 26 42.12 -87.22 -4.26
CA PHE C 26 41.49 -88.51 -3.97
C PHE C 26 40.09 -88.25 -3.46
N LYS C 27 39.10 -88.67 -4.24
CA LYS C 27 37.70 -88.57 -3.85
C LYS C 27 37.07 -89.95 -3.95
N GLN C 28 36.38 -90.36 -2.89
CA GLN C 28 35.73 -91.66 -2.83
C GLN C 28 34.23 -91.46 -2.66
N ILE C 29 33.46 -92.11 -3.53
CA ILE C 29 32.00 -92.10 -3.45
C ILE C 29 31.54 -93.54 -3.23
N ARG C 30 30.46 -93.71 -2.45
CA ARG C 30 30.09 -95.05 -2.02
C ARG C 30 29.46 -95.84 -3.17
N SER C 31 28.28 -95.43 -3.61
CA SER C 31 27.65 -96.05 -4.77
C SER C 31 27.43 -95.06 -5.89
N ASP C 32 26.77 -93.94 -5.61
CA ASP C 32 26.61 -92.85 -6.55
C ASP C 32 26.33 -91.59 -5.75
N ASP C 33 26.79 -90.46 -6.25
CA ASP C 33 26.63 -89.19 -5.56
C ASP C 33 25.87 -88.24 -6.46
N ASN C 34 25.16 -87.32 -5.83
CA ASN C 34 24.28 -86.40 -6.54
C ASN C 34 25.07 -85.41 -7.40
N SER C 35 26.33 -85.14 -7.06
CA SER C 35 27.11 -84.12 -7.73
C SER C 35 27.79 -84.60 -9.00
N LEU C 36 27.66 -85.87 -9.38
CA LEU C 36 28.21 -86.31 -10.64
C LEU C 36 27.40 -85.85 -11.84
N TYR C 37 26.18 -85.35 -11.62
CA TYR C 37 25.31 -84.89 -12.69
C TYR C 37 25.13 -83.38 -12.55
N SER C 38 26.09 -82.64 -13.11
CA SER C 38 26.03 -81.18 -13.10
C SER C 38 26.76 -80.69 -14.33
N ALA C 39 26.01 -80.17 -15.30
CA ALA C 39 26.56 -79.72 -16.56
C ALA C 39 26.55 -78.20 -16.68
N GLN C 40 26.83 -77.48 -15.60
CA GLN C 40 26.92 -76.03 -15.66
C GLN C 40 28.17 -75.63 -16.43
N PHE C 41 28.04 -74.61 -17.28
CA PHE C 41 29.16 -74.16 -18.09
C PHE C 41 29.11 -72.65 -18.22
N ASP C 42 29.98 -72.11 -19.07
CA ASP C 42 30.03 -70.70 -19.40
C ASP C 42 30.14 -70.58 -20.91
N ILE C 43 29.54 -69.53 -21.47
CA ILE C 43 29.58 -69.32 -22.91
C ILE C 43 30.03 -67.91 -23.22
N LEU C 44 30.88 -67.80 -24.24
CA LEU C 44 31.27 -66.53 -24.82
C LEU C 44 30.25 -66.18 -25.90
N LEU C 45 29.51 -65.09 -25.70
CA LEU C 45 28.44 -64.72 -26.61
C LEU C 45 28.89 -63.74 -27.68
N GLY C 46 30.14 -63.79 -28.09
CA GLY C 46 30.62 -62.94 -29.15
C GLY C 46 31.38 -61.74 -28.63
N THR C 47 32.32 -61.26 -29.45
CA THR C 47 33.13 -60.09 -29.12
C THR C 47 32.85 -58.99 -30.14
N TYR C 48 33.00 -57.74 -29.70
CA TYR C 48 32.77 -56.58 -30.55
C TYR C 48 33.98 -55.68 -30.53
N CYS C 49 34.49 -55.33 -31.71
CA CYS C 49 35.64 -54.46 -31.84
C CYS C 49 35.32 -53.34 -32.83
N ASN C 50 35.47 -52.10 -32.38
CA ASN C 50 35.14 -50.96 -33.21
C ASN C 50 36.25 -50.70 -34.21
N THR C 51 35.90 -50.00 -35.30
CA THR C 51 36.82 -49.65 -36.36
C THR C 51 37.02 -48.15 -36.36
N LEU C 52 38.27 -47.72 -36.26
CA LEU C 52 38.55 -46.28 -36.28
C LEU C 52 38.38 -45.72 -37.68
N ASN C 53 37.95 -44.46 -37.74
CA ASN C 53 37.84 -43.73 -38.99
C ASN C 53 39.07 -42.85 -39.15
N PHE C 54 39.69 -42.90 -40.32
CA PHE C 54 40.90 -42.15 -40.57
C PHE C 54 40.57 -40.87 -41.31
N VAL C 55 41.07 -39.75 -40.78
CA VAL C 55 40.83 -38.44 -41.38
C VAL C 55 42.07 -38.06 -42.20
N ARG C 56 41.83 -37.57 -43.41
CA ARG C 56 42.88 -37.00 -44.23
C ARG C 56 42.81 -35.49 -44.09
N PHE C 57 43.97 -34.83 -44.07
CA PHE C 57 44.00 -33.41 -43.78
C PHE C 57 43.38 -32.58 -44.90
N LEU C 58 43.51 -33.05 -46.15
CA LEU C 58 43.02 -32.26 -47.29
C LEU C 58 41.51 -32.22 -47.34
N GLU C 59 40.85 -33.26 -46.84
CA GLU C 59 39.39 -33.33 -46.91
C GLU C 59 38.72 -32.41 -45.89
N LEU C 60 39.46 -31.92 -44.90
CA LEU C 60 38.91 -30.93 -43.99
C LEU C 60 38.74 -29.59 -44.69
N GLY C 61 37.76 -28.82 -44.24
CA GLY C 61 37.59 -27.48 -44.75
C GLY C 61 38.57 -26.48 -44.18
N LEU C 62 39.36 -26.88 -43.19
CA LEU C 62 40.40 -26.00 -42.65
C LEU C 62 41.66 -26.05 -43.51
N SER C 63 41.70 -26.92 -44.51
CA SER C 63 42.87 -26.99 -45.38
C SER C 63 42.98 -25.79 -46.32
N VAL C 64 41.94 -24.96 -46.39
CA VAL C 64 41.95 -23.78 -47.25
C VAL C 64 42.42 -22.60 -46.41
N ALA C 65 42.97 -22.88 -45.24
CA ALA C 65 43.60 -21.84 -44.43
C ALA C 65 45.10 -21.80 -44.60
N CYS C 66 45.68 -22.69 -45.39
CA CYS C 66 47.13 -22.73 -45.53
C CYS C 66 47.49 -23.27 -46.90
N ILE C 67 48.72 -22.98 -47.32
CA ILE C 67 49.32 -23.59 -48.49
C ILE C 67 50.49 -24.44 -48.00
N CYS C 68 50.44 -25.73 -48.30
CA CYS C 68 51.43 -26.68 -47.81
C CYS C 68 52.29 -27.17 -48.96
N THR C 69 53.59 -27.29 -48.71
CA THR C 69 54.50 -27.79 -49.72
C THR C 69 55.62 -28.59 -49.05
N LYS C 70 56.08 -29.62 -49.75
CA LYS C 70 57.11 -30.48 -49.22
C LYS C 70 58.46 -29.76 -49.22
N PHE C 71 59.32 -30.17 -48.31
CA PHE C 71 60.65 -29.60 -48.19
C PHE C 71 61.54 -30.63 -47.51
N PRO C 72 62.17 -31.52 -48.27
CA PRO C 72 62.94 -32.61 -47.65
C PRO C 72 64.14 -32.14 -46.82
N GLU C 73 64.76 -31.03 -47.19
CA GLU C 73 65.97 -30.56 -46.51
C GLU C 73 65.65 -29.52 -45.45
N LEU C 74 64.70 -29.81 -44.57
CA LEU C 74 64.33 -28.81 -43.57
C LEU C 74 65.21 -28.87 -42.32
N ALA C 75 65.95 -29.96 -42.12
CA ALA C 75 66.86 -30.05 -41.01
C ALA C 75 68.13 -29.23 -41.21
N TYR C 76 68.37 -28.70 -42.42
CA TYR C 76 69.57 -27.94 -42.70
C TYR C 76 69.37 -26.44 -42.71
N VAL C 77 68.13 -25.96 -42.83
CA VAL C 77 67.88 -24.53 -43.04
C VAL C 77 68.08 -23.79 -41.72
N ARG C 78 68.96 -22.78 -41.73
CA ARG C 78 69.18 -22.01 -40.52
C ARG C 78 68.10 -20.96 -40.33
N ASP C 79 68.01 -19.98 -41.25
CA ASP C 79 66.93 -18.99 -41.21
C ASP C 79 66.47 -18.76 -42.65
N GLY C 80 65.18 -18.92 -42.89
CA GLY C 80 64.59 -18.56 -44.17
C GLY C 80 63.72 -17.32 -44.06
N VAL C 81 63.77 -16.48 -45.09
CA VAL C 81 63.04 -15.21 -45.10
C VAL C 81 62.26 -15.08 -46.40
N ILE C 82 61.22 -14.24 -46.38
CA ILE C 82 60.51 -13.83 -47.57
C ILE C 82 60.45 -12.31 -47.58
N GLN C 83 60.21 -11.74 -48.76
CA GLN C 83 60.29 -10.31 -48.96
C GLN C 83 59.02 -9.78 -49.60
N PHE C 84 58.67 -8.55 -49.25
CA PHE C 84 57.50 -7.87 -49.76
C PHE C 84 57.90 -6.52 -50.33
N GLU C 85 57.33 -6.16 -51.48
CA GLU C 85 57.54 -4.85 -52.09
C GLU C 85 56.18 -4.32 -52.51
N VAL C 86 55.60 -3.42 -51.73
CA VAL C 86 54.27 -2.88 -52.00
C VAL C 86 54.39 -1.40 -52.31
N GLN C 87 53.62 -0.94 -53.29
CA GLN C 87 53.55 0.47 -53.65
C GLN C 87 52.14 0.98 -53.38
N GLN C 88 52.03 2.30 -53.24
CA GLN C 88 50.76 2.90 -52.88
C GLN C 88 50.39 4.01 -53.87
N PRO C 89 49.09 4.23 -54.11
CA PRO C 89 48.68 5.28 -55.05
C PRO C 89 48.84 6.68 -54.52
N MET C 90 48.40 7.68 -55.29
CA MET C 90 48.66 9.06 -54.94
C MET C 90 47.50 9.93 -55.45
N ILE C 91 47.16 10.96 -54.68
CA ILE C 91 46.11 11.92 -55.02
C ILE C 91 46.75 13.29 -55.23
N ALA C 92 46.52 13.88 -56.40
CA ALA C 92 47.02 15.22 -56.71
C ALA C 92 46.01 16.26 -56.24
N ARG C 93 46.51 17.30 -55.57
CA ARG C 93 45.67 18.37 -55.07
C ARG C 93 46.40 19.70 -55.21
N ASP C 94 45.72 20.77 -54.80
CA ASP C 94 46.21 22.13 -54.89
C ASP C 94 46.01 22.84 -53.56
N GLY C 95 46.23 24.16 -53.56
CA GLY C 95 45.94 24.98 -52.42
C GLY C 95 47.13 25.13 -51.50
N PRO C 96 46.87 25.34 -50.21
CA PRO C 96 47.94 25.46 -49.21
C PRO C 96 48.41 24.11 -48.67
N HIS C 97 48.60 23.16 -49.58
CA HIS C 97 49.00 21.80 -49.22
C HIS C 97 50.35 21.50 -49.83
N PRO C 98 51.25 20.83 -49.11
CA PRO C 98 52.51 20.41 -49.74
C PRO C 98 52.24 19.36 -50.80
N VAL C 99 52.93 19.47 -51.93
CA VAL C 99 52.75 18.50 -53.00
C VAL C 99 53.37 17.17 -52.60
N ASP C 100 52.60 16.10 -52.76
CA ASP C 100 52.98 14.79 -52.26
C ASP C 100 53.56 13.93 -53.37
N GLN C 101 54.46 13.03 -52.98
CA GLN C 101 55.26 12.19 -53.84
C GLN C 101 55.05 10.73 -53.42
N PRO C 102 55.14 9.78 -54.37
CA PRO C 102 54.74 8.40 -54.06
C PRO C 102 55.72 7.72 -53.12
N VAL C 103 55.22 6.71 -52.41
CA VAL C 103 55.96 6.04 -51.34
C VAL C 103 55.96 4.53 -51.61
N HIS C 104 57.12 3.90 -51.39
CA HIS C 104 57.26 2.46 -51.49
C HIS C 104 57.62 1.89 -50.13
N ASN C 105 57.19 0.66 -49.89
CA ASN C 105 57.44 -0.01 -48.62
C ASN C 105 58.11 -1.36 -48.87
N TYR C 106 58.95 -1.78 -47.93
CA TYR C 106 59.61 -3.07 -47.98
C TYR C 106 59.50 -3.75 -46.63
N MET C 107 59.07 -5.00 -46.61
CA MET C 107 58.93 -5.77 -45.38
C MET C 107 59.58 -7.13 -45.57
N VAL C 108 60.08 -7.69 -44.46
CA VAL C 108 60.73 -9.00 -44.47
C VAL C 108 60.21 -9.81 -43.28
N LYS C 109 59.69 -11.01 -43.57
CA LYS C 109 59.24 -11.93 -42.53
C LYS C 109 60.07 -13.20 -42.61
N ARG C 110 60.32 -13.81 -41.46
CA ARG C 110 61.15 -15.00 -41.39
C ARG C 110 60.30 -16.22 -41.04
N ILE C 111 60.89 -17.41 -41.22
CA ILE C 111 60.20 -18.64 -40.88
C ILE C 111 60.25 -18.85 -39.37
N HIS C 112 59.40 -19.75 -38.89
CA HIS C 112 59.40 -20.18 -37.51
C HIS C 112 59.20 -21.69 -37.46
N LYS C 113 60.06 -22.39 -36.72
CA LYS C 113 60.13 -23.84 -36.78
C LYS C 113 59.34 -24.48 -35.63
N ARG C 114 58.46 -25.41 -35.98
CA ARG C 114 57.72 -26.21 -35.02
C ARG C 114 57.92 -27.68 -35.36
N SER C 115 57.29 -28.56 -34.58
CA SER C 115 57.43 -29.99 -34.78
C SER C 115 56.19 -30.72 -34.29
N LEU C 116 56.14 -32.02 -34.58
CA LEU C 116 55.13 -32.92 -34.03
C LEU C 116 55.82 -34.14 -33.47
N SER C 117 55.24 -34.73 -32.43
CA SER C 117 55.76 -35.95 -31.84
C SER C 117 54.62 -36.89 -31.50
N ALA C 118 54.84 -38.18 -31.76
CA ALA C 118 53.87 -39.21 -31.46
C ALA C 118 54.60 -40.48 -31.09
N ALA C 119 54.14 -41.12 -30.02
CA ALA C 119 54.83 -42.27 -29.46
C ALA C 119 54.20 -43.57 -29.95
N PHE C 120 54.95 -44.65 -29.75
CA PHE C 120 54.61 -45.95 -30.31
C PHE C 120 55.41 -47.00 -29.57
N ALA C 121 54.74 -47.85 -28.81
CA ALA C 121 55.43 -48.77 -27.91
C ALA C 121 55.27 -50.22 -28.36
N ILE C 122 56.31 -51.00 -28.16
CA ILE C 122 56.29 -52.44 -28.42
C ILE C 122 56.81 -53.13 -27.16
N ALA C 123 56.06 -54.10 -26.66
CA ALA C 123 56.46 -54.81 -25.46
C ALA C 123 57.64 -55.73 -25.73
N SER C 124 58.37 -56.06 -24.66
CA SER C 124 59.57 -56.88 -24.79
C SER C 124 59.25 -58.29 -25.24
N GLU C 125 58.07 -58.79 -24.86
CA GLU C 125 57.62 -60.10 -25.31
C GLU C 125 57.44 -60.13 -26.82
N ALA C 126 56.90 -59.05 -27.39
CA ALA C 126 56.73 -58.97 -28.84
C ALA C 126 58.08 -58.87 -29.55
N LEU C 127 59.05 -58.18 -28.94
CA LEU C 127 60.39 -58.15 -29.51
C LEU C 127 61.03 -59.52 -29.51
N SER C 128 60.86 -60.28 -28.42
CA SER C 128 61.39 -61.63 -28.36
C SER C 128 60.69 -62.54 -29.36
N LEU C 129 59.41 -62.29 -29.63
CA LEU C 129 58.69 -63.05 -30.65
C LEU C 129 59.20 -62.73 -32.05
N LEU C 130 59.39 -61.44 -32.35
CA LEU C 130 59.74 -61.04 -33.70
C LEU C 130 61.21 -61.24 -34.02
N SER C 131 62.07 -61.31 -33.02
CA SER C 131 63.52 -61.43 -33.23
C SER C 131 64.06 -62.79 -32.81
N ASN C 132 63.35 -63.87 -33.14
CA ASN C 132 63.85 -65.21 -32.83
C ASN C 132 65.05 -65.55 -33.72
N THR C 133 65.06 -65.02 -34.94
CA THR C 133 66.07 -65.29 -35.99
C THR C 133 66.15 -66.80 -36.29
N TYR C 134 65.03 -67.28 -36.84
CA TYR C 134 64.91 -68.63 -37.42
C TYR C 134 65.15 -69.73 -36.37
N VAL C 135 64.54 -69.56 -35.20
CA VAL C 135 64.58 -70.60 -34.17
C VAL C 135 63.21 -71.17 -33.86
N ASP C 136 62.12 -70.41 -33.95
CA ASP C 136 60.79 -70.89 -33.65
C ASP C 136 60.06 -71.26 -34.95
N GLY C 137 58.78 -71.56 -34.83
CA GLY C 137 58.01 -72.03 -35.96
C GLY C 137 57.06 -73.19 -35.67
N THR C 138 56.83 -73.49 -34.39
CA THR C 138 55.84 -74.48 -34.03
C THR C 138 54.43 -73.89 -34.15
N GLU C 139 53.43 -74.71 -33.79
CA GLU C 139 52.03 -74.34 -34.00
C GLU C 139 51.52 -73.31 -33.01
N ILE C 140 52.16 -73.15 -31.85
CA ILE C 140 51.69 -72.21 -30.85
C ILE C 140 52.47 -70.90 -30.85
N ASP C 141 53.73 -70.91 -31.29
CA ASP C 141 54.48 -69.66 -31.43
C ASP C 141 53.98 -68.86 -32.62
N SER C 142 53.45 -69.51 -33.65
CA SER C 142 52.95 -68.80 -34.81
C SER C 142 51.74 -67.94 -34.45
N SER C 143 50.86 -68.46 -33.59
CA SER C 143 49.69 -67.68 -33.18
C SER C 143 50.08 -66.47 -32.35
N LEU C 144 51.07 -66.62 -31.47
CA LEU C 144 51.54 -65.47 -30.69
C LEU C 144 52.25 -64.46 -31.57
N ARG C 145 52.98 -64.93 -32.58
CA ARG C 145 53.63 -64.03 -33.52
C ARG C 145 52.60 -63.26 -34.34
N ILE C 146 51.52 -63.92 -34.73
CA ILE C 146 50.44 -63.25 -35.45
C ILE C 146 49.75 -62.23 -34.55
N ARG C 147 49.52 -62.58 -33.28
CA ARG C 147 48.90 -61.62 -32.36
C ARG C 147 49.79 -60.40 -32.15
N ALA C 148 51.11 -60.61 -32.02
CA ALA C 148 52.03 -59.49 -31.87
C ALA C 148 52.06 -58.60 -33.11
N ILE C 149 52.06 -59.22 -34.30
CA ILE C 149 52.16 -58.42 -35.51
C ILE C 149 50.85 -57.66 -35.77
N GLN C 150 49.70 -58.24 -35.40
CA GLN C 150 48.44 -57.51 -35.47
C GLN C 150 48.42 -56.35 -34.50
N GLN C 151 48.89 -56.56 -33.26
CA GLN C 151 48.91 -55.47 -32.30
C GLN C 151 49.82 -54.34 -32.75
N MET C 152 50.99 -54.67 -33.29
CA MET C 152 51.93 -53.63 -33.69
C MET C 152 51.44 -52.89 -34.94
N ALA C 153 50.80 -53.59 -35.89
CA ALA C 153 50.26 -52.93 -37.06
C ALA C 153 49.08 -52.03 -36.69
N ARG C 154 48.18 -52.52 -35.83
CA ARG C 154 47.04 -51.72 -35.38
C ARG C 154 47.51 -50.50 -34.58
N ASN C 155 48.63 -50.63 -33.89
CA ASN C 155 49.24 -49.51 -33.17
C ASN C 155 49.81 -48.47 -34.15
N LEU C 156 50.55 -48.95 -35.14
CA LEU C 156 51.20 -48.06 -36.10
C LEU C 156 50.19 -47.34 -36.99
N ARG C 157 49.00 -47.94 -37.16
CA ARG C 157 47.91 -47.28 -37.87
C ARG C 157 47.57 -45.93 -37.25
N THR C 158 47.29 -45.94 -35.95
CA THR C 158 46.93 -44.71 -35.27
C THR C 158 48.13 -43.77 -35.13
N VAL C 159 49.33 -44.35 -35.03
CA VAL C 159 50.52 -43.49 -34.95
C VAL C 159 50.68 -42.65 -36.22
N LEU C 160 50.55 -43.27 -37.39
CA LEU C 160 50.64 -42.47 -38.61
C LEU C 160 49.38 -41.68 -38.90
N ASP C 161 48.25 -42.05 -38.30
CA ASP C 161 47.04 -41.23 -38.42
C ASP C 161 47.19 -39.92 -37.63
N SER C 162 47.92 -39.96 -36.52
CA SER C 162 47.94 -38.83 -35.59
C SER C 162 48.58 -37.58 -36.19
N PHE C 163 49.52 -37.73 -37.12
CA PHE C 163 50.16 -36.56 -37.70
C PHE C 163 49.19 -35.77 -38.58
N GLU C 164 48.43 -36.48 -39.41
CA GLU C 164 47.37 -35.85 -40.19
C GLU C 164 46.30 -35.27 -39.29
N ARG C 165 46.03 -35.92 -38.16
CA ARG C 165 44.97 -35.40 -37.30
C ARG C 165 45.47 -34.23 -36.43
N GLY C 166 46.78 -34.06 -36.30
CA GLY C 166 47.33 -32.98 -35.48
C GLY C 166 47.87 -31.78 -36.24
N THR C 167 48.03 -31.91 -37.56
CA THR C 167 48.38 -30.75 -38.37
C THR C 167 47.31 -29.67 -38.29
N ALA C 168 46.04 -30.09 -38.36
CA ALA C 168 44.93 -29.15 -38.18
C ALA C 168 44.91 -28.57 -36.78
N ASP C 169 45.36 -29.34 -35.79
CA ASP C 169 45.44 -28.83 -34.43
C ASP C 169 46.46 -27.70 -34.31
N GLN C 170 47.63 -27.86 -34.93
CA GLN C 170 48.58 -26.76 -34.85
C GLN C 170 48.17 -25.56 -35.70
N LEU C 171 47.45 -25.79 -36.81
CA LEU C 171 46.92 -24.63 -37.52
C LEU C 171 45.91 -23.87 -36.68
N LEU C 172 45.04 -24.59 -35.96
CA LEU C 172 44.12 -23.92 -35.05
C LEU C 172 44.86 -23.17 -33.95
N GLY C 173 45.92 -23.77 -33.42
CA GLY C 173 46.69 -23.10 -32.37
C GLY C 173 47.37 -21.84 -32.85
N VAL C 174 48.01 -21.90 -34.03
CA VAL C 174 48.73 -20.72 -34.53
C VAL C 174 47.74 -19.65 -34.99
N LEU C 175 46.55 -20.04 -35.47
CA LEU C 175 45.57 -19.04 -35.86
C LEU C 175 44.90 -18.40 -34.65
N LEU C 176 44.80 -19.13 -33.54
CA LEU C 176 44.43 -18.49 -32.28
C LEU C 176 45.49 -17.51 -31.82
N GLU C 177 46.76 -17.88 -31.93
CA GLU C 177 47.82 -16.98 -31.47
C GLU C 177 48.09 -15.85 -32.45
N LYS C 178 47.50 -15.87 -33.64
CA LYS C 178 47.74 -14.86 -34.65
C LYS C 178 46.62 -13.83 -34.77
N ALA C 179 45.42 -14.13 -34.28
CA ALA C 179 44.24 -13.33 -34.60
C ALA C 179 43.95 -12.30 -33.51
N PRO C 180 43.92 -11.02 -33.85
CA PRO C 180 43.45 -10.00 -32.91
C PRO C 180 41.93 -10.05 -32.79
N PRO C 181 41.36 -9.54 -31.70
CA PRO C 181 39.91 -9.61 -31.53
C PRO C 181 39.17 -8.72 -32.52
N LEU C 182 37.95 -9.13 -32.85
CA LEU C 182 37.12 -8.34 -33.75
C LEU C 182 36.66 -7.04 -33.09
N SER C 183 36.41 -7.08 -31.77
CA SER C 183 35.90 -5.92 -31.05
C SER C 183 36.88 -4.75 -31.08
N LEU C 184 38.16 -5.03 -31.26
CA LEU C 184 39.14 -3.97 -31.46
C LEU C 184 39.39 -3.68 -32.93
N LEU C 185 39.47 -4.72 -33.76
CA LEU C 185 39.92 -4.53 -35.14
C LEU C 185 38.85 -3.87 -36.00
N SER C 186 37.57 -4.13 -35.73
CA SER C 186 36.50 -3.57 -36.55
C SER C 186 36.42 -2.04 -36.50
N PRO C 187 36.49 -1.36 -35.33
CA PRO C 187 36.53 0.11 -35.39
C PRO C 187 37.87 0.68 -35.83
N ILE C 188 38.95 -0.09 -35.80
CA ILE C 188 40.23 0.41 -36.31
C ILE C 188 40.16 0.60 -37.83
N ASN C 189 39.59 -0.37 -38.53
CA ASN C 189 39.53 -0.28 -39.99
C ASN C 189 38.51 0.73 -40.49
N LYS C 190 37.64 1.27 -39.63
CA LYS C 190 36.63 2.22 -40.04
C LYS C 190 36.90 3.63 -39.52
N PHE C 191 37.00 3.81 -38.21
CA PHE C 191 37.12 5.13 -37.61
C PHE C 191 38.50 5.73 -37.78
N GLN C 192 39.49 4.92 -38.19
CA GLN C 192 40.80 5.38 -38.62
C GLN C 192 40.82 5.26 -40.14
N PRO C 193 40.77 6.37 -40.86
CA PRO C 193 40.75 6.28 -42.32
C PRO C 193 42.05 5.76 -42.91
N GLU C 194 43.17 6.43 -42.62
CA GLU C 194 44.45 6.05 -43.21
C GLU C 194 45.51 5.72 -42.18
N GLY C 195 45.77 6.61 -41.24
CA GLY C 195 46.83 6.44 -40.29
C GLY C 195 47.49 7.76 -39.99
N HIS C 196 48.52 7.69 -39.13
CA HIS C 196 49.28 8.86 -38.63
C HIS C 196 48.31 9.87 -38.01
N LEU C 197 47.52 9.38 -37.06
CA LEU C 197 46.47 10.19 -36.46
C LEU C 197 47.05 11.15 -35.43
N ASN C 198 46.32 12.22 -35.18
CA ASN C 198 46.64 13.16 -34.12
C ASN C 198 46.18 12.61 -32.77
N ARG C 199 46.27 13.45 -31.73
CA ARG C 199 45.92 13.00 -30.38
C ARG C 199 44.40 12.85 -30.23
N VAL C 200 43.64 13.78 -30.80
CA VAL C 200 42.20 13.83 -30.54
C VAL C 200 41.47 12.67 -31.21
N ALA C 201 41.83 12.37 -32.47
CA ALA C 201 41.19 11.26 -33.16
C ALA C 201 41.54 9.94 -32.50
N ARG C 202 42.78 9.79 -32.03
CA ARG C 202 43.16 8.58 -31.32
C ARG C 202 42.38 8.44 -30.01
N ALA C 203 42.19 9.55 -29.28
CA ALA C 203 41.46 9.47 -28.02
C ALA C 203 40.00 9.13 -28.24
N ALA C 204 39.35 9.74 -29.24
CA ALA C 204 37.96 9.41 -29.53
C ALA C 204 37.81 7.97 -30.02
N LEU C 205 38.76 7.51 -30.84
CA LEU C 205 38.77 6.13 -31.29
C LEU C 205 38.93 5.17 -30.12
N LEU C 206 39.76 5.55 -29.14
CA LEU C 206 39.98 4.70 -27.98
C LEU C 206 38.73 4.60 -27.11
N SER C 207 38.00 5.72 -26.97
CA SER C 207 36.74 5.68 -26.26
C SER C 207 35.73 4.79 -26.96
N ASP C 208 35.71 4.85 -28.30
CA ASP C 208 34.85 3.95 -29.07
C ASP C 208 35.24 2.49 -28.86
N LEU C 209 36.55 2.22 -28.78
CA LEU C 209 37.03 0.87 -28.51
C LEU C 209 36.55 0.36 -27.17
N LYS C 210 36.63 1.20 -26.12
CA LYS C 210 36.17 0.78 -24.79
C LYS C 210 34.67 0.50 -24.79
N ARG C 211 33.89 1.37 -25.44
CA ARG C 211 32.44 1.16 -25.47
C ARG C 211 32.07 -0.08 -26.28
N ARG C 212 32.80 -0.34 -27.36
CA ARG C 212 32.50 -1.51 -28.19
C ARG C 212 32.88 -2.81 -27.49
N VAL C 213 33.97 -2.79 -26.72
CA VAL C 213 34.34 -3.98 -25.95
C VAL C 213 33.32 -4.25 -24.86
N CYS C 214 32.84 -3.20 -24.17
CA CYS C 214 31.82 -3.42 -23.15
C CYS C 214 30.50 -3.88 -23.76
N ALA C 215 30.16 -3.42 -24.95
CA ALA C 215 28.86 -3.76 -25.53
C ALA C 215 28.86 -5.11 -26.23
N ASP C 216 29.67 -5.26 -27.27
CA ASP C 216 29.60 -6.43 -28.15
C ASP C 216 30.62 -7.48 -27.72
N MET C 217 30.33 -8.12 -26.59
CA MET C 217 31.21 -9.08 -25.97
C MET C 217 30.78 -10.53 -26.17
N PHE C 218 29.51 -10.83 -25.92
CA PHE C 218 28.96 -12.18 -25.93
C PHE C 218 27.79 -12.25 -26.88
N PHE C 219 28.00 -11.80 -28.12
CA PHE C 219 26.88 -11.23 -28.86
C PHE C 219 25.95 -12.30 -29.41
N MET C 220 26.29 -13.59 -29.28
CA MET C 220 25.36 -14.64 -29.64
C MET C 220 24.63 -15.28 -28.46
N THR C 221 24.86 -14.82 -27.23
CA THR C 221 24.04 -15.28 -26.14
C THR C 221 23.23 -14.18 -25.49
N ARG C 222 23.40 -12.93 -25.93
CA ARG C 222 22.51 -11.86 -25.51
C ARG C 222 21.50 -11.51 -26.60
N HIS C 223 21.95 -11.38 -27.84
CA HIS C 223 21.06 -11.31 -29.00
C HIS C 223 21.00 -12.65 -29.72
N ALA C 224 20.52 -13.67 -29.02
CA ALA C 224 20.27 -14.96 -29.63
C ALA C 224 18.94 -15.02 -30.35
N ARG C 225 17.94 -14.27 -29.88
CA ARG C 225 16.61 -14.32 -30.47
C ARG C 225 16.48 -13.41 -31.68
N GLU C 226 17.49 -12.59 -31.97
CA GLU C 226 17.44 -11.68 -33.12
C GLU C 226 18.34 -12.20 -34.22
N PRO C 227 17.79 -12.77 -35.29
CA PRO C 227 18.63 -13.32 -36.35
C PRO C 227 19.01 -12.31 -37.42
N ARG C 228 18.75 -11.03 -37.21
CA ARG C 228 19.23 -10.03 -38.15
C ARG C 228 20.57 -9.46 -37.74
N LEU C 229 20.81 -9.28 -36.44
CA LEU C 229 22.05 -8.66 -35.99
C LEU C 229 23.24 -9.61 -36.06
N ILE C 230 23.00 -10.92 -35.91
CA ILE C 230 24.11 -11.87 -35.99
C ILE C 230 24.67 -11.93 -37.40
N SER C 231 23.78 -12.06 -38.39
CA SER C 231 24.21 -11.95 -39.78
C SER C 231 24.65 -10.54 -40.13
N ALA C 232 24.33 -9.55 -39.29
CA ALA C 232 24.82 -8.21 -39.50
C ALA C 232 26.23 -7.99 -39.00
N TYR C 233 26.71 -8.71 -37.97
CA TYR C 233 28.10 -8.46 -37.67
C TYR C 233 28.97 -9.51 -38.29
N LEU C 234 28.39 -10.63 -38.76
CA LEU C 234 29.20 -11.69 -39.32
C LEU C 234 29.76 -11.28 -40.67
N SER C 235 28.98 -10.56 -41.47
CA SER C 235 29.51 -9.95 -42.68
C SER C 235 30.51 -8.86 -42.37
N ASP C 236 30.35 -8.18 -41.23
CA ASP C 236 31.36 -7.21 -40.80
C ASP C 236 32.66 -7.90 -40.43
N MET C 237 32.57 -9.06 -39.77
CA MET C 237 33.75 -9.84 -39.41
C MET C 237 34.47 -10.34 -40.64
N VAL C 238 33.72 -10.83 -41.62
CA VAL C 238 34.34 -11.35 -42.84
C VAL C 238 34.94 -10.23 -43.67
N SER C 239 34.21 -9.12 -43.82
CA SER C 239 34.72 -7.97 -44.57
C SER C 239 35.46 -6.99 -43.69
N CYS C 240 36.42 -7.50 -42.90
CA CYS C 240 37.31 -6.66 -42.12
C CYS C 240 38.76 -7.10 -42.23
N THR C 241 39.04 -8.33 -42.63
CA THR C 241 40.39 -8.84 -42.77
C THR C 241 40.92 -8.51 -44.16
N GLN C 242 42.18 -8.23 -44.24
CA GLN C 242 42.71 -8.04 -45.58
C GLN C 242 43.11 -9.38 -46.17
N PRO C 243 42.85 -9.60 -47.45
CA PRO C 243 43.23 -10.87 -48.07
C PRO C 243 44.73 -11.02 -48.26
N SER C 244 45.18 -12.23 -48.54
CA SER C 244 46.59 -12.55 -48.70
C SER C 244 46.88 -12.66 -50.20
N VAL C 245 48.08 -13.13 -50.53
CA VAL C 245 48.52 -13.06 -51.92
C VAL C 245 47.75 -14.07 -52.77
N MET C 246 47.81 -13.86 -54.09
CA MET C 246 46.99 -14.59 -55.05
C MET C 246 47.82 -15.57 -55.87
N VAL C 247 48.78 -16.23 -55.24
CA VAL C 247 49.55 -17.29 -55.91
C VAL C 247 48.83 -18.63 -55.70
N SER C 248 48.58 -19.33 -56.79
CA SER C 248 47.83 -20.58 -56.75
C SER C 248 48.06 -21.34 -58.04
N ARG C 249 47.80 -22.65 -57.98
CA ARG C 249 47.63 -23.48 -59.16
C ARG C 249 46.23 -24.05 -59.25
N ILE C 250 45.81 -24.80 -58.23
CA ILE C 250 44.43 -25.26 -58.08
C ILE C 250 44.01 -24.98 -56.66
N THR C 251 42.78 -24.51 -56.48
CA THR C 251 42.32 -24.07 -55.19
C THR C 251 40.92 -24.64 -54.92
N HIS C 252 40.46 -24.42 -53.69
CA HIS C 252 39.19 -24.97 -53.24
C HIS C 252 38.02 -24.24 -53.89
N THR C 253 37.23 -24.97 -54.67
CA THR C 253 36.06 -24.41 -55.34
C THR C 253 34.83 -25.23 -54.95
N ASN C 254 33.66 -24.71 -55.31
CA ASN C 254 32.44 -25.48 -55.14
C ASN C 254 32.20 -26.34 -56.37
N THR C 255 31.00 -26.91 -56.46
CA THR C 255 30.68 -27.78 -57.60
C THR C 255 30.55 -26.99 -58.88
N ARG C 256 30.04 -25.76 -58.82
CA ARG C 256 29.86 -24.96 -60.02
C ARG C 256 31.20 -24.42 -60.55
N GLY C 257 32.04 -23.88 -59.66
CA GLY C 257 33.30 -23.33 -60.09
C GLY C 257 33.71 -22.06 -59.37
N ARG C 258 32.82 -21.51 -58.56
CA ARG C 258 33.13 -20.33 -57.78
C ARG C 258 34.05 -20.70 -56.63
N GLN C 259 35.24 -20.09 -56.60
CA GLN C 259 36.23 -20.46 -55.60
C GLN C 259 35.89 -19.84 -54.25
N VAL C 260 36.33 -20.51 -53.19
CA VAL C 260 36.01 -20.05 -51.84
C VAL C 260 37.00 -18.96 -51.43
N ASP C 261 36.69 -18.29 -50.32
CA ASP C 261 37.49 -17.19 -49.82
C ASP C 261 38.09 -17.41 -48.45
N GLY C 262 37.58 -18.36 -47.67
CA GLY C 262 38.14 -18.59 -46.36
C GLY C 262 37.43 -19.71 -45.64
N VAL C 263 37.78 -19.85 -44.36
CA VAL C 263 37.18 -20.86 -43.50
C VAL C 263 36.78 -20.18 -42.20
N LEU C 264 35.59 -20.50 -41.70
CA LEU C 264 35.02 -19.85 -40.52
C LEU C 264 34.79 -20.94 -39.50
N VAL C 265 35.80 -21.24 -38.69
CA VAL C 265 35.77 -22.37 -37.78
C VAL C 265 35.03 -21.98 -36.50
N THR C 266 34.12 -22.85 -36.05
CA THR C 266 33.24 -22.59 -34.91
C THR C 266 33.23 -23.82 -34.01
N THR C 267 32.31 -23.79 -33.04
CA THR C 267 31.94 -24.95 -32.25
C THR C 267 30.65 -25.53 -32.86
N ALA C 268 30.37 -26.80 -32.53
CA ALA C 268 29.24 -27.49 -33.14
C ALA C 268 27.90 -26.86 -32.78
N THR C 269 27.75 -26.39 -31.53
CA THR C 269 26.54 -25.70 -31.11
C THR C 269 26.34 -24.42 -31.90
N LEU C 270 27.41 -23.65 -32.08
CA LEU C 270 27.34 -22.42 -32.85
C LEU C 270 27.11 -22.72 -34.34
N LYS C 271 27.63 -23.85 -34.83
CA LYS C 271 27.33 -24.25 -36.20
C LYS C 271 25.85 -24.53 -36.38
N ARG C 272 25.23 -25.23 -35.43
CA ARG C 272 23.79 -25.47 -35.51
C ARG C 272 23.00 -24.18 -35.42
N GLN C 273 23.43 -23.26 -34.55
CA GLN C 273 22.71 -22.00 -34.38
C GLN C 273 22.82 -21.13 -35.62
N LEU C 274 23.99 -21.12 -36.28
CA LEU C 274 24.13 -20.40 -37.54
C LEU C 274 23.33 -21.04 -38.66
N LEU C 275 23.34 -22.37 -38.76
CA LEU C 275 22.74 -22.99 -39.92
C LEU C 275 21.24 -23.18 -39.81
N GLN C 276 20.65 -23.05 -38.61
CA GLN C 276 19.22 -23.32 -38.51
C GLN C 276 18.38 -22.20 -39.11
N GLY C 277 18.78 -20.94 -38.93
CA GLY C 277 17.98 -19.87 -39.47
C GLY C 277 18.66 -18.61 -39.97
N ILE C 278 20.00 -18.55 -39.90
CA ILE C 278 20.68 -17.29 -40.14
C ILE C 278 21.33 -17.25 -41.51
N LEU C 279 22.26 -18.16 -41.77
CA LEU C 279 22.97 -18.21 -43.03
C LEU C 279 22.32 -19.22 -43.96
N GLN C 280 22.66 -19.12 -45.25
CA GLN C 280 22.08 -19.99 -46.26
C GLN C 280 23.14 -20.92 -46.82
N ILE C 281 22.74 -22.17 -47.05
CA ILE C 281 23.66 -23.15 -47.63
C ILE C 281 23.88 -22.83 -49.09
N ASP C 282 25.14 -22.73 -49.50
CA ASP C 282 25.44 -22.44 -50.90
C ASP C 282 25.69 -23.71 -51.69
N ASP C 283 26.47 -24.64 -51.13
CA ASP C 283 26.65 -25.98 -51.68
C ASP C 283 26.77 -26.95 -50.53
N THR C 284 26.64 -28.24 -50.84
CA THR C 284 26.87 -29.31 -49.87
C THR C 284 28.21 -30.00 -50.08
N ALA C 285 28.66 -30.13 -51.31
CA ALA C 285 29.96 -30.70 -51.62
C ALA C 285 30.92 -29.59 -52.07
N ALA C 286 32.19 -29.96 -52.22
CA ALA C 286 33.20 -29.00 -52.61
C ALA C 286 34.30 -29.72 -53.38
N ASP C 287 35.07 -28.95 -54.13
CA ASP C 287 36.20 -29.48 -54.90
C ASP C 287 37.49 -28.97 -54.28
N VAL C 288 38.30 -29.89 -53.75
CA VAL C 288 39.50 -29.51 -53.01
C VAL C 288 40.73 -30.07 -53.74
N PRO C 289 41.90 -29.46 -53.60
CA PRO C 289 43.12 -30.11 -54.08
C PRO C 289 43.51 -31.26 -53.17
N VAL C 290 44.26 -32.21 -53.74
CA VAL C 290 44.70 -33.38 -53.00
C VAL C 290 46.22 -33.46 -52.88
N THR C 291 46.97 -32.90 -53.83
CA THR C 291 48.42 -32.97 -53.82
C THR C 291 49.02 -31.74 -53.15
N TYR C 292 50.23 -31.91 -52.62
CA TYR C 292 50.96 -30.79 -52.02
C TYR C 292 51.68 -29.97 -53.07
N GLY C 293 52.56 -30.60 -53.83
CA GLY C 293 53.45 -29.88 -54.71
C GLY C 293 54.77 -29.68 -54.02
N GLU C 294 55.78 -30.44 -54.42
CA GLU C 294 57.07 -30.44 -53.75
C GLU C 294 58.04 -29.53 -54.48
N MET C 295 59.04 -29.06 -53.73
CA MET C 295 60.18 -28.41 -54.35
C MET C 295 61.45 -28.82 -53.62
N VAL C 296 62.50 -29.04 -54.40
CA VAL C 296 63.80 -29.49 -53.90
C VAL C 296 64.85 -28.57 -54.48
N LEU C 297 66.06 -28.68 -53.94
CA LEU C 297 67.20 -27.91 -54.43
C LEU C 297 68.13 -28.83 -55.20
N GLN C 298 68.53 -28.38 -56.39
CA GLN C 298 69.38 -29.16 -57.28
C GLN C 298 70.03 -28.21 -58.28
N GLY C 299 71.16 -28.65 -58.81
CA GLY C 299 71.87 -27.82 -59.79
C GLY C 299 72.47 -26.60 -59.13
N THR C 300 72.06 -25.43 -59.62
CA THR C 300 72.64 -24.16 -59.16
C THR C 300 72.32 -23.90 -57.69
N ASN C 301 71.11 -24.23 -57.26
CA ASN C 301 70.77 -24.08 -55.84
C ASN C 301 71.63 -24.97 -54.96
N LEU C 302 71.87 -26.21 -55.39
CA LEU C 302 72.70 -27.12 -54.60
C LEU C 302 74.13 -26.62 -54.53
N VAL C 303 74.67 -26.14 -55.65
CA VAL C 303 76.05 -25.63 -55.68
C VAL C 303 76.18 -24.41 -54.78
N THR C 304 75.21 -23.49 -54.86
CA THR C 304 75.26 -22.27 -54.06
C THR C 304 75.12 -22.58 -52.58
N ALA C 305 74.23 -23.53 -52.23
CA ALA C 305 74.05 -23.90 -50.83
C ALA C 305 75.27 -24.59 -50.27
N LEU C 306 75.94 -25.44 -51.05
CA LEU C 306 77.10 -26.14 -50.53
C LEU C 306 78.32 -25.23 -50.43
N VAL C 307 78.51 -24.31 -51.38
CA VAL C 307 79.71 -23.50 -51.38
C VAL C 307 79.50 -22.20 -50.61
N MET C 308 78.58 -21.36 -51.07
CA MET C 308 78.44 -20.02 -50.48
C MET C 308 77.76 -20.07 -49.12
N GLY C 309 76.74 -20.91 -48.97
CA GLY C 309 75.97 -20.97 -47.74
C GLY C 309 74.59 -20.38 -47.79
N LYS C 310 74.12 -19.94 -48.95
CA LYS C 310 72.77 -19.43 -49.12
C LYS C 310 72.11 -20.11 -50.31
N ALA C 311 70.82 -19.85 -50.48
CA ALA C 311 70.06 -20.40 -51.59
C ALA C 311 68.83 -19.54 -51.81
N VAL C 312 68.07 -19.85 -52.86
CA VAL C 312 66.86 -19.11 -53.18
C VAL C 312 65.90 -20.04 -53.91
N ARG C 313 64.60 -19.82 -53.69
CA ARG C 313 63.56 -20.57 -54.37
C ARG C 313 63.56 -20.23 -55.86
N ASN C 352 41.61 -33.06 -58.55
CA ASN C 352 40.70 -32.65 -57.49
C ASN C 352 39.86 -33.83 -57.05
N ALA C 353 39.14 -33.63 -55.95
CA ALA C 353 38.18 -34.61 -55.45
C ALA C 353 36.94 -33.90 -54.96
N ARG C 354 35.81 -34.59 -55.04
CA ARG C 354 34.55 -34.07 -54.53
C ARG C 354 34.39 -34.53 -53.08
N VAL C 355 34.26 -33.58 -52.17
CA VAL C 355 34.36 -33.82 -50.74
C VAL C 355 33.11 -33.28 -50.06
N PRO C 356 32.41 -34.08 -49.25
CA PRO C 356 31.22 -33.55 -48.57
C PRO C 356 31.59 -32.62 -47.42
N ALA C 357 31.38 -31.32 -47.62
CA ALA C 357 31.64 -30.30 -46.61
C ALA C 357 30.80 -29.09 -46.96
N ASP C 358 30.06 -28.57 -45.99
CA ASP C 358 29.07 -27.53 -46.26
C ASP C 358 29.71 -26.16 -46.46
N LEU C 359 29.15 -25.40 -47.39
CA LEU C 359 29.63 -24.07 -47.75
C LEU C 359 28.50 -23.07 -47.55
N VAL C 360 28.80 -21.97 -46.86
CA VAL C 360 27.84 -20.88 -46.68
C VAL C 360 28.38 -19.64 -47.37
N ILE C 361 27.49 -18.68 -47.59
CA ILE C 361 27.84 -17.41 -48.22
C ILE C 361 27.43 -16.28 -47.29
N VAL C 362 28.39 -15.42 -46.94
CA VAL C 362 28.16 -14.26 -46.09
C VAL C 362 28.65 -13.02 -46.82
N GLY C 363 27.85 -11.97 -46.78
CA GLY C 363 28.16 -10.75 -47.50
C GLY C 363 28.21 -10.97 -48.99
N ASP C 364 29.43 -10.97 -49.54
CA ASP C 364 29.66 -11.34 -50.92
C ASP C 364 30.80 -12.35 -51.05
N LYS C 365 31.13 -13.03 -49.95
CA LYS C 365 32.22 -14.00 -49.92
C LYS C 365 31.68 -15.39 -49.64
N LEU C 366 32.24 -16.38 -50.32
CA LEU C 366 31.88 -17.78 -50.15
C LEU C 366 32.91 -18.44 -49.25
N VAL C 367 32.46 -18.93 -48.10
CA VAL C 367 33.37 -19.44 -47.07
C VAL C 367 32.98 -20.86 -46.69
N PHE C 368 33.96 -21.65 -46.28
CA PHE C 368 33.67 -22.89 -45.58
C PHE C 368 33.14 -22.57 -44.18
N LEU C 369 32.48 -23.54 -43.58
CA LEU C 369 32.02 -23.42 -42.20
C LEU C 369 32.25 -24.77 -41.54
N GLU C 370 33.35 -24.89 -40.80
CA GLU C 370 33.73 -26.14 -40.18
C GLU C 370 33.59 -26.02 -38.66
N ALA C 371 33.10 -27.09 -38.04
CA ALA C 371 32.98 -27.21 -36.60
C ALA C 371 33.60 -28.51 -36.14
N LEU C 372 34.86 -28.70 -36.54
CA LEU C 372 35.53 -30.00 -36.50
C LEU C 372 35.75 -30.43 -35.05
N GLU C 373 34.83 -31.27 -34.58
CA GLU C 373 34.75 -31.77 -33.22
C GLU C 373 34.57 -33.28 -33.24
N ARG C 374 33.96 -33.78 -34.31
CA ARG C 374 33.67 -35.20 -34.41
C ARG C 374 34.79 -35.97 -35.10
N ARG C 375 35.36 -35.38 -36.17
CA ARG C 375 36.46 -36.05 -36.85
C ARG C 375 37.74 -35.98 -36.03
N VAL C 376 37.98 -34.83 -35.40
CA VAL C 376 39.19 -34.58 -34.62
C VAL C 376 38.73 -34.06 -33.26
N TYR C 377 39.54 -34.29 -32.23
CA TYR C 377 39.27 -33.99 -30.82
C TYR C 377 38.11 -34.79 -30.25
N GLN C 378 37.76 -35.92 -30.86
CA GLN C 378 36.76 -36.82 -30.32
C GLN C 378 37.44 -38.11 -29.90
N ALA C 379 37.09 -38.61 -28.72
CA ALA C 379 37.70 -39.79 -28.11
C ALA C 379 39.21 -39.64 -27.97
N THR C 380 39.65 -38.47 -27.50
CA THR C 380 41.04 -38.23 -27.17
C THR C 380 41.11 -37.23 -26.03
N ARG C 381 42.27 -37.17 -25.38
CA ARG C 381 42.40 -36.46 -24.12
C ARG C 381 42.86 -35.02 -24.26
N VAL C 382 42.73 -34.43 -25.44
CA VAL C 382 43.14 -33.05 -25.66
C VAL C 382 41.94 -32.13 -25.50
N ALA C 383 42.16 -30.96 -24.91
CA ALA C 383 41.11 -29.96 -24.81
C ALA C 383 40.95 -29.25 -26.15
N TYR C 384 39.71 -29.08 -26.56
CA TYR C 384 39.43 -28.41 -27.82
C TYR C 384 39.71 -26.93 -27.70
N PRO C 385 40.46 -26.32 -28.63
CA PRO C 385 40.50 -24.86 -28.70
C PRO C 385 39.16 -24.32 -29.16
N LEU C 386 39.06 -22.99 -29.13
CA LEU C 386 37.80 -22.22 -29.20
C LEU C 386 36.89 -22.50 -28.01
N ILE C 387 37.44 -23.02 -26.92
CA ILE C 387 36.73 -23.17 -25.66
C ILE C 387 37.56 -22.37 -24.65
N GLY C 388 38.11 -21.24 -25.10
CA GLY C 388 39.02 -20.49 -24.29
C GLY C 388 38.35 -19.79 -23.12
N ASN C 389 39.18 -19.25 -22.24
CA ASN C 389 38.72 -18.59 -21.03
C ASN C 389 38.96 -17.09 -21.12
N ILE C 390 38.15 -16.32 -20.37
CA ILE C 390 38.37 -14.89 -20.22
C ILE C 390 38.36 -14.54 -18.75
N ASP C 391 38.89 -13.36 -18.43
CA ASP C 391 38.98 -12.87 -17.06
C ASP C 391 38.31 -11.52 -16.96
N ILE C 392 37.43 -11.36 -15.98
CA ILE C 392 36.72 -10.12 -15.73
C ILE C 392 36.89 -9.76 -14.25
N THR C 393 37.31 -8.52 -13.98
CA THR C 393 37.53 -8.04 -12.62
C THR C 393 36.37 -7.16 -12.19
N PHE C 394 35.91 -7.35 -10.96
CA PHE C 394 34.80 -6.61 -10.41
C PHE C 394 35.26 -5.72 -9.25
N ILE C 395 34.67 -4.54 -9.15
CA ILE C 395 35.05 -3.54 -8.16
C ILE C 395 33.80 -3.05 -7.43
N MET C 396 33.92 -2.85 -6.12
CA MET C 396 32.83 -2.51 -5.21
C MET C 396 33.37 -1.70 -4.04
N PRO C 397 32.73 -0.60 -3.67
CA PRO C 397 33.11 0.10 -2.44
C PRO C 397 32.29 -0.35 -1.24
N MET C 398 32.90 -0.27 -0.06
CA MET C 398 32.28 -0.82 1.14
C MET C 398 31.85 0.25 2.15
N GLY C 399 32.79 1.03 2.68
CA GLY C 399 32.46 1.87 3.80
C GLY C 399 32.15 3.31 3.45
N VAL C 400 31.80 3.55 2.19
CA VAL C 400 31.70 4.92 1.69
C VAL C 400 30.45 5.58 2.24
N PHE C 401 30.64 6.70 2.93
CA PHE C 401 29.55 7.48 3.48
C PHE C 401 29.41 8.77 2.67
N GLN C 402 28.17 9.10 2.30
CA GLN C 402 27.89 10.28 1.49
C GLN C 402 28.06 11.53 2.35
N ALA C 403 29.13 12.28 2.09
CA ALA C 403 29.45 13.42 2.92
C ALA C 403 28.51 14.60 2.68
N ASN C 404 28.12 14.81 1.42
CA ASN C 404 27.30 15.97 1.10
C ASN C 404 25.87 15.75 1.59
N SER C 405 25.26 16.81 2.13
CA SER C 405 23.96 16.67 2.76
C SER C 405 22.83 16.52 1.75
N MET C 406 23.03 16.97 0.51
CA MET C 406 21.98 16.89 -0.49
C MET C 406 21.89 15.53 -1.15
N ASP C 407 22.89 14.66 -0.97
CA ASP C 407 22.84 13.33 -1.57
C ASP C 407 22.18 12.30 -0.67
N ARG C 408 21.85 12.66 0.56
CA ARG C 408 21.16 11.75 1.47
C ARG C 408 19.66 12.02 1.40
N TYR C 409 19.07 11.55 0.30
CA TYR C 409 17.70 11.86 -0.07
C TYR C 409 16.89 10.59 -0.28
N THR C 410 15.62 10.64 0.09
CA THR C 410 14.69 9.54 -0.08
C THR C 410 13.58 9.92 -1.06
N ARG C 411 13.12 8.94 -1.83
CA ARG C 411 12.22 9.22 -2.96
C ARG C 411 10.78 9.40 -2.49
N HIS C 412 10.43 8.82 -1.36
CA HIS C 412 9.10 8.99 -0.78
C HIS C 412 9.25 9.21 0.72
N ALA C 413 8.14 9.33 1.42
CA ALA C 413 8.20 9.53 2.87
C ALA C 413 8.56 8.22 3.58
N GLY C 414 7.66 7.23 3.52
CA GLY C 414 7.91 5.95 4.12
C GLY C 414 8.38 4.86 3.18
N ASP C 415 9.57 5.01 2.57
CA ASP C 415 10.06 3.95 1.70
C ASP C 415 10.45 2.70 2.50
N PHE C 416 11.18 2.89 3.59
CA PHE C 416 11.53 1.78 4.49
C PHE C 416 11.41 2.32 5.92
N SER C 417 10.23 2.21 6.49
CA SER C 417 10.04 2.68 7.86
C SER C 417 10.25 1.55 8.85
N THR C 418 10.38 1.91 10.11
CA THR C 418 10.54 0.94 11.19
C THR C 418 9.64 1.37 12.34
N VAL C 419 9.81 0.70 13.48
CA VAL C 419 9.09 1.08 14.70
C VAL C 419 9.98 1.89 15.63
N SER C 420 11.30 1.82 15.47
CA SER C 420 12.21 2.58 16.30
C SER C 420 12.10 4.07 16.00
N GLU C 421 12.32 4.88 17.04
CA GLU C 421 12.20 6.33 16.89
C GLU C 421 13.34 6.92 16.07
N GLN C 422 14.46 6.20 15.96
CA GLN C 422 15.60 6.62 15.15
C GLN C 422 15.78 5.60 14.04
N ASP C 423 15.72 6.05 12.79
CA ASP C 423 15.76 5.15 11.66
C ASP C 423 17.15 4.54 11.50
N PRO C 424 17.31 3.22 11.48
CA PRO C 424 18.63 2.57 11.38
C PRO C 424 19.19 2.55 9.95
N ARG C 425 19.06 3.66 9.25
CA ARG C 425 19.69 3.85 7.94
C ARG C 425 20.42 5.17 7.84
N GLN C 426 20.26 6.07 8.80
CA GLN C 426 21.05 7.29 8.84
C GLN C 426 22.51 6.99 9.18
N PHE C 427 22.76 5.86 9.82
CA PHE C 427 24.09 5.49 10.27
C PHE C 427 24.97 5.14 9.07
N PRO C 428 26.27 5.40 9.14
CA PRO C 428 27.17 5.10 8.03
C PRO C 428 27.23 3.62 7.75
N PRO C 429 27.24 3.22 6.48
CA PRO C 429 27.21 1.80 6.16
C PRO C 429 28.50 1.09 6.53
N GLN C 430 28.38 -0.21 6.74
CA GLN C 430 29.48 -1.00 7.27
C GLN C 430 29.78 -2.26 6.45
N GLY C 431 28.89 -2.66 5.55
CA GLY C 431 29.12 -3.84 4.74
C GLY C 431 28.55 -3.64 3.36
N ILE C 432 28.72 -4.66 2.52
CA ILE C 432 28.17 -4.66 1.17
C ILE C 432 27.58 -6.03 0.87
N PHE C 433 26.44 -6.04 0.18
CA PHE C 433 25.74 -7.25 -0.18
C PHE C 433 25.74 -7.37 -1.70
N PHE C 434 26.11 -8.54 -2.21
CA PHE C 434 26.12 -8.78 -3.65
C PHE C 434 25.58 -10.18 -3.90
N TYR C 435 25.66 -10.62 -5.15
CA TYR C 435 25.09 -11.89 -5.57
C TYR C 435 26.19 -12.84 -6.00
N ASN C 436 26.03 -14.11 -5.67
CA ASN C 436 27.06 -15.12 -5.89
C ASN C 436 26.94 -15.67 -7.31
N LYS C 437 27.67 -16.75 -7.59
CA LYS C 437 27.58 -17.42 -8.88
C LYS C 437 26.21 -18.06 -9.08
N ASP C 438 25.66 -18.64 -8.02
CA ASP C 438 24.39 -19.36 -8.09
C ASP C 438 23.18 -18.48 -7.81
N GLY C 439 23.37 -17.19 -7.56
CA GLY C 439 22.30 -16.33 -7.15
C GLY C 439 22.10 -16.21 -5.66
N ILE C 440 22.96 -16.83 -4.87
CA ILE C 440 22.88 -16.75 -3.41
C ILE C 440 23.35 -15.37 -2.96
N LEU C 441 22.65 -14.79 -2.02
CA LEU C 441 23.06 -13.51 -1.46
C LEU C 441 24.21 -13.71 -0.47
N THR C 442 25.26 -12.93 -0.62
CA THR C 442 26.43 -13.00 0.24
C THR C 442 26.76 -11.62 0.77
N GLN C 443 27.62 -11.58 1.78
CA GLN C 443 27.92 -10.35 2.49
C GLN C 443 29.42 -10.19 2.67
N LEU C 444 29.90 -8.95 2.51
CA LEU C 444 31.27 -8.57 2.84
C LEU C 444 31.23 -7.43 3.84
N THR C 445 31.64 -7.70 5.08
CA THR C 445 31.71 -6.67 6.10
C THR C 445 33.15 -6.23 6.34
N LEU C 446 33.32 -5.26 7.23
CA LEU C 446 34.66 -4.70 7.48
C LEU C 446 35.54 -5.67 8.23
N ARG C 447 34.97 -6.70 8.85
CA ARG C 447 35.78 -7.71 9.53
C ARG C 447 36.62 -8.51 8.53
N ASP C 448 36.22 -8.54 7.27
CA ASP C 448 36.98 -9.24 6.24
C ASP C 448 38.23 -8.49 5.81
N ALA C 449 38.33 -7.19 6.10
CA ALA C 449 39.52 -6.42 5.77
C ALA C 449 40.59 -6.52 6.84
N MET C 450 40.33 -7.29 7.90
CA MET C 450 41.29 -7.48 8.97
C MET C 450 42.53 -8.21 8.51
N GLY C 451 42.41 -9.07 7.50
CA GLY C 451 43.58 -9.73 6.96
C GLY C 451 44.52 -8.84 6.18
N THR C 452 44.05 -7.66 5.78
CA THR C 452 44.85 -6.72 5.01
C THR C 452 45.31 -5.52 5.80
N ILE C 453 44.42 -4.84 6.52
CA ILE C 453 44.82 -3.59 7.17
C ILE C 453 45.47 -3.83 8.53
N CYS C 454 45.23 -4.98 9.16
CA CYS C 454 45.82 -5.27 10.47
C CYS C 454 47.12 -6.04 10.34
N HIS C 455 47.89 -5.77 9.30
CA HIS C 455 49.20 -6.38 9.11
C HIS C 455 50.28 -5.40 9.54
N SER C 456 51.52 -5.89 9.59
CA SER C 456 52.66 -5.02 9.85
C SER C 456 53.00 -4.14 8.66
N SER C 457 52.40 -4.40 7.49
CA SER C 457 52.68 -3.61 6.30
C SER C 457 52.09 -2.21 6.35
N LEU C 458 51.21 -1.92 7.31
CA LEU C 458 50.72 -0.56 7.50
C LEU C 458 51.84 0.37 7.98
N LEU C 459 52.85 -0.18 8.65
CA LEU C 459 53.87 0.63 9.32
C LEU C 459 55.23 0.39 8.66
N ASP C 460 55.27 0.47 7.34
CA ASP C 460 56.48 0.22 6.57
C ASP C 460 56.93 1.53 5.96
N VAL C 461 56.93 2.59 6.80
CA VAL C 461 57.07 3.95 6.35
C VAL C 461 58.52 4.31 6.01
N GLU C 462 59.49 3.45 6.33
CA GLU C 462 60.89 3.81 6.20
C GLU C 462 61.29 4.01 4.74
N ALA C 463 60.83 3.13 3.85
CA ALA C 463 61.13 3.28 2.43
C ALA C 463 60.46 4.52 1.85
N THR C 464 59.25 4.84 2.33
CA THR C 464 58.56 6.04 1.89
C THR C 464 59.33 7.29 2.29
N LEU C 465 59.85 7.32 3.52
CA LEU C 465 60.65 8.45 3.97
C LEU C 465 61.96 8.56 3.19
N VAL C 466 62.58 7.42 2.89
CA VAL C 466 63.82 7.42 2.11
C VAL C 466 63.56 7.98 0.72
N ALA C 467 62.43 7.62 0.12
CA ALA C 467 62.10 8.14 -1.21
C ALA C 467 61.71 9.60 -1.18
N LEU C 468 61.04 10.06 -0.10
CA LEU C 468 60.65 11.46 -0.03
C LEU C 468 61.83 12.37 0.30
N ARG C 469 62.87 11.82 0.94
CA ARG C 469 63.99 12.66 1.34
C ARG C 469 64.86 13.12 0.16
N GLN C 470 64.64 12.57 -1.03
CA GLN C 470 65.46 12.87 -2.20
C GLN C 470 64.78 13.83 -3.17
N GLN C 471 64.04 14.81 -2.66
CA GLN C 471 63.31 15.74 -3.53
C GLN C 471 63.64 17.18 -3.15
N HIS C 472 62.93 18.11 -3.80
CA HIS C 472 63.16 19.54 -3.62
C HIS C 472 62.36 20.02 -2.42
N LEU C 473 63.06 20.31 -1.33
CA LEU C 473 62.44 20.77 -0.09
C LEU C 473 62.87 22.19 0.20
N ASP C 474 61.90 23.09 0.38
CA ASP C 474 62.17 24.48 0.66
C ASP C 474 62.16 24.76 2.16
N ARG C 475 62.69 25.92 2.53
CA ARG C 475 62.77 26.31 3.94
C ARG C 475 61.38 26.74 4.42
N GLN C 476 60.61 25.79 4.90
CA GLN C 476 59.29 26.04 5.45
C GLN C 476 59.40 26.15 6.96
N CYS C 477 58.59 27.05 7.54
CA CYS C 477 58.83 27.51 8.90
C CYS C 477 58.51 26.42 9.93
N TYR C 478 59.21 26.49 11.05
CA TYR C 478 59.26 25.38 11.98
C TYR C 478 58.39 25.60 13.21
N PHE C 479 57.26 26.29 13.07
CA PHE C 479 56.44 26.52 14.25
C PHE C 479 55.70 25.26 14.70
N GLY C 480 55.07 24.55 13.77
CA GLY C 480 54.22 23.44 14.11
C GLY C 480 54.89 22.10 14.27
N VAL C 481 56.22 22.02 14.07
CA VAL C 481 56.92 20.74 14.06
C VAL C 481 58.09 20.70 15.02
N TYR C 482 58.32 21.74 15.81
CA TYR C 482 59.51 21.83 16.65
C TYR C 482 59.14 21.89 18.13
N VAL C 483 59.97 21.26 18.96
CA VAL C 483 59.77 21.19 20.40
C VAL C 483 61.00 21.78 21.08
N ALA C 484 60.78 22.53 22.17
CA ALA C 484 61.87 23.14 22.92
C ALA C 484 61.80 22.70 24.39
N GLU C 485 62.65 23.30 25.23
CA GLU C 485 62.61 23.08 26.66
C GLU C 485 62.44 24.39 27.40
N GLY C 486 62.04 24.29 28.66
CA GLY C 486 61.90 25.48 29.48
C GLY C 486 63.23 26.02 29.94
N THR C 487 63.24 27.31 30.29
CA THR C 487 64.45 28.01 30.65
C THR C 487 64.50 28.34 32.15
N GLU C 488 63.88 27.47 32.96
CA GLU C 488 63.86 27.58 34.42
C GLU C 488 63.32 28.93 34.90
N ASP C 489 62.26 29.38 34.24
CA ASP C 489 61.72 30.71 34.48
C ASP C 489 60.30 30.60 35.04
N THR C 490 59.63 31.74 35.17
CA THR C 490 58.37 31.84 35.88
C THR C 490 57.16 31.78 34.96
N LEU C 491 57.30 31.22 33.76
CA LEU C 491 56.22 30.94 32.81
C LEU C 491 55.53 32.20 32.26
N ASP C 492 55.96 33.38 32.70
CA ASP C 492 55.44 34.62 32.14
C ASP C 492 56.45 35.22 31.17
N VAL C 493 57.72 35.27 31.59
CA VAL C 493 58.76 35.80 30.72
C VAL C 493 59.02 34.85 29.56
N GLN C 494 58.79 33.54 29.76
CA GLN C 494 58.88 32.60 28.65
C GLN C 494 57.78 32.84 27.62
N MET C 495 56.56 33.13 28.09
CA MET C 495 55.47 33.43 27.17
C MET C 495 55.73 34.75 26.43
N GLY C 496 56.29 35.74 27.12
CA GLY C 496 56.63 36.99 26.45
C GLY C 496 57.71 36.81 25.40
N ARG C 497 58.73 36.00 25.72
CA ARG C 497 59.78 35.70 24.76
C ARG C 497 59.24 34.95 23.55
N PHE C 498 58.33 34.00 23.78
CA PHE C 498 57.69 33.30 22.66
C PHE C 498 56.85 34.25 21.83
N MET C 499 56.17 35.21 22.47
CA MET C 499 55.36 36.16 21.71
C MET C 499 56.24 37.03 20.81
N GLU C 500 57.35 37.55 21.35
CA GLU C 500 58.17 38.43 20.53
C GLU C 500 58.99 37.65 19.50
N THR C 501 59.18 36.35 19.74
CA THR C 501 59.79 35.52 18.70
C THR C 501 58.79 35.20 17.59
N TRP C 502 57.57 34.79 17.97
CA TRP C 502 56.51 34.42 17.03
C TRP C 502 55.97 35.61 16.26
N ALA C 503 56.23 36.83 16.72
CA ALA C 503 55.81 38.02 16.00
C ALA C 503 56.46 38.11 14.61
N ASP C 504 57.69 37.66 14.48
CA ASP C 504 58.36 37.63 13.19
C ASP C 504 58.82 36.24 12.76
N MET C 505 58.45 35.19 13.50
CA MET C 505 58.85 33.85 13.11
C MET C 505 58.07 33.36 11.90
N MET C 506 56.81 33.76 11.79
CA MET C 506 55.93 33.26 10.75
C MET C 506 55.85 34.24 9.59
N PRO C 507 56.35 33.88 8.41
CA PRO C 507 56.19 34.74 7.23
C PRO C 507 55.00 34.38 6.35
N HIS C 508 54.31 33.27 6.60
CA HIS C 508 53.25 32.81 5.71
C HIS C 508 52.24 32.00 6.51
N HIS C 509 51.34 31.30 5.79
CA HIS C 509 50.24 30.48 6.29
C HIS C 509 50.72 29.05 6.51
N PRO C 510 50.60 28.51 7.71
CA PRO C 510 51.00 27.12 7.95
C PRO C 510 50.12 26.16 7.16
N HIS C 511 50.71 25.05 6.75
CA HIS C 511 50.02 24.08 5.93
C HIS C 511 49.09 23.19 6.73
N TRP C 512 49.19 23.18 8.06
CA TRP C 512 48.37 22.33 8.89
C TRP C 512 47.19 23.05 9.51
N VAL C 513 46.95 24.31 9.13
CA VAL C 513 45.83 25.07 9.66
C VAL C 513 44.63 25.04 8.73
N ASN C 514 44.83 25.17 7.41
CA ASN C 514 43.73 25.29 6.46
C ASN C 514 43.01 23.95 6.28
N GLU C 515 42.16 23.65 7.26
CA GLU C 515 41.28 22.49 7.18
C GLU C 515 39.91 22.85 6.62
N HIS C 516 39.69 24.11 6.27
CA HIS C 516 38.42 24.54 5.70
C HIS C 516 38.24 24.08 4.27
N LEU C 517 39.26 23.48 3.65
CA LEU C 517 39.13 22.95 2.31
C LEU C 517 38.14 21.81 2.26
N THR C 518 37.34 21.77 1.19
CA THR C 518 36.49 20.62 0.96
C THR C 518 37.29 19.54 0.25
N ILE C 519 36.62 18.41 -0.05
CA ILE C 519 37.30 17.30 -0.70
C ILE C 519 37.73 17.67 -2.12
N LEU C 520 36.93 18.50 -2.81
CA LEU C 520 37.23 18.82 -4.20
C LEU C 520 38.46 19.72 -4.31
N GLN C 521 38.71 20.55 -3.31
CA GLN C 521 39.91 21.38 -3.35
C GLN C 521 41.12 20.68 -2.78
N PHE C 522 40.94 19.80 -1.78
CA PHE C 522 42.05 19.04 -1.24
C PHE C 522 42.60 18.05 -2.26
N ILE C 523 41.69 17.39 -2.98
CA ILE C 523 42.08 16.43 -4.00
C ILE C 523 42.72 17.12 -5.21
N ALA C 524 42.38 18.39 -5.45
CA ALA C 524 42.82 19.12 -6.64
C ALA C 524 44.33 19.25 -6.68
N PRO C 525 44.93 19.19 -7.88
CA PRO C 525 46.40 19.06 -7.97
C PRO C 525 47.16 20.30 -7.58
N SER C 526 46.50 21.45 -7.42
CA SER C 526 47.21 22.64 -6.98
C SER C 526 47.47 22.65 -5.48
N ASN C 527 46.93 21.69 -4.75
CA ASN C 527 47.16 21.60 -3.31
C ASN C 527 48.61 21.19 -3.04
N PRO C 528 49.38 21.97 -2.27
CA PRO C 528 50.76 21.57 -1.97
C PRO C 528 50.88 20.51 -0.89
N ARG C 529 49.80 20.16 -0.21
CA ARG C 529 49.84 19.15 0.84
C ARG C 529 49.49 17.76 0.32
N LEU C 530 49.04 17.65 -0.94
CA LEU C 530 48.63 16.36 -1.48
C LEU C 530 49.80 15.40 -1.62
N ARG C 531 50.99 15.92 -1.90
CA ARG C 531 52.16 15.08 -2.07
C ARG C 531 52.74 14.58 -0.75
N PHE C 532 52.18 14.98 0.39
CA PHE C 532 52.63 14.53 1.69
C PHE C 532 51.61 13.63 2.39
N GLU C 533 50.49 13.33 1.73
CA GLU C 533 49.44 12.49 2.30
C GLU C 533 49.53 11.13 1.62
N LEU C 534 50.24 10.19 2.26
CA LEU C 534 50.50 8.90 1.65
C LEU C 534 49.95 7.74 2.46
N ASN C 535 50.28 7.66 3.75
CA ASN C 535 49.87 6.56 4.59
C ASN C 535 48.73 7.03 5.49
N PRO C 536 47.66 6.24 5.67
CA PRO C 536 46.53 6.72 6.48
C PRO C 536 46.84 6.93 7.96
N ALA C 537 47.90 6.33 8.49
CA ALA C 537 48.24 6.49 9.90
C ALA C 537 49.55 7.23 10.13
N PHE C 538 50.00 8.03 9.16
CA PHE C 538 51.23 8.79 9.32
C PHE C 538 51.04 10.20 8.77
N ASP C 539 51.54 11.18 9.52
CA ASP C 539 51.59 12.57 9.08
C ASP C 539 53.01 12.90 8.64
N PHE C 540 53.15 13.37 7.41
CA PHE C 540 54.44 13.71 6.85
C PHE C 540 54.59 15.23 6.80
N PHE C 541 55.68 15.74 7.33
CA PHE C 541 55.91 17.17 7.36
C PHE C 541 57.37 17.46 7.08
N VAL C 542 57.65 18.71 6.75
CA VAL C 542 59.03 19.19 6.59
C VAL C 542 59.55 19.52 7.98
N ALA C 543 60.66 18.90 8.36
CA ALA C 543 61.21 19.05 9.70
C ALA C 543 62.62 19.58 9.62
N PRO C 544 63.09 20.26 10.67
CA PRO C 544 64.51 20.65 10.71
C PRO C 544 65.40 19.42 10.80
N GLY C 545 66.29 19.28 9.82
CA GLY C 545 67.13 18.11 9.73
C GLY C 545 68.26 18.12 10.74
N ASP C 546 68.61 16.91 11.20
CA ASP C 546 69.74 16.66 12.10
C ASP C 546 69.63 17.46 13.40
N VAL C 547 68.41 17.53 13.92
CA VAL C 547 68.14 18.16 15.21
C VAL C 547 67.48 17.13 16.11
N ASP C 548 68.03 16.95 17.31
CA ASP C 548 67.48 16.01 18.29
C ASP C 548 66.39 16.72 19.08
N LEU C 549 65.19 16.18 19.05
CA LEU C 549 64.10 16.76 19.81
C LEU C 549 64.12 16.24 21.25
N PRO C 550 63.91 17.11 22.24
CA PRO C 550 63.73 18.56 22.09
C PRO C 550 65.07 19.30 21.99
N GLY C 551 65.06 20.45 21.32
CA GLY C 551 66.25 21.26 21.19
C GLY C 551 66.09 22.57 21.94
N PRO C 552 67.03 23.50 21.73
CA PRO C 552 66.96 24.78 22.44
C PRO C 552 65.82 25.65 21.93
N GLN C 553 65.70 26.82 22.58
CA GLN C 553 64.59 27.73 22.29
C GLN C 553 64.68 28.26 20.85
N ARG C 554 65.88 28.63 20.42
CA ARG C 554 66.07 29.10 19.05
C ARG C 554 66.23 27.91 18.13
N PRO C 555 65.42 27.77 17.08
CA PRO C 555 65.59 26.66 16.14
C PRO C 555 66.88 26.82 15.35
N PRO C 556 67.78 25.85 15.43
CA PRO C 556 69.04 25.94 14.67
C PRO C 556 68.81 25.83 13.18
N GLU C 557 69.67 26.50 12.42
CA GLU C 557 69.56 26.54 10.96
C GLU C 557 70.19 25.28 10.37
N ALA C 558 69.40 24.55 9.58
CA ALA C 558 69.88 23.32 8.98
C ALA C 558 69.10 23.08 7.69
N MET C 559 69.63 22.16 6.88
CA MET C 559 68.96 21.81 5.64
C MET C 559 67.71 21.01 5.95
N PRO C 560 66.54 21.41 5.46
CA PRO C 560 65.30 20.78 5.89
C PRO C 560 65.12 19.39 5.31
N THR C 561 64.62 18.49 6.16
CA THR C 561 64.33 17.11 5.78
C THR C 561 62.86 16.84 6.04
N VAL C 562 62.41 15.63 5.67
CA VAL C 562 61.04 15.21 5.88
C VAL C 562 61.02 14.12 6.94
N ASN C 563 60.10 14.24 7.88
CA ASN C 563 59.92 13.27 8.95
C ASN C 563 58.47 12.82 8.98
N ALA C 564 58.22 11.72 9.67
CA ALA C 564 56.88 11.17 9.78
C ALA C 564 56.54 10.93 11.24
N THR C 565 55.28 11.14 11.59
CA THR C 565 54.79 10.93 12.94
C THR C 565 53.48 10.14 12.86
N LEU C 566 53.34 9.20 13.79
CA LEU C 566 52.21 8.28 13.81
C LEU C 566 50.93 9.03 14.16
N ARG C 567 49.89 8.82 13.37
CA ARG C 567 48.56 9.37 13.66
C ARG C 567 47.94 8.50 14.74
N ILE C 568 48.04 8.96 15.99
CA ILE C 568 47.60 8.15 17.12
C ILE C 568 46.08 8.03 17.14
N ILE C 569 45.40 9.13 16.89
CA ILE C 569 43.95 9.16 16.90
C ILE C 569 43.48 8.86 15.48
N ASN C 570 42.27 8.31 15.33
CA ASN C 570 41.70 8.23 13.99
C ASN C 570 40.84 9.43 13.66
N GLY C 571 40.69 10.37 14.59
CA GLY C 571 40.15 11.68 14.30
C GLY C 571 41.17 12.69 13.83
N ASN C 572 42.45 12.33 13.88
CA ASN C 572 43.54 13.17 13.37
C ASN C 572 43.67 13.09 11.85
N ILE C 573 42.92 12.21 11.20
CA ILE C 573 42.80 12.26 9.74
C ILE C 573 42.16 13.59 9.37
N PRO C 574 42.72 14.34 8.40
CA PRO C 574 42.24 15.71 8.15
C PRO C 574 40.79 15.75 7.70
N VAL C 575 40.12 16.83 8.07
CA VAL C 575 38.70 17.06 7.86
C VAL C 575 38.25 16.90 6.41
N PRO C 576 38.99 17.35 5.38
CA PRO C 576 38.55 17.01 4.02
C PRO C 576 38.54 15.52 3.70
N LEU C 577 39.30 14.69 4.42
CA LEU C 577 39.26 13.25 4.18
C LEU C 577 38.22 12.53 5.02
N CYS C 578 38.15 12.84 6.33
CA CYS C 578 37.15 12.29 7.22
C CYS C 578 36.30 13.43 7.74
N PRO C 579 35.13 13.69 7.16
CA PRO C 579 34.44 14.98 7.37
C PRO C 579 33.79 15.13 8.72
N ILE C 580 33.10 16.24 8.91
CA ILE C 580 32.38 16.49 10.16
C ILE C 580 31.03 15.79 10.16
N SER C 581 30.36 15.75 9.01
CA SER C 581 29.05 15.10 8.93
C SER C 581 29.14 13.61 9.18
N PHE C 582 30.20 12.97 8.65
CA PHE C 582 30.41 11.55 8.92
C PHE C 582 30.69 11.29 10.38
N ARG C 583 31.50 12.15 11.01
CA ARG C 583 31.77 11.99 12.43
C ARG C 583 30.51 12.16 13.27
N ASP C 584 29.65 13.10 12.87
CA ASP C 584 28.42 13.31 13.62
C ASP C 584 27.43 12.17 13.43
N CYS C 585 27.37 11.58 12.24
CA CYS C 585 26.49 10.43 12.05
C CYS C 585 27.03 9.19 12.77
N ARG C 586 28.35 9.04 12.83
CA ARG C 586 28.92 7.97 13.65
C ARG C 586 28.63 8.21 15.13
N GLY C 587 28.65 9.47 15.55
CA GLY C 587 28.34 9.78 16.94
C GLY C 587 26.89 9.52 17.29
N THR C 588 25.97 9.80 16.36
CA THR C 588 24.58 9.51 16.66
C THR C 588 24.27 8.03 16.45
N GLN C 589 25.19 7.30 15.82
CA GLN C 589 25.09 5.84 15.87
C GLN C 589 25.54 5.31 17.23
N LEU C 590 26.60 5.89 17.80
CA LEU C 590 27.09 5.43 19.10
C LEU C 590 26.08 5.74 20.21
N GLY C 591 25.62 6.98 20.29
CA GLY C 591 24.72 7.39 21.34
C GLY C 591 23.28 7.09 21.05
N LEU C 592 22.96 5.81 20.85
CA LEU C 592 21.60 5.44 20.45
C LEU C 592 20.71 5.23 21.67
N GLY C 593 21.09 4.31 22.56
CA GLY C 593 20.35 4.07 23.77
C GLY C 593 21.04 4.54 25.05
N ARG C 594 22.10 5.32 24.94
CA ARG C 594 22.89 5.65 26.12
C ARG C 594 22.32 6.88 26.82
N HIS C 595 22.94 7.23 27.94
CA HIS C 595 22.44 8.30 28.79
C HIS C 595 22.64 9.66 28.13
N THR C 596 21.65 10.53 28.27
CA THR C 596 21.69 11.88 27.73
C THR C 596 21.26 12.87 28.79
N MET C 597 21.75 14.10 28.66
CA MET C 597 21.41 15.14 29.61
C MET C 597 20.00 15.65 29.36
N THR C 598 19.30 16.00 30.43
CA THR C 598 18.04 16.71 30.30
C THR C 598 18.30 18.11 29.73
N PRO C 599 17.33 18.69 29.02
CA PRO C 599 17.55 20.03 28.45
C PRO C 599 17.77 21.13 29.49
N ALA C 600 17.32 20.94 30.73
CA ALA C 600 17.57 21.94 31.77
C ALA C 600 19.06 22.05 32.08
N THR C 601 19.75 20.91 32.18
CA THR C 601 21.19 20.94 32.46
C THR C 601 21.96 21.51 31.29
N ILE C 602 21.54 21.19 30.06
CA ILE C 602 22.19 21.70 28.87
C ILE C 602 22.06 23.22 28.81
N LYS C 603 20.85 23.72 29.08
CA LYS C 603 20.61 25.17 29.09
C LYS C 603 21.42 25.86 30.18
N ALA C 604 21.46 25.28 31.39
CA ALA C 604 22.18 25.90 32.50
C ALA C 604 23.68 25.94 32.26
N VAL C 605 24.26 24.83 31.81
CA VAL C 605 25.70 24.78 31.60
C VAL C 605 26.11 25.63 30.39
N LYS C 606 25.29 25.65 29.34
CA LYS C 606 25.58 26.53 28.21
C LYS C 606 25.50 28.00 28.62
N ASP C 607 24.54 28.34 29.48
CA ASP C 607 24.44 29.71 29.98
C ASP C 607 25.65 30.09 30.82
N THR C 608 26.12 29.17 31.68
CA THR C 608 27.26 29.52 32.50
C THR C 608 28.58 29.43 31.73
N PHE C 609 28.60 28.79 30.57
CA PHE C 609 29.77 28.78 29.71
C PHE C 609 29.84 29.99 28.80
N GLU C 610 28.69 30.53 28.40
CA GLU C 610 28.66 31.75 27.59
C GLU C 610 28.61 33.01 28.44
N ASP C 611 28.68 32.88 29.76
CA ASP C 611 28.60 34.04 30.65
C ASP C 611 29.95 34.75 30.65
N ARG C 612 29.97 35.96 30.08
CA ARG C 612 31.16 36.80 30.14
C ARG C 612 31.26 37.58 31.43
N ALA C 613 30.17 37.65 32.20
CA ALA C 613 30.19 38.30 33.50
C ALA C 613 30.42 37.32 34.63
N TYR C 614 31.13 36.22 34.37
CA TYR C 614 31.46 35.24 35.39
C TYR C 614 32.36 35.86 36.43
N PRO C 615 32.00 35.80 37.71
CA PRO C 615 32.81 36.47 38.73
C PRO C 615 34.16 35.83 38.91
N THR C 616 35.15 36.65 39.26
CA THR C 616 36.50 36.15 39.48
C THR C 616 36.69 35.57 40.87
N ILE C 617 35.66 35.62 41.71
CA ILE C 617 35.70 34.94 43.00
C ILE C 617 35.91 33.45 42.80
N PHE C 618 35.18 32.86 41.84
CA PHE C 618 35.29 31.44 41.59
C PHE C 618 36.67 31.07 41.07
N TYR C 619 37.26 31.92 40.23
CA TYR C 619 38.58 31.65 39.67
C TYR C 619 39.65 31.74 40.75
N MET C 620 39.62 32.81 41.56
CA MET C 620 40.54 32.96 42.67
C MET C 620 40.39 31.83 43.68
N LEU C 621 39.16 31.47 44.02
CA LEU C 621 38.93 30.50 45.07
C LEU C 621 39.24 29.09 44.60
N GLU C 622 38.97 28.78 43.33
CA GLU C 622 39.35 27.49 42.79
C GLU C 622 40.86 27.39 42.60
N ALA C 623 41.53 28.52 42.37
CA ALA C 623 42.98 28.49 42.30
C ALA C 623 43.60 28.28 43.67
N VAL C 624 43.04 28.91 44.71
CA VAL C 624 43.69 28.87 46.01
C VAL C 624 43.32 27.61 46.77
N ILE C 625 42.16 27.02 46.44
CA ILE C 625 41.84 25.69 46.94
C ILE C 625 42.75 24.67 46.28
N HIS C 626 43.01 24.84 44.99
CA HIS C 626 43.92 24.03 44.14
C HIS C 626 43.61 22.54 44.21
N GLY C 627 42.34 22.21 44.31
CA GLY C 627 41.90 20.82 44.17
C GLY C 627 42.37 19.90 45.27
N ASN C 628 42.28 20.35 46.52
CA ASN C 628 42.64 19.54 47.67
C ASN C 628 41.37 19.15 48.41
N GLU C 629 41.26 17.87 48.79
CA GLU C 629 40.10 17.42 49.53
C GLU C 629 40.04 18.05 50.90
N ARG C 630 41.20 18.23 51.54
CA ARG C 630 41.28 18.88 52.84
C ARG C 630 40.85 20.34 52.77
N ASN C 631 41.20 21.04 51.70
CA ASN C 631 40.82 22.44 51.57
C ASN C 631 39.34 22.56 51.23
N PHE C 632 38.81 21.60 50.46
CA PHE C 632 37.40 21.65 50.07
C PHE C 632 36.49 21.36 51.25
N CYS C 633 36.80 20.31 52.02
CA CYS C 633 35.92 19.91 53.12
C CYS C 633 35.87 20.92 54.24
N ALA C 634 36.93 21.72 54.41
CA ALA C 634 36.98 22.74 55.44
C ALA C 634 36.25 24.02 55.06
N LEU C 635 36.00 24.26 53.77
CA LEU C 635 35.30 25.44 53.30
C LEU C 635 33.89 25.12 52.80
N LEU C 636 33.14 24.29 53.52
CA LEU C 636 31.85 23.88 53.01
C LEU C 636 30.80 24.98 53.15
N ARG C 637 30.88 25.77 54.23
CA ARG C 637 29.89 26.82 54.44
C ARG C 637 30.04 27.94 53.43
N LEU C 638 31.27 28.40 53.21
CA LEU C 638 31.51 29.49 52.26
C LEU C 638 31.13 29.07 50.86
N LEU C 639 31.48 27.84 50.47
CA LEU C 639 31.15 27.38 49.13
C LEU C 639 29.65 27.14 48.98
N THR C 640 28.99 26.68 50.03
CA THR C 640 27.54 26.52 49.98
C THR C 640 26.84 27.85 49.78
N GLN C 641 27.23 28.86 50.56
CA GLN C 641 26.64 30.19 50.39
C GLN C 641 26.98 30.79 49.04
N CYS C 642 28.18 30.51 48.54
CA CYS C 642 28.61 31.09 47.26
C CYS C 642 27.83 30.49 46.10
N ILE C 643 27.66 29.16 46.09
CA ILE C 643 26.90 28.51 45.03
C ILE C 643 25.42 28.86 45.13
N ARG C 644 24.87 28.94 46.34
CA ARG C 644 23.48 29.32 46.49
C ARG C 644 23.24 30.76 46.06
N GLY C 645 24.18 31.65 46.36
CA GLY C 645 24.05 33.03 45.93
C GLY C 645 24.16 33.19 44.43
N TYR C 646 25.06 32.44 43.80
CA TYR C 646 25.19 32.51 42.35
C TYR C 646 24.05 31.83 41.61
N TRP C 647 23.43 30.82 42.22
CA TRP C 647 22.37 30.10 41.52
C TRP C 647 21.07 30.91 41.50
N GLU C 648 20.49 31.20 42.66
CA GLU C 648 19.20 31.87 42.66
C GLU C 648 19.32 33.39 42.51
N GLN C 649 20.16 33.81 41.57
CA GLN C 649 20.15 35.17 41.05
C GLN C 649 20.32 35.23 39.55
N SER C 650 20.88 34.21 38.90
CA SER C 650 20.93 34.14 37.45
C SER C 650 20.70 32.75 36.89
N HIS C 651 20.42 31.74 37.73
CA HIS C 651 20.17 30.35 37.33
C HIS C 651 21.31 29.78 36.50
N ARG C 652 22.54 30.03 36.94
CA ARG C 652 23.72 29.52 36.28
C ARG C 652 24.54 28.72 37.28
N VAL C 653 25.13 27.64 36.80
CA VAL C 653 25.84 26.68 37.64
C VAL C 653 27.29 27.11 37.74
N ALA C 654 27.79 27.22 38.97
CA ALA C 654 29.14 27.66 39.25
C ALA C 654 30.09 26.47 39.36
N PHE C 655 31.39 26.78 39.38
CA PHE C 655 32.47 25.83 39.65
C PHE C 655 32.52 24.69 38.64
N VAL C 656 32.31 25.00 37.36
CA VAL C 656 32.28 23.97 36.33
C VAL C 656 33.63 23.85 35.60
N ASN C 657 34.51 24.86 35.72
CA ASN C 657 35.80 24.82 35.05
C ASN C 657 36.68 23.68 35.55
N ASN C 658 36.61 23.39 36.85
CA ASN C 658 37.53 22.45 37.47
C ASN C 658 36.87 21.10 37.66
N PHE C 659 37.59 20.04 37.32
CA PHE C 659 37.05 18.71 37.55
C PHE C 659 37.10 18.35 39.03
N HIS C 660 38.10 18.83 39.77
CA HIS C 660 38.13 18.53 41.19
C HIS C 660 37.30 19.51 42.01
N MET C 661 36.14 19.91 41.51
CA MET C 661 35.08 20.62 42.19
C MET C 661 33.76 19.87 42.13
N LEU C 662 33.37 19.35 40.97
CA LEU C 662 32.06 18.73 40.89
C LEU C 662 32.08 17.33 41.49
N MET C 663 33.24 16.66 41.50
CA MET C 663 33.36 15.42 42.28
C MET C 663 33.13 15.70 43.76
N TYR C 664 33.83 16.69 44.31
CA TYR C 664 33.69 17.01 45.72
C TYR C 664 32.31 17.55 46.03
N ILE C 665 31.70 18.29 45.09
CA ILE C 665 30.37 18.82 45.30
C ILE C 665 29.34 17.69 45.33
N THR C 666 29.41 16.76 44.37
CA THR C 666 28.44 15.66 44.35
C THR C 666 28.67 14.68 45.49
N THR C 667 29.87 14.64 46.08
CA THR C 667 30.04 13.77 47.24
C THR C 667 29.61 14.45 48.54
N TYR C 668 30.07 15.67 48.80
CA TYR C 668 29.79 16.32 50.08
C TYR C 668 28.56 17.24 50.03
N LEU C 669 28.50 18.16 49.07
CA LEU C 669 27.37 19.06 48.97
C LEU C 669 26.25 18.47 48.11
N GLY C 670 25.83 17.25 48.44
CA GLY C 670 24.85 16.58 47.64
C GLY C 670 23.67 16.05 48.43
N ASN C 671 23.74 16.17 49.74
CA ASN C 671 22.70 15.61 50.60
C ASN C 671 21.60 16.59 50.94
N GLY C 672 21.68 17.83 50.44
CA GLY C 672 20.60 18.77 50.68
C GLY C 672 21.04 20.18 51.05
N GLU C 673 22.35 20.42 51.07
CA GLU C 673 22.84 21.77 51.33
C GLU C 673 22.50 22.69 50.16
N LEU C 674 22.70 22.24 48.96
CA LEU C 674 22.31 22.94 47.76
C LEU C 674 20.82 22.73 47.50
N PRO C 675 20.18 23.59 46.70
CA PRO C 675 18.78 23.35 46.35
C PRO C 675 18.59 22.11 45.49
N GLU C 676 17.33 21.80 45.21
CA GLU C 676 16.97 20.57 44.51
C GLU C 676 17.48 20.53 43.09
N VAL C 677 17.50 21.66 42.38
CA VAL C 677 17.78 21.65 40.96
C VAL C 677 19.28 21.59 40.68
N CYS C 678 20.10 22.24 41.51
CA CYS C 678 21.52 22.40 41.21
C CYS C 678 22.27 21.07 41.28
N ILE C 679 22.03 20.31 42.34
CA ILE C 679 22.74 19.06 42.53
C ILE C 679 22.30 18.03 41.48
N ASN C 680 21.09 18.19 40.94
CA ASN C 680 20.69 17.35 39.81
C ASN C 680 21.49 17.69 38.57
N ILE C 681 21.83 18.96 38.37
CA ILE C 681 22.65 19.35 37.23
C ILE C 681 24.06 18.78 37.36
N TYR C 682 24.63 18.89 38.56
CA TYR C 682 25.96 18.32 38.79
C TYR C 682 25.95 16.80 38.63
N ARG C 683 24.91 16.14 39.13
CA ARG C 683 24.80 14.69 39.00
C ARG C 683 24.57 14.27 37.56
N ASP C 684 23.86 15.09 36.77
CA ASP C 684 23.68 14.75 35.36
C ASP C 684 24.98 14.87 34.58
N LEU C 685 25.78 15.90 34.88
CA LEU C 685 27.10 16.00 34.25
C LEU C 685 27.98 14.81 34.60
N LEU C 686 28.02 14.45 35.89
CA LEU C 686 28.83 13.32 36.31
C LEU C 686 28.34 12.00 35.72
N GLN C 687 27.02 11.83 35.63
CA GLN C 687 26.48 10.59 35.09
C GLN C 687 26.72 10.50 33.59
N HIS C 688 26.74 11.64 32.90
CA HIS C 688 27.10 11.59 31.48
C HIS C 688 28.56 11.22 31.29
N VAL C 689 29.45 11.70 32.17
CA VAL C 689 30.85 11.30 32.11
C VAL C 689 30.98 9.79 32.34
N ARG C 690 30.24 9.27 33.31
CA ARG C 690 30.24 7.83 33.57
C ARG C 690 29.68 7.04 32.40
N ALA C 691 28.66 7.55 31.73
CA ALA C 691 28.10 6.86 30.58
C ALA C 691 29.09 6.84 29.42
N LEU C 692 29.86 7.91 29.24
CA LEU C 692 30.92 7.91 28.24
C LEU C 692 31.98 6.86 28.53
N ARG C 693 32.37 6.75 29.81
CA ARG C 693 33.35 5.73 30.19
C ARG C 693 32.82 4.32 29.95
N GLN C 694 31.53 4.11 30.27
CA GLN C 694 30.92 2.81 30.00
C GLN C 694 30.83 2.52 28.51
N THR C 695 30.63 3.56 27.69
CA THR C 695 30.63 3.37 26.24
C THR C 695 32.01 2.95 25.73
N ILE C 696 33.07 3.55 26.29
CA ILE C 696 34.42 3.15 25.92
C ILE C 696 34.68 1.70 26.29
N THR C 697 34.22 1.29 27.49
CA THR C 697 34.34 -0.12 27.88
C THR C 697 33.51 -1.04 26.99
N ASP C 698 32.39 -0.53 26.47
CA ASP C 698 31.46 -1.36 25.73
C ASP C 698 31.98 -1.73 24.34
N PHE C 699 32.60 -0.77 23.65
CA PHE C 699 33.00 -0.99 22.26
C PHE C 699 34.40 -1.54 22.11
N THR C 700 35.07 -1.86 23.21
CA THR C 700 36.32 -2.60 23.19
C THR C 700 36.08 -4.01 23.70
N ILE C 701 37.03 -4.90 23.43
CA ILE C 701 36.95 -6.28 23.86
C ILE C 701 38.00 -6.50 24.94
N GLN C 702 37.61 -7.18 26.01
CA GLN C 702 38.48 -7.34 27.16
C GLN C 702 39.28 -8.63 27.06
N GLY C 703 40.24 -8.77 27.96
CA GLY C 703 41.05 -9.97 28.04
C GLY C 703 42.25 -10.01 27.13
N GLU C 704 42.49 -8.97 26.34
CA GLU C 704 43.62 -8.92 25.42
C GLU C 704 44.53 -7.78 25.85
N GLY C 705 45.43 -8.06 26.79
CA GLY C 705 46.36 -7.06 27.26
C GLY C 705 47.80 -7.44 27.00
N HIS C 706 48.59 -6.50 26.47
CA HIS C 706 49.96 -6.77 26.05
C HIS C 706 50.90 -5.81 26.77
N ASN C 707 51.97 -6.38 27.34
CA ASN C 707 53.10 -5.62 27.90
C ASN C 707 52.68 -4.66 29.02
N GLY C 708 51.78 -5.14 29.87
CA GLY C 708 51.34 -4.32 31.00
C GLY C 708 50.40 -3.20 30.62
N GLU C 709 49.83 -3.26 29.42
CA GLU C 709 48.82 -2.30 28.99
C GLU C 709 47.50 -3.05 28.87
N THR C 710 46.47 -2.55 29.55
CA THR C 710 45.17 -3.19 29.46
C THR C 710 44.53 -2.91 28.11
N SER C 711 43.49 -3.67 27.79
CA SER C 711 42.86 -3.57 26.47
C SER C 711 42.19 -2.22 26.27
N GLU C 712 41.65 -1.63 27.34
CA GLU C 712 41.07 -0.29 27.24
C GLU C 712 42.13 0.74 26.89
N ALA C 713 43.31 0.65 27.51
CA ALA C 713 44.39 1.58 27.19
C ALA C 713 45.04 1.26 25.86
N LEU C 714 44.90 0.04 25.37
CA LEU C 714 45.44 -0.33 24.08
C LEU C 714 44.51 0.06 22.94
N ASN C 715 43.22 0.22 23.22
CA ASN C 715 42.25 0.66 22.23
C ASN C 715 42.03 2.17 22.24
N ASN C 716 41.92 2.76 23.42
CA ASN C 716 41.56 4.16 23.52
C ASN C 716 42.64 4.98 24.22
N ILE C 717 42.48 6.30 24.18
CA ILE C 717 43.42 7.25 24.73
C ILE C 717 42.93 7.82 26.06
N LEU C 718 41.62 8.07 26.18
CA LEU C 718 41.04 8.51 27.43
C LEU C 718 41.18 7.46 28.53
N THR C 719 41.37 6.19 28.18
CA THR C 719 41.65 5.14 29.15
C THR C 719 43.13 4.78 29.18
N ASP C 720 43.99 5.57 28.53
CA ASP C 720 45.42 5.34 28.52
C ASP C 720 46.06 6.17 29.62
N ASP C 721 46.80 5.51 30.51
CA ASP C 721 47.39 6.21 31.64
C ASP C 721 48.64 6.99 31.24
N THR C 722 49.22 6.69 30.08
CA THR C 722 50.40 7.41 29.62
C THR C 722 50.07 8.85 29.27
N PHE C 723 48.91 9.08 28.67
CA PHE C 723 48.52 10.41 28.23
C PHE C 723 47.80 11.13 29.37
N ILE C 724 48.21 12.37 29.65
CA ILE C 724 47.79 13.06 30.87
C ILE C 724 46.84 14.20 30.53
N ALA C 725 46.13 14.65 31.57
CA ALA C 725 45.14 15.71 31.42
C ALA C 725 45.83 17.05 31.17
N PRO C 726 45.13 18.01 30.58
CA PRO C 726 45.71 19.35 30.40
C PRO C 726 46.08 20.05 31.70
N ILE C 727 45.30 19.86 32.76
CA ILE C 727 45.51 20.54 34.03
C ILE C 727 45.67 19.51 35.12
N LEU C 728 46.81 19.50 35.79
CA LEU C 728 47.07 18.61 36.92
C LEU C 728 46.99 19.43 38.19
N TRP C 729 46.17 18.97 39.13
CA TRP C 729 46.13 19.56 40.46
C TRP C 729 46.95 18.76 41.46
N ASP C 730 47.10 17.47 41.23
CA ASP C 730 47.84 16.58 42.12
C ASP C 730 48.86 15.84 41.29
N CYS C 731 49.80 15.19 41.98
CA CYS C 731 50.90 14.52 41.33
C CYS C 731 50.59 13.05 41.04
N ASP C 732 49.37 12.60 41.34
CA ASP C 732 49.01 11.20 41.16
C ASP C 732 48.99 10.78 39.69
N ALA C 733 48.59 11.69 38.80
CA ALA C 733 48.57 11.38 37.37
C ALA C 733 49.97 11.11 36.84
N LEU C 734 50.96 11.86 37.32
CA LEU C 734 52.34 11.61 36.91
C LEU C 734 52.85 10.28 37.47
N ILE C 735 52.42 9.92 38.68
CA ILE C 735 52.79 8.63 39.26
C ILE C 735 52.25 7.49 38.40
N TYR C 736 50.97 7.59 38.04
CA TYR C 736 50.35 6.53 37.24
C TYR C 736 50.94 6.48 35.83
N ARG C 737 51.33 7.64 35.29
CA ARG C 737 51.97 7.63 33.98
C ARG C 737 53.35 7.01 34.03
N ASP C 738 54.13 7.31 35.06
CA ASP C 738 55.48 6.76 35.15
C ASP C 738 55.46 5.27 35.44
N GLU C 739 54.51 4.81 36.25
CA GLU C 739 54.40 3.40 36.55
C GLU C 739 53.76 2.60 35.43
N ALA C 740 52.76 3.15 34.75
CA ALA C 740 51.93 2.37 33.84
C ALA C 740 52.62 2.10 32.51
N ALA C 741 53.43 3.04 32.02
CA ALA C 741 54.04 2.82 30.72
C ALA C 741 55.20 1.84 30.84
N ARG C 742 56.29 2.26 31.50
CA ARG C 742 57.35 1.42 32.05
C ARG C 742 58.16 0.66 30.99
N ASP C 743 57.72 0.71 29.74
CA ASP C 743 58.39 0.10 28.60
C ASP C 743 58.58 1.07 27.45
N ARG C 744 57.59 1.93 27.21
CA ARG C 744 57.74 3.04 26.29
C ARG C 744 58.55 4.11 27.00
N LEU C 745 59.73 4.41 26.47
CA LEU C 745 60.77 5.21 27.13
C LEU C 745 60.29 6.60 27.50
N PRO C 746 60.06 6.88 28.78
CA PRO C 746 59.47 8.15 29.18
C PRO C 746 60.51 9.21 29.49
N ALA C 747 60.07 10.47 29.43
CA ALA C 747 60.91 11.59 29.78
C ALA C 747 60.01 12.76 30.16
N ILE C 748 60.15 13.23 31.40
CA ILE C 748 59.35 14.33 31.92
C ILE C 748 60.26 15.52 32.12
N ARG C 749 59.95 16.63 31.45
CA ARG C 749 60.73 17.85 31.59
C ARG C 749 59.88 18.89 32.32
N VAL C 750 60.23 19.17 33.57
CA VAL C 750 59.46 20.13 34.36
C VAL C 750 60.30 21.35 34.75
N SER C 751 60.13 22.42 33.98
CA SER C 751 60.73 23.74 34.20
C SER C 751 62.25 23.67 34.31
N GLY C 752 62.86 23.26 33.20
CA GLY C 752 64.30 23.12 33.18
C GLY C 752 64.77 21.68 33.31
N ARG C 753 65.16 21.30 34.51
CA ARG C 753 65.65 19.96 34.77
C ARG C 753 64.54 18.92 34.57
N ASN C 754 64.95 17.68 34.33
CA ASN C 754 64.02 16.59 34.10
C ASN C 754 63.80 15.76 35.37
N GLY C 755 62.61 15.22 35.51
CA GLY C 755 62.22 14.51 36.71
C GLY C 755 61.62 15.43 37.75
N TYR C 756 60.57 14.95 38.42
CA TYR C 756 59.88 15.73 39.43
C TYR C 756 60.37 15.35 40.83
N GLN C 757 59.99 16.17 41.81
CA GLN C 757 60.43 16.00 43.19
C GLN C 757 59.31 15.72 44.17
N ALA C 758 58.15 16.37 44.01
CA ALA C 758 56.92 16.09 44.78
C ALA C 758 57.10 16.29 46.28
N LEU C 759 57.29 17.55 46.66
CA LEU C 759 57.36 17.97 48.05
C LEU C 759 56.00 18.55 48.43
N HIS C 760 55.50 18.21 49.61
CA HIS C 760 54.22 18.72 50.09
C HIS C 760 54.40 19.56 51.35
N PHE C 761 53.27 20.11 51.85
CA PHE C 761 53.19 20.93 53.06
C PHE C 761 54.09 22.17 52.97
N VAL C 762 53.69 23.05 52.07
CA VAL C 762 54.26 24.39 51.98
C VAL C 762 53.31 25.37 52.66
N ASP C 763 53.78 26.04 53.71
CA ASP C 763 52.99 27.02 54.43
C ASP C 763 53.68 28.37 54.37
N MET C 764 53.14 29.34 55.13
CA MET C 764 53.65 30.71 55.11
C MET C 764 55.08 30.81 55.61
N ALA C 765 55.53 29.87 56.45
CA ALA C 765 56.90 29.90 56.94
C ALA C 765 57.90 29.64 55.82
N GLY C 766 57.59 28.69 54.95
CA GLY C 766 58.50 28.28 53.89
C GLY C 766 57.92 28.36 52.50
N HIS C 767 57.16 29.40 52.19
CA HIS C 767 56.41 29.45 50.94
C HIS C 767 57.31 29.60 49.72
N ASN C 768 58.08 30.70 49.62
CA ASN C 768 59.08 30.93 48.56
C ASN C 768 58.45 30.87 47.16
N PHE C 769 57.64 31.89 46.87
CA PHE C 769 56.93 31.98 45.58
C PHE C 769 57.87 31.95 44.39
N GLN C 770 59.06 32.52 44.51
CA GLN C 770 60.00 32.57 43.39
C GLN C 770 60.97 31.38 43.48
N ARG C 771 60.38 30.20 43.43
CA ARG C 771 61.14 28.95 43.48
C ARG C 771 61.48 28.51 42.05
N ARG C 772 62.77 28.36 41.77
CA ARG C 772 63.23 28.05 40.42
C ARG C 772 63.54 26.57 40.21
N ASP C 773 63.38 25.75 41.23
CA ASP C 773 63.73 24.34 41.12
C ASP C 773 62.54 23.59 40.52
N ASN C 774 62.66 22.28 40.33
CA ASN C 774 61.60 21.46 39.75
C ASN C 774 60.78 20.76 40.82
N VAL C 775 60.55 21.43 41.94
CA VAL C 775 59.72 20.89 43.01
C VAL C 775 58.25 21.14 42.69
N LEU C 776 57.45 20.08 42.76
CA LEU C 776 56.00 20.16 42.55
C LEU C 776 55.29 19.83 43.87
N ILE C 777 54.05 20.28 43.99
CA ILE C 777 53.32 20.21 45.25
C ILE C 777 52.24 19.15 45.15
N HIS C 778 52.20 18.25 46.12
CA HIS C 778 51.28 17.11 46.07
C HIS C 778 49.98 17.38 46.82
N GLY C 779 50.06 18.03 47.97
CA GLY C 779 48.85 18.34 48.73
C GLY C 779 48.77 17.64 50.07
N ARG C 780 47.81 18.02 50.91
CA ARG C 780 47.61 17.35 52.19
C ARG C 780 47.00 15.98 51.96
N PRO C 781 47.61 14.90 52.43
CA PRO C 781 46.93 13.61 52.41
C PRO C 781 45.73 13.63 53.35
N VAL C 782 44.68 12.94 52.92
CA VAL C 782 43.44 12.95 53.68
C VAL C 782 43.56 12.06 54.91
N ARG C 783 43.79 10.76 54.69
CA ARG C 783 43.98 9.78 55.75
C ARG C 783 45.44 9.37 55.85
N GLY C 784 46.22 10.16 56.57
CA GLY C 784 47.65 9.87 56.66
C GLY C 784 48.32 10.73 57.71
N ASP C 785 49.66 10.58 57.75
CA ASP C 785 50.51 11.28 58.70
C ASP C 785 51.49 12.15 57.92
N THR C 786 51.98 13.22 58.56
CA THR C 786 52.63 14.29 57.83
C THR C 786 53.98 13.87 57.26
N GLY C 787 54.96 13.64 58.13
CA GLY C 787 56.31 13.21 57.77
C GLY C 787 57.08 14.15 56.85
N GLN C 788 58.33 13.77 56.64
CA GLN C 788 59.20 14.31 55.60
C GLN C 788 59.85 13.22 54.77
N ALA C 789 60.22 12.10 55.38
CA ALA C 789 60.82 10.99 54.66
C ALA C 789 59.78 10.05 54.06
N ILE C 790 58.50 10.27 54.34
CA ILE C 790 57.44 9.41 53.81
C ILE C 790 57.30 9.66 52.31
N PRO C 791 57.31 8.63 51.48
CA PRO C 791 57.15 8.83 50.04
C PRO C 791 55.74 9.24 49.69
N ILE C 792 55.61 9.81 48.49
CA ILE C 792 54.32 10.28 48.02
C ILE C 792 53.42 9.10 47.66
N THR C 793 52.12 9.32 47.76
CA THR C 793 51.10 8.33 47.40
C THR C 793 49.99 9.02 46.63
N PRO C 794 49.34 8.32 45.70
CA PRO C 794 48.19 8.91 45.01
C PRO C 794 47.01 9.09 45.94
N HIS C 795 46.38 10.27 45.85
CA HIS C 795 45.21 10.54 46.67
C HIS C 795 44.02 9.69 46.23
N HIS C 796 43.83 9.55 44.93
CA HIS C 796 42.65 8.92 44.36
C HIS C 796 43.04 7.73 43.50
N ASP C 797 42.02 7.00 43.06
CA ASP C 797 42.24 5.76 42.33
C ASP C 797 42.67 6.04 40.90
N ARG C 798 42.72 4.97 40.11
CA ARG C 798 43.04 5.13 38.69
C ARG C 798 41.84 5.66 37.91
N GLU C 799 40.63 5.37 38.37
CA GLU C 799 39.42 5.78 37.65
C GLU C 799 39.26 7.29 37.66
N TRP C 800 39.80 7.97 38.66
CA TRP C 800 39.72 9.43 38.73
C TRP C 800 40.45 10.06 37.56
N GLY C 801 41.61 9.51 37.19
CA GLY C 801 42.32 10.01 36.03
C GLY C 801 41.55 9.83 34.73
N ILE C 802 40.88 8.69 34.58
CA ILE C 802 40.11 8.42 33.38
C ILE C 802 38.92 9.37 33.28
N LEU C 803 38.22 9.58 34.41
CA LEU C 803 37.09 10.50 34.40
C LEU C 803 37.53 11.93 34.16
N SER C 804 38.69 12.34 34.72
CA SER C 804 39.20 13.68 34.47
C SER C 804 39.57 13.88 33.00
N LYS C 805 40.20 12.87 32.40
CA LYS C 805 40.55 12.96 30.99
C LYS C 805 39.31 13.05 30.11
N ILE C 806 38.29 12.22 30.41
CA ILE C 806 37.06 12.23 29.63
C ILE C 806 36.36 13.58 29.76
N TYR C 807 36.31 14.12 30.98
CA TYR C 807 35.69 15.42 31.20
C TYR C 807 36.41 16.52 30.44
N TYR C 808 37.71 16.67 30.67
CA TYR C 808 38.49 17.77 30.09
C TYR C 808 38.62 17.65 28.58
N TYR C 809 38.46 16.45 28.02
CA TYR C 809 38.67 16.28 26.60
C TYR C 809 37.39 16.12 25.80
N ILE C 810 36.25 15.92 26.46
CA ILE C 810 35.01 15.81 25.72
C ILE C 810 34.01 16.86 26.17
N VAL C 811 33.73 16.91 27.48
CA VAL C 811 32.58 17.69 27.93
C VAL C 811 32.88 19.18 27.90
N ILE C 812 34.09 19.59 28.30
CA ILE C 812 34.47 21.00 28.22
C ILE C 812 34.52 21.53 26.79
N PRO C 813 35.15 20.85 25.81
CA PRO C 813 35.07 21.39 24.44
C PRO C 813 33.71 21.24 23.78
N ALA C 814 32.84 20.36 24.27
CA ALA C 814 31.51 20.27 23.67
C ALA C 814 30.62 21.43 24.09
N PHE C 815 30.86 21.99 25.28
CA PHE C 815 30.08 23.12 25.76
C PHE C 815 30.71 24.46 25.40
N SER C 816 32.03 24.58 25.52
CA SER C 816 32.68 25.86 25.29
C SER C 816 32.79 26.18 23.80
N ARG C 817 32.91 25.14 22.96
CA ARG C 817 33.15 25.25 21.52
C ARG C 817 34.41 26.08 21.24
N GLY C 818 35.46 25.78 21.99
CA GLY C 818 36.76 26.35 21.73
C GLY C 818 36.96 27.77 22.20
N SER C 819 36.00 28.34 22.92
CA SER C 819 36.20 29.67 23.51
C SER C 819 37.02 29.63 24.77
N CYS C 820 37.06 28.49 25.45
CA CYS C 820 37.83 28.36 26.68
C CYS C 820 39.32 28.24 26.40
N CYS C 821 40.14 28.59 27.39
CA CYS C 821 41.59 28.59 27.26
C CYS C 821 42.23 28.34 28.61
N THR C 822 43.38 27.66 28.60
CA THR C 822 44.10 27.32 29.82
C THR C 822 45.07 28.44 30.14
N MET C 823 45.18 28.79 31.42
CA MET C 823 46.04 29.89 31.83
C MET C 823 46.83 29.51 33.07
N GLY C 824 47.95 30.20 33.27
CA GLY C 824 48.65 30.15 34.52
C GLY C 824 48.06 31.12 35.52
N VAL C 825 48.58 31.08 36.75
CA VAL C 825 48.16 31.98 37.82
C VAL C 825 49.38 32.65 38.41
N ARG C 826 49.16 33.81 39.00
CA ARG C 826 50.20 34.59 39.68
C ARG C 826 49.89 34.59 41.16
N TYR C 827 50.50 33.66 41.90
CA TYR C 827 50.22 33.54 43.32
C TYR C 827 50.80 34.70 44.13
N ASP C 828 51.91 35.28 43.66
CA ASP C 828 52.54 36.39 44.39
C ASP C 828 51.70 37.65 44.40
N ARG C 829 50.76 37.78 43.45
CA ARG C 829 49.77 38.85 43.48
C ARG C 829 48.42 38.38 44.00
N LEU C 830 48.24 37.07 44.20
CA LEU C 830 46.97 36.49 44.63
C LEU C 830 46.88 36.36 46.15
N TYR C 831 47.89 35.76 46.77
CA TYR C 831 47.88 35.56 48.22
C TYR C 831 47.89 36.84 49.06
N PRO C 832 48.67 37.90 48.75
CA PRO C 832 48.56 39.11 49.59
C PRO C 832 47.22 39.83 49.48
N ALA C 833 46.42 39.55 48.45
CA ALA C 833 45.07 40.09 48.37
C ALA C 833 44.03 39.16 48.97
N LEU C 834 44.40 38.31 49.92
CA LEU C 834 43.48 37.34 50.50
C LEU C 834 43.42 37.41 52.02
N GLN C 835 44.38 38.06 52.67
CA GLN C 835 44.33 38.26 54.12
C GLN C 835 43.57 39.51 54.52
N ALA C 836 43.06 40.26 53.55
CA ALA C 836 42.36 41.50 53.82
C ALA C 836 40.89 41.18 54.04
N VAL C 837 40.57 40.67 55.22
CA VAL C 837 39.21 40.35 55.63
C VAL C 837 38.77 41.37 56.67
N ILE C 838 37.52 41.83 56.56
CA ILE C 838 37.04 42.95 57.35
C ILE C 838 35.88 42.43 58.20
N VAL C 839 36.00 41.19 58.67
CA VAL C 839 34.98 40.66 59.55
C VAL C 839 34.96 41.46 60.86
N PRO C 840 33.81 41.92 61.32
CA PRO C 840 33.75 42.80 62.50
C PRO C 840 33.80 41.99 63.78
N GLU C 841 33.63 42.69 64.89
CA GLU C 841 33.67 42.09 66.22
C GLU C 841 32.28 42.18 66.83
N ILE C 842 31.48 41.14 66.65
CA ILE C 842 30.12 41.13 67.19
C ILE C 842 30.18 40.89 68.69
N PRO C 843 29.42 41.63 69.50
CA PRO C 843 29.39 41.37 70.94
C PRO C 843 28.72 40.03 71.25
N ALA C 844 29.10 39.46 72.39
CA ALA C 844 28.54 38.18 72.80
C ALA C 844 27.08 38.35 73.23
N ASP C 845 26.35 37.22 73.16
CA ASP C 845 24.92 37.16 73.45
C ASP C 845 24.11 38.11 72.58
N GLU C 846 24.51 38.24 71.32
CA GLU C 846 23.74 38.94 70.30
C GLU C 846 23.74 38.10 69.03
N GLU C 847 22.62 38.12 68.33
CA GLU C 847 22.42 37.27 67.16
C GLU C 847 23.31 37.71 66.01
N ALA C 848 23.81 36.74 65.26
CA ALA C 848 24.68 37.00 64.12
C ALA C 848 23.89 37.67 62.99
N PRO C 849 24.50 38.59 62.25
CA PRO C 849 23.75 39.26 61.17
C PRO C 849 23.56 38.35 59.97
N THR C 850 22.38 38.43 59.37
CA THR C 850 22.06 37.70 58.14
C THR C 850 21.82 38.65 56.98
N THR C 851 20.89 39.58 57.12
CA THR C 851 20.70 40.61 56.11
C THR C 851 21.88 41.58 56.12
N PRO C 852 22.24 42.15 54.97
CA PRO C 852 23.35 43.11 54.93
C PRO C 852 22.98 44.54 55.28
N GLU C 853 21.74 44.84 55.66
CA GLU C 853 21.39 46.23 55.94
C GLU C 853 21.89 46.69 57.31
N ASP C 854 21.98 45.79 58.28
CA ASP C 854 22.44 46.16 59.60
C ASP C 854 23.96 46.39 59.59
N PRO C 855 24.50 47.23 60.50
CA PRO C 855 25.93 47.52 60.42
C PRO C 855 26.82 46.43 61.00
N ARG C 856 26.25 45.39 61.60
CA ARG C 856 27.06 44.27 62.06
C ARG C 856 27.44 43.31 60.94
N HIS C 857 26.81 43.41 59.78
CA HIS C 857 27.12 42.50 58.69
C HIS C 857 28.47 42.85 58.07
N PRO C 858 29.24 41.86 57.62
CA PRO C 858 30.53 42.17 56.97
C PRO C 858 30.41 42.95 55.67
N LEU C 859 29.30 42.83 54.96
CA LEU C 859 29.16 43.44 53.64
C LEU C 859 28.28 44.69 53.64
N HIS C 860 28.13 45.37 54.77
CA HIS C 860 27.49 46.67 54.76
C HIS C 860 28.48 47.68 54.19
N ALA C 861 27.97 48.77 53.63
CA ALA C 861 28.81 49.80 53.02
C ALA C 861 29.69 50.50 54.05
N HIS C 862 29.27 50.49 55.32
CA HIS C 862 30.11 51.04 56.38
C HIS C 862 31.34 50.18 56.64
N GLN C 863 31.25 48.86 56.44
CA GLN C 863 32.31 47.93 56.74
C GLN C 863 32.99 47.41 55.48
N LEU C 864 33.15 48.26 54.47
CA LEU C 864 33.57 47.85 53.15
C LEU C 864 34.53 48.90 52.59
N VAL C 865 35.81 48.71 52.86
CA VAL C 865 36.85 49.66 52.45
C VAL C 865 37.50 49.06 51.21
N PRO C 866 38.01 49.86 50.27
CA PRO C 866 38.62 49.26 49.07
C PRO C 866 39.87 48.44 49.36
N ASN C 867 40.26 47.66 48.35
CA ASN C 867 41.44 46.80 48.34
C ASN C 867 41.37 45.73 49.44
N SER C 868 40.36 44.87 49.32
CA SER C 868 40.14 43.79 50.27
C SER C 868 39.47 42.62 49.57
N LEU C 869 38.91 41.71 50.37
CA LEU C 869 38.07 40.66 49.81
C LEU C 869 36.60 41.03 49.85
N ASN C 870 36.21 41.96 50.73
CA ASN C 870 34.81 42.35 50.81
C ASN C 870 34.38 43.10 49.55
N VAL C 871 35.29 43.90 48.97
CA VAL C 871 35.04 44.51 47.67
C VAL C 871 34.93 43.45 46.57
N TYR C 872 35.74 42.38 46.64
CA TYR C 872 35.61 41.27 45.69
C TYR C 872 34.27 40.57 45.80
N PHE C 873 33.77 40.37 47.02
CA PHE C 873 32.51 39.67 47.18
C PHE C 873 31.33 40.58 46.82
N HIS C 874 31.44 41.87 47.12
CA HIS C 874 30.36 42.78 46.78
C HIS C 874 30.34 43.10 45.29
N ASN C 875 31.48 42.96 44.61
CA ASN C 875 31.51 43.17 43.17
C ASN C 875 30.71 42.12 42.43
N ALA C 876 30.72 40.88 42.94
CA ALA C 876 29.92 39.80 42.37
C ALA C 876 28.50 39.78 42.90
N HIS C 877 28.17 40.69 43.82
CA HIS C 877 26.83 40.81 44.43
C HIS C 877 26.42 39.51 45.12
N LEU C 878 27.17 39.14 46.14
CA LEU C 878 26.94 37.92 46.91
C LEU C 878 26.61 38.27 48.35
N THR C 879 26.00 37.30 49.05
CA THR C 879 25.68 37.42 50.46
C THR C 879 26.45 36.37 51.23
N VAL C 880 27.48 36.78 51.95
CA VAL C 880 28.33 35.89 52.71
C VAL C 880 28.55 36.48 54.11
N ASP C 881 28.34 35.67 55.14
CA ASP C 881 28.45 36.14 56.51
C ASP C 881 29.91 36.07 56.98
N GLY C 882 30.14 36.31 58.27
CA GLY C 882 31.47 36.48 58.82
C GLY C 882 32.38 35.28 58.86
N ASP C 883 31.89 34.14 59.36
CA ASP C 883 32.74 32.97 59.54
C ASP C 883 33.13 32.35 58.21
N ALA C 884 32.27 32.46 57.20
CA ALA C 884 32.62 31.96 55.88
C ALA C 884 33.78 32.73 55.28
N LEU C 885 33.82 34.06 55.49
CA LEU C 885 34.99 34.83 55.08
C LEU C 885 36.19 34.52 55.96
N LEU C 886 35.96 34.23 57.24
CA LEU C 886 37.05 33.97 58.17
C LEU C 886 37.70 32.61 57.95
N THR C 887 37.03 31.70 57.25
CA THR C 887 37.55 30.35 56.99
C THR C 887 38.81 30.34 56.12
N LEU C 888 39.05 31.44 55.38
CA LEU C 888 40.23 31.53 54.52
C LEU C 888 41.53 31.50 55.33
N GLN C 889 41.48 31.90 56.60
CA GLN C 889 42.66 31.86 57.45
C GLN C 889 43.16 30.45 57.65
N GLU C 890 42.26 29.50 57.94
CA GLU C 890 42.69 28.12 58.09
C GLU C 890 42.90 27.47 56.73
N LEU C 891 42.31 28.04 55.66
CA LEU C 891 42.75 27.63 54.32
C LEU C 891 44.22 27.90 54.12
N MET C 892 44.71 29.05 54.60
CA MET C 892 46.00 29.58 54.19
C MET C 892 47.19 28.73 54.65
N GLY C 893 46.98 27.80 55.58
CA GLY C 893 48.08 26.93 56.02
C GLY C 893 48.60 25.99 54.94
N ASP C 894 47.78 25.69 53.94
CA ASP C 894 48.20 24.89 52.79
C ASP C 894 48.20 25.74 51.54
N MET C 895 49.29 25.68 50.78
CA MET C 895 49.56 26.69 49.75
C MET C 895 50.08 26.05 48.48
N ALA C 896 50.53 26.91 47.57
CA ALA C 896 51.27 26.53 46.37
C ALA C 896 52.17 27.69 45.96
N GLU C 897 53.31 27.39 45.35
CA GLU C 897 54.19 28.47 44.91
C GLU C 897 53.75 29.07 43.59
N ARG C 898 53.76 28.27 42.53
CA ARG C 898 53.55 28.79 41.19
C ARG C 898 53.15 27.66 40.25
N THR C 899 52.52 28.05 39.15
CA THR C 899 52.25 27.11 38.07
C THR C 899 53.51 26.86 37.26
N THR C 900 53.54 25.72 36.57
CA THR C 900 54.70 25.32 35.80
C THR C 900 54.25 24.51 34.59
N ALA C 901 55.11 24.45 33.59
CA ALA C 901 54.81 23.77 32.33
C ALA C 901 55.50 22.42 32.29
N ILE C 902 54.73 21.35 32.31
CA ILE C 902 55.23 19.99 32.30
C ILE C 902 55.15 19.45 30.88
N LEU C 903 56.29 19.04 30.33
CA LEU C 903 56.36 18.43 29.01
C LEU C 903 56.75 16.98 29.19
N VAL C 904 55.79 16.07 29.07
CA VAL C 904 56.05 14.65 29.14
C VAL C 904 56.20 14.14 27.72
N SER C 905 56.77 12.95 27.59
CA SER C 905 56.97 12.35 26.28
C SER C 905 56.99 10.85 26.43
N SER C 906 56.67 10.15 25.34
CA SER C 906 56.61 8.70 25.40
C SER C 906 56.81 8.12 24.01
N ALA C 907 57.37 6.93 23.97
CA ALA C 907 57.39 6.13 22.76
C ALA C 907 55.98 5.64 22.47
N PRO C 908 55.66 5.35 21.21
CA PRO C 908 54.31 4.83 20.92
C PRO C 908 54.12 3.44 21.49
N ASP C 909 52.85 3.12 21.74
CA ASP C 909 52.46 1.96 22.54
C ASP C 909 52.87 0.65 21.87
N ALA C 910 52.80 -0.43 22.65
CA ALA C 910 53.27 -1.73 22.19
C ALA C 910 52.34 -2.33 21.15
N GLY C 911 51.14 -1.78 20.99
CA GLY C 911 50.26 -2.24 19.94
C GLY C 911 50.71 -1.79 18.56
N ALA C 912 51.51 -0.72 18.50
CA ALA C 912 51.98 -0.17 17.23
C ALA C 912 53.47 0.10 17.23
N ALA C 913 54.23 -0.58 18.09
CA ALA C 913 55.67 -0.35 18.19
C ALA C 913 56.38 -1.32 17.26
N THR C 914 56.88 -0.79 16.14
CA THR C 914 57.71 -1.56 15.22
C THR C 914 59.15 -1.06 15.29
N ALA C 915 59.99 -1.57 14.40
CA ALA C 915 61.42 -1.26 14.45
C ALA C 915 61.74 0.19 14.09
N THR C 916 60.83 0.89 13.41
CA THR C 916 61.10 2.25 13.00
C THR C 916 60.28 3.30 13.74
N THR C 917 59.22 2.90 14.44
CA THR C 917 58.37 3.88 15.12
C THR C 917 58.85 4.22 16.52
N ARG C 918 59.86 3.52 17.05
CA ARG C 918 60.37 3.84 18.38
C ARG C 918 61.04 5.20 18.42
N ASN C 919 61.56 5.67 17.28
CA ASN C 919 62.09 7.03 17.22
C ASN C 919 60.98 8.06 17.20
N MET C 920 59.81 7.69 16.67
CA MET C 920 58.70 8.61 16.48
C MET C 920 58.00 8.82 17.82
N ARG C 921 58.62 9.57 18.72
CA ARG C 921 58.07 9.81 20.04
C ARG C 921 56.97 10.86 19.94
N ILE C 922 56.08 10.86 20.94
CA ILE C 922 54.98 11.81 20.99
C ILE C 922 55.16 12.71 22.21
N TYR C 923 55.01 14.01 22.01
CA TYR C 923 55.20 15.01 23.05
C TYR C 923 53.89 15.73 23.30
N ASP C 924 53.49 15.82 24.57
CA ASP C 924 52.29 16.57 24.93
C ASP C 924 52.55 17.33 26.22
N GLY C 925 51.96 18.52 26.31
CA GLY C 925 52.21 19.38 27.43
C GLY C 925 51.06 19.47 28.41
N ALA C 926 51.34 19.97 29.62
CA ALA C 926 50.34 20.12 30.66
C ALA C 926 50.74 21.26 31.57
N LEU C 927 49.78 21.77 32.33
CA LEU C 927 50.00 22.85 33.26
C LEU C 927 49.68 22.37 34.66
N TYR C 928 50.69 22.29 35.51
CA TYR C 928 50.47 22.04 36.92
C TYR C 928 49.94 23.31 37.55
N HIS C 929 48.85 23.19 38.31
CA HIS C 929 48.18 24.32 38.99
C HIS C 929 47.75 25.40 38.00
N GLY C 930 47.15 24.99 36.88
CA GLY C 930 46.61 25.92 35.92
C GLY C 930 45.10 26.08 36.06
N LEU C 931 44.55 27.00 35.27
CA LEU C 931 43.13 27.30 35.30
C LEU C 931 42.57 27.51 33.90
N ILE C 932 41.26 27.32 33.76
CA ILE C 932 40.53 27.50 32.51
C ILE C 932 39.38 28.46 32.77
N MET C 933 39.16 29.42 31.87
CA MET C 933 37.97 30.26 31.92
C MET C 933 36.88 29.73 31.01
N MET C 934 35.65 30.18 31.27
CA MET C 934 34.59 30.08 30.28
C MET C 934 34.92 30.93 29.06
N ALA C 935 35.05 32.24 29.26
CA ALA C 935 35.32 33.16 28.18
C ALA C 935 35.96 34.41 28.73
N TYR C 936 36.58 35.18 27.84
CA TYR C 936 37.29 36.40 28.22
C TYR C 936 36.36 37.59 28.19
N GLN C 937 36.34 38.35 29.27
CA GLN C 937 35.76 39.68 29.26
C GLN C 937 36.91 40.68 29.37
N ALA C 938 36.95 41.61 28.43
CA ALA C 938 37.99 42.63 28.40
C ALA C 938 37.45 44.03 28.63
N TYR C 939 36.17 44.17 28.93
CA TYR C 939 35.54 45.47 29.06
C TYR C 939 35.07 45.75 30.48
N ASP C 940 35.58 45.01 31.46
CA ASP C 940 35.37 45.34 32.87
C ASP C 940 36.65 45.98 33.38
N GLU C 941 36.52 47.14 34.00
CA GLU C 941 37.68 47.86 34.48
C GLU C 941 37.77 47.87 36.00
N THR C 942 36.95 47.07 36.68
CA THR C 942 37.06 46.95 38.13
C THR C 942 38.32 46.20 38.52
N ILE C 943 38.78 45.29 37.68
CA ILE C 943 40.03 44.57 37.87
C ILE C 943 40.91 44.82 36.66
N ALA C 944 42.17 45.19 36.90
CA ALA C 944 43.10 45.44 35.81
C ALA C 944 43.39 44.15 35.06
N THR C 945 43.62 44.29 33.75
CA THR C 945 43.83 43.12 32.91
C THR C 945 45.15 42.43 33.24
N GLY C 946 45.12 41.10 33.30
CA GLY C 946 46.29 40.31 33.59
C GLY C 946 46.86 40.51 34.98
N THR C 947 46.02 40.84 35.95
CA THR C 947 46.50 41.01 37.32
C THR C 947 46.78 39.68 37.99
N PHE C 948 45.88 38.71 37.82
CA PHE C 948 46.02 37.40 38.44
C PHE C 948 46.38 36.31 37.44
N PHE C 949 45.86 36.38 36.22
CA PHE C 949 45.91 35.27 35.28
C PHE C 949 46.58 35.70 33.99
N TYR C 950 47.42 34.84 33.44
CA TYR C 950 48.05 35.14 32.16
C TYR C 950 47.89 33.95 31.21
N PRO C 951 47.66 34.21 29.93
CA PRO C 951 47.30 33.12 29.01
C PRO C 951 48.52 32.30 28.60
N VAL C 952 48.42 30.98 28.76
CA VAL C 952 49.41 30.04 28.25
C VAL C 952 48.71 28.76 27.79
N PRO C 953 48.30 28.70 26.52
CA PRO C 953 47.46 27.60 26.07
C PRO C 953 48.22 26.40 25.53
N VAL C 954 47.93 25.20 26.05
CA VAL C 954 48.43 23.98 25.42
C VAL C 954 47.32 22.95 25.18
N ASN C 955 46.71 23.04 24.00
CA ASN C 955 46.01 22.12 23.09
C ASN C 955 45.49 22.96 21.94
N PRO C 956 45.28 22.37 20.76
CA PRO C 956 44.46 23.08 19.74
C PRO C 956 43.03 23.27 20.18
N LEU C 957 42.53 22.42 21.08
CA LEU C 957 41.20 22.61 21.65
C LEU C 957 41.14 23.87 22.51
N PHE C 958 42.19 24.12 23.30
CA PHE C 958 42.16 25.17 24.30
C PHE C 958 42.89 26.43 23.87
N ALA C 959 43.16 26.58 22.58
CA ALA C 959 43.73 27.84 22.10
C ALA C 959 42.71 28.95 22.20
N CYS C 960 43.20 30.16 22.37
CA CYS C 960 42.33 31.28 22.68
C CYS C 960 42.78 32.52 21.93
N PRO C 961 42.07 32.92 20.89
CA PRO C 961 42.48 34.11 20.15
C PRO C 961 42.17 35.40 20.89
N GLU C 962 41.05 35.39 21.62
CA GLU C 962 40.64 36.56 22.39
C GLU C 962 41.43 36.74 23.67
N HIS C 963 41.87 35.66 24.32
CA HIS C 963 42.38 35.78 25.69
C HIS C 963 43.80 36.32 25.73
N LEU C 964 44.45 36.50 24.58
CA LEU C 964 45.83 36.99 24.59
C LEU C 964 45.93 38.48 24.89
N ALA C 965 44.81 39.19 24.98
CA ALA C 965 44.84 40.56 25.46
C ALA C 965 45.20 40.63 26.95
N SER C 966 45.04 39.52 27.69
CA SER C 966 45.47 39.48 29.07
C SER C 966 46.98 39.50 29.23
N LEU C 967 47.71 39.09 28.19
CA LEU C 967 49.18 39.11 28.27
C LEU C 967 49.70 40.53 28.08
N ARG C 968 50.84 40.80 28.72
CA ARG C 968 51.41 42.14 28.68
C ARG C 968 52.05 42.41 27.32
N GLY C 969 51.72 43.55 26.73
CA GLY C 969 52.33 43.97 25.48
C GLY C 969 51.86 43.21 24.26
N MET C 970 50.58 43.34 23.92
CA MET C 970 50.03 42.75 22.71
C MET C 970 49.37 43.84 21.88
N THR C 971 49.77 43.93 20.61
CA THR C 971 49.26 44.94 19.69
C THR C 971 48.21 44.32 18.77
N ASN C 972 47.76 45.11 17.79
CA ASN C 972 46.81 44.60 16.81
C ASN C 972 47.45 43.56 15.90
N ALA C 973 48.75 43.70 15.63
CA ALA C 973 49.45 42.76 14.77
C ALA C 973 49.54 41.38 15.40
N ARG C 974 49.78 41.32 16.71
CA ARG C 974 49.93 40.03 17.38
C ARG C 974 48.59 39.32 17.44
N ARG C 975 47.52 40.07 17.71
CA ARG C 975 46.18 39.48 17.77
C ARG C 975 45.70 39.06 16.38
N VAL C 976 46.04 39.83 15.34
CA VAL C 976 45.60 39.42 14.01
C VAL C 976 46.43 38.26 13.49
N LEU C 977 47.64 38.07 14.03
CA LEU C 977 48.39 36.86 13.72
C LEU C 977 47.83 35.66 14.46
N ALA C 978 47.44 35.85 15.72
CA ALA C 978 46.90 34.75 16.52
C ALA C 978 45.47 34.39 16.15
N LYS C 979 44.76 35.27 15.44
CA LYS C 979 43.42 34.97 14.97
C LYS C 979 43.43 33.87 13.92
N MET C 980 44.55 33.69 13.23
CA MET C 980 44.66 32.77 12.11
C MET C 980 45.59 31.59 12.35
N VAL C 981 46.33 31.57 13.46
CA VAL C 981 47.10 30.40 13.89
C VAL C 981 46.83 30.18 15.37
N PRO C 982 46.53 28.97 15.82
CA PRO C 982 46.44 28.71 17.27
C PRO C 982 47.82 28.79 17.92
N PRO C 983 47.99 29.70 18.88
CA PRO C 983 49.32 29.91 19.47
C PRO C 983 49.66 28.85 20.51
N ILE C 984 50.57 27.95 20.16
CA ILE C 984 51.07 26.95 21.09
C ILE C 984 52.57 27.15 21.25
N PRO C 985 53.07 27.41 22.45
CA PRO C 985 54.51 27.61 22.63
C PRO C 985 55.27 26.32 22.40
N PRO C 986 56.48 26.41 21.84
CA PRO C 986 57.20 25.17 21.48
C PRO C 986 57.84 24.46 22.65
N PHE C 987 57.80 25.02 23.85
CA PHE C 987 58.24 24.27 25.01
C PHE C 987 57.10 23.50 25.67
N LEU C 988 55.97 23.36 24.99
CA LEU C 988 54.83 22.60 25.48
C LEU C 988 54.35 21.58 24.46
N GLY C 989 55.16 21.32 23.45
CA GLY C 989 54.79 20.41 22.38
C GLY C 989 54.14 21.14 21.22
N ALA C 990 54.42 20.67 20.01
CA ALA C 990 53.89 21.28 18.80
C ALA C 990 52.76 20.43 18.25
N ASN C 991 52.12 20.95 17.20
CA ASN C 991 50.91 20.31 16.68
C ASN C 991 51.20 18.97 16.04
N HIS C 992 52.20 18.91 15.16
CA HIS C 992 52.49 17.69 14.42
C HIS C 992 53.13 16.60 15.26
N HIS C 993 53.50 16.90 16.50
CA HIS C 993 54.07 15.91 17.40
C HIS C 993 53.15 15.54 18.55
N ALA C 994 52.06 16.28 18.76
CA ALA C 994 51.17 15.99 19.87
C ALA C 994 50.19 14.88 19.50
N THR C 995 49.26 14.61 20.42
CA THR C 995 48.21 13.63 20.18
C THR C 995 46.94 14.30 19.67
N ILE C 996 46.37 15.21 20.45
CA ILE C 996 45.23 16.00 20.04
C ILE C 996 45.73 17.07 19.07
N ARG C 997 45.25 17.01 17.83
CA ARG C 997 45.79 17.87 16.78
C ARG C 997 44.70 18.79 16.23
N GLN C 998 45.06 19.50 15.17
CA GLN C 998 44.16 20.49 14.56
C GLN C 998 42.84 19.93 14.02
N PRO C 999 42.78 18.74 13.35
CA PRO C 999 41.46 18.28 12.87
C PRO C 999 40.38 18.13 13.93
N VAL C 1000 40.71 17.66 15.12
CA VAL C 1000 39.66 17.50 16.12
C VAL C 1000 39.29 18.85 16.72
N ALA C 1001 40.21 19.82 16.70
CA ALA C 1001 39.85 21.18 17.09
C ALA C 1001 38.94 21.83 16.07
N TYR C 1002 39.16 21.55 14.79
CA TYR C 1002 38.24 22.01 13.76
C TYR C 1002 36.90 21.32 13.90
N HIS C 1003 36.89 20.08 14.38
CA HIS C 1003 35.63 19.39 14.61
C HIS C 1003 34.86 20.00 15.78
N VAL C 1004 35.55 20.38 16.86
CA VAL C 1004 34.81 20.95 17.98
C VAL C 1004 34.42 22.40 17.70
N THR C 1005 35.11 23.06 16.78
CA THR C 1005 34.86 24.48 16.55
C THR C 1005 33.85 24.75 15.46
N HIS C 1006 33.97 24.10 14.31
CA HIS C 1006 33.13 24.41 13.15
C HIS C 1006 32.02 23.40 12.94
N SER C 1007 31.50 22.80 14.01
CA SER C 1007 30.35 21.91 13.94
C SER C 1007 29.21 22.48 14.75
N LYS C 1008 28.02 22.49 14.15
CA LYS C 1008 26.81 22.91 14.83
C LYS C 1008 25.79 21.80 14.66
N SER C 1009 25.87 20.80 15.53
CA SER C 1009 24.92 19.68 15.48
C SER C 1009 24.07 19.61 16.74
N ASP C 1010 24.67 19.44 17.90
CA ASP C 1010 23.97 19.27 19.17
C ASP C 1010 25.02 19.39 20.27
N PHE C 1011 24.62 19.03 21.50
CA PHE C 1011 25.57 18.89 22.60
C PHE C 1011 25.80 17.44 22.98
N ASN C 1012 24.75 16.62 22.98
CA ASN C 1012 24.92 15.20 23.28
C ASN C 1012 25.55 14.47 22.11
N THR C 1013 25.07 14.75 20.90
CA THR C 1013 25.62 14.12 19.71
C THR C 1013 27.04 14.57 19.44
N LEU C 1014 27.36 15.83 19.75
CA LEU C 1014 28.75 16.28 19.65
C LEU C 1014 29.64 15.56 20.65
N THR C 1015 29.13 15.32 21.86
CA THR C 1015 29.88 14.59 22.87
C THR C 1015 30.17 13.15 22.43
N TYR C 1016 29.16 12.45 21.94
CA TYR C 1016 29.39 11.07 21.51
C TYR C 1016 30.22 11.02 20.23
N SER C 1017 30.11 12.01 19.36
CA SER C 1017 30.95 12.05 18.17
C SER C 1017 32.39 12.35 18.52
N LEU C 1018 32.62 13.15 19.56
CA LEU C 1018 33.97 13.39 20.03
C LEU C 1018 34.57 12.12 20.60
N LEU C 1019 33.77 11.35 21.35
CA LEU C 1019 34.28 10.08 21.86
C LEU C 1019 34.54 9.09 20.72
N GLY C 1020 33.70 9.11 19.69
CA GLY C 1020 33.95 8.28 18.53
C GLY C 1020 35.19 8.68 17.78
N GLY C 1021 35.50 9.98 17.76
CA GLY C 1021 36.74 10.43 17.17
C GLY C 1021 37.94 9.95 17.95
N TYR C 1022 37.82 9.89 19.28
CA TYR C 1022 38.92 9.44 20.13
C TYR C 1022 38.95 7.91 20.19
N PHE C 1023 39.60 7.32 19.18
CA PHE C 1023 39.88 5.90 19.16
C PHE C 1023 41.19 5.71 18.40
N LYS C 1024 42.03 4.80 18.85
CA LYS C 1024 43.34 4.64 18.23
C LYS C 1024 43.23 3.99 16.86
N PHE C 1025 44.09 4.42 15.94
CA PHE C 1025 44.22 3.80 14.64
C PHE C 1025 45.36 2.78 14.60
N THR C 1026 45.80 2.35 15.78
CA THR C 1026 46.74 1.25 15.91
C THR C 1026 46.14 -0.04 15.33
N PRO C 1027 46.93 -0.87 14.65
CA PRO C 1027 46.41 -2.14 14.11
C PRO C 1027 45.81 -3.08 15.15
N ILE C 1028 46.33 -3.10 16.39
CA ILE C 1028 45.66 -3.87 17.44
C ILE C 1028 44.33 -3.21 17.81
N SER C 1029 44.32 -1.88 17.91
CA SER C 1029 43.06 -1.18 18.16
C SER C 1029 42.12 -1.31 16.97
N LEU C 1030 42.68 -1.39 15.76
CA LEU C 1030 41.85 -1.68 14.59
C LEU C 1030 41.23 -3.06 14.69
N THR C 1031 41.98 -4.04 15.19
CA THR C 1031 41.45 -5.37 15.38
C THR C 1031 40.30 -5.36 16.38
N HIS C 1032 40.47 -4.61 17.47
CA HIS C 1032 39.41 -4.47 18.47
C HIS C 1032 38.16 -3.83 17.87
N GLN C 1033 38.35 -2.75 17.11
CA GLN C 1033 37.20 -2.00 16.57
C GLN C 1033 36.45 -2.81 15.51
N LEU C 1034 37.18 -3.52 14.65
CA LEU C 1034 36.49 -4.31 13.62
C LEU C 1034 35.86 -5.56 14.20
N ARG C 1035 36.40 -6.10 15.30
CA ARG C 1035 35.78 -7.27 15.88
C ARG C 1035 34.61 -6.92 16.78
N THR C 1036 34.53 -5.69 17.26
CA THR C 1036 33.40 -5.32 18.10
C THR C 1036 32.21 -4.85 17.28
N GLY C 1037 32.42 -3.95 16.32
CA GLY C 1037 31.35 -3.44 15.52
C GLY C 1037 31.50 -1.98 15.18
N PHE C 1038 32.57 -1.37 15.69
CA PHE C 1038 32.91 0.01 15.38
C PHE C 1038 33.27 0.15 13.91
N HIS C 1039 32.94 1.31 13.35
CA HIS C 1039 33.32 1.66 11.99
C HIS C 1039 34.41 2.70 12.05
N PRO C 1040 35.67 2.34 11.82
CA PRO C 1040 36.75 3.34 11.81
C PRO C 1040 36.64 4.24 10.60
N GLY C 1041 37.29 5.39 10.68
CA GLY C 1041 37.19 6.39 9.63
C GLY C 1041 38.01 6.07 8.40
N ILE C 1042 37.71 4.93 7.76
CA ILE C 1042 38.40 4.53 6.54
C ILE C 1042 37.46 3.60 5.78
N ALA C 1043 37.49 3.70 4.45
CA ALA C 1043 36.66 2.88 3.60
C ALA C 1043 37.55 2.00 2.74
N PHE C 1044 36.94 0.97 2.16
CA PHE C 1044 37.68 0.02 1.33
C PHE C 1044 36.95 -0.22 0.02
N THR C 1045 37.74 -0.36 -1.04
CA THR C 1045 37.26 -0.85 -2.32
C THR C 1045 37.84 -2.23 -2.57
N VAL C 1046 37.02 -3.15 -3.07
CA VAL C 1046 37.46 -4.52 -3.27
C VAL C 1046 37.72 -4.76 -4.74
N VAL C 1047 38.70 -5.60 -5.03
CA VAL C 1047 38.99 -6.03 -6.39
C VAL C 1047 38.94 -7.55 -6.42
N ARG C 1048 38.16 -8.10 -7.34
CA ARG C 1048 37.99 -9.55 -7.40
C ARG C 1048 37.95 -9.98 -8.85
N GLN C 1049 38.80 -10.93 -9.21
CA GLN C 1049 38.94 -11.39 -10.59
C GLN C 1049 38.21 -12.70 -10.76
N ASP C 1050 37.40 -12.79 -11.82
CA ASP C 1050 36.60 -13.98 -12.08
C ASP C 1050 36.87 -14.50 -13.49
N ARG C 1051 36.83 -15.82 -13.63
CA ARG C 1051 37.19 -16.51 -14.86
C ARG C 1051 35.96 -17.16 -15.47
N PHE C 1052 35.73 -16.90 -16.77
CA PHE C 1052 34.53 -17.35 -17.46
C PHE C 1052 34.91 -18.25 -18.62
N ALA C 1053 34.13 -19.30 -18.84
CA ALA C 1053 34.35 -20.16 -19.98
C ALA C 1053 33.53 -19.68 -21.16
N THR C 1054 34.20 -19.42 -22.29
CA THR C 1054 33.54 -18.90 -23.47
C THR C 1054 33.79 -19.80 -24.66
N GLU C 1055 32.90 -19.74 -25.63
CA GLU C 1055 33.10 -20.40 -26.92
C GLU C 1055 33.40 -19.36 -27.98
N GLN C 1056 34.55 -19.51 -28.62
CA GLN C 1056 35.06 -18.49 -29.53
C GLN C 1056 34.61 -18.80 -30.96
N LEU C 1057 35.02 -17.94 -31.88
CA LEU C 1057 34.64 -18.04 -33.28
C LEU C 1057 35.70 -17.37 -34.12
N LEU C 1058 36.39 -18.14 -34.95
CA LEU C 1058 37.53 -17.66 -35.73
C LEU C 1058 37.17 -17.65 -37.20
N TYR C 1059 37.77 -16.72 -37.93
CA TYR C 1059 37.72 -16.69 -39.38
C TYR C 1059 39.13 -16.48 -39.91
N ALA C 1060 39.49 -17.21 -40.96
CA ALA C 1060 40.82 -17.12 -41.55
C ALA C 1060 40.70 -17.10 -43.07
N GLU C 1061 41.61 -16.37 -43.72
CA GLU C 1061 41.54 -16.16 -45.15
C GLU C 1061 42.11 -17.36 -45.89
N ARG C 1062 42.32 -17.22 -47.20
CA ARG C 1062 42.67 -18.38 -48.02
C ARG C 1062 44.13 -18.77 -47.86
N ALA C 1063 45.04 -17.96 -48.37
CA ALA C 1063 46.46 -18.29 -48.23
C ALA C 1063 47.05 -17.59 -47.02
N SER C 1064 46.49 -17.85 -45.83
CA SER C 1064 46.91 -17.09 -44.66
C SER C 1064 48.27 -17.53 -44.12
N GLU C 1065 48.71 -18.76 -44.38
CA GLU C 1065 50.01 -19.23 -43.90
C GLU C 1065 50.62 -20.20 -44.88
N SER C 1066 51.84 -19.89 -45.31
CA SER C 1066 52.71 -20.90 -45.91
C SER C 1066 53.12 -21.87 -44.82
N TYR C 1067 53.20 -23.15 -45.15
CA TYR C 1067 53.36 -24.17 -44.13
C TYR C 1067 54.23 -25.27 -44.73
N PHE C 1068 55.52 -25.23 -44.46
CA PHE C 1068 56.47 -26.17 -45.03
C PHE C 1068 56.54 -27.40 -44.14
N VAL C 1069 56.39 -28.58 -44.75
CA VAL C 1069 56.48 -29.85 -44.04
C VAL C 1069 57.85 -30.46 -44.34
N GLY C 1070 58.36 -31.22 -43.38
CA GLY C 1070 59.66 -31.84 -43.49
C GLY C 1070 59.57 -33.34 -43.66
N GLN C 1071 60.60 -34.03 -43.21
CA GLN C 1071 60.70 -35.48 -43.29
C GLN C 1071 60.88 -36.04 -41.90
N ILE C 1072 60.25 -37.20 -41.64
CA ILE C 1072 60.19 -37.73 -40.28
C ILE C 1072 61.41 -38.59 -40.00
N GLN C 1073 61.66 -38.85 -38.72
CA GLN C 1073 62.66 -39.80 -38.28
C GLN C 1073 62.23 -40.37 -36.94
N VAL C 1074 62.78 -41.54 -36.61
CA VAL C 1074 62.37 -42.31 -35.44
C VAL C 1074 63.50 -42.34 -34.43
N HIS C 1075 63.14 -42.18 -33.15
CA HIS C 1075 64.09 -42.22 -32.05
C HIS C 1075 63.79 -43.43 -31.18
N HIS C 1076 64.82 -44.18 -30.84
CA HIS C 1076 64.69 -45.46 -30.16
C HIS C 1076 65.22 -45.36 -28.74
N HIS C 1077 64.39 -45.71 -27.76
CA HIS C 1077 64.80 -45.70 -26.36
C HIS C 1077 63.99 -46.73 -25.59
N ASP C 1078 64.56 -47.23 -24.50
CA ASP C 1078 63.91 -48.27 -23.72
C ASP C 1078 62.92 -47.66 -22.72
N ALA C 1079 62.00 -48.49 -22.25
CA ALA C 1079 60.96 -48.04 -21.34
C ALA C 1079 60.74 -49.13 -20.30
N ILE C 1080 59.63 -49.02 -19.54
CA ILE C 1080 59.40 -49.94 -18.44
C ILE C 1080 59.03 -51.34 -18.95
N GLY C 1081 58.29 -51.41 -20.05
CA GLY C 1081 57.93 -52.70 -20.59
C GLY C 1081 58.83 -53.16 -21.70
N GLY C 1082 59.01 -52.29 -22.69
CA GLY C 1082 59.83 -52.60 -23.85
C GLY C 1082 60.48 -51.36 -24.42
N VAL C 1083 60.41 -51.21 -25.74
CA VAL C 1083 61.03 -50.07 -26.41
C VAL C 1083 59.94 -49.06 -26.77
N ASN C 1084 60.35 -47.80 -26.80
CA ASN C 1084 59.48 -46.68 -27.17
C ASN C 1084 59.99 -46.06 -28.45
N PHE C 1085 59.12 -45.98 -29.46
CA PHE C 1085 59.45 -45.31 -30.70
C PHE C 1085 58.80 -43.94 -30.73
N THR C 1086 59.59 -42.91 -30.99
CA THR C 1086 59.10 -41.54 -31.10
C THR C 1086 59.29 -41.07 -32.54
N LEU C 1087 58.19 -40.68 -33.18
CA LEU C 1087 58.24 -40.18 -34.55
C LEU C 1087 58.19 -38.66 -34.52
N THR C 1088 59.25 -38.02 -35.02
CA THR C 1088 59.38 -36.58 -34.99
C THR C 1088 59.43 -36.02 -36.40
N GLN C 1089 58.57 -35.04 -36.68
CA GLN C 1089 58.52 -34.40 -37.99
C GLN C 1089 58.67 -32.90 -37.80
N PRO C 1090 59.71 -32.28 -38.36
CA PRO C 1090 59.87 -30.83 -38.23
C PRO C 1090 59.17 -30.07 -39.35
N ARG C 1091 58.66 -28.89 -39.01
CA ARG C 1091 57.91 -28.11 -39.97
C ARG C 1091 58.04 -26.63 -39.64
N ALA C 1092 57.79 -25.79 -40.64
CA ALA C 1092 57.92 -24.35 -40.50
C ALA C 1092 56.68 -23.66 -41.04
N HIS C 1093 56.37 -22.49 -40.46
CA HIS C 1093 55.18 -21.74 -40.84
C HIS C 1093 55.52 -20.27 -41.02
N VAL C 1094 54.94 -19.67 -42.05
CA VAL C 1094 55.12 -18.25 -42.35
C VAL C 1094 53.76 -17.62 -42.57
N ASP C 1095 53.49 -16.52 -41.87
CA ASP C 1095 52.25 -15.77 -42.06
C ASP C 1095 52.46 -14.79 -43.21
N LEU C 1096 52.06 -15.18 -44.41
CA LEU C 1096 52.25 -14.31 -45.58
C LEU C 1096 51.06 -13.42 -45.88
N GLY C 1097 50.57 -12.73 -44.84
CA GLY C 1097 49.57 -11.70 -45.04
C GLY C 1097 50.15 -10.32 -44.79
N VAL C 1098 49.80 -9.35 -45.63
CA VAL C 1098 50.31 -7.99 -45.44
C VAL C 1098 49.68 -7.35 -44.21
N GLY C 1099 48.37 -7.44 -44.07
CA GLY C 1099 47.70 -6.95 -42.89
C GLY C 1099 47.40 -8.07 -41.92
N TYR C 1100 46.19 -8.09 -41.37
CA TYR C 1100 45.74 -9.17 -40.50
C TYR C 1100 44.77 -10.03 -41.29
N THR C 1101 45.06 -11.33 -41.39
CA THR C 1101 44.25 -12.24 -42.18
C THR C 1101 43.41 -13.18 -41.33
N ALA C 1102 43.31 -12.92 -40.02
CA ALA C 1102 42.52 -13.79 -39.15
C ALA C 1102 42.01 -12.99 -37.97
N VAL C 1103 40.73 -13.18 -37.64
CA VAL C 1103 40.11 -12.53 -36.49
C VAL C 1103 39.37 -13.58 -35.66
N CYS C 1104 39.29 -13.34 -34.36
CA CYS C 1104 38.53 -14.18 -33.45
C CYS C 1104 37.68 -13.31 -32.55
N ALA C 1105 36.56 -13.86 -32.08
CA ALA C 1105 35.66 -13.11 -31.23
C ALA C 1105 34.92 -14.07 -30.33
N THR C 1106 34.82 -13.73 -29.05
CA THR C 1106 34.03 -14.55 -28.14
C THR C 1106 32.55 -14.41 -28.48
N ALA C 1107 31.87 -15.54 -28.59
CA ALA C 1107 30.49 -15.54 -29.02
C ALA C 1107 29.52 -15.97 -27.94
N ALA C 1108 29.73 -17.14 -27.33
CA ALA C 1108 28.81 -17.66 -26.34
C ALA C 1108 29.47 -17.72 -24.97
N LEU C 1109 28.64 -17.81 -23.94
CA LEU C 1109 29.09 -17.88 -22.57
C LEU C 1109 28.65 -19.20 -21.95
N ARG C 1110 29.61 -19.96 -21.44
CA ARG C 1110 29.36 -21.20 -20.74
C ARG C 1110 29.24 -20.91 -19.25
N CYS C 1111 29.36 -21.95 -18.43
CA CYS C 1111 29.27 -21.78 -16.99
C CYS C 1111 30.43 -20.95 -16.47
N PRO C 1112 30.20 -20.00 -15.56
CA PRO C 1112 31.32 -19.30 -14.91
C PRO C 1112 32.11 -20.27 -14.04
N LEU C 1113 33.37 -20.46 -14.40
CA LEU C 1113 34.18 -21.52 -13.80
C LEU C 1113 34.58 -21.22 -12.37
N THR C 1114 34.44 -19.98 -11.90
CA THR C 1114 34.88 -19.62 -10.56
C THR C 1114 33.70 -19.18 -9.72
N ASP C 1115 33.99 -18.97 -8.45
CA ASP C 1115 33.01 -18.60 -7.43
C ASP C 1115 33.11 -17.12 -7.15
N MET C 1116 31.96 -16.45 -7.06
CA MET C 1116 31.94 -15.02 -6.75
C MET C 1116 31.73 -14.83 -5.26
N GLY C 1117 32.59 -15.41 -4.43
CA GLY C 1117 32.38 -15.43 -3.00
C GLY C 1117 33.11 -14.32 -2.28
N ASN C 1118 33.18 -14.47 -0.96
CA ASN C 1118 33.85 -13.51 -0.08
C ASN C 1118 34.97 -14.24 0.67
N THR C 1119 36.12 -14.35 0.02
CA THR C 1119 37.31 -14.90 0.65
C THR C 1119 38.29 -13.76 0.82
N ALA C 1120 38.69 -13.50 2.06
CA ALA C 1120 39.53 -12.36 2.35
C ALA C 1120 40.94 -12.56 1.83
N GLN C 1121 41.59 -11.46 1.48
CA GLN C 1121 43.00 -11.47 1.15
C GLN C 1121 43.80 -11.46 2.44
N ASN C 1122 44.54 -12.54 2.69
CA ASN C 1122 45.30 -12.68 3.93
C ASN C 1122 46.75 -12.33 3.65
N LEU C 1123 47.24 -11.26 4.26
CA LEU C 1123 48.60 -10.78 4.03
C LEU C 1123 49.61 -11.41 4.95
N PHE C 1124 49.22 -12.37 5.78
CA PHE C 1124 50.16 -13.03 6.66
C PHE C 1124 50.87 -14.19 5.98
N PHE C 1125 50.68 -14.35 4.67
CA PHE C 1125 51.48 -15.27 3.87
C PHE C 1125 52.81 -14.68 3.46
N SER C 1126 53.01 -13.37 3.65
CA SER C 1126 54.16 -12.67 3.13
C SER C 1126 55.18 -12.40 4.23
N ARG C 1127 56.45 -12.39 3.84
CA ARG C 1127 57.56 -12.04 4.71
C ARG C 1127 58.47 -11.06 3.97
N GLY C 1128 59.11 -10.18 4.72
CA GLY C 1128 60.04 -9.25 4.12
C GLY C 1128 60.02 -7.86 4.69
N GLY C 1129 58.89 -7.46 5.27
CA GLY C 1129 58.80 -6.15 5.88
C GLY C 1129 59.45 -6.12 7.24
N VAL C 1130 59.41 -4.95 7.87
CA VAL C 1130 59.92 -4.81 9.23
C VAL C 1130 58.95 -5.52 10.17
N PRO C 1131 59.43 -6.45 10.99
CA PRO C 1131 58.54 -7.12 11.93
C PRO C 1131 58.23 -6.23 13.12
N MET C 1132 57.12 -6.55 13.79
CA MET C 1132 56.75 -5.80 14.98
C MET C 1132 57.69 -6.17 16.11
N LEU C 1133 57.84 -5.25 17.07
CA LEU C 1133 58.90 -5.37 18.07
C LEU C 1133 58.65 -6.53 19.02
N HIS C 1134 57.46 -6.61 19.59
CA HIS C 1134 57.12 -7.69 20.50
C HIS C 1134 56.49 -8.83 19.71
N ASP C 1135 56.98 -10.04 19.91
CA ASP C 1135 56.50 -11.16 19.11
C ASP C 1135 55.13 -11.63 19.55
N ASN C 1136 54.77 -11.43 20.82
CA ASN C 1136 53.44 -11.84 21.27
C ASN C 1136 52.35 -10.99 20.63
N VAL C 1137 52.66 -9.73 20.31
CA VAL C 1137 51.73 -8.88 19.58
C VAL C 1137 51.46 -9.45 18.20
N THR C 1138 52.52 -9.88 17.50
CA THR C 1138 52.34 -10.46 16.17
C THR C 1138 51.61 -11.80 16.23
N GLU C 1139 51.91 -12.61 17.25
CA GLU C 1139 51.22 -13.89 17.40
C GLU C 1139 49.73 -13.70 17.67
N SER C 1140 49.39 -12.79 18.58
CA SER C 1140 47.99 -12.49 18.86
C SER C 1140 47.30 -11.90 17.64
N LEU C 1141 47.97 -11.00 16.92
CA LEU C 1141 47.38 -10.37 15.75
C LEU C 1141 47.08 -11.38 14.65
N ARG C 1142 48.00 -12.31 14.40
CA ARG C 1142 47.75 -13.36 13.42
C ARG C 1142 46.68 -14.33 13.90
N ARG C 1143 46.62 -14.58 15.21
CA ARG C 1143 45.59 -15.46 15.74
C ARG C 1143 44.20 -14.91 15.55
N ILE C 1144 44.01 -13.61 15.80
CA ILE C 1144 42.70 -12.99 15.56
C ILE C 1144 42.42 -12.86 14.06
N THR C 1145 43.46 -12.62 13.26
CA THR C 1145 43.28 -12.57 11.81
C THR C 1145 42.83 -13.91 11.26
N ALA C 1146 43.30 -15.01 11.84
CA ALA C 1146 42.90 -16.33 11.38
C ALA C 1146 41.43 -16.61 11.66
N SER C 1147 40.93 -16.13 12.79
CA SER C 1147 39.51 -16.31 13.12
C SER C 1147 38.65 -15.46 12.20
N GLY C 1148 37.52 -16.03 11.79
CA GLY C 1148 36.68 -15.35 10.81
C GLY C 1148 37.30 -15.26 9.44
N GLY C 1149 37.92 -16.34 8.97
CA GLY C 1149 38.51 -16.37 7.65
C GLY C 1149 38.54 -17.79 7.12
N ARG C 1150 38.69 -17.89 5.81
CA ARG C 1150 38.71 -19.20 5.14
C ARG C 1150 40.12 -19.75 5.01
N LEU C 1151 40.99 -19.05 4.31
CA LEU C 1151 42.36 -19.50 4.07
C LEU C 1151 43.28 -18.85 5.09
N ASN C 1152 44.28 -19.61 5.52
CA ASN C 1152 45.13 -19.23 6.65
C ASN C 1152 46.42 -20.02 6.54
N PRO C 1153 47.52 -19.49 7.07
CA PRO C 1153 48.73 -20.32 7.19
C PRO C 1153 48.55 -21.38 8.26
N THR C 1154 49.37 -22.41 8.18
CA THR C 1154 49.31 -23.50 9.14
C THR C 1154 49.74 -23.03 10.52
N GLU C 1155 49.22 -23.69 11.55
CA GLU C 1155 49.37 -23.22 12.93
C GLU C 1155 50.82 -23.19 13.44
N PRO C 1156 51.71 -24.17 13.18
CA PRO C 1156 53.10 -23.99 13.64
C PRO C 1156 53.85 -22.84 12.99
N LEU C 1157 53.40 -22.36 11.82
CA LEU C 1157 54.08 -21.38 10.96
C LEU C 1157 55.49 -21.85 10.64
N PRO C 1158 55.66 -22.83 9.75
CA PRO C 1158 57.01 -23.37 9.50
C PRO C 1158 57.90 -22.38 8.78
N ILE C 1159 59.02 -22.04 9.42
CA ILE C 1159 60.07 -21.26 8.77
C ILE C 1159 60.78 -22.15 7.75
N PHE C 1160 61.39 -21.53 6.74
CA PHE C 1160 61.99 -22.21 5.58
C PHE C 1160 60.91 -23.05 4.86
N GLY C 1161 59.94 -22.33 4.31
CA GLY C 1161 58.85 -22.95 3.58
C GLY C 1161 58.11 -21.91 2.77
N GLY C 1162 57.07 -22.36 2.08
CA GLY C 1162 56.27 -21.48 1.25
C GLY C 1162 54.99 -21.01 1.92
N LEU C 1163 54.70 -21.57 3.11
CA LEU C 1163 53.53 -21.26 3.93
C LEU C 1163 52.22 -21.49 3.16
N ARG C 1164 52.05 -22.72 2.71
CA ARG C 1164 50.86 -23.06 1.97
C ARG C 1164 49.65 -23.21 2.90
N PRO C 1165 48.46 -22.81 2.46
CA PRO C 1165 47.28 -22.98 3.29
C PRO C 1165 46.88 -24.45 3.39
N ALA C 1166 46.22 -24.77 4.50
CA ALA C 1166 45.81 -26.15 4.75
C ALA C 1166 44.68 -26.55 3.80
N THR C 1167 44.86 -27.68 3.14
CA THR C 1167 43.84 -28.15 2.21
C THR C 1167 42.61 -28.63 2.98
N SER C 1168 41.47 -28.61 2.30
CA SER C 1168 40.20 -28.96 2.90
C SER C 1168 39.55 -30.09 2.10
N ALA C 1169 38.30 -30.39 2.46
CA ALA C 1169 37.51 -31.39 1.76
C ALA C 1169 36.89 -30.76 0.51
N GLY C 1170 35.87 -31.42 -0.04
CA GLY C 1170 35.28 -31.08 -1.32
C GLY C 1170 34.77 -29.67 -1.53
N ILE C 1171 34.55 -29.32 -2.79
CA ILE C 1171 34.17 -27.97 -3.20
C ILE C 1171 32.83 -28.04 -3.92
N ALA C 1172 31.90 -27.16 -3.52
CA ALA C 1172 30.52 -27.26 -4.00
C ALA C 1172 30.31 -26.51 -5.30
N ARG C 1173 30.64 -25.22 -5.34
CA ARG C 1173 30.21 -24.39 -6.45
C ARG C 1173 31.38 -23.70 -7.16
N GLY C 1174 32.54 -24.34 -7.20
CA GLY C 1174 33.63 -23.89 -8.03
C GLY C 1174 34.74 -23.23 -7.23
N GLN C 1175 35.80 -22.88 -7.96
CA GLN C 1175 37.00 -22.30 -7.36
C GLN C 1175 36.71 -20.92 -6.78
N ALA C 1176 37.04 -20.74 -5.51
CA ALA C 1176 36.80 -19.46 -4.84
C ALA C 1176 37.80 -18.42 -5.33
N SER C 1177 37.32 -17.19 -5.49
CA SER C 1177 38.13 -16.09 -5.99
C SER C 1177 38.41 -15.12 -4.85
N VAL C 1178 39.65 -14.65 -4.76
CA VAL C 1178 40.08 -13.80 -3.66
C VAL C 1178 39.58 -12.38 -3.88
N CYS C 1179 39.50 -11.62 -2.79
CA CYS C 1179 39.13 -10.21 -2.83
C CYS C 1179 40.19 -9.38 -2.11
N GLU C 1180 40.90 -8.55 -2.86
CA GLU C 1180 41.93 -7.70 -2.29
C GLU C 1180 41.33 -6.34 -1.93
N PHE C 1181 41.65 -5.86 -0.75
CA PHE C 1181 41.07 -4.64 -0.20
C PHE C 1181 42.05 -3.48 -0.32
N VAL C 1182 41.57 -2.35 -0.82
CA VAL C 1182 42.39 -1.15 -1.01
C VAL C 1182 41.86 -0.05 -0.12
N ALA C 1183 42.73 0.54 0.70
CA ALA C 1183 42.34 1.61 1.59
C ALA C 1183 42.08 2.90 0.81
N MET C 1184 41.09 3.66 1.28
CA MET C 1184 40.59 4.83 0.57
C MET C 1184 39.73 5.64 1.53
N PRO C 1185 39.71 6.97 1.39
CA PRO C 1185 38.99 7.82 2.34
C PRO C 1185 37.48 7.63 2.25
N VAL C 1186 36.81 8.03 3.34
CA VAL C 1186 35.38 7.80 3.48
C VAL C 1186 34.60 8.70 2.54
N SER C 1187 34.90 10.00 2.56
CA SER C 1187 34.16 10.97 1.74
C SER C 1187 34.63 10.88 0.29
N THR C 1188 34.11 9.86 -0.39
CA THR C 1188 34.49 9.58 -1.76
C THR C 1188 33.27 9.73 -2.67
N ASP C 1189 33.44 10.45 -3.78
CA ASP C 1189 32.39 10.59 -4.78
C ASP C 1189 31.99 9.23 -5.31
N LEU C 1190 30.76 8.83 -5.04
CA LEU C 1190 30.34 7.47 -5.35
C LEU C 1190 30.00 7.30 -6.82
N GLN C 1191 29.94 8.41 -7.57
CA GLN C 1191 29.65 8.34 -8.99
C GLN C 1191 30.81 7.70 -9.77
N TYR C 1192 32.00 7.66 -9.18
CA TYR C 1192 33.13 6.98 -9.80
C TYR C 1192 32.86 5.49 -9.98
N PHE C 1193 32.30 4.85 -8.96
CA PHE C 1193 32.13 3.40 -8.97
C PHE C 1193 30.89 2.94 -9.72
N ARG C 1194 30.05 3.84 -10.19
CA ARG C 1194 28.85 3.46 -10.91
C ARG C 1194 29.13 3.14 -12.38
N THR C 1195 30.33 3.43 -12.87
CA THR C 1195 30.71 3.05 -14.23
C THR C 1195 31.96 2.19 -14.17
N ALA C 1196 32.51 1.85 -15.33
CA ALA C 1196 33.74 1.05 -15.39
C ALA C 1196 34.91 1.92 -14.95
N CYS C 1197 35.35 1.75 -13.72
CA CYS C 1197 36.36 2.61 -13.14
C CYS C 1197 37.69 1.87 -13.00
N ASN C 1198 38.67 2.54 -12.41
CA ASN C 1198 40.01 2.02 -12.18
C ASN C 1198 40.29 1.98 -10.69
N PRO C 1199 40.73 0.84 -10.14
CA PRO C 1199 40.87 0.74 -8.68
C PRO C 1199 42.02 1.55 -8.11
N ARG C 1200 42.94 2.02 -8.93
CA ARG C 1200 44.05 2.82 -8.43
C ARG C 1200 43.58 4.21 -7.98
N GLY C 1201 42.44 4.65 -8.47
CA GLY C 1201 41.95 5.99 -8.21
C GLY C 1201 42.34 7.00 -9.26
N ARG C 1202 43.36 6.70 -10.05
CA ARG C 1202 43.79 7.58 -11.14
C ARG C 1202 44.02 6.74 -12.37
N ALA C 1203 43.42 7.13 -13.49
CA ALA C 1203 43.54 6.36 -14.73
C ALA C 1203 44.98 6.39 -15.23
N SER C 1204 45.45 5.24 -15.70
CA SER C 1204 46.83 5.07 -16.09
C SER C 1204 46.87 4.26 -17.38
N GLY C 1205 48.03 3.72 -17.69
CA GLY C 1205 48.21 2.90 -18.86
C GLY C 1205 49.01 3.60 -19.94
N MET C 1206 49.37 2.82 -20.96
CA MET C 1206 50.12 3.34 -22.08
C MET C 1206 49.24 3.79 -23.23
N LEU C 1207 47.93 3.83 -23.04
CA LEU C 1207 47.00 4.07 -24.12
C LEU C 1207 46.81 5.56 -24.40
N TYR C 1208 47.58 6.41 -23.73
CA TYR C 1208 47.44 7.86 -23.80
C TYR C 1208 48.83 8.41 -24.10
N MET C 1209 49.05 8.87 -25.33
CA MET C 1209 50.39 9.25 -25.77
C MET C 1209 50.26 10.45 -26.70
N GLY C 1210 51.34 10.73 -27.44
CA GLY C 1210 51.26 11.68 -28.53
C GLY C 1210 52.46 12.59 -28.69
N ASP C 1211 53.24 12.77 -27.64
CA ASP C 1211 54.26 13.81 -27.74
C ASP C 1211 55.66 13.36 -27.36
N ARG C 1212 55.80 12.42 -26.43
CA ARG C 1212 57.11 12.07 -25.91
C ARG C 1212 57.15 10.59 -25.57
N ASP C 1213 58.18 10.21 -24.81
CA ASP C 1213 58.41 8.82 -24.44
C ASP C 1213 58.43 8.60 -22.93
N ALA C 1214 58.91 9.58 -22.17
CA ALA C 1214 58.93 9.47 -20.70
C ALA C 1214 57.67 10.07 -20.09
N ASP C 1215 56.54 9.51 -20.51
CA ASP C 1215 55.23 9.98 -20.06
C ASP C 1215 54.50 8.94 -19.22
N ILE C 1216 55.05 7.73 -19.10
CA ILE C 1216 54.40 6.68 -18.32
C ILE C 1216 54.43 6.97 -16.83
N GLU C 1217 55.56 7.39 -16.28
CA GLU C 1217 55.61 7.86 -14.91
C GLU C 1217 54.85 9.16 -14.72
N ALA C 1218 54.76 9.99 -15.77
CA ALA C 1218 54.00 11.24 -15.67
C ALA C 1218 52.51 10.99 -15.57
N ILE C 1219 51.99 10.03 -16.34
CA ILE C 1219 50.57 9.71 -16.26
C ILE C 1219 50.25 9.02 -14.95
N MET C 1220 51.09 8.07 -14.55
CA MET C 1220 50.72 7.17 -13.46
C MET C 1220 51.06 7.77 -12.09
N PHE C 1221 52.09 8.61 -11.99
CA PHE C 1221 52.59 9.00 -10.68
C PHE C 1221 52.76 10.50 -10.46
N ASP C 1222 52.77 11.32 -11.51
CA ASP C 1222 52.99 12.75 -11.34
C ASP C 1222 51.67 13.39 -10.95
N HIS C 1223 51.58 13.88 -9.70
CA HIS C 1223 50.37 14.47 -9.19
C HIS C 1223 50.38 15.99 -9.24
N THR C 1224 51.38 16.60 -9.86
CA THR C 1224 51.33 18.03 -10.14
C THR C 1224 50.24 18.35 -11.16
N GLN C 1225 50.11 17.53 -12.20
CA GLN C 1225 49.07 17.71 -13.21
C GLN C 1225 47.91 16.77 -12.93
N SER C 1226 46.78 17.06 -13.56
CA SER C 1226 45.52 16.43 -13.23
C SER C 1226 45.43 15.01 -13.79
N ASP C 1227 44.34 14.34 -13.45
CA ASP C 1227 44.03 13.03 -14.01
C ASP C 1227 43.75 13.14 -15.50
N VAL C 1228 43.99 12.04 -16.22
CA VAL C 1228 43.75 12.04 -17.66
C VAL C 1228 42.26 11.89 -17.96
N ALA C 1229 41.56 11.03 -17.23
CA ALA C 1229 40.18 10.72 -17.56
C ALA C 1229 39.20 11.74 -16.97
N TYR C 1230 39.34 12.02 -15.67
CA TYR C 1230 38.51 13.01 -14.99
C TYR C 1230 39.37 14.26 -14.81
N THR C 1231 39.29 15.16 -15.80
CA THR C 1231 40.21 16.30 -15.87
C THR C 1231 39.72 17.46 -15.00
N ASP C 1232 39.50 17.15 -13.73
CA ASP C 1232 39.08 18.14 -12.75
C ASP C 1232 39.87 17.96 -11.45
N ARG C 1233 40.48 16.80 -11.25
CA ARG C 1233 41.08 16.46 -9.98
C ARG C 1233 42.31 15.59 -10.22
N ALA C 1234 43.20 15.56 -9.24
CA ALA C 1234 44.45 14.83 -9.41
C ALA C 1234 44.24 13.33 -9.34
N THR C 1235 43.75 12.83 -8.21
CA THR C 1235 43.49 11.40 -8.05
C THR C 1235 42.37 11.22 -7.04
N LEU C 1236 41.60 10.13 -7.21
CA LEU C 1236 40.45 9.92 -6.35
C LEU C 1236 40.86 9.70 -4.90
N ASN C 1237 41.76 8.76 -4.66
CA ASN C 1237 42.25 8.55 -3.30
C ASN C 1237 43.75 8.81 -3.29
N PRO C 1238 44.25 9.60 -2.34
CA PRO C 1238 45.69 9.79 -2.20
C PRO C 1238 46.36 8.75 -1.32
N TRP C 1239 45.73 7.61 -1.07
CA TRP C 1239 46.35 6.59 -0.26
C TRP C 1239 46.80 5.38 -1.06
N ALA C 1240 46.46 5.32 -2.35
CA ALA C 1240 46.88 4.21 -3.19
C ALA C 1240 47.23 4.68 -4.60
N SER C 1241 47.74 5.91 -4.75
CA SER C 1241 48.01 6.45 -6.06
C SER C 1241 49.35 7.14 -6.22
N GLN C 1242 49.99 7.58 -5.14
CA GLN C 1242 51.29 8.23 -5.28
C GLN C 1242 52.38 7.20 -5.55
N LYS C 1243 53.60 7.71 -5.72
CA LYS C 1243 54.73 6.87 -6.08
C LYS C 1243 55.09 5.92 -4.96
N HIS C 1244 54.86 6.30 -3.72
CA HIS C 1244 55.20 5.48 -2.57
C HIS C 1244 54.09 5.49 -1.54
N SER C 1245 52.84 5.50 -1.99
CA SER C 1245 51.71 5.54 -1.07
C SER C 1245 51.51 4.15 -0.47
N TYR C 1246 50.51 4.03 0.41
CA TYR C 1246 50.26 2.77 1.11
C TYR C 1246 49.83 1.67 0.14
N GLY C 1247 48.85 1.98 -0.70
CA GLY C 1247 48.40 1.00 -1.68
C GLY C 1247 49.46 0.65 -2.69
N ASP C 1248 50.28 1.61 -3.08
CA ASP C 1248 51.33 1.33 -4.05
C ASP C 1248 52.47 0.55 -3.41
N ARG C 1249 52.80 0.84 -2.16
CA ARG C 1249 53.80 0.05 -1.45
C ARG C 1249 53.32 -1.37 -1.20
N LEU C 1250 52.02 -1.57 -1.03
CA LEU C 1250 51.50 -2.88 -0.66
C LEU C 1250 51.15 -3.76 -1.86
N TYR C 1251 50.81 -3.19 -3.01
CA TYR C 1251 50.32 -4.01 -4.12
C TYR C 1251 51.11 -3.90 -5.42
N ASN C 1252 52.23 -3.18 -5.45
CA ASN C 1252 53.03 -3.12 -6.67
C ASN C 1252 53.94 -4.34 -6.78
N GLY C 1253 54.30 -4.68 -8.01
CA GLY C 1253 55.23 -5.76 -8.23
C GLY C 1253 56.68 -5.34 -8.26
N THR C 1254 56.94 -4.04 -8.39
CA THR C 1254 58.32 -3.58 -8.49
C THR C 1254 59.04 -3.68 -7.15
N TYR C 1255 58.39 -3.24 -6.07
CA TYR C 1255 59.00 -3.36 -4.75
C TYR C 1255 58.97 -4.78 -4.22
N ASN C 1256 57.99 -5.58 -4.65
CA ASN C 1256 57.89 -7.01 -4.34
C ASN C 1256 57.82 -7.25 -2.83
N LEU C 1257 56.71 -6.83 -2.23
CA LEU C 1257 56.50 -7.09 -0.81
C LEU C 1257 55.71 -8.36 -0.59
N THR C 1258 54.87 -8.73 -1.56
CA THR C 1258 54.02 -9.92 -1.48
C THR C 1258 54.52 -11.05 -2.36
N GLY C 1259 55.84 -11.10 -2.58
CA GLY C 1259 56.40 -12.09 -3.49
C GLY C 1259 56.31 -13.51 -2.99
N ALA C 1260 56.54 -13.72 -1.69
CA ALA C 1260 56.57 -15.06 -1.14
C ALA C 1260 55.19 -15.67 -0.94
N SER C 1261 54.13 -14.89 -1.09
CA SER C 1261 52.78 -15.41 -0.89
C SER C 1261 52.38 -16.25 -2.09
N PRO C 1262 51.89 -17.48 -1.90
CA PRO C 1262 51.50 -18.30 -3.04
C PRO C 1262 50.17 -17.90 -3.64
N ILE C 1263 49.37 -17.08 -2.97
CA ILE C 1263 48.04 -16.75 -3.48
C ILE C 1263 48.12 -15.53 -4.40
N TYR C 1264 47.05 -15.31 -5.14
CA TYR C 1264 46.97 -14.31 -6.19
C TYR C 1264 46.46 -13.00 -5.60
N SER C 1265 47.11 -11.90 -5.96
CA SER C 1265 46.56 -10.57 -5.69
C SER C 1265 45.90 -10.06 -6.97
N PRO C 1266 44.57 -9.97 -7.03
CA PRO C 1266 43.91 -9.66 -8.31
C PRO C 1266 44.08 -8.22 -8.75
N CYS C 1267 44.56 -7.33 -7.90
CA CYS C 1267 44.83 -5.95 -8.31
C CYS C 1267 46.30 -5.70 -8.55
N PHE C 1268 47.08 -6.75 -8.85
CA PHE C 1268 48.47 -6.55 -9.22
C PHE C 1268 48.59 -5.92 -10.61
N LYS C 1269 47.67 -6.25 -11.52
CA LYS C 1269 47.76 -5.76 -12.89
C LYS C 1269 47.42 -4.28 -13.02
N PHE C 1270 46.85 -3.66 -12.00
CA PHE C 1270 46.49 -2.26 -12.06
C PHE C 1270 47.54 -1.34 -11.46
N PHE C 1271 48.49 -1.89 -10.72
CA PHE C 1271 49.47 -1.06 -10.02
C PHE C 1271 50.87 -1.16 -10.60
N THR C 1272 51.12 -2.08 -11.52
CA THR C 1272 52.47 -2.34 -11.99
C THR C 1272 52.71 -1.68 -13.34
N PRO C 1273 53.72 -0.82 -13.47
CA PRO C 1273 54.07 -0.28 -14.80
C PRO C 1273 54.73 -1.35 -15.65
N ALA C 1274 54.17 -1.58 -16.84
CA ALA C 1274 54.67 -2.65 -17.69
C ALA C 1274 55.93 -2.22 -18.45
N GLU C 1275 56.83 -3.18 -18.64
CA GLU C 1275 58.02 -2.97 -19.46
C GLU C 1275 57.64 -3.05 -20.94
N VAL C 1276 58.26 -2.21 -21.75
CA VAL C 1276 57.78 -1.97 -23.11
C VAL C 1276 58.90 -1.36 -23.95
N ASN C 1277 58.79 -1.51 -25.27
CA ASN C 1277 59.51 -0.69 -26.23
C ASN C 1277 58.54 0.35 -26.79
N THR C 1278 59.01 1.59 -26.89
CA THR C 1278 58.17 2.70 -27.35
C THR C 1278 58.36 3.04 -28.82
N ASN C 1279 59.01 2.16 -29.59
CA ASN C 1279 59.22 2.42 -31.01
C ASN C 1279 57.92 2.38 -31.79
N CYS C 1280 57.05 1.41 -31.49
CA CYS C 1280 55.79 1.28 -32.20
C CYS C 1280 54.81 2.38 -31.79
N ASN C 1281 53.84 2.64 -32.67
CA ASN C 1281 52.77 3.56 -32.34
C ASN C 1281 51.73 2.90 -31.43
N THR C 1282 50.70 3.67 -31.06
CA THR C 1282 49.79 3.23 -30.02
C THR C 1282 48.86 2.13 -30.49
N LEU C 1283 48.36 2.23 -31.73
CA LEU C 1283 47.34 1.29 -32.19
C LEU C 1283 47.92 -0.10 -32.45
N ASP C 1284 49.10 -0.17 -33.06
CA ASP C 1284 49.73 -1.46 -33.28
C ASP C 1284 50.13 -2.12 -31.97
N ARG C 1285 50.59 -1.31 -31.00
CA ARG C 1285 50.88 -1.83 -29.67
C ARG C 1285 49.63 -2.37 -29.01
N LEU C 1286 48.51 -1.66 -29.14
CA LEU C 1286 47.25 -2.10 -28.56
C LEU C 1286 46.78 -3.40 -29.20
N LEU C 1287 46.99 -3.55 -30.51
CA LEU C 1287 46.63 -4.80 -31.15
C LEU C 1287 47.59 -5.93 -30.78
N MET C 1288 48.84 -5.61 -30.47
CA MET C 1288 49.78 -6.65 -30.03
C MET C 1288 49.48 -7.15 -28.63
N GLU C 1289 49.03 -6.27 -27.73
CA GLU C 1289 48.69 -6.74 -26.39
C GLU C 1289 47.26 -7.29 -26.29
N ALA C 1290 46.52 -7.34 -27.40
CA ALA C 1290 45.13 -7.78 -27.36
C ALA C 1290 44.96 -9.28 -27.61
N LYS C 1291 46.03 -10.00 -27.89
CA LYS C 1291 45.91 -11.41 -28.24
C LYS C 1291 45.71 -12.27 -26.99
N ALA C 1292 45.80 -13.57 -27.17
CA ALA C 1292 45.62 -14.51 -26.08
C ALA C 1292 46.84 -14.52 -25.15
N VAL C 1293 46.78 -13.72 -24.08
CA VAL C 1293 47.88 -13.68 -23.13
C VAL C 1293 47.85 -14.94 -22.27
N ALA C 1294 49.01 -15.36 -21.80
CA ALA C 1294 49.09 -16.51 -20.91
C ALA C 1294 48.41 -16.21 -19.58
N SER C 1295 47.76 -17.23 -19.03
CA SER C 1295 47.01 -17.07 -17.80
C SER C 1295 47.93 -16.82 -16.62
N GLN C 1296 47.47 -15.97 -15.70
CA GLN C 1296 48.24 -15.63 -14.51
C GLN C 1296 47.54 -16.04 -13.23
N SER C 1297 46.62 -17.00 -13.32
CA SER C 1297 46.00 -17.60 -12.15
C SER C 1297 46.09 -19.11 -12.30
N SER C 1298 45.56 -19.84 -11.32
CA SER C 1298 45.60 -21.29 -11.33
C SER C 1298 44.19 -21.83 -11.51
N THR C 1299 44.08 -22.93 -12.25
CA THR C 1299 42.78 -23.49 -12.60
C THR C 1299 42.45 -24.77 -11.85
N ASP C 1300 43.44 -25.46 -11.29
CA ASP C 1300 43.18 -26.75 -10.67
C ASP C 1300 42.95 -26.66 -9.17
N THR C 1301 43.51 -25.67 -8.49
CA THR C 1301 43.44 -25.62 -7.04
C THR C 1301 42.09 -25.07 -6.59
N GLU C 1302 41.95 -24.80 -5.29
CA GLU C 1302 40.69 -24.35 -4.72
C GLU C 1302 40.78 -22.96 -4.11
N TYR C 1303 41.90 -22.26 -4.30
CA TYR C 1303 42.05 -20.94 -3.70
C TYR C 1303 42.57 -19.88 -4.65
N GLN C 1304 42.66 -20.18 -5.95
CA GLN C 1304 43.19 -19.26 -6.97
C GLN C 1304 44.61 -18.81 -6.63
N PHE C 1305 45.53 -19.77 -6.68
CA PHE C 1305 46.93 -19.50 -6.38
C PHE C 1305 47.60 -18.79 -7.56
N LYS C 1306 48.89 -18.49 -7.37
CA LYS C 1306 49.69 -17.94 -8.46
C LYS C 1306 49.89 -18.99 -9.54
N ARG C 1307 50.24 -18.53 -10.73
CA ARG C 1307 50.35 -19.41 -11.88
C ARG C 1307 51.51 -20.38 -11.72
N PRO C 1308 51.31 -21.68 -11.95
CA PRO C 1308 52.42 -22.63 -11.87
C PRO C 1308 53.42 -22.39 -12.98
N PRO C 1309 54.70 -22.69 -12.74
CA PRO C 1309 55.70 -22.50 -13.80
C PRO C 1309 55.51 -23.48 -14.94
N GLY C 1310 55.50 -22.95 -16.16
CA GLY C 1310 55.48 -23.78 -17.35
C GLY C 1310 54.11 -24.16 -17.87
N SER C 1311 53.05 -23.88 -17.13
CA SER C 1311 51.71 -24.22 -17.59
C SER C 1311 51.24 -23.17 -18.60
N THR C 1312 50.85 -23.64 -19.79
CA THR C 1312 50.47 -22.76 -20.89
C THR C 1312 48.97 -22.87 -21.09
N GLU C 1313 48.22 -21.91 -20.54
CA GLU C 1313 46.79 -21.80 -20.78
C GLU C 1313 46.53 -20.41 -21.34
N MET C 1314 46.11 -20.34 -22.60
CA MET C 1314 45.88 -19.07 -23.27
C MET C 1314 44.49 -18.55 -22.90
N THR C 1315 44.45 -17.41 -22.23
CA THR C 1315 43.20 -16.78 -21.82
C THR C 1315 43.12 -15.39 -22.41
N GLN C 1316 42.00 -15.08 -23.06
CA GLN C 1316 41.75 -13.70 -23.48
C GLN C 1316 41.58 -12.82 -22.25
N ASP C 1317 42.10 -11.59 -22.31
CA ASP C 1317 42.07 -10.68 -21.17
C ASP C 1317 41.47 -9.33 -21.53
N PRO C 1318 40.14 -9.21 -21.56
CA PRO C 1318 39.54 -7.87 -21.45
C PRO C 1318 39.83 -7.26 -20.10
N CYS C 1319 39.70 -5.94 -20.05
CA CYS C 1319 39.85 -5.09 -18.85
C CYS C 1319 41.18 -5.33 -18.13
N GLY C 1320 42.19 -5.74 -18.87
CA GLY C 1320 43.55 -5.82 -18.37
C GLY C 1320 44.46 -5.03 -19.28
N LEU C 1321 43.99 -4.82 -20.52
CA LEU C 1321 44.68 -3.95 -21.46
C LEU C 1321 44.10 -2.56 -21.49
N PHE C 1322 42.88 -2.36 -20.99
CA PHE C 1322 42.28 -1.05 -20.86
C PHE C 1322 42.46 -0.44 -19.47
N GLN C 1323 42.93 -1.22 -18.49
CA GLN C 1323 43.10 -0.82 -17.10
C GLN C 1323 41.80 -0.27 -16.51
N GLU C 1324 40.80 -1.13 -16.47
CA GLU C 1324 39.50 -0.77 -15.92
C GLU C 1324 38.87 -1.99 -15.27
N ALA C 1325 37.88 -1.75 -14.42
CA ALA C 1325 37.18 -2.82 -13.72
C ALA C 1325 35.67 -2.55 -13.77
N TYR C 1326 34.92 -3.54 -14.20
CA TYR C 1326 33.47 -3.39 -14.33
C TYR C 1326 32.79 -3.68 -12.99
N PRO C 1327 31.96 -2.78 -12.48
CA PRO C 1327 31.29 -3.01 -11.19
C PRO C 1327 30.04 -3.86 -11.35
N PRO C 1328 29.79 -4.78 -10.42
CA PRO C 1328 28.60 -5.62 -10.52
C PRO C 1328 27.42 -5.04 -9.78
N LEU C 1329 26.27 -5.72 -9.82
CA LEU C 1329 25.11 -5.30 -9.04
C LEU C 1329 25.40 -5.52 -7.56
N CYS C 1330 25.65 -4.44 -6.84
CA CYS C 1330 25.99 -4.48 -5.43
C CYS C 1330 25.20 -3.41 -4.70
N SER C 1331 24.98 -3.64 -3.41
CA SER C 1331 24.25 -2.68 -2.60
C SER C 1331 24.67 -2.84 -1.15
N SER C 1332 24.53 -1.76 -0.39
CA SER C 1332 24.88 -1.79 1.02
C SER C 1332 23.73 -2.22 1.90
N ASP C 1333 22.56 -2.50 1.32
CA ASP C 1333 21.43 -3.01 2.09
C ASP C 1333 20.73 -4.09 1.30
N ALA C 1334 20.40 -5.19 1.97
CA ALA C 1334 19.68 -6.27 1.31
C ALA C 1334 18.22 -5.94 1.08
N ALA C 1335 17.71 -4.87 1.70
CA ALA C 1335 16.32 -4.49 1.52
C ALA C 1335 16.06 -4.00 0.10
N MET C 1336 16.88 -3.09 -0.39
CA MET C 1336 16.65 -2.49 -1.69
C MET C 1336 17.31 -3.25 -2.83
N LEU C 1337 18.04 -4.32 -2.53
CA LEU C 1337 18.56 -5.20 -3.58
C LEU C 1337 17.47 -5.93 -4.34
N ARG C 1338 16.28 -6.07 -3.76
CA ARG C 1338 15.20 -6.80 -4.37
C ARG C 1338 13.86 -6.18 -3.98
N THR C 1339 12.93 -6.17 -4.93
CA THR C 1339 11.63 -5.54 -4.74
C THR C 1339 10.51 -6.59 -4.70
N ALA C 1340 9.34 -6.14 -4.26
CA ALA C 1340 8.21 -7.04 -4.02
C ALA C 1340 7.22 -6.99 -5.19
N HIS C 1341 7.57 -7.71 -6.25
CA HIS C 1341 6.65 -7.82 -7.38
C HIS C 1341 6.71 -9.23 -8.00
N ALA C 1342 7.49 -10.15 -7.43
CA ALA C 1342 7.70 -11.51 -7.93
C ALA C 1342 8.24 -11.48 -9.36
N GLY C 1343 9.48 -11.00 -9.47
CA GLY C 1343 10.06 -10.72 -10.76
C GLY C 1343 11.40 -10.02 -10.67
N GLU C 1344 11.51 -8.87 -11.35
CA GLU C 1344 12.75 -8.10 -11.44
C GLU C 1344 13.22 -7.64 -10.07
N THR C 1345 14.49 -7.23 -10.02
CA THR C 1345 15.13 -6.81 -8.79
C THR C 1345 14.98 -5.31 -8.58
N GLY C 1346 15.67 -4.80 -7.56
CA GLY C 1346 15.54 -3.41 -7.21
C GLY C 1346 16.24 -2.48 -8.20
N ALA C 1347 15.85 -1.21 -8.14
CA ALA C 1347 16.44 -0.20 -9.02
C ALA C 1347 16.63 1.16 -8.34
N ASP C 1348 16.38 1.27 -7.04
CA ASP C 1348 16.56 2.55 -6.36
C ASP C 1348 18.06 2.82 -6.17
N GLU C 1349 18.44 4.09 -6.32
CA GLU C 1349 19.86 4.41 -6.30
C GLU C 1349 20.39 4.51 -4.88
N VAL C 1350 19.91 5.48 -4.10
CA VAL C 1350 20.24 5.61 -2.69
C VAL C 1350 18.95 5.83 -1.91
N HIS C 1351 18.83 5.21 -0.75
CA HIS C 1351 17.60 5.41 0.00
C HIS C 1351 17.72 6.49 1.06
N LEU C 1352 18.55 6.29 2.08
CA LEU C 1352 18.78 7.37 3.03
C LEU C 1352 20.26 7.69 3.14
N ALA C 1353 21.07 6.67 3.45
CA ALA C 1353 22.51 6.78 3.40
C ALA C 1353 23.17 5.54 2.82
N GLN C 1354 22.40 4.52 2.48
CA GLN C 1354 22.92 3.35 1.79
C GLN C 1354 22.96 3.62 0.30
N TYR C 1355 23.31 2.62 -0.49
CA TYR C 1355 23.40 2.83 -1.93
C TYR C 1355 23.21 1.51 -2.65
N LEU C 1356 22.91 1.59 -3.94
CA LEU C 1356 22.77 0.42 -4.80
C LEU C 1356 23.44 0.78 -6.13
N ILE C 1357 24.62 0.25 -6.36
CA ILE C 1357 25.35 0.49 -7.59
C ILE C 1357 24.83 -0.50 -8.64
N ARG C 1358 24.16 0.02 -9.66
CA ARG C 1358 23.54 -0.85 -10.64
C ARG C 1358 24.59 -1.48 -11.54
N ASP C 1359 24.19 -2.57 -12.20
CA ASP C 1359 25.13 -3.41 -12.92
C ASP C 1359 25.63 -2.72 -14.19
N ALA C 1360 26.95 -2.75 -14.38
CA ALA C 1360 27.57 -2.20 -15.59
C ALA C 1360 28.51 -3.18 -16.27
N SER C 1361 28.61 -4.41 -15.76
CA SER C 1361 29.50 -5.42 -16.30
C SER C 1361 28.96 -5.95 -17.61
N PRO C 1362 29.78 -6.68 -18.38
CA PRO C 1362 29.24 -7.40 -19.55
C PRO C 1362 28.21 -8.48 -19.24
N LEU C 1363 27.98 -8.81 -17.97
CA LEU C 1363 26.96 -9.80 -17.60
C LEU C 1363 25.63 -9.10 -17.29
N ARG C 1364 25.20 -8.26 -18.23
CA ARG C 1364 23.95 -7.54 -18.03
C ARG C 1364 22.74 -8.45 -18.16
N GLY C 1365 22.70 -9.29 -19.19
CA GLY C 1365 21.55 -10.15 -19.44
C GLY C 1365 21.76 -11.62 -19.14
N CYS C 1366 22.84 -11.95 -18.44
CA CYS C 1366 23.18 -13.32 -18.08
C CYS C 1366 23.20 -13.46 -16.57
N LEU C 1367 23.61 -14.66 -16.09
CA LEU C 1367 23.70 -15.01 -14.67
C LEU C 1367 22.40 -14.77 -13.92
N PRO C 1368 21.42 -15.68 -14.04
CA PRO C 1368 20.10 -15.45 -13.44
C PRO C 1368 20.15 -15.34 -11.93
N LEU C 1369 19.24 -14.54 -11.38
CA LEU C 1369 19.30 -14.12 -9.99
C LEU C 1369 18.23 -14.81 -9.15
N PRO D 1 -88.43 -6.87 -51.42
CA PRO D 1 -88.41 -6.80 -52.90
C PRO D 1 -87.34 -7.73 -53.47
N ALA D 2 -87.72 -9.00 -53.61
CA ALA D 2 -86.75 -10.03 -54.01
C ALA D 2 -86.29 -9.82 -55.45
N GLY D 3 -87.21 -9.49 -56.34
CA GLY D 3 -86.87 -9.28 -57.74
C GLY D 3 -86.83 -10.53 -58.58
N ILE D 4 -87.10 -11.70 -58.00
CA ILE D 4 -87.12 -12.91 -58.80
C ILE D 4 -88.42 -13.00 -59.58
N ILE D 5 -88.46 -13.92 -60.54
CA ILE D 5 -89.67 -14.14 -61.34
C ILE D 5 -90.75 -14.75 -60.45
N PRO D 6 -91.95 -14.18 -60.41
CA PRO D 6 -93.00 -14.75 -59.57
C PRO D 6 -93.47 -16.11 -60.06
N THR D 7 -93.82 -16.98 -59.12
CA THR D 7 -94.28 -18.32 -59.46
C THR D 7 -95.69 -18.28 -60.04
N GLY D 8 -96.58 -17.52 -59.43
CA GLY D 8 -97.95 -17.45 -59.90
C GLY D 8 -98.59 -16.13 -59.53
N ASN D 9 -99.73 -15.86 -60.14
CA ASN D 9 -100.44 -14.60 -59.93
C ASN D 9 -101.36 -14.67 -58.71
N VAL D 10 -101.80 -13.51 -58.25
CA VAL D 10 -102.79 -13.40 -57.18
C VAL D 10 -104.08 -12.90 -57.80
N LEU D 11 -105.18 -13.58 -57.52
CA LEU D 11 -106.45 -13.27 -58.17
C LEU D 11 -107.32 -12.34 -57.36
N SER D 12 -107.11 -12.25 -56.05
CA SER D 12 -107.90 -11.34 -55.22
C SER D 12 -107.19 -9.99 -55.09
N THR D 13 -107.95 -8.91 -55.27
CA THR D 13 -107.43 -7.55 -55.15
C THR D 13 -108.30 -6.82 -54.14
N ILE D 14 -107.91 -6.89 -52.87
CA ILE D 14 -108.67 -6.32 -51.77
C ILE D 14 -107.75 -5.49 -50.88
N GLU D 15 -108.35 -4.79 -49.93
CA GLU D 15 -107.63 -3.94 -48.99
C GLU D 15 -106.85 -4.82 -48.01
N VAL D 16 -105.55 -4.96 -48.24
CA VAL D 16 -104.76 -5.88 -47.43
C VAL D 16 -104.43 -5.29 -46.07
N CYS D 17 -104.53 -3.97 -45.92
CA CYS D 17 -104.15 -3.33 -44.67
C CYS D 17 -105.19 -3.54 -43.58
N ALA D 18 -106.43 -3.89 -43.95
CA ALA D 18 -107.48 -4.09 -42.97
C ALA D 18 -107.20 -5.32 -42.10
N HIS D 19 -106.90 -6.45 -42.73
CA HIS D 19 -106.58 -7.68 -42.03
C HIS D 19 -105.06 -7.91 -42.04
N ARG D 20 -104.38 -7.11 -41.23
CA ARG D 20 -102.95 -7.21 -41.04
C ARG D 20 -102.56 -8.19 -39.93
N CYS D 21 -103.53 -8.73 -39.20
CA CYS D 21 -103.27 -9.68 -38.13
C CYS D 21 -103.06 -11.11 -38.64
N ILE D 22 -102.94 -11.27 -39.94
CA ILE D 22 -102.55 -12.52 -40.56
C ILE D 22 -101.14 -12.20 -41.08
N PHE D 23 -100.49 -13.17 -41.75
CA PHE D 23 -99.13 -13.08 -42.27
C PHE D 23 -98.14 -12.99 -41.11
N ASP D 24 -96.90 -12.62 -41.39
CA ASP D 24 -95.89 -12.57 -40.33
C ASP D 24 -95.11 -11.27 -40.40
N PHE D 25 -95.07 -10.65 -41.57
CA PHE D 25 -94.38 -9.38 -41.76
C PHE D 25 -95.13 -8.59 -42.81
N PHE D 26 -95.78 -7.50 -42.40
CA PHE D 26 -96.59 -6.68 -43.28
C PHE D 26 -95.96 -5.30 -43.37
N LYS D 27 -95.35 -5.00 -44.51
CA LYS D 27 -94.70 -3.73 -44.76
C LYS D 27 -95.43 -3.02 -45.89
N GLN D 28 -96.07 -1.90 -45.58
CA GLN D 28 -96.80 -1.10 -46.56
C GLN D 28 -96.00 0.17 -46.83
N ILE D 29 -95.74 0.43 -48.11
CA ILE D 29 -95.02 1.62 -48.51
C ILE D 29 -95.92 2.46 -49.41
N ARG D 30 -95.48 3.70 -49.63
CA ARG D 30 -96.13 4.60 -50.57
C ARG D 30 -95.65 4.24 -51.99
N SER D 31 -95.86 5.16 -52.92
CA SER D 31 -95.58 4.93 -54.34
C SER D 31 -94.14 4.56 -54.63
N ASP D 32 -93.21 5.07 -53.83
CA ASP D 32 -91.82 4.65 -53.89
C ASP D 32 -91.16 4.95 -52.55
N ASP D 33 -90.07 4.24 -52.28
CA ASP D 33 -89.33 4.46 -51.05
C ASP D 33 -87.84 4.26 -51.32
N ASN D 34 -87.03 4.87 -50.47
CA ASN D 34 -85.58 4.88 -50.65
C ASN D 34 -84.94 3.55 -50.27
N SER D 35 -85.55 2.79 -49.37
CA SER D 35 -84.89 1.62 -48.81
C SER D 35 -84.92 0.39 -49.72
N LEU D 36 -85.73 0.39 -50.77
CA LEU D 36 -85.78 -0.75 -51.67
C LEU D 36 -84.54 -0.87 -52.56
N TYR D 37 -83.74 0.19 -52.66
CA TYR D 37 -82.57 0.21 -53.53
C TYR D 37 -81.33 0.14 -52.64
N SER D 38 -80.98 -1.08 -52.22
CA SER D 38 -79.80 -1.32 -51.41
C SER D 38 -79.27 -2.70 -51.75
N ALA D 39 -78.00 -2.76 -52.15
CA ALA D 39 -77.39 -4.02 -52.55
C ALA D 39 -76.19 -4.39 -51.70
N GLN D 40 -76.21 -4.05 -50.40
CA GLN D 40 -75.13 -4.45 -49.52
C GLN D 40 -75.12 -5.96 -49.34
N PHE D 41 -73.93 -6.55 -49.41
CA PHE D 41 -73.79 -7.99 -49.28
C PHE D 41 -72.48 -8.32 -48.57
N ASP D 42 -72.23 -9.61 -48.39
CA ASP D 42 -71.04 -10.11 -47.74
C ASP D 42 -70.36 -11.10 -48.68
N ILE D 43 -69.03 -11.13 -48.65
CA ILE D 43 -68.27 -11.98 -49.55
C ILE D 43 -67.32 -12.85 -48.73
N LEU D 44 -67.13 -14.10 -49.17
CA LEU D 44 -66.14 -15.00 -48.61
C LEU D 44 -64.99 -15.11 -49.59
N LEU D 45 -63.81 -14.69 -49.18
CA LEU D 45 -62.69 -14.53 -50.10
C LEU D 45 -61.81 -15.77 -50.19
N GLY D 46 -62.33 -16.93 -49.81
CA GLY D 46 -61.60 -18.17 -49.88
C GLY D 46 -61.23 -18.71 -48.52
N THR D 47 -60.96 -20.01 -48.47
CA THR D 47 -60.53 -20.68 -47.24
C THR D 47 -59.15 -21.26 -47.44
N TYR D 48 -58.37 -21.33 -46.37
CA TYR D 48 -57.01 -21.85 -46.42
C TYR D 48 -56.87 -23.01 -45.44
N CYS D 49 -56.34 -24.12 -45.93
CA CYS D 49 -56.13 -25.32 -45.12
C CYS D 49 -54.70 -25.80 -45.31
N ASN D 50 -54.10 -26.30 -44.24
CA ASN D 50 -52.73 -26.77 -44.27
C ASN D 50 -52.68 -28.28 -44.14
N THR D 51 -51.63 -28.87 -44.71
CA THR D 51 -51.38 -30.30 -44.62
C THR D 51 -50.12 -30.53 -43.81
N LEU D 52 -50.15 -31.53 -42.93
CA LEU D 52 -49.03 -31.77 -42.04
C LEU D 52 -47.85 -32.34 -42.81
N ASN D 53 -46.66 -32.17 -42.23
CA ASN D 53 -45.46 -32.86 -42.71
C ASN D 53 -45.20 -34.09 -41.84
N PHE D 54 -45.40 -35.26 -42.43
CA PHE D 54 -45.35 -36.53 -41.70
C PHE D 54 -43.91 -36.98 -41.56
N VAL D 55 -43.55 -37.43 -40.37
CA VAL D 55 -42.22 -37.95 -40.11
C VAL D 55 -42.29 -39.47 -40.01
N ARG D 56 -41.36 -40.14 -40.68
CA ARG D 56 -41.12 -41.57 -40.47
C ARG D 56 -39.94 -41.70 -39.52
N PHE D 57 -39.99 -42.70 -38.65
CA PHE D 57 -38.99 -42.83 -37.60
C PHE D 57 -37.62 -43.17 -38.18
N LEU D 58 -37.58 -43.86 -39.31
CA LEU D 58 -36.31 -44.28 -39.87
C LEU D 58 -35.61 -43.13 -40.58
N GLU D 59 -36.36 -42.11 -40.98
CA GLU D 59 -35.76 -40.97 -41.66
C GLU D 59 -34.91 -40.14 -40.72
N LEU D 60 -35.21 -40.21 -39.42
CA LEU D 60 -34.49 -39.45 -38.42
C LEU D 60 -33.08 -40.00 -38.21
N GLY D 61 -32.20 -39.13 -37.73
CA GLY D 61 -30.89 -39.57 -37.33
C GLY D 61 -30.85 -40.27 -35.98
N LEU D 62 -31.93 -40.21 -35.22
CA LEU D 62 -32.01 -40.91 -33.94
C LEU D 62 -32.22 -42.40 -34.11
N SER D 63 -32.63 -42.84 -35.30
CA SER D 63 -32.94 -44.25 -35.51
C SER D 63 -31.71 -45.14 -35.47
N VAL D 64 -30.51 -44.56 -35.60
CA VAL D 64 -29.30 -45.37 -35.55
C VAL D 64 -29.02 -45.88 -34.16
N ALA D 65 -29.49 -45.20 -33.11
CA ALA D 65 -29.18 -45.56 -31.74
C ALA D 65 -29.99 -46.74 -31.23
N CYS D 66 -30.88 -47.31 -32.04
CA CYS D 66 -31.71 -48.41 -31.61
C CYS D 66 -31.83 -49.43 -32.73
N ILE D 67 -32.10 -50.67 -32.34
CA ILE D 67 -32.33 -51.76 -33.28
C ILE D 67 -33.79 -52.19 -33.12
N CYS D 68 -34.64 -51.71 -34.02
CA CYS D 68 -36.06 -52.00 -33.93
C CYS D 68 -36.34 -53.41 -34.46
N THR D 69 -37.25 -54.10 -33.80
CA THR D 69 -37.69 -55.43 -34.24
C THR D 69 -39.13 -55.66 -33.83
N LYS D 70 -39.90 -56.21 -34.75
CA LYS D 70 -41.31 -56.51 -34.49
C LYS D 70 -41.44 -57.82 -33.72
N PHE D 71 -42.47 -57.90 -32.90
CA PHE D 71 -42.71 -59.08 -32.08
C PHE D 71 -44.19 -59.14 -31.71
N PRO D 72 -44.99 -59.87 -32.50
CA PRO D 72 -46.45 -59.89 -32.25
C PRO D 72 -46.85 -60.47 -30.90
N GLU D 73 -46.13 -61.48 -30.40
CA GLU D 73 -46.46 -62.07 -29.12
C GLU D 73 -45.70 -61.41 -27.97
N LEU D 74 -45.79 -60.10 -27.86
CA LEU D 74 -45.18 -59.39 -26.73
C LEU D 74 -46.12 -59.29 -25.54
N ALA D 75 -47.43 -59.43 -25.74
CA ALA D 75 -48.35 -59.38 -24.63
C ALA D 75 -48.33 -60.63 -23.76
N TYR D 76 -47.82 -61.74 -24.28
CA TYR D 76 -47.76 -62.99 -23.51
C TYR D 76 -46.44 -63.18 -22.78
N VAL D 77 -45.47 -62.29 -22.96
CA VAL D 77 -44.15 -62.46 -22.38
C VAL D 77 -44.15 -61.96 -20.95
N ARG D 78 -43.75 -62.81 -20.01
CA ARG D 78 -43.63 -62.41 -18.62
C ARG D 78 -42.34 -61.65 -18.38
N ASP D 79 -41.22 -62.22 -18.80
CA ASP D 79 -39.90 -61.65 -18.51
C ASP D 79 -38.91 -62.16 -19.54
N GLY D 80 -38.26 -61.23 -20.25
CA GLY D 80 -37.22 -61.61 -21.19
C GLY D 80 -35.84 -61.29 -20.63
N VAL D 81 -34.85 -62.09 -21.02
CA VAL D 81 -33.49 -61.94 -20.54
C VAL D 81 -32.51 -62.00 -21.70
N ILE D 82 -31.35 -61.37 -21.50
CA ILE D 82 -30.23 -61.44 -22.43
C ILE D 82 -28.98 -61.80 -21.64
N GLN D 83 -28.24 -62.78 -22.15
CA GLN D 83 -27.06 -63.30 -21.48
C GLN D 83 -25.79 -62.78 -22.13
N PHE D 84 -24.73 -62.68 -21.33
CA PHE D 84 -23.43 -62.23 -21.80
C PHE D 84 -22.35 -63.18 -21.31
N GLU D 85 -21.27 -63.32 -22.10
CA GLU D 85 -20.08 -64.06 -21.68
C GLU D 85 -18.86 -63.25 -22.11
N VAL D 86 -18.15 -62.68 -21.14
CA VAL D 86 -17.04 -61.78 -21.41
C VAL D 86 -15.79 -62.32 -20.74
N GLN D 87 -14.70 -62.46 -21.50
CA GLN D 87 -13.42 -62.88 -20.97
C GLN D 87 -12.40 -61.76 -21.08
N GLN D 88 -11.33 -61.88 -20.29
CA GLN D 88 -10.30 -60.86 -20.18
C GLN D 88 -8.92 -61.47 -20.39
N PRO D 89 -7.98 -60.72 -20.96
CA PRO D 89 -6.64 -61.27 -21.24
C PRO D 89 -5.79 -61.35 -19.98
N MET D 90 -4.53 -61.71 -20.17
CA MET D 90 -3.62 -61.99 -19.07
C MET D 90 -2.24 -61.38 -19.35
N ILE D 91 -1.56 -60.98 -18.27
CA ILE D 91 -0.19 -60.50 -18.32
C ILE D 91 0.63 -61.42 -17.43
N ALA D 92 1.69 -62.02 -17.98
CA ALA D 92 2.56 -62.91 -17.23
C ALA D 92 3.76 -62.12 -16.72
N ARG D 93 3.97 -62.13 -15.40
CA ARG D 93 5.11 -61.49 -14.77
C ARG D 93 5.70 -62.42 -13.72
N ASP D 94 6.80 -61.96 -13.13
CA ASP D 94 7.60 -62.72 -12.17
C ASP D 94 7.84 -61.86 -10.94
N GLY D 95 8.79 -62.29 -10.11
CA GLY D 95 9.18 -61.55 -8.93
C GLY D 95 8.20 -61.78 -7.80
N PRO D 96 8.09 -60.80 -6.89
CA PRO D 96 7.14 -60.91 -5.77
C PRO D 96 5.71 -60.50 -6.13
N HIS D 97 5.24 -60.99 -7.27
CA HIS D 97 3.87 -60.82 -7.72
C HIS D 97 3.21 -62.18 -7.84
N PRO D 98 2.01 -62.37 -7.32
CA PRO D 98 1.34 -63.65 -7.49
C PRO D 98 0.96 -63.88 -8.94
N VAL D 99 1.12 -65.12 -9.39
CA VAL D 99 0.81 -65.44 -10.78
C VAL D 99 -0.70 -65.45 -10.96
N ASP D 100 -1.16 -64.85 -12.06
CA ASP D 100 -2.57 -64.66 -12.30
C ASP D 100 -3.11 -65.67 -13.31
N GLN D 101 -4.42 -65.90 -13.22
CA GLN D 101 -5.16 -66.87 -14.01
C GLN D 101 -6.33 -66.15 -14.65
N PRO D 102 -6.74 -66.55 -15.86
CA PRO D 102 -7.70 -65.72 -16.61
C PRO D 102 -9.10 -65.85 -16.04
N VAL D 103 -9.89 -64.80 -16.24
CA VAL D 103 -11.22 -64.69 -15.67
C VAL D 103 -12.25 -64.77 -16.79
N HIS D 104 -13.44 -65.24 -16.45
CA HIS D 104 -14.59 -65.18 -17.33
C HIS D 104 -15.74 -64.54 -16.58
N ASN D 105 -16.53 -63.74 -17.27
CA ASN D 105 -17.65 -63.02 -16.68
C ASN D 105 -18.94 -63.42 -17.37
N TYR D 106 -19.99 -63.57 -16.59
CA TYR D 106 -21.32 -63.86 -17.10
C TYR D 106 -22.30 -62.80 -16.61
N MET D 107 -22.93 -62.09 -17.53
CA MET D 107 -23.85 -61.02 -17.20
C MET D 107 -25.23 -61.35 -17.76
N VAL D 108 -26.27 -60.95 -17.03
CA VAL D 108 -27.65 -61.16 -17.45
C VAL D 108 -28.41 -59.85 -17.30
N LYS D 109 -29.03 -59.39 -18.38
CA LYS D 109 -29.86 -58.20 -18.38
C LYS D 109 -31.28 -58.57 -18.80
N ARG D 110 -32.25 -57.81 -18.29
CA ARG D 110 -33.67 -58.12 -18.47
C ARG D 110 -34.38 -56.99 -19.20
N ILE D 111 -35.58 -57.29 -19.69
CA ILE D 111 -36.34 -56.30 -20.44
C ILE D 111 -37.06 -55.35 -19.49
N HIS D 112 -37.51 -54.23 -20.04
CA HIS D 112 -38.32 -53.26 -19.32
C HIS D 112 -39.49 -52.86 -20.20
N LYS D 113 -40.71 -53.07 -19.72
CA LYS D 113 -41.90 -52.89 -20.54
C LYS D 113 -42.48 -51.49 -20.39
N ARG D 114 -42.69 -50.83 -21.52
CA ARG D 114 -43.38 -49.56 -21.57
C ARG D 114 -44.52 -49.66 -22.56
N SER D 115 -45.14 -48.53 -22.86
CA SER D 115 -46.26 -48.49 -23.79
C SER D 115 -46.39 -47.09 -24.39
N LEU D 116 -47.15 -47.01 -25.47
CA LEU D 116 -47.52 -45.74 -26.09
C LEU D 116 -49.00 -45.74 -26.39
N SER D 117 -49.69 -44.67 -26.01
CA SER D 117 -51.14 -44.59 -26.14
C SER D 117 -51.55 -43.23 -26.67
N ALA D 118 -52.47 -43.23 -27.63
CA ALA D 118 -52.97 -42.01 -28.25
C ALA D 118 -54.47 -42.13 -28.45
N ALA D 119 -55.16 -41.00 -28.27
CA ALA D 119 -56.61 -40.98 -28.29
C ALA D 119 -57.13 -40.46 -29.61
N PHE D 120 -58.43 -40.65 -29.82
CA PHE D 120 -59.07 -40.38 -31.11
C PHE D 120 -60.58 -40.35 -30.87
N ALA D 121 -61.21 -39.20 -31.14
CA ALA D 121 -62.60 -39.00 -30.79
C ALA D 121 -63.47 -38.98 -32.03
N ILE D 122 -64.68 -39.53 -31.91
CA ILE D 122 -65.70 -39.50 -32.95
C ILE D 122 -66.99 -38.97 -32.34
N ALA D 123 -67.57 -37.95 -32.98
CA ALA D 123 -68.79 -37.34 -32.47
C ALA D 123 -69.98 -38.28 -32.61
N SER D 124 -71.01 -38.04 -31.80
CA SER D 124 -72.18 -38.90 -31.78
C SER D 124 -72.96 -38.82 -33.09
N GLU D 125 -73.02 -37.63 -33.69
CA GLU D 125 -73.72 -37.50 -34.97
C GLU D 125 -73.00 -38.24 -36.09
N ALA D 126 -71.68 -38.35 -36.02
CA ALA D 126 -70.96 -39.15 -37.01
C ALA D 126 -71.33 -40.62 -36.90
N LEU D 127 -71.47 -41.13 -35.67
CA LEU D 127 -71.90 -42.50 -35.49
C LEU D 127 -73.34 -42.71 -35.95
N SER D 128 -74.20 -41.71 -35.72
CA SER D 128 -75.57 -41.79 -36.20
C SER D 128 -75.62 -41.80 -37.72
N LEU D 129 -74.76 -41.00 -38.37
CA LEU D 129 -74.73 -40.97 -39.82
C LEU D 129 -74.14 -42.23 -40.41
N LEU D 130 -73.23 -42.89 -39.69
CA LEU D 130 -72.60 -44.09 -40.21
C LEU D 130 -73.23 -45.38 -39.69
N SER D 131 -74.28 -45.30 -38.89
CA SER D 131 -75.01 -46.48 -38.43
C SER D 131 -76.46 -46.47 -38.89
N ASN D 132 -76.73 -45.85 -40.05
CA ASN D 132 -78.10 -45.84 -40.56
C ASN D 132 -78.52 -47.21 -41.06
N THR D 133 -77.59 -47.94 -41.69
CA THR D 133 -77.81 -49.26 -42.30
C THR D 133 -78.94 -49.22 -43.34
N TYR D 134 -78.67 -48.48 -44.42
CA TYR D 134 -79.48 -48.46 -45.64
C TYR D 134 -80.90 -47.95 -45.39
N VAL D 135 -81.01 -46.86 -44.63
CA VAL D 135 -82.28 -46.16 -44.49
C VAL D 135 -82.27 -44.78 -45.12
N ASP D 136 -81.21 -43.99 -44.98
CA ASP D 136 -81.11 -42.69 -45.61
C ASP D 136 -80.39 -42.82 -46.96
N GLY D 137 -80.04 -41.69 -47.55
CA GLY D 137 -79.51 -41.68 -48.91
C GLY D 137 -80.05 -40.53 -49.74
N THR D 138 -80.68 -39.56 -49.07
CA THR D 138 -81.11 -38.34 -49.74
C THR D 138 -79.91 -37.46 -50.06
N GLU D 139 -80.19 -36.31 -50.67
CA GLU D 139 -79.12 -35.45 -51.18
C GLU D 139 -78.35 -34.73 -50.08
N ILE D 140 -79.00 -34.31 -49.01
CA ILE D 140 -78.34 -33.48 -48.00
C ILE D 140 -77.64 -34.38 -46.98
N ASP D 141 -78.08 -35.62 -46.86
CA ASP D 141 -77.44 -36.54 -45.93
C ASP D 141 -76.11 -37.05 -46.45
N SER D 142 -75.97 -37.18 -47.77
CA SER D 142 -74.72 -37.65 -48.36
C SER D 142 -73.58 -36.70 -48.09
N SER D 143 -73.84 -35.39 -48.15
CA SER D 143 -72.80 -34.40 -47.89
C SER D 143 -72.32 -34.47 -46.44
N LEU D 144 -73.25 -34.63 -45.50
CA LEU D 144 -72.87 -34.76 -44.10
C LEU D 144 -72.11 -36.05 -43.84
N ARG D 145 -72.52 -37.15 -44.50
CA ARG D 145 -71.82 -38.42 -44.34
C ARG D 145 -70.40 -38.35 -44.89
N ILE D 146 -70.22 -37.69 -46.04
CA ILE D 146 -68.90 -37.52 -46.62
C ILE D 146 -68.03 -36.62 -45.75
N ARG D 147 -68.64 -35.57 -45.16
CA ARG D 147 -67.90 -34.71 -44.24
C ARG D 147 -67.45 -35.49 -43.00
N ALA D 148 -68.31 -36.37 -42.48
CA ALA D 148 -67.93 -37.18 -41.33
C ALA D 148 -66.83 -38.17 -41.68
N ILE D 149 -66.89 -38.76 -42.88
CA ILE D 149 -65.84 -39.69 -43.33
C ILE D 149 -64.51 -38.97 -43.46
N GLN D 150 -64.52 -37.77 -44.05
CA GLN D 150 -63.30 -36.97 -44.18
C GLN D 150 -62.75 -36.58 -42.81
N GLN D 151 -63.64 -36.22 -41.87
CA GLN D 151 -63.17 -35.86 -40.54
C GLN D 151 -62.55 -37.04 -39.82
N MET D 152 -63.17 -38.22 -39.92
CA MET D 152 -62.60 -39.41 -39.29
C MET D 152 -61.26 -39.78 -39.90
N ALA D 153 -61.14 -39.68 -41.22
CA ALA D 153 -59.89 -40.01 -41.88
C ALA D 153 -58.78 -39.03 -41.53
N ARG D 154 -59.09 -37.73 -41.53
CA ARG D 154 -58.10 -36.71 -41.17
C ARG D 154 -57.70 -36.82 -39.70
N ASN D 155 -58.61 -37.27 -38.86
CA ASN D 155 -58.30 -37.49 -37.46
C ASN D 155 -57.40 -38.71 -37.27
N LEU D 156 -57.77 -39.84 -37.89
CA LEU D 156 -57.00 -41.06 -37.81
C LEU D 156 -55.62 -40.91 -38.44
N ARG D 157 -55.48 -39.95 -39.35
CA ARG D 157 -54.23 -39.72 -40.05
C ARG D 157 -53.15 -39.35 -39.05
N THR D 158 -53.46 -38.32 -38.23
CA THR D 158 -52.52 -37.86 -37.22
C THR D 158 -52.44 -38.82 -36.04
N VAL D 159 -53.52 -39.57 -35.78
CA VAL D 159 -53.43 -40.62 -34.77
C VAL D 159 -52.40 -41.68 -35.17
N LEU D 160 -52.37 -42.05 -36.46
CA LEU D 160 -51.35 -42.98 -36.92
C LEU D 160 -49.96 -42.35 -36.87
N ASP D 161 -49.87 -41.06 -37.21
CA ASP D 161 -48.59 -40.36 -37.18
C ASP D 161 -48.03 -40.21 -35.76
N SER D 162 -48.90 -40.22 -34.75
CA SER D 162 -48.45 -39.96 -33.38
C SER D 162 -47.53 -41.04 -32.85
N PHE D 163 -47.65 -42.28 -33.30
CA PHE D 163 -46.74 -43.32 -32.84
C PHE D 163 -45.35 -43.15 -33.43
N GLU D 164 -45.28 -42.74 -34.71
CA GLU D 164 -44.00 -42.37 -35.31
C GLU D 164 -43.36 -41.22 -34.56
N ARG D 165 -44.15 -40.22 -34.19
CA ARG D 165 -43.60 -39.09 -33.43
C ARG D 165 -43.23 -39.47 -32.00
N GLY D 166 -43.88 -40.45 -31.41
CA GLY D 166 -43.64 -40.78 -30.02
C GLY D 166 -42.54 -41.80 -29.78
N THR D 167 -42.21 -42.58 -30.81
CA THR D 167 -41.10 -43.51 -30.69
C THR D 167 -39.77 -42.79 -30.44
N ALA D 168 -39.53 -41.70 -31.18
CA ALA D 168 -38.33 -40.90 -30.97
C ALA D 168 -38.34 -40.23 -29.61
N ASP D 169 -39.51 -39.79 -29.14
CA ASP D 169 -39.61 -39.18 -27.82
C ASP D 169 -39.28 -40.18 -26.72
N GLN D 170 -39.77 -41.41 -26.86
CA GLN D 170 -39.47 -42.43 -25.85
C GLN D 170 -38.00 -42.85 -25.89
N LEU D 171 -37.41 -42.90 -27.08
CA LEU D 171 -35.97 -43.16 -27.18
C LEU D 171 -35.17 -42.06 -26.50
N LEU D 172 -35.58 -40.80 -26.68
CA LEU D 172 -34.90 -39.71 -26.01
C LEU D 172 -35.07 -39.79 -24.49
N GLY D 173 -36.26 -40.18 -24.03
CA GLY D 173 -36.47 -40.29 -22.59
C GLY D 173 -35.62 -41.38 -21.95
N VAL D 174 -35.55 -42.55 -22.59
CA VAL D 174 -34.75 -43.63 -22.02
C VAL D 174 -33.26 -43.33 -22.12
N LEU D 175 -32.83 -42.64 -23.18
CA LEU D 175 -31.42 -42.29 -23.28
C LEU D 175 -31.04 -41.18 -22.31
N LEU D 176 -31.99 -40.29 -21.96
CA LEU D 176 -31.73 -39.34 -20.88
C LEU D 176 -31.62 -40.04 -19.53
N GLU D 177 -32.50 -41.00 -19.26
CA GLU D 177 -32.39 -41.64 -17.94
C GLU D 177 -31.29 -42.69 -17.88
N LYS D 178 -30.64 -43.00 -19.00
CA LYS D 178 -29.50 -43.91 -19.01
C LYS D 178 -28.16 -43.23 -18.81
N ALA D 179 -27.99 -42.02 -19.31
CA ALA D 179 -26.65 -41.45 -19.51
C ALA D 179 -26.10 -40.87 -18.22
N PRO D 180 -24.93 -41.30 -17.77
CA PRO D 180 -24.25 -40.61 -16.68
C PRO D 180 -23.62 -39.33 -17.19
N PRO D 181 -23.31 -38.37 -16.32
CA PRO D 181 -22.69 -37.13 -16.78
C PRO D 181 -21.28 -37.37 -17.29
N LEU D 182 -20.85 -36.51 -18.22
CA LEU D 182 -19.49 -36.61 -18.74
C LEU D 182 -18.47 -36.23 -17.69
N SER D 183 -18.80 -35.25 -16.84
CA SER D 183 -17.88 -34.76 -15.83
C SER D 183 -17.52 -35.80 -14.77
N LEU D 184 -18.33 -36.84 -14.62
CA LEU D 184 -18.00 -37.94 -13.73
C LEU D 184 -17.50 -39.18 -14.45
N LEU D 185 -18.00 -39.45 -15.66
CA LEU D 185 -17.58 -40.65 -16.36
C LEU D 185 -16.20 -40.48 -16.97
N SER D 186 -15.82 -39.27 -17.36
CA SER D 186 -14.55 -39.09 -18.06
C SER D 186 -13.32 -39.22 -17.15
N PRO D 187 -13.22 -38.55 -15.99
CA PRO D 187 -12.02 -38.77 -15.16
C PRO D 187 -11.99 -40.13 -14.48
N ILE D 188 -13.12 -40.80 -14.31
CA ILE D 188 -13.11 -42.17 -13.79
C ILE D 188 -12.46 -43.11 -14.80
N ASN D 189 -12.82 -42.97 -16.08
CA ASN D 189 -12.33 -43.88 -17.10
C ASN D 189 -10.85 -43.72 -17.42
N LYS D 190 -10.23 -42.62 -17.00
CA LYS D 190 -8.82 -42.37 -17.28
C LYS D 190 -7.95 -42.50 -16.05
N PHE D 191 -8.28 -41.78 -14.97
CA PHE D 191 -7.44 -41.75 -13.78
C PHE D 191 -7.54 -43.03 -12.97
N GLN D 192 -8.59 -43.82 -13.16
CA GLN D 192 -8.72 -45.14 -12.57
C GLN D 192 -8.47 -46.17 -13.66
N PRO D 193 -7.27 -46.76 -13.73
CA PRO D 193 -6.91 -47.60 -14.89
C PRO D 193 -7.65 -48.94 -14.98
N GLU D 194 -7.55 -49.78 -13.94
CA GLU D 194 -7.98 -51.16 -14.02
C GLU D 194 -9.05 -51.51 -12.99
N GLY D 195 -8.85 -51.16 -11.73
CA GLY D 195 -9.80 -51.44 -10.68
C GLY D 195 -9.07 -51.80 -9.41
N HIS D 196 -9.86 -52.23 -8.42
CA HIS D 196 -9.39 -52.58 -7.07
C HIS D 196 -8.61 -51.42 -6.45
N LEU D 197 -9.27 -50.27 -6.40
CA LEU D 197 -8.66 -49.08 -5.80
C LEU D 197 -8.59 -49.22 -4.29
N ASN D 198 -7.48 -48.74 -3.74
CA ASN D 198 -7.32 -48.61 -2.29
C ASN D 198 -7.97 -47.31 -1.82
N ARG D 199 -7.64 -46.88 -0.60
CA ARG D 199 -8.22 -45.65 -0.08
C ARG D 199 -7.64 -44.41 -0.77
N VAL D 200 -6.33 -44.41 -1.01
CA VAL D 200 -5.65 -43.18 -1.41
C VAL D 200 -6.02 -42.80 -2.83
N ALA D 201 -6.01 -43.78 -3.74
CA ALA D 201 -6.37 -43.50 -5.13
C ALA D 201 -7.82 -43.05 -5.24
N ARG D 202 -8.71 -43.68 -4.45
CA ARG D 202 -10.11 -43.29 -4.45
C ARG D 202 -10.29 -41.88 -3.92
N ALA D 203 -9.53 -41.49 -2.90
CA ALA D 203 -9.65 -40.14 -2.34
C ALA D 203 -9.14 -39.08 -3.32
N ALA D 204 -7.98 -39.33 -3.94
CA ALA D 204 -7.47 -38.38 -4.93
C ALA D 204 -8.39 -38.26 -6.13
N LEU D 205 -8.95 -39.40 -6.57
CA LEU D 205 -9.92 -39.39 -7.66
C LEU D 205 -11.17 -38.61 -7.28
N LEU D 206 -11.62 -38.75 -6.03
CA LEU D 206 -12.82 -38.06 -5.59
C LEU D 206 -12.62 -36.55 -5.58
N SER D 207 -11.45 -36.09 -5.13
CA SER D 207 -11.16 -34.66 -5.19
C SER D 207 -11.09 -34.17 -6.63
N ASP D 208 -10.52 -34.98 -7.53
CA ASP D 208 -10.48 -34.60 -8.93
C ASP D 208 -11.88 -34.52 -9.54
N LEU D 209 -12.77 -35.44 -9.16
CA LEU D 209 -14.15 -35.38 -9.63
C LEU D 209 -14.89 -34.14 -9.12
N LYS D 210 -14.64 -33.76 -7.86
CA LYS D 210 -15.27 -32.53 -7.34
C LYS D 210 -14.81 -31.30 -8.11
N ARG D 211 -13.51 -31.23 -8.39
CA ARG D 211 -12.97 -30.10 -9.15
C ARG D 211 -13.49 -30.11 -10.59
N ARG D 212 -13.64 -31.29 -11.18
CA ARG D 212 -14.13 -31.39 -12.55
C ARG D 212 -15.60 -31.00 -12.65
N VAL D 213 -16.41 -31.37 -11.66
CA VAL D 213 -17.80 -30.94 -11.64
C VAL D 213 -17.90 -29.43 -11.48
N CYS D 214 -17.09 -28.83 -10.60
CA CYS D 214 -17.11 -27.37 -10.47
C CYS D 214 -16.64 -26.67 -11.74
N ALA D 215 -15.71 -27.27 -12.48
CA ALA D 215 -15.12 -26.59 -13.62
C ALA D 215 -15.99 -26.67 -14.87
N ASP D 216 -16.24 -27.88 -15.36
CA ASP D 216 -16.83 -28.07 -16.69
C ASP D 216 -18.34 -28.24 -16.56
N MET D 217 -19.02 -27.17 -16.21
CA MET D 217 -20.46 -27.20 -15.96
C MET D 217 -21.27 -26.57 -17.08
N PHE D 218 -20.85 -25.41 -17.56
CA PHE D 218 -21.50 -24.67 -18.63
C PHE D 218 -20.52 -24.47 -19.76
N PHE D 219 -19.87 -25.57 -20.13
CA PHE D 219 -18.61 -25.54 -20.87
C PHE D 219 -18.84 -25.22 -22.35
N MET D 220 -20.09 -25.03 -22.75
CA MET D 220 -20.42 -24.55 -24.08
C MET D 220 -20.69 -23.05 -24.12
N THR D 221 -21.21 -22.48 -23.04
CA THR D 221 -21.51 -21.05 -23.01
C THR D 221 -20.55 -20.24 -22.17
N ARG D 222 -19.66 -20.88 -21.41
CA ARG D 222 -18.59 -20.16 -20.73
C ARG D 222 -17.41 -19.94 -21.66
N HIS D 223 -16.85 -21.03 -22.16
CA HIS D 223 -15.74 -20.97 -23.13
C HIS D 223 -16.26 -21.03 -24.55
N ALA D 224 -17.16 -20.11 -24.90
CA ALA D 224 -17.68 -20.04 -26.26
C ALA D 224 -16.80 -19.20 -27.17
N ARG D 225 -15.84 -18.46 -26.60
CA ARG D 225 -14.96 -17.63 -27.41
C ARG D 225 -13.77 -18.42 -27.96
N GLU D 226 -13.54 -19.64 -27.51
CA GLU D 226 -12.45 -20.47 -28.00
C GLU D 226 -13.00 -21.70 -28.70
N PRO D 227 -13.06 -21.71 -30.03
CA PRO D 227 -13.53 -22.91 -30.74
C PRO D 227 -12.62 -24.11 -30.61
N ARG D 228 -11.37 -23.92 -30.19
CA ARG D 228 -10.46 -25.07 -30.08
C ARG D 228 -10.81 -25.95 -28.89
N LEU D 229 -11.40 -25.38 -27.84
CA LEU D 229 -11.71 -26.17 -26.66
C LEU D 229 -12.96 -27.03 -26.85
N ILE D 230 -13.94 -26.52 -27.60
CA ILE D 230 -15.21 -27.22 -27.76
C ILE D 230 -15.02 -28.49 -28.57
N SER D 231 -14.30 -28.39 -29.68
CA SER D 231 -13.91 -29.60 -30.41
C SER D 231 -12.91 -30.44 -29.64
N ALA D 232 -12.26 -29.88 -28.62
CA ALA D 232 -11.37 -30.67 -27.78
C ALA D 232 -12.11 -31.48 -26.72
N TYR D 233 -13.32 -31.09 -26.31
CA TYR D 233 -13.99 -32.01 -25.40
C TYR D 233 -15.08 -32.80 -26.09
N LEU D 234 -15.51 -32.42 -27.30
CA LEU D 234 -16.43 -33.27 -28.04
C LEU D 234 -15.77 -34.61 -28.38
N SER D 235 -14.51 -34.57 -28.81
CA SER D 235 -13.78 -35.81 -29.07
C SER D 235 -13.42 -36.52 -27.77
N ASP D 236 -13.42 -35.81 -26.66
CA ASP D 236 -13.25 -36.46 -25.36
C ASP D 236 -14.51 -37.21 -24.96
N MET D 237 -15.68 -36.61 -25.20
CA MET D 237 -16.94 -37.25 -24.85
C MET D 237 -17.21 -38.44 -25.75
N VAL D 238 -16.89 -38.34 -27.03
CA VAL D 238 -17.09 -39.46 -27.94
C VAL D 238 -16.10 -40.59 -27.64
N SER D 239 -14.85 -40.26 -27.38
CA SER D 239 -13.87 -41.29 -27.02
C SER D 239 -13.82 -41.51 -25.51
N CYS D 240 -14.98 -41.71 -24.91
CA CYS D 240 -15.11 -42.09 -23.50
C CYS D 240 -16.10 -43.21 -23.27
N THR D 241 -17.06 -43.40 -24.16
CA THR D 241 -18.07 -44.44 -24.02
C THR D 241 -17.61 -45.70 -24.74
N GLN D 242 -17.91 -46.83 -24.17
CA GLN D 242 -17.54 -48.08 -24.80
C GLN D 242 -18.58 -48.48 -25.85
N PRO D 243 -18.15 -49.00 -26.99
CA PRO D 243 -19.12 -49.40 -28.03
C PRO D 243 -19.93 -50.62 -27.67
N SER D 244 -20.79 -51.05 -28.58
CA SER D 244 -21.69 -52.17 -28.32
C SER D 244 -21.47 -53.25 -29.35
N VAL D 245 -22.35 -54.26 -29.41
CA VAL D 245 -22.07 -55.46 -30.19
C VAL D 245 -22.12 -55.16 -31.68
N MET D 246 -21.42 -55.98 -32.46
CA MET D 246 -21.24 -55.79 -33.89
C MET D 246 -22.13 -56.73 -34.71
N VAL D 247 -23.32 -57.04 -34.22
CA VAL D 247 -24.27 -57.84 -34.98
C VAL D 247 -25.20 -56.92 -35.75
N SER D 248 -25.29 -57.14 -37.06
CA SER D 248 -26.11 -56.35 -37.97
C SER D 248 -26.18 -57.09 -39.30
N ARG D 249 -27.15 -56.68 -40.12
CA ARG D 249 -27.19 -57.05 -41.52
C ARG D 249 -27.07 -55.83 -42.43
N ILE D 250 -27.97 -54.87 -42.26
CA ILE D 250 -27.90 -53.57 -42.93
C ILE D 250 -27.99 -52.48 -41.87
N THR D 251 -27.20 -51.43 -42.03
CA THR D 251 -27.11 -50.39 -41.02
C THR D 251 -26.95 -49.02 -41.66
N HIS D 252 -26.87 -48.00 -40.81
CA HIS D 252 -26.77 -46.62 -41.25
C HIS D 252 -25.36 -46.33 -41.72
N THR D 253 -25.23 -45.73 -42.91
CA THR D 253 -23.95 -45.38 -43.49
C THR D 253 -24.14 -44.18 -44.41
N ASN D 254 -23.03 -43.54 -44.76
CA ASN D 254 -23.09 -42.36 -45.61
C ASN D 254 -23.09 -42.79 -47.08
N THR D 255 -22.92 -41.82 -47.98
CA THR D 255 -23.04 -42.10 -49.41
C THR D 255 -21.87 -42.94 -49.92
N ARG D 256 -20.65 -42.63 -49.46
CA ARG D 256 -19.47 -43.33 -49.95
C ARG D 256 -19.42 -44.77 -49.48
N GLY D 257 -19.74 -45.02 -48.21
CA GLY D 257 -19.76 -46.38 -47.71
C GLY D 257 -19.25 -46.54 -46.29
N ARG D 258 -18.72 -45.47 -45.72
CA ARG D 258 -18.21 -45.53 -44.35
C ARG D 258 -19.36 -45.63 -43.36
N GLN D 259 -19.28 -46.59 -42.45
CA GLN D 259 -20.36 -46.82 -41.50
C GLN D 259 -20.33 -45.77 -40.40
N VAL D 260 -21.52 -45.33 -39.98
CA VAL D 260 -21.63 -44.33 -38.93
C VAL D 260 -21.33 -44.98 -37.58
N ASP D 261 -21.09 -44.14 -36.57
CA ASP D 261 -20.71 -44.63 -35.26
C ASP D 261 -21.58 -44.13 -34.11
N GLY D 262 -22.52 -43.25 -34.36
CA GLY D 262 -23.41 -42.81 -33.30
C GLY D 262 -24.28 -41.65 -33.71
N VAL D 263 -24.99 -41.11 -32.73
CA VAL D 263 -25.82 -39.93 -32.91
C VAL D 263 -25.54 -38.99 -31.74
N LEU D 264 -25.48 -37.69 -32.03
CA LEU D 264 -25.16 -36.68 -31.02
C LEU D 264 -26.30 -35.66 -31.04
N VAL D 265 -27.29 -35.89 -30.18
CA VAL D 265 -28.53 -35.10 -30.20
C VAL D 265 -28.33 -33.82 -29.39
N THR D 266 -28.73 -32.70 -29.98
CA THR D 266 -28.50 -31.38 -29.41
C THR D 266 -29.78 -30.56 -29.34
N THR D 267 -29.65 -29.29 -28.99
CA THR D 267 -30.66 -28.28 -29.26
C THR D 267 -30.27 -27.58 -30.56
N ALA D 268 -31.23 -26.92 -31.20
CA ALA D 268 -30.98 -26.30 -32.50
C ALA D 268 -29.95 -25.16 -32.39
N THR D 269 -29.96 -24.44 -31.27
CA THR D 269 -28.97 -23.39 -31.05
C THR D 269 -27.57 -23.96 -31.01
N LEU D 270 -27.38 -25.06 -30.27
CA LEU D 270 -26.08 -25.69 -30.21
C LEU D 270 -25.69 -26.31 -31.54
N LYS D 271 -26.67 -26.80 -32.30
CA LYS D 271 -26.37 -27.34 -33.62
C LYS D 271 -25.84 -26.25 -34.54
N ARG D 272 -26.45 -25.07 -34.51
CA ARG D 272 -25.94 -23.95 -35.29
C ARG D 272 -24.54 -23.53 -34.83
N GLN D 273 -24.33 -23.49 -33.51
CA GLN D 273 -23.03 -23.08 -32.98
C GLN D 273 -21.93 -24.07 -33.34
N LEU D 274 -22.24 -25.36 -33.33
CA LEU D 274 -21.27 -26.36 -33.76
C LEU D 274 -21.02 -26.30 -35.26
N LEU D 275 -22.07 -26.15 -36.07
CA LEU D 275 -21.87 -26.24 -37.50
C LEU D 275 -21.30 -24.97 -38.13
N GLN D 276 -21.34 -23.83 -37.44
CA GLN D 276 -20.81 -22.63 -38.06
C GLN D 276 -19.28 -22.64 -38.12
N GLY D 277 -18.62 -23.03 -37.03
CA GLY D 277 -17.18 -22.88 -36.99
C GLY D 277 -16.38 -23.91 -36.23
N ILE D 278 -17.03 -24.92 -35.67
CA ILE D 278 -16.34 -25.84 -34.76
C ILE D 278 -16.06 -27.17 -35.44
N LEU D 279 -17.12 -27.85 -35.89
CA LEU D 279 -16.99 -29.15 -36.52
C LEU D 279 -17.05 -29.00 -38.04
N GLN D 280 -16.59 -30.04 -38.73
CA GLN D 280 -16.59 -30.06 -40.18
C GLN D 280 -17.62 -31.07 -40.70
N ILE D 281 -18.36 -30.66 -41.72
CA ILE D 281 -19.41 -31.51 -42.27
C ILE D 281 -18.79 -32.54 -43.20
N ASP D 282 -19.18 -33.80 -43.04
CA ASP D 282 -18.64 -34.84 -43.91
C ASP D 282 -19.56 -35.08 -45.10
N ASP D 283 -20.86 -35.25 -44.88
CA ASP D 283 -21.76 -35.50 -45.99
C ASP D 283 -23.10 -34.83 -45.67
N THR D 284 -23.88 -34.61 -46.72
CA THR D 284 -25.19 -34.00 -46.64
C THR D 284 -26.32 -35.02 -46.71
N ALA D 285 -26.08 -36.18 -47.32
CA ALA D 285 -27.06 -37.23 -47.43
C ALA D 285 -26.53 -38.51 -46.79
N ALA D 286 -27.44 -39.35 -46.32
CA ALA D 286 -27.10 -40.58 -45.62
C ALA D 286 -27.96 -41.73 -46.13
N ASP D 287 -27.45 -42.95 -45.95
CA ASP D 287 -28.19 -44.16 -46.29
C ASP D 287 -28.65 -44.84 -45.00
N VAL D 288 -29.95 -44.99 -44.85
CA VAL D 288 -30.51 -45.59 -43.63
C VAL D 288 -31.28 -46.85 -44.01
N PRO D 289 -31.41 -47.83 -43.11
CA PRO D 289 -32.29 -48.96 -43.39
C PRO D 289 -33.75 -48.56 -43.23
N VAL D 290 -34.63 -49.36 -43.83
CA VAL D 290 -36.06 -49.16 -43.68
C VAL D 290 -36.78 -50.34 -43.04
N THR D 291 -36.43 -51.58 -43.38
CA THR D 291 -37.16 -52.75 -42.93
C THR D 291 -36.72 -53.14 -41.53
N TYR D 292 -37.69 -53.46 -40.67
CA TYR D 292 -37.40 -53.80 -39.28
C TYR D 292 -36.75 -55.17 -39.18
N GLY D 293 -37.44 -56.21 -39.63
CA GLY D 293 -36.99 -57.56 -39.41
C GLY D 293 -37.66 -58.11 -38.16
N GLU D 294 -38.65 -58.95 -38.36
CA GLU D 294 -39.50 -59.41 -37.28
C GLU D 294 -39.07 -60.79 -36.79
N MET D 295 -39.47 -61.10 -35.58
CA MET D 295 -39.31 -62.44 -35.04
C MET D 295 -40.70 -63.00 -34.78
N VAL D 296 -40.88 -64.27 -35.10
CA VAL D 296 -42.10 -65.00 -34.80
C VAL D 296 -41.70 -66.32 -34.17
N LEU D 297 -42.59 -66.88 -33.36
CA LEU D 297 -42.37 -68.19 -32.78
C LEU D 297 -43.29 -69.21 -33.45
N GLN D 298 -42.70 -70.32 -33.88
CA GLN D 298 -43.43 -71.35 -34.60
C GLN D 298 -42.70 -72.66 -34.46
N GLY D 299 -43.43 -73.74 -34.70
CA GLY D 299 -42.87 -75.08 -34.63
C GLY D 299 -42.48 -75.53 -33.24
N THR D 300 -41.21 -75.96 -33.10
CA THR D 300 -40.74 -76.49 -31.82
C THR D 300 -40.66 -75.40 -30.77
N ASN D 301 -40.40 -74.16 -31.18
CA ASN D 301 -40.43 -73.04 -30.24
C ASN D 301 -41.86 -72.77 -29.77
N LEU D 302 -42.83 -72.93 -30.68
CA LEU D 302 -44.23 -72.74 -30.32
C LEU D 302 -44.68 -73.81 -29.32
N VAL D 303 -44.33 -75.07 -29.56
CA VAL D 303 -44.77 -76.12 -28.65
C VAL D 303 -44.03 -76.02 -27.31
N THR D 304 -42.78 -75.53 -27.34
CA THR D 304 -42.07 -75.28 -26.09
C THR D 304 -42.76 -74.18 -25.28
N ALA D 305 -43.13 -73.09 -25.94
CA ALA D 305 -43.79 -71.98 -25.26
C ALA D 305 -45.18 -72.36 -24.75
N LEU D 306 -45.90 -73.20 -25.49
CA LEU D 306 -47.21 -73.63 -25.03
C LEU D 306 -47.14 -74.63 -23.89
N VAL D 307 -46.23 -75.61 -23.96
CA VAL D 307 -46.23 -76.67 -22.97
C VAL D 307 -45.46 -76.29 -21.71
N MET D 308 -44.19 -75.89 -21.83
CA MET D 308 -43.38 -75.72 -20.63
C MET D 308 -43.13 -74.26 -20.25
N GLY D 309 -43.59 -73.31 -21.03
CA GLY D 309 -43.54 -71.92 -20.65
C GLY D 309 -42.23 -71.19 -20.86
N LYS D 310 -41.38 -71.67 -21.76
CA LYS D 310 -40.14 -70.99 -22.08
C LYS D 310 -39.97 -70.95 -23.59
N ALA D 311 -39.11 -70.02 -24.03
CA ALA D 311 -38.86 -69.85 -25.46
C ALA D 311 -37.48 -69.22 -25.62
N VAL D 312 -36.95 -69.29 -26.85
CA VAL D 312 -35.72 -68.59 -27.22
C VAL D 312 -35.77 -68.37 -28.74
N ARG D 313 -35.28 -67.20 -29.16
CA ARG D 313 -35.19 -66.93 -30.59
C ARG D 313 -34.17 -67.85 -31.23
N ASN D 352 -31.72 -50.11 -48.93
CA ASN D 352 -31.36 -48.86 -48.29
C ASN D 352 -31.93 -47.70 -49.09
N ALA D 353 -32.25 -46.62 -48.40
CA ALA D 353 -32.79 -45.42 -49.01
C ALA D 353 -31.93 -44.22 -48.66
N ARG D 354 -31.84 -43.29 -49.59
CA ARG D 354 -31.03 -42.08 -49.40
C ARG D 354 -31.86 -41.02 -48.70
N VAL D 355 -31.38 -40.56 -47.55
CA VAL D 355 -32.14 -39.67 -46.68
C VAL D 355 -31.30 -38.42 -46.38
N PRO D 356 -31.84 -37.22 -46.57
CA PRO D 356 -31.07 -36.00 -46.28
C PRO D 356 -30.93 -35.75 -44.78
N ALA D 357 -29.71 -35.91 -44.28
CA ALA D 357 -29.39 -35.63 -42.89
C ALA D 357 -27.91 -35.28 -42.80
N ASP D 358 -27.57 -34.36 -41.91
CA ASP D 358 -26.21 -33.86 -41.82
C ASP D 358 -25.33 -34.75 -40.94
N LEU D 359 -24.10 -34.98 -41.40
CA LEU D 359 -23.15 -35.87 -40.77
C LEU D 359 -21.85 -35.14 -40.53
N VAL D 360 -21.37 -35.15 -39.28
CA VAL D 360 -20.10 -34.54 -38.93
C VAL D 360 -19.15 -35.64 -38.48
N ILE D 361 -17.88 -35.28 -38.34
CA ILE D 361 -16.88 -36.19 -37.79
C ILE D 361 -16.23 -35.52 -36.58
N VAL D 362 -16.11 -36.29 -35.50
CA VAL D 362 -15.44 -35.86 -34.28
C VAL D 362 -14.45 -36.93 -33.88
N GLY D 363 -13.28 -36.51 -33.40
CA GLY D 363 -12.19 -37.42 -33.11
C GLY D 363 -11.74 -38.16 -34.36
N ASP D 364 -12.07 -39.44 -34.43
CA ASP D 364 -11.90 -40.23 -35.64
C ASP D 364 -13.18 -40.97 -36.00
N LYS D 365 -14.29 -40.59 -35.38
CA LYS D 365 -15.56 -41.28 -35.56
C LYS D 365 -16.51 -40.40 -36.36
N LEU D 366 -17.40 -41.05 -37.10
CA LEU D 366 -18.37 -40.37 -37.95
C LEU D 366 -19.74 -40.50 -37.29
N VAL D 367 -20.31 -39.37 -36.88
CA VAL D 367 -21.55 -39.37 -36.12
C VAL D 367 -22.59 -38.52 -36.83
N PHE D 368 -23.87 -38.84 -36.60
CA PHE D 368 -24.94 -37.92 -36.94
C PHE D 368 -24.91 -36.75 -35.97
N LEU D 369 -25.47 -35.62 -36.38
CA LEU D 369 -25.65 -34.50 -35.47
C LEU D 369 -27.08 -34.02 -35.69
N GLU D 370 -28.02 -34.64 -35.01
CA GLU D 370 -29.44 -34.37 -35.22
C GLU D 370 -29.96 -33.54 -34.06
N ALA D 371 -30.70 -32.48 -34.39
CA ALA D 371 -31.23 -31.52 -33.43
C ALA D 371 -32.73 -31.43 -33.57
N LEU D 372 -33.39 -32.58 -33.50
CA LEU D 372 -34.79 -32.70 -33.88
C LEU D 372 -35.69 -31.93 -32.92
N GLU D 373 -36.10 -30.75 -33.39
CA GLU D 373 -37.02 -29.86 -32.68
C GLU D 373 -38.07 -29.26 -33.59
N ARG D 374 -37.83 -29.21 -34.90
CA ARG D 374 -38.83 -28.73 -35.85
C ARG D 374 -39.60 -29.86 -36.49
N ARG D 375 -38.96 -31.03 -36.69
CA ARG D 375 -39.71 -32.18 -37.20
C ARG D 375 -40.68 -32.71 -36.15
N VAL D 376 -40.20 -32.90 -34.92
CA VAL D 376 -41.04 -33.35 -33.81
C VAL D 376 -40.92 -32.32 -32.70
N TYR D 377 -41.88 -32.37 -31.78
CA TYR D 377 -42.15 -31.35 -30.76
C TYR D 377 -42.36 -29.96 -31.36
N GLN D 378 -43.03 -29.86 -32.51
CA GLN D 378 -43.42 -28.58 -33.06
C GLN D 378 -44.94 -28.55 -33.19
N ALA D 379 -45.56 -27.53 -32.61
CA ALA D 379 -47.01 -27.38 -32.49
C ALA D 379 -47.64 -28.58 -31.79
N THR D 380 -46.94 -29.15 -30.81
CA THR D 380 -47.47 -30.17 -29.93
C THR D 380 -47.26 -29.72 -28.50
N ARG D 381 -48.13 -30.18 -27.61
CA ARG D 381 -48.19 -29.62 -26.27
C ARG D 381 -47.20 -30.26 -25.31
N VAL D 382 -46.32 -31.14 -25.78
CA VAL D 382 -45.35 -31.81 -24.92
C VAL D 382 -44.04 -31.02 -24.95
N ALA D 383 -43.37 -30.96 -23.80
CA ALA D 383 -42.14 -30.21 -23.68
C ALA D 383 -40.96 -30.98 -24.25
N TYR D 384 -40.05 -30.26 -24.86
CA TYR D 384 -38.85 -30.86 -25.42
C TYR D 384 -37.90 -31.28 -24.31
N PRO D 385 -37.37 -32.52 -24.32
CA PRO D 385 -36.25 -32.84 -23.44
C PRO D 385 -34.97 -32.15 -23.91
N LEU D 386 -33.86 -32.38 -23.21
CA LEU D 386 -32.59 -31.65 -23.32
C LEU D 386 -32.73 -30.19 -22.95
N ILE D 387 -33.82 -29.79 -22.30
CA ILE D 387 -33.99 -28.46 -21.72
C ILE D 387 -34.18 -28.69 -20.24
N GLY D 388 -33.44 -29.63 -19.69
CA GLY D 388 -33.59 -30.00 -18.30
C GLY D 388 -33.11 -28.93 -17.34
N ASN D 389 -33.41 -29.16 -16.07
CA ASN D 389 -33.14 -28.19 -15.01
C ASN D 389 -32.05 -28.72 -14.09
N ILE D 390 -31.33 -27.80 -13.44
CA ILE D 390 -30.31 -28.17 -12.47
C ILE D 390 -30.57 -27.41 -11.18
N ASP D 391 -30.04 -27.95 -10.08
CA ASP D 391 -30.21 -27.36 -8.76
C ASP D 391 -28.84 -27.12 -8.13
N ILE D 392 -28.59 -25.87 -7.74
CA ILE D 392 -27.34 -25.47 -7.10
C ILE D 392 -27.68 -24.76 -5.80
N THR D 393 -27.01 -25.13 -4.72
CA THR D 393 -27.27 -24.56 -3.40
C THR D 393 -26.16 -23.57 -3.02
N PHE D 394 -26.55 -22.44 -2.42
CA PHE D 394 -25.61 -21.38 -2.08
C PHE D 394 -25.58 -21.15 -0.58
N ILE D 395 -24.38 -20.91 -0.04
CA ILE D 395 -24.15 -20.80 1.39
C ILE D 395 -23.43 -19.49 1.68
N MET D 396 -23.89 -18.76 2.70
CA MET D 396 -23.34 -17.47 3.11
C MET D 396 -23.39 -17.35 4.63
N PRO D 397 -22.29 -16.98 5.28
CA PRO D 397 -22.34 -16.67 6.71
C PRO D 397 -22.80 -15.24 6.94
N MET D 398 -23.46 -15.01 8.07
CA MET D 398 -24.13 -13.75 8.32
C MET D 398 -23.52 -12.92 9.43
N GLY D 399 -23.45 -13.45 10.65
CA GLY D 399 -23.01 -12.65 11.78
C GLY D 399 -21.62 -13.01 12.26
N VAL D 400 -20.80 -13.58 11.37
CA VAL D 400 -19.49 -14.07 11.77
C VAL D 400 -18.57 -12.89 12.04
N PHE D 401 -17.99 -12.87 13.24
CA PHE D 401 -17.05 -11.85 13.67
C PHE D 401 -15.69 -12.51 13.82
N GLN D 402 -14.69 -11.98 13.12
CA GLN D 402 -13.34 -12.55 13.14
C GLN D 402 -12.72 -12.27 14.49
N ALA D 403 -12.58 -13.32 15.30
CA ALA D 403 -12.25 -13.15 16.72
C ALA D 403 -10.81 -12.74 16.93
N ASN D 404 -9.89 -13.27 16.12
CA ASN D 404 -8.48 -12.99 16.32
C ASN D 404 -8.15 -11.57 15.89
N SER D 405 -7.32 -10.89 16.69
CA SER D 405 -7.00 -9.49 16.41
C SER D 405 -6.02 -9.36 15.25
N MET D 406 -5.39 -10.46 14.84
CA MET D 406 -4.52 -10.45 13.67
C MET D 406 -5.28 -10.29 12.38
N ASP D 407 -6.50 -10.84 12.29
CA ASP D 407 -7.28 -10.79 11.06
C ASP D 407 -8.11 -9.53 10.92
N ARG D 408 -8.10 -8.65 11.92
CA ARG D 408 -8.81 -7.36 11.82
C ARG D 408 -7.81 -6.27 11.41
N TYR D 409 -7.41 -6.34 10.14
CA TYR D 409 -6.37 -5.50 9.59
C TYR D 409 -6.88 -4.74 8.38
N THR D 410 -6.40 -3.52 8.20
CA THR D 410 -6.73 -2.72 7.02
C THR D 410 -5.51 -2.62 6.12
N ARG D 411 -5.74 -2.64 4.81
CA ARG D 411 -4.63 -2.72 3.87
C ARG D 411 -4.02 -1.35 3.59
N HIS D 412 -4.72 -0.28 3.95
CA HIS D 412 -4.23 1.07 3.77
C HIS D 412 -4.73 1.94 4.92
N ALA D 413 -4.18 3.17 5.00
CA ALA D 413 -4.55 4.07 6.08
C ALA D 413 -5.95 4.63 5.86
N GLY D 414 -6.17 5.35 4.77
CA GLY D 414 -7.45 5.96 4.49
C GLY D 414 -8.30 5.20 3.50
N ASP D 415 -8.73 3.98 3.84
CA ASP D 415 -9.60 3.24 2.95
C ASP D 415 -11.04 3.74 3.03
N PHE D 416 -11.67 3.62 4.19
CA PHE D 416 -13.06 4.06 4.39
C PHE D 416 -13.09 4.99 5.59
N SER D 417 -12.82 6.27 5.36
CA SER D 417 -12.86 7.24 6.45
C SER D 417 -14.24 7.86 6.53
N THR D 418 -14.55 8.42 7.70
CA THR D 418 -15.85 9.04 7.93
C THR D 418 -15.70 10.40 8.59
N VAL D 419 -16.83 11.01 8.96
CA VAL D 419 -16.84 12.19 9.80
C VAL D 419 -16.86 11.83 11.28
N SER D 420 -17.38 10.65 11.64
CA SER D 420 -17.53 10.25 13.04
C SER D 420 -16.17 10.05 13.71
N GLU D 421 -16.14 10.33 15.02
CA GLU D 421 -14.94 10.14 15.81
C GLU D 421 -14.59 8.67 16.01
N GLN D 422 -15.55 7.77 15.83
CA GLN D 422 -15.32 6.33 15.89
C GLN D 422 -15.68 5.72 14.55
N ASP D 423 -14.81 4.86 14.03
CA ASP D 423 -15.03 4.23 12.73
C ASP D 423 -16.18 3.26 12.83
N PRO D 424 -17.23 3.39 12.00
CA PRO D 424 -18.36 2.46 12.06
C PRO D 424 -18.14 1.18 11.26
N ARG D 425 -16.96 0.60 11.40
CA ARG D 425 -16.65 -0.68 10.80
C ARG D 425 -15.93 -1.62 11.76
N GLN D 426 -15.44 -1.14 12.90
CA GLN D 426 -14.90 -2.03 13.91
C GLN D 426 -15.99 -2.83 14.60
N PHE D 427 -17.24 -2.37 14.53
CA PHE D 427 -18.34 -3.04 15.19
C PHE D 427 -18.64 -4.37 14.51
N PRO D 428 -19.18 -5.35 15.24
CA PRO D 428 -19.48 -6.64 14.63
C PRO D 428 -20.56 -6.52 13.59
N PRO D 429 -20.40 -7.18 12.44
CA PRO D 429 -21.39 -7.08 11.38
C PRO D 429 -22.68 -7.79 11.74
N GLN D 430 -23.77 -7.29 11.16
CA GLN D 430 -25.09 -7.87 11.40
C GLN D 430 -25.85 -8.21 10.13
N GLY D 431 -25.28 -7.97 8.95
CA GLY D 431 -26.01 -8.24 7.72
C GLY D 431 -25.09 -8.69 6.62
N ILE D 432 -25.68 -9.28 5.60
CA ILE D 432 -24.95 -9.78 4.44
C ILE D 432 -25.59 -9.19 3.18
N PHE D 433 -24.75 -8.80 2.22
CA PHE D 433 -25.19 -8.16 0.99
C PHE D 433 -24.77 -9.01 -0.20
N PHE D 434 -25.71 -9.34 -1.06
CA PHE D 434 -25.44 -10.18 -2.22
C PHE D 434 -26.28 -9.67 -3.38
N TYR D 435 -26.10 -10.28 -4.55
CA TYR D 435 -26.72 -9.81 -5.76
C TYR D 435 -27.91 -10.70 -6.15
N ASN D 436 -28.95 -10.06 -6.65
CA ASN D 436 -30.22 -10.72 -6.93
C ASN D 436 -30.10 -11.42 -8.29
N LYS D 437 -31.23 -11.88 -8.84
CA LYS D 437 -31.22 -12.53 -10.15
C LYS D 437 -30.90 -11.54 -11.27
N ASP D 438 -31.44 -10.32 -11.18
CA ASP D 438 -31.27 -9.32 -12.22
C ASP D 438 -30.14 -8.34 -11.93
N GLY D 439 -29.33 -8.58 -10.91
CA GLY D 439 -28.28 -7.64 -10.57
C GLY D 439 -28.64 -6.64 -9.52
N ILE D 440 -29.84 -6.71 -8.95
CA ILE D 440 -30.27 -5.80 -7.90
C ILE D 440 -29.56 -6.17 -6.61
N LEU D 441 -29.39 -5.21 -5.72
CA LEU D 441 -28.77 -5.47 -4.43
C LEU D 441 -29.83 -5.79 -3.38
N THR D 442 -29.69 -6.94 -2.72
CA THR D 442 -30.61 -7.34 -1.67
C THR D 442 -29.84 -7.61 -0.39
N GLN D 443 -30.54 -7.50 0.74
CA GLN D 443 -29.90 -7.57 2.05
C GLN D 443 -30.63 -8.54 2.95
N LEU D 444 -29.87 -9.36 3.67
CA LEU D 444 -30.39 -10.22 4.73
C LEU D 444 -29.89 -9.68 6.07
N THR D 445 -30.83 -9.37 6.96
CA THR D 445 -30.55 -8.82 8.27
C THR D 445 -30.83 -9.93 9.30
N LEU D 446 -30.28 -9.80 10.50
CA LEU D 446 -30.52 -10.77 11.57
C LEU D 446 -32.00 -10.86 11.93
N ARG D 447 -32.79 -9.82 11.65
CA ARG D 447 -34.22 -9.86 11.85
C ARG D 447 -34.91 -10.92 11.01
N ASP D 448 -34.27 -11.36 9.92
CA ASP D 448 -34.85 -12.43 9.11
C ASP D 448 -34.76 -13.79 9.80
N ALA D 449 -33.84 -13.93 10.75
CA ALA D 449 -33.67 -15.20 11.46
C ALA D 449 -34.67 -15.38 12.59
N MET D 450 -35.52 -14.38 12.82
CA MET D 450 -36.59 -14.48 13.81
C MET D 450 -37.60 -15.57 13.47
N GLY D 451 -37.78 -15.86 12.18
CA GLY D 451 -38.66 -16.94 11.80
C GLY D 451 -38.16 -18.33 12.11
N THR D 452 -36.87 -18.47 12.38
CA THR D 452 -36.27 -19.76 12.68
C THR D 452 -35.88 -19.90 14.14
N ILE D 453 -35.24 -18.89 14.74
CA ILE D 453 -34.73 -19.03 16.10
C ILE D 453 -35.78 -18.73 17.16
N CYS D 454 -36.85 -18.02 16.81
CA CYS D 454 -37.89 -17.64 17.78
C CYS D 454 -39.09 -18.55 17.69
N HIS D 455 -38.88 -19.83 17.48
CA HIS D 455 -39.92 -20.84 17.49
C HIS D 455 -39.96 -21.48 18.88
N SER D 456 -40.95 -22.33 19.11
CA SER D 456 -40.99 -23.11 20.35
C SER D 456 -40.00 -24.26 20.33
N SER D 457 -39.36 -24.53 19.19
CA SER D 457 -38.41 -25.63 19.07
C SER D 457 -37.03 -25.28 19.59
N LEU D 458 -36.79 -24.04 20.01
CA LEU D 458 -35.52 -23.72 20.68
C LEU D 458 -35.41 -24.40 22.04
N LEU D 459 -36.54 -24.74 22.66
CA LEU D 459 -36.59 -25.31 24.00
C LEU D 459 -37.24 -26.69 23.97
N ASP D 460 -36.77 -27.53 23.04
CA ASP D 460 -37.34 -28.85 22.83
C ASP D 460 -36.15 -29.75 23.19
N VAL D 461 -35.63 -29.53 24.40
CA VAL D 461 -34.43 -30.22 24.86
C VAL D 461 -34.71 -31.63 25.36
N GLU D 462 -35.99 -32.03 25.42
CA GLU D 462 -36.37 -33.26 26.12
C GLU D 462 -35.86 -34.50 25.41
N ALA D 463 -35.97 -34.55 24.08
CA ALA D 463 -35.47 -35.70 23.33
C ALA D 463 -33.96 -35.76 23.39
N THR D 464 -33.29 -34.61 23.46
CA THR D 464 -31.85 -34.58 23.62
C THR D 464 -31.44 -35.18 24.96
N LEU D 465 -32.17 -34.86 26.03
CA LEU D 465 -31.88 -35.44 27.34
C LEU D 465 -32.15 -36.94 27.36
N VAL D 466 -33.20 -37.38 26.66
CA VAL D 466 -33.49 -38.81 26.57
C VAL D 466 -32.36 -39.54 25.85
N ALA D 467 -31.86 -38.95 24.76
CA ALA D 467 -30.76 -39.58 24.03
C ALA D 467 -29.46 -39.55 24.81
N LEU D 468 -29.19 -38.46 25.54
CA LEU D 468 -27.93 -38.36 26.28
C LEU D 468 -27.93 -39.23 27.53
N ARG D 469 -29.09 -39.48 28.12
CA ARG D 469 -29.17 -40.26 29.35
C ARG D 469 -28.91 -41.74 29.12
N GLN D 470 -28.84 -42.19 27.86
CA GLN D 470 -28.76 -43.60 27.52
C GLN D 470 -27.34 -44.01 27.10
N GLN D 471 -26.32 -43.46 27.74
CA GLN D 471 -24.96 -43.86 27.42
C GLN D 471 -24.08 -43.90 28.66
N HIS D 472 -22.79 -44.13 28.48
CA HIS D 472 -21.89 -44.51 29.57
C HIS D 472 -21.47 -43.28 30.37
N LEU D 473 -21.85 -43.25 31.64
CA LEU D 473 -21.61 -42.10 32.50
C LEU D 473 -20.71 -42.51 33.66
N ASP D 474 -19.65 -41.74 33.89
CA ASP D 474 -18.73 -42.00 34.97
C ASP D 474 -19.01 -41.09 36.16
N ARG D 475 -18.54 -41.52 37.33
CA ARG D 475 -18.79 -40.79 38.57
C ARG D 475 -17.90 -39.55 38.59
N GLN D 476 -18.37 -38.48 37.97
CA GLN D 476 -17.70 -37.19 37.99
C GLN D 476 -18.19 -36.42 39.21
N CYS D 477 -17.36 -35.50 39.69
CA CYS D 477 -17.61 -34.88 40.99
C CYS D 477 -18.85 -33.98 40.98
N TYR D 478 -19.24 -33.54 42.15
CA TYR D 478 -20.59 -33.04 42.39
C TYR D 478 -20.59 -31.61 42.94
N PHE D 479 -19.51 -30.87 42.65
CA PHE D 479 -19.36 -29.56 43.28
C PHE D 479 -20.16 -28.48 42.57
N GLY D 480 -19.99 -28.34 41.26
CA GLY D 480 -20.60 -27.26 40.52
C GLY D 480 -22.03 -27.51 40.07
N VAL D 481 -22.65 -28.61 40.50
CA VAL D 481 -23.98 -28.97 40.08
C VAL D 481 -24.97 -29.00 41.23
N TYR D 482 -24.51 -29.30 42.45
CA TYR D 482 -25.38 -29.60 43.58
C TYR D 482 -25.66 -28.33 44.38
N VAL D 483 -26.91 -28.17 44.80
CA VAL D 483 -27.36 -27.05 45.61
C VAL D 483 -27.94 -27.60 46.92
N ALA D 484 -27.42 -27.14 48.04
CA ALA D 484 -27.77 -27.66 49.36
C ALA D 484 -28.77 -26.74 50.05
N GLU D 485 -29.02 -27.04 51.33
CA GLU D 485 -29.94 -26.27 52.15
C GLU D 485 -29.25 -25.82 53.43
N GLY D 486 -29.74 -24.75 54.02
CA GLY D 486 -29.16 -24.26 55.26
C GLY D 486 -29.50 -25.15 56.45
N THR D 487 -28.70 -25.05 57.50
CA THR D 487 -28.87 -25.85 58.70
C THR D 487 -28.96 -24.96 59.94
N GLU D 488 -29.57 -23.79 59.79
CA GLU D 488 -29.92 -22.83 60.86
C GLU D 488 -28.77 -22.52 61.81
N ASP D 489 -27.55 -22.51 61.27
CA ASP D 489 -26.35 -22.26 62.07
C ASP D 489 -25.91 -20.81 61.89
N THR D 490 -24.75 -20.48 62.46
CA THR D 490 -24.28 -19.11 62.54
C THR D 490 -23.43 -18.69 61.36
N LEU D 491 -23.48 -19.44 60.25
CA LEU D 491 -22.94 -19.09 58.93
C LEU D 491 -21.41 -19.11 58.88
N ASP D 492 -20.74 -19.22 60.04
CA ASP D 492 -19.30 -19.42 60.06
C ASP D 492 -18.95 -20.89 60.27
N VAL D 493 -19.70 -21.58 61.12
CA VAL D 493 -19.49 -23.02 61.28
C VAL D 493 -19.96 -23.75 60.04
N GLN D 494 -20.98 -23.22 59.34
CA GLN D 494 -21.38 -23.79 58.06
C GLN D 494 -20.28 -23.66 57.02
N MET D 495 -19.62 -22.50 56.98
CA MET D 495 -18.50 -22.32 56.05
C MET D 495 -17.32 -23.21 56.43
N GLY D 496 -17.06 -23.38 57.73
CA GLY D 496 -16.00 -24.29 58.14
C GLY D 496 -16.28 -25.73 57.77
N ARG D 497 -17.52 -26.16 57.95
CA ARG D 497 -17.93 -27.51 57.55
C ARG D 497 -17.81 -27.68 56.04
N PHE D 498 -18.19 -26.66 55.27
CA PHE D 498 -18.04 -26.73 53.83
C PHE D 498 -16.58 -26.80 53.42
N MET D 499 -15.70 -26.06 54.10
CA MET D 499 -14.29 -26.09 53.75
C MET D 499 -13.67 -27.46 54.05
N GLU D 500 -14.03 -28.04 55.20
CA GLU D 500 -13.53 -29.38 55.54
C GLU D 500 -14.08 -30.44 54.59
N THR D 501 -15.29 -30.24 54.08
CA THR D 501 -15.81 -31.14 53.06
C THR D 501 -15.09 -30.95 51.74
N TRP D 502 -14.85 -29.69 51.35
CA TRP D 502 -14.28 -29.35 50.05
C TRP D 502 -12.79 -29.66 49.97
N ALA D 503 -12.13 -29.90 51.11
CA ALA D 503 -10.75 -30.35 51.07
C ALA D 503 -10.64 -31.74 50.45
N ASP D 504 -11.73 -32.50 50.45
CA ASP D 504 -11.75 -33.84 49.85
C ASP D 504 -12.91 -34.03 48.88
N MET D 505 -13.79 -33.03 48.71
CA MET D 505 -14.94 -33.20 47.84
C MET D 505 -14.55 -33.24 46.38
N MET D 506 -13.71 -32.30 45.94
CA MET D 506 -13.31 -32.20 44.54
C MET D 506 -12.01 -32.96 44.36
N PRO D 507 -11.99 -34.05 43.59
CA PRO D 507 -10.75 -34.84 43.42
C PRO D 507 -9.92 -34.47 42.20
N HIS D 508 -10.43 -33.65 41.28
CA HIS D 508 -9.73 -33.35 40.04
C HIS D 508 -10.07 -31.94 39.61
N HIS D 509 -9.83 -31.64 38.33
CA HIS D 509 -10.14 -30.36 37.73
C HIS D 509 -11.56 -30.36 37.19
N PRO D 510 -12.39 -29.39 37.58
CA PRO D 510 -13.77 -29.35 37.07
C PRO D 510 -13.81 -28.99 35.60
N HIS D 511 -14.88 -29.43 34.93
CA HIS D 511 -15.06 -29.16 33.51
C HIS D 511 -15.50 -27.73 33.23
N TRP D 512 -16.09 -27.04 34.20
CA TRP D 512 -16.65 -25.72 33.96
C TRP D 512 -15.68 -24.59 34.30
N VAL D 513 -14.45 -24.92 34.69
CA VAL D 513 -13.43 -23.91 34.92
C VAL D 513 -12.59 -23.69 33.67
N ASN D 514 -12.49 -24.69 32.78
CA ASN D 514 -11.67 -24.58 31.57
C ASN D 514 -12.32 -23.65 30.54
N GLU D 515 -12.26 -22.36 30.83
CA GLU D 515 -12.62 -21.33 29.87
C GLU D 515 -11.40 -20.62 29.27
N HIS D 516 -10.19 -21.04 29.64
CA HIS D 516 -8.99 -20.49 29.05
C HIS D 516 -8.66 -21.11 27.70
N LEU D 517 -9.41 -22.13 27.28
CA LEU D 517 -9.17 -22.75 26.00
C LEU D 517 -9.52 -21.80 24.86
N THR D 518 -8.78 -21.90 23.77
CA THR D 518 -9.09 -21.15 22.57
C THR D 518 -10.20 -21.86 21.80
N ILE D 519 -10.58 -21.29 20.65
CA ILE D 519 -11.61 -21.91 19.83
C ILE D 519 -11.10 -23.21 19.21
N LEU D 520 -9.82 -23.25 18.83
CA LEU D 520 -9.27 -24.41 18.14
C LEU D 520 -9.10 -25.60 19.09
N GLN D 521 -9.01 -25.34 20.39
CA GLN D 521 -8.92 -26.43 21.35
C GLN D 521 -10.31 -26.90 21.78
N PHE D 522 -11.27 -25.97 21.89
CA PHE D 522 -12.64 -26.35 22.24
C PHE D 522 -13.28 -27.14 21.11
N ILE D 523 -12.92 -26.82 19.87
CA ILE D 523 -13.42 -27.55 18.71
C ILE D 523 -12.75 -28.92 18.59
N ALA D 524 -11.55 -29.07 19.14
CA ALA D 524 -10.74 -30.26 18.93
C ALA D 524 -11.40 -31.50 19.54
N PRO D 525 -11.23 -32.68 18.94
CA PRO D 525 -11.99 -33.85 19.37
C PRO D 525 -11.63 -34.37 20.74
N SER D 526 -10.47 -34.03 21.28
CA SER D 526 -10.06 -34.52 22.59
C SER D 526 -10.82 -33.86 23.73
N ASN D 527 -11.58 -32.82 23.46
CA ASN D 527 -12.28 -32.08 24.51
C ASN D 527 -13.42 -32.93 25.08
N PRO D 528 -13.45 -33.20 26.39
CA PRO D 528 -14.57 -33.96 26.95
C PRO D 528 -15.86 -33.16 27.06
N ARG D 529 -15.79 -31.84 26.99
CA ARG D 529 -16.98 -31.00 27.08
C ARG D 529 -17.70 -30.86 25.75
N LEU D 530 -17.05 -31.23 24.63
CA LEU D 530 -17.61 -30.98 23.31
C LEU D 530 -18.90 -31.76 23.08
N ARG D 531 -19.00 -32.97 23.62
CA ARG D 531 -20.19 -33.78 23.43
C ARG D 531 -21.38 -33.28 24.23
N PHE D 532 -21.20 -32.32 25.14
CA PHE D 532 -22.28 -31.80 25.97
C PHE D 532 -22.67 -30.38 25.60
N GLU D 533 -22.24 -29.88 24.45
CA GLU D 533 -22.62 -28.54 23.98
C GLU D 533 -23.43 -28.73 22.71
N LEU D 534 -24.75 -28.76 22.84
CA LEU D 534 -25.64 -29.00 21.71
C LEU D 534 -26.57 -27.84 21.42
N ASN D 535 -27.38 -27.41 22.39
CA ASN D 535 -28.20 -26.23 22.09
C ASN D 535 -27.49 -24.97 22.54
N PRO D 536 -27.75 -23.83 21.88
CA PRO D 536 -27.11 -22.58 22.32
C PRO D 536 -27.72 -21.99 23.58
N ALA D 537 -28.89 -22.46 24.03
CA ALA D 537 -29.56 -21.89 25.19
C ALA D 537 -29.65 -22.86 26.36
N PHE D 538 -28.80 -23.89 26.39
CA PHE D 538 -28.80 -24.86 27.47
C PHE D 538 -27.37 -25.23 27.85
N ASP D 539 -27.18 -25.63 29.10
CA ASP D 539 -25.95 -26.25 29.56
C ASP D 539 -26.25 -27.68 29.97
N PHE D 540 -25.53 -28.64 29.40
CA PHE D 540 -25.68 -30.04 29.75
C PHE D 540 -24.53 -30.45 30.65
N PHE D 541 -24.85 -31.16 31.73
CA PHE D 541 -23.83 -31.63 32.65
C PHE D 541 -24.20 -33.03 33.14
N VAL D 542 -23.53 -33.46 34.20
CA VAL D 542 -23.88 -34.68 34.91
C VAL D 542 -24.40 -34.30 36.28
N ALA D 543 -25.40 -35.03 36.75
CA ALA D 543 -26.24 -34.59 37.85
C ALA D 543 -26.61 -35.76 38.74
N PRO D 544 -27.00 -35.50 40.00
CA PRO D 544 -27.52 -36.59 40.85
C PRO D 544 -28.82 -37.16 40.29
N GLY D 545 -29.03 -38.45 40.56
CA GLY D 545 -30.29 -39.08 40.23
C GLY D 545 -31.18 -39.23 41.45
N ASP D 546 -32.48 -39.05 41.23
CA ASP D 546 -33.51 -39.14 42.27
C ASP D 546 -33.22 -38.22 43.46
N VAL D 547 -32.71 -37.04 43.17
CA VAL D 547 -32.42 -36.03 44.17
C VAL D 547 -33.19 -34.77 43.80
N ASP D 548 -34.07 -34.33 44.69
CA ASP D 548 -34.82 -33.09 44.47
C ASP D 548 -34.02 -31.95 45.10
N LEU D 549 -33.60 -31.02 44.27
CA LEU D 549 -32.83 -29.90 44.77
C LEU D 549 -33.76 -28.87 45.40
N PRO D 550 -33.38 -28.27 46.55
CA PRO D 550 -32.16 -28.52 47.32
C PRO D 550 -32.27 -29.74 48.23
N GLY D 551 -31.15 -30.43 48.43
CA GLY D 551 -31.10 -31.60 49.28
C GLY D 551 -30.31 -31.34 50.55
N PRO D 552 -29.89 -32.43 51.22
CA PRO D 552 -29.21 -32.28 52.50
C PRO D 552 -27.77 -31.79 52.39
N GLN D 553 -27.07 -31.69 53.52
CA GLN D 553 -25.70 -31.19 53.53
C GLN D 553 -24.75 -32.14 52.83
N ARG D 554 -24.89 -33.44 53.10
CA ARG D 554 -24.11 -34.45 52.41
C ARG D 554 -24.86 -34.89 51.16
N PRO D 555 -24.29 -34.79 49.98
CA PRO D 555 -24.99 -35.26 48.77
C PRO D 555 -25.14 -36.77 48.78
N PRO D 556 -26.37 -37.27 48.69
CA PRO D 556 -26.58 -38.71 48.70
C PRO D 556 -26.05 -39.37 47.44
N GLU D 557 -25.58 -40.61 47.59
CA GLU D 557 -24.99 -41.34 46.49
C GLU D 557 -26.08 -41.89 45.59
N ALA D 558 -25.91 -41.75 44.29
CA ALA D 558 -26.87 -42.27 43.31
C ALA D 558 -26.15 -42.43 41.98
N MET D 559 -26.82 -43.12 41.06
CA MET D 559 -26.29 -43.27 39.71
C MET D 559 -26.37 -41.93 38.99
N PRO D 560 -25.27 -41.44 38.41
CA PRO D 560 -25.30 -40.12 37.79
C PRO D 560 -26.07 -40.12 36.47
N THR D 561 -26.85 -39.06 36.27
CA THR D 561 -27.60 -38.86 35.04
C THR D 561 -27.22 -37.52 34.44
N VAL D 562 -27.76 -37.25 33.25
CA VAL D 562 -27.51 -36.02 32.53
C VAL D 562 -28.73 -35.12 32.66
N ASN D 563 -28.53 -33.91 33.16
CA ASN D 563 -29.59 -32.92 33.26
C ASN D 563 -29.17 -31.67 32.49
N ALA D 564 -30.15 -30.83 32.20
CA ALA D 564 -29.91 -29.59 31.47
C ALA D 564 -30.41 -28.41 32.30
N THR D 565 -29.84 -27.24 32.05
CA THR D 565 -30.25 -26.01 32.70
C THR D 565 -30.20 -24.88 31.68
N LEU D 566 -31.28 -24.10 31.64
CA LEU D 566 -31.42 -23.08 30.61
C LEU D 566 -30.45 -21.94 30.87
N ARG D 567 -29.74 -21.53 29.82
CA ARG D 567 -28.82 -20.41 29.89
C ARG D 567 -29.65 -19.14 29.81
N ILE D 568 -29.72 -18.40 30.92
CA ILE D 568 -30.55 -17.20 30.93
C ILE D 568 -29.87 -16.10 30.14
N ILE D 569 -28.63 -15.78 30.50
CA ILE D 569 -27.87 -14.71 29.88
C ILE D 569 -27.41 -15.19 28.51
N ASN D 570 -27.15 -14.26 27.58
CA ASN D 570 -26.39 -14.69 26.42
C ASN D 570 -24.88 -14.51 26.61
N GLY D 571 -24.47 -13.88 27.71
CA GLY D 571 -23.09 -13.88 28.11
C GLY D 571 -22.62 -15.14 28.78
N ASN D 572 -23.55 -16.02 29.16
CA ASN D 572 -23.20 -17.30 29.77
C ASN D 572 -22.74 -18.33 28.76
N ILE D 573 -22.83 -18.02 27.46
CA ILE D 573 -22.21 -18.84 26.42
C ILE D 573 -20.70 -18.89 26.68
N PRO D 574 -20.05 -20.04 26.60
CA PRO D 574 -18.65 -20.14 27.01
C PRO D 574 -17.72 -19.27 26.18
N VAL D 575 -16.63 -18.85 26.83
CA VAL D 575 -15.71 -17.88 26.21
C VAL D 575 -15.11 -18.37 24.89
N PRO D 576 -14.72 -19.64 24.71
CA PRO D 576 -14.26 -20.05 23.37
C PRO D 576 -15.31 -19.93 22.26
N LEU D 577 -16.61 -19.88 22.60
CA LEU D 577 -17.63 -19.73 21.57
C LEU D 577 -18.06 -18.27 21.38
N CYS D 578 -17.99 -17.46 22.43
CA CYS D 578 -18.31 -16.04 22.37
C CYS D 578 -17.16 -15.28 23.02
N PRO D 579 -16.16 -14.85 22.26
CA PRO D 579 -14.88 -14.43 22.86
C PRO D 579 -14.93 -13.12 23.59
N ILE D 580 -13.80 -12.79 24.24
CA ILE D 580 -13.68 -11.54 24.96
C ILE D 580 -13.59 -10.35 24.00
N SER D 581 -12.86 -10.51 22.90
CA SER D 581 -12.68 -9.43 21.94
C SER D 581 -14.01 -9.05 21.28
N PHE D 582 -14.84 -10.04 20.97
CA PHE D 582 -16.15 -9.75 20.42
C PHE D 582 -17.03 -9.00 21.42
N ARG D 583 -16.99 -9.41 22.69
CA ARG D 583 -17.79 -8.73 23.71
C ARG D 583 -17.32 -7.29 23.90
N ASP D 584 -16.01 -7.06 23.84
CA ASP D 584 -15.50 -5.71 23.99
C ASP D 584 -15.83 -4.84 22.79
N CYS D 585 -15.79 -5.40 21.58
CA CYS D 585 -16.17 -4.61 20.40
C CYS D 585 -17.67 -4.32 20.41
N ARG D 586 -18.48 -5.26 20.89
CA ARG D 586 -19.91 -4.98 21.08
C ARG D 586 -20.12 -3.88 22.11
N GLY D 587 -19.37 -3.92 23.21
CA GLY D 587 -19.49 -2.88 24.21
C GLY D 587 -19.05 -1.51 23.71
N THR D 588 -18.09 -1.50 22.79
CA THR D 588 -17.79 -0.26 22.08
C THR D 588 -18.98 0.19 21.24
N GLN D 589 -19.67 -0.75 20.60
CA GLN D 589 -20.79 -0.40 19.74
C GLN D 589 -21.97 0.18 20.53
N LEU D 590 -22.27 -0.37 21.71
CA LEU D 590 -23.34 0.20 22.52
C LEU D 590 -23.01 1.61 23.01
N GLY D 591 -21.78 1.83 23.44
CA GLY D 591 -21.43 3.11 24.04
C GLY D 591 -20.86 4.14 23.09
N LEU D 592 -21.63 4.58 22.09
CA LEU D 592 -21.13 5.60 21.18
C LEU D 592 -21.29 7.00 21.75
N GLY D 593 -22.53 7.43 21.94
CA GLY D 593 -22.82 8.75 22.46
C GLY D 593 -23.25 8.76 23.90
N ARG D 594 -23.32 7.61 24.55
CA ARG D 594 -23.81 7.52 25.91
C ARG D 594 -22.75 8.05 26.88
N HIS D 595 -23.18 8.25 28.13
CA HIS D 595 -22.35 8.95 29.10
C HIS D 595 -21.13 8.14 29.50
N THR D 596 -19.98 8.80 29.51
CA THR D 596 -18.72 8.19 29.89
C THR D 596 -18.16 8.90 31.11
N MET D 597 -17.23 8.24 31.78
CA MET D 597 -16.67 8.76 33.03
C MET D 597 -15.36 9.47 32.74
N THR D 598 -15.18 10.64 33.34
CA THR D 598 -13.97 11.42 33.15
C THR D 598 -12.77 10.67 33.74
N PRO D 599 -11.57 10.85 33.18
CA PRO D 599 -10.40 10.09 33.68
C PRO D 599 -10.03 10.36 35.11
N ALA D 600 -10.43 11.50 35.68
CA ALA D 600 -10.09 11.81 37.07
C ALA D 600 -10.79 10.86 38.04
N THR D 601 -12.09 10.64 37.83
CA THR D 601 -12.80 9.74 38.73
C THR D 601 -12.43 8.28 38.46
N ILE D 602 -12.04 7.96 37.23
CA ILE D 602 -11.55 6.61 36.93
C ILE D 602 -10.26 6.35 37.68
N LYS D 603 -9.34 7.32 37.68
CA LYS D 603 -8.09 7.17 38.41
C LYS D 603 -8.33 7.07 39.91
N ALA D 604 -9.20 7.93 40.46
CA ALA D 604 -9.47 7.88 41.91
C ALA D 604 -10.15 6.59 42.32
N VAL D 605 -11.15 6.13 41.56
CA VAL D 605 -11.88 4.92 41.93
C VAL D 605 -11.01 3.68 41.75
N LYS D 606 -10.19 3.62 40.70
CA LYS D 606 -9.27 2.50 40.56
C LYS D 606 -8.26 2.49 41.69
N ASP D 607 -7.78 3.67 42.12
CA ASP D 607 -6.87 3.71 43.26
C ASP D 607 -7.53 3.24 44.54
N THR D 608 -8.83 3.52 44.72
CA THR D 608 -9.43 3.14 46.00
C THR D 608 -9.95 1.69 46.00
N PHE D 609 -10.14 1.06 44.85
CA PHE D 609 -10.26 -0.39 44.88
C PHE D 609 -8.92 -1.10 44.93
N GLU D 610 -7.84 -0.48 44.46
CA GLU D 610 -6.54 -1.12 44.57
C GLU D 610 -5.76 -0.69 45.80
N ASP D 611 -6.39 0.06 46.70
CA ASP D 611 -5.77 0.40 47.98
C ASP D 611 -5.86 -0.79 48.92
N ARG D 612 -4.72 -1.21 49.45
CA ARG D 612 -4.68 -2.28 50.43
C ARG D 612 -4.57 -1.77 51.86
N ALA D 613 -4.17 -0.53 52.06
CA ALA D 613 -4.14 0.10 53.37
C ALA D 613 -5.45 0.79 53.71
N TYR D 614 -6.55 0.33 53.12
CA TYR D 614 -7.88 0.87 53.40
C TYR D 614 -8.22 0.63 54.86
N PRO D 615 -8.60 1.67 55.60
CA PRO D 615 -8.89 1.49 57.03
C PRO D 615 -10.12 0.60 57.24
N THR D 616 -10.07 -0.17 58.32
CA THR D 616 -11.21 -0.99 58.69
C THR D 616 -12.31 -0.20 59.37
N ILE D 617 -12.06 1.09 59.66
CA ILE D 617 -13.09 1.94 60.24
C ILE D 617 -14.23 2.12 59.24
N PHE D 618 -13.90 2.23 57.96
CA PHE D 618 -14.93 2.37 56.93
C PHE D 618 -15.77 1.10 56.82
N TYR D 619 -15.13 -0.07 56.92
CA TYR D 619 -15.86 -1.32 56.93
C TYR D 619 -16.77 -1.42 58.15
N MET D 620 -16.27 -0.99 59.32
CA MET D 620 -17.08 -1.05 60.54
C MET D 620 -18.29 -0.14 60.46
N LEU D 621 -18.09 1.10 60.02
CA LEU D 621 -19.21 2.03 59.91
C LEU D 621 -20.21 1.57 58.86
N GLU D 622 -19.74 1.06 57.71
CA GLU D 622 -20.65 0.58 56.68
C GLU D 622 -21.39 -0.66 57.15
N ALA D 623 -20.78 -1.45 58.04
CA ALA D 623 -21.48 -2.62 58.57
C ALA D 623 -22.50 -2.24 59.63
N VAL D 624 -22.27 -1.13 60.34
CA VAL D 624 -23.16 -0.81 61.46
C VAL D 624 -24.34 0.04 61.00
N ILE D 625 -24.10 1.13 60.25
CA ILE D 625 -25.22 1.98 59.86
C ILE D 625 -26.14 1.24 58.89
N HIS D 626 -25.56 0.32 58.10
CA HIS D 626 -26.25 -0.77 57.39
C HIS D 626 -27.40 -0.29 56.51
N GLY D 627 -27.23 0.88 55.90
CA GLY D 627 -28.17 1.39 54.94
C GLY D 627 -29.52 1.80 55.50
N ASN D 628 -29.51 2.44 56.65
CA ASN D 628 -30.69 3.07 57.21
C ASN D 628 -30.54 4.58 57.08
N GLU D 629 -31.57 5.23 56.54
CA GLU D 629 -31.52 6.67 56.37
C GLU D 629 -31.51 7.37 57.73
N ARG D 630 -32.22 6.81 58.71
CA ARG D 630 -32.19 7.37 60.05
C ARG D 630 -30.82 7.23 60.69
N ASN D 631 -30.12 6.14 60.42
CA ASN D 631 -28.78 5.97 60.97
C ASN D 631 -27.75 6.79 60.22
N PHE D 632 -27.91 6.94 58.90
CA PHE D 632 -26.97 7.74 58.14
C PHE D 632 -27.09 9.22 58.48
N CYS D 633 -28.32 9.75 58.50
CA CYS D 633 -28.48 11.19 58.70
C CYS D 633 -28.24 11.60 60.14
N ALA D 634 -28.19 10.64 61.08
CA ALA D 634 -27.83 10.97 62.44
C ALA D 634 -26.33 11.09 62.63
N LEU D 635 -25.54 10.63 61.66
CA LEU D 635 -24.09 10.65 61.71
C LEU D 635 -23.49 11.48 60.59
N LEU D 636 -24.13 12.59 60.24
CA LEU D 636 -23.65 13.37 59.10
C LEU D 636 -22.33 14.05 59.40
N ARG D 637 -22.17 14.59 60.62
CA ARG D 637 -20.95 15.33 60.95
C ARG D 637 -19.74 14.40 60.97
N LEU D 638 -19.89 13.22 61.57
CA LEU D 638 -18.80 12.26 61.63
C LEU D 638 -18.41 11.77 60.25
N LEU D 639 -19.41 11.52 59.39
CA LEU D 639 -19.11 11.02 58.05
C LEU D 639 -18.48 12.09 57.17
N THR D 640 -18.94 13.36 57.30
CA THR D 640 -18.29 14.46 56.59
C THR D 640 -16.83 14.58 57.00
N GLN D 641 -16.56 14.55 58.30
CA GLN D 641 -15.19 14.78 58.75
C GLN D 641 -14.33 13.57 58.44
N CYS D 642 -14.93 12.37 58.41
CA CYS D 642 -14.22 11.15 58.05
C CYS D 642 -13.82 11.16 56.58
N ILE D 643 -14.76 11.51 55.70
CA ILE D 643 -14.47 11.53 54.26
C ILE D 643 -13.51 12.66 53.91
N ARG D 644 -13.68 13.83 54.55
CA ARG D 644 -12.76 14.93 54.35
C ARG D 644 -11.36 14.58 54.84
N GLY D 645 -11.26 13.85 55.95
CA GLY D 645 -9.96 13.40 56.42
C GLY D 645 -9.31 12.39 55.50
N TYR D 646 -10.08 11.44 54.99
CA TYR D 646 -9.48 10.42 54.13
C TYR D 646 -9.14 10.96 52.75
N TRP D 647 -9.90 11.93 52.24
CA TRP D 647 -9.67 12.40 50.89
C TRP D 647 -8.40 13.25 50.80
N GLU D 648 -8.34 14.34 51.55
CA GLU D 648 -7.19 15.22 51.42
C GLU D 648 -6.00 14.78 52.28
N GLN D 649 -5.73 13.47 52.28
CA GLN D 649 -4.42 12.93 52.63
C GLN D 649 -4.02 11.78 51.73
N SER D 650 -4.94 11.17 50.99
CA SER D 650 -4.61 10.09 50.09
C SER D 650 -5.21 10.26 48.70
N HIS D 651 -6.12 11.22 48.50
CA HIS D 651 -6.75 11.51 47.21
C HIS D 651 -7.48 10.29 46.64
N ARG D 652 -8.08 9.52 47.53
CA ARG D 652 -8.84 8.34 47.17
C ARG D 652 -10.23 8.45 47.75
N VAL D 653 -11.23 8.17 46.94
CA VAL D 653 -12.61 8.34 47.35
C VAL D 653 -13.01 7.19 48.28
N ALA D 654 -13.61 7.54 49.42
CA ALA D 654 -13.96 6.56 50.43
C ALA D 654 -15.44 6.22 50.32
N PHE D 655 -15.82 5.13 51.00
CA PHE D 655 -17.19 4.64 51.09
C PHE D 655 -17.83 4.34 49.75
N VAL D 656 -17.02 3.96 48.74
CA VAL D 656 -17.54 3.54 47.45
C VAL D 656 -17.99 2.10 47.48
N ASN D 657 -17.92 1.45 48.63
CA ASN D 657 -18.13 0.02 48.75
C ASN D 657 -19.59 -0.36 48.53
N ASN D 658 -20.48 0.14 49.39
CA ASN D 658 -21.89 -0.22 49.36
C ASN D 658 -22.68 0.74 48.49
N PHE D 659 -23.77 0.23 47.92
CA PHE D 659 -24.62 1.09 47.11
C PHE D 659 -25.44 2.03 47.98
N HIS D 660 -25.84 1.58 49.17
CA HIS D 660 -26.52 2.52 50.06
C HIS D 660 -25.51 3.33 50.87
N MET D 661 -24.49 3.83 50.22
CA MET D 661 -23.58 4.82 50.79
C MET D 661 -23.37 6.00 49.86
N LEU D 662 -23.25 5.76 48.55
CA LEU D 662 -23.10 6.89 47.64
C LEU D 662 -24.44 7.49 47.28
N MET D 663 -25.53 6.74 47.41
CA MET D 663 -26.85 7.34 47.24
C MET D 663 -27.11 8.37 48.32
N TYR D 664 -26.82 8.01 49.57
CA TYR D 664 -27.03 8.95 50.67
C TYR D 664 -26.08 10.13 50.58
N ILE D 665 -24.83 9.90 50.14
CA ILE D 665 -23.88 10.99 49.98
C ILE D 665 -24.33 11.95 48.88
N THR D 666 -24.75 11.40 47.73
CA THR D 666 -25.17 12.25 46.63
C THR D 666 -26.47 12.99 46.94
N THR D 667 -27.34 12.43 47.79
CA THR D 667 -28.55 13.15 48.15
C THR D 667 -28.28 14.20 49.23
N TYR D 668 -27.80 13.78 50.40
CA TYR D 668 -27.67 14.69 51.53
C TYR D 668 -26.38 15.50 51.51
N LEU D 669 -25.25 14.87 51.20
CA LEU D 669 -23.95 15.54 51.29
C LEU D 669 -23.50 16.10 49.94
N GLY D 670 -24.37 16.84 49.27
CA GLY D 670 -24.04 17.26 47.93
C GLY D 670 -24.15 18.74 47.69
N ASN D 671 -24.57 19.48 48.73
CA ASN D 671 -24.78 20.92 48.60
C ASN D 671 -23.54 21.72 48.93
N GLY D 672 -22.47 21.09 49.41
CA GLY D 672 -21.24 21.81 49.66
C GLY D 672 -20.53 21.46 50.96
N GLU D 673 -21.05 20.47 51.68
CA GLU D 673 -20.38 20.03 52.91
C GLU D 673 -19.06 19.34 52.60
N LEU D 674 -19.05 18.47 51.62
CA LEU D 674 -17.84 17.86 51.11
C LEU D 674 -17.14 18.82 50.16
N PRO D 675 -15.84 18.63 49.88
CA PRO D 675 -15.17 19.46 48.89
C PRO D 675 -15.72 19.26 47.49
N GLU D 676 -15.31 20.15 46.59
CA GLU D 676 -15.88 20.19 45.24
C GLU D 676 -15.57 18.94 44.42
N VAL D 677 -14.38 18.36 44.60
CA VAL D 677 -13.96 17.25 43.74
C VAL D 677 -14.61 15.94 44.16
N CYS D 678 -14.89 15.75 45.45
CA CYS D 678 -15.42 14.48 45.94
C CYS D 678 -16.85 14.26 45.45
N ILE D 679 -17.69 15.28 45.61
CA ILE D 679 -19.09 15.17 45.20
C ILE D 679 -19.20 15.03 43.70
N ASN D 680 -18.26 15.60 42.95
CA ASN D 680 -18.23 15.37 41.50
C ASN D 680 -17.97 13.91 41.17
N ILE D 681 -17.08 13.26 41.92
CA ILE D 681 -16.78 11.85 41.72
C ILE D 681 -18.01 11.00 42.02
N TYR D 682 -18.66 11.27 43.16
CA TYR D 682 -19.84 10.50 43.54
C TYR D 682 -20.99 10.71 42.55
N ARG D 683 -21.24 11.97 42.16
CA ARG D 683 -22.30 12.27 41.22
C ARG D 683 -22.01 11.68 39.85
N ASP D 684 -20.74 11.58 39.47
CA ASP D 684 -20.42 11.03 38.16
C ASP D 684 -20.59 9.51 38.15
N LEU D 685 -20.25 8.84 39.27
CA LEU D 685 -20.56 7.41 39.39
C LEU D 685 -22.05 7.16 39.30
N LEU D 686 -22.85 7.95 40.01
CA LEU D 686 -24.30 7.77 39.99
C LEU D 686 -24.87 8.07 38.61
N GLN D 687 -24.31 9.08 37.92
CA GLN D 687 -24.76 9.41 36.58
C GLN D 687 -24.43 8.30 35.60
N HIS D 688 -23.27 7.64 35.77
CA HIS D 688 -22.96 6.51 34.91
C HIS D 688 -23.90 5.34 35.16
N VAL D 689 -24.27 5.11 36.42
CA VAL D 689 -25.23 4.05 36.73
C VAL D 689 -26.58 4.33 36.07
N ARG D 690 -27.03 5.58 36.14
CA ARG D 690 -28.30 5.93 35.51
C ARG D 690 -28.21 5.91 33.99
N ALA D 691 -27.05 6.20 33.42
CA ALA D 691 -26.87 6.06 31.98
C ALA D 691 -26.94 4.61 31.56
N LEU D 692 -26.41 3.70 32.38
CA LEU D 692 -26.52 2.28 32.10
C LEU D 692 -27.99 1.84 32.15
N ARG D 693 -28.75 2.33 33.13
CA ARG D 693 -30.17 2.04 33.20
C ARG D 693 -30.91 2.53 31.97
N GLN D 694 -30.59 3.74 31.51
CA GLN D 694 -31.24 4.28 30.32
C GLN D 694 -30.83 3.50 29.08
N THR D 695 -29.62 2.96 29.06
CA THR D 695 -29.19 2.11 27.96
C THR D 695 -30.00 0.83 27.90
N ILE D 696 -30.28 0.23 29.07
CA ILE D 696 -31.12 -0.96 29.11
C ILE D 696 -32.53 -0.63 28.64
N THR D 697 -33.06 0.51 29.05
CA THR D 697 -34.39 0.93 28.61
C THR D 697 -34.42 1.18 27.11
N ASP D 698 -33.30 1.63 26.54
CA ASP D 698 -33.27 2.02 25.12
C ASP D 698 -33.41 0.82 24.20
N PHE D 699 -32.81 -0.31 24.55
CA PHE D 699 -32.76 -1.43 23.62
C PHE D 699 -33.94 -2.39 23.74
N THR D 700 -34.84 -2.18 24.67
CA THR D 700 -36.10 -2.91 24.70
C THR D 700 -37.17 -2.13 23.93
N ILE D 701 -38.28 -2.79 23.66
CA ILE D 701 -39.43 -2.15 23.03
C ILE D 701 -40.62 -2.32 23.95
N GLN D 702 -41.17 -1.21 24.39
CA GLN D 702 -42.19 -1.21 25.43
C GLN D 702 -43.53 -1.72 24.89
N GLY D 703 -44.47 -1.92 25.80
CA GLY D 703 -45.83 -2.30 25.45
C GLY D 703 -46.10 -3.78 25.34
N GLU D 704 -45.10 -4.63 25.57
CA GLU D 704 -45.26 -6.08 25.47
C GLU D 704 -44.99 -6.69 26.83
N GLY D 705 -46.03 -6.75 27.66
CA GLY D 705 -45.92 -7.37 28.96
C GLY D 705 -46.69 -8.67 29.04
N HIS D 706 -46.07 -9.72 29.57
CA HIS D 706 -46.68 -11.05 29.63
C HIS D 706 -46.73 -11.52 31.07
N ASN D 707 -47.94 -11.62 31.62
CA ASN D 707 -48.23 -12.24 32.90
C ASN D 707 -47.48 -11.56 34.05
N GLY D 708 -47.78 -10.28 34.23
CA GLY D 708 -47.21 -9.52 35.34
C GLY D 708 -45.72 -9.32 35.25
N GLU D 709 -45.18 -9.14 34.05
CA GLU D 709 -43.76 -8.90 33.85
C GLU D 709 -43.61 -7.79 32.83
N THR D 710 -42.85 -6.76 33.17
CA THR D 710 -42.60 -5.68 32.23
C THR D 710 -41.66 -6.16 31.12
N SER D 711 -41.68 -5.43 30.00
CA SER D 711 -40.87 -5.83 28.86
C SER D 711 -39.37 -5.68 29.14
N GLU D 712 -39.00 -4.68 29.95
CA GLU D 712 -37.61 -4.57 30.38
C GLU D 712 -37.19 -5.76 31.21
N ALA D 713 -38.06 -6.22 32.12
CA ALA D 713 -37.76 -7.39 32.92
C ALA D 713 -37.81 -8.68 32.11
N LEU D 714 -38.45 -8.65 30.95
CA LEU D 714 -38.49 -9.80 30.07
C LEU D 714 -37.32 -9.85 29.10
N ASN D 715 -36.69 -8.71 28.82
CA ASN D 715 -35.50 -8.66 27.97
C ASN D 715 -34.21 -8.75 28.74
N ASN D 716 -34.08 -8.00 29.83
CA ASN D 716 -32.83 -7.91 30.55
C ASN D 716 -32.92 -8.67 31.86
N ILE D 717 -31.84 -8.60 32.65
CA ILE D 717 -31.76 -9.24 33.95
C ILE D 717 -31.63 -8.21 35.06
N LEU D 718 -30.85 -7.15 34.83
CA LEU D 718 -30.69 -6.10 35.82
C LEU D 718 -31.98 -5.34 36.08
N THR D 719 -32.95 -5.41 35.18
CA THR D 719 -34.27 -4.85 35.40
C THR D 719 -35.29 -5.90 35.79
N ASP D 720 -34.86 -7.10 36.16
CA ASP D 720 -35.76 -8.16 36.58
C ASP D 720 -35.80 -8.20 38.10
N ASP D 721 -37.00 -8.14 38.67
CA ASP D 721 -37.12 -8.12 40.13
C ASP D 721 -36.88 -9.48 40.75
N THR D 722 -36.97 -10.56 39.97
CA THR D 722 -36.74 -11.90 40.51
C THR D 722 -35.28 -12.08 40.91
N PHE D 723 -34.35 -11.57 40.11
CA PHE D 723 -32.95 -11.60 40.46
C PHE D 723 -32.67 -10.54 41.53
N ILE D 724 -32.01 -10.94 42.61
CA ILE D 724 -31.76 -10.03 43.72
C ILE D 724 -30.27 -9.73 43.81
N ALA D 725 -29.96 -8.63 44.50
CA ALA D 725 -28.59 -8.16 44.63
C ALA D 725 -27.78 -9.14 45.47
N PRO D 726 -26.45 -9.20 45.27
CA PRO D 726 -25.63 -10.13 46.06
C PRO D 726 -25.61 -9.83 47.55
N ILE D 727 -25.82 -8.58 47.96
CA ILE D 727 -25.90 -8.21 49.36
C ILE D 727 -27.16 -7.39 49.58
N LEU D 728 -28.02 -7.86 50.47
CA LEU D 728 -29.23 -7.15 50.83
C LEU D 728 -29.02 -6.45 52.16
N TRP D 729 -29.31 -5.16 52.19
CA TRP D 729 -29.33 -4.40 53.43
C TRP D 729 -30.72 -4.26 54.02
N ASP D 730 -31.75 -4.23 53.16
CA ASP D 730 -33.12 -4.05 53.59
C ASP D 730 -33.96 -5.19 53.02
N CYS D 731 -35.15 -5.38 53.58
CA CYS D 731 -36.03 -6.45 53.16
C CYS D 731 -36.97 -6.04 52.05
N ASP D 732 -36.80 -4.84 51.49
CA ASP D 732 -37.69 -4.37 50.43
C ASP D 732 -37.51 -5.13 49.14
N ALA D 733 -36.27 -5.58 48.86
CA ALA D 733 -35.99 -6.31 47.64
C ALA D 733 -36.75 -7.63 47.58
N LEU D 734 -36.86 -8.32 48.72
CA LEU D 734 -37.63 -9.55 48.78
C LEU D 734 -39.12 -9.28 48.59
N ILE D 735 -39.60 -8.15 49.10
CA ILE D 735 -41.00 -7.75 48.90
C ILE D 735 -41.30 -7.55 47.42
N TYR D 736 -40.44 -6.81 46.73
CA TYR D 736 -40.60 -6.59 45.30
C TYR D 736 -40.45 -7.89 44.53
N ARG D 737 -39.59 -8.78 45.00
CA ARG D 737 -39.36 -10.04 44.30
C ARG D 737 -40.56 -10.96 44.40
N ASP D 738 -41.11 -11.16 45.60
CA ASP D 738 -42.23 -12.09 45.70
C ASP D 738 -43.56 -11.44 45.38
N GLU D 739 -43.60 -10.12 45.16
CA GLU D 739 -44.82 -9.50 44.64
C GLU D 739 -44.81 -9.43 43.12
N ALA D 740 -43.65 -9.16 42.51
CA ALA D 740 -43.60 -8.94 41.07
C ALA D 740 -43.72 -10.24 40.29
N ALA D 741 -43.10 -11.31 40.78
CA ALA D 741 -43.04 -12.54 39.98
C ALA D 741 -44.38 -13.27 39.99
N ARG D 742 -44.78 -13.81 41.13
CA ARG D 742 -46.14 -14.22 41.48
C ARG D 742 -46.66 -15.40 40.66
N ASP D 743 -45.98 -15.79 39.60
CA ASP D 743 -46.43 -16.91 38.78
C ASP D 743 -45.35 -17.94 38.55
N ARG D 744 -44.11 -17.51 38.35
CA ARG D 744 -42.97 -18.41 38.39
C ARG D 744 -42.74 -18.81 39.85
N LEU D 745 -42.85 -20.11 40.14
CA LEU D 745 -42.96 -20.67 41.48
C LEU D 745 -41.77 -20.30 42.36
N PRO D 746 -41.95 -19.43 43.35
CA PRO D 746 -40.83 -18.98 44.16
C PRO D 746 -40.62 -19.84 45.41
N ALA D 747 -39.44 -19.71 45.99
CA ALA D 747 -39.08 -20.39 47.22
C ALA D 747 -37.89 -19.68 47.84
N ILE D 748 -38.05 -19.24 49.09
CA ILE D 748 -37.00 -18.56 49.83
C ILE D 748 -36.65 -19.41 51.03
N ARG D 749 -35.38 -19.76 51.18
CA ARG D 749 -34.89 -20.47 52.34
C ARG D 749 -33.85 -19.62 53.06
N VAL D 750 -34.19 -19.15 54.24
CA VAL D 750 -33.26 -18.34 55.02
C VAL D 750 -32.89 -19.03 56.35
N SER D 751 -31.75 -19.73 56.33
CA SER D 751 -31.13 -20.38 57.48
C SER D 751 -32.08 -21.36 58.16
N GLY D 752 -32.43 -22.40 57.40
CA GLY D 752 -33.34 -23.40 57.93
C GLY D 752 -34.73 -23.35 57.34
N ARG D 753 -35.67 -22.75 58.07
CA ARG D 753 -37.07 -22.70 57.67
C ARG D 753 -37.25 -21.84 56.41
N ASN D 754 -38.39 -22.03 55.76
CA ASN D 754 -38.69 -21.38 54.49
C ASN D 754 -39.47 -20.09 54.74
N GLY D 755 -38.97 -18.99 54.21
CA GLY D 755 -39.65 -17.71 54.36
C GLY D 755 -39.04 -16.86 55.45
N TYR D 756 -39.15 -15.56 55.27
CA TYR D 756 -38.64 -14.57 56.21
C TYR D 756 -39.74 -14.14 57.17
N GLN D 757 -39.35 -13.41 58.21
CA GLN D 757 -40.27 -12.86 59.19
C GLN D 757 -40.27 -11.34 59.23
N ALA D 758 -39.09 -10.72 59.20
CA ALA D 758 -38.90 -9.29 58.97
C ALA D 758 -39.60 -8.42 60.02
N LEU D 759 -39.11 -8.50 61.25
CA LEU D 759 -39.50 -7.57 62.31
C LEU D 759 -38.37 -6.56 62.47
N HIS D 760 -38.72 -5.28 62.55
CA HIS D 760 -37.75 -4.21 62.65
C HIS D 760 -37.59 -3.79 64.11
N PHE D 761 -36.79 -2.73 64.32
CA PHE D 761 -36.60 -2.07 65.62
C PHE D 761 -36.07 -3.05 66.67
N VAL D 762 -34.83 -3.47 66.47
CA VAL D 762 -34.11 -4.25 67.47
C VAL D 762 -33.33 -3.27 68.33
N ASP D 763 -33.31 -3.51 69.64
CA ASP D 763 -32.79 -2.53 70.59
C ASP D 763 -31.83 -3.22 71.58
N MET D 764 -31.35 -2.45 72.55
CA MET D 764 -30.36 -2.93 73.52
C MET D 764 -30.92 -4.05 74.40
N ALA D 765 -32.17 -3.91 74.83
CA ALA D 765 -32.75 -4.88 75.76
C ALA D 765 -32.93 -6.23 75.09
N GLY D 766 -33.40 -6.25 73.85
CA GLY D 766 -33.69 -7.50 73.18
C GLY D 766 -32.89 -7.74 71.91
N HIS D 767 -31.58 -7.47 71.94
CA HIS D 767 -30.79 -7.61 70.71
C HIS D 767 -30.67 -9.06 70.28
N ASN D 768 -30.30 -9.96 71.20
CA ASN D 768 -30.27 -11.41 70.99
C ASN D 768 -29.36 -11.78 69.81
N PHE D 769 -28.06 -11.58 70.04
CA PHE D 769 -27.05 -11.78 68.99
C PHE D 769 -27.03 -13.20 68.47
N GLN D 770 -27.33 -14.18 69.33
CA GLN D 770 -27.39 -15.59 68.91
C GLN D 770 -28.83 -15.99 68.64
N ARG D 771 -29.36 -15.46 67.55
CA ARG D 771 -30.71 -15.79 67.10
C ARG D 771 -30.62 -16.88 66.03
N ARG D 772 -31.47 -17.89 66.13
CA ARG D 772 -31.42 -19.03 65.24
C ARG D 772 -32.66 -19.14 64.34
N ASP D 773 -33.55 -18.17 64.38
CA ASP D 773 -34.80 -18.23 63.61
C ASP D 773 -34.56 -17.74 62.19
N ASN D 774 -35.65 -17.54 61.46
CA ASN D 774 -35.63 -16.95 60.12
C ASN D 774 -36.08 -15.50 60.16
N VAL D 775 -35.66 -14.79 61.20
CA VAL D 775 -36.06 -13.41 61.44
C VAL D 775 -35.01 -12.48 60.85
N LEU D 776 -35.45 -11.53 60.04
CA LEU D 776 -34.57 -10.53 59.44
C LEU D 776 -34.89 -9.16 60.02
N ILE D 777 -33.91 -8.26 59.96
CA ILE D 777 -34.06 -6.92 60.49
C ILE D 777 -34.34 -5.97 59.33
N HIS D 778 -35.59 -5.48 59.25
CA HIS D 778 -35.97 -4.62 58.14
C HIS D 778 -35.43 -3.21 58.32
N GLY D 779 -35.43 -2.69 59.54
CA GLY D 779 -34.93 -1.35 59.80
C GLY D 779 -36.05 -0.37 60.08
N ARG D 780 -35.71 0.76 60.69
CA ARG D 780 -36.73 1.75 61.03
C ARG D 780 -37.22 2.47 59.77
N PRO D 781 -38.52 2.51 59.52
CA PRO D 781 -39.04 3.39 58.47
C PRO D 781 -38.83 4.84 58.86
N VAL D 782 -38.63 5.68 57.85
CA VAL D 782 -38.34 7.09 58.10
C VAL D 782 -39.62 7.89 58.36
N ARG D 783 -40.68 7.62 57.62
CA ARG D 783 -41.99 8.22 57.86
C ARG D 783 -43.02 7.15 58.18
N GLY D 784 -43.17 6.87 59.47
CA GLY D 784 -44.18 5.91 59.88
C GLY D 784 -44.08 5.62 61.37
N ASP D 785 -44.86 4.64 61.79
CA ASP D 785 -44.80 4.09 63.13
C ASP D 785 -44.31 2.66 63.06
N THR D 786 -43.37 2.31 63.93
CA THR D 786 -42.81 0.96 63.91
C THR D 786 -43.83 -0.05 64.42
N GLY D 787 -44.18 0.03 65.69
CA GLY D 787 -45.20 -0.80 66.31
C GLY D 787 -44.88 -2.30 66.28
N GLN D 788 -45.95 -3.07 66.50
CA GLN D 788 -45.88 -4.52 66.43
C GLN D 788 -46.88 -5.11 65.44
N ALA D 789 -48.10 -4.58 65.40
CA ALA D 789 -49.10 -5.06 64.46
C ALA D 789 -49.00 -4.39 63.10
N ILE D 790 -48.23 -3.30 62.99
CA ILE D 790 -48.09 -2.56 61.74
C ILE D 790 -47.21 -3.38 60.79
N PRO D 791 -47.69 -3.73 59.61
CA PRO D 791 -46.88 -4.52 58.68
C PRO D 791 -45.81 -3.66 58.01
N ILE D 792 -44.81 -4.35 57.47
CA ILE D 792 -43.65 -3.67 56.92
C ILE D 792 -43.98 -3.09 55.55
N THR D 793 -43.21 -2.08 55.15
CA THR D 793 -43.30 -1.44 53.85
C THR D 793 -41.90 -1.26 53.29
N PRO D 794 -41.75 -1.26 51.97
CA PRO D 794 -40.45 -0.93 51.38
C PRO D 794 -40.05 0.50 51.70
N HIS D 795 -38.76 0.70 51.98
CA HIS D 795 -38.25 2.04 52.23
C HIS D 795 -38.24 2.88 50.97
N HIS D 796 -37.81 2.29 49.85
CA HIS D 796 -37.43 3.07 48.70
C HIS D 796 -38.19 2.62 47.45
N ASP D 797 -37.96 3.37 46.37
CA ASP D 797 -38.65 3.14 45.11
C ASP D 797 -38.11 1.86 44.47
N ARG D 798 -38.87 1.34 43.49
CA ARG D 798 -38.44 0.16 42.76
C ARG D 798 -37.21 0.43 41.91
N GLU D 799 -37.02 1.68 41.47
CA GLU D 799 -35.85 2.01 40.66
C GLU D 799 -34.55 1.90 41.46
N TRP D 800 -34.64 2.05 42.78
CA TRP D 800 -33.46 1.87 43.63
C TRP D 800 -32.96 0.44 43.55
N GLY D 801 -33.86 -0.53 43.48
CA GLY D 801 -33.44 -1.91 43.32
C GLY D 801 -32.71 -2.15 42.00
N ILE D 802 -33.21 -1.55 40.92
CA ILE D 802 -32.58 -1.71 39.62
C ILE D 802 -31.21 -1.06 39.60
N LEU D 803 -31.09 0.12 40.20
CA LEU D 803 -29.79 0.80 40.24
C LEU D 803 -28.80 0.03 41.12
N SER D 804 -29.28 -0.58 42.21
CA SER D 804 -28.39 -1.39 43.03
C SER D 804 -27.89 -2.62 42.29
N LYS D 805 -28.78 -3.28 41.55
CA LYS D 805 -28.38 -4.44 40.76
C LYS D 805 -27.36 -4.05 39.69
N ILE D 806 -27.61 -2.92 39.01
CA ILE D 806 -26.71 -2.45 37.95
C ILE D 806 -25.34 -2.12 38.53
N TYR D 807 -25.32 -1.42 39.67
CA TYR D 807 -24.06 -1.05 40.30
C TYR D 807 -23.28 -2.28 40.73
N TYR D 808 -23.92 -3.17 41.48
CA TYR D 808 -23.22 -4.33 42.05
C TYR D 808 -22.77 -5.32 40.98
N TYR D 809 -23.47 -5.39 39.85
CA TYR D 809 -23.11 -6.36 38.83
C TYR D 809 -22.33 -5.78 37.66
N ILE D 810 -22.15 -4.46 37.60
CA ILE D 810 -21.35 -3.90 36.52
C ILE D 810 -20.20 -3.09 37.06
N VAL D 811 -20.48 -2.07 37.89
CA VAL D 811 -19.46 -1.07 38.21
C VAL D 811 -18.44 -1.64 39.19
N ILE D 812 -18.90 -2.39 40.18
CA ILE D 812 -17.96 -3.05 41.11
C ILE D 812 -17.06 -4.08 40.42
N PRO D 813 -17.56 -5.02 39.62
CA PRO D 813 -16.62 -5.94 38.96
C PRO D 813 -15.83 -5.33 37.82
N ALA D 814 -16.24 -4.17 37.29
CA ALA D 814 -15.41 -3.52 36.28
C ALA D 814 -14.19 -2.84 36.88
N PHE D 815 -14.30 -2.39 38.13
CA PHE D 815 -13.16 -1.76 38.79
C PHE D 815 -12.33 -2.76 39.57
N SER D 816 -12.96 -3.59 40.39
CA SER D 816 -12.21 -4.53 41.21
C SER D 816 -11.59 -5.64 40.37
N ARG D 817 -12.27 -6.04 39.29
CA ARG D 817 -11.82 -7.09 38.36
C ARG D 817 -11.56 -8.40 39.09
N GLY D 818 -12.59 -8.85 39.82
CA GLY D 818 -12.50 -10.13 40.51
C GLY D 818 -11.61 -10.14 41.73
N SER D 819 -11.28 -8.97 42.28
CA SER D 819 -10.48 -8.91 43.50
C SER D 819 -11.32 -8.82 44.75
N CYS D 820 -12.47 -8.16 44.69
CA CYS D 820 -13.33 -8.01 45.86
C CYS D 820 -14.07 -9.31 46.17
N CYS D 821 -14.45 -9.48 47.44
CA CYS D 821 -15.13 -10.68 47.90
C CYS D 821 -16.19 -10.29 48.92
N THR D 822 -17.34 -10.95 48.86
CA THR D 822 -18.41 -10.71 49.82
C THR D 822 -18.11 -11.46 51.11
N MET D 823 -18.25 -10.76 52.24
CA MET D 823 -18.01 -11.36 53.54
C MET D 823 -19.13 -11.03 54.49
N GLY D 824 -19.30 -11.90 55.48
CA GLY D 824 -20.18 -11.62 56.59
C GLY D 824 -19.43 -10.88 57.69
N VAL D 825 -20.17 -10.47 58.71
CA VAL D 825 -19.61 -9.73 59.83
C VAL D 825 -19.96 -10.46 61.11
N ARG D 826 -19.28 -10.07 62.19
CA ARG D 826 -19.49 -10.63 63.52
C ARG D 826 -19.91 -9.47 64.42
N TYR D 827 -21.21 -9.26 64.56
CA TYR D 827 -21.69 -8.13 65.34
C TYR D 827 -21.44 -8.32 66.82
N ASP D 828 -21.49 -9.56 67.31
CA ASP D 828 -21.20 -9.82 68.72
C ASP D 828 -19.75 -9.54 69.06
N ARG D 829 -18.85 -9.62 68.08
CA ARG D 829 -17.46 -9.27 68.25
C ARG D 829 -17.15 -7.82 67.90
N LEU D 830 -18.12 -7.09 67.34
CA LEU D 830 -17.83 -5.75 66.85
C LEU D 830 -18.49 -4.67 67.71
N TYR D 831 -19.75 -4.88 68.10
CA TYR D 831 -20.47 -3.91 68.90
C TYR D 831 -19.84 -3.60 70.26
N PRO D 832 -19.29 -4.55 71.02
CA PRO D 832 -18.54 -4.14 72.22
C PRO D 832 -17.28 -3.34 71.93
N ALA D 833 -16.75 -3.38 70.72
CA ALA D 833 -15.62 -2.53 70.37
C ALA D 833 -16.04 -1.13 69.95
N LEU D 834 -17.33 -0.90 69.70
CA LEU D 834 -17.83 0.42 69.32
C LEU D 834 -18.33 1.23 70.49
N GLN D 835 -18.34 0.66 71.70
CA GLN D 835 -18.90 1.33 72.87
C GLN D 835 -17.82 1.84 73.82
N ALA D 836 -16.60 2.01 73.33
CA ALA D 836 -15.50 2.54 74.11
C ALA D 836 -15.04 3.84 73.47
N VAL D 837 -15.67 4.95 73.87
CA VAL D 837 -15.29 6.28 73.43
C VAL D 837 -14.77 7.06 74.63
N ILE D 838 -13.70 7.83 74.41
CA ILE D 838 -12.92 8.41 75.49
C ILE D 838 -13.04 9.93 75.37
N VAL D 839 -14.22 10.40 75.00
CA VAL D 839 -14.49 11.84 74.93
C VAL D 839 -14.30 12.47 76.31
N PRO D 840 -13.65 13.62 76.42
CA PRO D 840 -13.43 14.24 77.74
C PRO D 840 -14.62 15.11 78.12
N GLU D 841 -14.46 15.84 79.23
CA GLU D 841 -15.46 16.78 79.69
C GLU D 841 -14.96 18.20 79.44
N ILE D 842 -15.58 18.89 78.48
CA ILE D 842 -15.24 20.29 78.25
C ILE D 842 -15.88 21.13 79.35
N PRO D 843 -15.18 22.12 79.91
CA PRO D 843 -15.82 22.98 80.91
C PRO D 843 -16.78 23.97 80.27
N ALA D 844 -17.65 24.52 81.11
CA ALA D 844 -18.65 25.48 80.66
C ALA D 844 -18.02 26.80 80.22
N ASP D 845 -18.63 27.42 79.20
CA ASP D 845 -18.19 28.68 78.61
C ASP D 845 -16.76 28.61 78.06
N GLU D 846 -16.40 27.43 77.56
CA GLU D 846 -15.11 27.19 76.92
C GLU D 846 -15.34 26.62 75.53
N GLU D 847 -14.44 26.99 74.61
CA GLU D 847 -14.55 26.61 73.22
C GLU D 847 -14.15 25.15 73.02
N ALA D 848 -14.74 24.54 72.01
CA ALA D 848 -14.42 23.14 71.69
C ALA D 848 -13.01 23.04 71.11
N PRO D 849 -12.23 22.04 71.48
CA PRO D 849 -10.89 21.89 70.90
C PRO D 849 -10.96 21.38 69.47
N THR D 850 -10.19 22.03 68.60
CA THR D 850 -10.17 21.68 67.18
C THR D 850 -8.91 20.93 66.78
N THR D 851 -7.74 21.50 67.03
CA THR D 851 -6.49 20.84 66.68
C THR D 851 -6.24 19.66 67.62
N PRO D 852 -5.60 18.59 67.14
CA PRO D 852 -5.26 17.46 68.01
C PRO D 852 -3.97 17.63 68.79
N GLU D 853 -3.42 18.84 68.87
CA GLU D 853 -2.21 19.06 69.64
C GLU D 853 -2.48 19.43 71.10
N ASP D 854 -3.65 20.03 71.39
CA ASP D 854 -3.93 20.29 72.80
C ASP D 854 -4.35 19.00 73.49
N PRO D 855 -4.13 18.88 74.80
CA PRO D 855 -4.50 17.64 75.51
C PRO D 855 -5.99 17.39 75.61
N ARG D 856 -6.84 18.38 75.28
CA ARG D 856 -8.27 18.20 75.39
C ARG D 856 -8.88 17.48 74.19
N HIS D 857 -8.12 17.26 73.13
CA HIS D 857 -8.66 16.60 71.95
C HIS D 857 -8.86 15.11 72.21
N PRO D 858 -9.91 14.50 71.65
CA PRO D 858 -10.09 13.04 71.82
C PRO D 858 -9.00 12.21 71.18
N LEU D 859 -8.33 12.70 70.15
CA LEU D 859 -7.26 11.94 69.51
C LEU D 859 -5.88 12.30 70.03
N HIS D 860 -5.80 13.09 71.10
CA HIS D 860 -4.51 13.34 71.73
C HIS D 860 -4.02 12.06 72.40
N ALA D 861 -2.69 11.96 72.54
CA ALA D 861 -2.10 10.75 73.09
C ALA D 861 -2.40 10.58 74.58
N HIS D 862 -2.78 11.67 75.26
CA HIS D 862 -3.13 11.58 76.68
C HIS D 862 -4.40 10.76 76.88
N GLN D 863 -5.41 10.98 76.04
CA GLN D 863 -6.69 10.27 76.16
C GLN D 863 -6.75 9.05 75.28
N LEU D 864 -5.64 8.67 74.65
CA LEU D 864 -5.61 7.57 73.69
C LEU D 864 -5.27 6.31 74.50
N VAL D 865 -6.30 5.73 75.12
CA VAL D 865 -6.13 4.53 75.93
C VAL D 865 -6.11 3.34 74.98
N PRO D 866 -5.36 2.28 75.26
CA PRO D 866 -5.43 1.07 74.42
C PRO D 866 -6.81 0.43 74.45
N ASN D 867 -7.14 -0.21 73.31
CA ASN D 867 -8.37 -0.98 73.12
C ASN D 867 -9.62 -0.12 73.28
N SER D 868 -9.65 0.98 72.52
CA SER D 868 -10.79 1.86 72.48
C SER D 868 -11.02 2.27 71.04
N LEU D 869 -12.09 3.04 70.79
CA LEU D 869 -12.33 3.53 69.44
C LEU D 869 -11.32 4.59 69.05
N ASN D 870 -10.72 5.26 70.03
CA ASN D 870 -9.75 6.31 69.74
C ASN D 870 -8.51 5.76 69.07
N VAL D 871 -8.04 4.59 69.53
CA VAL D 871 -6.88 3.99 68.88
C VAL D 871 -7.27 3.40 67.53
N TYR D 872 -8.54 3.04 67.34
CA TYR D 872 -9.02 2.64 66.03
C TYR D 872 -8.96 3.78 65.03
N PHE D 873 -9.36 4.98 65.45
CA PHE D 873 -9.28 6.13 64.56
C PHE D 873 -7.86 6.63 64.39
N HIS D 874 -7.02 6.51 65.42
CA HIS D 874 -5.64 6.97 65.30
C HIS D 874 -4.80 6.02 64.46
N ASN D 875 -5.17 4.74 64.40
CA ASN D 875 -4.48 3.81 63.51
C ASN D 875 -4.64 4.23 62.05
N ALA D 876 -5.78 4.80 61.71
CA ALA D 876 -6.02 5.22 60.33
C ALA D 876 -5.58 6.65 60.04
N HIS D 877 -5.11 7.36 61.06
CA HIS D 877 -4.63 8.75 60.96
C HIS D 877 -5.75 9.68 60.48
N LEU D 878 -6.82 9.73 61.26
CA LEU D 878 -7.90 10.69 61.05
C LEU D 878 -8.16 11.46 62.34
N THR D 879 -8.78 12.63 62.19
CA THR D 879 -9.15 13.48 63.32
C THR D 879 -10.66 13.62 63.36
N VAL D 880 -11.27 13.41 64.53
CA VAL D 880 -12.68 13.66 64.73
C VAL D 880 -12.86 14.47 66.01
N ASP D 881 -13.96 15.20 66.08
CA ASP D 881 -14.27 16.04 67.23
C ASP D 881 -15.15 15.22 68.17
N GLY D 882 -15.46 15.77 69.34
CA GLY D 882 -16.14 14.99 70.38
C GLY D 882 -17.55 14.58 70.02
N ASP D 883 -18.33 15.50 69.43
CA ASP D 883 -19.73 15.19 69.08
C ASP D 883 -19.82 14.13 68.00
N ALA D 884 -18.83 14.09 67.11
CA ALA D 884 -18.76 13.01 66.12
C ALA D 884 -18.61 11.66 66.78
N LEU D 885 -17.94 11.62 67.95
CA LEU D 885 -17.90 10.39 68.71
C LEU D 885 -19.17 10.21 69.54
N LEU D 886 -19.88 11.28 69.87
CA LEU D 886 -21.12 11.15 70.62
C LEU D 886 -22.29 10.67 69.78
N THR D 887 -22.21 10.81 68.44
CA THR D 887 -23.30 10.32 67.59
C THR D 887 -23.44 8.79 67.61
N LEU D 888 -22.42 8.08 68.08
CA LEU D 888 -22.48 6.62 68.14
C LEU D 888 -23.57 6.13 69.09
N GLN D 889 -23.90 6.93 70.12
CA GLN D 889 -24.91 6.51 71.09
C GLN D 889 -26.29 6.40 70.47
N GLU D 890 -26.69 7.38 69.64
CA GLU D 890 -28.00 7.25 69.00
C GLU D 890 -27.89 6.48 67.69
N LEU D 891 -26.67 6.16 67.26
CA LEU D 891 -26.53 5.10 66.26
C LEU D 891 -26.85 3.74 66.87
N MET D 892 -26.54 3.57 68.15
CA MET D 892 -26.73 2.30 68.85
C MET D 892 -28.20 1.97 69.09
N GLY D 893 -29.09 2.93 68.83
CA GLY D 893 -30.52 2.70 69.04
C GLY D 893 -31.10 1.66 68.08
N ASP D 894 -30.62 1.63 66.86
CA ASP D 894 -31.01 0.62 65.89
C ASP D 894 -29.75 -0.19 65.59
N MET D 895 -29.90 -1.52 65.60
CA MET D 895 -28.78 -2.42 65.44
C MET D 895 -29.08 -3.45 64.36
N ALA D 896 -28.13 -4.35 64.18
CA ALA D 896 -28.30 -5.53 63.33
C ALA D 896 -27.78 -6.73 64.10
N GLU D 897 -28.54 -7.82 64.09
CA GLU D 897 -28.19 -8.97 64.93
C GLU D 897 -27.06 -9.77 64.32
N ARG D 898 -27.29 -10.37 63.16
CA ARG D 898 -26.28 -11.22 62.53
C ARG D 898 -26.58 -11.33 61.04
N THR D 899 -25.54 -11.68 60.28
CA THR D 899 -25.70 -11.92 58.86
C THR D 899 -26.17 -13.35 58.61
N THR D 900 -26.97 -13.51 57.57
CA THR D 900 -27.55 -14.80 57.23
C THR D 900 -27.57 -14.97 55.73
N ALA D 901 -27.59 -16.22 55.28
CA ALA D 901 -27.45 -16.57 53.88
C ALA D 901 -28.82 -16.86 53.30
N ILE D 902 -29.26 -16.03 52.36
CA ILE D 902 -30.56 -16.16 51.71
C ILE D 902 -30.36 -16.88 50.40
N LEU D 903 -31.07 -17.98 50.21
CA LEU D 903 -31.11 -18.70 48.94
C LEU D 903 -32.51 -18.57 48.37
N VAL D 904 -32.67 -17.78 47.31
CA VAL D 904 -33.94 -17.66 46.62
C VAL D 904 -33.88 -18.54 45.38
N SER D 905 -35.05 -18.97 44.93
CA SER D 905 -35.13 -19.86 43.78
C SER D 905 -36.47 -19.67 43.10
N SER D 906 -36.47 -19.75 41.77
CA SER D 906 -37.68 -19.53 41.00
C SER D 906 -37.57 -20.27 39.68
N ALA D 907 -38.70 -20.43 39.02
CA ALA D 907 -38.76 -20.99 37.68
C ALA D 907 -38.38 -19.93 36.67
N PRO D 908 -37.98 -20.32 35.46
CA PRO D 908 -37.74 -19.33 34.41
C PRO D 908 -39.04 -18.61 34.02
N ASP D 909 -38.87 -17.41 33.49
CA ASP D 909 -39.98 -16.48 33.30
C ASP D 909 -40.96 -16.96 32.23
N ALA D 910 -42.01 -16.17 32.04
CA ALA D 910 -43.07 -16.52 31.10
C ALA D 910 -42.61 -16.49 29.66
N GLY D 911 -41.47 -15.86 29.38
CA GLY D 911 -40.93 -15.88 28.03
C GLY D 911 -40.46 -17.26 27.62
N ALA D 912 -39.84 -18.00 28.54
CA ALA D 912 -39.26 -19.31 28.24
C ALA D 912 -39.83 -20.43 29.08
N ALA D 913 -41.06 -20.30 29.57
CA ALA D 913 -41.69 -21.33 30.39
C ALA D 913 -42.46 -22.25 29.46
N THR D 914 -41.80 -23.27 28.95
CA THR D 914 -42.48 -24.32 28.21
C THR D 914 -42.84 -25.44 29.18
N ALA D 915 -43.32 -26.57 28.65
CA ALA D 915 -43.78 -27.65 29.51
C ALA D 915 -42.63 -28.38 30.20
N THR D 916 -41.40 -28.25 29.71
CA THR D 916 -40.28 -28.97 30.28
C THR D 916 -39.29 -28.10 31.04
N THR D 917 -39.31 -26.79 30.84
CA THR D 917 -38.39 -25.92 31.56
C THR D 917 -38.93 -25.48 32.92
N ARG D 918 -40.17 -25.82 33.24
CA ARG D 918 -40.68 -25.50 34.57
C ARG D 918 -40.06 -26.41 35.62
N ASN D 919 -39.68 -27.64 35.24
CA ASN D 919 -38.94 -28.51 36.15
C ASN D 919 -37.54 -27.97 36.40
N MET D 920 -36.96 -27.31 35.41
CA MET D 920 -35.70 -26.61 35.61
C MET D 920 -35.93 -25.38 36.47
N ARG D 921 -35.08 -25.19 37.48
CA ARG D 921 -35.17 -24.06 38.37
C ARG D 921 -33.80 -23.39 38.46
N ILE D 922 -33.79 -22.13 38.86
CA ILE D 922 -32.55 -21.38 39.03
C ILE D 922 -32.35 -21.10 40.52
N TYR D 923 -31.18 -21.46 41.02
CA TYR D 923 -30.83 -21.27 42.42
C TYR D 923 -29.71 -20.26 42.51
N ASP D 924 -29.93 -19.20 43.28
CA ASP D 924 -28.93 -18.16 43.45
C ASP D 924 -29.04 -17.58 44.84
N GLY D 925 -27.89 -17.18 45.39
CA GLY D 925 -27.78 -16.81 46.78
C GLY D 925 -27.41 -15.36 46.98
N ALA D 926 -27.58 -14.91 48.22
CA ALA D 926 -27.23 -13.56 48.63
C ALA D 926 -27.00 -13.55 50.13
N LEU D 927 -26.30 -12.53 50.60
CA LEU D 927 -25.97 -12.40 52.01
C LEU D 927 -26.73 -11.22 52.59
N TYR D 928 -27.65 -11.50 53.50
CA TYR D 928 -28.31 -10.45 54.26
C TYR D 928 -27.31 -9.86 55.25
N HIS D 929 -27.25 -8.53 55.31
CA HIS D 929 -26.34 -7.78 56.19
C HIS D 929 -24.88 -8.14 55.94
N GLY D 930 -24.53 -8.41 54.68
CA GLY D 930 -23.18 -8.76 54.32
C GLY D 930 -22.32 -7.52 54.11
N LEU D 931 -21.10 -7.75 53.62
CA LEU D 931 -20.16 -6.68 53.35
C LEU D 931 -19.18 -7.13 52.29
N ILE D 932 -18.53 -6.17 51.63
CA ILE D 932 -17.52 -6.44 50.63
C ILE D 932 -16.23 -5.74 51.05
N MET D 933 -15.14 -6.49 51.16
CA MET D 933 -13.81 -5.89 51.17
C MET D 933 -13.27 -5.89 49.76
N MET D 934 -12.80 -4.73 49.32
CA MET D 934 -12.39 -4.57 47.94
C MET D 934 -11.03 -5.20 47.69
N ALA D 935 -10.11 -5.05 48.64
CA ALA D 935 -8.78 -5.63 48.52
C ALA D 935 -8.34 -6.12 49.89
N TYR D 936 -7.61 -7.23 49.90
CA TYR D 936 -7.25 -7.92 51.13
C TYR D 936 -5.84 -7.53 51.55
N GLN D 937 -5.69 -7.19 52.83
CA GLN D 937 -4.38 -6.98 53.41
C GLN D 937 -4.12 -8.05 54.46
N ALA D 938 -3.07 -8.85 54.25
CA ALA D 938 -2.73 -9.94 55.14
C ALA D 938 -1.64 -9.58 56.13
N TYR D 939 -0.90 -8.51 55.88
CA TYR D 939 0.29 -8.20 56.66
C TYR D 939 0.07 -6.99 57.56
N ASP D 940 -1.17 -6.61 57.78
CA ASP D 940 -1.54 -5.60 58.77
C ASP D 940 -1.82 -6.34 60.07
N GLU D 941 -0.85 -6.33 60.98
CA GLU D 941 -0.96 -7.09 62.21
C GLU D 941 -1.47 -6.27 63.39
N THR D 942 -1.87 -5.02 63.16
CA THR D 942 -2.48 -4.25 64.24
C THR D 942 -3.86 -4.79 64.59
N ILE D 943 -4.49 -5.50 63.66
CA ILE D 943 -5.76 -6.19 63.91
C ILE D 943 -5.54 -7.66 63.61
N ALA D 944 -5.92 -8.52 64.56
CA ALA D 944 -5.83 -9.96 64.34
C ALA D 944 -6.75 -10.38 63.21
N THR D 945 -6.31 -11.37 62.44
CA THR D 945 -7.08 -11.81 61.29
C THR D 945 -8.33 -12.55 61.70
N GLY D 946 -9.42 -12.30 60.98
CA GLY D 946 -10.68 -12.94 61.30
C GLY D 946 -11.35 -12.43 62.55
N THR D 947 -11.01 -11.21 63.00
CA THR D 947 -11.60 -10.68 64.22
C THR D 947 -13.04 -10.24 63.99
N PHE D 948 -13.34 -9.64 62.85
CA PHE D 948 -14.65 -9.09 62.57
C PHE D 948 -15.32 -9.68 61.35
N PHE D 949 -14.56 -10.03 60.32
CA PHE D 949 -15.12 -10.44 59.04
C PHE D 949 -14.61 -11.82 58.66
N TYR D 950 -15.51 -12.67 58.16
CA TYR D 950 -15.14 -13.97 57.65
C TYR D 950 -15.67 -14.14 56.23
N PRO D 951 -14.88 -14.72 55.32
CA PRO D 951 -15.26 -14.73 53.90
C PRO D 951 -16.38 -15.72 53.60
N VAL D 952 -17.47 -15.22 53.03
CA VAL D 952 -18.56 -16.04 52.51
C VAL D 952 -18.84 -15.59 51.09
N PRO D 953 -18.11 -16.06 50.08
CA PRO D 953 -18.33 -15.58 48.72
C PRO D 953 -19.52 -16.27 48.07
N VAL D 954 -20.48 -15.49 47.59
CA VAL D 954 -21.55 -15.98 46.72
C VAL D 954 -21.65 -15.09 45.49
N ASN D 955 -20.83 -15.40 44.47
CA ASN D 955 -20.91 -15.09 43.04
C ASN D 955 -19.67 -15.65 42.38
N PRO D 956 -19.72 -15.99 41.09
CA PRO D 956 -18.47 -16.19 40.35
C PRO D 956 -17.67 -14.90 40.21
N LEU D 957 -18.34 -13.74 40.16
CA LEU D 957 -17.65 -12.47 40.04
C LEU D 957 -16.93 -12.12 41.34
N PHE D 958 -17.55 -12.41 42.47
CA PHE D 958 -17.02 -12.05 43.78
C PHE D 958 -16.27 -13.20 44.43
N ALA D 959 -15.78 -14.15 43.65
CA ALA D 959 -14.93 -15.20 44.18
C ALA D 959 -13.61 -14.59 44.66
N CYS D 960 -12.99 -15.26 45.63
CA CYS D 960 -11.87 -14.68 46.35
C CYS D 960 -10.88 -15.74 46.81
N PRO D 961 -9.76 -15.92 46.11
CA PRO D 961 -8.75 -16.85 46.61
C PRO D 961 -7.85 -16.24 47.68
N GLU D 962 -7.65 -14.93 47.66
CA GLU D 962 -6.77 -14.29 48.62
C GLU D 962 -7.48 -13.94 49.93
N HIS D 963 -8.78 -13.63 49.87
CA HIS D 963 -9.56 -13.29 51.04
C HIS D 963 -9.81 -14.47 51.98
N LEU D 964 -9.51 -15.69 51.54
CA LEU D 964 -9.78 -16.86 52.39
C LEU D 964 -8.75 -17.06 53.49
N ALA D 965 -7.68 -16.27 53.51
CA ALA D 965 -6.76 -16.33 54.64
C ALA D 965 -7.38 -15.79 55.91
N SER D 966 -8.39 -14.91 55.79
CA SER D 966 -9.07 -14.37 56.96
C SER D 966 -10.00 -15.37 57.61
N LEU D 967 -10.33 -16.46 56.92
CA LEU D 967 -11.13 -17.52 57.52
C LEU D 967 -10.31 -18.25 58.59
N ARG D 968 -11.00 -18.66 59.65
CA ARG D 968 -10.34 -19.36 60.74
C ARG D 968 -10.03 -20.79 60.34
N GLY D 969 -8.78 -21.21 60.55
CA GLY D 969 -8.38 -22.58 60.28
C GLY D 969 -8.29 -22.91 58.81
N MET D 970 -7.50 -22.15 58.07
CA MET D 970 -7.25 -22.42 56.65
C MET D 970 -5.77 -22.68 56.44
N THR D 971 -5.44 -23.79 55.80
CA THR D 971 -4.08 -24.17 55.52
C THR D 971 -3.70 -23.79 54.10
N ASN D 972 -2.50 -24.22 53.69
CA ASN D 972 -2.05 -23.94 52.33
C ASN D 972 -2.71 -24.86 51.31
N ALA D 973 -3.11 -26.06 51.72
CA ALA D 973 -3.73 -27.01 50.78
C ALA D 973 -5.10 -26.53 50.32
N ARG D 974 -5.92 -26.05 51.25
CA ARG D 974 -7.22 -25.49 50.88
C ARG D 974 -7.04 -24.23 50.06
N ARG D 975 -5.98 -23.47 50.34
CA ARG D 975 -5.69 -22.27 49.56
C ARG D 975 -5.34 -22.62 48.12
N VAL D 976 -4.51 -23.65 47.91
CA VAL D 976 -4.09 -23.96 46.55
C VAL D 976 -5.21 -24.68 45.81
N LEU D 977 -6.15 -25.30 46.54
CA LEU D 977 -7.39 -25.72 45.91
C LEU D 977 -8.25 -24.53 45.52
N ALA D 978 -8.20 -23.45 46.32
CA ALA D 978 -9.03 -22.28 46.06
C ALA D 978 -8.52 -21.41 44.92
N LYS D 979 -7.20 -21.42 44.65
CA LYS D 979 -6.71 -20.72 43.46
C LYS D 979 -7.25 -21.32 42.16
N MET D 980 -7.58 -22.60 42.16
CA MET D 980 -7.93 -23.27 40.91
C MET D 980 -9.43 -23.42 40.70
N VAL D 981 -10.22 -23.45 41.76
CA VAL D 981 -11.68 -23.50 41.69
C VAL D 981 -12.22 -22.31 42.48
N PRO D 982 -13.22 -21.59 41.98
CA PRO D 982 -13.87 -20.57 42.80
C PRO D 982 -14.77 -21.20 43.85
N PRO D 983 -14.46 -20.99 45.13
CA PRO D 983 -15.19 -21.69 46.20
C PRO D 983 -16.56 -21.08 46.46
N ILE D 984 -17.60 -21.76 46.04
CA ILE D 984 -18.97 -21.35 46.28
C ILE D 984 -19.65 -22.50 47.02
N PRO D 985 -20.12 -22.28 48.26
CA PRO D 985 -20.70 -23.39 49.01
C PRO D 985 -22.05 -23.78 48.44
N PRO D 986 -22.41 -25.07 48.53
CA PRO D 986 -23.66 -25.51 47.89
C PRO D 986 -24.93 -25.01 48.58
N PHE D 987 -24.85 -24.42 49.77
CA PHE D 987 -26.04 -23.81 50.34
C PHE D 987 -26.25 -22.38 49.86
N LEU D 988 -25.49 -21.95 48.85
CA LEU D 988 -25.67 -20.65 48.21
C LEU D 988 -25.79 -20.78 46.71
N GLY D 989 -26.14 -21.96 46.22
CA GLY D 989 -26.34 -22.18 44.80
C GLY D 989 -25.03 -22.45 44.09
N ALA D 990 -25.06 -23.42 43.18
CA ALA D 990 -23.89 -23.82 42.45
C ALA D 990 -23.82 -23.09 41.12
N ASN D 991 -22.71 -23.31 40.39
CA ASN D 991 -22.47 -22.56 39.16
C ASN D 991 -23.43 -22.96 38.05
N HIS D 992 -23.64 -24.25 37.86
CA HIS D 992 -24.44 -24.71 36.73
C HIS D 992 -25.93 -24.46 36.90
N HIS D 993 -26.39 -24.06 38.09
CA HIS D 993 -27.79 -23.72 38.30
C HIS D 993 -28.06 -22.24 38.47
N ALA D 994 -27.03 -21.42 38.66
CA ALA D 994 -27.22 -20.00 38.91
C ALA D 994 -27.34 -19.23 37.60
N THR D 995 -27.67 -17.94 37.70
CA THR D 995 -27.77 -17.07 36.54
C THR D 995 -26.41 -16.53 36.13
N ILE D 996 -25.74 -15.82 37.04
CA ILE D 996 -24.37 -15.36 36.80
C ILE D 996 -23.44 -16.54 36.94
N ARG D 997 -22.76 -16.91 35.85
CA ARG D 997 -21.99 -18.13 35.82
C ARG D 997 -20.51 -17.82 35.62
N GLN D 998 -19.73 -18.87 35.38
CA GLN D 998 -18.29 -18.72 35.20
C GLN D 998 -17.84 -17.85 34.02
N PRO D 999 -18.40 -17.96 32.78
CA PRO D 999 -17.82 -17.16 31.67
C PRO D 999 -17.89 -15.66 31.86
N VAL D 1000 -18.90 -15.11 32.52
CA VAL D 1000 -18.92 -13.67 32.74
C VAL D 1000 -17.86 -13.29 33.78
N ALA D 1001 -17.56 -14.17 34.72
CA ALA D 1001 -16.47 -13.92 35.65
C ALA D 1001 -15.12 -13.97 34.95
N TYR D 1002 -14.97 -14.91 34.01
CA TYR D 1002 -13.75 -14.95 33.20
C TYR D 1002 -13.63 -13.68 32.36
N HIS D 1003 -14.75 -13.16 31.87
CA HIS D 1003 -14.71 -11.94 31.08
C HIS D 1003 -14.32 -10.74 31.92
N VAL D 1004 -14.80 -10.66 33.17
CA VAL D 1004 -14.41 -9.51 33.98
C VAL D 1004 -12.99 -9.64 34.50
N THR D 1005 -12.45 -10.85 34.59
CA THR D 1005 -11.12 -10.99 35.16
C THR D 1005 -10.01 -11.10 34.13
N HIS D 1006 -10.33 -11.32 32.85
CA HIS D 1006 -9.30 -11.52 31.83
C HIS D 1006 -9.47 -10.57 30.65
N SER D 1007 -10.10 -9.42 30.84
CA SER D 1007 -10.24 -8.42 29.79
C SER D 1007 -9.50 -7.16 30.18
N LYS D 1008 -8.70 -6.64 29.26
CA LYS D 1008 -7.98 -5.38 29.46
C LYS D 1008 -8.31 -4.49 28.27
N SER D 1009 -9.43 -3.78 28.35
CA SER D 1009 -9.80 -2.83 27.31
C SER D 1009 -9.86 -1.40 27.83
N ASP D 1010 -10.72 -1.11 28.80
CA ASP D 1010 -10.91 0.21 29.36
C ASP D 1010 -11.76 0.07 30.61
N PHE D 1011 -12.24 1.20 31.12
CA PHE D 1011 -13.17 1.19 32.25
C PHE D 1011 -14.55 1.68 31.89
N ASN D 1012 -14.73 2.23 30.68
CA ASN D 1012 -16.05 2.53 30.16
C ASN D 1012 -16.56 1.42 29.24
N THR D 1013 -15.71 1.00 28.30
CA THR D 1013 -16.11 -0.04 27.37
C THR D 1013 -16.29 -1.37 28.08
N LEU D 1014 -15.57 -1.60 29.19
CA LEU D 1014 -15.82 -2.80 29.99
C LEU D 1014 -17.21 -2.77 30.60
N THR D 1015 -17.65 -1.61 31.11
CA THR D 1015 -18.98 -1.51 31.69
C THR D 1015 -20.06 -1.69 30.63
N TYR D 1016 -19.85 -1.10 29.45
CA TYR D 1016 -20.85 -1.25 28.40
C TYR D 1016 -20.86 -2.66 27.83
N SER D 1017 -19.69 -3.32 27.79
CA SER D 1017 -19.65 -4.70 27.36
C SER D 1017 -20.30 -5.62 28.37
N LEU D 1018 -20.19 -5.28 29.65
CA LEU D 1018 -20.86 -6.07 30.69
C LEU D 1018 -22.36 -5.88 30.63
N LEU D 1019 -22.82 -4.68 30.33
CA LEU D 1019 -24.26 -4.47 30.13
C LEU D 1019 -24.75 -5.20 28.90
N GLY D 1020 -23.98 -5.18 27.82
CA GLY D 1020 -24.36 -5.92 26.63
C GLY D 1020 -24.31 -7.42 26.85
N GLY D 1021 -23.50 -7.86 27.81
CA GLY D 1021 -23.52 -9.26 28.19
C GLY D 1021 -24.84 -9.65 28.83
N TYR D 1022 -25.34 -8.82 29.76
CA TYR D 1022 -26.54 -9.14 30.53
C TYR D 1022 -27.80 -8.88 29.71
N PHE D 1023 -28.00 -9.69 28.68
CA PHE D 1023 -29.24 -9.67 27.91
C PHE D 1023 -29.71 -11.11 27.78
N LYS D 1024 -31.00 -11.34 27.99
CA LYS D 1024 -31.50 -12.70 28.05
C LYS D 1024 -31.50 -13.36 26.68
N PHE D 1025 -31.34 -14.68 26.69
CA PHE D 1025 -31.34 -15.47 25.47
C PHE D 1025 -32.66 -16.20 25.27
N THR D 1026 -33.68 -15.82 26.03
CA THR D 1026 -35.05 -16.26 25.81
C THR D 1026 -35.54 -15.80 24.44
N PRO D 1027 -36.33 -16.61 23.73
CA PRO D 1027 -36.84 -16.18 22.41
C PRO D 1027 -37.68 -14.90 22.42
N ILE D 1028 -38.36 -14.57 23.51
CA ILE D 1028 -38.99 -13.24 23.59
C ILE D 1028 -37.93 -12.15 23.65
N SER D 1029 -36.89 -12.36 24.45
CA SER D 1029 -35.79 -11.41 24.51
C SER D 1029 -35.02 -11.39 23.20
N LEU D 1030 -34.94 -12.54 22.52
CA LEU D 1030 -34.35 -12.56 21.18
C LEU D 1030 -35.17 -11.75 20.20
N THR D 1031 -36.50 -11.80 20.33
CA THR D 1031 -37.36 -10.96 19.50
C THR D 1031 -37.11 -9.48 19.74
N HIS D 1032 -36.98 -9.10 21.02
CA HIS D 1032 -36.68 -7.71 21.36
C HIS D 1032 -35.34 -7.26 20.78
N GLN D 1033 -34.30 -8.09 20.94
CA GLN D 1033 -32.97 -7.70 20.49
C GLN D 1033 -32.87 -7.66 18.96
N LEU D 1034 -33.56 -8.57 18.28
CA LEU D 1034 -33.50 -8.56 16.83
C LEU D 1034 -34.34 -7.43 16.24
N ARG D 1035 -35.41 -7.03 16.93
CA ARG D 1035 -36.20 -5.91 16.42
C ARG D 1035 -35.50 -4.59 16.66
N THR D 1036 -34.84 -4.42 17.81
CA THR D 1036 -34.25 -3.13 18.12
C THR D 1036 -33.00 -2.86 17.27
N GLY D 1037 -32.12 -3.84 17.16
CA GLY D 1037 -30.89 -3.64 16.41
C GLY D 1037 -29.69 -4.24 17.12
N PHE D 1038 -29.95 -4.89 18.24
CA PHE D 1038 -28.90 -5.54 19.01
C PHE D 1038 -28.39 -6.78 18.27
N HIS D 1039 -27.16 -7.18 18.60
CA HIS D 1039 -26.55 -8.37 18.01
C HIS D 1039 -26.35 -9.41 19.09
N PRO D 1040 -27.17 -10.46 19.14
CA PRO D 1040 -26.97 -11.50 20.15
C PRO D 1040 -25.72 -12.32 19.85
N GLY D 1041 -25.26 -13.04 20.87
CA GLY D 1041 -24.05 -13.81 20.72
C GLY D 1041 -24.22 -15.09 19.94
N ILE D 1042 -24.63 -14.97 18.67
CA ILE D 1042 -24.87 -16.12 17.81
C ILE D 1042 -24.78 -15.63 16.37
N ALA D 1043 -24.34 -16.52 15.48
CA ALA D 1043 -24.21 -16.20 14.07
C ALA D 1043 -24.91 -17.27 13.26
N PHE D 1044 -25.27 -16.93 12.03
CA PHE D 1044 -26.07 -17.81 11.19
C PHE D 1044 -25.40 -18.03 9.84
N THR D 1045 -25.65 -19.18 9.25
CA THR D 1045 -25.39 -19.41 7.84
C THR D 1045 -26.71 -19.63 7.13
N VAL D 1046 -26.81 -19.16 5.90
CA VAL D 1046 -28.02 -19.28 5.11
C VAL D 1046 -27.78 -20.27 3.99
N VAL D 1047 -28.77 -21.12 3.73
CA VAL D 1047 -28.70 -22.10 2.65
C VAL D 1047 -29.88 -21.83 1.73
N ARG D 1048 -29.62 -21.81 0.43
CA ARG D 1048 -30.65 -21.42 -0.53
C ARG D 1048 -30.45 -22.20 -1.82
N GLN D 1049 -31.50 -22.87 -2.28
CA GLN D 1049 -31.43 -23.74 -3.44
C GLN D 1049 -32.09 -23.08 -4.64
N ASP D 1050 -31.40 -23.11 -5.78
CA ASP D 1050 -31.80 -22.37 -6.97
C ASP D 1050 -31.92 -23.32 -8.16
N ARG D 1051 -32.77 -22.96 -9.10
CA ARG D 1051 -32.97 -23.74 -10.31
C ARG D 1051 -32.51 -22.96 -11.53
N PHE D 1052 -32.03 -23.68 -12.54
CA PHE D 1052 -31.56 -23.07 -13.78
C PHE D 1052 -31.97 -23.94 -14.95
N ALA D 1053 -32.48 -23.31 -16.00
CA ALA D 1053 -32.85 -24.04 -17.22
C ALA D 1053 -31.61 -24.19 -18.09
N THR D 1054 -31.21 -25.42 -18.35
CA THR D 1054 -29.98 -25.71 -19.08
C THR D 1054 -30.27 -26.51 -20.33
N GLU D 1055 -29.59 -26.15 -21.42
CA GLU D 1055 -29.62 -26.97 -22.63
C GLU D 1055 -28.55 -28.05 -22.55
N GLN D 1056 -28.97 -29.29 -22.72
CA GLN D 1056 -28.08 -30.43 -22.52
C GLN D 1056 -27.49 -30.87 -23.86
N LEU D 1057 -26.73 -31.95 -23.82
CA LEU D 1057 -25.96 -32.42 -24.97
C LEU D 1057 -25.70 -33.90 -24.77
N LEU D 1058 -26.38 -34.75 -25.53
CA LEU D 1058 -26.27 -36.19 -25.38
C LEU D 1058 -25.63 -36.82 -26.60
N TYR D 1059 -24.84 -37.85 -26.36
CA TYR D 1059 -24.28 -38.71 -27.40
C TYR D 1059 -24.60 -40.15 -27.06
N ALA D 1060 -25.00 -40.92 -28.07
CA ALA D 1060 -25.32 -42.33 -27.89
C ALA D 1060 -24.60 -43.14 -28.96
N GLU D 1061 -24.21 -44.36 -28.62
CA GLU D 1061 -23.45 -45.19 -29.54
C GLU D 1061 -24.39 -45.80 -30.59
N ARG D 1062 -23.86 -46.74 -31.38
CA ARG D 1062 -24.65 -47.28 -32.47
C ARG D 1062 -25.72 -48.25 -31.96
N ALA D 1063 -25.30 -49.42 -31.49
CA ALA D 1063 -26.27 -50.41 -31.03
C ALA D 1063 -26.55 -50.24 -29.55
N SER D 1064 -27.08 -49.07 -29.20
CA SER D 1064 -27.27 -48.77 -27.79
C SER D 1064 -28.42 -49.55 -27.18
N GLU D 1065 -29.51 -49.76 -27.92
CA GLU D 1065 -30.68 -50.42 -27.35
C GLU D 1065 -31.24 -51.45 -28.30
N SER D 1066 -31.86 -52.48 -27.73
CA SER D 1066 -32.75 -53.36 -28.47
C SER D 1066 -34.17 -52.98 -28.11
N TYR D 1067 -35.00 -52.73 -29.12
CA TYR D 1067 -36.25 -52.02 -28.93
C TYR D 1067 -37.35 -52.81 -29.63
N PHE D 1068 -38.15 -53.53 -28.84
CA PHE D 1068 -39.13 -54.47 -29.38
C PHE D 1068 -40.49 -53.80 -29.50
N VAL D 1069 -41.17 -54.01 -30.63
CA VAL D 1069 -42.45 -53.38 -30.93
C VAL D 1069 -43.52 -54.46 -31.05
N GLY D 1070 -44.64 -54.28 -30.35
CA GLY D 1070 -45.71 -55.26 -30.37
C GLY D 1070 -46.81 -54.97 -31.37
N GLN D 1071 -48.06 -55.16 -30.95
CA GLN D 1071 -49.22 -55.04 -31.82
C GLN D 1071 -50.26 -54.15 -31.15
N ILE D 1072 -51.04 -53.43 -31.96
CA ILE D 1072 -51.94 -52.39 -31.44
C ILE D 1072 -53.37 -52.89 -31.35
N GLN D 1073 -53.97 -52.66 -30.18
CA GLN D 1073 -55.36 -52.96 -29.92
C GLN D 1073 -56.07 -51.68 -29.50
N VAL D 1074 -57.38 -51.63 -29.73
CA VAL D 1074 -58.17 -50.42 -29.49
C VAL D 1074 -59.09 -50.64 -28.31
N HIS D 1075 -59.43 -49.55 -27.63
CA HIS D 1075 -60.33 -49.58 -26.48
C HIS D 1075 -61.48 -48.62 -26.72
N HIS D 1076 -62.68 -49.06 -26.40
CA HIS D 1076 -63.91 -48.31 -26.67
C HIS D 1076 -64.57 -47.86 -25.37
N HIS D 1077 -64.86 -46.57 -25.27
CA HIS D 1077 -65.62 -46.05 -24.14
C HIS D 1077 -66.30 -44.74 -24.55
N ASP D 1078 -67.39 -44.41 -23.88
CA ASP D 1078 -68.14 -43.21 -24.23
C ASP D 1078 -67.48 -41.96 -23.64
N ALA D 1079 -67.91 -40.81 -24.13
CA ALA D 1079 -67.39 -39.52 -23.68
C ALA D 1079 -68.56 -38.54 -23.61
N ILE D 1080 -68.23 -37.26 -23.44
CA ILE D 1080 -69.28 -36.26 -23.24
C ILE D 1080 -70.04 -35.97 -24.53
N GLY D 1081 -69.36 -36.03 -25.67
CA GLY D 1081 -70.05 -35.81 -26.92
C GLY D 1081 -70.40 -37.10 -27.63
N GLY D 1082 -69.40 -37.96 -27.80
CA GLY D 1082 -69.58 -39.23 -28.46
C GLY D 1082 -68.79 -40.32 -27.79
N VAL D 1083 -68.01 -41.07 -28.58
CA VAL D 1083 -67.18 -42.13 -28.04
C VAL D 1083 -65.72 -41.75 -28.19
N ASN D 1084 -64.89 -42.36 -27.34
CA ASN D 1084 -63.45 -42.12 -27.35
C ASN D 1084 -62.76 -43.43 -27.70
N PHE D 1085 -61.84 -43.37 -28.66
CA PHE D 1085 -61.09 -44.55 -29.08
C PHE D 1085 -59.65 -44.39 -28.62
N THR D 1086 -59.16 -45.39 -27.90
CA THR D 1086 -57.81 -45.37 -27.36
C THR D 1086 -56.99 -46.43 -28.06
N LEU D 1087 -55.93 -46.00 -28.76
CA LEU D 1087 -55.02 -46.94 -29.42
C LEU D 1087 -53.77 -47.08 -28.56
N THR D 1088 -53.51 -48.29 -28.08
CA THR D 1088 -52.38 -48.58 -27.21
C THR D 1088 -51.47 -49.61 -27.84
N GLN D 1089 -50.20 -49.58 -27.43
CA GLN D 1089 -49.22 -50.50 -28.00
C GLN D 1089 -48.14 -50.84 -26.98
N PRO D 1090 -47.96 -52.11 -26.64
CA PRO D 1090 -46.91 -52.50 -25.70
C PRO D 1090 -45.57 -52.67 -26.39
N ARG D 1091 -44.51 -52.32 -25.66
CA ARG D 1091 -43.16 -52.38 -26.20
C ARG D 1091 -42.17 -52.55 -25.06
N ALA D 1092 -40.96 -52.99 -25.40
CA ALA D 1092 -39.92 -53.25 -24.42
C ALA D 1092 -38.58 -52.80 -24.96
N HIS D 1093 -37.67 -52.45 -24.05
CA HIS D 1093 -36.35 -51.95 -24.41
C HIS D 1093 -35.30 -52.60 -23.52
N VAL D 1094 -34.14 -52.92 -24.11
CA VAL D 1094 -33.01 -53.49 -23.38
C VAL D 1094 -31.75 -52.73 -23.75
N ASP D 1095 -30.95 -52.38 -22.74
CA ASP D 1095 -29.63 -51.80 -22.95
C ASP D 1095 -28.64 -52.94 -23.18
N LEU D 1096 -28.28 -53.17 -24.45
CA LEU D 1096 -27.30 -54.20 -24.77
C LEU D 1096 -25.88 -53.66 -24.89
N GLY D 1097 -25.44 -52.95 -23.86
CA GLY D 1097 -24.08 -52.46 -23.77
C GLY D 1097 -23.38 -53.04 -22.54
N VAL D 1098 -22.14 -53.47 -22.74
CA VAL D 1098 -21.35 -53.99 -21.63
C VAL D 1098 -21.02 -52.88 -20.65
N GLY D 1099 -20.52 -51.75 -21.16
CA GLY D 1099 -20.24 -50.61 -20.34
C GLY D 1099 -21.35 -49.57 -20.41
N TYR D 1100 -20.97 -48.30 -20.49
CA TYR D 1100 -21.93 -47.21 -20.66
C TYR D 1100 -21.93 -46.78 -22.11
N THR D 1101 -23.11 -46.75 -22.72
CA THR D 1101 -23.24 -46.51 -24.15
C THR D 1101 -23.93 -45.20 -24.47
N ALA D 1102 -24.07 -44.31 -23.50
CA ALA D 1102 -24.66 -43.00 -23.73
C ALA D 1102 -24.13 -42.04 -22.67
N VAL D 1103 -23.63 -40.88 -23.10
CA VAL D 1103 -23.07 -39.88 -22.20
C VAL D 1103 -23.79 -38.56 -22.46
N CYS D 1104 -24.24 -37.92 -21.38
CA CYS D 1104 -24.87 -36.60 -21.48
C CYS D 1104 -24.04 -35.59 -20.72
N ALA D 1105 -24.16 -34.32 -21.10
CA ALA D 1105 -23.41 -33.27 -20.44
C ALA D 1105 -24.17 -31.96 -20.57
N THR D 1106 -24.22 -31.19 -19.49
CA THR D 1106 -24.81 -29.87 -19.55
C THR D 1106 -23.93 -28.95 -20.38
N ALA D 1107 -24.55 -28.15 -21.25
CA ALA D 1107 -23.81 -27.33 -22.18
C ALA D 1107 -23.99 -25.84 -21.92
N ALA D 1108 -25.23 -25.34 -21.94
CA ALA D 1108 -25.46 -23.92 -21.90
C ALA D 1108 -26.34 -23.56 -20.71
N LEU D 1109 -26.52 -22.25 -20.52
CA LEU D 1109 -27.31 -21.71 -19.44
C LEU D 1109 -28.34 -20.73 -19.99
N ARG D 1110 -29.61 -21.02 -19.78
CA ARG D 1110 -30.67 -20.05 -20.02
C ARG D 1110 -30.91 -19.29 -18.71
N CYS D 1111 -31.91 -18.42 -18.70
CA CYS D 1111 -32.11 -17.55 -17.55
C CYS D 1111 -32.61 -18.37 -16.36
N PRO D 1112 -32.20 -18.02 -15.14
CA PRO D 1112 -32.64 -18.79 -13.96
C PRO D 1112 -34.13 -18.72 -13.74
N LEU D 1113 -34.73 -19.85 -13.36
CA LEU D 1113 -36.16 -19.86 -13.08
C LEU D 1113 -36.44 -19.25 -11.71
N THR D 1114 -35.57 -19.49 -10.74
CA THR D 1114 -35.84 -19.07 -9.37
C THR D 1114 -35.13 -17.77 -9.05
N ASP D 1115 -35.76 -16.99 -8.18
CA ASP D 1115 -35.27 -15.71 -7.72
C ASP D 1115 -34.26 -15.90 -6.61
N MET D 1116 -33.15 -15.16 -6.68
CA MET D 1116 -32.13 -15.23 -5.64
C MET D 1116 -32.40 -14.21 -4.54
N GLY D 1117 -33.59 -14.27 -3.95
CA GLY D 1117 -34.06 -13.25 -3.03
C GLY D 1117 -33.89 -13.63 -1.58
N ASN D 1118 -34.53 -12.84 -0.73
CA ASN D 1118 -34.48 -13.00 0.72
C ASN D 1118 -35.87 -13.28 1.25
N THR D 1119 -36.30 -14.53 1.15
CA THR D 1119 -37.59 -14.96 1.70
C THR D 1119 -37.27 -15.94 2.82
N ALA D 1120 -37.26 -15.45 4.04
CA ALA D 1120 -36.87 -16.26 5.19
C ALA D 1120 -37.90 -17.33 5.46
N GLN D 1121 -37.41 -18.49 5.91
CA GLN D 1121 -38.28 -19.61 6.22
C GLN D 1121 -38.99 -19.37 7.54
N ASN D 1122 -40.31 -19.42 7.53
CA ASN D 1122 -41.12 -19.29 8.74
C ASN D 1122 -41.36 -20.68 9.29
N LEU D 1123 -40.90 -20.92 10.51
CA LEU D 1123 -41.03 -22.23 11.13
C LEU D 1123 -42.38 -22.45 11.80
N PHE D 1124 -43.26 -21.45 11.77
CA PHE D 1124 -44.58 -21.58 12.39
C PHE D 1124 -45.57 -22.30 11.49
N PHE D 1125 -45.16 -22.71 10.30
CA PHE D 1125 -45.95 -23.58 9.46
C PHE D 1125 -45.99 -25.01 9.98
N SER D 1126 -45.11 -25.37 10.90
CA SER D 1126 -45.02 -26.73 11.42
C SER D 1126 -45.78 -26.82 12.75
N ARG D 1127 -46.42 -27.95 12.96
CA ARG D 1127 -47.12 -28.24 14.19
C ARG D 1127 -46.75 -29.62 14.71
N GLY D 1128 -46.65 -29.74 16.02
CA GLY D 1128 -46.28 -31.00 16.64
C GLY D 1128 -45.28 -30.85 17.77
N GLY D 1129 -44.57 -29.73 17.79
CA GLY D 1129 -43.61 -29.49 18.85
C GLY D 1129 -44.28 -29.18 20.18
N VAL D 1130 -43.48 -29.19 21.24
CA VAL D 1130 -43.98 -28.88 22.57
C VAL D 1130 -44.35 -27.40 22.65
N PRO D 1131 -45.55 -27.07 23.11
CA PRO D 1131 -45.97 -25.67 23.13
C PRO D 1131 -45.56 -24.99 24.42
N MET D 1132 -45.61 -23.65 24.38
CA MET D 1132 -45.31 -22.88 25.57
C MET D 1132 -46.52 -22.88 26.51
N LEU D 1133 -46.26 -22.54 27.77
CA LEU D 1133 -47.31 -22.61 28.78
C LEU D 1133 -48.39 -21.57 28.56
N HIS D 1134 -47.99 -20.34 28.25
CA HIS D 1134 -48.95 -19.26 28.04
C HIS D 1134 -49.28 -19.20 26.55
N ASP D 1135 -50.58 -19.22 26.24
CA ASP D 1135 -51.01 -19.19 24.85
C ASP D 1135 -50.72 -17.84 24.21
N ASN D 1136 -50.91 -16.76 24.97
CA ASN D 1136 -50.71 -15.42 24.44
C ASN D 1136 -49.26 -15.17 24.07
N VAL D 1137 -48.32 -15.87 24.73
CA VAL D 1137 -46.92 -15.78 24.33
C VAL D 1137 -46.73 -16.33 22.91
N THR D 1138 -47.33 -17.48 22.62
CA THR D 1138 -47.23 -18.06 21.29
C THR D 1138 -47.93 -17.20 20.25
N GLU D 1139 -49.10 -16.65 20.60
CA GLU D 1139 -49.82 -15.79 19.64
C GLU D 1139 -49.05 -14.52 19.34
N SER D 1140 -48.47 -13.87 20.36
CA SER D 1140 -47.72 -12.64 20.12
C SER D 1140 -46.41 -12.94 19.40
N LEU D 1141 -45.80 -14.09 19.67
CA LEU D 1141 -44.59 -14.49 18.96
C LEU D 1141 -44.85 -14.72 17.48
N ARG D 1142 -45.95 -15.41 17.16
CA ARG D 1142 -46.30 -15.61 15.75
C ARG D 1142 -46.69 -14.29 15.10
N ARG D 1143 -47.38 -13.41 15.84
CA ARG D 1143 -47.81 -12.14 15.29
C ARG D 1143 -46.61 -11.25 14.98
N ILE D 1144 -45.57 -11.30 15.81
CA ILE D 1144 -44.43 -10.43 15.57
C ILE D 1144 -43.47 -11.07 14.57
N THR D 1145 -43.49 -12.40 14.46
CA THR D 1145 -42.75 -13.05 13.38
C THR D 1145 -43.39 -12.74 12.03
N ALA D 1146 -44.72 -12.58 12.01
CA ALA D 1146 -45.41 -12.23 10.77
C ALA D 1146 -44.99 -10.84 10.28
N SER D 1147 -44.81 -9.89 11.19
CA SER D 1147 -44.35 -8.57 10.82
C SER D 1147 -42.91 -8.63 10.34
N GLY D 1148 -42.61 -7.88 9.28
CA GLY D 1148 -41.30 -7.96 8.66
C GLY D 1148 -41.03 -9.26 7.95
N GLY D 1149 -42.02 -9.82 7.27
CA GLY D 1149 -41.83 -11.05 6.53
C GLY D 1149 -42.77 -11.13 5.36
N ARG D 1150 -42.50 -12.08 4.47
CA ARG D 1150 -43.32 -12.32 3.30
C ARG D 1150 -44.37 -13.39 3.53
N LEU D 1151 -43.92 -14.61 3.81
CA LEU D 1151 -44.78 -15.78 3.89
C LEU D 1151 -45.12 -16.06 5.36
N ASN D 1152 -46.40 -16.26 5.63
CA ASN D 1152 -46.90 -16.35 6.99
C ASN D 1152 -48.16 -17.22 6.97
N PRO D 1153 -48.52 -17.84 8.09
CA PRO D 1153 -49.82 -18.50 8.18
C PRO D 1153 -50.96 -17.49 8.11
N THR D 1154 -52.08 -17.95 7.55
CA THR D 1154 -53.24 -17.10 7.38
C THR D 1154 -53.83 -16.77 8.76
N GLU D 1155 -54.36 -15.55 8.89
CA GLU D 1155 -54.62 -14.96 10.21
C GLU D 1155 -55.58 -15.69 11.16
N PRO D 1156 -56.64 -16.41 10.74
CA PRO D 1156 -57.46 -17.07 11.77
C PRO D 1156 -56.83 -18.32 12.36
N LEU D 1157 -55.68 -18.77 11.84
CA LEU D 1157 -54.95 -19.97 12.23
C LEU D 1157 -55.88 -21.17 12.17
N PRO D 1158 -56.16 -21.70 10.97
CA PRO D 1158 -57.15 -22.76 10.85
C PRO D 1158 -56.61 -24.10 11.33
N ILE D 1159 -57.14 -24.57 12.45
CA ILE D 1159 -56.93 -25.95 12.89
C ILE D 1159 -57.60 -26.90 11.89
N PHE D 1160 -57.18 -28.18 11.95
CA PHE D 1160 -57.60 -29.21 11.01
C PHE D 1160 -57.25 -28.80 9.58
N GLY D 1161 -55.96 -28.63 9.33
CA GLY D 1161 -55.52 -28.17 8.03
C GLY D 1161 -54.01 -28.22 7.92
N GLY D 1162 -53.51 -27.63 6.83
CA GLY D 1162 -52.10 -27.61 6.52
C GLY D 1162 -51.41 -26.27 6.61
N LEU D 1163 -52.15 -25.19 6.89
CA LEU D 1163 -51.62 -23.83 7.08
C LEU D 1163 -50.90 -23.34 5.83
N ARG D 1164 -51.65 -23.24 4.74
CA ARG D 1164 -51.10 -22.73 3.50
C ARG D 1164 -50.92 -21.21 3.58
N PRO D 1165 -49.87 -20.65 2.98
CA PRO D 1165 -49.71 -19.20 2.99
C PRO D 1165 -50.69 -18.53 2.04
N ALA D 1166 -50.89 -17.23 2.26
CA ALA D 1166 -51.88 -16.49 1.48
C ALA D 1166 -51.39 -16.27 0.06
N THR D 1167 -52.23 -16.60 -0.90
CA THR D 1167 -51.89 -16.37 -2.30
C THR D 1167 -51.92 -14.88 -2.60
N SER D 1168 -50.81 -14.38 -3.15
CA SER D 1168 -50.65 -12.96 -3.40
C SER D 1168 -50.98 -12.64 -4.86
N ALA D 1169 -50.73 -11.39 -5.22
CA ALA D 1169 -50.95 -10.92 -6.59
C ALA D 1169 -49.78 -11.34 -7.48
N GLY D 1170 -49.61 -10.65 -8.60
CA GLY D 1170 -48.65 -11.03 -9.63
C GLY D 1170 -47.20 -11.09 -9.21
N ILE D 1171 -46.38 -11.80 -9.98
CA ILE D 1171 -44.99 -12.06 -9.62
C ILE D 1171 -44.07 -11.46 -10.65
N ALA D 1172 -43.03 -10.77 -10.17
CA ALA D 1172 -42.20 -9.96 -11.05
C ALA D 1172 -41.09 -10.76 -11.72
N ARG D 1173 -40.25 -11.44 -10.93
CA ARG D 1173 -39.02 -11.96 -11.49
C ARG D 1173 -38.73 -13.41 -11.13
N GLY D 1174 -39.75 -14.21 -10.84
CA GLY D 1174 -39.60 -15.64 -10.74
C GLY D 1174 -40.01 -16.18 -9.39
N GLN D 1175 -39.86 -17.49 -9.27
CA GLN D 1175 -40.20 -18.20 -8.03
C GLN D 1175 -39.22 -17.83 -6.94
N ALA D 1176 -39.75 -17.47 -5.77
CA ALA D 1176 -38.89 -17.09 -4.65
C ALA D 1176 -38.23 -18.32 -4.05
N SER D 1177 -36.95 -18.18 -3.72
CA SER D 1177 -36.18 -19.27 -3.14
C SER D 1177 -36.00 -19.02 -1.65
N VAL D 1178 -36.40 -19.99 -0.84
CA VAL D 1178 -36.36 -19.83 0.62
C VAL D 1178 -34.92 -19.94 1.11
N CYS D 1179 -34.67 -19.33 2.26
CA CYS D 1179 -33.35 -19.33 2.89
C CYS D 1179 -33.48 -19.82 4.32
N GLU D 1180 -33.00 -21.03 4.58
CA GLU D 1180 -33.05 -21.64 5.90
C GLU D 1180 -31.81 -21.21 6.67
N PHE D 1181 -31.97 -20.94 7.97
CA PHE D 1181 -30.92 -20.42 8.82
C PHE D 1181 -30.42 -21.54 9.75
N VAL D 1182 -29.11 -21.65 9.89
CA VAL D 1182 -28.49 -22.64 10.77
C VAL D 1182 -27.62 -21.91 11.78
N ALA D 1183 -27.81 -22.20 13.06
CA ALA D 1183 -27.09 -21.49 14.10
C ALA D 1183 -25.64 -21.94 14.18
N MET D 1184 -24.77 -21.04 14.62
CA MET D 1184 -23.34 -21.28 14.69
C MET D 1184 -22.73 -20.29 15.69
N PRO D 1185 -21.57 -20.62 16.26
CA PRO D 1185 -20.91 -19.67 17.16
C PRO D 1185 -20.38 -18.46 16.41
N VAL D 1186 -20.15 -17.37 17.16
CA VAL D 1186 -19.69 -16.12 16.56
C VAL D 1186 -18.27 -16.27 16.05
N SER D 1187 -17.38 -16.84 16.86
CA SER D 1187 -15.98 -17.00 16.49
C SER D 1187 -15.82 -18.22 15.60
N THR D 1188 -16.20 -18.03 14.34
CA THR D 1188 -16.14 -19.09 13.34
C THR D 1188 -15.05 -18.75 12.33
N ASP D 1189 -14.29 -19.77 11.93
CA ASP D 1189 -13.24 -19.62 10.93
C ASP D 1189 -13.92 -19.23 9.63
N LEU D 1190 -13.80 -17.96 9.25
CA LEU D 1190 -14.42 -17.44 8.06
C LEU D 1190 -13.89 -18.06 6.78
N GLN D 1191 -12.64 -18.52 6.77
CA GLN D 1191 -12.01 -19.02 5.56
C GLN D 1191 -12.62 -20.36 5.14
N TYR D 1192 -13.36 -21.01 6.03
CA TYR D 1192 -14.10 -22.22 5.68
C TYR D 1192 -15.15 -21.95 4.60
N PHE D 1193 -15.69 -20.74 4.55
CA PHE D 1193 -16.77 -20.41 3.62
C PHE D 1193 -16.26 -19.88 2.29
N ARG D 1194 -14.96 -19.70 2.11
CA ARG D 1194 -14.44 -19.14 0.87
C ARG D 1194 -14.30 -20.16 -0.24
N THR D 1195 -14.53 -21.45 0.04
CA THR D 1195 -14.51 -22.49 -0.98
C THR D 1195 -15.80 -23.28 -0.92
N ALA D 1196 -15.86 -24.40 -1.65
CA ALA D 1196 -17.04 -25.25 -1.64
C ALA D 1196 -17.11 -25.98 -0.30
N CYS D 1197 -18.01 -25.54 0.56
CA CYS D 1197 -18.09 -26.04 1.92
C CYS D 1197 -19.38 -26.82 2.15
N ASN D 1198 -19.59 -27.22 3.40
CA ASN D 1198 -20.75 -27.99 3.82
C ASN D 1198 -21.43 -27.28 4.98
N PRO D 1199 -22.73 -27.03 4.92
CA PRO D 1199 -23.37 -26.18 5.95
C PRO D 1199 -23.53 -26.87 7.28
N ARG D 1200 -23.39 -28.19 7.33
CA ARG D 1200 -23.48 -28.89 8.61
C ARG D 1200 -22.26 -28.60 9.49
N GLY D 1201 -21.16 -28.15 8.89
CA GLY D 1201 -19.93 -27.92 9.60
C GLY D 1201 -19.01 -29.11 9.66
N ARG D 1202 -19.44 -30.26 9.15
CA ARG D 1202 -18.65 -31.47 9.20
C ARG D 1202 -18.87 -32.27 7.92
N ALA D 1203 -17.79 -32.59 7.23
CA ALA D 1203 -17.89 -33.29 5.95
C ALA D 1203 -18.44 -34.70 6.16
N SER D 1204 -19.30 -35.12 5.25
CA SER D 1204 -20.06 -36.34 5.42
C SER D 1204 -20.18 -37.04 4.08
N GLY D 1205 -21.02 -38.07 4.04
CA GLY D 1205 -21.34 -38.76 2.81
C GLY D 1205 -20.98 -40.24 2.89
N MET D 1206 -21.58 -40.98 1.95
CA MET D 1206 -21.27 -42.39 1.74
C MET D 1206 -20.12 -42.59 0.77
N LEU D 1207 -19.46 -41.51 0.36
CA LEU D 1207 -18.36 -41.57 -0.58
C LEU D 1207 -17.06 -42.04 0.06
N TYR D 1208 -17.02 -42.16 1.38
CA TYR D 1208 -15.81 -42.50 2.12
C TYR D 1208 -16.02 -43.85 2.79
N MET D 1209 -15.74 -44.93 2.06
CA MET D 1209 -15.85 -46.28 2.61
C MET D 1209 -14.93 -47.21 1.81
N GLY D 1210 -15.10 -48.50 2.02
CA GLY D 1210 -14.30 -49.50 1.34
C GLY D 1210 -13.89 -50.62 2.28
N ASP D 1211 -14.21 -50.47 3.55
CA ASP D 1211 -13.78 -51.40 4.58
C ASP D 1211 -14.93 -52.09 5.31
N ARG D 1212 -15.98 -51.35 5.69
CA ARG D 1212 -17.07 -51.92 6.47
C ARG D 1212 -18.36 -51.19 6.11
N ASP D 1213 -19.43 -51.52 6.85
CA ASP D 1213 -20.78 -51.06 6.53
C ASP D 1213 -21.25 -49.92 7.43
N ALA D 1214 -21.11 -50.06 8.74
CA ALA D 1214 -21.63 -49.06 9.68
C ALA D 1214 -20.56 -48.02 10.03
N ASP D 1215 -20.05 -47.37 8.98
CA ASP D 1215 -19.11 -46.26 9.15
C ASP D 1215 -19.66 -44.94 8.62
N ILE D 1216 -20.77 -44.97 7.86
CA ILE D 1216 -21.45 -43.74 7.46
C ILE D 1216 -21.98 -42.98 8.66
N GLU D 1217 -22.54 -43.66 9.65
CA GLU D 1217 -22.85 -43.05 10.93
C GLU D 1217 -21.62 -42.60 11.69
N ALA D 1218 -20.50 -43.31 11.54
CA ALA D 1218 -19.27 -42.90 12.22
C ALA D 1218 -18.66 -41.65 11.61
N ILE D 1219 -18.81 -41.46 10.30
CA ILE D 1219 -18.32 -40.24 9.67
C ILE D 1219 -19.17 -39.06 10.09
N MET D 1220 -20.49 -39.22 10.10
CA MET D 1220 -21.38 -38.08 10.11
C MET D 1220 -21.93 -37.80 11.51
N PHE D 1221 -21.65 -38.66 12.49
CA PHE D 1221 -22.06 -38.38 13.87
C PHE D 1221 -21.00 -38.57 14.94
N ASP D 1222 -19.97 -39.39 14.72
CA ASP D 1222 -19.00 -39.68 15.78
C ASP D 1222 -18.04 -38.50 15.90
N HIS D 1223 -17.87 -37.99 17.11
CA HIS D 1223 -17.06 -36.81 17.35
C HIS D 1223 -15.80 -37.09 18.16
N THR D 1224 -15.53 -38.35 18.49
CA THR D 1224 -14.23 -38.70 19.04
C THR D 1224 -13.16 -38.62 17.96
N GLN D 1225 -13.51 -38.94 16.73
CA GLN D 1225 -12.62 -38.83 15.58
C GLN D 1225 -12.71 -37.44 14.99
N SER D 1226 -11.73 -37.10 14.18
CA SER D 1226 -11.69 -35.77 13.58
C SER D 1226 -12.62 -35.68 12.38
N ASP D 1227 -12.71 -34.47 11.83
CA ASP D 1227 -13.41 -34.27 10.57
C ASP D 1227 -12.68 -35.02 9.46
N VAL D 1228 -13.43 -35.45 8.45
CA VAL D 1228 -12.81 -36.17 7.35
C VAL D 1228 -12.02 -35.22 6.47
N ALA D 1229 -12.62 -34.10 6.07
CA ALA D 1229 -11.97 -33.20 5.12
C ALA D 1229 -10.96 -32.29 5.80
N TYR D 1230 -11.43 -31.45 6.72
CA TYR D 1230 -10.57 -30.53 7.46
C TYR D 1230 -10.08 -31.29 8.69
N THR D 1231 -9.06 -32.12 8.48
CA THR D 1231 -8.70 -33.17 9.43
C THR D 1231 -7.84 -32.67 10.57
N ASP D 1232 -8.28 -31.60 11.23
CA ASP D 1232 -7.56 -31.06 12.38
C ASP D 1232 -8.58 -30.78 13.48
N ARG D 1233 -9.85 -31.10 13.26
CA ARG D 1233 -10.90 -30.68 14.18
C ARG D 1233 -12.07 -31.64 14.07
N ALA D 1234 -12.97 -31.56 15.04
CA ALA D 1234 -14.13 -32.42 15.03
C ALA D 1234 -15.20 -31.90 14.09
N THR D 1235 -15.69 -30.70 14.35
CA THR D 1235 -16.64 -30.05 13.46
C THR D 1235 -16.50 -28.54 13.59
N LEU D 1236 -16.91 -27.82 12.55
CA LEU D 1236 -16.81 -26.37 12.58
C LEU D 1236 -17.69 -25.76 13.67
N ASN D 1237 -19.00 -25.93 13.54
CA ASN D 1237 -19.90 -25.46 14.57
C ASN D 1237 -20.41 -26.64 15.38
N PRO D 1238 -20.25 -26.63 16.70
CA PRO D 1238 -20.75 -27.73 17.52
C PRO D 1238 -22.21 -27.61 17.91
N TRP D 1239 -23.00 -26.78 17.25
CA TRP D 1239 -24.41 -26.66 17.55
C TRP D 1239 -25.31 -27.30 16.50
N ALA D 1240 -24.76 -27.71 15.36
CA ALA D 1240 -25.57 -28.34 14.32
C ALA D 1240 -24.84 -29.52 13.69
N SER D 1241 -24.11 -30.29 14.48
CA SER D 1241 -23.32 -31.39 13.92
C SER D 1241 -23.39 -32.70 14.70
N GLN D 1242 -23.73 -32.68 15.99
CA GLN D 1242 -23.73 -33.92 16.76
C GLN D 1242 -24.99 -34.74 16.47
N LYS D 1243 -25.21 -35.75 17.31
CA LYS D 1243 -26.32 -36.67 17.10
C LYS D 1243 -27.66 -35.99 17.37
N HIS D 1244 -27.73 -35.16 18.40
CA HIS D 1244 -28.99 -34.52 18.78
C HIS D 1244 -28.78 -33.05 19.11
N SER D 1245 -27.99 -32.38 18.28
CA SER D 1245 -27.75 -30.96 18.44
C SER D 1245 -28.95 -30.16 17.93
N TYR D 1246 -28.82 -28.84 17.96
CA TYR D 1246 -29.96 -27.97 17.62
C TYR D 1246 -30.32 -28.09 16.15
N GLY D 1247 -29.32 -27.97 15.26
CA GLY D 1247 -29.59 -28.09 13.84
C GLY D 1247 -30.04 -29.47 13.44
N ASP D 1248 -29.55 -30.50 14.14
CA ASP D 1248 -29.98 -31.86 13.81
C ASP D 1248 -31.37 -32.14 14.36
N ARG D 1249 -31.74 -31.54 15.49
CA ARG D 1249 -33.13 -31.67 15.92
C ARG D 1249 -34.07 -30.86 15.06
N LEU D 1250 -33.56 -29.86 14.35
CA LEU D 1250 -34.42 -28.97 13.57
C LEU D 1250 -34.55 -29.36 12.10
N TYR D 1251 -33.56 -30.02 11.52
CA TYR D 1251 -33.54 -30.22 10.08
C TYR D 1251 -33.39 -31.66 9.62
N ASN D 1252 -33.17 -32.60 10.53
CA ASN D 1252 -33.06 -34.00 10.13
C ASN D 1252 -34.41 -34.53 9.68
N GLY D 1253 -34.40 -35.34 8.62
CA GLY D 1253 -35.64 -35.92 8.14
C GLY D 1253 -36.17 -37.07 8.95
N THR D 1254 -35.32 -37.68 9.77
CA THR D 1254 -35.77 -38.79 10.61
C THR D 1254 -36.73 -38.31 11.70
N TYR D 1255 -36.44 -37.16 12.30
CA TYR D 1255 -37.24 -36.70 13.43
C TYR D 1255 -38.59 -36.14 13.00
N ASN D 1256 -38.72 -35.72 11.74
CA ASN D 1256 -39.99 -35.33 11.13
C ASN D 1256 -40.66 -34.18 11.87
N LEU D 1257 -39.85 -33.20 12.29
CA LEU D 1257 -40.40 -32.09 13.07
C LEU D 1257 -41.14 -31.10 12.19
N THR D 1258 -40.65 -30.88 10.97
CA THR D 1258 -41.26 -29.92 10.05
C THR D 1258 -42.12 -30.60 8.99
N GLY D 1259 -42.73 -31.74 9.33
CA GLY D 1259 -43.50 -32.49 8.35
C GLY D 1259 -44.77 -31.79 7.90
N ALA D 1260 -45.45 -31.10 8.82
CA ALA D 1260 -46.69 -30.41 8.47
C ALA D 1260 -46.45 -29.13 7.68
N SER D 1261 -45.23 -28.62 7.65
CA SER D 1261 -44.93 -27.42 6.89
C SER D 1261 -44.85 -27.75 5.41
N PRO D 1262 -45.58 -27.04 4.55
CA PRO D 1262 -45.57 -27.37 3.12
C PRO D 1262 -44.42 -26.77 2.34
N ILE D 1263 -43.52 -26.01 2.96
CA ILE D 1263 -42.45 -25.37 2.23
C ILE D 1263 -41.17 -26.21 2.29
N TYR D 1264 -40.55 -26.36 1.11
CA TYR D 1264 -39.25 -26.99 0.97
C TYR D 1264 -38.20 -26.35 1.86
N SER D 1265 -37.42 -27.19 2.55
CA SER D 1265 -36.29 -26.75 3.35
C SER D 1265 -35.01 -27.08 2.59
N PRO D 1266 -34.23 -26.09 2.17
CA PRO D 1266 -33.09 -26.37 1.29
C PRO D 1266 -31.93 -27.07 1.96
N CYS D 1267 -31.91 -27.14 3.29
CA CYS D 1267 -30.89 -27.90 4.01
C CYS D 1267 -31.40 -29.27 4.44
N PHE D 1268 -32.42 -29.81 3.76
CA PHE D 1268 -32.87 -31.17 4.03
C PHE D 1268 -31.87 -32.20 3.55
N LYS D 1269 -31.35 -32.02 2.34
CA LYS D 1269 -30.50 -33.04 1.72
C LYS D 1269 -29.13 -33.13 2.37
N PHE D 1270 -28.76 -32.16 3.20
CA PHE D 1270 -27.47 -32.16 3.86
C PHE D 1270 -27.49 -32.84 5.22
N PHE D 1271 -28.63 -32.83 5.89
CA PHE D 1271 -28.72 -33.33 7.26
C PHE D 1271 -29.29 -34.73 7.36
N THR D 1272 -30.09 -35.15 6.39
CA THR D 1272 -30.75 -36.45 6.46
C THR D 1272 -29.78 -37.56 6.06
N PRO D 1273 -29.61 -38.61 6.86
CA PRO D 1273 -28.75 -39.74 6.45
C PRO D 1273 -29.37 -40.47 5.27
N ALA D 1274 -28.63 -40.54 4.18
CA ALA D 1274 -29.14 -41.16 2.96
C ALA D 1274 -29.24 -42.68 3.11
N GLU D 1275 -30.29 -43.24 2.52
CA GLU D 1275 -30.45 -44.69 2.51
C GLU D 1275 -29.46 -45.30 1.53
N VAL D 1276 -28.73 -46.31 1.99
CA VAL D 1276 -27.55 -46.79 1.29
C VAL D 1276 -27.49 -48.30 1.35
N ASN D 1277 -27.08 -48.92 0.23
CA ASN D 1277 -26.72 -50.33 0.18
C ASN D 1277 -25.23 -50.44 -0.12
N THR D 1278 -24.55 -51.29 0.63
CA THR D 1278 -23.10 -51.42 0.55
C THR D 1278 -22.65 -52.55 -0.36
N ASN D 1279 -23.57 -53.15 -1.14
CA ASN D 1279 -23.23 -54.28 -1.98
C ASN D 1279 -22.33 -53.87 -3.15
N CYS D 1280 -22.64 -52.73 -3.77
CA CYS D 1280 -21.82 -52.24 -4.87
C CYS D 1280 -20.65 -51.44 -4.32
N ASN D 1281 -19.69 -51.14 -5.21
CA ASN D 1281 -18.56 -50.32 -4.83
C ASN D 1281 -18.93 -48.85 -4.84
N THR D 1282 -17.92 -48.00 -4.59
CA THR D 1282 -18.18 -46.57 -4.46
C THR D 1282 -18.43 -45.91 -5.82
N LEU D 1283 -17.66 -46.28 -6.85
CA LEU D 1283 -17.71 -45.53 -8.11
C LEU D 1283 -18.99 -45.83 -8.89
N ASP D 1284 -19.41 -47.09 -8.93
CA ASP D 1284 -20.67 -47.41 -9.63
C ASP D 1284 -21.87 -46.84 -8.90
N ARG D 1285 -21.83 -46.82 -7.57
CA ARG D 1285 -22.87 -46.13 -6.81
C ARG D 1285 -22.87 -44.64 -7.11
N LEU D 1286 -21.68 -44.04 -7.24
CA LEU D 1286 -21.57 -42.63 -7.56
C LEU D 1286 -22.17 -42.32 -8.92
N LEU D 1287 -21.93 -43.20 -9.90
CA LEU D 1287 -22.51 -43.01 -11.22
C LEU D 1287 -24.02 -43.25 -11.19
N MET D 1288 -24.47 -44.17 -10.33
CA MET D 1288 -25.90 -44.48 -10.25
C MET D 1288 -26.68 -43.31 -9.65
N GLU D 1289 -26.14 -42.65 -8.63
CA GLU D 1289 -26.81 -41.45 -8.13
C GLU D 1289 -26.54 -40.22 -8.99
N ALA D 1290 -25.68 -40.31 -10.01
CA ALA D 1290 -25.33 -39.16 -10.81
C ALA D 1290 -26.30 -38.90 -11.95
N LYS D 1291 -27.28 -39.77 -12.17
CA LYS D 1291 -28.21 -39.59 -13.27
C LYS D 1291 -29.19 -38.46 -12.94
N ALA D 1292 -30.11 -38.20 -13.86
CA ALA D 1292 -31.10 -37.16 -13.66
C ALA D 1292 -32.14 -37.61 -12.64
N VAL D 1293 -31.92 -37.25 -11.38
CA VAL D 1293 -32.84 -37.64 -10.32
C VAL D 1293 -34.12 -36.82 -10.42
N ALA D 1294 -35.15 -37.25 -9.71
CA ALA D 1294 -36.40 -36.52 -9.70
C ALA D 1294 -36.24 -35.20 -8.96
N SER D 1295 -37.15 -34.27 -9.22
CA SER D 1295 -37.11 -32.96 -8.59
C SER D 1295 -37.45 -33.07 -7.11
N GLN D 1296 -37.15 -32.02 -6.36
CA GLN D 1296 -37.45 -31.99 -4.94
C GLN D 1296 -38.20 -30.72 -4.56
N SER D 1297 -38.44 -29.84 -5.54
CA SER D 1297 -39.25 -28.65 -5.33
C SER D 1297 -40.31 -28.61 -6.41
N SER D 1298 -41.14 -27.57 -6.40
CA SER D 1298 -42.22 -27.44 -7.37
C SER D 1298 -42.06 -26.15 -8.16
N THR D 1299 -42.55 -26.16 -9.39
CA THR D 1299 -42.30 -25.10 -10.36
C THR D 1299 -43.45 -24.11 -10.52
N ASP D 1300 -44.69 -24.58 -10.58
CA ASP D 1300 -45.82 -23.71 -10.86
C ASP D 1300 -46.23 -22.84 -9.68
N THR D 1301 -45.66 -23.06 -8.50
CA THR D 1301 -46.11 -22.36 -7.30
C THR D 1301 -45.47 -20.98 -7.20
N GLU D 1302 -45.65 -20.34 -6.05
CA GLU D 1302 -45.17 -18.98 -5.82
C GLU D 1302 -44.11 -18.92 -4.71
N TYR D 1303 -44.05 -19.93 -3.83
CA TYR D 1303 -43.16 -19.86 -2.68
C TYR D 1303 -42.18 -21.02 -2.57
N GLN D 1304 -41.99 -21.82 -3.62
CA GLN D 1304 -41.13 -23.01 -3.61
C GLN D 1304 -41.56 -24.01 -2.53
N PHE D 1305 -42.75 -24.57 -2.72
CA PHE D 1305 -43.30 -25.54 -1.78
C PHE D 1305 -42.58 -26.87 -1.89
N LYS D 1306 -43.07 -27.85 -1.12
CA LYS D 1306 -42.62 -29.22 -1.27
C LYS D 1306 -43.09 -29.80 -2.60
N ARG D 1307 -42.52 -30.93 -2.98
CA ARG D 1307 -42.88 -31.56 -4.24
C ARG D 1307 -44.32 -32.09 -4.18
N PRO D 1308 -45.17 -31.73 -5.14
CA PRO D 1308 -46.52 -32.29 -5.16
C PRO D 1308 -46.47 -33.78 -5.44
N PRO D 1309 -47.36 -34.56 -4.82
CA PRO D 1309 -47.36 -36.00 -5.06
C PRO D 1309 -47.81 -36.32 -6.48
N GLY D 1310 -46.97 -37.08 -7.19
CA GLY D 1310 -47.28 -37.47 -8.54
C GLY D 1310 -46.66 -36.61 -9.63
N SER D 1311 -46.01 -35.51 -9.29
CA SER D 1311 -45.34 -34.69 -10.28
C SER D 1311 -44.06 -35.39 -10.73
N THR D 1312 -43.93 -35.61 -12.04
CA THR D 1312 -42.82 -36.36 -12.62
C THR D 1312 -41.93 -35.39 -13.39
N GLU D 1313 -41.03 -34.72 -12.67
CA GLU D 1313 -40.07 -33.83 -13.28
C GLU D 1313 -38.68 -34.20 -12.79
N MET D 1314 -37.74 -34.36 -13.71
CA MET D 1314 -36.39 -34.80 -13.38
C MET D 1314 -35.41 -33.65 -13.54
N THR D 1315 -34.61 -33.42 -12.49
CA THR D 1315 -33.58 -32.39 -12.49
C THR D 1315 -32.25 -33.02 -12.17
N GLN D 1316 -31.24 -32.76 -13.00
CA GLN D 1316 -29.87 -33.13 -12.66
C GLN D 1316 -29.42 -32.36 -11.43
N ASP D 1317 -28.78 -33.06 -10.49
CA ASP D 1317 -28.51 -32.49 -9.17
C ASP D 1317 -27.02 -32.57 -8.86
N PRO D 1318 -26.21 -31.60 -9.31
CA PRO D 1318 -24.88 -31.43 -8.73
C PRO D 1318 -25.00 -30.87 -7.33
N CYS D 1319 -23.89 -30.99 -6.59
CA CYS D 1319 -23.75 -30.61 -5.16
C CYS D 1319 -24.91 -31.09 -4.30
N GLY D 1320 -25.44 -32.27 -4.63
CA GLY D 1320 -26.40 -32.95 -3.80
C GLY D 1320 -25.91 -34.37 -3.58
N LEU D 1321 -25.00 -34.79 -4.45
CA LEU D 1321 -24.31 -36.07 -4.32
C LEU D 1321 -22.92 -35.92 -3.72
N PHE D 1322 -22.35 -34.72 -3.74
CA PHE D 1322 -21.09 -34.45 -3.08
C PHE D 1322 -21.25 -33.87 -1.68
N GLN D 1323 -22.47 -33.54 -1.28
CA GLN D 1323 -22.80 -32.93 0.01
C GLN D 1323 -22.02 -31.64 0.22
N GLU D 1324 -22.15 -30.73 -0.75
CA GLU D 1324 -21.43 -29.46 -0.73
C GLU D 1324 -22.38 -28.35 -1.16
N ALA D 1325 -22.01 -27.12 -0.82
CA ALA D 1325 -22.72 -25.93 -1.23
C ALA D 1325 -21.71 -24.86 -1.63
N TYR D 1326 -21.94 -24.22 -2.78
CA TYR D 1326 -20.98 -23.26 -3.33
C TYR D 1326 -21.29 -21.85 -2.82
N PRO D 1327 -20.29 -21.08 -2.41
CA PRO D 1327 -20.57 -19.72 -1.92
C PRO D 1327 -20.68 -18.73 -3.07
N PRO D 1328 -21.67 -17.84 -3.03
CA PRO D 1328 -21.79 -16.81 -4.06
C PRO D 1328 -21.06 -15.55 -3.63
N LEU D 1329 -21.14 -14.52 -4.47
CA LEU D 1329 -20.54 -13.23 -4.16
C LEU D 1329 -21.38 -12.55 -3.09
N CYS D 1330 -20.89 -12.58 -1.85
CA CYS D 1330 -21.59 -11.95 -0.74
C CYS D 1330 -20.60 -11.12 0.06
N SER D 1331 -21.12 -10.07 0.69
CA SER D 1331 -20.26 -9.20 1.48
C SER D 1331 -21.06 -8.60 2.62
N SER D 1332 -20.37 -8.16 3.65
CA SER D 1332 -21.04 -7.57 4.79
C SER D 1332 -21.21 -6.07 4.67
N ASP D 1333 -20.78 -5.47 3.57
CA ASP D 1333 -20.94 -4.04 3.35
C ASP D 1333 -21.14 -3.80 1.87
N ALA D 1334 -22.16 -3.02 1.53
CA ALA D 1334 -22.42 -2.71 0.12
C ALA D 1334 -21.36 -1.79 -0.47
N ALA D 1335 -20.58 -1.12 0.38
CA ALA D 1335 -19.56 -0.19 -0.12
C ALA D 1335 -18.43 -0.92 -0.83
N MET D 1336 -17.97 -2.03 -0.26
CA MET D 1336 -16.83 -2.74 -0.84
C MET D 1336 -17.24 -3.77 -1.87
N LEU D 1337 -18.54 -4.01 -2.06
CA LEU D 1337 -19.00 -4.94 -3.08
C LEU D 1337 -18.78 -4.40 -4.49
N ARG D 1338 -18.66 -3.09 -4.65
CA ARG D 1338 -18.41 -2.49 -5.95
C ARG D 1338 -17.30 -1.46 -5.81
N THR D 1339 -16.37 -1.46 -6.77
CA THR D 1339 -15.28 -0.50 -6.78
C THR D 1339 -15.64 0.70 -7.64
N ALA D 1340 -14.85 1.77 -7.51
CA ALA D 1340 -15.12 3.02 -8.23
C ALA D 1340 -14.24 3.12 -9.47
N HIS D 1341 -14.62 2.35 -10.50
CA HIS D 1341 -13.89 2.38 -11.75
C HIS D 1341 -14.79 2.26 -12.98
N ALA D 1342 -16.12 2.12 -12.79
CA ALA D 1342 -17.10 1.93 -13.86
C ALA D 1342 -16.75 0.71 -14.72
N GLY D 1343 -16.87 -0.46 -14.10
CA GLY D 1343 -16.39 -1.69 -14.69
C GLY D 1343 -16.60 -2.88 -13.78
N GLU D 1344 -15.52 -3.62 -13.53
CA GLU D 1344 -15.55 -4.80 -12.68
C GLU D 1344 -15.96 -4.46 -11.24
N THR D 1345 -16.30 -5.51 -10.50
CA THR D 1345 -16.73 -5.37 -9.12
C THR D 1345 -15.54 -5.33 -8.18
N GLY D 1346 -15.82 -5.19 -6.88
CA GLY D 1346 -14.76 -5.14 -5.89
C GLY D 1346 -14.10 -6.49 -5.69
N ALA D 1347 -12.87 -6.45 -5.17
CA ALA D 1347 -12.11 -7.68 -4.97
C ALA D 1347 -11.36 -7.71 -3.65
N ASP D 1348 -11.47 -6.67 -2.81
CA ASP D 1348 -10.85 -6.72 -1.50
C ASP D 1348 -11.60 -7.69 -0.60
N GLU D 1349 -10.85 -8.43 0.21
CA GLU D 1349 -11.48 -9.50 0.99
C GLU D 1349 -11.97 -9.02 2.35
N VAL D 1350 -11.07 -8.47 3.16
CA VAL D 1350 -11.41 -7.96 4.48
C VAL D 1350 -10.90 -6.53 4.61
N HIS D 1351 -11.77 -5.62 5.08
CA HIS D 1351 -11.33 -4.24 5.25
C HIS D 1351 -10.93 -3.93 6.69
N LEU D 1352 -11.89 -3.97 7.62
CA LEU D 1352 -11.49 -3.80 9.01
C LEU D 1352 -12.06 -4.90 9.89
N ALA D 1353 -13.37 -5.09 9.83
CA ALA D 1353 -14.03 -6.24 10.41
C ALA D 1353 -15.11 -6.80 9.49
N GLN D 1354 -15.46 -6.11 8.42
CA GLN D 1354 -16.38 -6.62 7.40
C GLN D 1354 -15.61 -7.59 6.50
N TYR D 1355 -16.32 -8.25 5.59
CA TYR D 1355 -15.66 -9.24 4.75
C TYR D 1355 -16.35 -9.30 3.41
N LEU D 1356 -15.64 -9.81 2.41
CA LEU D 1356 -16.19 -10.03 1.07
C LEU D 1356 -15.73 -11.41 0.64
N ILE D 1357 -16.68 -12.31 0.46
CA ILE D 1357 -16.39 -13.68 0.05
C ILE D 1357 -16.49 -13.72 -1.47
N ARG D 1358 -15.36 -13.92 -2.14
CA ARG D 1358 -15.36 -13.93 -3.60
C ARG D 1358 -16.09 -15.16 -4.12
N ASP D 1359 -16.52 -15.06 -5.37
CA ASP D 1359 -17.39 -16.09 -5.95
C ASP D 1359 -16.60 -17.35 -6.26
N ALA D 1360 -17.10 -18.48 -5.76
CA ALA D 1360 -16.55 -19.79 -6.08
C ALA D 1360 -17.57 -20.70 -6.73
N SER D 1361 -18.73 -20.17 -7.09
CA SER D 1361 -19.78 -20.94 -7.72
C SER D 1361 -19.39 -21.27 -9.16
N PRO D 1362 -20.06 -22.25 -9.79
CA PRO D 1362 -19.97 -22.37 -11.26
C PRO D 1362 -20.49 -21.16 -12.01
N LEU D 1363 -21.28 -20.29 -11.38
CA LEU D 1363 -21.80 -19.08 -12.01
C LEU D 1363 -20.76 -17.96 -11.90
N ARG D 1364 -19.63 -18.16 -12.57
CA ARG D 1364 -18.60 -17.13 -12.61
C ARG D 1364 -18.75 -16.19 -13.80
N GLY D 1365 -18.94 -16.72 -15.00
CA GLY D 1365 -19.08 -15.93 -16.20
C GLY D 1365 -20.50 -15.68 -16.67
N CYS D 1366 -21.48 -15.86 -15.81
CA CYS D 1366 -22.89 -15.60 -16.12
C CYS D 1366 -23.46 -14.67 -15.05
N LEU D 1367 -24.80 -14.48 -15.11
CA LEU D 1367 -25.57 -13.67 -14.16
C LEU D 1367 -25.02 -12.25 -14.05
N PRO D 1368 -25.34 -11.39 -15.02
CA PRO D 1368 -24.68 -10.08 -15.11
C PRO D 1368 -24.97 -9.18 -13.92
N LEU D 1369 -24.01 -8.33 -13.60
CA LEU D 1369 -24.10 -7.46 -12.43
C LEU D 1369 -24.63 -6.08 -12.81
N PRO E 1 -34.80 56.61 -83.00
CA PRO E 1 -34.00 56.30 -84.19
C PRO E 1 -33.85 54.80 -84.37
N ALA E 2 -34.54 54.24 -85.36
CA ALA E 2 -34.51 52.79 -85.59
C ALA E 2 -34.34 52.39 -87.04
N GLY E 3 -34.26 53.33 -87.98
CA GLY E 3 -34.15 53.00 -89.38
C GLY E 3 -35.39 52.33 -89.93
N ILE E 4 -36.56 52.81 -89.50
CA ILE E 4 -37.84 52.28 -89.95
C ILE E 4 -38.38 53.20 -91.03
N ILE E 5 -38.86 52.62 -92.12
CA ILE E 5 -39.46 53.41 -93.20
C ILE E 5 -40.73 54.09 -92.68
N PRO E 6 -40.86 55.40 -92.80
CA PRO E 6 -42.04 56.08 -92.26
C PRO E 6 -43.30 55.72 -93.04
N THR E 7 -44.39 55.49 -92.29
CA THR E 7 -45.65 55.07 -92.88
C THR E 7 -46.39 56.22 -93.57
N GLY E 8 -46.14 57.46 -93.15
CA GLY E 8 -46.82 58.60 -93.76
C GLY E 8 -46.01 59.87 -93.68
N ASN E 9 -46.08 60.68 -94.73
CA ASN E 9 -45.34 61.94 -94.77
C ASN E 9 -46.07 62.99 -93.94
N VAL E 10 -45.31 63.80 -93.22
CA VAL E 10 -45.87 64.83 -92.36
C VAL E 10 -45.88 66.16 -93.12
N LEU E 11 -47.03 66.80 -93.17
CA LEU E 11 -47.16 68.12 -93.77
C LEU E 11 -47.05 69.19 -92.69
N SER E 12 -47.16 70.45 -93.12
CA SER E 12 -47.23 71.63 -92.25
C SER E 12 -46.00 71.75 -91.35
N THR E 13 -44.86 71.98 -92.01
CA THR E 13 -43.60 72.15 -91.31
C THR E 13 -43.61 73.49 -90.57
N ILE E 14 -43.80 73.44 -89.26
CA ILE E 14 -43.83 74.62 -88.40
C ILE E 14 -42.87 74.38 -87.25
N GLU E 15 -42.81 75.34 -86.32
CA GLU E 15 -42.01 75.18 -85.11
C GLU E 15 -42.70 74.22 -84.16
N VAL E 16 -42.08 73.07 -83.91
CA VAL E 16 -42.69 72.05 -83.08
C VAL E 16 -42.27 72.15 -81.61
N CYS E 17 -41.18 72.88 -81.32
CA CYS E 17 -40.72 73.03 -79.95
C CYS E 17 -41.68 73.83 -79.08
N ALA E 18 -42.43 74.76 -79.67
CA ALA E 18 -43.36 75.57 -78.89
C ALA E 18 -44.52 74.74 -78.37
N HIS E 19 -45.04 73.84 -79.19
CA HIS E 19 -46.21 73.04 -78.83
C HIS E 19 -45.77 71.68 -78.30
N ARG E 20 -45.07 71.71 -77.17
CA ARG E 20 -44.58 70.49 -76.55
C ARG E 20 -45.36 70.10 -75.30
N CYS E 21 -46.43 70.81 -74.96
CA CYS E 21 -47.31 70.34 -73.89
C CYS E 21 -48.16 69.17 -74.38
N ILE E 22 -48.32 69.06 -75.69
CA ILE E 22 -48.88 67.88 -76.36
C ILE E 22 -47.72 66.87 -76.38
N PHE E 23 -48.03 65.61 -76.70
CA PHE E 23 -47.11 64.47 -76.83
C PHE E 23 -46.69 63.97 -75.45
N ASP E 24 -46.10 62.78 -75.40
CA ASP E 24 -45.67 62.19 -74.14
C ASP E 24 -44.16 62.11 -74.00
N PHE E 25 -43.40 62.39 -75.06
CA PHE E 25 -41.95 62.43 -74.97
C PHE E 25 -41.43 63.36 -76.05
N PHE E 26 -40.69 64.39 -75.65
CA PHE E 26 -40.15 65.36 -76.59
C PHE E 26 -38.66 65.51 -76.38
N LYS E 27 -37.89 65.19 -77.41
CA LYS E 27 -36.44 65.30 -77.38
C LYS E 27 -35.98 66.11 -78.57
N GLN E 28 -35.15 67.12 -78.34
CA GLN E 28 -34.69 68.04 -79.38
C GLN E 28 -33.17 68.06 -79.38
N ILE E 29 -32.57 67.35 -80.31
CA ILE E 29 -31.13 67.36 -80.49
C ILE E 29 -30.77 68.49 -81.46
N ARG E 30 -29.61 69.12 -81.22
CA ARG E 30 -29.24 70.30 -81.99
C ARG E 30 -28.82 69.93 -83.41
N SER E 31 -27.70 69.24 -83.56
CA SER E 31 -27.25 68.76 -84.87
C SER E 31 -27.12 67.26 -84.91
N ASP E 32 -26.38 66.68 -83.98
CA ASP E 32 -26.23 65.24 -83.86
C ASP E 32 -25.77 64.96 -82.44
N ASP E 33 -26.06 63.76 -81.97
CA ASP E 33 -25.76 63.43 -80.58
C ASP E 33 -25.47 61.94 -80.52
N ASN E 34 -24.59 61.55 -79.59
CA ASN E 34 -24.18 60.14 -79.54
C ASN E 34 -25.21 59.26 -78.86
N SER E 35 -26.30 59.83 -78.33
CA SER E 35 -27.38 59.01 -77.79
C SER E 35 -28.14 58.28 -78.87
N LEU E 36 -28.11 58.81 -80.11
CA LEU E 36 -28.77 58.12 -81.22
C LEU E 36 -28.07 56.83 -81.57
N TYR E 37 -26.74 56.81 -81.48
CA TYR E 37 -25.95 55.65 -81.88
C TYR E 37 -25.68 54.75 -80.68
N SER E 38 -26.77 54.32 -80.04
CA SER E 38 -26.75 53.36 -78.96
C SER E 38 -27.61 52.17 -79.33
N ALA E 39 -27.09 50.96 -79.13
CA ALA E 39 -27.79 49.75 -79.53
C ALA E 39 -27.76 48.68 -78.45
N GLN E 40 -27.99 49.05 -77.20
CA GLN E 40 -28.03 48.06 -76.12
C GLN E 40 -29.28 47.20 -76.26
N PHE E 41 -29.07 45.89 -76.33
CA PHE E 41 -30.16 44.96 -76.59
C PHE E 41 -30.13 43.84 -75.57
N ASP E 42 -31.31 43.31 -75.27
CA ASP E 42 -31.51 42.28 -74.26
C ASP E 42 -31.66 40.93 -74.96
N ILE E 43 -31.16 39.87 -74.31
CA ILE E 43 -31.07 38.57 -74.97
C ILE E 43 -31.52 37.45 -74.02
N LEU E 44 -32.15 36.45 -74.61
CA LEU E 44 -32.60 35.23 -73.93
C LEU E 44 -31.74 34.06 -74.39
N LEU E 45 -31.27 33.25 -73.45
CA LEU E 45 -30.32 32.19 -73.77
C LEU E 45 -30.92 30.80 -73.67
N GLY E 46 -32.22 30.66 -73.80
CA GLY E 46 -32.82 29.34 -73.83
C GLY E 46 -33.50 28.98 -72.53
N THR E 47 -34.41 28.01 -72.60
CA THR E 47 -35.17 27.54 -71.46
C THR E 47 -34.89 26.06 -71.25
N TYR E 48 -35.04 25.60 -70.01
CA TYR E 48 -34.88 24.19 -69.67
C TYR E 48 -36.07 23.72 -68.85
N CYS E 49 -36.67 22.61 -69.29
CA CYS E 49 -37.78 22.00 -68.58
C CYS E 49 -37.47 20.53 -68.35
N ASN E 50 -37.52 20.11 -67.09
CA ASN E 50 -37.17 18.75 -66.74
C ASN E 50 -38.35 17.82 -66.99
N THR E 51 -38.03 16.55 -67.24
CA THR E 51 -39.02 15.52 -67.45
C THR E 51 -39.08 14.62 -66.21
N LEU E 52 -40.29 14.34 -65.76
CA LEU E 52 -40.46 13.46 -64.62
C LEU E 52 -40.20 12.02 -65.02
N ASN E 53 -39.86 11.20 -64.03
CA ASN E 53 -39.78 9.75 -64.21
C ASN E 53 -40.95 9.11 -63.47
N PHE E 54 -41.77 8.35 -64.18
CA PHE E 54 -42.95 7.76 -63.61
C PHE E 54 -42.65 6.36 -63.12
N VAL E 55 -42.95 6.10 -61.85
CA VAL E 55 -42.71 4.81 -61.24
C VAL E 55 -43.96 3.96 -61.39
N ARG E 56 -43.75 2.65 -61.53
CA ARG E 56 -44.83 1.68 -61.49
C ARG E 56 -44.67 0.84 -60.23
N PHE E 57 -45.81 0.53 -59.60
CA PHE E 57 -45.77 -0.15 -58.31
C PHE E 57 -45.24 -1.57 -58.43
N LEU E 58 -45.57 -2.26 -59.52
CA LEU E 58 -45.15 -3.65 -59.66
C LEU E 58 -43.65 -3.75 -59.90
N GLU E 59 -43.05 -2.73 -60.52
CA GLU E 59 -41.61 -2.74 -60.72
C GLU E 59 -40.84 -2.53 -59.42
N LEU E 60 -41.46 -1.91 -58.42
CA LEU E 60 -40.79 -1.72 -57.14
C LEU E 60 -40.60 -3.06 -56.42
N GLY E 61 -39.59 -3.09 -55.55
CA GLY E 61 -39.39 -4.27 -54.74
C GLY E 61 -40.38 -4.43 -53.61
N LEU E 62 -41.20 -3.42 -53.35
CA LEU E 62 -42.24 -3.53 -52.35
C LEU E 62 -43.47 -4.28 -52.86
N SER E 63 -43.51 -4.57 -54.17
CA SER E 63 -44.67 -5.27 -54.72
C SER E 63 -44.72 -6.72 -54.29
N VAL E 64 -43.61 -7.28 -53.80
CA VAL E 64 -43.58 -8.69 -53.41
C VAL E 64 -44.17 -8.89 -52.03
N ALA E 65 -44.56 -7.82 -51.35
CA ALA E 65 -45.14 -7.92 -50.01
C ALA E 65 -46.66 -7.97 -50.02
N CYS E 66 -47.29 -8.04 -51.19
CA CYS E 66 -48.74 -8.05 -51.25
C CYS E 66 -49.20 -8.75 -52.51
N ILE E 67 -50.45 -9.22 -52.48
CA ILE E 67 -51.13 -9.77 -53.64
C ILE E 67 -52.22 -8.79 -54.02
N CYS E 68 -52.01 -8.05 -55.10
CA CYS E 68 -52.99 -7.08 -55.57
C CYS E 68 -54.05 -7.78 -56.40
N THR E 69 -55.29 -7.29 -56.26
CA THR E 69 -56.39 -7.78 -57.09
C THR E 69 -57.43 -6.68 -57.25
N LYS E 70 -58.07 -6.65 -58.41
CA LYS E 70 -59.10 -5.65 -58.66
C LYS E 70 -60.45 -6.15 -58.20
N PHE E 71 -61.30 -5.21 -57.83
CA PHE E 71 -62.60 -5.52 -57.26
C PHE E 71 -63.53 -4.34 -57.50
N PRO E 72 -64.27 -4.35 -58.60
CA PRO E 72 -65.08 -3.16 -58.96
C PRO E 72 -66.19 -2.85 -57.96
N GLU E 73 -66.80 -3.86 -57.36
CA GLU E 73 -67.88 -3.64 -56.42
C GLU E 73 -67.39 -3.67 -54.97
N LEU E 74 -66.38 -2.87 -54.65
CA LEU E 74 -65.92 -2.81 -53.27
C LEU E 74 -66.79 -1.89 -52.43
N ALA E 75 -67.49 -0.95 -53.06
CA ALA E 75 -68.37 -0.06 -52.32
C ALA E 75 -69.63 -0.75 -51.83
N TYR E 76 -69.91 -1.97 -52.26
CA TYR E 76 -71.13 -2.67 -51.89
C TYR E 76 -70.94 -3.77 -50.85
N VAL E 77 -69.72 -4.06 -50.43
CA VAL E 77 -69.49 -5.14 -49.48
C VAL E 77 -69.63 -4.60 -48.06
N ARG E 78 -70.20 -5.40 -47.17
CA ARG E 78 -70.34 -4.95 -45.78
C ARG E 78 -69.08 -5.22 -44.99
N ASP E 79 -68.69 -6.49 -44.89
CA ASP E 79 -67.33 -6.84 -44.46
C ASP E 79 -66.95 -8.19 -45.06
N GLY E 80 -65.88 -8.21 -45.84
CA GLY E 80 -65.42 -9.46 -46.43
C GLY E 80 -64.85 -10.38 -45.37
N VAL E 81 -64.91 -11.67 -45.64
CA VAL E 81 -64.52 -12.69 -44.67
C VAL E 81 -63.46 -13.58 -45.32
N ILE E 82 -62.39 -13.87 -44.58
CA ILE E 82 -61.42 -14.89 -44.94
C ILE E 82 -61.44 -15.94 -43.83
N GLN E 83 -61.08 -17.18 -44.19
CA GLN E 83 -61.16 -18.28 -43.25
C GLN E 83 -59.86 -19.09 -43.27
N PHE E 84 -59.68 -19.87 -42.21
CA PHE E 84 -58.51 -20.74 -42.08
C PHE E 84 -58.96 -22.07 -41.49
N GLU E 85 -58.12 -23.09 -41.66
CA GLU E 85 -58.38 -24.41 -41.08
C GLU E 85 -57.03 -25.05 -40.79
N VAL E 86 -56.58 -24.93 -39.54
CA VAL E 86 -55.23 -25.33 -39.16
C VAL E 86 -55.34 -26.48 -38.16
N GLN E 87 -54.70 -27.60 -38.47
CA GLN E 87 -54.63 -28.73 -37.57
C GLN E 87 -53.20 -28.93 -37.08
N GLN E 88 -53.08 -29.55 -35.91
CA GLN E 88 -51.79 -29.68 -35.26
C GLN E 88 -51.45 -31.16 -35.05
N PRO E 89 -50.16 -31.52 -35.06
CA PRO E 89 -49.79 -32.92 -34.81
C PRO E 89 -49.92 -33.32 -33.35
N MET E 90 -49.51 -34.54 -33.03
CA MET E 90 -49.66 -35.06 -31.69
C MET E 90 -48.58 -36.10 -31.44
N ILE E 91 -48.07 -36.14 -30.21
CA ILE E 91 -47.03 -37.08 -29.80
C ILE E 91 -47.61 -37.97 -28.70
N ALA E 92 -47.57 -39.28 -28.93
CA ALA E 92 -48.12 -40.24 -27.97
C ALA E 92 -47.20 -40.38 -26.77
N ARG E 93 -47.81 -40.61 -25.60
CA ARG E 93 -47.05 -40.84 -24.38
C ARG E 93 -47.76 -41.91 -23.55
N ASP E 94 -47.25 -42.13 -22.35
CA ASP E 94 -47.80 -43.10 -21.41
C ASP E 94 -47.83 -42.49 -20.01
N GLY E 95 -48.09 -43.34 -19.02
CA GLY E 95 -48.03 -42.94 -17.64
C GLY E 95 -49.38 -42.50 -17.10
N PRO E 96 -49.37 -41.83 -15.95
CA PRO E 96 -50.62 -41.36 -15.34
C PRO E 96 -51.05 -40.00 -15.84
N HIS E 97 -51.07 -39.83 -17.16
CA HIS E 97 -51.55 -38.61 -17.79
C HIS E 97 -52.80 -38.90 -18.59
N PRO E 98 -53.70 -37.93 -18.77
CA PRO E 98 -54.80 -38.12 -19.72
C PRO E 98 -54.25 -38.32 -21.13
N VAL E 99 -54.90 -39.21 -21.88
CA VAL E 99 -54.50 -39.44 -23.25
C VAL E 99 -54.88 -38.22 -24.09
N ASP E 100 -53.93 -37.72 -24.85
CA ASP E 100 -54.13 -36.49 -25.60
C ASP E 100 -54.85 -36.74 -26.90
N GLN E 101 -55.56 -35.72 -27.37
CA GLN E 101 -56.33 -35.78 -28.60
C GLN E 101 -55.85 -34.71 -29.56
N PRO E 102 -55.92 -34.97 -30.87
CA PRO E 102 -55.52 -33.94 -31.83
C PRO E 102 -56.55 -32.82 -31.86
N VAL E 103 -56.09 -31.63 -32.25
CA VAL E 103 -56.89 -30.42 -32.16
C VAL E 103 -56.92 -29.76 -33.53
N HIS E 104 -58.11 -29.29 -33.93
CA HIS E 104 -58.28 -28.50 -35.14
C HIS E 104 -58.62 -27.08 -34.75
N ASN E 105 -58.04 -26.11 -35.45
CA ASN E 105 -58.29 -24.71 -35.20
C ASN E 105 -59.00 -24.08 -36.38
N TYR E 106 -60.00 -23.25 -36.09
CA TYR E 106 -60.71 -22.49 -37.11
C TYR E 106 -60.55 -21.00 -36.81
N MET E 107 -60.02 -20.25 -37.78
CA MET E 107 -59.79 -18.83 -37.60
C MET E 107 -60.48 -18.05 -38.71
N VAL E 108 -61.03 -16.90 -38.36
CA VAL E 108 -61.73 -16.01 -39.28
C VAL E 108 -61.19 -14.59 -39.12
N LYS E 109 -60.76 -13.99 -40.22
CA LYS E 109 -60.36 -12.59 -40.26
C LYS E 109 -61.25 -11.84 -41.23
N ARG E 110 -61.26 -10.51 -41.13
CA ARG E 110 -62.11 -9.69 -41.98
C ARG E 110 -61.30 -8.57 -42.62
N ILE E 111 -61.88 -7.98 -43.67
CA ILE E 111 -61.20 -6.93 -44.43
C ILE E 111 -61.24 -5.62 -43.64
N HIS E 112 -60.46 -4.65 -44.13
CA HIS E 112 -60.42 -3.30 -43.56
C HIS E 112 -60.28 -2.31 -44.71
N LYS E 113 -61.21 -1.37 -44.79
CA LYS E 113 -61.30 -0.48 -45.95
C LYS E 113 -60.47 0.79 -45.74
N ARG E 114 -59.70 1.15 -46.77
CA ARG E 114 -58.96 2.40 -46.81
C ARG E 114 -59.17 3.05 -48.17
N SER E 115 -58.49 4.17 -48.41
CA SER E 115 -58.69 4.92 -49.64
C SER E 115 -57.46 5.76 -49.96
N LEU E 116 -57.42 6.25 -51.20
CA LEU E 116 -56.51 7.31 -51.62
C LEU E 116 -57.26 8.38 -52.39
N SER E 117 -56.83 9.63 -52.21
CA SER E 117 -57.44 10.75 -52.91
C SER E 117 -56.36 11.72 -53.36
N ALA E 118 -56.48 12.19 -54.60
CA ALA E 118 -55.56 13.18 -55.14
C ALA E 118 -56.36 14.26 -55.86
N ALA E 119 -55.78 15.44 -55.95
CA ALA E 119 -56.48 16.62 -56.43
C ALA E 119 -55.96 17.04 -57.80
N PHE E 120 -56.65 18.03 -58.36
CA PHE E 120 -56.43 18.45 -59.75
C PHE E 120 -57.12 19.80 -59.92
N ALA E 121 -56.40 20.81 -60.38
CA ALA E 121 -56.95 22.14 -60.50
C ALA E 121 -56.92 22.64 -61.94
N ILE E 122 -57.99 23.31 -62.34
CA ILE E 122 -58.06 24.03 -63.60
C ILE E 122 -58.54 25.44 -63.31
N ALA E 123 -57.79 26.44 -63.76
CA ALA E 123 -58.17 27.83 -63.52
C ALA E 123 -59.32 28.24 -64.43
N SER E 124 -59.92 29.39 -64.12
CA SER E 124 -61.12 29.82 -64.83
C SER E 124 -60.83 30.24 -66.25
N GLU E 125 -59.62 30.77 -66.49
CA GLU E 125 -59.25 31.19 -67.84
C GLU E 125 -59.19 30.02 -68.79
N ALA E 126 -58.71 28.87 -68.32
CA ALA E 126 -58.66 27.67 -69.16
C ALA E 126 -60.05 27.16 -69.48
N LEU E 127 -60.96 27.23 -68.50
CA LEU E 127 -62.35 26.83 -68.76
C LEU E 127 -63.02 27.75 -69.78
N SER E 128 -62.75 29.06 -69.67
CA SER E 128 -63.28 30.00 -70.65
C SER E 128 -62.69 29.73 -72.04
N LEU E 129 -61.42 29.36 -72.09
CA LEU E 129 -60.78 29.13 -73.38
C LEU E 129 -61.21 27.81 -74.00
N LEU E 130 -61.57 26.82 -73.18
CA LEU E 130 -62.01 25.53 -73.68
C LEU E 130 -63.52 25.40 -73.79
N SER E 131 -64.28 26.43 -73.42
CA SER E 131 -65.73 26.41 -73.59
C SER E 131 -66.14 27.14 -74.87
N ASN E 132 -65.36 26.98 -75.94
CA ASN E 132 -65.68 27.62 -77.21
C ASN E 132 -66.75 26.81 -77.97
N THR E 133 -66.42 25.57 -78.33
CA THR E 133 -67.26 24.65 -79.10
C THR E 133 -67.66 25.27 -80.46
N TYR E 134 -66.62 25.45 -81.28
CA TYR E 134 -66.74 25.83 -82.70
C TYR E 134 -67.35 27.22 -82.87
N VAL E 135 -66.83 28.19 -82.11
CA VAL E 135 -67.20 29.59 -82.27
C VAL E 135 -65.93 30.39 -82.55
N ASP E 136 -64.80 29.89 -82.08
CA ASP E 136 -63.52 30.58 -82.15
C ASP E 136 -62.55 29.79 -83.02
N GLY E 137 -61.28 30.19 -83.00
CA GLY E 137 -60.30 29.63 -83.92
C GLY E 137 -59.36 30.66 -84.50
N THR E 138 -59.30 31.85 -83.90
CA THR E 138 -58.38 32.90 -84.35
C THR E 138 -56.93 32.50 -84.06
N GLU E 139 -56.01 33.32 -84.56
CA GLU E 139 -54.59 33.01 -84.56
C GLU E 139 -53.87 33.50 -83.30
N ILE E 140 -54.59 34.10 -82.36
CA ILE E 140 -54.01 34.55 -81.10
C ILE E 140 -54.51 33.72 -79.93
N ASP E 141 -55.78 33.30 -79.96
CA ASP E 141 -56.31 32.43 -78.92
C ASP E 141 -55.94 30.97 -79.14
N SER E 142 -55.49 30.60 -80.34
CA SER E 142 -55.08 29.23 -80.59
C SER E 142 -53.84 28.87 -79.77
N SER E 143 -52.89 29.81 -79.66
CA SER E 143 -51.69 29.55 -78.86
C SER E 143 -52.03 29.38 -77.38
N LEU E 144 -52.94 30.22 -76.86
CA LEU E 144 -53.33 30.10 -75.47
C LEU E 144 -54.15 28.83 -75.22
N ARG E 145 -54.97 28.43 -76.19
CA ARG E 145 -55.70 27.17 -76.07
C ARG E 145 -54.75 25.98 -76.06
N ILE E 146 -53.72 26.02 -76.90
CA ILE E 146 -52.73 24.96 -76.91
C ILE E 146 -51.97 24.91 -75.59
N ARG E 147 -51.63 26.08 -75.05
CA ARG E 147 -50.99 26.14 -73.73
C ARG E 147 -51.89 25.57 -72.65
N ALA E 148 -53.20 25.84 -72.73
CA ALA E 148 -54.13 25.35 -71.71
C ALA E 148 -54.27 23.83 -71.77
N ILE E 149 -54.43 23.27 -72.97
CA ILE E 149 -54.59 21.82 -73.06
C ILE E 149 -53.29 21.11 -72.71
N GLN E 150 -52.15 21.72 -73.03
CA GLN E 150 -50.87 21.11 -72.67
C GLN E 150 -50.66 21.13 -71.16
N GLN E 151 -51.04 22.22 -70.51
CA GLN E 151 -50.95 22.29 -69.05
C GLN E 151 -51.88 21.28 -68.39
N MET E 152 -53.09 21.12 -68.92
CA MET E 152 -54.04 20.17 -68.34
C MET E 152 -53.54 18.73 -68.51
N ALA E 153 -52.96 18.39 -69.66
CA ALA E 153 -52.43 17.05 -69.87
C ALA E 153 -51.22 16.79 -68.97
N ARG E 154 -50.32 17.78 -68.86
CA ARG E 154 -49.14 17.64 -68.02
C ARG E 154 -49.52 17.50 -66.55
N ASN E 155 -50.61 18.16 -66.15
CA ASN E 155 -51.13 18.01 -64.80
C ASN E 155 -51.75 16.62 -64.58
N LEU E 156 -52.55 16.16 -65.55
CA LEU E 156 -53.25 14.89 -65.42
C LEU E 156 -52.28 13.72 -65.35
N ARG E 157 -51.15 13.83 -66.05
CA ARG E 157 -50.15 12.76 -66.00
C ARG E 157 -49.58 12.57 -64.61
N THR E 158 -49.27 13.67 -63.92
CA THR E 158 -48.74 13.55 -62.55
C THR E 158 -49.83 13.11 -61.58
N VAL E 159 -51.08 13.53 -61.82
CA VAL E 159 -52.18 13.06 -60.96
C VAL E 159 -52.36 11.56 -61.08
N LEU E 160 -52.27 11.02 -62.30
CA LEU E 160 -52.35 9.57 -62.47
C LEU E 160 -51.11 8.87 -61.92
N ASP E 161 -49.96 9.56 -61.94
CA ASP E 161 -48.75 9.03 -61.35
C ASP E 161 -48.91 8.86 -59.83
N SER E 162 -49.65 9.78 -59.22
CA SER E 162 -49.72 9.84 -57.75
C SER E 162 -50.31 8.59 -57.13
N PHE E 163 -51.23 7.90 -57.81
CA PHE E 163 -51.81 6.70 -57.23
C PHE E 163 -50.80 5.56 -57.18
N GLU E 164 -50.05 5.36 -58.26
CA GLU E 164 -49.00 4.36 -58.27
C GLU E 164 -47.86 4.73 -57.33
N ARG E 165 -47.68 6.02 -57.06
CA ARG E 165 -46.67 6.43 -56.10
C ARG E 165 -47.17 6.33 -54.67
N GLY E 166 -48.47 6.35 -54.44
CA GLY E 166 -49.02 6.30 -53.09
C GLY E 166 -49.45 4.93 -52.63
N THR E 167 -49.53 3.99 -53.57
CA THR E 167 -49.77 2.60 -53.20
C THR E 167 -48.66 2.07 -52.30
N ALA E 168 -47.41 2.43 -52.62
CA ALA E 168 -46.28 2.03 -51.78
C ALA E 168 -46.35 2.70 -50.41
N ASP E 169 -46.83 3.94 -50.35
CA ASP E 169 -47.02 4.60 -49.06
C ASP E 169 -48.04 3.88 -48.21
N GLN E 170 -49.16 3.48 -48.80
CA GLN E 170 -50.17 2.77 -48.01
C GLN E 170 -49.68 1.40 -47.56
N LEU E 171 -48.90 0.71 -48.41
CA LEU E 171 -48.33 -0.56 -48.00
C LEU E 171 -47.34 -0.39 -46.86
N LEU E 172 -46.52 0.67 -46.90
CA LEU E 172 -45.61 0.93 -45.79
C LEU E 172 -46.39 1.27 -44.53
N GLY E 173 -47.49 2.00 -44.66
CA GLY E 173 -48.30 2.32 -43.49
C GLY E 173 -48.88 1.10 -42.81
N VAL E 174 -49.46 0.19 -43.60
CA VAL E 174 -50.05 -1.00 -42.98
C VAL E 174 -48.96 -1.93 -42.47
N LEU E 175 -47.80 -1.95 -43.11
CA LEU E 175 -46.74 -2.85 -42.64
C LEU E 175 -46.07 -2.34 -41.38
N LEU E 176 -45.97 -1.02 -41.18
CA LEU E 176 -45.52 -0.55 -39.88
C LEU E 176 -46.59 -0.71 -38.80
N GLU E 177 -47.88 -0.52 -39.12
CA GLU E 177 -48.83 -0.74 -38.04
C GLU E 177 -49.12 -2.22 -37.80
N LYS E 178 -48.59 -3.11 -38.64
CA LYS E 178 -48.78 -4.54 -38.50
C LYS E 178 -47.61 -5.26 -37.83
N ALA E 179 -46.52 -4.57 -37.55
CA ALA E 179 -45.28 -5.24 -37.17
C ALA E 179 -44.95 -4.98 -35.71
N PRO E 180 -44.81 -6.02 -34.89
CA PRO E 180 -44.30 -5.85 -33.53
C PRO E 180 -42.79 -5.71 -33.56
N PRO E 181 -42.18 -5.21 -32.48
CA PRO E 181 -40.72 -5.07 -32.48
C PRO E 181 -40.01 -6.40 -32.50
N LEU E 182 -38.78 -6.39 -33.02
CA LEU E 182 -37.97 -7.59 -33.02
C LEU E 182 -37.57 -8.00 -31.60
N SER E 183 -37.25 -7.01 -30.76
CA SER E 183 -36.75 -7.30 -29.42
C SER E 183 -37.80 -7.91 -28.50
N LEU E 184 -39.07 -7.92 -28.91
CA LEU E 184 -40.08 -8.68 -28.18
C LEU E 184 -40.52 -9.93 -28.92
N LEU E 185 -40.51 -9.93 -30.25
CA LEU E 185 -40.94 -11.11 -30.99
C LEU E 185 -39.92 -12.23 -30.89
N SER E 186 -38.63 -11.89 -30.90
CA SER E 186 -37.59 -12.91 -30.90
C SER E 186 -37.53 -13.76 -29.62
N PRO E 187 -37.58 -13.21 -28.40
CA PRO E 187 -37.58 -14.11 -27.23
C PRO E 187 -38.91 -14.78 -26.93
N ILE E 188 -40.03 -14.27 -27.45
CA ILE E 188 -41.29 -15.00 -27.29
C ILE E 188 -41.28 -16.28 -28.09
N ASN E 189 -40.82 -16.22 -29.35
CA ASN E 189 -40.77 -17.41 -30.19
C ASN E 189 -39.61 -18.33 -29.86
N LYS E 190 -38.73 -17.97 -28.94
CA LYS E 190 -37.59 -18.80 -28.57
C LYS E 190 -37.75 -19.42 -27.20
N PHE E 191 -38.03 -18.61 -26.16
CA PHE E 191 -38.03 -19.13 -24.80
C PHE E 191 -39.21 -20.05 -24.50
N GLN E 192 -40.44 -19.57 -24.65
CA GLN E 192 -41.59 -20.42 -24.36
C GLN E 192 -41.74 -21.42 -25.51
N PRO E 193 -42.00 -22.69 -25.21
CA PRO E 193 -42.17 -23.66 -26.32
C PRO E 193 -43.42 -23.43 -27.14
N GLU E 194 -44.60 -23.45 -26.51
CA GLU E 194 -45.86 -23.29 -27.21
C GLU E 194 -46.68 -22.15 -26.63
N GLY E 195 -46.81 -22.06 -25.32
CA GLY E 195 -47.65 -21.09 -24.64
C GLY E 195 -48.22 -21.72 -23.39
N HIS E 196 -49.23 -21.04 -22.84
CA HIS E 196 -49.94 -21.44 -21.61
C HIS E 196 -48.97 -21.62 -20.46
N LEU E 197 -48.07 -20.65 -20.33
CA LEU E 197 -47.06 -20.68 -19.28
C LEU E 197 -47.67 -20.40 -17.93
N ASN E 198 -46.99 -20.89 -16.88
CA ASN E 198 -47.34 -20.57 -15.51
C ASN E 198 -46.78 -19.19 -15.13
N ARG E 199 -46.87 -18.87 -13.84
CA ARG E 199 -46.43 -17.54 -13.39
C ARG E 199 -44.93 -17.39 -13.43
N VAL E 200 -44.20 -18.45 -13.05
CA VAL E 200 -42.76 -18.35 -12.85
C VAL E 200 -42.04 -18.20 -14.19
N ALA E 201 -42.39 -19.03 -15.16
CA ALA E 201 -41.76 -18.94 -16.48
C ALA E 201 -42.11 -17.63 -17.16
N ARG E 202 -43.34 -17.15 -16.97
CA ARG E 202 -43.73 -15.86 -17.52
C ARG E 202 -42.95 -14.72 -16.88
N ALA E 203 -42.73 -14.78 -15.57
CA ALA E 203 -41.97 -13.72 -14.90
C ALA E 203 -40.52 -13.70 -15.36
N ALA E 204 -39.91 -14.88 -15.51
CA ALA E 204 -38.53 -14.94 -16.01
C ALA E 204 -38.45 -14.45 -17.45
N LEU E 205 -39.48 -14.77 -18.25
CA LEU E 205 -39.54 -14.29 -19.63
C LEU E 205 -39.64 -12.78 -19.68
N LEU E 206 -40.45 -12.17 -18.81
CA LEU E 206 -40.58 -10.71 -18.83
C LEU E 206 -39.32 -10.02 -18.34
N SER E 207 -38.60 -10.63 -17.39
CA SER E 207 -37.30 -10.08 -17.00
C SER E 207 -36.32 -10.12 -18.17
N ASP E 208 -36.32 -11.22 -18.91
CA ASP E 208 -35.46 -11.31 -20.09
C ASP E 208 -35.86 -10.30 -21.15
N LEU E 209 -37.18 -10.06 -21.29
CA LEU E 209 -37.66 -9.05 -22.24
C LEU E 209 -37.19 -7.66 -21.87
N LYS E 210 -37.24 -7.32 -20.58
CA LYS E 210 -36.79 -5.99 -20.15
C LYS E 210 -35.30 -5.82 -20.39
N ARG E 211 -34.52 -6.88 -20.15
CA ARG E 211 -33.09 -6.83 -20.44
C ARG E 211 -32.83 -6.68 -21.94
N ARG E 212 -33.63 -7.36 -22.77
CA ARG E 212 -33.43 -7.28 -24.21
C ARG E 212 -33.81 -5.91 -24.77
N VAL E 213 -34.84 -5.28 -24.19
CA VAL E 213 -35.21 -3.93 -24.61
C VAL E 213 -34.11 -2.94 -24.22
N CYS E 214 -33.59 -3.05 -22.99
CA CYS E 214 -32.51 -2.15 -22.58
C CYS E 214 -31.24 -2.37 -23.40
N ALA E 215 -31.00 -3.60 -23.86
CA ALA E 215 -29.75 -3.91 -24.55
C ALA E 215 -29.83 -3.59 -26.04
N ASP E 216 -30.81 -4.18 -26.74
CA ASP E 216 -30.78 -4.24 -28.20
C ASP E 216 -31.88 -3.34 -28.78
N MET E 217 -31.58 -2.04 -28.88
CA MET E 217 -32.50 -1.13 -29.51
C MET E 217 -31.84 -0.20 -30.53
N PHE E 218 -30.54 0.06 -30.39
CA PHE E 218 -29.84 0.94 -31.31
C PHE E 218 -28.65 0.21 -31.91
N PHE E 219 -28.91 -0.97 -32.47
CA PHE E 219 -27.85 -1.96 -32.66
C PHE E 219 -26.88 -1.55 -33.77
N MET E 220 -27.33 -0.75 -34.73
CA MET E 220 -26.50 -0.38 -35.87
C MET E 220 -25.64 0.84 -35.61
N THR E 221 -25.94 1.63 -34.59
CA THR E 221 -25.09 2.74 -34.21
C THR E 221 -24.29 2.46 -32.95
N ARG E 222 -24.53 1.33 -32.29
CA ARG E 222 -23.74 0.93 -31.14
C ARG E 222 -22.62 -0.03 -31.54
N HIS E 223 -22.98 -1.19 -32.09
CA HIS E 223 -22.01 -2.12 -32.64
C HIS E 223 -21.82 -1.95 -34.14
N ALA E 224 -21.48 -0.73 -34.55
CA ALA E 224 -21.22 -0.47 -35.97
C ALA E 224 -19.85 -1.01 -36.40
N ARG E 225 -18.95 -1.21 -35.45
CA ARG E 225 -17.57 -1.58 -35.80
C ARG E 225 -17.43 -3.06 -36.08
N GLU E 226 -18.47 -3.86 -35.85
CA GLU E 226 -18.39 -5.30 -36.06
C GLU E 226 -19.34 -5.73 -37.17
N PRO E 227 -18.86 -5.95 -38.40
CA PRO E 227 -19.72 -6.47 -39.47
C PRO E 227 -20.32 -7.84 -39.24
N ARG E 228 -19.84 -8.62 -38.27
CA ARG E 228 -20.32 -9.98 -38.09
C ARG E 228 -21.56 -10.07 -37.22
N LEU E 229 -21.75 -9.17 -36.27
CA LEU E 229 -22.93 -9.21 -35.41
C LEU E 229 -24.18 -8.76 -36.17
N ILE E 230 -24.02 -7.84 -37.12
CA ILE E 230 -25.16 -7.34 -37.88
C ILE E 230 -25.72 -8.43 -38.78
N SER E 231 -24.84 -9.13 -39.50
CA SER E 231 -25.28 -10.31 -40.23
C SER E 231 -25.66 -11.45 -39.31
N ALA E 232 -25.32 -11.38 -38.03
CA ALA E 232 -25.76 -12.38 -37.08
C ALA E 232 -27.16 -12.12 -36.56
N TYR E 233 -27.66 -10.88 -36.57
CA TYR E 233 -29.06 -10.79 -36.17
C TYR E 233 -29.98 -10.59 -37.35
N LEU E 234 -29.43 -10.26 -38.53
CA LEU E 234 -30.29 -10.15 -39.71
C LEU E 234 -30.88 -11.50 -40.09
N SER E 235 -30.06 -12.56 -40.01
CA SER E 235 -30.59 -13.90 -40.21
C SER E 235 -31.51 -14.32 -39.08
N ASP E 236 -31.33 -13.73 -37.90
CA ASP E 236 -32.26 -13.99 -36.80
C ASP E 236 -33.61 -13.33 -37.06
N MET E 237 -33.59 -12.09 -37.53
CA MET E 237 -34.82 -11.35 -37.79
C MET E 237 -35.58 -11.95 -38.96
N VAL E 238 -34.86 -12.39 -39.99
CA VAL E 238 -35.51 -13.04 -41.12
C VAL E 238 -36.10 -14.39 -40.70
N SER E 239 -35.32 -15.20 -39.99
CA SER E 239 -35.80 -16.53 -39.59
C SER E 239 -36.43 -16.50 -38.20
N CYS E 240 -37.37 -15.59 -37.98
CA CYS E 240 -38.16 -15.58 -36.75
C CYS E 240 -39.62 -15.29 -37.00
N THR E 241 -40.01 -14.94 -38.21
CA THR E 241 -41.39 -14.69 -38.57
C THR E 241 -41.89 -15.76 -39.52
N GLN E 242 -43.14 -16.13 -39.35
CA GLN E 242 -43.71 -17.27 -40.06
C GLN E 242 -44.01 -16.91 -41.51
N PRO E 243 -43.93 -17.88 -42.41
CA PRO E 243 -44.33 -17.61 -43.80
C PRO E 243 -45.84 -17.58 -43.97
N SER E 244 -46.29 -17.49 -45.21
CA SER E 244 -47.71 -17.35 -45.53
C SER E 244 -48.12 -18.38 -46.56
N VAL E 245 -49.29 -18.18 -47.16
CA VAL E 245 -49.91 -19.20 -48.01
C VAL E 245 -49.07 -19.47 -49.26
N MET E 246 -49.32 -20.62 -49.88
CA MET E 246 -48.54 -21.10 -51.00
C MET E 246 -49.30 -20.96 -52.32
N VAL E 247 -50.57 -20.57 -52.28
CA VAL E 247 -51.37 -20.43 -53.49
C VAL E 247 -50.86 -19.24 -54.31
N SER E 248 -50.57 -19.50 -55.58
CA SER E 248 -50.01 -18.52 -56.49
C SER E 248 -50.18 -19.04 -57.92
N ARG E 249 -50.04 -18.13 -58.87
CA ARG E 249 -49.94 -18.48 -60.28
C ARG E 249 -48.59 -18.13 -60.86
N ILE E 250 -48.18 -16.87 -60.75
CA ILE E 250 -46.85 -16.41 -61.10
C ILE E 250 -46.36 -15.50 -59.99
N THR E 251 -45.08 -15.64 -59.63
CA THR E 251 -44.54 -14.96 -58.46
C THR E 251 -43.22 -14.31 -58.83
N HIS E 252 -42.65 -13.59 -57.87
CA HIS E 252 -41.38 -12.89 -58.07
C HIS E 252 -40.24 -13.89 -57.97
N THR E 253 -39.31 -13.82 -58.92
CA THR E 253 -38.16 -14.72 -58.93
C THR E 253 -36.96 -14.00 -59.53
N ASN E 254 -35.78 -14.59 -59.34
CA ASN E 254 -34.56 -14.03 -59.90
C ASN E 254 -34.38 -14.51 -61.33
N THR E 255 -33.19 -14.28 -61.89
CA THR E 255 -32.89 -14.73 -63.25
C THR E 255 -32.82 -16.24 -63.32
N ARG E 256 -32.17 -16.87 -62.33
CA ARG E 256 -31.97 -18.32 -62.36
C ARG E 256 -33.29 -19.06 -62.18
N GLY E 257 -34.11 -18.63 -61.24
CA GLY E 257 -35.39 -19.26 -61.03
C GLY E 257 -35.73 -19.51 -59.58
N ARG E 258 -34.84 -19.11 -58.68
CA ARG E 258 -35.10 -19.29 -57.25
C ARG E 258 -36.10 -18.26 -56.78
N GLN E 259 -37.17 -18.73 -56.14
CA GLN E 259 -38.25 -17.85 -55.71
C GLN E 259 -37.83 -17.04 -54.51
N VAL E 260 -38.16 -15.75 -54.52
CA VAL E 260 -37.78 -14.86 -53.43
C VAL E 260 -38.73 -15.08 -52.26
N ASP E 261 -38.36 -14.54 -51.10
CA ASP E 261 -39.10 -14.81 -49.87
C ASP E 261 -39.66 -13.57 -49.19
N GLY E 262 -39.11 -12.38 -49.45
CA GLY E 262 -39.65 -11.21 -48.81
C GLY E 262 -38.92 -9.95 -49.24
N VAL E 263 -39.34 -8.84 -48.65
CA VAL E 263 -38.71 -7.54 -48.88
C VAL E 263 -38.23 -7.00 -47.54
N LEU E 264 -37.04 -6.40 -47.54
CA LEU E 264 -36.41 -5.87 -46.33
C LEU E 264 -36.14 -4.40 -46.59
N VAL E 265 -37.08 -3.54 -46.21
CA VAL E 265 -37.05 -2.13 -46.58
C VAL E 265 -36.30 -1.34 -45.52
N THR E 266 -35.38 -0.49 -45.96
CA THR E 266 -34.49 0.27 -45.09
C THR E 266 -34.48 1.73 -45.53
N THR E 267 -33.64 2.52 -44.87
CA THR E 267 -33.22 3.83 -45.34
C THR E 267 -32.06 3.63 -46.31
N ALA E 268 -31.73 4.68 -47.07
CA ALA E 268 -30.63 4.59 -48.03
C ALA E 268 -29.29 4.36 -47.33
N THR E 269 -29.08 5.02 -46.18
CA THR E 269 -27.83 4.85 -45.44
C THR E 269 -27.68 3.44 -44.92
N LEU E 270 -28.77 2.86 -44.42
CA LEU E 270 -28.72 1.47 -43.96
C LEU E 270 -28.50 0.51 -45.13
N LYS E 271 -29.07 0.82 -46.30
CA LYS E 271 -28.82 -0.01 -47.47
C LYS E 271 -27.34 0.03 -47.86
N ARG E 272 -26.74 1.22 -47.78
CA ARG E 272 -25.31 1.33 -48.07
C ARG E 272 -24.47 0.54 -47.08
N GLN E 273 -24.80 0.64 -45.78
CA GLN E 273 -24.03 -0.10 -44.77
C GLN E 273 -24.19 -1.61 -44.94
N LEU E 274 -25.39 -2.07 -45.33
CA LEU E 274 -25.57 -3.50 -45.57
C LEU E 274 -24.85 -3.96 -46.81
N LEU E 275 -24.76 -3.11 -47.84
CA LEU E 275 -24.12 -3.57 -49.07
C LEU E 275 -22.62 -3.30 -49.14
N GLN E 276 -22.04 -2.61 -48.15
CA GLN E 276 -20.58 -2.51 -48.13
C GLN E 276 -19.93 -3.87 -47.89
N GLY E 277 -20.05 -4.41 -46.68
CA GLY E 277 -19.34 -5.63 -46.37
C GLY E 277 -20.10 -6.64 -45.52
N ILE E 278 -21.35 -6.35 -45.20
CA ILE E 278 -22.11 -7.20 -44.30
C ILE E 278 -22.86 -8.27 -45.09
N LEU E 279 -23.58 -7.85 -46.12
CA LEU E 279 -24.39 -8.73 -46.94
C LEU E 279 -23.73 -8.95 -48.30
N GLN E 280 -24.13 -10.02 -48.96
CA GLN E 280 -23.63 -10.35 -50.28
C GLN E 280 -24.77 -10.32 -51.30
N ILE E 281 -24.44 -9.90 -52.52
CA ILE E 281 -25.47 -9.71 -53.54
C ILE E 281 -25.62 -10.99 -54.36
N ASP E 282 -26.86 -11.47 -54.49
CA ASP E 282 -27.13 -12.66 -55.29
C ASP E 282 -27.37 -12.29 -56.75
N ASP E 283 -28.19 -11.29 -57.01
CA ASP E 283 -28.56 -10.96 -58.37
C ASP E 283 -28.87 -9.48 -58.42
N THR E 284 -28.81 -8.91 -59.62
CA THR E 284 -29.06 -7.49 -59.82
C THR E 284 -30.33 -7.21 -60.61
N ALA E 285 -30.95 -8.24 -61.19
CA ALA E 285 -32.21 -8.08 -61.90
C ALA E 285 -33.15 -9.19 -61.48
N ALA E 286 -34.44 -8.87 -61.43
CA ALA E 286 -35.44 -9.79 -60.93
C ALA E 286 -36.64 -9.81 -61.86
N ASP E 287 -37.36 -10.93 -61.84
CA ASP E 287 -38.56 -11.10 -62.66
C ASP E 287 -39.79 -10.85 -61.79
N VAL E 288 -40.64 -9.92 -62.22
CA VAL E 288 -41.81 -9.53 -61.45
C VAL E 288 -43.06 -9.75 -62.30
N PRO E 289 -44.22 -9.99 -61.71
CA PRO E 289 -45.45 -10.03 -62.49
C PRO E 289 -45.84 -8.64 -62.99
N VAL E 290 -46.63 -8.63 -64.06
CA VAL E 290 -47.06 -7.38 -64.69
C VAL E 290 -48.56 -7.17 -64.64
N THR E 291 -49.34 -8.17 -64.25
CA THR E 291 -50.79 -8.06 -64.21
C THR E 291 -51.30 -8.23 -62.79
N TYR E 292 -52.36 -7.51 -62.47
CA TYR E 292 -52.97 -7.62 -61.14
C TYR E 292 -53.71 -8.93 -60.98
N GLY E 293 -54.71 -9.17 -61.82
CA GLY E 293 -55.59 -10.30 -61.65
C GLY E 293 -56.89 -9.88 -61.00
N GLU E 294 -57.94 -9.78 -61.80
CA GLU E 294 -59.21 -9.25 -61.33
C GLU E 294 -60.25 -10.36 -61.19
N MET E 295 -61.35 -10.02 -60.52
CA MET E 295 -62.52 -10.88 -60.56
C MET E 295 -63.76 -9.99 -60.61
N VAL E 296 -64.84 -10.53 -61.15
CA VAL E 296 -66.14 -9.88 -61.11
C VAL E 296 -67.16 -10.92 -60.63
N LEU E 297 -68.25 -10.43 -60.06
CA LEU E 297 -69.33 -11.28 -59.60
C LEU E 297 -70.46 -11.23 -60.63
N GLN E 298 -70.92 -12.40 -61.05
CA GLN E 298 -71.90 -12.51 -62.12
C GLN E 298 -72.58 -13.86 -62.04
N GLY E 299 -73.75 -13.93 -62.66
CA GLY E 299 -74.47 -15.20 -62.75
C GLY E 299 -75.05 -15.63 -61.42
N THR E 300 -74.75 -16.87 -61.04
CA THR E 300 -75.32 -17.44 -59.82
C THR E 300 -74.78 -16.75 -58.57
N ASN E 301 -73.53 -16.28 -58.62
CA ASN E 301 -72.99 -15.53 -57.49
C ASN E 301 -73.69 -14.19 -57.35
N LEU E 302 -73.98 -13.54 -58.48
CA LEU E 302 -74.70 -12.27 -58.45
C LEU E 302 -76.12 -12.44 -57.93
N VAL E 303 -76.82 -13.50 -58.38
CA VAL E 303 -78.20 -13.67 -57.93
C VAL E 303 -78.24 -14.07 -56.47
N THR E 304 -77.21 -14.78 -55.98
CA THR E 304 -77.12 -15.08 -54.56
C THR E 304 -76.88 -13.80 -53.76
N ALA E 305 -75.98 -12.94 -54.25
CA ALA E 305 -75.70 -11.69 -53.53
C ALA E 305 -76.87 -10.73 -53.56
N LEU E 306 -77.70 -10.80 -54.59
CA LEU E 306 -78.85 -9.90 -54.69
C LEU E 306 -80.06 -10.41 -53.91
N VAL E 307 -80.30 -11.71 -53.89
CA VAL E 307 -81.46 -12.24 -53.18
C VAL E 307 -81.14 -12.66 -51.75
N MET E 308 -80.18 -13.55 -51.55
CA MET E 308 -79.85 -14.03 -50.22
C MET E 308 -78.95 -13.09 -49.44
N GLY E 309 -78.13 -12.30 -50.12
CA GLY E 309 -77.28 -11.33 -49.47
C GLY E 309 -75.88 -11.80 -49.14
N LYS E 310 -75.42 -12.90 -49.71
CA LYS E 310 -74.09 -13.43 -49.45
C LYS E 310 -73.43 -13.84 -50.75
N ALA E 311 -72.11 -13.96 -50.73
CA ALA E 311 -71.34 -14.34 -51.92
C ALA E 311 -70.06 -15.01 -51.47
N VAL E 312 -69.46 -15.82 -52.34
CA VAL E 312 -68.14 -16.37 -52.09
C VAL E 312 -67.31 -16.19 -53.35
N ARG E 313 -66.01 -16.38 -53.20
CA ARG E 313 -65.13 -16.41 -54.37
C ARG E 313 -65.35 -17.70 -55.15
N ASN E 352 -43.79 -12.37 -67.40
CA ASN E 352 -42.96 -11.62 -66.49
C ASN E 352 -42.13 -10.59 -67.26
N ALA E 353 -41.55 -9.65 -66.52
CA ALA E 353 -40.71 -8.61 -67.10
C ALA E 353 -39.45 -8.46 -66.25
N ARG E 354 -38.37 -8.00 -66.89
CA ARG E 354 -37.12 -7.80 -66.19
C ARG E 354 -37.09 -6.42 -65.56
N VAL E 355 -36.69 -6.36 -64.29
CA VAL E 355 -36.62 -5.10 -63.56
C VAL E 355 -35.28 -5.02 -62.85
N PRO E 356 -34.52 -3.93 -62.99
CA PRO E 356 -33.26 -3.78 -62.26
C PRO E 356 -33.51 -3.53 -60.78
N ALA E 357 -33.24 -4.54 -59.96
CA ALA E 357 -33.42 -4.44 -58.52
C ALA E 357 -32.48 -5.42 -57.85
N ASP E 358 -31.87 -4.99 -56.75
CA ASP E 358 -30.85 -5.78 -56.09
C ASP E 358 -31.47 -6.77 -55.09
N LEU E 359 -30.95 -7.99 -55.10
CA LEU E 359 -31.39 -9.04 -54.20
C LEU E 359 -30.20 -9.54 -53.40
N VAL E 360 -30.41 -9.70 -52.09
CA VAL E 360 -29.37 -10.19 -51.20
C VAL E 360 -29.85 -11.49 -50.57
N ILE E 361 -28.91 -12.29 -50.08
CA ILE E 361 -29.20 -13.56 -49.46
C ILE E 361 -28.78 -13.50 -47.99
N VAL E 362 -29.73 -13.77 -47.10
CA VAL E 362 -29.50 -13.81 -45.66
C VAL E 362 -30.07 -15.11 -45.12
N GLY E 363 -29.33 -15.74 -44.21
CA GLY E 363 -29.71 -17.04 -43.67
C GLY E 363 -29.78 -18.09 -44.75
N ASP E 364 -31.01 -18.48 -45.10
CA ASP E 364 -31.25 -19.32 -46.27
C ASP E 364 -32.28 -18.71 -47.21
N LYS E 365 -32.79 -17.54 -46.87
CA LYS E 365 -33.89 -16.91 -47.59
C LYS E 365 -33.35 -15.81 -48.49
N LEU E 366 -33.81 -15.81 -49.74
CA LEU E 366 -33.46 -14.76 -50.69
C LEU E 366 -34.49 -13.65 -50.61
N VAL E 367 -34.05 -12.45 -50.22
CA VAL E 367 -34.95 -11.33 -49.98
C VAL E 367 -34.59 -10.17 -50.89
N PHE E 368 -35.58 -9.33 -51.17
CA PHE E 368 -35.31 -8.05 -51.81
C PHE E 368 -34.62 -7.11 -50.83
N LEU E 369 -33.95 -6.10 -51.36
CA LEU E 369 -33.37 -5.04 -50.55
C LEU E 369 -33.85 -3.72 -51.14
N GLU E 370 -34.73 -3.04 -50.42
CA GLU E 370 -35.32 -1.79 -50.88
C GLU E 370 -34.95 -0.67 -49.93
N ALA E 371 -34.60 0.48 -50.48
CA ALA E 371 -34.38 1.71 -49.74
C ALA E 371 -35.04 2.86 -50.48
N LEU E 372 -36.32 2.67 -50.79
CA LEU E 372 -37.02 3.51 -51.76
C LEU E 372 -37.21 4.92 -51.18
N GLU E 373 -36.31 5.81 -51.59
CA GLU E 373 -36.33 7.21 -51.21
C GLU E 373 -36.03 8.14 -52.38
N ARG E 374 -35.36 7.66 -53.43
CA ARG E 374 -35.15 8.46 -54.62
C ARG E 374 -36.29 8.30 -55.63
N ARG E 375 -36.82 7.08 -55.79
CA ARG E 375 -37.92 6.88 -56.74
C ARG E 375 -39.21 7.51 -56.23
N VAL E 376 -39.56 7.22 -54.98
CA VAL E 376 -40.74 7.77 -54.33
C VAL E 376 -40.25 8.54 -53.12
N TYR E 377 -41.12 9.38 -52.55
CA TYR E 377 -40.81 10.30 -51.45
C TYR E 377 -39.71 11.30 -51.80
N GLN E 378 -39.53 11.66 -53.07
CA GLN E 378 -38.51 12.60 -53.47
C GLN E 378 -39.15 13.78 -54.18
N ALA E 379 -38.67 15.00 -53.87
CA ALA E 379 -39.16 16.25 -54.43
C ALA E 379 -40.65 16.44 -54.22
N THR E 380 -41.12 16.06 -53.04
CA THR E 380 -42.53 16.15 -52.66
C THR E 380 -42.63 16.76 -51.27
N ARG E 381 -43.84 16.78 -50.72
CA ARG E 381 -44.08 17.42 -49.44
C ARG E 381 -44.38 16.45 -48.31
N VAL E 382 -44.17 15.15 -48.50
CA VAL E 382 -44.57 14.15 -47.52
C VAL E 382 -43.32 13.69 -46.78
N ALA E 383 -43.49 13.28 -45.53
CA ALA E 383 -42.37 12.75 -44.76
C ALA E 383 -42.24 11.25 -44.99
N TYR E 384 -41.02 10.82 -45.22
CA TYR E 384 -40.72 9.41 -45.39
C TYR E 384 -40.91 8.67 -44.08
N PRO E 385 -41.63 7.54 -44.06
CA PRO E 385 -41.61 6.67 -42.88
C PRO E 385 -40.27 5.98 -42.72
N LEU E 386 -40.16 5.12 -41.70
CA LEU E 386 -38.89 4.54 -41.20
C LEU E 386 -37.94 5.61 -40.68
N ILE E 387 -38.44 6.81 -40.39
CA ILE E 387 -37.69 7.85 -39.70
C ILE E 387 -38.47 8.09 -38.42
N GLY E 388 -39.00 7.01 -37.85
CA GLY E 388 -39.90 7.12 -36.72
C GLY E 388 -39.21 7.60 -35.46
N ASN E 389 -40.02 8.03 -34.51
CA ASN E 389 -39.57 8.65 -33.28
C ASN E 389 -39.82 7.71 -32.12
N ILE E 390 -39.00 7.83 -31.07
CA ILE E 390 -39.20 7.04 -29.86
C ILE E 390 -39.24 7.99 -28.68
N ASP E 391 -39.77 7.50 -27.56
CA ASP E 391 -39.91 8.28 -26.34
C ASP E 391 -39.25 7.55 -25.18
N ILE E 392 -38.32 8.22 -24.51
CA ILE E 392 -37.59 7.67 -23.38
C ILE E 392 -37.73 8.62 -22.20
N THR E 393 -38.03 8.09 -21.02
CA THR E 393 -38.18 8.89 -19.82
C THR E 393 -36.97 8.71 -18.91
N PHE E 394 -36.48 9.81 -18.34
CA PHE E 394 -35.31 9.81 -17.47
C PHE E 394 -35.71 10.20 -16.06
N ILE E 395 -35.06 9.59 -15.07
CA ILE E 395 -35.40 9.77 -13.66
C ILE E 395 -34.14 10.05 -12.85
N MET E 396 -34.26 10.98 -11.89
CA MET E 396 -33.14 11.47 -11.10
C MET E 396 -33.66 11.94 -9.75
N PRO E 397 -33.04 11.55 -8.64
CA PRO E 397 -33.38 12.15 -7.36
C PRO E 397 -32.53 13.38 -7.06
N MET E 398 -33.09 14.29 -6.25
CA MET E 398 -32.43 15.57 -6.00
C MET E 398 -31.96 15.73 -4.56
N GLY E 399 -32.86 15.62 -3.58
CA GLY E 399 -32.49 15.97 -2.23
C GLY E 399 -32.20 14.81 -1.31
N VAL E 400 -31.87 13.64 -1.90
CA VAL E 400 -31.73 12.43 -1.11
C VAL E 400 -30.48 12.51 -0.26
N PHE E 401 -30.64 12.40 1.05
CA PHE E 401 -29.53 12.34 2.00
C PHE E 401 -29.41 10.90 2.47
N GLN E 402 -28.21 10.33 2.33
CA GLN E 402 -27.95 8.95 2.72
C GLN E 402 -27.99 8.85 4.24
N ALA E 403 -29.09 8.29 4.76
CA ALA E 403 -29.39 8.40 6.19
C ALA E 403 -28.48 7.50 7.04
N ASN E 404 -28.02 6.40 6.47
CA ASN E 404 -27.20 5.46 7.24
C ASN E 404 -25.81 6.03 7.45
N SER E 405 -25.33 5.98 8.69
CA SER E 405 -24.03 6.57 9.03
C SER E 405 -22.88 5.75 8.45
N MET E 406 -23.11 4.45 8.23
CA MET E 406 -22.10 3.63 7.57
C MET E 406 -21.99 3.99 6.09
N ASP E 407 -23.09 4.40 5.48
CA ASP E 407 -23.13 4.62 4.04
C ASP E 407 -22.37 5.87 3.62
N ARG E 408 -22.17 6.82 4.53
CA ARG E 408 -21.41 8.04 4.23
C ARG E 408 -19.91 7.78 4.44
N TYR E 409 -19.32 7.10 3.47
CA TYR E 409 -17.92 6.73 3.48
C TYR E 409 -17.19 7.43 2.34
N THR E 410 -15.89 7.63 2.51
CA THR E 410 -15.04 8.14 1.44
C THR E 410 -14.05 7.07 1.01
N ARG E 411 -13.73 7.05 -0.29
CA ARG E 411 -12.86 6.03 -0.84
C ARG E 411 -11.41 6.27 -0.46
N HIS E 412 -11.04 7.52 -0.23
CA HIS E 412 -9.68 7.89 0.14
C HIS E 412 -9.72 9.07 1.09
N ALA E 413 -8.58 9.35 1.72
CA ALA E 413 -8.54 10.40 2.73
C ALA E 413 -8.62 11.79 2.10
N GLY E 414 -7.64 12.14 1.28
CA GLY E 414 -7.64 13.44 0.63
C GLY E 414 -8.24 13.41 -0.76
N ASP E 415 -9.53 13.08 -0.87
CA ASP E 415 -10.16 12.97 -2.18
C ASP E 415 -10.54 14.33 -2.74
N PHE E 416 -11.41 15.06 -2.05
CA PHE E 416 -11.74 16.43 -2.42
C PHE E 416 -11.60 17.28 -1.17
N SER E 417 -10.39 17.72 -0.89
CA SER E 417 -10.14 18.53 0.29
C SER E 417 -10.36 20.00 -0.03
N THR E 418 -10.39 20.81 1.03
CA THR E 418 -10.67 22.24 0.88
C THR E 418 -9.70 23.08 1.72
N VAL E 419 -10.00 24.36 1.86
CA VAL E 419 -9.20 25.25 2.67
C VAL E 419 -9.84 25.53 4.04
N SER E 420 -11.17 25.52 4.14
CA SER E 420 -11.85 25.88 5.38
C SER E 420 -11.73 24.75 6.40
N GLU E 421 -12.04 25.08 7.66
CA GLU E 421 -11.99 24.10 8.73
C GLU E 421 -13.11 23.08 8.65
N GLN E 422 -14.20 23.40 7.95
CA GLN E 422 -15.32 22.48 7.75
C GLN E 422 -15.54 22.29 6.26
N ASP E 423 -15.43 21.06 5.80
CA ASP E 423 -15.64 20.78 4.39
C ASP E 423 -17.11 20.89 4.02
N PRO E 424 -17.44 21.44 2.85
CA PRO E 424 -18.85 21.60 2.51
C PRO E 424 -19.41 20.40 1.76
N ARG E 425 -19.14 19.20 2.24
CA ARG E 425 -19.67 18.00 1.62
C ARG E 425 -20.39 17.08 2.58
N GLN E 426 -20.22 17.26 3.90
CA GLN E 426 -21.05 16.55 4.85
C GLN E 426 -22.47 17.07 4.85
N PHE E 427 -22.68 18.29 4.36
CA PHE E 427 -23.99 18.90 4.34
C PHE E 427 -24.89 18.18 3.34
N PRO E 428 -26.19 18.10 3.61
CA PRO E 428 -27.11 17.40 2.71
C PRO E 428 -27.19 18.07 1.36
N PRO E 429 -27.21 17.29 0.28
CA PRO E 429 -27.24 17.88 -1.07
C PRO E 429 -28.59 18.52 -1.35
N GLN E 430 -28.56 19.53 -2.23
CA GLN E 430 -29.76 20.25 -2.61
C GLN E 430 -29.99 20.32 -4.11
N GLY E 431 -29.06 19.89 -4.94
CA GLY E 431 -29.23 19.96 -6.37
C GLY E 431 -28.69 18.71 -7.04
N ILE E 432 -28.91 18.64 -8.35
CA ILE E 432 -28.43 17.55 -9.17
C ILE E 432 -27.82 18.14 -10.43
N PHE E 433 -26.73 17.53 -10.91
CA PHE E 433 -26.01 18.03 -12.07
C PHE E 433 -25.99 16.96 -13.15
N PHE E 434 -26.42 17.31 -14.35
CA PHE E 434 -26.54 16.36 -15.45
C PHE E 434 -26.13 17.06 -16.72
N TYR E 435 -26.28 16.37 -17.86
CA TYR E 435 -25.85 16.90 -19.14
C TYR E 435 -27.03 17.20 -20.06
N ASN E 436 -26.84 18.22 -20.89
CA ASN E 436 -27.82 18.70 -21.85
C ASN E 436 -27.69 17.84 -23.12
N LYS E 437 -28.46 18.18 -24.15
CA LYS E 437 -28.36 17.49 -25.43
C LYS E 437 -27.00 17.71 -26.08
N ASP E 438 -26.47 18.93 -26.02
CA ASP E 438 -25.22 19.28 -26.65
C ASP E 438 -24.00 18.96 -25.81
N GLY E 439 -24.18 18.52 -24.57
CA GLY E 439 -23.07 18.25 -23.68
C GLY E 439 -22.75 19.35 -22.70
N ILE E 440 -23.59 20.37 -22.59
CA ILE E 440 -23.41 21.46 -21.65
C ILE E 440 -23.96 21.03 -20.29
N LEU E 441 -23.21 21.33 -19.23
CA LEU E 441 -23.64 20.97 -17.89
C LEU E 441 -24.74 21.90 -17.40
N THR E 442 -25.83 21.32 -16.90
CA THR E 442 -26.96 22.08 -16.37
C THR E 442 -27.22 21.65 -14.93
N GLN E 443 -28.10 22.39 -14.26
CA GLN E 443 -28.34 22.19 -12.84
C GLN E 443 -29.83 22.32 -12.51
N LEU E 444 -30.34 21.38 -11.72
CA LEU E 444 -31.69 21.43 -11.16
C LEU E 444 -31.59 21.54 -9.65
N THR E 445 -31.92 22.71 -9.11
CA THR E 445 -31.92 22.91 -7.66
C THR E 445 -33.35 22.88 -7.14
N LEU E 446 -33.50 22.98 -5.81
CA LEU E 446 -34.83 22.91 -5.22
C LEU E 446 -35.65 24.17 -5.44
N ARG E 447 -35.02 25.25 -5.92
CA ARG E 447 -35.77 26.46 -6.26
C ARG E 447 -36.70 26.20 -7.45
N ASP E 448 -36.42 25.19 -8.25
CA ASP E 448 -37.29 24.82 -9.36
C ASP E 448 -38.51 24.05 -8.92
N ALA E 449 -38.57 23.57 -7.69
CA ALA E 449 -39.73 22.82 -7.21
C ALA E 449 -40.88 23.71 -6.79
N MET E 450 -40.69 25.04 -6.80
CA MET E 450 -41.72 25.98 -6.40
C MET E 450 -42.91 25.98 -7.34
N GLY E 451 -42.75 25.49 -8.57
CA GLY E 451 -43.89 25.37 -9.45
C GLY E 451 -44.85 24.27 -9.08
N THR E 452 -44.41 23.30 -8.29
CA THR E 452 -45.23 22.15 -7.94
C THR E 452 -45.60 22.11 -6.46
N ILE E 453 -44.64 22.38 -5.57
CA ILE E 453 -44.95 22.20 -4.15
C ILE E 453 -45.54 23.46 -3.53
N CYS E 454 -45.35 24.63 -4.14
CA CYS E 454 -45.91 25.87 -3.62
C CYS E 454 -47.24 26.22 -4.30
N HIS E 455 -48.05 25.22 -4.60
CA HIS E 455 -49.38 25.42 -5.13
C HIS E 455 -50.40 25.24 -4.02
N SER E 456 -51.64 25.64 -4.27
CA SER E 456 -52.71 25.38 -3.33
C SER E 456 -53.18 23.93 -3.38
N SER E 457 -52.73 23.15 -4.37
CA SER E 457 -53.08 21.74 -4.47
C SER E 457 -52.41 20.87 -3.43
N LEU E 458 -51.44 21.41 -2.67
CA LEU E 458 -50.90 20.71 -1.52
C LEU E 458 -51.91 20.61 -0.39
N LEU E 459 -52.94 21.45 -0.39
CA LEU E 459 -53.94 21.48 0.66
C LEU E 459 -55.31 21.11 0.11
N ASP E 460 -55.37 20.02 -0.65
CA ASP E 460 -56.60 19.57 -1.28
C ASP E 460 -57.00 18.25 -0.64
N VAL E 461 -56.95 18.21 0.70
CA VAL E 461 -57.11 16.97 1.46
C VAL E 461 -58.54 16.49 1.52
N GLU E 462 -59.52 17.31 1.09
CA GLU E 462 -60.93 17.01 1.32
C GLU E 462 -61.39 15.75 0.60
N ALA E 463 -60.98 15.57 -0.65
CA ALA E 463 -61.35 14.35 -1.37
C ALA E 463 -60.69 13.12 -0.76
N THR E 464 -59.46 13.28 -0.27
CA THR E 464 -58.78 12.18 0.43
C THR E 464 -59.51 11.80 1.70
N LEU E 465 -59.99 12.79 2.46
CA LEU E 465 -60.74 12.49 3.68
C LEU E 465 -62.09 11.85 3.37
N VAL E 466 -62.74 12.31 2.31
CA VAL E 466 -64.03 11.72 1.91
C VAL E 466 -63.84 10.27 1.49
N ALA E 467 -62.76 9.98 0.77
CA ALA E 467 -62.48 8.59 0.39
C ALA E 467 -62.09 7.74 1.61
N LEU E 468 -61.34 8.32 2.55
CA LEU E 468 -60.86 7.55 3.69
C LEU E 468 -61.97 7.27 4.70
N ARG E 469 -62.98 8.13 4.78
CA ARG E 469 -64.01 7.96 5.80
C ARG E 469 -64.94 6.78 5.51
N GLN E 470 -64.89 6.19 4.33
CA GLN E 470 -65.76 5.08 3.96
C GLN E 470 -65.05 3.74 4.01
N GLN E 471 -64.08 3.58 4.91
CA GLN E 471 -63.37 2.31 5.02
C GLN E 471 -63.74 1.61 6.32
N HIS E 472 -63.12 0.47 6.59
CA HIS E 472 -63.42 -0.28 7.81
C HIS E 472 -62.59 0.29 8.94
N LEU E 473 -63.25 0.91 9.91
CA LEU E 473 -62.59 1.62 11.00
C LEU E 473 -62.86 0.90 12.32
N ASP E 474 -61.81 0.71 13.10
CA ASP E 474 -61.91 0.06 14.39
C ASP E 474 -61.90 1.09 15.51
N ARG E 475 -62.43 0.69 16.67
CA ARG E 475 -62.58 1.60 17.80
C ARG E 475 -61.20 1.87 18.39
N GLN E 476 -60.62 3.01 18.02
CA GLN E 476 -59.31 3.43 18.48
C GLN E 476 -59.46 4.27 19.75
N CYS E 477 -58.47 4.17 20.63
CA CYS E 477 -58.46 5.00 21.83
C CYS E 477 -58.29 6.46 21.47
N TYR E 478 -58.71 7.33 22.39
CA TYR E 478 -58.78 8.77 22.15
C TYR E 478 -57.93 9.55 23.14
N PHE E 479 -56.69 9.11 23.38
CA PHE E 479 -55.83 9.86 24.29
C PHE E 479 -55.11 10.98 23.57
N GLY E 480 -54.43 10.68 22.48
CA GLY E 480 -53.63 11.66 21.81
C GLY E 480 -54.35 12.52 20.80
N VAL E 481 -55.66 12.34 20.63
CA VAL E 481 -56.43 13.07 19.62
C VAL E 481 -57.62 13.82 20.19
N TYR E 482 -57.79 13.82 21.52
CA TYR E 482 -58.95 14.45 22.15
C TYR E 482 -58.49 15.60 23.03
N VAL E 483 -59.16 16.73 22.92
CA VAL E 483 -58.88 17.92 23.73
C VAL E 483 -60.12 18.25 24.53
N ALA E 484 -59.96 18.41 25.84
CA ALA E 484 -61.06 18.73 26.73
C ALA E 484 -60.93 20.16 27.23
N GLU E 485 -61.93 20.61 27.99
CA GLU E 485 -61.95 21.93 28.58
C GLU E 485 -61.83 21.82 30.09
N GLY E 486 -61.29 22.87 30.70
CA GLY E 486 -61.10 22.85 32.15
C GLY E 486 -62.42 22.92 32.89
N THR E 487 -62.48 22.23 34.02
CA THR E 487 -63.69 22.14 34.82
C THR E 487 -63.69 23.05 36.04
N GLU E 488 -62.84 24.09 36.03
CA GLU E 488 -62.78 25.13 37.06
C GLU E 488 -62.45 24.53 38.44
N ASP E 489 -61.27 23.91 38.52
CA ASP E 489 -60.80 23.35 39.77
C ASP E 489 -59.42 23.91 40.10
N THR E 490 -58.76 23.34 41.11
CA THR E 490 -57.54 23.92 41.66
C THR E 490 -56.28 23.30 41.06
N LEU E 491 -56.43 22.61 39.93
CA LEU E 491 -55.39 21.98 39.11
C LEU E 491 -54.73 20.78 39.77
N ASP E 492 -55.01 20.52 41.05
CA ASP E 492 -54.56 19.27 41.64
C ASP E 492 -55.65 18.20 41.53
N VAL E 493 -56.90 18.62 41.77
CA VAL E 493 -58.04 17.71 41.60
C VAL E 493 -58.20 17.32 40.15
N GLN E 494 -57.95 18.26 39.22
CA GLN E 494 -58.04 17.97 37.80
C GLN E 494 -57.00 16.95 37.36
N MET E 495 -55.76 17.12 37.81
CA MET E 495 -54.70 16.18 37.43
C MET E 495 -54.93 14.82 38.08
N GLY E 496 -55.41 14.80 39.31
CA GLY E 496 -55.75 13.53 39.94
C GLY E 496 -56.86 12.79 39.23
N ARG E 497 -57.92 13.52 38.83
CA ARG E 497 -59.00 12.92 38.07
C ARG E 497 -58.51 12.39 36.72
N PHE E 498 -57.63 13.15 36.06
CA PHE E 498 -57.07 12.70 34.79
C PHE E 498 -56.25 11.43 34.96
N MET E 499 -55.45 11.34 36.02
CA MET E 499 -54.67 10.12 36.24
C MET E 499 -55.59 8.93 36.53
N GLU E 500 -56.66 9.18 37.31
CA GLU E 500 -57.61 8.10 37.63
C GLU E 500 -58.30 7.58 36.38
N THR E 501 -58.71 8.46 35.47
CA THR E 501 -59.36 7.96 34.26
C THR E 501 -58.33 7.49 33.24
N TRP E 502 -57.07 7.89 33.39
CA TRP E 502 -56.00 7.48 32.48
C TRP E 502 -55.42 6.12 32.83
N ALA E 503 -55.69 5.63 34.03
CA ALA E 503 -55.21 4.28 34.39
C ALA E 503 -55.83 3.20 33.50
N ASP E 504 -56.99 3.48 32.89
CA ASP E 504 -57.61 2.55 31.95
C ASP E 504 -58.19 3.26 30.73
N MET E 505 -57.69 4.46 30.39
CA MET E 505 -58.17 5.13 29.20
C MET E 505 -57.68 4.45 27.93
N MET E 506 -56.41 4.02 27.92
CA MET E 506 -55.84 3.35 26.76
C MET E 506 -55.91 1.85 26.97
N PRO E 507 -56.62 1.10 26.13
CA PRO E 507 -56.58 -0.35 26.20
C PRO E 507 -55.42 -0.98 25.45
N HIS E 508 -54.61 -0.18 24.74
CA HIS E 508 -53.52 -0.70 23.95
C HIS E 508 -52.46 0.40 23.77
N HIS E 509 -51.45 0.09 22.96
CA HIS E 509 -50.35 1.01 22.71
C HIS E 509 -50.79 2.11 21.77
N PRO E 510 -50.52 3.39 22.04
CA PRO E 510 -50.82 4.44 21.08
C PRO E 510 -49.98 4.28 19.82
N HIS E 511 -50.56 4.67 18.69
CA HIS E 511 -49.92 4.49 17.39
C HIS E 511 -49.07 5.68 16.98
N TRP E 512 -48.96 6.70 17.83
CA TRP E 512 -48.16 7.88 17.54
C TRP E 512 -46.92 7.99 18.43
N VAL E 513 -46.61 6.95 19.21
CA VAL E 513 -45.50 7.04 20.15
C VAL E 513 -44.39 6.12 19.68
N ASN E 514 -44.69 5.25 18.72
CA ASN E 514 -43.68 4.35 18.16
C ASN E 514 -42.92 5.02 17.01
N GLU E 515 -42.18 6.06 17.37
CA GLU E 515 -41.29 6.74 16.44
C GLU E 515 -39.91 6.11 16.39
N HIS E 516 -39.66 5.07 17.19
CA HIS E 516 -38.36 4.41 17.21
C HIS E 516 -38.16 3.48 16.02
N LEU E 517 -39.14 3.35 15.15
CA LEU E 517 -39.03 2.46 14.00
C LEU E 517 -37.98 2.98 13.03
N THR E 518 -37.27 2.06 12.37
CA THR E 518 -36.40 2.46 11.29
C THR E 518 -37.22 2.57 10.00
N ILE E 519 -36.55 2.99 8.93
CA ILE E 519 -37.26 3.28 7.68
C ILE E 519 -37.76 2.00 7.03
N LEU E 520 -36.98 0.92 7.12
CA LEU E 520 -37.39 -0.34 6.49
C LEU E 520 -38.57 -0.97 7.22
N GLN E 521 -38.66 -0.77 8.53
CA GLN E 521 -39.81 -1.29 9.27
C GLN E 521 -41.05 -0.43 9.05
N PHE E 522 -40.86 0.89 8.94
CA PHE E 522 -41.98 1.79 8.66
C PHE E 522 -42.59 1.52 7.30
N ILE E 523 -41.73 1.30 6.30
CA ILE E 523 -42.18 1.04 4.94
C ILE E 523 -42.89 -0.31 4.82
N ALA E 524 -42.49 -1.28 5.65
CA ALA E 524 -42.94 -2.67 5.53
C ALA E 524 -44.45 -2.79 5.69
N PRO E 525 -45.09 -3.73 4.98
CA PRO E 525 -46.56 -3.74 4.91
C PRO E 525 -47.28 -4.05 6.21
N SER E 526 -46.58 -4.59 7.22
CA SER E 526 -47.24 -4.90 8.47
C SER E 526 -47.53 -3.67 9.31
N ASN E 527 -46.98 -2.51 8.96
CA ASN E 527 -47.21 -1.29 9.70
C ASN E 527 -48.65 -0.80 9.49
N PRO E 528 -49.45 -0.64 10.55
CA PRO E 528 -50.79 -0.10 10.36
C PRO E 528 -50.82 1.41 10.12
N ARG E 529 -49.74 2.12 10.44
CA ARG E 529 -49.68 3.56 10.24
C ARG E 529 -49.36 3.95 8.80
N LEU E 530 -48.92 3.00 7.98
CA LEU E 530 -48.49 3.30 6.62
C LEU E 530 -49.64 3.82 5.76
N ARG E 531 -50.83 3.27 5.92
CA ARG E 531 -51.97 3.71 5.13
C ARG E 531 -52.55 5.04 5.60
N PHE E 532 -52.08 5.58 6.72
CA PHE E 532 -52.48 6.89 7.18
C PHE E 532 -51.40 7.95 6.98
N GLU E 533 -50.40 7.67 6.15
CA GLU E 533 -49.33 8.62 5.85
C GLU E 533 -49.38 8.87 4.35
N LEU E 534 -50.14 9.88 3.93
CA LEU E 534 -50.36 10.15 2.52
C LEU E 534 -49.77 11.49 2.09
N ASN E 535 -50.17 12.52 2.67
CA ASN E 535 -49.85 13.88 2.27
C ASN E 535 -48.83 14.46 3.25
N PRO E 536 -47.65 14.88 2.78
CA PRO E 536 -46.55 15.19 3.71
C PRO E 536 -46.76 16.41 4.60
N ALA E 537 -47.83 17.19 4.41
CA ALA E 537 -48.13 18.30 5.29
C ALA E 537 -49.34 18.05 6.16
N PHE E 538 -49.80 16.80 6.26
CA PHE E 538 -51.01 16.47 7.02
C PHE E 538 -50.77 15.26 7.90
N ASP E 539 -51.43 15.23 9.05
CA ASP E 539 -51.47 14.07 9.93
C ASP E 539 -52.87 13.50 9.89
N PHE E 540 -52.99 12.22 9.60
CA PHE E 540 -54.27 11.53 9.59
C PHE E 540 -54.36 10.60 10.78
N PHE E 541 -55.46 10.71 11.52
CA PHE E 541 -55.66 9.85 12.69
C PHE E 541 -57.12 9.42 12.74
N VAL E 542 -57.49 8.81 13.86
CA VAL E 542 -58.86 8.36 14.11
C VAL E 542 -59.43 9.19 15.24
N ALA E 543 -60.60 9.76 15.04
CA ALA E 543 -61.19 10.69 15.97
C ALA E 543 -62.63 10.31 16.28
N PRO E 544 -63.15 10.67 17.45
CA PRO E 544 -64.58 10.44 17.71
C PRO E 544 -65.46 11.27 16.79
N GLY E 545 -66.54 10.66 16.34
CA GLY E 545 -67.40 11.29 15.35
C GLY E 545 -68.42 12.24 15.95
N ASP E 546 -68.68 13.33 15.22
CA ASP E 546 -69.67 14.34 15.56
C ASP E 546 -69.43 14.94 16.94
N VAL E 547 -68.16 15.18 17.26
CA VAL E 547 -67.76 15.79 18.52
C VAL E 547 -66.98 17.06 18.22
N ASP E 548 -67.46 18.18 18.72
CA ASP E 548 -66.79 19.46 18.53
C ASP E 548 -65.73 19.63 19.61
N LEU E 549 -64.58 20.18 19.21
CA LEU E 549 -63.55 20.30 20.24
C LEU E 549 -63.37 21.75 20.65
N PRO E 550 -63.11 22.04 21.94
CA PRO E 550 -62.96 21.10 23.06
C PRO E 550 -64.29 20.60 23.61
N GLY E 551 -64.29 19.38 24.15
CA GLY E 551 -65.51 18.76 24.63
C GLY E 551 -65.51 18.58 26.14
N PRO E 552 -66.40 17.73 26.64
CA PRO E 552 -66.49 17.52 28.09
C PRO E 552 -65.35 16.69 28.63
N GLN E 553 -65.33 16.49 29.96
CA GLN E 553 -64.26 15.73 30.59
C GLN E 553 -64.30 14.26 30.19
N ARG E 554 -65.48 13.64 30.23
CA ARG E 554 -65.63 12.26 29.78
C ARG E 554 -65.95 12.29 28.29
N PRO E 555 -65.16 11.64 27.45
CA PRO E 555 -65.41 11.68 26.00
C PRO E 555 -66.69 10.96 25.64
N PRO E 556 -67.58 11.61 24.90
CA PRO E 556 -68.84 10.95 24.51
C PRO E 556 -68.60 9.82 23.52
N GLU E 557 -69.46 8.82 23.60
CA GLU E 557 -69.29 7.62 22.79
C GLU E 557 -69.95 7.80 21.44
N ALA E 558 -69.19 7.56 20.37
CA ALA E 558 -69.71 7.70 19.02
C ALA E 558 -68.86 6.84 18.09
N MET E 559 -69.34 6.71 16.86
CA MET E 559 -68.61 5.92 15.86
C MET E 559 -67.35 6.65 15.45
N PRO E 560 -66.21 5.96 15.36
CA PRO E 560 -64.96 6.66 15.02
C PRO E 560 -64.89 7.04 13.54
N THR E 561 -64.40 8.25 13.29
CA THR E 561 -64.18 8.75 11.94
C THR E 561 -62.77 9.30 11.84
N VAL E 562 -62.32 9.54 10.62
CA VAL E 562 -60.97 9.99 10.34
C VAL E 562 -60.99 11.51 10.17
N ASN E 563 -60.20 12.20 10.99
CA ASN E 563 -59.98 13.63 10.86
C ASN E 563 -58.59 13.88 10.28
N ALA E 564 -58.27 15.14 10.08
CA ALA E 564 -56.95 15.55 9.63
C ALA E 564 -56.50 16.75 10.46
N THR E 565 -55.19 16.96 10.50
CA THR E 565 -54.61 18.11 11.17
C THR E 565 -53.33 18.49 10.45
N LEU E 566 -53.11 19.79 10.31
CA LEU E 566 -51.95 20.33 9.60
C LEU E 566 -50.67 20.06 10.39
N ARG E 567 -49.62 19.69 9.68
CA ARG E 567 -48.28 19.60 10.25
C ARG E 567 -47.61 20.96 10.05
N ILE E 568 -47.66 21.80 11.09
CA ILE E 568 -47.15 23.15 10.96
C ILE E 568 -45.63 23.14 10.84
N ILE E 569 -44.98 22.38 11.70
CA ILE E 569 -43.53 22.25 11.72
C ILE E 569 -43.13 21.31 10.58
N ASN E 570 -41.94 21.49 10.02
CA ASN E 570 -41.43 20.44 9.13
C ASN E 570 -40.63 19.38 9.89
N GLY E 571 -40.38 19.60 11.17
CA GLY E 571 -39.82 18.59 12.05
C GLY E 571 -40.85 17.67 12.67
N ASN E 572 -42.13 17.95 12.47
CA ASN E 572 -43.19 17.06 12.92
C ASN E 572 -43.39 15.88 12.00
N ILE E 573 -42.68 15.84 10.87
CA ILE E 573 -42.60 14.65 10.03
C ILE E 573 -42.06 13.50 10.87
N PRO E 574 -42.61 12.30 10.78
CA PRO E 574 -42.15 11.20 11.62
C PRO E 574 -40.69 10.86 11.39
N VAL E 575 -40.05 10.39 12.47
CA VAL E 575 -38.59 10.19 12.45
C VAL E 575 -38.12 9.19 11.41
N PRO E 576 -38.78 8.05 11.13
CA PRO E 576 -38.33 7.22 10.01
C PRO E 576 -38.36 7.91 8.65
N LEU E 577 -39.23 8.90 8.44
CA LEU E 577 -39.23 9.60 7.17
C LEU E 577 -38.18 10.70 7.09
N CYS E 578 -38.04 11.49 8.15
CA CYS E 578 -37.00 12.52 8.24
C CYS E 578 -36.10 12.17 9.41
N PRO E 579 -34.91 11.61 9.17
CA PRO E 579 -34.15 10.97 10.26
C PRO E 579 -33.48 11.95 11.20
N ILE E 580 -32.80 11.42 12.22
CA ILE E 580 -32.10 12.28 13.17
C ILE E 580 -30.76 12.72 12.60
N SER E 581 -30.07 11.83 11.88
CA SER E 581 -28.77 12.18 11.31
C SER E 581 -28.89 13.29 10.28
N PHE E 582 -29.96 13.27 9.48
CA PHE E 582 -30.20 14.35 8.53
C PHE E 582 -30.46 15.67 9.25
N ARG E 583 -31.20 15.63 10.36
CA ARG E 583 -31.46 16.86 11.10
C ARG E 583 -30.19 17.42 11.72
N ASP E 584 -29.31 16.54 12.19
CA ASP E 584 -28.05 17.02 12.75
C ASP E 584 -27.12 17.58 11.68
N CYS E 585 -27.11 16.96 10.49
CA CYS E 585 -26.30 17.50 9.40
C CYS E 585 -26.83 18.84 8.92
N ARG E 586 -28.16 18.98 8.84
CA ARG E 586 -28.74 20.27 8.49
C ARG E 586 -28.45 21.31 9.56
N GLY E 587 -28.45 20.90 10.83
CA GLY E 587 -28.12 21.82 11.91
C GLY E 587 -26.68 22.30 11.87
N THR E 588 -25.74 21.40 11.60
CA THR E 588 -24.34 21.85 11.52
C THR E 588 -24.09 22.59 10.22
N GLN E 589 -24.99 22.45 9.23
CA GLN E 589 -24.94 23.34 8.09
C GLN E 589 -25.42 24.75 8.47
N LEU E 590 -26.43 24.84 9.34
CA LEU E 590 -26.93 26.14 9.75
C LEU E 590 -25.90 26.90 10.58
N GLY E 591 -25.35 26.26 11.59
CA GLY E 591 -24.42 26.94 12.48
C GLY E 591 -22.98 26.80 12.04
N LEU E 592 -22.69 27.22 10.81
CA LEU E 592 -21.34 27.09 10.28
C LEU E 592 -20.41 28.15 10.87
N GLY E 593 -20.72 29.42 10.65
CA GLY E 593 -19.92 30.51 11.16
C GLY E 593 -20.56 31.32 12.27
N ARG E 594 -21.73 30.93 12.75
CA ARG E 594 -22.41 31.70 13.79
C ARG E 594 -21.81 31.41 15.16
N HIS E 595 -22.43 31.98 16.18
CA HIS E 595 -21.88 31.92 17.52
C HIS E 595 -22.01 30.52 18.10
N THR E 596 -20.97 30.08 18.80
CA THR E 596 -20.94 28.81 19.51
C THR E 596 -20.64 29.08 20.98
N MET E 597 -21.05 28.15 21.83
CA MET E 597 -20.79 28.28 23.26
C MET E 597 -19.43 27.70 23.60
N THR E 598 -18.66 28.42 24.40
CA THR E 598 -17.39 27.92 24.88
C THR E 598 -17.62 26.72 25.81
N PRO E 599 -16.70 25.76 25.85
CA PRO E 599 -16.95 24.54 26.64
C PRO E 599 -17.09 24.76 28.14
N ALA E 600 -16.62 25.88 28.67
CA ALA E 600 -16.79 26.15 30.10
C ALA E 600 -18.26 26.38 30.44
N THR E 601 -18.95 27.19 29.63
CA THR E 601 -20.38 27.42 29.88
C THR E 601 -21.19 26.16 29.64
N ILE E 602 -20.81 25.37 28.63
CA ILE E 602 -21.51 24.12 28.35
C ILE E 602 -21.38 23.17 29.54
N LYS E 603 -20.16 23.03 30.06
CA LYS E 603 -19.93 22.14 31.21
C LYS E 603 -20.67 22.62 32.45
N ALA E 604 -20.64 23.93 32.73
CA ALA E 604 -21.29 24.44 33.94
C ALA E 604 -22.80 24.32 33.85
N VAL E 605 -23.38 24.66 32.70
CA VAL E 605 -24.84 24.60 32.55
C VAL E 605 -25.31 23.14 32.56
N LYS E 606 -24.56 22.23 31.94
CA LYS E 606 -24.93 20.82 31.97
C LYS E 606 -24.79 20.25 33.38
N ASP E 607 -23.80 20.72 34.14
CA ASP E 607 -23.65 20.26 35.52
C ASP E 607 -24.80 20.77 36.39
N THR E 608 -25.30 21.97 36.11
CA THR E 608 -26.52 22.43 36.78
C THR E 608 -27.73 21.59 36.39
N PHE E 609 -27.94 21.35 35.11
CA PHE E 609 -29.13 20.64 34.65
C PHE E 609 -29.13 19.17 35.04
N GLU E 610 -27.96 18.61 35.33
CA GLU E 610 -27.87 17.23 35.80
C GLU E 610 -27.62 17.13 37.30
N ASP E 611 -27.76 18.22 38.04
CA ASP E 611 -27.59 18.20 39.49
C ASP E 611 -28.88 17.75 40.15
N ARG E 612 -28.82 16.65 40.88
CA ARG E 612 -30.00 16.15 41.59
C ARG E 612 -30.13 16.72 43.00
N ALA E 613 -29.07 17.29 43.55
CA ALA E 613 -29.13 17.96 44.84
C ALA E 613 -29.35 19.46 44.69
N TYR E 614 -30.01 19.88 43.62
CA TYR E 614 -30.35 21.29 43.44
C TYR E 614 -31.30 21.72 44.55
N PRO E 615 -30.96 22.76 45.31
CA PRO E 615 -31.76 23.10 46.49
C PRO E 615 -33.15 23.60 46.13
N THR E 616 -34.12 23.26 46.97
CA THR E 616 -35.49 23.68 46.74
C THR E 616 -35.72 25.14 47.03
N ILE E 617 -34.80 25.80 47.74
CA ILE E 617 -34.98 27.21 48.07
C ILE E 617 -34.84 28.06 46.81
N PHE E 618 -34.04 27.61 45.84
CA PHE E 618 -34.00 28.28 44.56
C PHE E 618 -35.33 28.19 43.84
N TYR E 619 -35.99 27.04 43.89
CA TYR E 619 -37.32 26.91 43.31
C TYR E 619 -38.33 27.77 44.03
N MET E 620 -38.20 27.86 45.35
CA MET E 620 -39.11 28.70 46.14
C MET E 620 -38.98 30.17 45.76
N LEU E 621 -37.76 30.68 45.72
CA LEU E 621 -37.55 32.08 45.36
C LEU E 621 -37.92 32.34 43.90
N GLU E 622 -37.70 31.36 43.02
CA GLU E 622 -38.11 31.53 41.64
C GLU E 622 -39.63 31.58 41.50
N ALA E 623 -40.34 30.84 42.36
CA ALA E 623 -41.81 30.89 42.31
C ALA E 623 -42.35 32.17 42.93
N VAL E 624 -41.72 32.66 44.01
CA VAL E 624 -42.27 33.82 44.70
C VAL E 624 -41.95 35.10 43.96
N ILE E 625 -40.72 35.23 43.43
CA ILE E 625 -40.37 36.40 42.64
C ILE E 625 -41.25 36.48 41.39
N HIS E 626 -41.46 35.32 40.75
CA HIS E 626 -42.37 35.14 39.59
C HIS E 626 -42.12 36.16 38.48
N GLY E 627 -40.85 36.47 38.26
CA GLY E 627 -40.43 37.24 37.11
C GLY E 627 -40.91 38.67 37.07
N ASN E 628 -40.83 39.37 38.20
CA ASN E 628 -41.19 40.77 38.28
C ASN E 628 -39.95 41.59 38.57
N GLU E 629 -39.77 42.68 37.80
CA GLU E 629 -38.58 43.52 37.97
C GLU E 629 -38.58 44.21 39.32
N ARG E 630 -39.75 44.70 39.76
CA ARG E 630 -39.84 45.36 41.05
C ARG E 630 -39.60 44.39 42.19
N ASN E 631 -40.03 43.14 42.03
CA ASN E 631 -39.79 42.14 43.07
C ASN E 631 -38.33 41.66 43.05
N PHE E 632 -37.73 41.59 41.86
CA PHE E 632 -36.35 41.12 41.78
C PHE E 632 -35.37 42.16 42.31
N CYS E 633 -35.57 43.44 41.96
CA CYS E 633 -34.63 44.46 42.39
C CYS E 633 -34.75 44.80 43.86
N ALA E 634 -35.83 44.38 44.53
CA ALA E 634 -35.92 44.55 45.97
C ALA E 634 -35.24 43.45 46.75
N LEU E 635 -34.79 42.39 46.07
CA LEU E 635 -34.18 41.23 46.69
C LEU E 635 -32.72 41.06 46.28
N LEU E 636 -32.06 42.17 45.93
CA LEU E 636 -30.83 42.05 45.14
C LEU E 636 -29.66 41.54 45.98
N ARG E 637 -29.58 41.96 47.24
CA ARG E 637 -28.52 41.48 48.12
C ARG E 637 -28.63 39.98 48.37
N LEU E 638 -29.85 39.52 48.66
CA LEU E 638 -30.08 38.11 48.91
C LEU E 638 -29.79 37.27 47.68
N LEU E 639 -30.21 37.75 46.50
CA LEU E 639 -29.94 37.04 45.25
C LEU E 639 -28.45 36.97 44.96
N THR E 640 -27.73 38.08 45.15
CA THR E 640 -26.29 38.10 44.92
C THR E 640 -25.57 37.15 45.86
N GLN E 641 -25.92 37.19 47.14
CA GLN E 641 -25.25 36.37 48.13
C GLN E 641 -25.56 34.89 47.93
N CYS E 642 -26.79 34.58 47.50
CA CYS E 642 -27.16 33.19 47.28
C CYS E 642 -26.49 32.62 46.03
N ILE E 643 -26.40 33.41 44.96
CA ILE E 643 -25.74 32.93 43.75
C ILE E 643 -24.24 32.80 43.97
N ARG E 644 -23.63 33.75 44.70
CA ARG E 644 -22.21 33.63 45.02
C ARG E 644 -21.95 32.43 45.93
N GLY E 645 -22.87 32.14 46.84
CA GLY E 645 -22.71 30.97 47.70
C GLY E 645 -22.84 29.67 46.93
N TYR E 646 -23.76 29.61 45.97
CA TYR E 646 -23.91 28.38 45.20
C TYR E 646 -22.78 28.22 44.18
N TRP E 647 -22.19 29.31 43.72
CA TRP E 647 -21.17 29.18 42.69
C TRP E 647 -19.84 28.72 43.28
N GLU E 648 -19.33 29.43 44.28
CA GLU E 648 -18.04 29.05 44.86
C GLU E 648 -18.22 27.98 45.94
N GLN E 649 -19.03 26.97 45.64
CA GLN E 649 -19.11 25.75 46.42
C GLN E 649 -19.20 24.50 45.58
N SER E 650 -19.70 24.58 44.34
CA SER E 650 -19.77 23.45 43.45
C SER E 650 -19.45 23.79 42.01
N HIS E 651 -19.12 25.05 41.71
CA HIS E 651 -18.88 25.56 40.36
C HIS E 651 -20.04 25.24 39.42
N ARG E 652 -21.26 25.53 39.88
CA ARG E 652 -22.46 25.32 39.12
C ARG E 652 -23.29 26.60 39.11
N VAL E 653 -24.03 26.80 38.05
CA VAL E 653 -24.77 28.03 37.83
C VAL E 653 -26.17 27.90 38.42
N ALA E 654 -26.54 28.89 39.23
CA ALA E 654 -27.86 28.94 39.84
C ALA E 654 -28.78 29.81 39.00
N PHE E 655 -30.09 29.60 39.18
CA PHE E 655 -31.16 30.39 38.59
C PHE E 655 -31.12 30.44 37.07
N VAL E 656 -30.76 29.34 36.41
CA VAL E 656 -30.71 29.28 34.96
C VAL E 656 -32.07 28.75 34.50
N ASN E 657 -32.98 28.60 35.46
CA ASN E 657 -34.24 27.93 35.22
C ASN E 657 -35.19 28.80 34.40
N ASN E 658 -35.61 29.93 34.95
CA ASN E 658 -36.60 30.78 34.31
C ASN E 658 -35.93 31.73 33.33
N PHE E 659 -36.65 32.04 32.25
CA PHE E 659 -36.17 33.05 31.34
C PHE E 659 -36.22 34.45 31.94
N HIS E 660 -37.24 34.72 32.76
CA HIS E 660 -37.27 36.00 33.47
C HIS E 660 -36.41 35.96 34.72
N MET E 661 -35.22 35.43 34.62
CA MET E 661 -34.21 35.38 35.66
C MET E 661 -32.84 35.77 35.14
N LEU E 662 -32.51 35.39 33.91
CA LEU E 662 -31.19 35.71 33.37
C LEU E 662 -31.19 37.00 32.56
N MET E 663 -32.34 37.45 32.05
CA MET E 663 -32.50 38.87 31.75
C MET E 663 -32.17 39.75 32.94
N TYR E 664 -32.79 39.46 34.09
CA TYR E 664 -32.60 40.31 35.25
C TYR E 664 -31.18 40.20 35.79
N ILE E 665 -30.62 38.99 35.80
CA ILE E 665 -29.26 38.80 36.29
C ILE E 665 -28.26 39.48 35.36
N THR E 666 -28.45 39.34 34.04
CA THR E 666 -27.56 39.99 33.09
C THR E 666 -27.65 41.51 33.15
N THR E 667 -28.86 42.07 33.27
CA THR E 667 -29.00 43.53 33.23
C THR E 667 -28.56 44.17 34.53
N TYR E 668 -28.96 43.62 35.68
CA TYR E 668 -28.66 44.24 36.95
C TYR E 668 -27.41 43.67 37.60
N LEU E 669 -27.31 42.36 37.72
CA LEU E 669 -26.14 41.74 38.35
C LEU E 669 -25.07 41.41 37.31
N GLY E 670 -24.66 42.40 36.54
CA GLY E 670 -23.66 42.18 35.52
C GLY E 670 -22.57 43.23 35.53
N ASN E 671 -22.72 44.23 36.39
CA ASN E 671 -21.77 45.33 36.45
C ASN E 671 -20.62 45.07 37.41
N GLY E 672 -20.58 43.91 38.05
CA GLY E 672 -19.45 43.58 38.89
C GLY E 672 -19.81 43.06 40.28
N GLU E 673 -21.10 42.92 40.56
CA GLU E 673 -21.52 42.39 41.85
C GLU E 673 -21.21 40.91 41.97
N LEU E 674 -21.18 40.19 40.87
CA LEU E 674 -20.85 38.78 40.80
C LEU E 674 -19.40 38.58 40.39
N PRO E 675 -18.85 37.38 40.56
CA PRO E 675 -17.53 37.09 39.99
C PRO E 675 -17.55 37.14 38.46
N GLU E 676 -16.36 37.23 37.88
CA GLU E 676 -16.23 37.42 36.44
C GLU E 676 -16.69 36.18 35.67
N VAL E 677 -16.53 35.00 36.25
CA VAL E 677 -16.86 33.77 35.54
C VAL E 677 -18.38 33.58 35.40
N CYS E 678 -19.16 33.97 36.41
CA CYS E 678 -20.60 33.74 36.37
C CYS E 678 -21.28 34.59 35.30
N ILE E 679 -20.97 35.89 35.30
CA ILE E 679 -21.60 36.81 34.36
C ILE E 679 -21.19 36.49 32.94
N ASN E 680 -19.99 35.92 32.75
CA ASN E 680 -19.60 35.43 31.43
C ASN E 680 -20.49 34.28 30.99
N ILE E 681 -20.86 33.39 31.91
CA ILE E 681 -21.75 32.28 31.56
C ILE E 681 -23.13 32.78 31.18
N TYR E 682 -23.67 33.71 31.97
CA TYR E 682 -24.99 34.26 31.64
C TYR E 682 -24.97 35.05 30.34
N ARG E 683 -23.92 35.84 30.12
CA ARG E 683 -23.78 36.58 28.87
C ARG E 683 -23.61 35.65 27.68
N ASP E 684 -22.95 34.50 27.87
CA ASP E 684 -22.78 33.57 26.76
C ASP E 684 -24.09 32.87 26.41
N LEU E 685 -24.89 32.54 27.42
CA LEU E 685 -26.20 31.97 27.16
C LEU E 685 -27.10 32.96 26.42
N LEU E 686 -27.06 34.22 26.85
CA LEU E 686 -27.83 35.26 26.15
C LEU E 686 -27.30 35.48 24.73
N GLN E 687 -25.99 35.40 24.55
CA GLN E 687 -25.38 35.48 23.22
C GLN E 687 -25.92 34.38 22.32
N HIS E 688 -26.02 33.17 22.84
CA HIS E 688 -26.47 32.06 22.00
C HIS E 688 -27.96 32.20 21.66
N VAL E 689 -28.76 32.71 22.60
CA VAL E 689 -30.18 32.95 22.31
C VAL E 689 -30.34 33.98 21.20
N ARG E 690 -29.59 35.08 21.29
CA ARG E 690 -29.68 36.11 20.26
C ARG E 690 -29.08 35.67 18.94
N ALA E 691 -28.09 34.77 18.98
CA ALA E 691 -27.54 34.22 17.74
C ALA E 691 -28.56 33.32 17.04
N LEU E 692 -29.33 32.55 17.80
CA LEU E 692 -30.40 31.75 17.19
C LEU E 692 -31.48 32.65 16.60
N ARG E 693 -31.82 33.74 17.28
CA ARG E 693 -32.77 34.71 16.73
C ARG E 693 -32.25 35.32 15.42
N GLN E 694 -30.97 35.66 15.38
CA GLN E 694 -30.38 36.25 14.17
C GLN E 694 -30.37 35.23 13.04
N THR E 695 -30.15 33.95 13.36
CA THR E 695 -30.22 32.88 12.37
C THR E 695 -31.63 32.76 11.79
N ILE E 696 -32.65 32.89 12.63
CA ILE E 696 -34.03 32.91 12.11
C ILE E 696 -34.23 34.09 11.18
N THR E 697 -33.66 35.25 11.54
CA THR E 697 -33.82 36.44 10.71
C THR E 697 -33.16 36.30 9.34
N ASP E 698 -32.00 35.64 9.28
CA ASP E 698 -31.27 35.53 8.00
C ASP E 698 -32.00 34.65 6.99
N PHE E 699 -32.69 33.62 7.45
CA PHE E 699 -33.23 32.62 6.54
C PHE E 699 -34.64 32.93 6.06
N THR E 700 -35.18 34.10 6.37
CA THR E 700 -36.43 34.58 5.81
C THR E 700 -36.17 35.74 4.89
N ILE E 701 -37.19 36.10 4.10
CA ILE E 701 -37.13 37.24 3.20
C ILE E 701 -38.17 38.25 3.67
N GLN E 702 -37.70 39.44 4.02
CA GLN E 702 -38.57 40.46 4.59
C GLN E 702 -39.36 41.17 3.50
N GLY E 703 -40.32 41.99 3.94
CA GLY E 703 -41.09 42.80 3.03
C GLY E 703 -42.29 42.13 2.40
N GLU E 704 -42.54 40.87 2.71
CA GLU E 704 -43.70 40.15 2.16
C GLU E 704 -44.56 39.72 3.34
N GLY E 705 -45.40 40.64 3.81
CA GLY E 705 -46.28 40.33 4.91
C GLY E 705 -47.73 40.36 4.48
N HIS E 706 -48.50 39.34 4.87
CA HIS E 706 -49.87 39.18 4.41
C HIS E 706 -50.83 39.25 5.59
N ASN E 707 -51.80 40.15 5.48
CA ASN E 707 -52.93 40.26 6.41
C ASN E 707 -52.48 40.56 7.84
N GLY E 708 -51.59 41.55 7.97
CA GLY E 708 -51.14 41.98 9.27
C GLY E 708 -50.30 40.97 10.01
N GLU E 709 -49.45 40.24 9.31
CA GLU E 709 -48.52 39.30 9.91
C GLU E 709 -47.18 39.45 9.20
N THR E 710 -46.12 39.64 9.98
CA THR E 710 -44.80 39.85 9.39
C THR E 710 -44.27 38.56 8.79
N SER E 711 -43.33 38.70 7.85
CA SER E 711 -42.84 37.55 7.11
C SER E 711 -42.01 36.63 7.97
N GLU E 712 -41.31 37.18 8.97
CA GLU E 712 -40.50 36.36 9.85
C GLU E 712 -41.37 35.46 10.72
N ALA E 713 -42.52 35.97 11.15
CA ALA E 713 -43.47 35.12 11.87
C ALA E 713 -44.19 34.17 10.94
N LEU E 714 -44.32 34.52 9.66
CA LEU E 714 -44.98 33.66 8.70
C LEU E 714 -44.08 32.54 8.23
N ASN E 715 -42.76 32.68 8.40
CA ASN E 715 -41.81 31.64 8.07
C ASN E 715 -41.55 30.71 9.25
N ASN E 716 -41.32 31.28 10.43
CA ASN E 716 -40.90 30.51 11.59
C ASN E 716 -42.06 30.37 12.58
N ILE E 717 -41.79 29.73 13.71
CA ILE E 717 -42.75 29.57 14.79
C ILE E 717 -42.29 30.30 16.04
N LEU E 718 -40.99 30.30 16.33
CA LEU E 718 -40.47 30.99 17.50
C LEU E 718 -40.58 32.49 17.40
N THR E 719 -40.89 33.03 16.22
CA THR E 719 -41.18 34.44 16.06
C THR E 719 -42.67 34.70 15.84
N ASP E 720 -43.49 33.67 15.92
CA ASP E 720 -44.93 33.78 15.68
C ASP E 720 -45.60 34.13 17.00
N ASP E 721 -46.36 35.23 17.02
CA ASP E 721 -46.88 35.74 18.27
C ASP E 721 -48.07 34.91 18.76
N THR E 722 -48.71 34.14 17.89
CA THR E 722 -49.82 33.29 18.34
C THR E 722 -49.33 32.18 19.26
N PHE E 723 -48.19 31.60 18.94
CA PHE E 723 -47.65 30.51 19.73
C PHE E 723 -47.00 31.06 20.99
N ILE E 724 -47.37 30.53 22.15
CA ILE E 724 -46.96 31.10 23.43
C ILE E 724 -46.04 30.15 24.16
N ALA E 725 -45.36 30.70 25.18
CA ALA E 725 -44.35 29.99 25.93
C ALA E 725 -44.97 28.87 26.77
N PRO E 726 -44.19 27.83 27.12
CA PRO E 726 -44.74 26.77 27.98
C PRO E 726 -45.15 27.23 29.37
N ILE E 727 -44.50 28.24 29.93
CA ILE E 727 -44.93 28.85 31.17
C ILE E 727 -45.06 30.35 30.96
N LEU E 728 -45.86 31.00 31.79
CA LEU E 728 -46.09 32.43 31.72
C LEU E 728 -45.94 33.02 33.11
N TRP E 729 -45.26 34.16 33.20
CA TRP E 729 -45.19 34.90 34.45
C TRP E 729 -46.00 36.18 34.42
N ASP E 730 -46.06 36.85 33.28
CA ASP E 730 -46.83 38.06 33.11
C ASP E 730 -47.73 37.90 31.90
N CYS E 731 -48.78 38.69 31.85
CA CYS E 731 -49.86 38.48 30.88
C CYS E 731 -49.60 39.16 29.54
N ASP E 732 -48.37 39.61 29.29
CA ASP E 732 -48.08 40.34 28.06
C ASP E 732 -48.11 39.43 26.83
N ALA E 733 -47.80 38.14 27.02
CA ALA E 733 -47.84 37.21 25.90
C ALA E 733 -49.26 37.03 25.38
N LEU E 734 -50.23 37.00 26.28
CA LEU E 734 -51.63 36.92 25.85
C LEU E 734 -52.08 38.21 25.18
N ILE E 735 -51.57 39.35 25.63
CA ILE E 735 -51.86 40.64 25.00
C ILE E 735 -51.37 40.65 23.56
N TYR E 736 -50.11 40.24 23.35
CA TYR E 736 -49.58 40.20 22.00
C TYR E 736 -50.24 39.11 21.16
N ARG E 737 -50.70 38.03 21.79
CA ARG E 737 -51.36 36.97 21.04
C ARG E 737 -52.73 37.40 20.53
N ASP E 738 -53.56 37.99 21.39
CA ASP E 738 -54.88 38.38 20.91
C ASP E 738 -54.86 39.73 20.20
N GLU E 739 -53.74 40.44 20.20
CA GLU E 739 -53.60 41.62 19.35
C GLU E 739 -53.05 41.27 17.97
N ALA E 740 -52.13 40.32 17.89
CA ALA E 740 -51.43 40.07 16.63
C ALA E 740 -52.31 39.32 15.63
N ALA E 741 -53.15 38.40 16.12
CA ALA E 741 -53.82 37.51 15.18
C ALA E 741 -55.02 38.16 14.48
N ARG E 742 -56.12 38.36 15.22
CA ARG E 742 -57.30 39.13 14.81
C ARG E 742 -58.04 38.62 13.57
N ASP E 743 -57.53 37.62 12.89
CA ASP E 743 -58.23 37.10 11.71
C ASP E 743 -58.37 35.59 11.74
N ARG E 744 -57.36 34.87 12.20
CA ARG E 744 -57.53 33.48 12.60
C ARG E 744 -58.32 33.49 13.90
N LEU E 745 -59.37 32.67 13.95
CA LEU E 745 -60.36 32.76 15.02
C LEU E 745 -59.78 32.30 16.35
N PRO E 746 -59.61 33.20 17.31
CA PRO E 746 -58.95 32.83 18.57
C PRO E 746 -59.94 32.41 19.65
N ALA E 747 -59.41 31.67 20.61
CA ALA E 747 -60.17 31.25 21.78
C ALA E 747 -59.20 30.86 22.87
N ILE E 748 -59.51 31.26 24.10
CA ILE E 748 -58.68 30.97 25.27
C ILE E 748 -59.59 30.52 26.40
N ARG E 749 -59.19 29.46 27.09
CA ARG E 749 -59.98 28.88 28.18
C ARG E 749 -59.11 28.84 29.42
N VAL E 750 -59.42 29.69 30.40
CA VAL E 750 -58.62 29.77 31.62
C VAL E 750 -59.43 29.27 32.80
N SER E 751 -59.36 27.96 33.05
CA SER E 751 -59.98 27.28 34.20
C SER E 751 -61.48 27.59 34.28
N GLY E 752 -62.21 27.15 33.27
CA GLY E 752 -63.62 27.44 33.22
C GLY E 752 -64.00 28.40 32.11
N ARG E 753 -64.29 29.65 32.47
CA ARG E 753 -64.82 30.63 31.54
C ARG E 753 -63.78 31.01 30.48
N ASN E 754 -64.28 31.58 29.39
CA ASN E 754 -63.45 32.03 28.28
C ASN E 754 -62.91 33.42 28.56
N GLY E 755 -61.63 33.62 28.27
CA GLY E 755 -61.01 34.92 28.43
C GLY E 755 -60.46 35.13 29.83
N TYR E 756 -59.57 36.12 29.93
CA TYR E 756 -58.89 36.47 31.16
C TYR E 756 -59.40 37.80 31.68
N GLN E 757 -58.87 38.21 32.83
CA GLN E 757 -59.30 39.44 33.47
C GLN E 757 -58.14 40.38 33.78
N ALA E 758 -56.97 39.84 34.12
CA ALA E 758 -55.72 40.58 34.32
C ALA E 758 -55.85 41.64 35.42
N LEU E 759 -56.06 41.17 36.65
CA LEU E 759 -56.10 42.04 37.82
C LEU E 759 -54.78 41.90 38.56
N HIS E 760 -53.94 42.93 38.48
CA HIS E 760 -52.69 43.01 39.20
C HIS E 760 -52.92 43.55 40.60
N PHE E 761 -51.83 43.78 41.32
CA PHE E 761 -51.83 44.44 42.64
C PHE E 761 -52.68 43.68 43.64
N VAL E 762 -52.22 42.47 43.95
CA VAL E 762 -52.84 41.67 45.01
C VAL E 762 -51.90 41.67 46.22
N ASP E 763 -52.46 41.91 47.40
CA ASP E 763 -51.71 42.00 48.64
C ASP E 763 -52.37 41.18 49.74
N MET E 764 -51.94 41.41 50.98
CA MET E 764 -52.47 40.65 52.13
C MET E 764 -53.92 40.99 52.46
N ALA E 765 -54.47 42.08 51.92
CA ALA E 765 -55.86 42.40 52.19
C ALA E 765 -56.80 41.41 51.50
N GLY E 766 -56.58 41.15 50.23
CA GLY E 766 -57.47 40.32 49.44
C GLY E 766 -56.78 39.19 48.70
N HIS E 767 -55.85 38.48 49.37
CA HIS E 767 -54.97 37.55 48.65
C HIS E 767 -55.75 36.38 48.05
N ASN E 768 -56.65 35.76 48.81
CA ASN E 768 -57.68 34.83 48.31
C ASN E 768 -57.07 33.67 47.51
N PHE E 769 -56.35 32.81 48.25
CA PHE E 769 -55.58 31.73 47.63
C PHE E 769 -56.47 30.75 46.87
N GLN E 770 -57.69 30.53 47.34
CA GLN E 770 -58.62 29.64 46.67
C GLN E 770 -59.59 30.43 45.81
N ARG E 771 -59.03 31.13 44.82
CA ARG E 771 -59.83 31.89 43.87
C ARG E 771 -60.32 30.97 42.76
N ARG E 772 -61.60 31.13 42.40
CA ARG E 772 -62.24 30.24 41.44
C ARG E 772 -62.39 30.85 40.06
N ASP E 773 -62.40 32.19 39.95
CA ASP E 773 -62.64 32.85 38.68
C ASP E 773 -61.41 32.74 37.77
N ASN E 774 -61.47 33.40 36.62
CA ASN E 774 -60.40 33.39 35.63
C ASN E 774 -59.53 34.64 35.74
N VAL E 775 -59.33 35.13 36.95
CA VAL E 775 -58.56 36.34 37.18
C VAL E 775 -57.08 35.97 37.24
N LEU E 776 -56.27 36.62 36.41
CA LEU E 776 -54.83 36.42 36.38
C LEU E 776 -54.13 37.63 36.99
N ILE E 777 -52.98 37.39 37.60
CA ILE E 777 -52.24 38.46 38.29
C ILE E 777 -51.16 38.97 37.34
N HIS E 778 -51.23 40.26 37.00
CA HIS E 778 -50.33 40.79 35.99
C HIS E 778 -48.99 41.20 36.58
N GLY E 779 -48.98 41.64 37.84
CA GLY E 779 -47.76 42.15 38.42
C GLY E 779 -47.69 43.66 38.48
N ARG E 780 -46.82 44.19 39.31
CA ARG E 780 -46.70 45.63 39.48
C ARG E 780 -46.05 46.28 38.26
N PRO E 781 -46.70 47.23 37.61
CA PRO E 781 -46.04 47.97 36.54
C PRO E 781 -44.99 48.92 37.09
N VAL E 782 -44.11 49.39 36.23
CA VAL E 782 -43.03 50.28 36.65
C VAL E 782 -43.40 51.75 36.41
N ARG E 783 -43.64 52.10 35.15
CA ARG E 783 -43.84 53.49 34.75
C ARG E 783 -45.34 53.83 34.76
N GLY E 784 -45.88 53.96 35.95
CA GLY E 784 -47.25 54.42 36.05
C GLY E 784 -47.86 54.09 37.39
N ASP E 785 -49.15 54.38 37.50
CA ASP E 785 -49.93 54.04 38.68
C ASP E 785 -50.85 52.87 38.30
N THR E 786 -51.00 51.93 39.23
CA THR E 786 -51.81 50.74 39.01
C THR E 786 -53.29 51.09 38.83
N GLY E 787 -53.92 51.61 39.89
CA GLY E 787 -55.31 52.00 39.81
C GLY E 787 -56.26 50.82 39.66
N GLN E 788 -57.47 51.14 39.24
CA GLN E 788 -58.50 50.14 38.97
C GLN E 788 -59.03 50.20 37.55
N ALA E 789 -59.32 51.40 37.03
CA ALA E 789 -59.81 51.53 35.67
C ALA E 789 -58.69 51.71 34.65
N ILE E 790 -57.45 51.80 35.11
CA ILE E 790 -56.30 51.91 34.20
C ILE E 790 -56.07 50.55 33.54
N PRO E 791 -56.07 50.47 32.22
CA PRO E 791 -55.98 49.15 31.58
C PRO E 791 -54.57 48.61 31.59
N ILE E 792 -54.46 47.34 31.18
CA ILE E 792 -53.22 46.61 31.30
C ILE E 792 -52.31 46.93 30.12
N THR E 793 -51.03 47.17 30.42
CA THR E 793 -50.03 47.31 29.39
C THR E 793 -49.00 46.19 29.51
N PRO E 794 -48.42 45.75 28.40
CA PRO E 794 -47.31 44.79 28.46
C PRO E 794 -46.13 45.36 29.23
N HIS E 795 -45.46 44.50 29.98
CA HIS E 795 -44.29 44.94 30.73
C HIS E 795 -43.12 45.23 29.80
N HIS E 796 -42.85 44.34 28.86
CA HIS E 796 -41.70 44.45 27.98
C HIS E 796 -42.16 44.46 26.52
N ASP E 797 -41.22 44.68 25.63
CA ASP E 797 -41.53 44.81 24.21
C ASP E 797 -41.78 43.45 23.56
N ARG E 798 -41.90 43.47 22.23
CA ARG E 798 -42.32 42.27 21.51
C ARG E 798 -41.18 41.26 21.39
N GLU E 799 -39.94 41.73 21.32
CA GLU E 799 -38.79 40.83 21.16
C GLU E 799 -38.56 39.96 22.40
N TRP E 800 -39.06 40.38 23.56
CA TRP E 800 -38.93 39.60 24.78
C TRP E 800 -39.63 38.25 24.64
N GLY E 801 -40.83 38.25 24.06
CA GLY E 801 -41.55 37.00 23.87
C GLY E 801 -40.86 36.07 22.90
N ILE E 802 -40.29 36.62 21.83
CA ILE E 802 -39.56 35.81 20.86
C ILE E 802 -38.34 35.17 21.50
N LEU E 803 -37.58 35.95 22.29
CA LEU E 803 -36.43 35.39 22.98
C LEU E 803 -36.85 34.33 23.99
N SER E 804 -37.99 34.55 24.65
CA SER E 804 -38.50 33.56 25.60
C SER E 804 -38.86 32.26 24.91
N LYS E 805 -39.53 32.33 23.76
CA LYS E 805 -39.90 31.13 23.03
C LYS E 805 -38.67 30.38 22.52
N ILE E 806 -37.67 31.13 22.01
CA ILE E 806 -36.44 30.49 21.55
C ILE E 806 -35.73 29.78 22.70
N TYR E 807 -35.66 30.44 23.86
CA TYR E 807 -35.02 29.85 25.02
C TYR E 807 -35.73 28.58 25.46
N TYR E 808 -37.04 28.67 25.69
CA TYR E 808 -37.78 27.56 26.27
C TYR E 808 -37.94 26.38 25.30
N TYR E 809 -37.89 26.62 23.99
CA TYR E 809 -38.02 25.50 23.07
C TYR E 809 -36.72 25.06 22.41
N ILE E 810 -35.59 25.70 22.68
CA ILE E 810 -34.30 25.21 22.18
C ILE E 810 -33.31 24.95 23.29
N VAL E 811 -33.02 25.97 24.11
CA VAL E 811 -31.87 25.86 25.00
C VAL E 811 -32.16 24.94 26.19
N ILE E 812 -33.36 25.05 26.77
CA ILE E 812 -33.74 24.16 27.88
C ILE E 812 -33.78 22.69 27.48
N PRO E 813 -34.46 22.27 26.39
CA PRO E 813 -34.43 20.83 26.06
C PRO E 813 -33.11 20.35 25.50
N ALA E 814 -32.27 21.23 24.94
CA ALA E 814 -30.98 20.75 24.46
C ALA E 814 -30.03 20.46 25.61
N PHE E 815 -30.21 21.11 26.75
CA PHE E 815 -29.36 20.83 27.90
C PHE E 815 -29.96 19.75 28.78
N SER E 816 -31.26 19.85 29.09
CA SER E 816 -31.86 18.88 30.00
C SER E 816 -32.07 17.53 29.32
N ARG E 817 -32.34 17.52 28.02
CA ARG E 817 -32.58 16.31 27.22
C ARG E 817 -33.74 15.50 27.78
N GLY E 818 -34.89 16.17 27.90
CA GLY E 818 -36.10 15.49 28.30
C GLY E 818 -36.20 15.13 29.76
N SER E 819 -35.29 15.60 30.61
CA SER E 819 -35.39 15.36 32.04
C SER E 819 -36.21 16.43 32.75
N CYS E 820 -36.19 17.66 32.25
CA CYS E 820 -36.93 18.74 32.87
C CYS E 820 -38.43 18.54 32.67
N CYS E 821 -39.20 18.92 33.68
CA CYS E 821 -40.65 18.79 33.65
C CYS E 821 -41.27 20.09 34.17
N THR E 822 -42.35 20.52 33.54
CA THR E 822 -43.05 21.71 33.98
C THR E 822 -44.10 21.34 35.03
N MET E 823 -44.20 22.18 36.07
CA MET E 823 -45.13 21.91 37.17
C MET E 823 -45.76 23.19 37.68
N GLY E 824 -46.85 23.01 38.41
CA GLY E 824 -47.47 24.10 39.14
C GLY E 824 -47.08 24.04 40.59
N VAL E 825 -47.14 25.20 41.25
CA VAL E 825 -46.70 25.35 42.63
C VAL E 825 -47.92 25.36 43.54
N ARG E 826 -47.66 25.34 44.85
CA ARG E 826 -48.72 25.47 45.85
C ARG E 826 -48.39 26.70 46.71
N TYR E 827 -49.01 27.83 46.37
CA TYR E 827 -48.70 29.06 47.09
C TYR E 827 -49.29 29.07 48.48
N ASP E 828 -50.45 28.45 48.68
CA ASP E 828 -51.07 28.39 49.99
C ASP E 828 -50.26 27.55 50.97
N ARG E 829 -49.42 26.66 50.47
CA ARG E 829 -48.50 25.89 51.30
C ARG E 829 -47.12 26.51 51.38
N LEU E 830 -46.77 27.40 50.45
CA LEU E 830 -45.42 27.93 50.41
C LEU E 830 -45.32 29.23 51.21
N TYR E 831 -46.31 30.09 51.07
CA TYR E 831 -46.26 31.41 51.72
C TYR E 831 -46.27 31.37 53.24
N PRO E 832 -47.09 30.57 53.94
CA PRO E 832 -46.95 30.51 55.41
C PRO E 832 -45.64 29.92 55.89
N ALA E 833 -44.93 29.16 55.05
CA ALA E 833 -43.59 28.71 55.40
C ALA E 833 -42.52 29.73 55.08
N LEU E 834 -42.91 30.88 54.54
CA LEU E 834 -41.98 31.95 54.19
C LEU E 834 -42.05 33.11 55.18
N GLN E 835 -42.88 33.00 56.22
CA GLN E 835 -43.08 34.06 57.19
C GLN E 835 -42.13 33.98 58.38
N ALA E 836 -41.35 32.91 58.48
CA ALA E 836 -40.59 32.62 59.69
C ALA E 836 -39.11 32.85 59.45
N VAL E 837 -38.61 34.00 59.91
CA VAL E 837 -37.20 34.32 59.91
C VAL E 837 -36.81 34.75 61.32
N ILE E 838 -35.60 34.37 61.74
CA ILE E 838 -35.19 34.49 63.14
C ILE E 838 -33.97 35.40 63.15
N VAL E 839 -33.99 36.42 62.32
CA VAL E 839 -32.95 37.45 62.41
C VAL E 839 -33.02 38.13 63.78
N PRO E 840 -31.90 38.44 64.42
CA PRO E 840 -31.96 38.95 65.80
C PRO E 840 -32.17 40.46 65.87
N GLU E 841 -32.13 40.99 67.10
CA GLU E 841 -32.12 42.42 67.34
C GLU E 841 -30.69 42.83 67.66
N ILE E 842 -29.98 43.31 66.64
CA ILE E 842 -28.61 43.78 66.81
C ILE E 842 -28.65 45.11 67.55
N PRO E 843 -27.90 45.27 68.63
CA PRO E 843 -27.86 46.56 69.32
C PRO E 843 -27.17 47.63 68.49
N ALA E 844 -27.49 48.88 68.79
CA ALA E 844 -26.94 50.01 68.05
C ALA E 844 -25.44 50.15 68.33
N ASP E 845 -24.75 50.81 67.39
CA ASP E 845 -23.29 50.97 67.40
C ASP E 845 -22.58 49.63 67.47
N GLU E 846 -23.11 48.64 66.75
CA GLU E 846 -22.49 47.32 66.66
C GLU E 846 -22.50 46.86 65.22
N GLU E 847 -21.42 46.22 64.81
CA GLU E 847 -21.25 45.74 63.45
C GLU E 847 -22.00 44.42 63.25
N ALA E 848 -22.56 44.25 62.06
CA ALA E 848 -23.34 43.05 61.77
C ALA E 848 -22.44 41.84 61.62
N PRO E 849 -22.84 40.68 62.14
CA PRO E 849 -22.01 39.48 61.97
C PRO E 849 -22.00 39.00 60.52
N THR E 850 -20.82 38.59 60.06
CA THR E 850 -20.65 38.08 58.71
C THR E 850 -20.43 36.58 58.69
N THR E 851 -19.46 36.09 59.46
CA THR E 851 -19.25 34.65 59.58
C THR E 851 -20.41 34.02 60.35
N PRO E 852 -20.74 32.76 60.05
CA PRO E 852 -21.80 32.07 60.82
C PRO E 852 -21.33 31.47 62.14
N GLU E 853 -20.18 31.88 62.66
CA GLU E 853 -19.65 31.29 63.89
C GLU E 853 -20.09 32.06 65.14
N ASP E 854 -20.17 33.39 65.09
CA ASP E 854 -20.63 34.14 66.25
C ASP E 854 -22.16 34.05 66.37
N PRO E 855 -22.68 34.03 67.60
CA PRO E 855 -24.11 33.70 67.80
C PRO E 855 -25.09 34.72 67.25
N ARG E 856 -24.66 35.94 66.95
CA ARG E 856 -25.57 36.92 66.39
C ARG E 856 -25.91 36.66 64.93
N HIS E 857 -25.18 35.77 64.26
CA HIS E 857 -25.46 35.45 62.87
C HIS E 857 -26.74 34.61 62.77
N PRO E 858 -27.61 34.89 61.79
CA PRO E 858 -28.87 34.15 61.72
C PRO E 858 -28.72 32.73 61.20
N LEU E 859 -27.55 32.36 60.69
CA LEU E 859 -27.29 30.99 60.26
C LEU E 859 -26.68 30.15 61.38
N HIS E 860 -26.29 30.79 62.49
CA HIS E 860 -25.71 30.08 63.62
C HIS E 860 -26.75 29.16 64.26
N ALA E 861 -26.26 28.07 64.86
CA ALA E 861 -27.15 27.01 65.34
C ALA E 861 -28.02 27.46 66.50
N HIS E 862 -27.59 28.49 67.24
CA HIS E 862 -28.39 28.98 68.36
C HIS E 862 -29.69 29.62 67.87
N GLN E 863 -29.62 30.43 66.83
CA GLN E 863 -30.80 31.10 66.28
C GLN E 863 -31.31 30.42 65.02
N LEU E 864 -31.24 29.10 64.98
CA LEU E 864 -31.68 28.32 63.82
C LEU E 864 -32.82 27.44 64.31
N VAL E 865 -34.02 28.00 64.31
CA VAL E 865 -35.23 27.37 64.86
C VAL E 865 -35.81 26.43 63.83
N PRO E 866 -36.22 25.21 64.20
CA PRO E 866 -36.76 24.27 63.22
C PRO E 866 -38.07 24.74 62.62
N ASN E 867 -38.38 24.21 61.43
CA ASN E 867 -39.57 24.52 60.64
C ASN E 867 -39.66 26.01 60.33
N SER E 868 -38.59 26.54 59.75
CA SER E 868 -38.51 27.96 59.42
C SER E 868 -37.74 28.11 58.12
N LEU E 869 -37.54 29.37 57.70
CA LEU E 869 -36.76 29.61 56.50
C LEU E 869 -35.27 29.42 56.74
N ASN E 870 -34.82 29.57 57.99
CA ASN E 870 -33.41 29.40 58.29
C ASN E 870 -32.94 27.98 58.07
N VAL E 871 -33.81 26.99 58.34
CA VAL E 871 -33.40 25.62 58.08
C VAL E 871 -33.40 25.33 56.57
N TYR E 872 -34.21 26.07 55.79
CA TYR E 872 -34.12 25.95 54.34
C TYR E 872 -32.80 26.49 53.83
N PHE E 873 -32.36 27.62 54.37
CA PHE E 873 -31.09 28.19 53.93
C PHE E 873 -29.89 27.39 54.46
N HIS E 874 -30.03 26.79 55.64
CA HIS E 874 -28.93 26.00 56.18
C HIS E 874 -28.85 24.63 55.52
N ASN E 875 -29.98 24.11 55.03
CA ASN E 875 -29.98 22.80 54.38
C ASN E 875 -29.20 22.83 53.09
N ALA E 876 -29.22 23.96 52.39
CA ALA E 876 -28.45 24.12 51.17
C ALA E 876 -27.03 24.57 51.42
N HIS E 877 -26.68 24.83 52.68
CA HIS E 877 -25.35 25.28 53.11
C HIS E 877 -24.99 26.60 52.42
N LEU E 878 -25.83 27.59 52.66
CA LEU E 878 -25.66 28.93 52.11
C LEU E 878 -25.67 29.95 53.24
N THR E 879 -24.88 31.01 53.06
CA THR E 879 -24.73 32.04 54.09
C THR E 879 -25.43 33.30 53.64
N VAL E 880 -26.28 33.85 54.51
CA VAL E 880 -26.99 35.09 54.25
C VAL E 880 -26.92 35.97 55.49
N ASP E 881 -27.15 37.26 55.29
CA ASP E 881 -27.11 38.24 56.36
C ASP E 881 -28.50 38.45 56.94
N GLY E 882 -28.63 39.46 57.79
CA GLY E 882 -29.92 39.74 58.40
C GLY E 882 -30.83 40.54 57.48
N ASP E 883 -30.30 41.60 56.87
CA ASP E 883 -31.11 42.47 56.02
C ASP E 883 -31.56 41.76 54.74
N ALA E 884 -30.75 40.82 54.24
CA ALA E 884 -31.15 40.03 53.08
C ALA E 884 -32.39 39.20 53.39
N LEU E 885 -32.47 38.66 54.61
CA LEU E 885 -33.68 38.00 55.05
C LEU E 885 -34.81 38.98 55.33
N LEU E 886 -34.48 40.21 55.74
CA LEU E 886 -35.52 41.19 56.05
C LEU E 886 -36.19 41.73 54.79
N THR E 887 -35.52 41.69 53.64
CA THR E 887 -36.13 42.16 52.41
C THR E 887 -37.26 41.25 51.89
N LEU E 888 -37.44 40.07 52.48
CA LEU E 888 -38.59 39.22 52.13
C LEU E 888 -39.91 39.91 52.44
N GLN E 889 -39.95 40.75 53.47
CA GLN E 889 -41.16 41.49 53.78
C GLN E 889 -41.48 42.53 52.71
N GLU E 890 -40.45 43.14 52.13
CA GLU E 890 -40.69 44.08 51.04
C GLU E 890 -41.04 43.33 49.76
N LEU E 891 -40.58 42.09 49.64
CA LEU E 891 -41.07 41.20 48.59
C LEU E 891 -42.55 40.87 48.77
N MET E 892 -43.01 40.79 50.02
CA MET E 892 -44.32 40.24 50.35
C MET E 892 -45.47 41.07 49.79
N GLY E 893 -45.26 42.36 49.52
CA GLY E 893 -46.35 43.22 49.09
C GLY E 893 -46.90 42.86 47.71
N ASP E 894 -46.11 42.15 46.92
CA ASP E 894 -46.57 41.56 45.66
C ASP E 894 -46.64 40.05 45.81
N MET E 895 -47.76 39.45 45.43
CA MET E 895 -47.93 38.01 45.56
C MET E 895 -48.58 37.46 44.30
N ALA E 896 -48.70 36.14 44.27
CA ALA E 896 -49.47 35.42 43.27
C ALA E 896 -50.40 34.45 43.98
N GLU E 897 -51.62 34.32 43.47
CA GLU E 897 -52.60 33.50 44.16
C GLU E 897 -52.36 32.02 43.92
N ARG E 898 -52.49 31.57 42.68
CA ARG E 898 -52.39 30.16 42.36
C ARG E 898 -52.09 30.00 40.88
N THR E 899 -51.60 28.81 40.52
CA THR E 899 -51.34 28.50 39.13
C THR E 899 -52.59 27.95 38.45
N THR E 900 -52.66 28.13 37.14
CA THR E 900 -53.82 27.72 36.36
C THR E 900 -53.39 27.26 34.98
N ALA E 901 -54.25 26.50 34.34
CA ALA E 901 -53.96 25.91 33.02
C ALA E 901 -54.65 26.73 31.95
N ILE E 902 -53.87 27.32 31.07
CA ILE E 902 -54.37 28.14 29.97
C ILE E 902 -54.31 27.31 28.70
N LEU E 903 -55.46 27.06 28.10
CA LEU E 903 -55.56 26.35 26.82
C LEU E 903 -55.95 27.37 25.76
N VAL E 904 -55.06 27.60 24.80
CA VAL E 904 -55.30 28.55 23.73
C VAL E 904 -55.43 27.80 22.42
N SER E 905 -56.28 28.34 21.54
CA SER E 905 -56.55 27.70 20.27
C SER E 905 -56.68 28.77 19.20
N SER E 906 -56.35 28.41 17.97
CA SER E 906 -56.45 29.33 16.84
C SER E 906 -56.50 28.55 15.55
N ALA E 907 -56.94 29.21 14.49
CA ALA E 907 -56.88 28.66 13.15
C ALA E 907 -55.44 28.75 12.64
N PRO E 908 -55.07 27.97 11.62
CA PRO E 908 -53.76 28.13 11.02
C PRO E 908 -53.64 29.47 10.31
N ASP E 909 -52.39 29.91 10.13
CA ASP E 909 -52.10 31.28 9.74
C ASP E 909 -52.55 31.56 8.31
N ALA E 910 -52.42 32.84 7.92
CA ALA E 910 -52.88 33.29 6.61
C ALA E 910 -52.06 32.72 5.47
N GLY E 911 -50.87 32.20 5.76
CA GLY E 911 -50.07 31.60 4.71
C GLY E 911 -50.64 30.29 4.21
N ALA E 912 -51.34 29.56 5.06
CA ALA E 912 -51.84 28.23 4.74
C ALA E 912 -53.34 28.10 4.96
N ALA E 913 -54.08 29.20 4.97
CA ALA E 913 -55.50 29.17 5.28
C ALA E 913 -56.30 29.04 3.99
N THR E 914 -56.62 27.81 3.60
CA THR E 914 -57.53 27.57 2.50
C THR E 914 -58.93 27.31 3.05
N ALA E 915 -59.87 27.01 2.15
CA ALA E 915 -61.27 26.90 2.52
C ALA E 915 -61.56 25.71 3.42
N THR E 916 -60.67 24.71 3.46
CA THR E 916 -60.87 23.56 4.32
C THR E 916 -59.93 23.50 5.52
N THR E 917 -58.88 24.32 5.54
CA THR E 917 -57.98 24.34 6.69
C THR E 917 -58.44 25.27 7.79
N ARG E 918 -59.45 26.11 7.54
CA ARG E 918 -59.93 26.97 8.61
C ARG E 918 -60.70 26.17 9.66
N ASN E 919 -61.28 25.03 9.27
CA ASN E 919 -62.02 24.23 10.24
C ASN E 919 -61.08 23.51 11.22
N MET E 920 -59.99 22.93 10.73
CA MET E 920 -59.07 22.26 11.65
C MET E 920 -58.25 23.28 12.41
N ARG E 921 -58.29 23.19 13.74
CA ARG E 921 -57.69 24.16 14.63
C ARG E 921 -56.53 23.51 15.35
N ILE E 922 -55.71 24.33 16.02
CA ILE E 922 -54.57 23.85 16.77
C ILE E 922 -54.72 24.25 18.24
N TYR E 923 -54.67 23.27 19.12
CA TYR E 923 -54.86 23.46 20.55
C TYR E 923 -53.56 23.19 21.27
N ASP E 924 -53.09 24.17 22.04
CA ASP E 924 -51.87 24.03 22.82
C ASP E 924 -51.99 24.80 24.12
N GLY E 925 -51.25 24.35 25.13
CA GLY E 925 -51.44 24.80 26.49
C GLY E 925 -50.22 25.47 27.10
N ALA E 926 -50.45 26.07 28.25
CA ALA E 926 -49.40 26.72 29.02
C ALA E 926 -49.83 26.77 30.48
N LEU E 927 -48.86 26.94 31.36
CA LEU E 927 -49.11 27.01 32.80
C LEU E 927 -48.79 28.42 33.26
N TYR E 928 -49.83 29.17 33.62
CA TYR E 928 -49.63 30.48 34.21
C TYR E 928 -49.10 30.31 35.62
N HIS E 929 -48.03 31.05 35.93
CA HIS E 929 -47.33 30.98 37.22
C HIS E 929 -46.86 29.56 37.54
N GLY E 930 -46.49 28.82 36.50
CA GLY E 930 -45.98 27.48 36.67
C GLY E 930 -44.47 27.49 36.75
N LEU E 931 -43.88 26.39 37.17
CA LEU E 931 -42.44 26.32 37.41
C LEU E 931 -41.88 25.04 36.80
N ILE E 932 -40.70 25.16 36.21
CA ILE E 932 -39.97 24.03 35.66
C ILE E 932 -38.87 23.65 36.63
N MET E 933 -38.81 22.38 37.03
CA MET E 933 -37.60 21.86 37.63
C MET E 933 -36.87 20.97 36.65
N MET E 934 -35.54 21.11 36.64
CA MET E 934 -34.73 20.50 35.61
C MET E 934 -34.35 19.07 35.93
N ALA E 935 -34.07 18.76 37.20
CA ALA E 935 -33.68 17.41 37.57
C ALA E 935 -34.39 17.04 38.86
N TYR E 936 -35.04 15.88 38.83
CA TYR E 936 -35.88 15.41 39.93
C TYR E 936 -35.09 14.50 40.86
N GLN E 937 -35.19 14.78 42.15
CA GLN E 937 -34.66 13.91 43.20
C GLN E 937 -35.85 13.25 43.88
N ALA E 938 -35.73 11.95 44.15
CA ALA E 938 -36.81 11.19 44.77
C ALA E 938 -36.46 10.70 46.15
N TYR E 939 -35.19 10.81 46.56
CA TYR E 939 -34.71 10.21 47.79
C TYR E 939 -34.26 11.24 48.80
N ASP E 940 -34.40 12.53 48.49
CA ASP E 940 -34.14 13.59 49.45
C ASP E 940 -35.32 13.59 50.42
N GLU E 941 -35.10 13.01 51.61
CA GLU E 941 -36.16 12.74 52.55
C GLU E 941 -36.39 13.87 53.54
N THR E 942 -35.58 14.93 53.48
CA THR E 942 -35.73 16.03 54.44
C THR E 942 -36.98 16.85 54.18
N ILE E 943 -37.46 16.86 52.94
CA ILE E 943 -38.69 17.55 52.57
C ILE E 943 -39.65 16.51 52.00
N ALA E 944 -40.89 16.53 52.51
CA ALA E 944 -41.86 15.52 52.11
C ALA E 944 -42.21 15.64 50.64
N THR E 945 -42.54 14.50 50.03
CA THR E 945 -42.76 14.45 48.59
C THR E 945 -44.04 15.17 48.20
N GLY E 946 -43.92 16.07 47.23
CA GLY E 946 -45.06 16.84 46.77
C GLY E 946 -45.61 17.82 47.78
N THR E 947 -44.74 18.40 48.61
CA THR E 947 -45.20 19.41 49.56
C THR E 947 -45.50 20.74 48.89
N PHE E 948 -44.67 21.16 47.94
CA PHE E 948 -44.80 22.47 47.32
C PHE E 948 -45.09 22.41 45.83
N PHE E 949 -44.63 21.36 45.15
CA PHE E 949 -44.76 21.25 43.70
C PHE E 949 -45.41 19.93 43.32
N TYR E 950 -46.21 19.95 42.25
CA TYR E 950 -46.90 18.78 41.74
C TYR E 950 -46.87 18.79 40.22
N PRO E 951 -46.60 17.65 39.57
CA PRO E 951 -46.29 17.66 38.14
C PRO E 951 -47.53 17.85 37.27
N VAL E 952 -47.51 18.89 36.44
CA VAL E 952 -48.52 19.13 35.41
C VAL E 952 -47.77 19.30 34.09
N PRO E 953 -47.40 18.22 33.40
CA PRO E 953 -46.51 18.36 32.23
C PRO E 953 -47.30 18.64 30.96
N VAL E 954 -47.04 19.81 30.36
CA VAL E 954 -47.61 20.13 29.05
C VAL E 954 -46.57 20.61 28.02
N ASN E 955 -45.97 19.65 27.33
CA ASN E 955 -45.39 19.51 25.99
C ASN E 955 -44.79 18.11 25.91
N PRO E 956 -44.62 17.55 24.71
CA PRO E 956 -43.79 16.35 24.58
C PRO E 956 -42.35 16.57 25.02
N LEU E 957 -41.83 17.79 24.88
CA LEU E 957 -40.46 18.08 25.27
C LEU E 957 -40.31 18.03 26.78
N PHE E 958 -41.29 18.53 27.52
CA PHE E 958 -41.24 18.64 28.97
C PHE E 958 -41.97 17.51 29.67
N ALA E 959 -42.24 16.42 28.97
CA ALA E 959 -42.82 15.25 29.60
C ALA E 959 -41.83 14.63 30.58
N CYS E 960 -42.35 14.04 31.64
CA CYS E 960 -41.55 13.66 32.80
C CYS E 960 -42.05 12.35 33.41
N PRO E 961 -41.36 11.24 33.15
CA PRO E 961 -41.75 9.99 33.82
C PRO E 961 -41.34 9.96 35.28
N GLU E 962 -40.15 10.47 35.60
CA GLU E 962 -39.64 10.39 36.96
C GLU E 962 -40.29 11.38 37.90
N HIS E 963 -40.87 12.46 37.36
CA HIS E 963 -41.40 13.52 38.21
C HIS E 963 -42.77 13.17 38.77
N LEU E 964 -43.41 12.10 38.30
CA LEU E 964 -44.77 11.80 38.70
C LEU E 964 -44.86 11.19 40.09
N ALA E 965 -43.73 10.91 40.75
CA ALA E 965 -43.78 10.49 42.14
C ALA E 965 -44.21 11.61 43.07
N SER E 966 -44.09 12.87 42.64
CA SER E 966 -44.54 14.00 43.44
C SER E 966 -46.05 14.05 43.58
N LEU E 967 -46.79 13.54 42.60
CA LEU E 967 -48.24 13.60 42.65
C LEU E 967 -48.78 12.61 43.67
N ARG E 968 -49.75 13.07 44.46
CA ARG E 968 -50.33 12.26 45.52
C ARG E 968 -51.14 11.11 44.94
N GLY E 969 -50.94 9.91 45.50
CA GLY E 969 -51.66 8.74 45.05
C GLY E 969 -51.17 8.19 43.73
N MET E 970 -49.87 7.95 43.63
CA MET E 970 -49.26 7.37 42.44
C MET E 970 -48.81 5.95 42.75
N THR E 971 -49.25 5.02 41.92
CA THR E 971 -48.99 3.60 42.13
C THR E 971 -48.06 3.06 41.05
N ASN E 972 -47.86 1.74 41.08
CA ASN E 972 -46.99 1.09 40.12
C ASN E 972 -47.57 1.15 38.71
N ALA E 973 -48.87 0.88 38.57
CA ALA E 973 -49.48 0.71 37.26
C ALA E 973 -49.47 2.03 36.47
N ARG E 974 -49.79 3.14 37.15
CA ARG E 974 -49.77 4.43 36.49
C ARG E 974 -48.37 4.81 36.05
N ARG E 975 -47.37 4.54 36.89
CA ARG E 975 -45.99 4.86 36.55
C ARG E 975 -45.50 4.05 35.37
N VAL E 976 -45.77 2.74 35.37
CA VAL E 976 -45.29 1.90 34.27
C VAL E 976 -46.07 2.17 32.99
N LEU E 977 -47.31 2.67 33.10
CA LEU E 977 -48.02 3.13 31.91
C LEU E 977 -47.42 4.43 31.40
N ALA E 978 -46.93 5.28 32.30
CA ALA E 978 -46.35 6.55 31.90
C ALA E 978 -44.93 6.44 31.38
N LYS E 979 -44.24 5.32 31.65
CA LYS E 979 -42.86 5.19 31.16
C LYS E 979 -42.79 5.08 29.64
N MET E 980 -43.88 4.70 28.98
CA MET E 980 -43.88 4.58 27.52
C MET E 980 -44.71 5.64 26.81
N VAL E 981 -45.71 6.21 27.46
CA VAL E 981 -46.56 7.25 26.88
C VAL E 981 -46.40 8.52 27.69
N PRO E 982 -46.13 9.67 27.08
CA PRO E 982 -46.01 10.91 27.83
C PRO E 982 -47.36 11.39 28.33
N PRO E 983 -47.52 11.54 29.64
CA PRO E 983 -48.83 11.96 30.17
C PRO E 983 -49.09 13.44 29.99
N ILE E 984 -49.92 13.79 29.02
CA ILE E 984 -50.34 15.16 28.77
C ILE E 984 -51.86 15.19 28.88
N PRO E 985 -52.41 15.92 29.84
CA PRO E 985 -53.85 15.84 30.09
C PRO E 985 -54.65 16.48 28.96
N PRO E 986 -55.85 15.98 28.68
CA PRO E 986 -56.62 16.51 27.55
C PRO E 986 -57.19 17.90 27.78
N PHE E 987 -57.11 18.46 28.98
CA PHE E 987 -57.49 19.85 29.12
C PHE E 987 -56.35 20.81 28.82
N LEU E 988 -55.21 20.29 28.40
CA LEU E 988 -54.07 21.12 28.01
C LEU E 988 -53.60 20.81 26.60
N GLY E 989 -54.50 20.34 25.74
CA GLY E 989 -54.17 20.07 24.36
C GLY E 989 -53.47 18.75 24.17
N ALA E 990 -53.94 17.99 23.20
CA ALA E 990 -53.41 16.66 22.92
C ALA E 990 -52.28 16.75 21.90
N ASN E 991 -51.68 15.60 21.61
CA ASN E 991 -50.52 15.59 20.72
C ASN E 991 -50.90 15.89 19.28
N HIS E 992 -51.94 15.24 18.77
CA HIS E 992 -52.27 15.37 17.35
C HIS E 992 -52.95 16.68 17.01
N HIS E 993 -53.10 17.60 17.97
CA HIS E 993 -53.59 18.94 17.69
C HIS E 993 -52.60 20.04 18.03
N ALA E 994 -51.58 19.75 18.83
CA ALA E 994 -50.66 20.78 19.29
C ALA E 994 -49.65 21.12 18.22
N THR E 995 -48.85 22.16 18.49
CA THR E 995 -47.79 22.56 17.57
C THR E 995 -46.58 21.65 17.69
N ILE E 996 -45.93 21.64 18.85
CA ILE E 996 -44.78 20.77 19.08
C ILE E 996 -45.30 19.37 19.37
N ARG E 997 -44.84 18.40 18.59
CA ARG E 997 -45.39 17.06 18.66
C ARG E 997 -44.33 16.06 19.14
N GLN E 998 -44.69 14.79 19.09
CA GLN E 998 -43.82 13.71 19.55
C GLN E 998 -42.48 13.60 18.80
N PRO E 999 -42.41 13.71 17.46
CA PRO E 999 -41.09 13.55 16.80
C PRO E 999 -40.03 14.55 17.23
N VAL E 1000 -40.38 15.78 17.62
CA VAL E 1000 -39.38 16.71 18.10
C VAL E 1000 -38.85 16.26 19.47
N ALA E 1001 -39.73 15.72 20.32
CA ALA E 1001 -39.28 15.17 21.59
C ALA E 1001 -38.38 13.95 21.38
N TYR E 1002 -38.73 13.09 20.41
CA TYR E 1002 -37.90 11.93 20.14
C TYR E 1002 -36.55 12.34 19.56
N HIS E 1003 -36.54 13.42 18.77
CA HIS E 1003 -35.28 13.99 18.32
C HIS E 1003 -34.44 14.50 19.48
N VAL E 1004 -35.06 15.16 20.45
CA VAL E 1004 -34.23 15.81 21.45
C VAL E 1004 -33.77 14.81 22.51
N THR E 1005 -34.48 13.69 22.67
CA THR E 1005 -34.08 12.75 23.71
C THR E 1005 -33.25 11.58 23.20
N HIS E 1006 -33.09 11.42 21.89
CA HIS E 1006 -32.38 10.27 21.35
C HIS E 1006 -31.26 10.68 20.40
N SER E 1007 -30.85 11.94 20.42
CA SER E 1007 -29.72 12.39 19.63
C SER E 1007 -28.57 12.70 20.57
N LYS E 1008 -27.40 12.15 20.25
CA LYS E 1008 -26.18 12.42 21.04
C LYS E 1008 -25.11 12.87 20.05
N SER E 1009 -25.12 14.16 19.73
CA SER E 1009 -24.13 14.73 18.83
C SER E 1009 -23.26 15.77 19.52
N ASP E 1010 -23.86 16.83 20.05
CA ASP E 1010 -23.14 17.95 20.65
C ASP E 1010 -24.17 18.78 21.41
N PHE E 1011 -23.77 19.97 21.84
CA PHE E 1011 -24.68 20.92 22.46
C PHE E 1011 -24.88 22.18 21.64
N ASN E 1012 -24.02 22.41 20.64
CA ASN E 1012 -24.23 23.55 19.74
C ASN E 1012 -25.00 23.11 18.50
N THR E 1013 -24.55 22.03 17.87
CA THR E 1013 -25.22 21.53 16.68
C THR E 1013 -26.60 20.98 17.02
N LEU E 1014 -26.81 20.52 18.26
CA LEU E 1014 -28.15 20.14 18.68
C LEU E 1014 -29.08 21.33 18.70
N THR E 1015 -28.62 22.48 19.21
CA THR E 1015 -29.45 23.67 19.23
C THR E 1015 -29.74 24.18 17.82
N TYR E 1016 -28.73 24.19 16.95
CA TYR E 1016 -28.98 24.63 15.58
C TYR E 1016 -29.86 23.64 14.82
N SER E 1017 -29.76 22.34 15.11
CA SER E 1017 -30.65 21.37 14.49
C SER E 1017 -32.08 21.52 14.98
N LEU E 1018 -32.24 21.84 16.27
CA LEU E 1018 -33.58 22.07 16.80
C LEU E 1018 -34.20 23.33 16.21
N LEU E 1019 -33.39 24.34 15.95
CA LEU E 1019 -33.91 25.52 15.24
C LEU E 1019 -34.24 25.18 13.79
N GLY E 1020 -33.43 24.32 13.17
CA GLY E 1020 -33.77 23.86 11.84
C GLY E 1020 -35.04 23.03 11.81
N GLY E 1021 -35.39 22.42 12.94
CA GLY E 1021 -36.72 21.84 13.06
C GLY E 1021 -37.80 22.89 12.99
N TYR E 1022 -37.65 23.98 13.74
CA TYR E 1022 -38.73 24.95 13.91
C TYR E 1022 -38.84 25.90 12.72
N PHE E 1023 -39.21 25.34 11.57
CA PHE E 1023 -39.49 26.09 10.36
C PHE E 1023 -40.79 25.58 9.77
N LYS E 1024 -41.66 26.49 9.37
CA LYS E 1024 -43.00 26.10 8.95
C LYS E 1024 -42.97 25.37 7.61
N PHE E 1025 -43.94 24.49 7.40
CA PHE E 1025 -44.10 23.77 6.15
C PHE E 1025 -45.24 24.35 5.32
N THR E 1026 -45.68 25.55 5.68
CA THR E 1026 -46.61 26.32 4.87
C THR E 1026 -45.99 26.61 3.49
N PRO E 1027 -46.78 26.57 2.41
CA PRO E 1027 -46.22 26.91 1.08
C PRO E 1027 -45.64 28.32 0.97
N ILE E 1028 -46.12 29.29 1.74
CA ILE E 1028 -45.43 30.58 1.79
C ILE E 1028 -44.08 30.44 2.48
N SER E 1029 -44.04 29.71 3.60
CA SER E 1029 -42.78 29.45 4.26
C SER E 1029 -41.88 28.57 3.42
N LEU E 1030 -42.49 27.68 2.63
CA LEU E 1030 -41.71 26.89 1.68
C LEU E 1030 -41.09 27.78 0.61
N THR E 1031 -41.83 28.81 0.17
CA THR E 1031 -41.28 29.78 -0.77
C THR E 1031 -40.08 30.50 -0.16
N HIS E 1032 -40.20 30.92 1.10
CA HIS E 1032 -39.10 31.60 1.78
C HIS E 1032 -37.88 30.69 1.90
N GLN E 1033 -38.10 29.43 2.28
CA GLN E 1033 -36.99 28.52 2.52
C GLN E 1033 -36.31 28.11 1.22
N LEU E 1034 -37.08 27.90 0.15
CA LEU E 1034 -36.49 27.52 -1.11
C LEU E 1034 -35.76 28.69 -1.76
N ARG E 1035 -36.27 29.92 -1.56
CA ARG E 1035 -35.60 31.07 -2.16
C ARG E 1035 -34.33 31.43 -1.40
N THR E 1036 -34.32 31.24 -0.07
CA THR E 1036 -33.16 31.64 0.71
C THR E 1036 -31.97 30.71 0.46
N GLY E 1037 -32.19 29.40 0.53
CA GLY E 1037 -31.10 28.46 0.40
C GLY E 1037 -31.22 27.34 1.40
N PHE E 1038 -32.26 27.39 2.22
CA PHE E 1038 -32.53 26.36 3.20
C PHE E 1038 -32.97 25.08 2.50
N HIS E 1039 -32.73 23.94 3.16
CA HIS E 1039 -33.15 22.65 2.64
C HIS E 1039 -34.22 22.08 3.55
N PRO E 1040 -35.49 22.12 3.17
CA PRO E 1040 -36.54 21.56 4.02
C PRO E 1040 -36.51 20.04 4.01
N GLY E 1041 -37.26 19.44 4.93
CA GLY E 1041 -37.22 18.01 5.11
C GLY E 1041 -38.00 17.22 4.08
N ILE E 1042 -37.69 17.39 2.80
CA ILE E 1042 -38.39 16.69 1.73
C ILE E 1042 -37.46 16.65 0.52
N ALA E 1043 -37.53 15.56 -0.23
CA ALA E 1043 -36.73 15.39 -1.44
C ALA E 1043 -37.67 15.18 -2.63
N PHE E 1044 -37.10 15.24 -3.83
CA PHE E 1044 -37.87 15.12 -5.05
C PHE E 1044 -37.20 14.15 -6.02
N THR E 1045 -38.01 13.45 -6.79
CA THR E 1045 -37.55 12.74 -7.97
C THR E 1045 -38.15 13.39 -9.21
N VAL E 1046 -37.36 13.50 -10.27
CA VAL E 1046 -37.77 14.21 -11.46
C VAL E 1046 -38.03 13.21 -12.57
N VAL E 1047 -38.98 13.52 -13.44
CA VAL E 1047 -39.30 12.70 -14.61
C VAL E 1047 -39.31 13.61 -15.82
N ARG E 1048 -38.61 13.20 -16.88
CA ARG E 1048 -38.51 14.00 -18.09
C ARG E 1048 -38.54 13.08 -19.29
N GLN E 1049 -39.42 13.36 -20.24
CA GLN E 1049 -39.59 12.52 -21.42
C GLN E 1049 -38.90 13.17 -22.61
N ASP E 1050 -38.12 12.38 -23.34
CA ASP E 1050 -37.33 12.88 -24.45
C ASP E 1050 -37.63 12.09 -25.71
N ARG E 1051 -37.55 12.77 -26.85
CA ARG E 1051 -37.81 12.17 -28.15
C ARG E 1051 -36.51 12.02 -28.92
N PHE E 1052 -36.42 10.95 -29.71
CA PHE E 1052 -35.25 10.72 -30.54
C PHE E 1052 -35.70 10.21 -31.91
N ALA E 1053 -35.14 10.79 -32.97
CA ALA E 1053 -35.45 10.37 -34.33
C ALA E 1053 -34.60 9.17 -34.68
N THR E 1054 -35.24 8.05 -34.98
CA THR E 1054 -34.54 6.79 -35.25
C THR E 1054 -34.85 6.31 -36.65
N GLU E 1055 -33.89 5.62 -37.25
CA GLU E 1055 -34.11 4.93 -38.52
C GLU E 1055 -34.51 3.49 -38.25
N GLN E 1056 -35.70 3.11 -38.71
CA GLN E 1056 -36.23 1.78 -38.47
C GLN E 1056 -35.89 0.87 -39.64
N LEU E 1057 -36.11 -0.42 -39.44
CA LEU E 1057 -35.78 -1.43 -40.43
C LEU E 1057 -36.89 -2.47 -40.42
N LEU E 1058 -37.62 -2.56 -41.52
CA LEU E 1058 -38.79 -3.44 -41.61
C LEU E 1058 -38.52 -4.60 -42.56
N TYR E 1059 -39.03 -5.76 -42.19
CA TYR E 1059 -39.00 -6.96 -43.02
C TYR E 1059 -40.41 -7.50 -43.11
N ALA E 1060 -40.82 -7.93 -44.31
CA ALA E 1060 -42.15 -8.49 -44.51
C ALA E 1060 -42.06 -9.66 -45.46
N GLU E 1061 -42.90 -10.67 -45.24
CA GLU E 1061 -42.84 -11.89 -46.02
C GLU E 1061 -43.51 -11.70 -47.39
N ARG E 1062 -43.59 -12.79 -48.14
CA ARG E 1062 -44.07 -12.76 -49.51
C ARG E 1062 -45.57 -12.52 -49.58
N ALA E 1063 -46.37 -13.43 -49.06
CA ALA E 1063 -47.81 -13.22 -49.09
C ALA E 1063 -48.28 -12.53 -47.81
N SER E 1064 -47.76 -11.32 -47.57
CA SER E 1064 -48.07 -10.65 -46.32
C SER E 1064 -49.52 -10.17 -46.28
N GLU E 1065 -49.99 -9.52 -47.35
CA GLU E 1065 -51.33 -8.97 -47.34
C GLU E 1065 -52.07 -9.26 -48.64
N SER E 1066 -53.37 -9.52 -48.52
CA SER E 1066 -54.27 -9.55 -49.67
C SER E 1066 -54.83 -8.15 -49.83
N TYR E 1067 -54.66 -7.56 -51.01
CA TYR E 1067 -54.84 -6.13 -51.17
C TYR E 1067 -55.77 -5.88 -52.35
N PHE E 1068 -56.91 -5.24 -52.06
CA PHE E 1068 -58.02 -5.11 -53.00
C PHE E 1068 -58.09 -3.69 -53.52
N VAL E 1069 -58.42 -3.54 -54.81
CA VAL E 1069 -58.49 -2.26 -55.49
C VAL E 1069 -59.91 -2.06 -55.99
N GLY E 1070 -60.51 -0.92 -55.67
CA GLY E 1070 -61.84 -0.58 -56.13
C GLY E 1070 -61.81 0.11 -57.48
N GLN E 1071 -62.91 0.79 -57.78
CA GLN E 1071 -63.04 1.58 -59.00
C GLN E 1071 -62.94 3.05 -58.66
N ILE E 1072 -62.18 3.79 -59.46
CA ILE E 1072 -61.94 5.20 -59.19
C ILE E 1072 -63.13 6.03 -59.68
N GLN E 1073 -63.49 7.05 -58.91
CA GLN E 1073 -64.53 8.00 -59.31
C GLN E 1073 -64.03 9.41 -59.04
N VAL E 1074 -64.54 10.36 -59.82
CA VAL E 1074 -64.09 11.75 -59.78
C VAL E 1074 -65.19 12.61 -59.19
N HIS E 1075 -64.80 13.65 -58.47
CA HIS E 1075 -65.74 14.60 -57.87
C HIS E 1075 -65.57 15.96 -58.53
N HIS E 1076 -66.58 16.38 -59.28
CA HIS E 1076 -66.65 17.75 -59.78
C HIS E 1076 -66.94 18.67 -58.60
N HIS E 1077 -65.97 19.51 -58.27
CA HIS E 1077 -66.07 20.33 -57.06
C HIS E 1077 -65.56 21.73 -57.37
N ASP E 1078 -66.33 22.73 -56.98
CA ASP E 1078 -65.95 24.10 -57.27
C ASP E 1078 -64.80 24.54 -56.37
N ALA E 1079 -64.02 25.49 -56.85
CA ALA E 1079 -62.78 25.90 -56.20
C ALA E 1079 -62.77 27.41 -56.07
N ILE E 1080 -61.64 27.97 -55.66
CA ILE E 1080 -61.55 29.41 -55.43
C ILE E 1080 -61.50 30.16 -56.76
N GLY E 1081 -60.68 29.70 -57.70
CA GLY E 1081 -60.60 30.37 -58.98
C GLY E 1081 -61.35 29.64 -60.07
N GLY E 1082 -61.20 28.32 -60.10
CA GLY E 1082 -61.84 27.52 -61.12
C GLY E 1082 -62.54 26.31 -60.53
N VAL E 1083 -62.19 25.11 -61.01
CA VAL E 1083 -62.80 23.88 -60.54
C VAL E 1083 -61.72 22.98 -59.99
N ASN E 1084 -62.14 22.08 -59.09
CA ASN E 1084 -61.27 21.08 -58.48
C ASN E 1084 -61.78 19.70 -58.84
N PHE E 1085 -60.89 18.83 -59.26
CA PHE E 1085 -61.22 17.43 -59.52
C PHE E 1085 -60.54 16.58 -58.45
N THR E 1086 -61.35 15.89 -57.64
CA THR E 1086 -60.86 15.00 -56.60
C THR E 1086 -61.09 13.58 -57.07
N LEU E 1087 -60.01 12.81 -57.21
CA LEU E 1087 -60.11 11.44 -57.67
C LEU E 1087 -60.01 10.51 -56.46
N THR E 1088 -61.04 9.70 -56.27
CA THR E 1088 -61.17 8.86 -55.08
C THR E 1088 -61.21 7.39 -55.49
N GLN E 1089 -60.36 6.58 -54.84
CA GLN E 1089 -60.32 5.14 -55.07
C GLN E 1089 -60.33 4.44 -53.72
N PRO E 1090 -61.30 3.57 -53.44
CA PRO E 1090 -61.31 2.81 -52.17
C PRO E 1090 -60.61 1.46 -52.29
N ARG E 1091 -59.90 1.10 -51.22
CA ARG E 1091 -59.10 -0.14 -51.19
C ARG E 1091 -59.40 -0.91 -49.91
N ALA E 1092 -58.87 -2.14 -49.86
CA ALA E 1092 -59.00 -2.99 -48.67
C ALA E 1092 -57.75 -3.82 -48.51
N HIS E 1093 -57.49 -4.26 -47.28
CA HIS E 1093 -56.30 -5.06 -47.00
C HIS E 1093 -56.59 -6.09 -45.90
N VAL E 1094 -56.09 -7.30 -46.11
CA VAL E 1094 -56.23 -8.41 -45.17
C VAL E 1094 -54.86 -9.01 -44.88
N ASP E 1095 -54.54 -9.16 -43.60
CA ASP E 1095 -53.29 -9.79 -43.19
C ASP E 1095 -53.50 -11.30 -43.15
N LEU E 1096 -53.07 -11.98 -44.21
CA LEU E 1096 -53.29 -13.43 -44.31
C LEU E 1096 -52.13 -14.25 -43.76
N GLY E 1097 -51.67 -13.90 -42.57
CA GLY E 1097 -50.68 -14.73 -41.90
C GLY E 1097 -51.25 -15.40 -40.66
N VAL E 1098 -50.99 -16.69 -40.47
CA VAL E 1098 -51.48 -17.38 -39.28
C VAL E 1098 -50.71 -16.94 -38.04
N GLY E 1099 -49.49 -16.43 -38.24
CA GLY E 1099 -48.74 -15.84 -37.16
C GLY E 1099 -48.49 -14.37 -37.44
N TYR E 1100 -47.23 -13.94 -37.30
CA TYR E 1100 -46.82 -12.59 -37.63
C TYR E 1100 -45.98 -12.68 -38.90
N THR E 1101 -46.22 -11.77 -39.84
CA THR E 1101 -45.50 -11.76 -41.10
C THR E 1101 -44.70 -10.49 -41.33
N ALA E 1102 -44.55 -9.64 -40.32
CA ALA E 1102 -43.82 -8.39 -40.47
C ALA E 1102 -43.12 -8.05 -39.17
N VAL E 1103 -41.83 -7.76 -39.24
CA VAL E 1103 -41.02 -7.44 -38.08
C VAL E 1103 -40.26 -6.15 -38.34
N CYS E 1104 -40.42 -5.17 -37.45
CA CYS E 1104 -39.68 -3.92 -37.51
C CYS E 1104 -38.76 -3.82 -36.30
N ALA E 1105 -37.67 -3.08 -36.46
CA ALA E 1105 -36.72 -2.89 -35.37
C ALA E 1105 -35.98 -1.58 -35.58
N THR E 1106 -35.80 -0.82 -34.51
CA THR E 1106 -35.01 0.39 -34.57
C THR E 1106 -33.55 0.04 -34.82
N ALA E 1107 -32.90 0.79 -35.69
CA ALA E 1107 -31.54 0.50 -36.09
C ALA E 1107 -30.54 1.56 -35.64
N ALA E 1108 -30.73 2.81 -36.04
CA ALA E 1108 -29.72 3.83 -35.83
C ALA E 1108 -30.34 5.06 -35.20
N LEU E 1109 -29.48 5.89 -34.63
CA LEU E 1109 -29.88 7.10 -33.93
C LEU E 1109 -29.51 8.32 -34.77
N ARG E 1110 -30.51 9.12 -35.11
CA ARG E 1110 -30.30 10.42 -35.68
C ARG E 1110 -30.35 11.47 -34.57
N CYS E 1111 -30.44 12.73 -34.96
CA CYS E 1111 -30.36 13.83 -34.00
C CYS E 1111 -31.52 13.79 -33.01
N PRO E 1112 -31.26 13.97 -31.72
CA PRO E 1112 -32.35 14.08 -30.75
C PRO E 1112 -33.16 15.34 -31.00
N LEU E 1113 -34.46 15.16 -31.17
CA LEU E 1113 -35.32 16.28 -31.53
C LEU E 1113 -35.64 17.19 -30.37
N THR E 1114 -35.35 16.78 -29.14
CA THR E 1114 -35.73 17.54 -27.97
C THR E 1114 -34.50 18.01 -27.21
N ASP E 1115 -34.75 18.85 -26.22
CA ASP E 1115 -33.72 19.43 -25.37
C ASP E 1115 -33.84 18.83 -23.99
N MET E 1116 -32.70 18.40 -23.43
CA MET E 1116 -32.70 17.83 -22.08
C MET E 1116 -32.47 18.92 -21.03
N GLY E 1117 -33.25 19.98 -21.09
CA GLY E 1117 -33.00 21.17 -20.29
C GLY E 1117 -33.54 21.05 -18.88
N ASN E 1118 -33.63 22.21 -18.22
CA ASN E 1118 -34.13 22.33 -16.86
C ASN E 1118 -35.32 23.30 -16.88
N THR E 1119 -36.48 22.79 -17.25
CA THR E 1119 -37.71 23.58 -17.30
C THR E 1119 -38.69 22.96 -16.32
N ALA E 1120 -39.01 23.70 -15.26
CA ALA E 1120 -39.87 23.19 -14.22
C ALA E 1120 -41.31 23.15 -14.69
N GLN E 1121 -42.02 22.09 -14.31
CA GLN E 1121 -43.44 21.98 -14.63
C GLN E 1121 -44.22 22.90 -13.70
N ASN E 1122 -44.85 23.93 -14.26
CA ASN E 1122 -45.58 24.92 -13.48
C ASN E 1122 -47.03 24.48 -13.36
N LEU E 1123 -47.50 24.34 -12.13
CA LEU E 1123 -48.83 23.84 -11.85
C LEU E 1123 -49.87 24.93 -11.71
N PHE E 1124 -49.52 26.19 -11.98
CA PHE E 1124 -50.47 27.28 -11.94
C PHE E 1124 -51.26 27.40 -13.22
N PHE E 1125 -51.03 26.53 -14.21
CA PHE E 1125 -51.83 26.54 -15.42
C PHE E 1125 -53.21 25.92 -15.20
N SER E 1126 -53.43 25.27 -14.07
CA SER E 1126 -54.66 24.50 -13.84
C SER E 1126 -55.63 25.27 -12.96
N ARG E 1127 -56.92 25.04 -13.20
CA ARG E 1127 -57.98 25.54 -12.36
C ARG E 1127 -58.84 24.37 -11.91
N GLY E 1128 -59.34 24.46 -10.69
CA GLY E 1128 -60.23 23.42 -10.19
C GLY E 1128 -60.04 23.06 -8.72
N GLY E 1129 -58.86 23.32 -8.18
CA GLY E 1129 -58.62 23.05 -6.78
C GLY E 1129 -59.32 24.05 -5.88
N VAL E 1130 -59.25 23.77 -4.57
CA VAL E 1130 -59.81 24.71 -3.60
C VAL E 1130 -58.91 25.94 -3.54
N PRO E 1131 -59.44 27.12 -3.79
CA PRO E 1131 -58.62 28.33 -3.75
C PRO E 1131 -58.38 28.78 -2.33
N MET E 1132 -57.25 29.43 -2.13
CA MET E 1132 -56.89 29.93 -0.82
C MET E 1132 -57.74 31.14 -0.47
N LEU E 1133 -57.91 31.39 0.83
CA LEU E 1133 -58.88 32.38 1.29
C LEU E 1133 -58.50 33.79 0.90
N HIS E 1134 -57.22 34.12 0.99
CA HIS E 1134 -56.74 35.46 0.65
C HIS E 1134 -56.27 35.48 -0.78
N ASP E 1135 -56.85 36.38 -1.59
CA ASP E 1135 -56.49 36.47 -3.00
C ASP E 1135 -55.08 37.01 -3.17
N ASN E 1136 -54.68 37.96 -2.32
CA ASN E 1136 -53.34 38.54 -2.44
C ASN E 1136 -52.25 37.50 -2.17
N VAL E 1137 -52.52 36.55 -1.27
CA VAL E 1137 -51.59 35.45 -1.02
C VAL E 1137 -51.40 34.61 -2.28
N THR E 1138 -52.50 34.27 -2.95
CA THR E 1138 -52.42 33.46 -4.16
C THR E 1138 -51.71 34.19 -5.29
N GLU E 1139 -52.00 35.47 -5.47
CA GLU E 1139 -51.37 36.17 -6.59
C GLU E 1139 -49.90 36.46 -6.31
N SER E 1140 -49.53 36.68 -5.04
CA SER E 1140 -48.13 36.84 -4.71
C SER E 1140 -47.37 35.52 -4.87
N LEU E 1141 -48.03 34.41 -4.54
CA LEU E 1141 -47.44 33.10 -4.73
C LEU E 1141 -47.19 32.82 -6.22
N ARG E 1142 -48.17 33.13 -7.07
CA ARG E 1142 -48.00 32.99 -8.51
C ARG E 1142 -46.92 33.91 -9.05
N ARG E 1143 -46.85 35.14 -8.53
CA ARG E 1143 -45.85 36.09 -8.98
C ARG E 1143 -44.44 35.63 -8.62
N ILE E 1144 -44.26 35.08 -7.42
CA ILE E 1144 -42.94 34.61 -7.01
C ILE E 1144 -42.56 33.35 -7.80
N THR E 1145 -43.53 32.46 -8.01
CA THR E 1145 -43.29 31.25 -8.81
C THR E 1145 -42.94 31.59 -10.25
N ALA E 1146 -43.48 32.71 -10.76
CA ALA E 1146 -43.11 33.18 -12.09
C ALA E 1146 -41.65 33.60 -12.15
N SER E 1147 -41.15 34.21 -11.08
CA SER E 1147 -39.72 34.47 -10.97
C SER E 1147 -38.96 33.16 -10.81
N GLY E 1148 -37.80 33.08 -11.45
CA GLY E 1148 -37.03 31.85 -11.38
C GLY E 1148 -37.59 30.71 -12.21
N GLY E 1149 -38.36 31.02 -13.24
CA GLY E 1149 -38.88 30.01 -14.12
C GLY E 1149 -39.09 30.59 -15.51
N ARG E 1150 -39.24 29.69 -16.48
CA ARG E 1150 -39.40 30.10 -17.86
C ARG E 1150 -40.85 30.24 -18.27
N LEU E 1151 -41.63 29.15 -18.18
CA LEU E 1151 -43.00 29.11 -18.66
C LEU E 1151 -43.94 29.47 -17.52
N ASN E 1152 -44.81 30.43 -17.76
CA ASN E 1152 -45.68 31.01 -16.75
C ASN E 1152 -46.99 31.39 -17.42
N PRO E 1153 -48.08 31.46 -16.66
CA PRO E 1153 -49.28 32.10 -17.20
C PRO E 1153 -49.03 33.57 -17.44
N THR E 1154 -49.72 34.11 -18.44
CA THR E 1154 -49.53 35.50 -18.81
C THR E 1154 -50.08 36.43 -17.74
N GLU E 1155 -49.62 37.68 -17.77
CA GLU E 1155 -49.93 38.62 -16.68
C GLU E 1155 -51.41 38.95 -16.43
N PRO E 1156 -52.31 39.11 -17.43
CA PRO E 1156 -53.67 39.54 -17.06
C PRO E 1156 -54.50 38.44 -16.40
N LEU E 1157 -54.12 37.16 -16.55
CA LEU E 1157 -54.90 35.98 -16.17
C LEU E 1157 -56.28 36.06 -16.78
N PRO E 1158 -56.41 35.79 -18.09
CA PRO E 1158 -57.67 36.04 -18.79
C PRO E 1158 -58.74 35.04 -18.42
N ILE E 1159 -59.82 35.53 -17.80
CA ILE E 1159 -60.98 34.69 -17.52
C ILE E 1159 -61.64 34.30 -18.84
N PHE E 1160 -62.23 33.10 -18.84
CA PHE E 1160 -62.74 32.44 -20.05
C PHE E 1160 -61.66 32.35 -21.12
N GLY E 1161 -60.60 31.61 -20.82
CA GLY E 1161 -59.49 31.46 -21.73
C GLY E 1161 -58.76 30.15 -21.47
N GLY E 1162 -57.66 29.97 -22.19
CA GLY E 1162 -56.90 28.74 -22.14
C GLY E 1162 -55.62 28.77 -21.35
N LEU E 1163 -55.23 29.93 -20.82
CA LEU E 1163 -54.00 30.13 -20.05
C LEU E 1163 -52.76 29.70 -20.83
N ARG E 1164 -52.65 30.23 -22.02
CA ARG E 1164 -51.49 29.85 -22.82
C ARG E 1164 -50.24 30.59 -22.32
N PRO E 1165 -49.11 29.89 -22.24
CA PRO E 1165 -47.87 30.57 -21.88
C PRO E 1165 -47.41 31.50 -22.98
N ALA E 1166 -46.69 32.54 -22.57
CA ALA E 1166 -46.28 33.59 -23.49
C ALA E 1166 -45.25 33.05 -24.47
N THR E 1167 -45.48 33.26 -25.76
CA THR E 1167 -44.53 32.86 -26.78
C THR E 1167 -43.28 33.73 -26.70
N SER E 1168 -42.19 33.22 -27.24
CA SER E 1168 -40.88 33.81 -27.06
C SER E 1168 -40.23 34.07 -28.40
N ALA E 1169 -38.95 34.42 -28.35
CA ALA E 1169 -38.12 34.57 -29.53
C ALA E 1169 -37.63 33.19 -30.00
N GLY E 1170 -36.63 33.17 -30.86
CA GLY E 1170 -36.16 31.94 -31.48
C GLY E 1170 -35.66 30.86 -30.54
N ILE E 1171 -35.65 29.62 -31.04
CA ILE E 1171 -35.29 28.45 -30.26
C ILE E 1171 -33.91 27.99 -30.69
N ALA E 1172 -33.02 27.76 -29.72
CA ALA E 1172 -31.63 27.50 -30.05
C ALA E 1172 -31.38 26.03 -30.36
N ARG E 1173 -31.70 25.15 -29.42
CA ARG E 1173 -31.21 23.78 -29.52
C ARG E 1173 -32.34 22.75 -29.51
N GLY E 1174 -33.58 23.17 -29.73
CA GLY E 1174 -34.67 22.25 -29.89
C GLY E 1174 -35.77 22.47 -28.86
N GLN E 1175 -36.78 21.62 -28.96
CA GLN E 1175 -37.98 21.75 -28.12
C GLN E 1175 -37.67 21.38 -26.68
N ALA E 1176 -37.99 22.28 -25.75
CA ALA E 1176 -37.64 22.09 -24.35
C ALA E 1176 -38.60 21.10 -23.69
N SER E 1177 -38.05 20.15 -22.95
CA SER E 1177 -38.85 19.13 -22.29
C SER E 1177 -38.98 19.46 -20.81
N VAL E 1178 -40.20 19.36 -20.28
CA VAL E 1178 -40.45 19.75 -18.91
C VAL E 1178 -40.13 18.59 -17.96
N CYS E 1179 -39.83 18.94 -16.71
CA CYS E 1179 -39.50 17.96 -15.68
C CYS E 1179 -40.50 18.09 -14.53
N GLU E 1180 -41.26 17.03 -14.29
CA GLU E 1180 -42.27 17.02 -13.24
C GLU E 1180 -41.63 16.58 -11.93
N PHE E 1181 -42.09 17.15 -10.83
CA PHE E 1181 -41.52 16.91 -9.51
C PHE E 1181 -42.46 16.08 -8.66
N VAL E 1182 -41.91 15.04 -8.04
CA VAL E 1182 -42.68 14.13 -7.18
C VAL E 1182 -42.09 14.19 -5.77
N ALA E 1183 -42.94 14.50 -4.79
CA ALA E 1183 -42.49 14.60 -3.41
C ALA E 1183 -42.20 13.21 -2.85
N MET E 1184 -41.18 13.12 -2.00
CA MET E 1184 -40.71 11.84 -1.49
C MET E 1184 -39.83 12.11 -0.27
N PRO E 1185 -39.71 11.15 0.64
CA PRO E 1185 -38.91 11.39 1.85
C PRO E 1185 -37.43 11.52 1.56
N VAL E 1186 -36.72 12.14 2.51
CA VAL E 1186 -35.28 12.32 2.38
C VAL E 1186 -34.57 10.99 2.56
N SER E 1187 -35.03 10.17 3.51
CA SER E 1187 -34.39 8.89 3.82
C SER E 1187 -34.84 7.83 2.82
N THR E 1188 -34.21 7.87 1.65
CA THR E 1188 -34.51 6.94 0.58
C THR E 1188 -33.31 6.05 0.31
N ASP E 1189 -33.57 4.75 0.14
CA ASP E 1189 -32.56 3.83 -0.37
C ASP E 1189 -32.10 4.31 -1.74
N LEU E 1190 -30.86 4.78 -1.83
CA LEU E 1190 -30.37 5.39 -3.06
C LEU E 1190 -30.08 4.33 -4.13
N GLN E 1191 -29.95 3.07 -3.74
CA GLN E 1191 -29.59 2.04 -4.70
C GLN E 1191 -30.78 1.69 -5.60
N TYR E 1192 -31.97 2.17 -5.26
CA TYR E 1192 -33.14 1.92 -6.08
C TYR E 1192 -33.03 2.67 -7.40
N PHE E 1193 -32.45 3.87 -7.38
CA PHE E 1193 -32.41 4.74 -8.56
C PHE E 1193 -31.23 4.45 -9.47
N ARG E 1194 -30.40 3.46 -9.18
CA ARG E 1194 -29.28 3.16 -10.06
C ARG E 1194 -29.65 2.21 -11.20
N THR E 1195 -30.86 1.67 -11.19
CA THR E 1195 -31.31 0.79 -12.26
C THR E 1195 -32.60 1.33 -12.87
N ALA E 1196 -33.20 0.57 -13.79
CA ALA E 1196 -34.43 1.00 -14.44
C ALA E 1196 -35.59 0.94 -13.46
N CYS E 1197 -35.87 2.06 -12.78
CA CYS E 1197 -36.81 2.08 -11.68
C CYS E 1197 -38.16 2.63 -12.13
N ASN E 1198 -39.07 2.77 -11.18
CA ASN E 1198 -40.40 3.30 -11.39
C ASN E 1198 -40.59 4.57 -10.56
N PRO E 1199 -41.11 5.65 -11.13
CA PRO E 1199 -41.22 6.90 -10.35
C PRO E 1199 -42.29 6.85 -9.28
N ARG E 1200 -43.26 5.95 -9.39
CA ARG E 1200 -44.34 5.89 -8.41
C ARG E 1200 -43.86 5.37 -7.07
N GLY E 1201 -42.74 4.66 -7.04
CA GLY E 1201 -42.22 4.04 -5.84
C GLY E 1201 -42.59 2.58 -5.69
N ARG E 1202 -43.59 2.11 -6.41
CA ARG E 1202 -44.01 0.71 -6.36
C ARG E 1202 -44.30 0.23 -7.77
N ALA E 1203 -43.65 -0.85 -8.17
CA ALA E 1203 -43.80 -1.37 -9.53
C ALA E 1203 -45.21 -1.93 -9.72
N SER E 1204 -45.78 -1.65 -10.88
CA SER E 1204 -47.15 -2.04 -11.19
C SER E 1204 -47.24 -2.34 -12.68
N GLY E 1205 -48.47 -2.45 -13.17
CA GLY E 1205 -48.71 -2.59 -14.59
C GLY E 1205 -49.70 -3.70 -14.89
N MET E 1206 -49.91 -3.90 -16.19
CA MET E 1206 -50.79 -4.93 -16.72
C MET E 1206 -50.13 -6.30 -16.73
N LEU E 1207 -48.81 -6.34 -16.56
CA LEU E 1207 -47.98 -7.48 -16.93
C LEU E 1207 -47.89 -8.55 -15.85
N TYR E 1208 -48.56 -8.37 -14.71
CA TYR E 1208 -48.50 -9.35 -13.62
C TYR E 1208 -49.91 -9.81 -13.29
N MET E 1209 -50.31 -10.97 -13.80
CA MET E 1209 -51.61 -11.55 -13.52
C MET E 1209 -51.48 -13.07 -13.47
N GLY E 1210 -52.59 -13.77 -13.59
CA GLY E 1210 -52.57 -15.22 -13.67
C GLY E 1210 -53.74 -15.93 -13.02
N ASP E 1211 -54.45 -15.27 -12.11
CA ASP E 1211 -55.52 -15.97 -11.42
C ASP E 1211 -56.87 -15.25 -11.50
N ARG E 1212 -56.88 -13.92 -11.47
CA ARG E 1212 -58.13 -13.18 -11.44
C ARG E 1212 -58.02 -11.97 -12.34
N ASP E 1213 -59.13 -11.26 -12.47
CA ASP E 1213 -59.23 -10.10 -13.35
C ASP E 1213 -59.11 -8.78 -12.62
N ALA E 1214 -59.55 -8.72 -11.36
CA ALA E 1214 -59.43 -7.50 -10.55
C ALA E 1214 -58.17 -7.57 -9.69
N ASP E 1215 -57.04 -7.73 -10.37
CA ASP E 1215 -55.73 -7.70 -9.71
C ASP E 1215 -54.90 -6.50 -10.12
N ILE E 1216 -55.31 -5.76 -11.16
CA ILE E 1216 -54.59 -4.56 -11.54
C ILE E 1216 -54.74 -3.47 -10.48
N GLU E 1217 -55.91 -3.35 -9.87
CA GLU E 1217 -56.07 -2.44 -8.74
C GLU E 1217 -55.42 -2.96 -7.47
N ALA E 1218 -55.29 -4.27 -7.32
CA ALA E 1218 -54.67 -4.82 -6.12
C ALA E 1218 -53.16 -4.64 -6.13
N ILE E 1219 -52.53 -4.73 -7.30
CA ILE E 1219 -51.08 -4.52 -7.38
C ILE E 1219 -50.74 -3.06 -7.15
N MET E 1220 -51.49 -2.17 -7.79
CA MET E 1220 -51.09 -0.76 -7.88
C MET E 1220 -51.32 0.00 -6.58
N PHE E 1221 -52.36 -0.36 -5.82
CA PHE E 1221 -52.78 0.47 -4.70
C PHE E 1221 -52.91 -0.23 -3.37
N ASP E 1222 -53.19 -1.54 -3.34
CA ASP E 1222 -53.42 -2.24 -2.08
C ASP E 1222 -52.09 -2.46 -1.37
N HIS E 1223 -51.92 -1.82 -0.22
CA HIS E 1223 -50.67 -1.84 0.52
C HIS E 1223 -50.68 -2.82 1.69
N THR E 1224 -51.71 -3.66 1.80
CA THR E 1224 -51.66 -4.71 2.81
C THR E 1224 -50.58 -5.73 2.49
N GLN E 1225 -50.41 -6.06 1.22
CA GLN E 1225 -49.38 -7.00 0.79
C GLN E 1225 -48.16 -6.24 0.26
N SER E 1226 -47.11 -6.98 -0.04
CA SER E 1226 -45.82 -6.39 -0.34
C SER E 1226 -45.74 -5.89 -1.78
N ASP E 1227 -44.56 -5.37 -2.13
CA ASP E 1227 -44.30 -4.94 -3.49
C ASP E 1227 -44.21 -6.17 -4.39
N VAL E 1228 -44.34 -5.93 -5.70
CA VAL E 1228 -44.21 -7.02 -6.66
C VAL E 1228 -42.74 -7.24 -7.01
N ALA E 1229 -41.99 -6.17 -7.26
CA ALA E 1229 -40.61 -6.31 -7.72
C ALA E 1229 -39.63 -6.42 -6.56
N TYR E 1230 -39.56 -5.40 -5.71
CA TYR E 1230 -38.65 -5.39 -4.57
C TYR E 1230 -39.41 -5.98 -3.39
N THR E 1231 -39.46 -7.30 -3.37
CA THR E 1231 -40.44 -8.03 -2.57
C THR E 1231 -40.03 -8.23 -1.11
N ASP E 1232 -39.64 -7.14 -0.45
CA ASP E 1232 -39.49 -7.17 1.01
C ASP E 1232 -40.06 -5.91 1.65
N ARG E 1233 -40.87 -5.14 0.93
CA ARG E 1233 -41.38 -3.87 1.42
C ARG E 1233 -42.65 -3.54 0.64
N ALA E 1234 -43.37 -2.53 1.13
CA ALA E 1234 -44.63 -2.17 0.47
C ALA E 1234 -44.39 -1.23 -0.70
N THR E 1235 -43.84 -0.04 -0.43
CA THR E 1235 -43.54 0.91 -1.48
C THR E 1235 -42.39 1.80 -1.03
N LEU E 1236 -41.69 2.40 -2.00
CA LEU E 1236 -40.56 3.26 -1.66
C LEU E 1236 -41.01 4.50 -0.90
N ASN E 1237 -41.84 5.31 -1.54
CA ASN E 1237 -42.34 6.51 -0.91
C ASN E 1237 -43.84 6.42 -0.74
N PRO E 1238 -44.35 6.58 0.47
CA PRO E 1238 -45.80 6.50 0.67
C PRO E 1238 -46.49 7.83 0.46
N TRP E 1239 -45.82 8.79 -0.19
CA TRP E 1239 -46.46 10.05 -0.53
C TRP E 1239 -46.92 10.10 -1.97
N ALA E 1240 -46.57 9.11 -2.78
CA ALA E 1240 -46.99 9.06 -4.17
C ALA E 1240 -47.32 7.65 -4.62
N SER E 1241 -47.85 6.81 -3.72
CA SER E 1241 -48.10 5.43 -4.06
C SER E 1241 -49.46 4.90 -3.63
N GLN E 1242 -50.13 5.49 -2.64
CA GLN E 1242 -51.39 4.96 -2.17
C GLN E 1242 -52.53 5.31 -3.12
N LYS E 1243 -53.75 5.02 -2.67
CA LYS E 1243 -54.93 5.28 -3.49
C LYS E 1243 -55.19 6.77 -3.62
N HIS E 1244 -55.03 7.52 -2.54
CA HIS E 1244 -55.33 8.95 -2.53
C HIS E 1244 -54.21 9.74 -1.88
N SER E 1245 -52.97 9.39 -2.20
CA SER E 1245 -51.83 10.11 -1.65
C SER E 1245 -51.62 11.42 -2.41
N TYR E 1246 -50.53 12.12 -2.08
CA TYR E 1246 -50.25 13.41 -2.68
C TYR E 1246 -49.93 13.28 -4.17
N GLY E 1247 -48.99 12.39 -4.50
CA GLY E 1247 -48.60 12.22 -5.88
C GLY E 1247 -49.69 11.64 -6.74
N ASP E 1248 -50.57 10.83 -6.14
CA ASP E 1248 -51.69 10.29 -6.90
C ASP E 1248 -52.76 11.34 -7.12
N ARG E 1249 -53.05 12.16 -6.11
CA ARG E 1249 -54.03 13.23 -6.30
C ARG E 1249 -53.51 14.33 -7.21
N LEU E 1250 -52.20 14.41 -7.41
CA LEU E 1250 -51.64 15.46 -8.24
C LEU E 1250 -51.40 15.03 -9.68
N TYR E 1251 -51.29 13.74 -9.97
CA TYR E 1251 -50.88 13.32 -11.30
C TYR E 1251 -51.75 12.25 -11.96
N ASN E 1252 -52.73 11.69 -11.25
CA ASN E 1252 -53.59 10.69 -11.87
C ASN E 1252 -54.58 11.35 -12.83
N GLY E 1253 -54.86 10.65 -13.94
CA GLY E 1253 -55.75 11.19 -14.95
C GLY E 1253 -57.22 10.92 -14.70
N THR E 1254 -57.55 10.09 -13.71
CA THR E 1254 -58.95 9.84 -13.39
C THR E 1254 -59.57 11.05 -12.70
N TYR E 1255 -58.87 11.63 -11.72
CA TYR E 1255 -59.38 12.80 -11.03
C TYR E 1255 -59.33 14.06 -11.88
N ASN E 1256 -58.35 14.15 -12.79
CA ASN E 1256 -58.21 15.26 -13.74
C ASN E 1256 -58.05 16.60 -13.03
N LEU E 1257 -57.04 16.67 -12.14
CA LEU E 1257 -56.76 17.92 -11.45
C LEU E 1257 -56.02 18.89 -12.36
N THR E 1258 -55.16 18.38 -13.23
CA THR E 1258 -54.31 19.19 -14.09
C THR E 1258 -54.90 19.13 -15.51
N GLY E 1259 -56.23 19.15 -15.59
CA GLY E 1259 -56.88 19.03 -16.88
C GLY E 1259 -56.80 20.31 -17.69
N ALA E 1260 -56.86 21.46 -17.03
CA ALA E 1260 -56.86 22.73 -17.73
C ALA E 1260 -55.49 23.16 -18.22
N SER E 1261 -54.43 22.48 -17.79
CA SER E 1261 -53.08 22.87 -18.16
C SER E 1261 -52.79 22.43 -19.59
N PRO E 1262 -52.34 23.33 -20.47
CA PRO E 1262 -52.00 22.93 -21.84
C PRO E 1262 -50.68 22.19 -21.96
N ILE E 1263 -49.78 22.34 -20.99
CA ILE E 1263 -48.48 21.66 -21.08
C ILE E 1263 -48.64 20.21 -20.65
N TYR E 1264 -47.60 19.43 -20.93
CA TYR E 1264 -47.67 17.97 -20.83
C TYR E 1264 -46.98 17.52 -19.55
N SER E 1265 -47.68 16.73 -18.74
CA SER E 1265 -47.08 16.16 -17.54
C SER E 1265 -46.45 14.83 -17.91
N PRO E 1266 -45.12 14.69 -17.84
CA PRO E 1266 -44.47 13.50 -18.43
C PRO E 1266 -44.68 12.22 -17.65
N CYS E 1267 -44.98 12.29 -16.35
CA CYS E 1267 -45.30 11.10 -15.58
C CYS E 1267 -46.80 10.88 -15.45
N PHE E 1268 -47.58 11.33 -16.43
CA PHE E 1268 -49.00 10.99 -16.49
C PHE E 1268 -49.19 9.51 -16.71
N LYS E 1269 -48.40 8.91 -17.62
CA LYS E 1269 -48.58 7.51 -17.99
C LYS E 1269 -48.17 6.54 -16.91
N PHE E 1270 -47.44 6.98 -15.88
CA PHE E 1270 -47.01 6.11 -14.81
C PHE E 1270 -48.05 5.94 -13.71
N PHE E 1271 -49.02 6.85 -13.61
CA PHE E 1271 -49.93 6.87 -12.47
C PHE E 1271 -51.36 6.50 -12.81
N THR E 1272 -51.72 6.45 -14.09
CA THR E 1272 -53.09 6.16 -14.48
C THR E 1272 -53.28 4.66 -14.66
N PRO E 1273 -54.32 4.06 -14.08
CA PRO E 1273 -54.62 2.66 -14.39
C PRO E 1273 -55.08 2.51 -15.82
N ALA E 1274 -54.34 1.74 -16.61
CA ALA E 1274 -54.67 1.54 -18.01
C ALA E 1274 -55.92 0.69 -18.15
N GLU E 1275 -56.65 0.90 -19.24
CA GLU E 1275 -57.85 0.13 -19.53
C GLU E 1275 -57.49 -1.32 -19.82
N VAL E 1276 -58.40 -2.22 -19.47
CA VAL E 1276 -58.11 -3.65 -19.49
C VAL E 1276 -59.21 -4.38 -20.25
N ASN E 1277 -58.80 -5.32 -21.11
CA ASN E 1277 -59.66 -6.39 -21.60
C ASN E 1277 -58.96 -7.72 -21.30
N THR E 1278 -59.64 -8.59 -20.58
CA THR E 1278 -59.03 -9.80 -20.05
C THR E 1278 -59.24 -11.02 -20.94
N ASN E 1279 -59.84 -10.84 -22.11
CA ASN E 1279 -60.12 -11.98 -22.99
C ASN E 1279 -58.84 -12.54 -23.60
N CYS E 1280 -57.87 -11.67 -23.91
CA CYS E 1280 -56.59 -12.14 -24.42
C CYS E 1280 -55.61 -12.44 -23.29
N ASN E 1281 -54.65 -13.31 -23.57
CA ASN E 1281 -53.62 -13.62 -22.60
C ASN E 1281 -52.56 -12.52 -22.57
N THR E 1282 -51.60 -12.68 -21.66
CA THR E 1282 -50.67 -11.59 -21.34
C THR E 1282 -49.68 -11.31 -22.46
N LEU E 1283 -49.14 -12.35 -23.09
CA LEU E 1283 -48.10 -12.15 -24.09
C LEU E 1283 -48.66 -11.53 -25.37
N ASP E 1284 -49.83 -12.00 -25.80
CA ASP E 1284 -50.46 -11.41 -26.97
C ASP E 1284 -50.91 -9.98 -26.70
N ARG E 1285 -51.41 -9.70 -25.49
CA ARG E 1285 -51.76 -8.32 -25.14
C ARG E 1285 -50.54 -7.42 -25.13
N LEU E 1286 -49.40 -7.96 -24.65
CA LEU E 1286 -48.16 -7.21 -24.65
C LEU E 1286 -47.70 -6.91 -26.07
N LEU E 1287 -47.87 -7.88 -26.97
CA LEU E 1287 -47.48 -7.65 -28.36
C LEU E 1287 -48.42 -6.67 -29.07
N MET E 1288 -49.72 -6.69 -28.72
CA MET E 1288 -50.63 -5.72 -29.32
C MET E 1288 -50.40 -4.32 -28.77
N GLU E 1289 -49.93 -4.20 -27.52
CA GLU E 1289 -49.55 -2.90 -27.01
C GLU E 1289 -48.14 -2.49 -27.43
N ALA E 1290 -47.41 -3.37 -28.12
CA ALA E 1290 -46.04 -3.08 -28.52
C ALA E 1290 -45.93 -2.38 -29.86
N LYS E 1291 -47.03 -2.15 -30.55
CA LYS E 1291 -46.99 -1.55 -31.88
C LYS E 1291 -46.66 -0.06 -31.79
N ALA E 1292 -46.70 0.60 -32.94
CA ALA E 1292 -46.45 2.04 -32.99
C ALA E 1292 -47.64 2.81 -32.46
N VAL E 1293 -47.64 3.09 -31.16
CA VAL E 1293 -48.75 3.84 -30.56
C VAL E 1293 -48.62 5.31 -30.96
N ALA E 1294 -49.75 6.00 -31.01
CA ALA E 1294 -49.75 7.43 -31.29
C ALA E 1294 -49.10 8.20 -30.15
N SER E 1295 -48.55 9.36 -30.47
CA SER E 1295 -47.77 10.13 -29.51
C SER E 1295 -48.67 10.76 -28.46
N GLN E 1296 -48.09 11.04 -27.29
CA GLN E 1296 -48.79 11.70 -26.20
C GLN E 1296 -48.17 13.05 -25.89
N SER E 1297 -47.53 13.67 -26.87
CA SER E 1297 -46.94 14.98 -26.71
C SER E 1297 -47.07 15.74 -28.02
N SER E 1298 -46.33 16.83 -28.15
CA SER E 1298 -46.41 17.70 -29.32
C SER E 1298 -45.00 17.99 -29.82
N THR E 1299 -44.88 18.16 -31.13
CA THR E 1299 -43.59 18.25 -31.79
C THR E 1299 -43.27 19.63 -32.35
N ASP E 1300 -44.20 20.25 -33.07
CA ASP E 1300 -43.93 21.52 -33.74
C ASP E 1300 -43.77 22.69 -32.78
N THR E 1301 -44.34 22.63 -31.59
CA THR E 1301 -44.40 23.79 -30.72
C THR E 1301 -43.08 23.96 -29.96
N GLU E 1302 -43.05 24.92 -29.03
CA GLU E 1302 -41.85 25.29 -28.30
C GLU E 1302 -41.74 24.59 -26.95
N TYR E 1303 -42.85 24.27 -26.30
CA TYR E 1303 -42.81 23.97 -24.87
C TYR E 1303 -43.25 22.56 -24.50
N GLN E 1304 -43.37 21.64 -25.46
CA GLN E 1304 -43.88 20.28 -25.26
C GLN E 1304 -45.29 20.30 -24.66
N PHE E 1305 -46.23 20.78 -25.48
CA PHE E 1305 -47.62 20.84 -25.09
C PHE E 1305 -48.27 19.46 -25.18
N LYS E 1306 -49.55 19.40 -24.81
CA LYS E 1306 -50.34 18.18 -24.96
C LYS E 1306 -50.60 17.92 -26.44
N ARG E 1307 -51.05 16.70 -26.73
CA ARG E 1307 -51.31 16.32 -28.10
C ARG E 1307 -52.52 17.04 -28.65
N PRO E 1308 -52.39 17.81 -29.73
CA PRO E 1308 -53.55 18.52 -30.28
C PRO E 1308 -54.49 17.53 -30.96
N PRO E 1309 -55.78 17.85 -31.01
CA PRO E 1309 -56.71 17.01 -31.80
C PRO E 1309 -56.39 17.09 -33.29
N GLY E 1310 -56.59 15.96 -33.96
CA GLY E 1310 -56.32 15.88 -35.39
C GLY E 1310 -54.88 15.66 -35.76
N SER E 1311 -53.99 15.47 -34.79
CA SER E 1311 -52.57 15.25 -35.05
C SER E 1311 -52.25 13.78 -34.88
N THR E 1312 -51.79 13.14 -35.95
CA THR E 1312 -51.46 11.71 -35.95
C THR E 1312 -49.97 11.56 -36.18
N GLU E 1313 -49.26 11.09 -35.15
CA GLU E 1313 -47.84 10.78 -35.23
C GLU E 1313 -47.61 9.45 -34.53
N MET E 1314 -47.17 8.45 -35.28
CA MET E 1314 -46.95 7.11 -34.74
C MET E 1314 -45.52 6.99 -34.24
N THR E 1315 -45.36 6.82 -32.93
CA THR E 1315 -44.05 6.74 -32.30
C THR E 1315 -43.96 5.44 -31.51
N GLN E 1316 -42.94 4.63 -31.79
CA GLN E 1316 -42.68 3.45 -30.99
C GLN E 1316 -42.28 3.87 -29.59
N ASP E 1317 -42.85 3.21 -28.58
CA ASP E 1317 -42.78 3.70 -27.21
C ASP E 1317 -42.27 2.64 -26.27
N PRO E 1318 -40.94 2.50 -26.13
CA PRO E 1318 -40.40 1.69 -25.04
C PRO E 1318 -40.55 2.40 -23.72
N CYS E 1319 -40.33 1.64 -22.64
CA CYS E 1319 -40.46 2.06 -21.23
C CYS E 1319 -41.73 2.84 -20.95
N GLY E 1320 -42.81 2.52 -21.67
CA GLY E 1320 -44.13 2.98 -21.34
C GLY E 1320 -45.02 1.76 -21.21
N LEU E 1321 -44.63 0.70 -21.90
CA LEU E 1321 -45.30 -0.59 -21.80
C LEU E 1321 -44.71 -1.48 -20.70
N PHE E 1322 -43.60 -1.05 -20.09
CA PHE E 1322 -43.01 -1.75 -18.96
C PHE E 1322 -43.13 -0.99 -17.65
N GLN E 1323 -43.62 0.25 -17.68
CA GLN E 1323 -43.78 1.13 -16.52
C GLN E 1323 -42.44 1.33 -15.80
N GLU E 1324 -41.44 1.80 -16.57
CA GLU E 1324 -40.11 2.00 -16.02
C GLU E 1324 -39.49 3.26 -16.62
N ALA E 1325 -38.46 3.76 -15.95
CA ALA E 1325 -37.69 4.91 -16.42
C ALA E 1325 -36.22 4.61 -16.27
N TYR E 1326 -35.40 5.20 -17.13
CA TYR E 1326 -33.97 4.90 -17.10
C TYR E 1326 -33.21 6.07 -16.48
N PRO E 1327 -32.32 5.84 -15.52
CA PRO E 1327 -31.57 6.94 -14.92
C PRO E 1327 -30.39 7.34 -15.78
N PRO E 1328 -30.22 8.63 -16.04
CA PRO E 1328 -29.08 9.07 -16.85
C PRO E 1328 -27.86 9.40 -16.01
N LEU E 1329 -26.79 9.86 -16.63
CA LEU E 1329 -25.58 10.27 -15.91
C LEU E 1329 -25.88 11.55 -15.17
N CYS E 1330 -26.10 11.43 -13.86
CA CYS E 1330 -26.38 12.59 -13.01
C CYS E 1330 -25.52 12.49 -11.77
N SER E 1331 -25.20 13.66 -11.20
CA SER E 1331 -24.39 13.72 -10.00
C SER E 1331 -24.88 14.85 -9.13
N SER E 1332 -24.66 14.71 -7.83
CA SER E 1332 -25.00 15.78 -6.92
C SER E 1332 -23.88 16.80 -6.77
N ASP E 1333 -22.74 16.56 -7.42
CA ASP E 1333 -21.65 17.52 -7.41
C ASP E 1333 -21.02 17.53 -8.79
N ALA E 1334 -20.75 18.73 -9.30
CA ALA E 1334 -20.10 18.85 -10.60
C ALA E 1334 -18.62 18.50 -10.55
N ALA E 1335 -18.03 18.43 -9.35
CA ALA E 1335 -16.61 18.12 -9.24
C ALA E 1335 -16.31 16.67 -9.62
N MET E 1336 -17.15 15.74 -9.18
CA MET E 1336 -16.93 14.32 -9.41
C MET E 1336 -17.48 13.86 -10.75
N LEU E 1337 -18.20 14.73 -11.46
CA LEU E 1337 -18.75 14.38 -12.77
C LEU E 1337 -17.68 14.28 -13.84
N ARG E 1338 -16.54 14.96 -13.68
CA ARG E 1338 -15.44 14.91 -14.63
C ARG E 1338 -14.14 14.64 -13.90
N THR E 1339 -13.31 13.78 -14.47
CA THR E 1339 -12.03 13.42 -13.86
C THR E 1339 -10.89 14.14 -14.57
N ALA E 1340 -9.73 14.13 -13.92
CA ALA E 1340 -8.54 14.84 -14.41
C ALA E 1340 -7.62 13.88 -15.15
N HIS E 1341 -8.06 13.49 -16.34
CA HIS E 1341 -7.27 12.60 -17.18
C HIS E 1341 -7.33 12.98 -18.66
N ALA E 1342 -8.03 14.06 -19.01
CA ALA E 1342 -8.23 14.53 -20.39
C ALA E 1342 -8.84 13.43 -21.27
N GLY E 1343 -10.07 13.06 -20.93
CA GLY E 1343 -10.70 11.91 -21.53
C GLY E 1343 -12.07 11.61 -20.96
N GLU E 1344 -12.27 10.37 -20.52
CA GLU E 1344 -13.56 9.89 -20.03
C GLU E 1344 -14.01 10.65 -18.79
N THR E 1345 -15.28 10.46 -18.44
CA THR E 1345 -15.91 11.15 -17.33
C THR E 1345 -15.55 10.51 -16.00
N GLY E 1346 -16.14 11.04 -14.93
CA GLY E 1346 -15.90 10.51 -13.61
C GLY E 1346 -16.55 9.15 -13.41
N ALA E 1347 -16.03 8.42 -12.41
CA ALA E 1347 -16.52 7.07 -12.17
C ALA E 1347 -16.71 6.75 -10.69
N ASP E 1348 -16.39 7.67 -9.79
CA ASP E 1348 -16.62 7.44 -8.37
C ASP E 1348 -18.11 7.52 -8.06
N GLU E 1349 -18.58 6.65 -7.16
CA GLU E 1349 -20.01 6.53 -6.96
C GLU E 1349 -20.54 7.51 -5.92
N VAL E 1350 -20.05 7.42 -4.68
CA VAL E 1350 -20.39 8.38 -3.64
C VAL E 1350 -19.10 8.84 -2.97
N HIS E 1351 -18.97 10.15 -2.76
CA HIS E 1351 -17.73 10.61 -2.15
C HIS E 1351 -17.85 10.78 -0.65
N LEU E 1352 -18.68 11.70 -0.17
CA LEU E 1352 -18.85 11.75 1.28
C LEU E 1352 -20.33 11.70 1.65
N ALA E 1353 -21.10 12.64 1.11
CA ALA E 1353 -22.55 12.63 1.20
C ALA E 1353 -23.22 12.99 -0.11
N GLN E 1354 -22.45 13.31 -1.15
CA GLN E 1354 -22.97 13.48 -2.49
C GLN E 1354 -23.00 12.12 -3.18
N TYR E 1355 -23.41 12.09 -4.45
CA TYR E 1355 -23.59 10.81 -5.12
C TYR E 1355 -23.46 11.02 -6.63
N LEU E 1356 -23.18 9.92 -7.32
CA LEU E 1356 -23.07 9.91 -8.78
C LEU E 1356 -23.75 8.64 -9.28
N ILE E 1357 -24.86 8.80 -9.98
CA ILE E 1357 -25.60 7.67 -10.55
C ILE E 1357 -25.11 7.46 -11.96
N ARG E 1358 -24.58 6.27 -12.25
CA ARG E 1358 -24.06 6.00 -13.57
C ARG E 1358 -25.18 5.87 -14.60
N ASP E 1359 -24.78 5.93 -15.86
CA ASP E 1359 -25.75 5.91 -16.95
C ASP E 1359 -26.27 4.50 -17.17
N ALA E 1360 -27.54 4.27 -16.82
CA ALA E 1360 -28.20 3.00 -17.09
C ALA E 1360 -29.14 3.08 -18.28
N SER E 1361 -29.25 4.24 -18.92
CA SER E 1361 -30.07 4.42 -20.10
C SER E 1361 -29.45 3.67 -21.28
N PRO E 1362 -30.25 3.32 -22.29
CA PRO E 1362 -29.67 2.72 -23.50
C PRO E 1362 -28.76 3.64 -24.30
N LEU E 1363 -28.69 4.93 -23.96
CA LEU E 1363 -27.84 5.87 -24.68
C LEU E 1363 -26.48 5.96 -23.96
N ARG E 1364 -25.80 4.83 -23.92
CA ARG E 1364 -24.46 4.77 -23.32
C ARG E 1364 -23.36 5.16 -24.29
N GLY E 1365 -23.48 4.78 -25.56
CA GLY E 1365 -22.47 5.10 -26.56
C GLY E 1365 -22.83 6.26 -27.46
N CYS E 1366 -23.87 7.00 -27.11
CA CYS E 1366 -24.32 8.17 -27.85
C CYS E 1366 -24.35 9.36 -26.89
N LEU E 1367 -24.93 10.49 -27.36
CA LEU E 1367 -25.07 11.73 -26.61
C LEU E 1367 -23.72 12.22 -26.09
N PRO E 1368 -22.90 12.83 -26.95
CA PRO E 1368 -21.50 13.12 -26.59
C PRO E 1368 -21.38 14.04 -25.38
N LEU E 1369 -20.36 13.76 -24.56
CA LEU E 1369 -20.27 14.33 -23.23
C LEU E 1369 -19.48 15.62 -23.23
N PRO F 1 51.59 46.14 -79.33
CA PRO F 1 52.30 45.18 -80.20
C PRO F 1 51.42 43.98 -80.54
N ALA F 2 50.90 43.95 -81.77
CA ALA F 2 50.07 42.82 -82.17
C ALA F 2 50.34 42.37 -83.60
N GLY F 3 51.36 42.93 -84.26
CA GLY F 3 51.76 42.48 -85.58
C GLY F 3 50.77 42.77 -86.69
N ILE F 4 50.15 43.94 -86.66
CA ILE F 4 49.30 44.40 -87.76
C ILE F 4 50.21 45.06 -88.78
N ILE F 5 49.96 44.78 -90.06
CA ILE F 5 50.71 45.45 -91.13
C ILE F 5 50.42 46.95 -91.07
N PRO F 6 51.44 47.81 -90.96
CA PRO F 6 51.19 49.24 -90.76
C PRO F 6 50.53 49.88 -91.97
N THR F 7 49.63 50.84 -91.70
CA THR F 7 48.91 51.51 -92.76
C THR F 7 49.80 52.47 -93.54
N GLY F 8 50.60 53.26 -92.84
CA GLY F 8 51.46 54.22 -93.49
C GLY F 8 52.77 54.38 -92.74
N ASN F 9 53.83 54.63 -93.49
CA ASN F 9 55.15 54.82 -92.90
C ASN F 9 55.24 56.19 -92.25
N VAL F 10 56.16 56.32 -91.30
CA VAL F 10 56.32 57.54 -90.51
C VAL F 10 57.62 58.22 -90.91
N LEU F 11 57.54 59.51 -91.19
CA LEU F 11 58.72 60.32 -91.48
C LEU F 11 59.21 60.99 -90.21
N SER F 12 60.34 61.71 -90.34
CA SER F 12 60.88 62.60 -89.31
C SER F 12 61.21 61.84 -88.02
N THR F 13 62.24 61.01 -88.10
CA THR F 13 62.80 60.37 -86.91
C THR F 13 63.34 61.42 -85.95
N ILE F 14 62.67 61.61 -84.81
CA ILE F 14 62.97 62.68 -83.87
C ILE F 14 62.79 62.09 -82.47
N GLU F 15 63.38 62.76 -81.47
CA GLU F 15 63.28 62.31 -80.08
C GLU F 15 61.85 62.48 -79.61
N VAL F 16 61.09 61.39 -79.59
CA VAL F 16 59.69 61.47 -79.20
C VAL F 16 59.54 61.53 -77.69
N CYS F 17 60.60 61.19 -76.95
CA CYS F 17 60.52 61.27 -75.48
C CYS F 17 60.50 62.70 -74.99
N ALA F 18 61.04 63.64 -75.77
CA ALA F 18 61.08 65.04 -75.34
C ALA F 18 59.67 65.64 -75.30
N HIS F 19 58.92 65.48 -76.39
CA HIS F 19 57.54 65.96 -76.44
C HIS F 19 56.58 64.77 -76.32
N ARG F 20 56.30 64.41 -75.06
CA ARG F 20 55.35 63.37 -74.72
C ARG F 20 54.06 63.91 -74.12
N CYS F 21 53.89 65.24 -74.10
CA CYS F 21 52.63 65.81 -73.62
C CYS F 21 51.50 65.53 -74.58
N ILE F 22 51.79 65.49 -75.88
CA ILE F 22 50.84 64.98 -76.86
C ILE F 22 50.82 63.46 -76.74
N PHE F 23 49.87 62.82 -77.44
CA PHE F 23 49.45 61.42 -77.33
C PHE F 23 48.78 61.16 -75.98
N ASP F 24 47.98 60.09 -75.91
CA ASP F 24 47.28 59.76 -74.69
C ASP F 24 47.88 58.58 -73.94
N PHE F 25 48.88 57.92 -74.51
CA PHE F 25 49.58 56.83 -73.84
C PHE F 25 50.98 56.75 -74.40
N PHE F 26 51.98 56.87 -73.52
CA PHE F 26 53.37 56.85 -73.92
C PHE F 26 54.10 55.79 -73.10
N LYS F 27 54.76 54.86 -73.79
CA LYS F 27 55.54 53.82 -73.15
C LYS F 27 56.88 53.70 -73.87
N GLN F 28 57.96 53.60 -73.11
CA GLN F 28 59.30 53.44 -73.66
C GLN F 28 59.94 52.20 -73.04
N ILE F 29 60.25 51.22 -73.87
CA ILE F 29 60.98 50.03 -73.46
C ILE F 29 62.41 50.14 -73.97
N ARG F 30 63.37 49.72 -73.15
CA ARG F 30 64.78 49.87 -73.49
C ARG F 30 65.17 49.02 -74.70
N SER F 31 65.15 47.70 -74.55
CA SER F 31 65.36 46.81 -75.69
C SER F 31 64.20 45.86 -75.90
N ASP F 32 63.82 45.13 -74.86
CA ASP F 32 62.67 44.24 -74.91
C ASP F 32 62.15 44.08 -73.49
N ASP F 33 60.89 43.68 -73.39
CA ASP F 33 60.24 43.59 -72.09
C ASP F 33 59.28 42.41 -72.10
N ASN F 34 58.97 41.90 -70.91
CA ASN F 34 58.04 40.80 -70.80
C ASN F 34 56.60 41.24 -70.98
N SER F 35 56.33 42.55 -70.99
CA SER F 35 54.96 43.01 -71.19
C SER F 35 54.53 42.90 -72.65
N LEU F 36 55.47 42.79 -73.58
CA LEU F 36 55.11 42.66 -74.99
C LEU F 36 54.50 41.30 -75.29
N TYR F 37 55.07 40.24 -74.72
CA TYR F 37 54.64 38.88 -75.04
C TYR F 37 53.59 38.39 -74.04
N SER F 38 52.50 39.14 -73.95
CA SER F 38 51.33 38.74 -73.19
C SER F 38 50.14 38.60 -74.13
N ALA F 39 49.53 37.43 -74.12
CA ALA F 39 48.42 37.13 -75.02
C ALA F 39 47.16 36.83 -74.23
N GLN F 40 46.87 37.65 -73.23
CA GLN F 40 45.66 37.48 -72.44
C GLN F 40 44.43 37.82 -73.28
N PHE F 41 43.38 37.02 -73.12
CA PHE F 41 42.15 37.25 -73.86
C PHE F 41 40.98 36.69 -73.07
N ASP F 42 39.79 37.19 -73.40
CA ASP F 42 38.54 36.72 -72.82
C ASP F 42 37.83 35.84 -73.84
N ILE F 43 37.02 34.90 -73.35
CA ILE F 43 36.35 33.94 -74.21
C ILE F 43 34.89 33.86 -73.81
N LEU F 44 34.01 33.81 -74.82
CA LEU F 44 32.58 33.59 -74.63
C LEU F 44 32.26 32.12 -74.91
N LEU F 45 31.53 31.50 -73.99
CA LEU F 45 31.36 30.05 -74.03
C LEU F 45 30.00 29.64 -74.59
N GLY F 46 29.21 30.59 -75.08
CA GLY F 46 27.90 30.30 -75.61
C GLY F 46 26.80 30.84 -74.73
N THR F 47 25.63 31.00 -75.33
CA THR F 47 24.46 31.54 -74.65
C THR F 47 23.35 30.49 -74.61
N TYR F 48 22.52 30.56 -73.58
CA TYR F 48 21.42 29.62 -73.40
C TYR F 48 20.13 30.39 -73.17
N CYS F 49 19.11 30.09 -73.96
CA CYS F 49 17.79 30.70 -73.86
C CYS F 49 16.73 29.63 -73.83
N ASN F 50 15.78 29.75 -72.90
CA ASN F 50 14.73 28.76 -72.75
C ASN F 50 13.59 29.04 -73.73
N THR F 51 12.83 28.00 -74.02
CA THR F 51 11.63 28.09 -74.84
C THR F 51 10.42 27.82 -73.98
N LEU F 52 9.49 28.77 -73.93
CA LEU F 52 8.26 28.55 -73.19
C LEU F 52 7.40 27.50 -73.87
N ASN F 53 6.63 26.78 -73.06
CA ASN F 53 5.60 25.90 -73.56
C ASN F 53 4.25 26.61 -73.58
N PHE F 54 3.43 26.29 -74.56
CA PHE F 54 2.12 26.90 -74.70
C PHE F 54 1.06 25.98 -74.12
N VAL F 55 0.20 26.55 -73.28
CA VAL F 55 -0.92 25.84 -72.67
C VAL F 55 -2.17 26.15 -73.47
N ARG F 56 -2.93 25.11 -73.80
CA ARG F 56 -4.22 25.27 -74.44
C ARG F 56 -5.31 24.97 -73.44
N PHE F 57 -6.32 25.84 -73.40
CA PHE F 57 -7.33 25.77 -72.36
C PHE F 57 -8.21 24.52 -72.51
N LEU F 58 -8.41 24.07 -73.74
CA LEU F 58 -9.25 22.89 -73.95
C LEU F 58 -8.57 21.64 -73.42
N GLU F 59 -7.24 21.54 -73.59
CA GLU F 59 -6.50 20.37 -73.13
C GLU F 59 -6.42 20.27 -71.61
N LEU F 60 -6.66 21.35 -70.89
CA LEU F 60 -6.73 21.27 -69.44
C LEU F 60 -7.95 20.49 -69.00
N GLY F 61 -7.84 19.81 -67.86
CA GLY F 61 -8.95 19.06 -67.32
C GLY F 61 -9.99 19.89 -66.62
N LEU F 62 -9.74 21.19 -66.46
CA LEU F 62 -10.74 22.10 -65.93
C LEU F 62 -11.72 22.53 -67.00
N SER F 63 -11.47 22.17 -68.26
CA SER F 63 -12.34 22.54 -69.37
C SER F 63 -13.67 21.80 -69.34
N VAL F 64 -13.76 20.70 -68.58
CA VAL F 64 -14.99 19.92 -68.53
C VAL F 64 -16.04 20.59 -67.65
N ALA F 65 -15.65 21.54 -66.81
CA ALA F 65 -16.55 22.20 -65.89
C ALA F 65 -17.30 23.38 -66.50
N CYS F 66 -17.16 23.61 -67.80
CA CYS F 66 -17.78 24.78 -68.41
C CYS F 66 -18.09 24.50 -69.87
N ILE F 67 -19.02 25.28 -70.41
CA ILE F 67 -19.41 25.22 -71.82
C ILE F 67 -19.05 26.57 -72.44
N CYS F 68 -17.92 26.62 -73.14
CA CYS F 68 -17.46 27.84 -73.76
C CYS F 68 -18.09 28.03 -75.14
N THR F 69 -18.76 29.15 -75.32
CA THR F 69 -19.35 29.50 -76.62
C THR F 69 -18.92 30.91 -77.00
N LYS F 70 -18.57 31.08 -78.26
CA LYS F 70 -18.19 32.39 -78.79
C LYS F 70 -19.40 33.29 -78.92
N PHE F 71 -19.17 34.58 -78.72
CA PHE F 71 -20.25 35.55 -78.81
C PHE F 71 -19.66 36.91 -79.19
N PRO F 72 -19.76 37.32 -80.46
CA PRO F 72 -19.09 38.56 -80.87
C PRO F 72 -19.74 39.82 -80.32
N GLU F 73 -21.07 39.90 -80.32
CA GLU F 73 -21.76 41.10 -79.88
C GLU F 73 -22.08 41.06 -78.40
N LEU F 74 -21.08 40.80 -77.56
CA LEU F 74 -21.27 40.74 -76.13
C LEU F 74 -21.36 42.13 -75.50
N ALA F 75 -20.64 43.11 -76.04
CA ALA F 75 -20.58 44.44 -75.44
C ALA F 75 -21.88 45.22 -75.57
N TYR F 76 -22.81 44.78 -76.40
CA TYR F 76 -24.10 45.44 -76.54
C TYR F 76 -25.19 44.80 -75.69
N VAL F 77 -24.84 43.79 -74.89
CA VAL F 77 -25.83 43.05 -74.10
C VAL F 77 -26.03 43.75 -72.77
N ARG F 78 -27.26 44.18 -72.51
CA ARG F 78 -27.60 44.82 -71.24
C ARG F 78 -27.76 43.78 -70.14
N ASP F 79 -28.74 42.90 -70.28
CA ASP F 79 -28.99 41.82 -69.33
C ASP F 79 -29.06 40.51 -70.10
N GLY F 80 -28.65 39.42 -69.47
CA GLY F 80 -28.91 38.09 -70.01
C GLY F 80 -29.96 37.41 -69.16
N VAL F 81 -30.82 36.63 -69.81
CA VAL F 81 -31.90 35.94 -69.14
C VAL F 81 -31.85 34.47 -69.52
N ILE F 82 -31.92 33.59 -68.52
CA ILE F 82 -32.04 32.16 -68.73
C ILE F 82 -33.15 31.64 -67.83
N GLN F 83 -33.95 30.71 -68.35
CA GLN F 83 -35.21 30.36 -67.72
C GLN F 83 -35.30 28.87 -67.42
N PHE F 84 -36.03 28.53 -66.36
CA PHE F 84 -36.28 27.15 -65.97
C PHE F 84 -37.75 26.96 -65.70
N GLU F 85 -38.29 25.80 -66.08
CA GLU F 85 -39.66 25.41 -65.77
C GLU F 85 -39.60 24.00 -65.19
N VAL F 86 -39.63 23.90 -63.86
CA VAL F 86 -39.42 22.63 -63.16
C VAL F 86 -40.70 22.25 -62.43
N GLN F 87 -41.16 21.03 -62.65
CA GLN F 87 -42.33 20.50 -61.98
C GLN F 87 -41.94 19.43 -60.97
N GLN F 88 -42.86 19.13 -60.06
CA GLN F 88 -42.63 18.20 -58.97
C GLN F 88 -43.76 17.18 -58.89
N PRO F 89 -43.47 15.94 -58.45
CA PRO F 89 -44.53 14.93 -58.31
C PRO F 89 -45.27 15.02 -56.99
N MET F 90 -46.14 14.04 -56.72
CA MET F 90 -46.80 13.93 -55.43
C MET F 90 -47.01 12.46 -55.10
N ILE F 91 -47.60 12.22 -53.93
CA ILE F 91 -48.27 10.96 -53.64
C ILE F 91 -49.67 11.32 -53.12
N ALA F 92 -50.57 10.34 -53.17
CA ALA F 92 -51.91 10.52 -52.62
C ALA F 92 -52.05 9.75 -51.32
N ARG F 93 -52.63 10.39 -50.31
CA ARG F 93 -52.91 9.73 -49.04
C ARG F 93 -54.36 9.97 -48.66
N ASP F 94 -54.72 9.53 -47.47
CA ASP F 94 -56.06 9.69 -46.92
C ASP F 94 -55.99 10.20 -45.47
N GLY F 95 -57.12 10.06 -44.77
CA GLY F 95 -57.18 10.42 -43.38
C GLY F 95 -57.18 11.92 -43.17
N PRO F 96 -56.74 12.36 -42.00
CA PRO F 96 -56.70 13.81 -41.70
C PRO F 96 -55.51 14.53 -42.33
N HIS F 97 -55.34 14.38 -43.63
CA HIS F 97 -54.36 15.09 -44.40
C HIS F 97 -55.05 15.76 -45.59
N PRO F 98 -54.81 17.04 -45.84
CA PRO F 98 -55.42 17.68 -47.01
C PRO F 98 -54.89 17.09 -48.30
N VAL F 99 -55.76 17.02 -49.31
CA VAL F 99 -55.32 16.56 -50.62
C VAL F 99 -54.41 17.61 -51.23
N ASP F 100 -53.44 17.17 -52.01
CA ASP F 100 -52.45 18.08 -52.58
C ASP F 100 -52.64 18.25 -54.08
N GLN F 101 -52.28 19.43 -54.56
CA GLN F 101 -52.23 19.76 -55.97
C GLN F 101 -50.76 19.90 -56.36
N PRO F 102 -50.41 19.59 -57.61
CA PRO F 102 -48.99 19.60 -57.97
C PRO F 102 -48.47 21.02 -58.07
N VAL F 103 -47.16 21.16 -57.90
CA VAL F 103 -46.53 22.46 -57.97
C VAL F 103 -45.64 22.52 -59.20
N HIS F 104 -45.62 23.68 -59.84
CA HIS F 104 -44.67 24.00 -60.89
C HIS F 104 -43.83 25.18 -60.43
N ASN F 105 -42.54 25.13 -60.72
CA ASN F 105 -41.63 26.18 -60.33
C ASN F 105 -41.03 26.82 -61.57
N TYR F 106 -41.00 28.15 -61.57
CA TYR F 106 -40.39 28.93 -62.65
C TYR F 106 -39.24 29.74 -62.05
N MET F 107 -38.02 29.34 -62.37
CA MET F 107 -36.84 30.03 -61.89
C MET F 107 -36.14 30.71 -63.06
N VAL F 108 -35.64 31.92 -62.81
CA VAL F 108 -34.96 32.72 -63.81
C VAL F 108 -33.63 33.20 -63.24
N LYS F 109 -32.57 33.12 -64.05
CA LYS F 109 -31.24 33.53 -63.64
C LYS F 109 -30.67 34.48 -64.68
N ARG F 110 -29.64 35.22 -64.29
CA ARG F 110 -29.09 36.25 -65.16
C ARG F 110 -27.57 36.19 -65.18
N ILE F 111 -26.98 36.74 -66.25
CA ILE F 111 -25.54 36.64 -66.45
C ILE F 111 -24.82 37.65 -65.55
N HIS F 112 -23.51 37.46 -65.43
CA HIS F 112 -22.63 38.37 -64.70
C HIS F 112 -21.39 38.61 -65.56
N LYS F 113 -21.19 39.86 -65.95
CA LYS F 113 -20.17 40.21 -66.94
C LYS F 113 -18.84 40.51 -66.26
N ARG F 114 -17.77 39.88 -66.77
CA ARG F 114 -16.42 40.06 -66.25
C ARG F 114 -15.52 40.45 -67.40
N SER F 115 -14.20 40.43 -67.17
CA SER F 115 -13.26 40.86 -68.19
C SER F 115 -11.91 40.21 -67.96
N LEU F 116 -11.04 40.32 -68.97
CA LEU F 116 -9.64 39.92 -68.88
C LEU F 116 -8.78 40.99 -69.54
N SER F 117 -7.73 41.40 -68.84
CA SER F 117 -6.86 42.46 -69.32
C SER F 117 -5.41 42.01 -69.27
N ALA F 118 -4.65 42.40 -70.29
CA ALA F 118 -3.25 42.03 -70.40
C ALA F 118 -2.48 43.15 -71.08
N ALA F 119 -1.31 43.46 -70.54
CA ALA F 119 -0.49 44.56 -71.02
C ALA F 119 0.67 44.04 -71.86
N PHE F 120 1.27 44.95 -72.63
CA PHE F 120 2.31 44.59 -73.58
C PHE F 120 3.03 45.88 -73.97
N ALA F 121 4.31 45.98 -73.63
CA ALA F 121 5.05 47.23 -73.74
C ALA F 121 5.97 47.23 -74.95
N ILE F 122 6.25 48.43 -75.45
CA ILE F 122 7.16 48.64 -76.58
C ILE F 122 8.10 49.77 -76.21
N ALA F 123 9.40 49.57 -76.42
CA ALA F 123 10.37 50.64 -76.22
C ALA F 123 10.26 51.69 -77.32
N SER F 124 10.72 52.91 -77.00
CA SER F 124 10.63 54.01 -77.96
C SER F 124 11.53 53.79 -79.16
N GLU F 125 12.71 53.23 -78.94
CA GLU F 125 13.63 52.94 -80.03
C GLU F 125 13.06 51.90 -80.98
N ALA F 126 12.23 50.99 -80.45
CA ALA F 126 11.55 50.04 -81.33
C ALA F 126 10.62 50.75 -82.30
N LEU F 127 9.88 51.76 -81.82
CA LEU F 127 9.06 52.57 -82.70
C LEU F 127 9.91 53.33 -83.72
N SER F 128 11.05 53.86 -83.27
CA SER F 128 11.92 54.62 -84.17
C SER F 128 12.49 53.76 -85.29
N LEU F 129 12.88 52.52 -84.97
CA LEU F 129 13.42 51.65 -86.02
C LEU F 129 12.33 50.90 -86.77
N LEU F 130 11.09 50.94 -86.30
CA LEU F 130 9.98 50.44 -87.09
C LEU F 130 9.28 51.51 -87.91
N SER F 131 9.69 52.77 -87.78
CA SER F 131 9.09 53.87 -88.54
C SER F 131 9.92 54.23 -89.77
N ASN F 132 10.48 53.24 -90.47
CA ASN F 132 11.30 53.53 -91.65
C ASN F 132 10.46 53.74 -92.89
N THR F 133 9.72 52.69 -93.31
CA THR F 133 8.82 52.69 -94.49
C THR F 133 9.57 53.06 -95.78
N TYR F 134 10.45 52.13 -96.17
CA TYR F 134 11.12 52.13 -97.49
C TYR F 134 12.05 53.35 -97.66
N VAL F 135 12.81 53.65 -96.61
CA VAL F 135 13.87 54.64 -96.69
C VAL F 135 15.26 54.04 -96.46
N ASP F 136 15.38 52.93 -95.76
CA ASP F 136 16.65 52.38 -95.32
C ASP F 136 16.77 50.94 -95.84
N GLY F 137 17.75 50.22 -95.28
CA GLY F 137 18.15 48.94 -95.84
C GLY F 137 19.65 48.78 -95.85
N THR F 138 20.34 49.68 -95.14
CA THR F 138 21.79 49.58 -94.96
C THR F 138 22.11 48.42 -94.01
N GLU F 139 23.41 48.15 -93.86
CA GLU F 139 23.87 46.94 -93.17
C GLU F 139 24.26 47.17 -91.72
N ILE F 140 23.92 48.31 -91.14
CA ILE F 140 24.21 48.61 -89.74
C ILE F 140 22.95 48.66 -88.89
N ASP F 141 21.90 49.31 -89.37
CA ASP F 141 20.64 49.37 -88.62
C ASP F 141 19.75 48.17 -88.89
N SER F 142 20.07 47.35 -89.90
CA SER F 142 19.25 46.19 -90.20
C SER F 142 19.27 45.20 -89.05
N SER F 143 20.43 44.98 -88.44
CA SER F 143 20.53 44.06 -87.31
C SER F 143 19.71 44.55 -86.13
N LEU F 144 19.72 45.86 -85.89
CA LEU F 144 18.89 46.42 -84.82
C LEU F 144 17.40 46.27 -85.13
N ARG F 145 17.03 46.38 -86.42
CA ARG F 145 15.63 46.19 -86.78
C ARG F 145 15.19 44.74 -86.59
N ILE F 146 16.06 43.78 -86.93
CA ILE F 146 15.72 42.38 -86.69
C ILE F 146 15.63 42.09 -85.19
N ARG F 147 16.48 42.72 -84.39
CA ARG F 147 16.37 42.56 -82.94
C ARG F 147 15.06 43.15 -82.41
N ALA F 148 14.64 44.30 -82.96
CA ALA F 148 13.39 44.92 -82.54
C ALA F 148 12.18 44.06 -82.89
N ILE F 149 12.12 43.54 -84.12
CA ILE F 149 10.96 42.75 -84.51
C ILE F 149 11.00 41.38 -83.83
N GLN F 150 12.19 40.88 -83.49
CA GLN F 150 12.29 39.64 -82.75
C GLN F 150 11.75 39.80 -81.33
N GLN F 151 12.09 40.91 -80.67
CA GLN F 151 11.49 41.19 -79.37
C GLN F 151 9.99 41.43 -79.49
N MET F 152 9.56 42.04 -80.59
CA MET F 152 8.14 42.24 -80.87
C MET F 152 7.37 40.94 -80.89
N ALA F 153 7.83 39.98 -81.71
CA ALA F 153 7.13 38.71 -81.83
C ALA F 153 7.22 37.89 -80.56
N ARG F 154 8.40 37.88 -79.92
CA ARG F 154 8.58 37.10 -78.70
C ARG F 154 7.71 37.62 -77.57
N ASN F 155 7.50 38.93 -77.52
CA ASN F 155 6.63 39.50 -76.50
C ASN F 155 5.15 39.24 -76.81
N LEU F 156 4.76 39.40 -78.08
CA LEU F 156 3.37 39.24 -78.46
C LEU F 156 2.91 37.79 -78.30
N ARG F 157 3.83 36.84 -78.44
CA ARG F 157 3.47 35.43 -78.28
C ARG F 157 3.03 35.14 -76.85
N THR F 158 3.77 35.63 -75.85
CA THR F 158 3.37 35.39 -74.47
C THR F 158 2.13 36.19 -74.10
N VAL F 159 1.96 37.36 -74.70
CA VAL F 159 0.73 38.14 -74.46
C VAL F 159 -0.49 37.38 -74.97
N LEU F 160 -0.38 36.76 -76.16
CA LEU F 160 -1.49 35.95 -76.66
C LEU F 160 -1.67 34.68 -75.85
N ASP F 161 -0.60 34.13 -75.30
CA ASP F 161 -0.71 32.93 -74.47
C ASP F 161 -1.39 33.22 -73.13
N SER F 162 -1.27 34.46 -72.63
CA SER F 162 -1.72 34.77 -71.27
C SER F 162 -3.23 34.62 -71.11
N PHE F 163 -4.00 34.83 -72.18
CA PHE F 163 -5.46 34.68 -72.05
C PHE F 163 -5.85 33.21 -71.90
N GLU F 164 -5.24 32.34 -72.71
CA GLU F 164 -5.44 30.91 -72.57
C GLU F 164 -4.96 30.42 -71.21
N ARG F 165 -3.93 31.08 -70.66
CA ARG F 165 -3.42 30.70 -69.35
C ARG F 165 -4.31 31.20 -68.21
N GLY F 166 -5.01 32.32 -68.40
CA GLY F 166 -5.80 32.92 -67.34
C GLY F 166 -7.28 32.59 -67.34
N THR F 167 -7.79 31.97 -68.39
CA THR F 167 -9.19 31.51 -68.37
C THR F 167 -9.41 30.48 -67.26
N ALA F 168 -8.43 29.60 -67.04
CA ALA F 168 -8.52 28.64 -65.94
C ALA F 168 -8.49 29.35 -64.59
N ASP F 169 -7.74 30.43 -64.49
CA ASP F 169 -7.74 31.24 -63.27
C ASP F 169 -9.12 31.82 -63.01
N GLN F 170 -9.79 32.30 -64.06
CA GLN F 170 -11.12 32.87 -63.86
C GLN F 170 -12.13 31.79 -63.48
N LEU F 171 -12.02 30.58 -64.04
CA LEU F 171 -12.92 29.51 -63.59
C LEU F 171 -12.67 29.13 -62.15
N LEU F 172 -11.40 29.08 -61.71
CA LEU F 172 -11.14 28.82 -60.30
C LEU F 172 -11.71 29.93 -59.42
N GLY F 173 -11.60 31.18 -59.87
CA GLY F 173 -12.16 32.27 -59.08
C GLY F 173 -13.67 32.19 -58.93
N VAL F 174 -14.38 31.92 -60.03
CA VAL F 174 -15.83 31.87 -59.96
C VAL F 174 -16.30 30.61 -59.21
N LEU F 175 -15.56 29.50 -59.34
CA LEU F 175 -15.97 28.28 -58.65
C LEU F 175 -15.68 28.36 -57.16
N LEU F 176 -14.64 29.10 -56.76
CA LEU F 176 -14.48 29.38 -55.33
C LEU F 176 -15.55 30.33 -54.82
N GLU F 177 -15.95 31.30 -55.64
CA GLU F 177 -17.00 32.22 -55.20
C GLU F 177 -18.37 31.59 -55.21
N LYS F 178 -18.53 30.41 -55.82
CA LYS F 178 -19.83 29.76 -55.91
C LYS F 178 -20.04 28.66 -54.88
N ALA F 179 -19.02 27.87 -54.57
CA ALA F 179 -19.20 26.60 -53.86
C ALA F 179 -19.44 26.83 -52.37
N PRO F 180 -20.50 26.26 -51.79
CA PRO F 180 -20.65 26.28 -50.33
C PRO F 180 -19.76 25.22 -49.70
N PRO F 181 -19.47 25.33 -48.40
CA PRO F 181 -18.67 24.30 -47.74
C PRO F 181 -19.41 22.98 -47.66
N LEU F 182 -18.64 21.88 -47.70
CA LEU F 182 -19.22 20.55 -47.59
C LEU F 182 -19.82 20.30 -46.22
N SER F 183 -19.17 20.80 -45.16
CA SER F 183 -19.67 20.63 -43.80
C SER F 183 -21.01 21.29 -43.57
N LEU F 184 -21.39 22.26 -44.41
CA LEU F 184 -22.71 22.86 -44.35
C LEU F 184 -23.62 22.38 -45.47
N LEU F 185 -23.08 21.88 -46.57
CA LEU F 185 -23.95 21.40 -47.63
C LEU F 185 -24.50 20.02 -47.32
N SER F 186 -23.69 19.14 -46.75
CA SER F 186 -24.08 17.74 -46.65
C SER F 186 -25.10 17.45 -45.54
N PRO F 187 -25.06 18.05 -44.34
CA PRO F 187 -26.17 17.81 -43.41
C PRO F 187 -27.51 18.36 -43.88
N ILE F 188 -27.56 19.50 -44.57
CA ILE F 188 -28.84 20.02 -45.03
C ILE F 188 -29.42 19.13 -46.13
N ASN F 189 -28.56 18.60 -46.99
CA ASN F 189 -29.04 17.70 -48.03
C ASN F 189 -29.54 16.37 -47.48
N LYS F 190 -29.20 16.03 -46.24
CA LYS F 190 -29.60 14.77 -45.64
C LYS F 190 -30.58 14.91 -44.49
N PHE F 191 -30.26 15.72 -43.48
CA PHE F 191 -31.00 15.69 -42.21
C PHE F 191 -32.38 16.30 -42.28
N GLN F 192 -32.65 17.20 -43.22
CA GLN F 192 -34.03 17.58 -43.49
C GLN F 192 -34.49 16.76 -44.70
N PRO F 193 -35.65 16.12 -44.64
CA PRO F 193 -36.10 15.32 -45.78
C PRO F 193 -36.44 16.17 -46.99
N GLU F 194 -37.36 17.11 -46.82
CA GLU F 194 -37.85 17.93 -47.93
C GLU F 194 -37.69 19.42 -47.68
N GLY F 195 -38.12 19.91 -46.52
CA GLY F 195 -38.04 21.32 -46.21
C GLY F 195 -39.31 21.79 -45.55
N HIS F 196 -39.50 23.12 -45.58
CA HIS F 196 -40.58 23.82 -44.89
C HIS F 196 -40.61 23.46 -43.41
N LEU F 197 -39.44 23.50 -42.79
CA LEU F 197 -39.26 23.01 -41.43
C LEU F 197 -39.90 23.94 -40.41
N ASN F 198 -40.21 23.38 -39.26
CA ASN F 198 -40.66 24.14 -38.09
C ASN F 198 -39.45 24.73 -37.37
N ARG F 199 -39.67 25.25 -36.16
CA ARG F 199 -38.55 25.78 -35.39
C ARG F 199 -37.66 24.65 -34.85
N VAL F 200 -38.26 23.52 -34.50
CA VAL F 200 -37.60 22.55 -33.63
C VAL F 200 -36.57 21.73 -34.41
N ALA F 201 -37.00 21.11 -35.51
CA ALA F 201 -36.07 20.32 -36.32
C ALA F 201 -34.99 21.19 -36.93
N ARG F 202 -35.34 22.43 -37.25
CA ARG F 202 -34.36 23.41 -37.71
C ARG F 202 -33.32 23.73 -36.64
N ALA F 203 -33.75 23.88 -35.38
CA ALA F 203 -32.80 24.15 -34.31
C ALA F 203 -31.88 22.95 -34.07
N ALA F 204 -32.43 21.73 -34.12
CA ALA F 204 -31.62 20.54 -34.00
C ALA F 204 -30.61 20.43 -35.14
N LEU F 205 -31.04 20.78 -36.35
CA LEU F 205 -30.15 20.82 -37.50
C LEU F 205 -29.03 21.84 -37.31
N LEU F 206 -29.35 23.00 -36.74
CA LEU F 206 -28.34 24.02 -36.51
C LEU F 206 -27.31 23.56 -35.49
N SER F 207 -27.75 22.86 -34.44
CA SER F 207 -26.80 22.30 -33.47
C SER F 207 -25.91 21.24 -34.11
N ASP F 208 -26.50 20.41 -34.98
CA ASP F 208 -25.70 19.44 -35.74
C ASP F 208 -24.66 20.13 -36.60
N LEU F 209 -25.03 21.25 -37.21
CA LEU F 209 -24.10 22.01 -38.05
C LEU F 209 -22.95 22.57 -37.23
N LYS F 210 -23.25 23.07 -36.03
CA LYS F 210 -22.18 23.57 -35.15
C LYS F 210 -21.20 22.46 -34.80
N ARG F 211 -21.72 21.28 -34.44
CA ARG F 211 -20.83 20.17 -34.11
C ARG F 211 -20.03 19.70 -35.32
N ARG F 212 -20.64 19.71 -36.51
CA ARG F 212 -19.96 19.25 -37.71
C ARG F 212 -18.84 20.20 -38.12
N VAL F 213 -19.07 21.51 -38.01
CA VAL F 213 -18.01 22.46 -38.31
C VAL F 213 -16.89 22.37 -37.28
N CYS F 214 -17.23 22.19 -36.00
CA CYS F 214 -16.19 22.06 -34.98
C CYS F 214 -15.39 20.77 -35.14
N ALA F 215 -15.98 19.73 -35.71
CA ALA F 215 -15.30 18.44 -35.83
C ALA F 215 -14.60 18.28 -37.19
N ASP F 216 -15.36 18.36 -38.28
CA ASP F 216 -14.87 18.01 -39.62
C ASP F 216 -14.43 19.31 -40.28
N MET F 217 -13.20 19.74 -39.98
CA MET F 217 -12.68 20.95 -40.60
C MET F 217 -11.34 20.69 -41.28
N PHE F 218 -10.51 19.85 -40.68
CA PHE F 218 -9.18 19.54 -41.21
C PHE F 218 -9.03 18.05 -41.39
N PHE F 219 -10.03 17.44 -42.03
CA PHE F 219 -10.16 15.99 -41.96
C PHE F 219 -9.13 15.29 -42.83
N MET F 220 -8.53 15.99 -43.78
CA MET F 220 -7.44 15.44 -44.58
C MET F 220 -6.13 15.31 -43.82
N THR F 221 -5.74 16.30 -43.02
CA THR F 221 -4.49 16.24 -42.29
C THR F 221 -4.62 15.63 -40.90
N ARG F 222 -5.84 15.34 -40.45
CA ARG F 222 -6.03 14.69 -39.17
C ARG F 222 -6.09 13.18 -39.32
N HIS F 223 -6.99 12.70 -40.16
CA HIS F 223 -7.14 11.25 -40.37
C HIS F 223 -6.37 10.79 -41.60
N ALA F 224 -5.10 11.17 -41.69
CA ALA F 224 -4.26 10.76 -42.79
C ALA F 224 -3.68 9.37 -42.60
N ARG F 225 -3.77 8.81 -41.39
CA ARG F 225 -3.32 7.46 -41.14
C ARG F 225 -4.39 6.41 -41.40
N GLU F 226 -5.61 6.84 -41.76
CA GLU F 226 -6.70 5.93 -42.07
C GLU F 226 -7.20 6.23 -43.49
N PRO F 227 -6.68 5.55 -44.51
CA PRO F 227 -7.14 5.80 -45.88
C PRO F 227 -8.58 5.38 -46.15
N ARG F 228 -9.21 4.61 -45.26
CA ARG F 228 -10.57 4.15 -45.52
C ARG F 228 -11.58 5.29 -45.37
N LEU F 229 -11.28 6.29 -44.54
CA LEU F 229 -12.22 7.38 -44.32
C LEU F 229 -12.16 8.42 -45.42
N ILE F 230 -10.98 8.60 -46.02
CA ILE F 230 -10.81 9.65 -47.03
C ILE F 230 -11.62 9.32 -48.29
N SER F 231 -11.51 8.07 -48.75
CA SER F 231 -12.38 7.61 -49.83
C SER F 231 -13.82 7.44 -49.38
N ALA F 232 -14.09 7.48 -48.07
CA ALA F 232 -15.45 7.46 -47.58
C ALA F 232 -16.11 8.82 -47.59
N TYR F 233 -15.36 9.92 -47.47
CA TYR F 233 -16.07 11.19 -47.62
C TYR F 233 -15.80 11.86 -48.96
N LEU F 234 -14.88 11.34 -49.78
CA LEU F 234 -14.80 11.85 -51.15
C LEU F 234 -16.06 11.48 -51.94
N SER F 235 -16.58 10.26 -51.73
CA SER F 235 -17.85 9.90 -52.33
C SER F 235 -19.01 10.64 -51.69
N ASP F 236 -18.85 11.08 -50.45
CA ASP F 236 -19.87 11.93 -49.83
C ASP F 236 -19.84 13.34 -50.41
N MET F 237 -18.64 13.83 -50.76
CA MET F 237 -18.51 15.08 -51.48
C MET F 237 -19.15 15.00 -52.84
N VAL F 238 -18.88 13.93 -53.58
CA VAL F 238 -19.35 13.82 -54.96
C VAL F 238 -20.85 13.57 -55.00
N SER F 239 -21.35 12.67 -54.16
CA SER F 239 -22.79 12.37 -54.16
C SER F 239 -23.55 13.31 -53.23
N CYS F 240 -23.32 14.61 -53.39
CA CYS F 240 -24.07 15.62 -52.66
C CYS F 240 -24.49 16.78 -53.54
N THR F 241 -23.89 16.95 -54.72
CA THR F 241 -24.23 18.00 -55.65
C THR F 241 -25.18 17.49 -56.71
N GLN F 242 -26.21 18.27 -56.98
CA GLN F 242 -27.12 17.93 -58.05
C GLN F 242 -26.44 18.09 -59.40
N PRO F 243 -26.82 17.28 -60.40
CA PRO F 243 -26.23 17.47 -61.73
C PRO F 243 -26.82 18.67 -62.45
N SER F 244 -26.46 18.85 -63.71
CA SER F 244 -26.92 19.98 -64.50
C SER F 244 -27.60 19.46 -65.77
N VAL F 245 -27.82 20.35 -66.73
CA VAL F 245 -28.52 19.98 -67.95
C VAL F 245 -27.64 19.02 -68.77
N MET F 246 -28.28 18.26 -69.65
CA MET F 246 -27.62 17.17 -70.36
C MET F 246 -27.42 17.46 -71.84
N VAL F 247 -27.95 18.58 -72.33
CA VAL F 247 -27.90 18.89 -73.76
C VAL F 247 -26.48 19.25 -74.17
N SER F 248 -25.96 18.52 -75.16
CA SER F 248 -24.64 18.72 -75.73
C SER F 248 -24.56 17.86 -76.99
N ARG F 249 -23.55 18.14 -77.81
CA ARG F 249 -23.29 17.36 -79.00
C ARG F 249 -22.11 16.41 -78.82
N ILE F 250 -20.96 16.93 -78.44
CA ILE F 250 -19.78 16.12 -78.15
C ILE F 250 -19.31 16.46 -76.73
N THR F 251 -18.94 15.43 -75.98
CA THR F 251 -18.65 15.55 -74.55
C THR F 251 -17.24 15.07 -74.27
N HIS F 252 -16.83 15.17 -73.02
CA HIS F 252 -15.56 14.61 -72.57
C HIS F 252 -15.76 13.14 -72.21
N THR F 253 -14.99 12.28 -72.84
CA THR F 253 -15.05 10.84 -72.60
C THR F 253 -13.64 10.31 -72.38
N ASN F 254 -13.57 9.08 -71.90
CA ASN F 254 -12.29 8.41 -71.74
C ASN F 254 -11.97 7.57 -72.99
N THR F 255 -10.95 6.71 -72.88
CA THR F 255 -10.53 5.89 -74.00
C THR F 255 -11.60 4.84 -74.34
N ARG F 256 -12.21 4.24 -73.32
CA ARG F 256 -13.24 3.24 -73.57
C ARG F 256 -14.48 3.87 -74.19
N GLY F 257 -14.86 5.05 -73.74
CA GLY F 257 -16.04 5.72 -74.24
C GLY F 257 -17.00 6.10 -73.15
N ARG F 258 -16.62 5.84 -71.90
CA ARG F 258 -17.47 6.19 -70.77
C ARG F 258 -17.47 7.69 -70.56
N GLN F 259 -18.67 8.26 -70.42
CA GLN F 259 -18.85 9.68 -70.18
C GLN F 259 -18.34 10.08 -68.80
N VAL F 260 -17.58 11.17 -68.75
CA VAL F 260 -17.04 11.68 -67.49
C VAL F 260 -18.16 12.38 -66.73
N ASP F 261 -17.94 12.65 -65.44
CA ASP F 261 -18.96 13.22 -64.59
C ASP F 261 -18.55 14.45 -63.82
N GLY F 262 -17.31 14.91 -63.92
CA GLY F 262 -16.95 16.12 -63.21
C GLY F 262 -15.45 16.36 -63.25
N VAL F 263 -15.01 17.30 -62.41
CA VAL F 263 -13.61 17.62 -62.21
C VAL F 263 -13.39 17.84 -60.72
N LEU F 264 -12.23 17.44 -60.21
CA LEU F 264 -11.91 17.58 -58.79
C LEU F 264 -10.52 18.18 -58.71
N VAL F 265 -10.44 19.46 -58.35
CA VAL F 265 -9.19 20.21 -58.36
C VAL F 265 -8.65 20.34 -56.94
N THR F 266 -7.34 20.09 -56.78
CA THR F 266 -6.67 20.09 -55.49
C THR F 266 -5.38 20.91 -55.53
N THR F 267 -4.59 20.80 -54.47
CA THR F 267 -3.18 21.14 -54.49
C THR F 267 -2.41 19.90 -54.92
N ALA F 268 -1.19 20.11 -55.43
CA ALA F 268 -0.39 19.00 -55.97
C ALA F 268 -0.03 17.97 -54.90
N THR F 269 0.23 18.44 -53.68
CA THR F 269 0.53 17.54 -52.57
C THR F 269 -0.67 16.66 -52.25
N LEU F 270 -1.87 17.24 -52.23
CA LEU F 270 -3.08 16.46 -51.98
C LEU F 270 -3.37 15.53 -53.14
N LYS F 271 -3.03 15.94 -54.37
CA LYS F 271 -3.14 15.03 -55.51
C LYS F 271 -2.24 13.82 -55.34
N ARG F 272 -1.01 14.05 -54.87
CA ARG F 272 -0.09 12.95 -54.63
C ARG F 272 -0.60 12.02 -53.53
N GLN F 273 -1.12 12.60 -52.44
CA GLN F 273 -1.58 11.78 -51.32
C GLN F 273 -2.83 10.97 -51.68
N LEU F 274 -3.76 11.58 -52.41
CA LEU F 274 -4.94 10.83 -52.87
C LEU F 274 -4.58 9.83 -53.97
N LEU F 275 -3.52 10.10 -54.72
CA LEU F 275 -3.22 9.27 -55.87
C LEU F 275 -2.38 8.06 -55.50
N GLN F 276 -1.60 8.13 -54.43
CA GLN F 276 -0.65 7.06 -54.14
C GLN F 276 -1.35 5.79 -53.64
N GLY F 277 -2.35 5.94 -52.77
CA GLY F 277 -2.94 4.76 -52.17
C GLY F 277 -4.43 4.79 -51.89
N ILE F 278 -5.12 5.88 -52.23
CA ILE F 278 -6.51 6.03 -51.83
C ILE F 278 -7.44 5.68 -52.98
N LEU F 279 -7.35 6.43 -54.08
CA LEU F 279 -8.24 6.25 -55.21
C LEU F 279 -7.61 5.31 -56.23
N GLN F 280 -8.43 4.89 -57.20
CA GLN F 280 -8.03 3.91 -58.20
C GLN F 280 -8.00 4.57 -59.57
N ILE F 281 -6.91 4.35 -60.31
CA ILE F 281 -6.77 4.92 -61.64
C ILE F 281 -7.71 4.22 -62.60
N ASP F 282 -8.48 5.00 -63.35
CA ASP F 282 -9.33 4.47 -64.40
C ASP F 282 -8.68 4.50 -65.77
N ASP F 283 -8.04 5.62 -66.13
CA ASP F 283 -7.36 5.73 -67.42
C ASP F 283 -6.30 6.82 -67.32
N THR F 284 -5.42 6.84 -68.31
CA THR F 284 -4.34 7.82 -68.39
C THR F 284 -4.60 8.86 -69.49
N ALA F 285 -5.44 8.53 -70.46
CA ALA F 285 -5.74 9.43 -71.56
C ALA F 285 -7.23 9.70 -71.62
N ALA F 286 -7.60 10.88 -72.11
CA ALA F 286 -8.99 11.29 -72.18
C ALA F 286 -9.28 11.87 -73.55
N ASP F 287 -10.56 11.82 -73.94
CA ASP F 287 -11.02 12.39 -75.19
C ASP F 287 -11.63 13.76 -74.90
N VAL F 288 -11.13 14.79 -75.58
CA VAL F 288 -11.47 16.17 -75.24
C VAL F 288 -11.96 16.90 -76.48
N PRO F 289 -13.13 17.55 -76.44
CA PRO F 289 -13.56 18.38 -77.56
C PRO F 289 -12.68 19.60 -77.72
N VAL F 290 -12.53 20.04 -78.96
CA VAL F 290 -11.53 21.05 -79.29
C VAL F 290 -12.13 22.36 -79.80
N THR F 291 -13.32 22.34 -80.38
CA THR F 291 -13.90 23.55 -80.96
C THR F 291 -14.84 24.23 -79.96
N TYR F 292 -15.05 25.53 -80.18
CA TYR F 292 -15.81 26.36 -79.25
C TYR F 292 -17.32 26.20 -79.44
N GLY F 293 -17.82 26.56 -80.61
CA GLY F 293 -19.24 26.68 -80.83
C GLY F 293 -19.67 28.13 -80.93
N GLU F 294 -19.84 28.62 -82.14
CA GLU F 294 -20.11 30.03 -82.42
C GLU F 294 -21.57 30.23 -82.80
N MET F 295 -22.18 31.25 -82.22
CA MET F 295 -23.53 31.63 -82.63
C MET F 295 -23.56 33.14 -82.84
N VAL F 296 -24.31 33.57 -83.86
CA VAL F 296 -24.44 34.98 -84.20
C VAL F 296 -25.92 35.29 -84.40
N LEU F 297 -26.24 36.58 -84.29
CA LEU F 297 -27.60 37.06 -84.53
C LEU F 297 -27.69 37.68 -85.92
N GLN F 298 -28.77 37.39 -86.62
CA GLN F 298 -28.96 37.85 -87.99
C GLN F 298 -30.44 37.81 -88.34
N GLY F 299 -30.80 38.54 -89.39
CA GLY F 299 -32.15 38.51 -89.92
C GLY F 299 -33.21 39.05 -88.99
N THR F 300 -34.20 38.20 -88.69
CA THR F 300 -35.31 38.62 -87.84
C THR F 300 -34.83 38.94 -86.42
N ASN F 301 -33.82 38.21 -85.95
CA ASN F 301 -33.26 38.51 -84.64
C ASN F 301 -32.53 39.84 -84.65
N LEU F 302 -31.85 40.16 -85.75
CA LEU F 302 -31.16 41.44 -85.87
C LEU F 302 -32.15 42.60 -85.88
N VAL F 303 -33.22 42.48 -86.66
CA VAL F 303 -34.17 43.59 -86.75
C VAL F 303 -34.95 43.72 -85.44
N THR F 304 -35.21 42.59 -84.76
CA THR F 304 -35.84 42.65 -83.44
C THR F 304 -34.94 43.35 -82.42
N ALA F 305 -33.64 43.04 -82.44
CA ALA F 305 -32.71 43.67 -81.52
C ALA F 305 -32.54 45.15 -81.81
N LEU F 306 -32.56 45.54 -83.08
CA LEU F 306 -32.41 46.96 -83.38
C LEU F 306 -33.66 47.76 -83.09
N VAL F 307 -34.85 47.21 -83.37
CA VAL F 307 -36.08 47.98 -83.21
C VAL F 307 -36.66 47.83 -81.81
N MET F 308 -37.04 46.62 -81.41
CA MET F 308 -37.72 46.42 -80.14
C MET F 308 -36.80 46.49 -78.94
N GLY F 309 -35.58 46.01 -79.06
CA GLY F 309 -34.65 45.96 -77.96
C GLY F 309 -34.50 44.62 -77.28
N LYS F 310 -34.99 43.54 -77.89
CA LYS F 310 -34.93 42.21 -77.29
C LYS F 310 -34.40 41.23 -78.31
N ALA F 311 -33.96 40.06 -77.81
CA ALA F 311 -33.41 39.01 -78.66
C ALA F 311 -33.57 37.68 -77.99
N VAL F 312 -33.66 36.60 -78.78
CA VAL F 312 -33.66 35.24 -78.25
C VAL F 312 -32.69 34.41 -79.06
N ARG F 313 -32.39 33.22 -78.53
CA ARG F 313 -31.54 32.27 -79.23
C ARG F 313 -32.36 31.46 -80.22
N ASN F 352 -12.85 15.19 -81.99
CA ASN F 352 -12.30 15.07 -80.65
C ASN F 352 -10.77 15.08 -80.72
N ALA F 353 -10.15 15.16 -79.55
CA ALA F 353 -8.71 15.09 -79.42
C ALA F 353 -8.35 14.23 -78.23
N ARG F 354 -7.21 13.55 -78.31
CA ARG F 354 -6.72 12.76 -77.18
C ARG F 354 -5.71 13.57 -76.38
N VAL F 355 -5.97 13.71 -75.08
CA VAL F 355 -5.14 14.54 -74.21
C VAL F 355 -4.65 13.70 -73.05
N PRO F 356 -3.34 13.72 -72.74
CA PRO F 356 -2.84 13.00 -71.56
C PRO F 356 -3.26 13.70 -70.27
N ALA F 357 -4.24 13.12 -69.58
CA ALA F 357 -4.67 13.61 -68.29
C ALA F 357 -5.25 12.43 -67.51
N ASP F 358 -4.95 12.38 -66.22
CA ASP F 358 -5.32 11.23 -65.40
C ASP F 358 -6.76 11.34 -64.91
N LEU F 359 -7.47 10.23 -64.94
CA LEU F 359 -8.87 10.15 -64.50
C LEU F 359 -8.97 9.07 -63.44
N VAL F 360 -9.74 9.35 -62.40
CA VAL F 360 -10.01 8.39 -61.34
C VAL F 360 -11.50 8.14 -61.29
N ILE F 361 -11.90 7.14 -60.51
CA ILE F 361 -13.30 6.92 -60.18
C ILE F 361 -13.44 6.99 -58.65
N VAL F 362 -14.39 7.78 -58.20
CA VAL F 362 -14.74 7.87 -56.78
C VAL F 362 -16.22 7.60 -56.64
N GLY F 363 -16.60 6.88 -55.58
CA GLY F 363 -17.96 6.43 -55.42
C GLY F 363 -18.39 5.49 -56.53
N ASP F 364 -19.27 5.99 -57.41
CA ASP F 364 -19.63 5.29 -58.63
C ASP F 364 -19.52 6.19 -59.84
N LYS F 365 -18.85 7.33 -59.71
CA LYS F 365 -18.76 8.31 -60.78
C LYS F 365 -17.31 8.45 -61.22
N LEU F 366 -17.13 8.79 -62.49
CA LEU F 366 -15.81 8.96 -63.09
C LEU F 366 -15.52 10.44 -63.20
N VAL F 367 -14.44 10.90 -62.57
CA VAL F 367 -14.12 12.31 -62.52
C VAL F 367 -12.71 12.54 -63.03
N PHE F 368 -12.45 13.76 -63.49
CA PHE F 368 -11.09 14.23 -63.69
C PHE F 368 -10.46 14.52 -62.34
N LEU F 369 -9.14 14.55 -62.29
CA LEU F 369 -8.42 14.93 -61.07
C LEU F 369 -7.21 15.76 -61.52
N GLU F 370 -7.34 17.07 -61.49
CA GLU F 370 -6.29 17.98 -61.92
C GLU F 370 -5.77 18.77 -60.74
N ALA F 371 -4.46 18.96 -60.70
CA ALA F 371 -3.76 19.75 -59.69
C ALA F 371 -2.89 20.79 -60.37
N LEU F 372 -3.52 21.59 -61.23
CA LEU F 372 -2.83 22.42 -62.21
C LEU F 372 -2.02 23.51 -61.51
N GLU F 373 -0.73 23.22 -61.36
CA GLU F 373 0.26 24.07 -60.70
C GLU F 373 1.54 24.22 -61.51
N ARG F 374 1.89 23.24 -62.34
CA ARG F 374 3.07 23.34 -63.18
C ARG F 374 2.75 23.89 -64.56
N ARG F 375 1.59 23.54 -65.11
CA ARG F 375 1.19 24.10 -66.39
C ARG F 375 0.86 25.57 -66.28
N VAL F 376 0.15 25.96 -65.23
CA VAL F 376 -0.26 27.33 -64.98
C VAL F 376 0.11 27.65 -63.54
N TYR F 377 0.32 28.95 -63.27
CA TYR F 377 0.81 29.50 -61.99
C TYR F 377 2.23 29.08 -61.66
N GLN F 378 3.07 28.81 -62.66
CA GLN F 378 4.45 28.45 -62.40
C GLN F 378 5.37 29.58 -62.84
N ALA F 379 6.20 30.05 -61.90
CA ALA F 379 7.16 31.14 -62.11
C ALA F 379 6.48 32.42 -62.59
N THR F 380 5.26 32.65 -62.13
CA THR F 380 4.57 33.90 -62.38
C THR F 380 4.11 34.47 -61.05
N ARG F 381 3.92 35.78 -61.01
CA ARG F 381 3.78 36.50 -59.76
C ARG F 381 2.38 36.43 -59.15
N VAL F 382 1.52 35.55 -59.63
CA VAL F 382 0.17 35.44 -59.09
C VAL F 382 0.11 34.28 -58.10
N ALA F 383 -0.63 34.50 -57.02
CA ALA F 383 -0.80 33.46 -56.01
C ALA F 383 -1.80 32.42 -56.51
N TYR F 384 -1.63 31.21 -56.02
CA TYR F 384 -2.52 30.12 -56.38
C TYR F 384 -3.77 30.16 -55.50
N PRO F 385 -4.97 30.02 -56.07
CA PRO F 385 -6.14 29.73 -55.24
C PRO F 385 -6.09 28.32 -54.70
N LEU F 386 -7.10 27.92 -53.92
CA LEU F 386 -7.10 26.73 -53.06
C LEU F 386 -6.00 26.78 -52.01
N ILE F 387 -5.44 27.96 -51.74
CA ILE F 387 -4.52 28.19 -50.63
C ILE F 387 -5.19 29.25 -49.77
N GLY F 388 -6.51 29.12 -49.60
CA GLY F 388 -7.26 30.10 -48.86
C GLY F 388 -6.97 30.08 -47.38
N ASN F 389 -7.37 31.15 -46.71
CA ASN F 389 -7.11 31.33 -45.29
C ASN F 389 -8.40 31.20 -44.49
N ILE F 390 -8.26 30.83 -43.22
CA ILE F 390 -9.39 30.82 -42.30
C ILE F 390 -9.03 31.65 -41.07
N ASP F 391 -10.05 32.17 -40.41
CA ASP F 391 -9.89 32.98 -39.20
C ASP F 391 -10.60 32.29 -38.05
N ILE F 392 -9.86 32.03 -36.97
CA ILE F 392 -10.39 31.37 -35.80
C ILE F 392 -10.22 32.31 -34.61
N THR F 393 -11.29 32.50 -33.84
CA THR F 393 -11.31 33.44 -32.73
C THR F 393 -11.18 32.70 -31.41
N PHE F 394 -10.23 33.12 -30.58
CA PHE F 394 -9.94 32.46 -29.31
C PHE F 394 -10.34 33.35 -28.14
N ILE F 395 -10.97 32.74 -27.14
CA ILE F 395 -11.51 33.45 -25.99
C ILE F 395 -10.99 32.78 -24.71
N MET F 396 -10.59 33.59 -23.74
CA MET F 396 -10.00 33.11 -22.49
C MET F 396 -10.47 34.02 -21.36
N PRO F 397 -11.03 33.46 -20.29
CA PRO F 397 -11.26 34.27 -19.08
C PRO F 397 -9.95 34.55 -18.39
N MET F 398 -9.91 35.68 -17.69
CA MET F 398 -8.64 36.25 -17.26
C MET F 398 -8.46 36.24 -15.74
N GLY F 399 -9.40 36.81 -15.00
CA GLY F 399 -9.22 36.90 -13.56
C GLY F 399 -10.42 36.45 -12.77
N VAL F 400 -11.18 35.49 -13.30
CA VAL F 400 -12.42 35.06 -12.66
C VAL F 400 -12.07 34.24 -11.42
N PHE F 401 -12.77 34.51 -10.32
CA PHE F 401 -12.57 33.82 -9.06
C PHE F 401 -13.82 32.99 -8.79
N GLN F 402 -13.63 31.70 -8.52
CA GLN F 402 -14.76 30.79 -8.34
C GLN F 402 -15.40 31.06 -6.99
N ALA F 403 -16.62 31.60 -7.02
CA ALA F 403 -17.24 32.13 -5.82
C ALA F 403 -17.67 31.03 -4.86
N ASN F 404 -18.21 29.93 -5.39
CA ASN F 404 -18.76 28.88 -4.55
C ASN F 404 -17.64 28.14 -3.83
N SER F 405 -17.82 27.92 -2.52
CA SER F 405 -16.82 27.22 -1.73
C SER F 405 -16.81 25.73 -2.06
N MET F 406 -17.88 25.23 -2.66
CA MET F 406 -17.90 23.86 -3.17
C MET F 406 -16.91 23.66 -4.31
N ASP F 407 -16.74 24.68 -5.15
CA ASP F 407 -15.96 24.51 -6.37
C ASP F 407 -14.47 24.68 -6.14
N ARG F 408 -14.08 25.18 -4.96
CA ARG F 408 -12.65 25.36 -4.65
C ARG F 408 -12.14 24.12 -3.91
N TYR F 409 -11.97 23.05 -4.67
CA TYR F 409 -11.57 21.75 -4.18
C TYR F 409 -10.23 21.35 -4.79
N THR F 410 -9.49 20.52 -4.06
CA THR F 410 -8.26 19.93 -4.56
C THR F 410 -8.42 18.42 -4.73
N ARG F 411 -7.85 17.88 -5.81
CA ARG F 411 -8.04 16.47 -6.14
C ARG F 411 -7.20 15.59 -5.23
N HIS F 412 -6.13 16.13 -4.66
CA HIS F 412 -5.26 15.40 -3.76
C HIS F 412 -4.83 16.31 -2.63
N ALA F 413 -4.27 15.70 -1.58
CA ALA F 413 -3.85 16.48 -0.41
C ALA F 413 -2.60 17.30 -0.71
N GLY F 414 -1.49 16.62 -1.01
CA GLY F 414 -0.24 17.31 -1.28
C GLY F 414 0.04 17.53 -2.75
N ASP F 415 -0.83 18.27 -3.43
CA ASP F 415 -0.64 18.49 -4.86
C ASP F 415 0.50 19.47 -5.14
N PHE F 416 0.35 20.71 -4.68
CA PHE F 416 1.34 21.76 -4.92
C PHE F 416 1.65 22.43 -3.60
N SER F 417 2.56 21.85 -2.83
CA SER F 417 2.90 22.40 -1.53
C SER F 417 4.02 23.43 -1.67
N THR F 418 4.06 24.34 -0.70
CA THR F 418 5.07 25.40 -0.70
C THR F 418 5.62 25.50 0.72
N VAL F 419 6.86 25.97 0.87
CA VAL F 419 7.46 26.14 2.19
C VAL F 419 6.78 27.23 3.03
N SER F 420 6.04 28.13 2.40
CA SER F 420 5.40 29.22 3.13
C SER F 420 4.29 28.70 4.02
N GLU F 421 4.03 29.42 5.12
CA GLU F 421 3.00 29.01 6.07
C GLU F 421 1.59 29.21 5.50
N GLN F 422 1.45 30.04 4.47
CA GLN F 422 0.19 30.26 3.80
C GLN F 422 0.34 29.86 2.34
N ASP F 423 -0.54 28.99 1.88
CA ASP F 423 -0.44 28.47 0.52
C ASP F 423 -0.80 29.55 -0.49
N PRO F 424 0.12 29.94 -1.39
CA PRO F 424 -0.16 31.03 -2.34
C PRO F 424 -0.95 30.60 -3.56
N ARG F 425 -2.01 29.82 -3.34
CA ARG F 425 -2.94 29.48 -4.39
C ARG F 425 -4.39 29.70 -3.98
N GLN F 426 -4.67 29.91 -2.70
CA GLN F 426 -5.99 30.33 -2.26
C GLN F 426 -6.35 31.72 -2.77
N PHE F 427 -5.34 32.55 -3.06
CA PHE F 427 -5.56 33.92 -3.47
C PHE F 427 -6.20 33.95 -4.85
N PRO F 428 -6.99 34.99 -5.16
CA PRO F 428 -7.64 35.08 -6.47
C PRO F 428 -6.61 35.22 -7.58
N PRO F 429 -6.79 34.52 -8.69
CA PRO F 429 -5.83 34.60 -9.79
C PRO F 429 -5.85 35.95 -10.46
N GLN F 430 -4.69 36.35 -10.97
CA GLN F 430 -4.55 37.64 -11.64
C GLN F 430 -4.03 37.54 -13.06
N GLY F 431 -3.71 36.35 -13.56
CA GLY F 431 -3.17 36.21 -14.90
C GLY F 431 -3.63 34.92 -15.54
N ILE F 432 -3.37 34.83 -16.84
CA ILE F 432 -3.72 33.66 -17.63
C ILE F 432 -2.51 33.29 -18.49
N PHE F 433 -2.18 32.00 -18.52
CA PHE F 433 -1.02 31.50 -19.26
C PHE F 433 -1.50 30.64 -20.42
N PHE F 434 -1.03 30.96 -21.63
CA PHE F 434 -1.39 30.19 -22.81
C PHE F 434 -0.12 29.88 -23.58
N TYR F 435 -0.26 29.37 -24.79
CA TYR F 435 0.88 28.97 -25.61
C TYR F 435 0.95 29.80 -26.88
N ASN F 436 2.16 30.07 -27.33
CA ASN F 436 2.40 30.92 -28.49
C ASN F 436 2.31 30.06 -29.76
N LYS F 437 2.66 30.64 -30.91
CA LYS F 437 2.66 29.91 -32.16
C LYS F 437 3.75 28.85 -32.17
N ASP F 438 4.93 29.18 -31.65
CA ASP F 438 6.07 28.28 -31.64
C ASP F 438 6.08 27.34 -30.44
N GLY F 439 5.15 27.52 -29.50
CA GLY F 439 5.16 26.74 -28.29
C GLY F 439 5.77 27.44 -27.09
N ILE F 440 6.17 28.68 -27.24
CA ILE F 440 6.72 29.45 -26.12
C ILE F 440 5.59 29.80 -25.17
N LEU F 441 5.86 29.66 -23.87
CA LEU F 441 4.86 30.04 -22.88
C LEU F 441 4.83 31.55 -22.72
N THR F 442 3.64 32.14 -22.79
CA THR F 442 3.46 33.58 -22.63
C THR F 442 2.41 33.84 -21.58
N GLN F 443 2.27 35.10 -21.19
CA GLN F 443 1.41 35.48 -20.08
C GLN F 443 0.64 36.75 -20.39
N LEU F 444 -0.65 36.77 -20.04
CA LEU F 444 -1.47 37.98 -20.06
C LEU F 444 -1.78 38.37 -18.63
N THR F 445 -1.09 39.39 -18.14
CA THR F 445 -1.29 39.92 -16.79
C THR F 445 -2.31 41.05 -16.86
N LEU F 446 -3.00 41.30 -15.75
CA LEU F 446 -4.01 42.36 -15.69
C LEU F 446 -3.43 43.75 -15.96
N ARG F 447 -2.11 43.91 -15.85
CA ARG F 447 -1.46 45.16 -16.23
C ARG F 447 -1.63 45.47 -17.72
N ASP F 448 -1.93 44.45 -18.53
CA ASP F 448 -2.20 44.70 -19.94
C ASP F 448 -3.56 45.31 -20.20
N ALA F 449 -4.42 45.39 -19.19
CA ALA F 449 -5.77 45.89 -19.39
C ALA F 449 -5.89 47.40 -19.28
N MET F 450 -4.81 48.10 -18.91
CA MET F 450 -4.87 49.55 -18.78
C MET F 450 -5.01 50.27 -20.10
N GLY F 451 -4.74 49.58 -21.21
CA GLY F 451 -5.03 50.17 -22.50
C GLY F 451 -6.50 50.22 -22.86
N THR F 452 -7.34 49.52 -22.11
CA THR F 452 -8.76 49.47 -22.39
C THR F 452 -9.60 50.03 -21.25
N ILE F 453 -9.34 49.63 -20.01
CA ILE F 453 -10.22 50.05 -18.92
C ILE F 453 -9.82 51.42 -18.37
N CYS F 454 -8.59 51.86 -18.58
CA CYS F 454 -8.14 53.15 -18.09
C CYS F 454 -8.25 54.24 -19.15
N HIS F 455 -9.26 54.16 -19.99
CA HIS F 455 -9.58 55.19 -20.96
C HIS F 455 -10.70 56.06 -20.43
N SER F 456 -10.92 57.20 -21.08
CA SER F 456 -12.04 58.06 -20.73
C SER F 456 -13.37 57.50 -21.20
N SER F 457 -13.36 56.44 -22.01
CA SER F 457 -14.59 55.85 -22.50
C SER F 457 -15.37 55.11 -21.42
N LEU F 458 -14.76 54.87 -20.27
CA LEU F 458 -15.48 54.32 -19.13
C LEU F 458 -16.45 55.32 -18.52
N LEU F 459 -16.31 56.61 -18.84
CA LEU F 459 -17.17 57.65 -18.29
C LEU F 459 -17.91 58.40 -19.39
N ASP F 460 -18.52 57.66 -20.33
CA ASP F 460 -19.33 58.27 -21.37
C ASP F 460 -20.80 57.93 -21.12
N VAL F 461 -21.23 58.11 -19.88
CA VAL F 461 -22.56 57.73 -19.43
C VAL F 461 -23.67 58.63 -19.99
N GLU F 462 -23.31 59.72 -20.68
CA GLU F 462 -24.30 60.71 -21.11
C GLU F 462 -25.26 60.15 -22.16
N ALA F 463 -24.72 59.46 -23.18
CA ALA F 463 -25.59 58.88 -24.20
C ALA F 463 -26.44 57.75 -23.62
N THR F 464 -25.87 57.01 -22.67
CA THR F 464 -26.64 55.98 -21.96
C THR F 464 -27.78 56.59 -21.18
N LEU F 465 -27.53 57.71 -20.49
CA LEU F 465 -28.59 58.37 -19.73
C LEU F 465 -29.67 58.92 -20.66
N VAL F 466 -29.27 59.42 -21.83
CA VAL F 466 -30.25 59.89 -22.82
C VAL F 466 -31.10 58.73 -23.31
N ALA F 467 -30.49 57.56 -23.49
CA ALA F 467 -31.26 56.41 -23.97
C ALA F 467 -32.22 55.88 -22.91
N LEU F 468 -31.78 55.78 -21.65
CA LEU F 468 -32.69 55.29 -20.61
C LEU F 468 -33.72 56.33 -20.18
N ARG F 469 -33.50 57.61 -20.47
CA ARG F 469 -34.53 58.58 -20.10
C ARG F 469 -35.73 58.58 -21.05
N GLN F 470 -35.68 57.82 -22.15
CA GLN F 470 -36.73 57.81 -23.16
C GLN F 470 -37.55 56.52 -23.16
N GLN F 471 -37.83 55.95 -21.99
CA GLN F 471 -38.67 54.76 -21.91
C GLN F 471 -39.71 54.96 -20.80
N HIS F 472 -40.55 53.94 -20.60
CA HIS F 472 -41.66 54.05 -19.66
C HIS F 472 -41.14 53.84 -18.25
N LEU F 473 -41.34 54.83 -17.38
CA LEU F 473 -40.96 54.75 -15.98
C LEU F 473 -42.20 54.94 -15.12
N ASP F 474 -42.30 54.19 -14.03
CA ASP F 474 -43.42 54.29 -13.12
C ASP F 474 -43.05 55.16 -11.91
N ARG F 475 -44.08 55.65 -11.23
CA ARG F 475 -43.88 56.48 -10.05
C ARG F 475 -43.44 55.60 -8.88
N GLN F 476 -42.21 55.80 -8.43
CA GLN F 476 -41.58 55.01 -7.40
C GLN F 476 -41.32 55.91 -6.19
N CYS F 477 -41.19 55.30 -5.01
CA CYS F 477 -40.75 56.07 -3.86
C CYS F 477 -39.29 56.53 -4.03
N TYR F 478 -39.00 57.69 -3.48
CA TYR F 478 -37.69 58.35 -3.61
C TYR F 478 -36.95 58.44 -2.27
N PHE F 479 -37.00 57.36 -1.48
CA PHE F 479 -36.38 57.41 -0.16
C PHE F 479 -34.87 57.33 -0.26
N GLY F 480 -34.35 56.44 -1.09
CA GLY F 480 -32.92 56.21 -1.12
C GLY F 480 -32.13 57.06 -2.07
N VAL F 481 -32.75 58.03 -2.74
CA VAL F 481 -32.06 58.80 -3.78
C VAL F 481 -32.23 60.29 -3.55
N TYR F 482 -32.85 60.68 -2.44
CA TYR F 482 -33.15 62.09 -2.20
C TYR F 482 -32.37 62.58 -0.99
N VAL F 483 -31.78 63.77 -1.12
CA VAL F 483 -31.02 64.42 -0.06
C VAL F 483 -31.71 65.74 0.26
N ALA F 484 -31.97 65.98 1.55
CA ALA F 484 -32.68 67.17 2.00
C ALA F 484 -31.71 68.15 2.64
N GLU F 485 -32.26 69.21 3.21
CA GLU F 485 -31.50 70.25 3.88
C GLU F 485 -31.99 70.41 5.31
N GLY F 486 -31.11 70.90 6.17
CA GLY F 486 -31.49 71.17 7.54
C GLY F 486 -32.48 72.32 7.64
N THR F 487 -33.31 72.27 8.68
CA THR F 487 -34.39 73.24 8.86
C THR F 487 -34.28 74.03 10.16
N GLU F 488 -33.07 74.10 10.74
CA GLU F 488 -32.75 74.89 11.92
C GLU F 488 -33.62 74.48 13.12
N ASP F 489 -33.36 73.26 13.59
CA ASP F 489 -34.04 72.75 14.78
C ASP F 489 -33.03 72.09 15.70
N THR F 490 -33.51 71.36 16.72
CA THR F 490 -32.64 70.82 17.75
C THR F 490 -32.40 69.32 17.58
N LEU F 491 -32.50 68.81 16.35
CA LEU F 491 -32.25 67.43 15.93
C LEU F 491 -33.22 66.42 16.52
N ASP F 492 -34.18 66.86 17.34
CA ASP F 492 -35.24 65.99 17.83
C ASP F 492 -36.53 66.21 17.05
N VAL F 493 -36.87 67.48 16.78
CA VAL F 493 -38.00 67.80 15.93
C VAL F 493 -37.75 67.27 14.51
N GLN F 494 -36.50 67.40 14.04
CA GLN F 494 -36.17 66.92 12.69
C GLN F 494 -36.30 65.42 12.57
N MET F 495 -35.81 64.68 13.57
CA MET F 495 -35.93 63.23 13.55
C MET F 495 -37.38 62.78 13.71
N GLY F 496 -38.14 63.47 14.57
CA GLY F 496 -39.55 63.13 14.72
C GLY F 496 -40.34 63.37 13.45
N ARG F 497 -40.06 64.48 12.76
CA ARG F 497 -40.68 64.75 11.47
C ARG F 497 -40.29 63.69 10.45
N PHE F 498 -39.03 63.25 10.48
CA PHE F 498 -38.58 62.22 9.54
C PHE F 498 -39.32 60.91 9.76
N MET F 499 -39.47 60.48 11.02
CA MET F 499 -40.20 59.24 11.28
C MET F 499 -41.68 59.37 10.94
N GLU F 500 -42.29 60.52 11.26
CA GLU F 500 -43.72 60.69 10.98
C GLU F 500 -43.99 60.75 9.47
N THR F 501 -43.03 61.29 8.69
CA THR F 501 -43.18 61.22 7.24
C THR F 501 -42.91 59.80 6.73
N TRP F 502 -41.92 59.12 7.31
CA TRP F 502 -41.49 57.82 6.83
C TRP F 502 -42.44 56.69 7.19
N ALA F 503 -43.40 56.94 8.09
CA ALA F 503 -44.39 55.91 8.41
C ALA F 503 -45.23 55.54 7.19
N ASP F 504 -45.61 56.53 6.39
CA ASP F 504 -46.37 56.28 5.17
C ASP F 504 -45.63 56.66 3.88
N MET F 505 -44.33 56.92 3.97
CA MET F 505 -43.57 57.26 2.77
C MET F 505 -43.31 56.03 1.91
N MET F 506 -43.29 54.84 2.53
CA MET F 506 -42.80 53.64 1.86
C MET F 506 -43.96 52.77 1.40
N PRO F 507 -44.23 52.66 0.09
CA PRO F 507 -45.24 51.72 -0.38
C PRO F 507 -44.69 50.35 -0.78
N HIS F 508 -43.39 50.21 -0.92
CA HIS F 508 -42.79 48.96 -1.36
C HIS F 508 -41.35 48.90 -0.87
N HIS F 509 -40.77 47.72 -0.91
CA HIS F 509 -39.41 47.46 -0.46
C HIS F 509 -38.42 48.07 -1.46
N PRO F 510 -37.36 48.74 -1.02
CA PRO F 510 -36.44 49.40 -1.96
C PRO F 510 -35.64 48.40 -2.77
N HIS F 511 -35.24 48.83 -3.97
CA HIS F 511 -34.47 47.97 -4.86
C HIS F 511 -32.99 47.93 -4.51
N TRP F 512 -32.50 48.86 -3.70
CA TRP F 512 -31.10 48.85 -3.31
C TRP F 512 -30.86 48.10 -2.01
N VAL F 513 -31.90 47.65 -1.33
CA VAL F 513 -31.73 46.82 -0.13
C VAL F 513 -31.53 45.35 -0.50
N ASN F 514 -32.14 44.88 -1.59
CA ASN F 514 -32.13 43.46 -1.94
C ASN F 514 -30.74 43.02 -2.43
N GLU F 515 -29.79 43.02 -1.50
CA GLU F 515 -28.44 42.56 -1.76
C GLU F 515 -28.17 41.17 -1.21
N HIS F 516 -29.21 40.49 -0.71
CA HIS F 516 -29.07 39.11 -0.27
C HIS F 516 -29.17 38.10 -1.41
N LEU F 517 -29.39 38.58 -2.64
CA LEU F 517 -29.53 37.71 -3.79
C LEU F 517 -28.22 37.01 -4.09
N THR F 518 -28.32 35.79 -4.61
CA THR F 518 -27.16 35.11 -5.15
C THR F 518 -26.93 35.58 -6.59
N ILE F 519 -25.94 34.97 -7.25
CA ILE F 519 -25.64 35.37 -8.62
C ILE F 519 -26.73 34.93 -9.59
N LEU F 520 -27.26 33.71 -9.42
CA LEU F 520 -28.23 33.18 -10.37
C LEU F 520 -29.58 33.88 -10.25
N GLN F 521 -29.85 34.51 -9.12
CA GLN F 521 -31.08 35.28 -8.99
C GLN F 521 -30.92 36.70 -9.49
N PHE F 522 -29.72 37.27 -9.36
CA PHE F 522 -29.44 38.59 -9.91
C PHE F 522 -29.42 38.56 -11.43
N ILE F 523 -28.88 37.49 -12.01
CA ILE F 523 -28.82 37.32 -13.45
C ILE F 523 -30.21 37.03 -14.03
N ALA F 524 -31.11 36.45 -13.24
CA ALA F 524 -32.39 35.95 -13.75
C ALA F 524 -33.23 37.08 -14.32
N PRO F 525 -33.97 36.84 -15.42
CA PRO F 525 -34.66 37.94 -16.11
C PRO F 525 -35.81 38.56 -15.32
N SER F 526 -36.26 37.91 -14.25
CA SER F 526 -37.32 38.49 -13.42
C SER F 526 -36.80 39.57 -12.50
N ASN F 527 -35.50 39.79 -12.43
CA ASN F 527 -34.93 40.84 -11.60
C ASN F 527 -35.24 42.20 -12.19
N PRO F 528 -35.94 43.08 -11.48
CA PRO F 528 -36.23 44.42 -12.04
C PRO F 528 -35.02 45.33 -12.08
N ARG F 529 -34.01 45.08 -11.24
CA ARG F 529 -32.83 45.91 -11.17
C ARG F 529 -31.86 45.66 -12.33
N LEU F 530 -32.01 44.53 -13.02
CA LEU F 530 -31.02 44.09 -14.01
C LEU F 530 -30.91 45.06 -15.18
N ARG F 531 -32.00 45.72 -15.55
CA ARG F 531 -31.96 46.68 -16.65
C ARG F 531 -31.15 47.93 -16.30
N PHE F 532 -30.91 48.20 -15.03
CA PHE F 532 -30.24 49.43 -14.61
C PHE F 532 -28.78 49.20 -14.23
N GLU F 533 -28.24 48.02 -14.48
CA GLU F 533 -26.85 47.70 -14.17
C GLU F 533 -26.11 47.58 -15.50
N LEU F 534 -25.47 48.67 -15.92
CA LEU F 534 -24.80 48.71 -17.21
C LEU F 534 -23.31 48.96 -17.09
N ASN F 535 -22.90 49.98 -16.39
CA ASN F 535 -21.51 50.40 -16.35
C ASN F 535 -20.95 50.12 -14.96
N PRO F 536 -19.81 49.43 -14.83
CA PRO F 536 -19.34 49.01 -13.50
C PRO F 536 -18.98 50.14 -12.56
N ALA F 537 -18.75 51.36 -13.03
CA ALA F 537 -18.42 52.47 -12.16
C ALA F 537 -19.58 53.43 -11.95
N PHE F 538 -20.81 53.02 -12.24
CA PHE F 538 -21.96 53.88 -12.10
C PHE F 538 -23.14 53.12 -11.50
N ASP F 539 -23.96 53.84 -10.75
CA ASP F 539 -25.23 53.34 -10.25
C ASP F 539 -26.35 54.14 -10.91
N PHE F 540 -27.28 53.43 -11.53
CA PHE F 540 -28.43 54.04 -12.20
C PHE F 540 -29.66 53.80 -11.35
N PHE F 541 -30.44 54.86 -11.13
CA PHE F 541 -31.65 54.76 -10.32
C PHE F 541 -32.74 55.59 -10.97
N VAL F 542 -33.80 55.85 -10.20
CA VAL F 542 -34.89 56.71 -10.62
C VAL F 542 -34.93 57.92 -9.69
N ALA F 543 -35.04 59.10 -10.27
CA ALA F 543 -34.91 60.34 -9.52
C ALA F 543 -36.03 61.29 -9.93
N PRO F 544 -36.46 62.17 -9.03
CA PRO F 544 -37.43 63.20 -9.40
C PRO F 544 -36.83 64.18 -10.40
N GLY F 545 -37.66 64.62 -11.34
CA GLY F 545 -37.21 65.56 -12.36
C GLY F 545 -37.32 67.00 -11.91
N ASP F 546 -36.41 67.83 -12.45
CA ASP F 546 -36.35 69.26 -12.18
C ASP F 546 -36.21 69.57 -10.69
N VAL F 547 -35.41 68.78 -10.00
CA VAL F 547 -35.18 68.92 -8.57
C VAL F 547 -33.72 69.25 -8.35
N ASP F 548 -33.45 70.37 -7.67
CA ASP F 548 -32.09 70.84 -7.43
C ASP F 548 -31.67 70.37 -6.04
N LEU F 549 -30.79 69.37 -6.01
CA LEU F 549 -30.36 68.75 -4.77
C LEU F 549 -29.38 69.66 -4.03
N PRO F 550 -29.52 69.80 -2.70
CA PRO F 550 -30.61 69.29 -1.87
C PRO F 550 -31.85 70.18 -1.93
N GLY F 551 -33.03 69.58 -1.77
CA GLY F 551 -34.26 70.31 -1.90
C GLY F 551 -34.94 70.57 -0.57
N PRO F 552 -36.26 70.78 -0.61
CA PRO F 552 -37.00 71.02 0.64
C PRO F 552 -37.22 69.74 1.42
N GLN F 553 -37.97 69.87 2.52
CA GLN F 553 -38.23 68.73 3.39
C GLN F 553 -39.17 67.72 2.72
N ARG F 554 -40.25 68.20 2.13
CA ARG F 554 -41.16 67.32 1.41
C ARG F 554 -40.77 67.28 -0.06
N PRO F 555 -40.46 66.11 -0.61
CA PRO F 555 -40.10 66.01 -2.04
C PRO F 555 -41.25 66.42 -2.93
N PRO F 556 -41.03 67.35 -3.85
CA PRO F 556 -42.11 67.76 -4.76
C PRO F 556 -42.45 66.67 -5.75
N GLU F 557 -43.71 66.66 -6.19
CA GLU F 557 -44.14 65.73 -7.22
C GLU F 557 -43.47 66.08 -8.55
N ALA F 558 -43.03 65.05 -9.26
CA ALA F 558 -42.31 65.25 -10.51
C ALA F 558 -42.42 64.00 -11.35
N MET F 559 -42.15 64.15 -12.64
CA MET F 559 -42.04 63.01 -13.53
C MET F 559 -40.73 62.29 -13.26
N PRO F 560 -40.75 60.97 -13.07
CA PRO F 560 -39.51 60.26 -12.76
C PRO F 560 -38.59 60.15 -13.96
N THR F 561 -37.32 60.51 -13.76
CA THR F 561 -36.28 60.35 -14.76
C THR F 561 -35.13 59.57 -14.13
N VAL F 562 -34.27 59.02 -15.00
CA VAL F 562 -33.16 58.17 -14.57
C VAL F 562 -31.91 59.03 -14.44
N ASN F 563 -31.35 59.04 -13.24
CA ASN F 563 -30.12 59.76 -12.95
C ASN F 563 -29.04 58.77 -12.52
N ALA F 564 -27.81 59.03 -12.95
CA ALA F 564 -26.68 58.19 -12.63
C ALA F 564 -25.85 58.84 -11.54
N THR F 565 -24.98 58.05 -10.92
CA THR F 565 -24.03 58.55 -9.95
C THR F 565 -22.76 57.72 -10.01
N LEU F 566 -21.71 58.22 -9.39
CA LEU F 566 -20.40 57.59 -9.47
C LEU F 566 -20.23 56.60 -8.33
N ARG F 567 -19.71 55.41 -8.64
CA ARG F 567 -19.37 54.41 -7.63
C ARG F 567 -17.92 54.67 -7.23
N ILE F 568 -17.73 55.34 -6.10
CA ILE F 568 -16.39 55.74 -5.70
C ILE F 568 -15.59 54.52 -5.23
N ILE F 569 -16.19 53.71 -4.37
CA ILE F 569 -15.57 52.49 -3.88
C ILE F 569 -15.69 51.41 -4.95
N ASN F 570 -14.72 50.50 -5.04
CA ASN F 570 -14.92 49.35 -5.89
C ASN F 570 -15.71 48.24 -5.20
N GLY F 571 -15.82 48.30 -3.88
CA GLY F 571 -16.70 47.46 -3.12
C GLY F 571 -18.14 47.89 -3.11
N ASN F 572 -18.45 49.05 -3.68
CA ASN F 572 -19.84 49.45 -3.92
C ASN F 572 -20.46 48.71 -5.09
N ILE F 573 -19.67 47.96 -5.86
CA ILE F 573 -20.22 46.97 -6.78
C ILE F 573 -21.07 46.00 -5.97
N PRO F 574 -22.30 45.70 -6.39
CA PRO F 574 -23.22 44.95 -5.52
C PRO F 574 -22.73 43.55 -5.19
N VAL F 575 -23.15 43.07 -4.01
CA VAL F 575 -22.63 41.82 -3.48
C VAL F 575 -22.87 40.61 -4.37
N PRO F 576 -24.03 40.45 -5.05
CA PRO F 576 -24.13 39.35 -6.02
C PRO F 576 -23.16 39.43 -7.19
N LEU F 577 -22.58 40.59 -7.48
CA LEU F 577 -21.60 40.67 -8.56
C LEU F 577 -20.17 40.47 -8.06
N CYS F 578 -19.85 41.01 -6.88
CA CYS F 578 -18.54 40.85 -6.26
C CYS F 578 -18.75 40.17 -4.91
N PRO F 579 -18.52 38.86 -4.81
CA PRO F 579 -18.98 38.10 -3.63
C PRO F 579 -18.25 38.41 -2.34
N ILE F 580 -18.82 37.94 -1.23
CA ILE F 580 -18.17 38.11 0.07
C ILE F 580 -16.93 37.24 0.19
N SER F 581 -16.98 36.01 -0.32
CA SER F 581 -15.85 35.09 -0.21
C SER F 581 -14.65 35.60 -1.01
N PHE F 582 -14.90 36.23 -2.15
CA PHE F 582 -13.81 36.84 -2.91
C PHE F 582 -13.18 37.98 -2.15
N ARG F 583 -14.00 38.81 -1.49
CA ARG F 583 -13.45 39.92 -0.72
C ARG F 583 -12.63 39.41 0.46
N ASP F 584 -13.08 38.32 1.09
CA ASP F 584 -12.33 37.75 2.20
C ASP F 584 -11.00 37.16 1.73
N CYS F 585 -10.99 36.49 0.58
CA CYS F 585 -9.73 35.95 0.06
C CYS F 585 -8.77 37.05 -0.36
N ARG F 586 -9.30 38.14 -0.94
CA ARG F 586 -8.47 39.29 -1.26
C ARG F 586 -7.88 39.91 -0.01
N GLY F 587 -8.69 40.05 1.04
CA GLY F 587 -8.19 40.59 2.30
C GLY F 587 -7.15 39.70 2.95
N THR F 588 -7.30 38.38 2.77
CA THR F 588 -6.24 37.47 3.20
C THR F 588 -4.96 37.70 2.40
N GLN F 589 -5.10 37.98 1.10
CA GLN F 589 -3.93 38.25 0.27
C GLN F 589 -3.21 39.53 0.68
N LEU F 590 -3.96 40.57 1.04
CA LEU F 590 -3.32 41.80 1.51
C LEU F 590 -2.62 41.60 2.84
N GLY F 591 -3.30 41.00 3.81
CA GLY F 591 -2.72 40.84 5.12
C GLY F 591 -1.89 39.58 5.25
N LEU F 592 -0.92 39.41 4.36
CA LEU F 592 -0.12 38.20 4.37
C LEU F 592 0.98 38.27 5.43
N GLY F 593 1.87 39.26 5.29
CA GLY F 593 2.90 39.50 6.29
C GLY F 593 2.65 40.68 7.19
N ARG F 594 1.51 41.36 7.07
CA ARG F 594 1.24 42.55 7.85
C ARG F 594 0.95 42.18 9.31
N HIS F 595 0.82 43.20 10.14
CA HIS F 595 0.62 43.00 11.57
C HIS F 595 -0.78 42.46 11.86
N THR F 596 -0.84 41.50 12.77
CA THR F 596 -2.09 40.95 13.26
C THR F 596 -2.17 41.18 14.77
N MET F 597 -3.38 41.08 15.30
CA MET F 597 -3.61 41.27 16.72
C MET F 597 -3.58 39.94 17.46
N THR F 598 -2.98 39.94 18.65
CA THR F 598 -2.98 38.76 19.49
C THR F 598 -4.41 38.49 19.97
N PRO F 599 -4.76 37.21 20.18
CA PRO F 599 -6.17 36.87 20.51
C PRO F 599 -6.67 37.45 21.82
N ALA F 600 -5.80 37.85 22.74
CA ALA F 600 -6.26 38.47 23.98
C ALA F 600 -6.95 39.80 23.72
N THR F 601 -6.36 40.64 22.85
CA THR F 601 -6.96 41.92 22.52
C THR F 601 -8.26 41.73 21.76
N ILE F 602 -8.31 40.73 20.88
CA ILE F 602 -9.53 40.42 20.14
C ILE F 602 -10.64 40.02 21.09
N LYS F 603 -10.33 39.14 22.05
CA LYS F 603 -11.35 38.68 23.00
C LYS F 603 -11.83 39.82 23.89
N ALA F 604 -10.91 40.65 24.38
CA ALA F 604 -11.31 41.74 25.28
C ALA F 604 -12.12 42.80 24.56
N VAL F 605 -11.72 43.20 23.35
CA VAL F 605 -12.44 44.24 22.64
C VAL F 605 -13.78 43.73 22.13
N LYS F 606 -13.85 42.46 21.71
CA LYS F 606 -15.13 41.86 21.34
C LYS F 606 -16.06 41.81 22.56
N ASP F 607 -15.51 41.46 23.73
CA ASP F 607 -16.33 41.42 24.94
C ASP F 607 -16.82 42.81 25.34
N THR F 608 -16.03 43.85 25.07
CA THR F 608 -16.51 45.20 25.33
C THR F 608 -17.59 45.65 24.35
N PHE F 609 -17.43 45.36 23.05
CA PHE F 609 -18.46 45.77 22.07
C PHE F 609 -19.73 44.96 22.24
N GLU F 610 -19.59 43.75 22.78
CA GLU F 610 -20.66 42.80 23.05
C GLU F 610 -21.37 43.05 24.38
N ASP F 611 -20.89 44.01 25.17
CA ASP F 611 -21.38 44.16 26.54
C ASP F 611 -22.68 44.97 26.53
N ARG F 612 -23.79 44.30 26.79
CA ARG F 612 -25.07 44.97 26.92
C ARG F 612 -25.27 45.60 28.29
N ALA F 613 -24.45 45.26 29.28
CA ALA F 613 -24.48 45.91 30.57
C ALA F 613 -23.38 46.95 30.71
N TYR F 614 -23.01 47.58 29.60
CA TYR F 614 -21.96 48.59 29.60
C TYR F 614 -22.44 49.81 30.38
N PRO F 615 -21.67 50.29 31.36
CA PRO F 615 -22.12 51.41 32.18
C PRO F 615 -22.18 52.71 31.38
N THR F 616 -23.21 53.50 31.65
CA THR F 616 -23.40 54.75 30.92
C THR F 616 -22.50 55.87 31.42
N ILE F 617 -21.78 55.65 32.53
CA ILE F 617 -20.84 56.65 33.02
C ILE F 617 -19.76 56.92 32.00
N PHE F 618 -19.30 55.86 31.33
CA PHE F 618 -18.34 56.01 30.24
C PHE F 618 -18.93 56.82 29.10
N TYR F 619 -20.22 56.65 28.83
CA TYR F 619 -20.87 57.38 27.75
C TYR F 619 -20.97 58.87 28.08
N MET F 620 -21.37 59.20 29.31
CA MET F 620 -21.44 60.62 29.68
C MET F 620 -20.05 61.25 29.75
N LEU F 621 -19.05 60.51 30.24
CA LEU F 621 -17.71 61.07 30.30
C LEU F 621 -17.11 61.27 28.91
N GLU F 622 -17.42 60.37 27.97
CA GLU F 622 -16.96 60.58 26.60
C GLU F 622 -17.71 61.71 25.93
N ALA F 623 -18.98 61.91 26.29
CA ALA F 623 -19.73 63.02 25.70
C ALA F 623 -19.29 64.35 26.27
N VAL F 624 -18.82 64.37 27.51
CA VAL F 624 -18.56 65.62 28.21
C VAL F 624 -17.10 66.04 28.01
N ILE F 625 -16.18 65.09 28.07
CA ILE F 625 -14.77 65.36 27.75
C ILE F 625 -14.66 65.85 26.30
N HIS F 626 -15.40 65.20 25.40
CA HIS F 626 -15.59 65.57 23.99
C HIS F 626 -14.26 65.80 23.25
N GLY F 627 -13.26 64.99 23.61
CA GLY F 627 -12.03 64.90 22.86
C GLY F 627 -11.16 66.14 22.86
N ASN F 628 -11.03 66.78 24.01
CA ASN F 628 -10.18 67.97 24.17
C ASN F 628 -9.01 67.61 25.07
N GLU F 629 -7.81 68.02 24.66
CA GLU F 629 -6.60 67.62 25.38
C GLU F 629 -6.52 68.27 26.75
N ARG F 630 -6.75 69.59 26.82
CA ARG F 630 -6.73 70.30 28.09
C ARG F 630 -7.91 69.94 28.97
N ASN F 631 -8.91 69.28 28.42
CA ASN F 631 -10.07 68.82 29.19
C ASN F 631 -9.91 67.38 29.63
N PHE F 632 -9.28 66.55 28.81
CA PHE F 632 -9.02 65.15 29.20
C PHE F 632 -7.91 65.06 30.23
N CYS F 633 -6.83 65.83 30.05
CA CYS F 633 -5.68 65.68 30.93
C CYS F 633 -5.96 66.24 32.32
N ALA F 634 -6.99 67.08 32.46
CA ALA F 634 -7.37 67.57 33.77
C ALA F 634 -7.99 66.48 34.63
N LEU F 635 -8.64 65.50 34.01
CA LEU F 635 -9.30 64.40 34.73
C LEU F 635 -8.51 63.12 34.65
N LEU F 636 -7.18 63.18 34.73
CA LEU F 636 -6.37 61.99 34.50
C LEU F 636 -6.54 60.98 35.61
N ARG F 637 -6.68 61.46 36.85
CA ARG F 637 -6.80 60.56 37.99
C ARG F 637 -8.14 59.83 37.98
N LEU F 638 -9.23 60.54 37.72
CA LEU F 638 -10.56 59.92 37.69
C LEU F 638 -10.68 58.93 36.55
N LEU F 639 -10.12 59.27 35.38
CA LEU F 639 -10.10 58.34 34.26
C LEU F 639 -9.29 57.08 34.58
N THR F 640 -8.14 57.25 35.26
CA THR F 640 -7.33 56.11 35.65
C THR F 640 -8.08 55.20 36.62
N GLN F 641 -8.71 55.80 37.64
CA GLN F 641 -9.46 55.01 38.62
C GLN F 641 -10.64 54.29 37.97
N CYS F 642 -11.32 54.95 37.03
CA CYS F 642 -12.50 54.36 36.42
C CYS F 642 -12.12 53.23 35.48
N ILE F 643 -11.05 53.40 34.70
CA ILE F 643 -10.60 52.32 33.81
C ILE F 643 -10.08 51.13 34.61
N ARG F 644 -9.30 51.39 35.67
CA ARG F 644 -8.80 50.30 36.50
C ARG F 644 -9.93 49.58 37.21
N GLY F 645 -10.97 50.32 37.62
CA GLY F 645 -12.12 49.68 38.23
C GLY F 645 -12.91 48.83 37.26
N TYR F 646 -13.05 49.29 36.01
CA TYR F 646 -13.80 48.51 35.05
C TYR F 646 -13.03 47.30 34.56
N TRP F 647 -11.70 47.38 34.52
CA TRP F 647 -10.93 46.25 33.99
C TRP F 647 -10.77 45.15 35.03
N GLU F 648 -10.39 45.50 36.26
CA GLU F 648 -10.16 44.45 37.24
C GLU F 648 -11.45 44.08 37.97
N GLN F 649 -12.54 43.96 37.23
CA GLN F 649 -13.75 43.28 37.67
C GLN F 649 -14.41 42.46 36.58
N SER F 650 -14.14 42.75 35.30
CA SER F 650 -14.77 42.04 34.20
C SER F 650 -13.81 41.74 33.06
N HIS F 651 -12.55 42.17 33.14
CA HIS F 651 -11.52 41.96 32.11
C HIS F 651 -11.96 42.48 30.75
N ARG F 652 -12.53 43.68 30.73
CA ARG F 652 -12.96 44.33 29.50
C ARG F 652 -12.34 45.70 29.41
N VAL F 653 -12.14 46.18 28.19
CA VAL F 653 -11.37 47.39 27.96
C VAL F 653 -12.31 48.57 27.69
N ALA F 654 -12.24 49.57 28.56
CA ALA F 654 -13.16 50.71 28.52
C ALA F 654 -12.64 51.80 27.59
N PHE F 655 -13.55 52.72 27.24
CA PHE F 655 -13.27 53.92 26.45
C PHE F 655 -12.66 53.62 25.10
N VAL F 656 -13.02 52.48 24.50
CA VAL F 656 -12.53 52.09 23.19
C VAL F 656 -13.54 52.56 22.16
N ASN F 657 -14.52 53.32 22.63
CA ASN F 657 -15.55 53.88 21.75
C ASN F 657 -14.98 54.94 20.82
N ASN F 658 -14.50 56.04 21.37
CA ASN F 658 -14.08 57.20 20.60
C ASN F 658 -12.64 57.03 20.15
N PHE F 659 -12.25 57.84 19.16
CA PHE F 659 -10.85 57.81 18.75
C PHE F 659 -10.04 58.88 19.47
N HIS F 660 -10.66 59.98 19.88
CA HIS F 660 -9.97 60.90 20.79
C HIS F 660 -10.20 60.48 22.24
N MET F 661 -10.11 59.20 22.49
CA MET F 661 -10.02 58.56 23.79
C MET F 661 -8.94 57.50 23.81
N LEU F 662 -8.80 56.74 22.72
CA LEU F 662 -7.75 55.74 22.62
C LEU F 662 -6.39 56.38 22.44
N MET F 663 -6.30 57.41 21.60
CA MET F 663 -5.02 58.05 21.34
C MET F 663 -4.52 58.78 22.58
N TYR F 664 -5.41 59.47 23.28
CA TYR F 664 -5.03 60.16 24.51
C TYR F 664 -4.59 59.17 25.59
N ILE F 665 -5.29 58.04 25.72
CA ILE F 665 -4.93 57.05 26.73
C ILE F 665 -3.56 56.45 26.40
N THR F 666 -3.33 56.16 25.12
CA THR F 666 -2.04 55.61 24.71
C THR F 666 -0.89 56.59 24.93
N THR F 667 -1.11 57.88 24.64
CA THR F 667 -0.03 58.85 24.80
C THR F 667 0.24 59.17 26.26
N TYR F 668 -0.81 59.38 27.06
CA TYR F 668 -0.60 59.83 28.44
C TYR F 668 -0.57 58.70 29.45
N LEU F 669 -1.58 57.84 29.47
CA LEU F 669 -1.64 56.79 30.50
C LEU F 669 -0.94 55.52 30.05
N GLY F 670 0.29 55.63 29.58
CA GLY F 670 0.97 54.49 29.01
C GLY F 670 2.34 54.24 29.60
N ASN F 671 2.76 55.07 30.55
CA ASN F 671 4.05 54.92 31.18
C ASN F 671 4.02 53.99 32.39
N GLY F 672 2.85 53.53 32.81
CA GLY F 672 2.76 52.58 33.90
C GLY F 672 1.67 52.86 34.91
N GLU F 673 0.85 53.88 34.69
CA GLU F 673 -0.26 54.16 35.58
C GLU F 673 -1.32 53.06 35.51
N LEU F 674 -1.69 52.68 34.31
CA LEU F 674 -2.59 51.57 34.05
C LEU F 674 -1.85 50.25 34.20
N PRO F 675 -2.56 49.14 34.43
CA PRO F 675 -1.88 47.84 34.51
C PRO F 675 -1.26 47.45 33.18
N GLU F 676 -0.39 46.43 33.24
CA GLU F 676 0.42 46.04 32.09
C GLU F 676 -0.42 45.51 30.94
N VAL F 677 -1.56 44.89 31.21
CA VAL F 677 -2.31 44.21 30.16
C VAL F 677 -3.18 45.21 29.39
N CYS F 678 -3.70 46.24 30.06
CA CYS F 678 -4.62 47.18 29.41
C CYS F 678 -3.91 47.99 28.33
N ILE F 679 -2.75 48.57 28.67
CA ILE F 679 -2.02 49.38 27.72
C ILE F 679 -1.50 48.54 26.58
N ASN F 680 -1.26 47.25 26.82
CA ASN F 680 -0.91 46.35 25.73
C ASN F 680 -2.05 46.23 24.73
N ILE F 681 -3.29 46.17 25.22
CA ILE F 681 -4.45 46.04 24.34
C ILE F 681 -4.65 47.34 23.54
N TYR F 682 -4.52 48.48 24.22
CA TYR F 682 -4.64 49.76 23.53
C TYR F 682 -3.53 49.94 22.48
N ARG F 683 -2.30 49.58 22.83
CA ARG F 683 -1.19 49.73 21.90
C ARG F 683 -1.31 48.76 20.73
N ASP F 684 -1.88 47.57 20.96
CA ASP F 684 -2.11 46.64 19.87
C ASP F 684 -3.17 47.17 18.91
N LEU F 685 -4.23 47.77 19.43
CA LEU F 685 -5.23 48.38 18.56
C LEU F 685 -4.64 49.51 17.74
N LEU F 686 -3.85 50.38 18.38
CA LEU F 686 -3.25 51.49 17.65
C LEU F 686 -2.23 51.01 16.63
N GLN F 687 -1.48 49.96 16.97
CA GLN F 687 -0.51 49.39 16.03
C GLN F 687 -1.20 48.75 14.84
N HIS F 688 -2.36 48.12 15.06
CA HIS F 688 -3.12 47.58 13.94
C HIS F 688 -3.65 48.68 13.03
N VAL F 689 -4.07 49.81 13.63
CA VAL F 689 -4.49 50.97 12.83
C VAL F 689 -3.34 51.48 11.97
N ARG F 690 -2.15 51.59 12.57
CA ARG F 690 -1.01 52.07 11.81
C ARG F 690 -0.54 51.06 10.77
N ALA F 691 -0.75 49.76 11.02
CA ALA F 691 -0.45 48.75 10.00
C ALA F 691 -1.39 48.88 8.81
N LEU F 692 -2.67 49.15 9.07
CA LEU F 692 -3.60 49.41 7.97
C LEU F 692 -3.21 50.65 7.18
N ARG F 693 -2.75 51.70 7.88
CA ARG F 693 -2.28 52.90 7.18
C ARG F 693 -1.07 52.60 6.31
N GLN F 694 -0.12 51.80 6.82
CA GLN F 694 1.04 51.42 6.04
C GLN F 694 0.65 50.57 4.84
N THR F 695 -0.37 49.71 4.99
CA THR F 695 -0.85 48.93 3.86
C THR F 695 -1.46 49.81 2.78
N ILE F 696 -2.16 50.88 3.18
CA ILE F 696 -2.65 51.84 2.20
C ILE F 696 -1.48 52.50 1.47
N THR F 697 -0.44 52.88 2.21
CA THR F 697 0.71 53.55 1.61
C THR F 697 1.48 52.62 0.67
N ASP F 698 1.50 51.32 0.97
CA ASP F 698 2.32 50.38 0.21
C ASP F 698 1.75 50.16 -1.18
N PHE F 699 0.45 49.97 -1.29
CA PHE F 699 -0.17 49.58 -2.56
C PHE F 699 -0.42 50.74 -3.51
N THR F 700 0.23 51.88 -3.33
CA THR F 700 0.13 52.98 -4.28
C THR F 700 1.50 53.38 -4.78
N ILE F 701 1.51 54.21 -5.81
CA ILE F 701 2.74 54.72 -6.42
C ILE F 701 2.73 56.23 -6.26
N GLN F 702 3.73 56.76 -5.56
CA GLN F 702 3.73 58.19 -5.25
C GLN F 702 4.34 58.99 -6.40
N GLY F 703 4.38 60.30 -6.21
CA GLY F 703 4.94 61.20 -7.19
C GLY F 703 3.97 61.65 -8.27
N GLU F 704 2.71 61.23 -8.19
CA GLU F 704 1.70 61.60 -9.18
C GLU F 704 0.60 62.36 -8.46
N GLY F 705 0.73 63.69 -8.40
CA GLY F 705 -0.27 64.53 -7.79
C GLY F 705 -0.88 65.49 -8.79
N HIS F 706 -2.21 65.47 -8.90
CA HIS F 706 -2.92 66.26 -9.90
C HIS F 706 -3.80 67.29 -9.20
N ASN F 707 -3.62 68.56 -9.58
CA ASN F 707 -4.42 69.70 -9.10
C ASN F 707 -4.37 69.82 -7.59
N GLY F 708 -3.18 69.66 -7.04
CA GLY F 708 -2.98 69.81 -5.60
C GLY F 708 -3.60 68.72 -4.77
N GLU F 709 -3.82 67.56 -5.37
CA GLU F 709 -4.36 66.40 -4.66
C GLU F 709 -3.29 65.33 -4.65
N THR F 710 -2.99 64.80 -3.46
CA THR F 710 -1.92 63.83 -3.31
C THR F 710 -2.32 62.49 -3.92
N SER F 711 -1.31 61.65 -4.14
CA SER F 711 -1.54 60.34 -4.76
C SER F 711 -2.35 59.42 -3.85
N GLU F 712 -2.17 59.55 -2.53
CA GLU F 712 -2.91 58.72 -1.59
C GLU F 712 -4.40 59.00 -1.67
N ALA F 713 -4.78 60.27 -1.66
CA ALA F 713 -6.19 60.64 -1.75
C ALA F 713 -6.75 60.34 -3.13
N LEU F 714 -5.90 60.33 -4.14
CA LEU F 714 -6.34 60.02 -5.50
C LEU F 714 -6.51 58.52 -5.70
N ASN F 715 -5.87 57.69 -4.89
CA ASN F 715 -6.04 56.24 -4.93
C ASN F 715 -7.05 55.74 -3.91
N ASN F 716 -6.95 56.16 -2.66
CA ASN F 716 -7.74 55.60 -1.59
C ASN F 716 -8.75 56.63 -1.06
N ILE F 717 -9.59 56.21 -0.12
CA ILE F 717 -10.58 57.05 0.50
C ILE F 717 -10.22 57.36 1.95
N LEU F 718 -9.64 56.40 2.66
CA LEU F 718 -9.23 56.62 4.03
C LEU F 718 -8.06 57.59 4.13
N THR F 719 -7.41 57.92 3.01
CA THR F 719 -6.45 59.00 2.95
C THR F 719 -6.96 60.18 2.14
N ASP F 720 -8.26 60.28 1.94
CA ASP F 720 -8.87 61.39 1.21
C ASP F 720 -9.36 62.43 2.21
N ASP F 721 -8.98 63.69 1.99
CA ASP F 721 -9.34 64.73 2.94
C ASP F 721 -10.78 65.21 2.74
N THR F 722 -11.34 65.00 1.54
CA THR F 722 -12.71 65.44 1.30
C THR F 722 -13.71 64.60 2.09
N PHE F 723 -13.45 63.30 2.20
CA PHE F 723 -14.31 62.41 2.96
C PHE F 723 -13.99 62.54 4.44
N ILE F 724 -15.02 62.63 5.28
CA ILE F 724 -14.82 62.98 6.68
C ILE F 724 -15.35 61.87 7.59
N ALA F 725 -14.90 61.93 8.84
CA ALA F 725 -15.23 60.93 9.84
C ALA F 725 -16.72 61.01 10.20
N PRO F 726 -17.33 59.90 10.63
CA PRO F 726 -18.75 59.94 11.00
C PRO F 726 -19.06 60.81 12.19
N ILE F 727 -18.14 60.92 13.15
CA ILE F 727 -18.28 61.82 14.29
C ILE F 727 -17.12 62.79 14.29
N LEU F 728 -17.43 64.08 14.35
CA LEU F 728 -16.43 65.12 14.48
C LEU F 728 -16.47 65.65 15.91
N TRP F 729 -15.30 65.71 16.55
CA TRP F 729 -15.18 66.37 17.84
C TRP F 729 -14.58 67.76 17.73
N ASP F 730 -13.70 67.99 16.78
CA ASP F 730 -13.09 69.29 16.55
C ASP F 730 -13.32 69.71 15.10
N CYS F 731 -13.16 71.00 14.84
CA CYS F 731 -13.39 71.55 13.52
C CYS F 731 -12.17 71.45 12.61
N ASP F 732 -11.14 70.70 13.01
CA ASP F 732 -9.93 70.62 12.20
C ASP F 732 -10.16 69.86 10.91
N ALA F 733 -10.99 68.81 10.96
CA ALA F 733 -11.25 68.01 9.76
C ALA F 733 -12.00 68.82 8.71
N LEU F 734 -12.89 69.71 9.15
CA LEU F 734 -13.58 70.59 8.20
C LEU F 734 -12.62 71.61 7.60
N ILE F 735 -11.63 72.05 8.38
CA ILE F 735 -10.61 72.98 7.87
C ILE F 735 -9.77 72.31 6.80
N TYR F 736 -9.33 71.08 7.05
CA TYR F 736 -8.54 70.34 6.06
C TYR F 736 -9.38 70.00 4.84
N ARG F 737 -10.66 69.70 5.03
CA ARG F 737 -11.56 69.50 3.90
C ARG F 737 -11.70 70.76 3.06
N ASP F 738 -11.81 71.92 3.70
CA ASP F 738 -12.04 73.15 2.98
C ASP F 738 -10.79 73.58 2.21
N GLU F 739 -9.61 73.44 2.81
CA GLU F 739 -8.42 73.91 2.10
C GLU F 739 -7.85 72.85 1.17
N ALA F 740 -8.22 71.58 1.36
CA ALA F 740 -7.62 70.52 0.55
C ALA F 740 -8.28 70.41 -0.81
N ALA F 741 -9.59 70.63 -0.89
CA ALA F 741 -10.28 70.37 -2.14
C ALA F 741 -10.04 71.47 -3.16
N ARG F 742 -10.61 72.66 -2.92
CA ARG F 742 -10.27 73.93 -3.57
C ARG F 742 -10.55 73.98 -5.08
N ASP F 743 -10.82 72.85 -5.70
CA ASP F 743 -11.13 72.80 -7.12
C ASP F 743 -12.39 72.00 -7.41
N ARG F 744 -12.60 70.89 -6.71
CA ARG F 744 -13.87 70.20 -6.71
C ARG F 744 -14.84 71.00 -5.84
N LEU F 745 -15.97 71.39 -6.41
CA LEU F 745 -16.87 72.40 -5.85
C LEU F 745 -17.47 71.96 -4.51
N PRO F 746 -17.08 72.57 -3.40
CA PRO F 746 -17.57 72.14 -2.10
C PRO F 746 -18.83 72.88 -1.66
N ALA F 747 -19.50 72.32 -0.66
CA ALA F 747 -20.66 72.94 -0.04
C ALA F 747 -20.87 72.28 1.32
N ILE F 748 -21.35 73.04 2.28
CA ILE F 748 -21.58 72.55 3.63
C ILE F 748 -22.91 73.13 4.14
N ARG F 749 -23.65 72.33 4.90
CA ARG F 749 -24.93 72.75 5.46
C ARG F 749 -24.96 72.35 6.93
N VAL F 750 -24.77 73.32 7.82
CA VAL F 750 -24.76 73.05 9.26
C VAL F 750 -25.98 73.68 9.92
N SER F 751 -27.04 72.89 10.07
CA SER F 751 -28.28 73.27 10.75
C SER F 751 -28.91 74.51 10.12
N GLY F 752 -29.27 74.37 8.86
CA GLY F 752 -29.90 75.46 8.15
C GLY F 752 -29.01 76.10 7.10
N ARG F 753 -28.48 77.28 7.41
CA ARG F 753 -27.75 78.07 6.44
C ARG F 753 -26.38 77.47 6.17
N ASN F 754 -25.83 77.84 5.01
CA ASN F 754 -24.57 77.28 4.53
C ASN F 754 -23.39 77.91 5.27
N GLY F 755 -22.43 77.08 5.65
CA GLY F 755 -21.23 77.59 6.29
C GLY F 755 -21.23 77.39 7.80
N TYR F 756 -20.03 77.34 8.35
CA TYR F 756 -19.82 77.19 9.78
C TYR F 756 -19.08 78.42 10.32
N GLN F 757 -19.10 78.60 11.63
CA GLN F 757 -18.56 79.80 12.25
C GLN F 757 -17.32 79.56 13.08
N ALA F 758 -17.27 78.44 13.81
CA ALA F 758 -16.11 77.99 14.60
C ALA F 758 -15.71 79.03 15.66
N LEU F 759 -16.61 79.23 16.62
CA LEU F 759 -16.33 80.04 17.80
C LEU F 759 -16.08 79.12 18.98
N HIS F 760 -14.85 79.13 19.49
CA HIS F 760 -14.45 78.20 20.53
C HIS F 760 -14.58 78.84 21.92
N PHE F 761 -14.29 78.03 22.94
CA PHE F 761 -14.18 78.44 24.34
C PHE F 761 -15.51 79.04 24.83
N VAL F 762 -16.49 78.16 24.97
CA VAL F 762 -17.77 78.51 25.56
C VAL F 762 -17.73 78.12 27.03
N ASP F 763 -18.29 78.97 27.90
CA ASP F 763 -18.27 78.75 29.33
C ASP F 763 -19.67 78.97 29.92
N MET F 764 -19.75 79.00 31.26
CA MET F 764 -21.02 79.22 31.96
C MET F 764 -21.64 80.59 31.67
N ALA F 765 -20.83 81.57 31.25
CA ALA F 765 -21.37 82.89 30.99
C ALA F 765 -22.34 82.88 29.81
N GLY F 766 -21.93 82.26 28.70
CA GLY F 766 -22.73 82.28 27.49
C GLY F 766 -23.04 80.95 26.86
N HIS F 767 -23.40 79.92 27.65
CA HIS F 767 -23.50 78.57 27.09
C HIS F 767 -24.66 78.45 26.10
N ASN F 768 -25.86 78.89 26.49
CA ASN F 768 -27.03 79.01 25.62
C ASN F 768 -27.37 77.69 24.91
N PHE F 769 -27.87 76.75 25.72
CA PHE F 769 -28.14 75.39 25.24
C PHE F 769 -29.11 75.36 24.07
N GLN F 770 -30.10 76.25 24.06
CA GLN F 770 -31.03 76.35 22.92
C GLN F 770 -30.52 77.38 21.91
N ARG F 771 -29.41 77.02 21.25
CA ARG F 771 -28.82 77.86 20.23
C ARG F 771 -29.18 77.31 18.86
N ARG F 772 -29.46 78.19 17.91
CA ARG F 772 -30.01 77.80 16.62
C ARG F 772 -29.10 78.09 15.43
N ASP F 773 -28.06 78.88 15.62
CA ASP F 773 -27.27 79.34 14.47
C ASP F 773 -26.28 78.27 14.04
N ASN F 774 -25.42 78.62 13.08
CA ASN F 774 -24.49 77.67 12.45
C ASN F 774 -23.12 77.69 13.10
N VAL F 775 -23.05 77.91 14.40
CA VAL F 775 -21.75 78.00 15.08
C VAL F 775 -21.37 76.62 15.58
N LEU F 776 -20.07 76.34 15.59
CA LEU F 776 -19.54 75.05 16.03
C LEU F 776 -18.45 75.29 17.07
N ILE F 777 -18.53 74.55 18.18
CA ILE F 777 -17.62 74.74 19.30
C ILE F 777 -16.33 73.99 18.99
N HIS F 778 -15.26 74.74 18.73
CA HIS F 778 -13.99 74.13 18.35
C HIS F 778 -13.28 73.52 19.54
N GLY F 779 -13.51 74.06 20.73
CA GLY F 779 -12.79 73.65 21.92
C GLY F 779 -11.56 74.51 22.15
N ARG F 780 -11.06 74.44 23.38
CA ARG F 780 -9.99 75.32 23.79
C ARG F 780 -8.65 74.84 23.27
N PRO F 781 -7.95 75.63 22.47
CA PRO F 781 -6.55 75.29 22.14
C PRO F 781 -5.68 75.48 23.35
N VAL F 782 -4.57 74.74 23.41
CA VAL F 782 -3.75 74.74 24.61
C VAL F 782 -2.43 75.46 24.38
N ARG F 783 -1.99 75.55 23.12
CA ARG F 783 -0.73 76.21 22.79
C ARG F 783 -0.95 77.66 22.39
N GLY F 784 -1.60 78.42 23.27
CA GLY F 784 -1.77 79.83 22.98
C GLY F 784 -2.92 80.42 23.76
N ASP F 785 -3.47 81.50 23.20
CA ASP F 785 -4.56 82.26 23.81
C ASP F 785 -5.80 82.14 22.94
N THR F 786 -6.97 82.21 23.58
CA THR F 786 -8.24 82.08 22.85
C THR F 786 -8.52 83.32 22.02
N GLY F 787 -8.72 84.45 22.68
CA GLY F 787 -9.01 85.69 21.98
C GLY F 787 -10.38 85.69 21.32
N GLN F 788 -10.57 86.69 20.47
CA GLN F 788 -11.80 86.81 19.68
C GLN F 788 -11.54 86.94 18.19
N ALA F 789 -10.52 87.70 17.79
CA ALA F 789 -10.22 87.85 16.37
C ALA F 789 -9.21 86.82 15.87
N ILE F 790 -8.67 86.00 16.78
CA ILE F 790 -7.70 84.98 16.37
C ILE F 790 -8.43 83.89 15.60
N PRO F 791 -8.00 83.55 14.39
CA PRO F 791 -8.67 82.49 13.62
C PRO F 791 -8.40 81.12 14.23
N ILE F 792 -9.24 80.16 13.83
CA ILE F 792 -9.17 78.82 14.38
C ILE F 792 -7.98 78.08 13.78
N THR F 793 -7.11 77.57 14.64
CA THR F 793 -5.97 76.75 14.26
C THR F 793 -6.29 75.29 14.55
N PRO F 794 -6.05 74.39 13.59
CA PRO F 794 -6.36 72.97 13.82
C PRO F 794 -5.53 72.37 14.95
N HIS F 795 -6.15 71.47 15.70
CA HIS F 795 -5.53 70.92 16.91
C HIS F 795 -4.38 69.99 16.56
N HIS F 796 -4.58 69.09 15.62
CA HIS F 796 -3.67 67.98 15.40
C HIS F 796 -3.23 67.95 13.94
N ASP F 797 -2.32 67.02 13.65
CA ASP F 797 -1.77 66.85 12.33
C ASP F 797 -2.80 66.22 11.40
N ARG F 798 -2.48 66.21 10.10
CA ARG F 798 -3.35 65.57 9.13
C ARG F 798 -3.43 64.07 9.33
N GLU F 799 -2.36 63.46 9.86
CA GLU F 799 -2.34 62.02 10.09
C GLU F 799 -3.37 61.57 11.12
N TRP F 800 -3.77 62.46 12.04
CA TRP F 800 -4.83 62.14 12.99
C TRP F 800 -6.15 61.88 12.27
N GLY F 801 -6.46 62.69 11.25
CA GLY F 801 -7.68 62.45 10.50
C GLY F 801 -7.66 61.15 9.73
N ILE F 802 -6.48 60.79 9.20
CA ILE F 802 -6.33 59.53 8.48
C ILE F 802 -6.54 58.35 9.42
N LEU F 803 -5.94 58.42 10.61
CA LEU F 803 -6.11 57.35 11.58
C LEU F 803 -7.54 57.30 12.09
N SER F 804 -8.20 58.46 12.20
CA SER F 804 -9.60 58.50 12.63
C SER F 804 -10.51 57.83 11.62
N LYS F 805 -10.32 58.13 10.33
CA LYS F 805 -11.15 57.51 9.30
C LYS F 805 -10.89 56.02 9.21
N ILE F 806 -9.61 55.61 9.33
CA ILE F 806 -9.27 54.18 9.30
C ILE F 806 -9.93 53.45 10.45
N TYR F 807 -9.85 54.02 11.66
CA TYR F 807 -10.46 53.42 12.84
C TYR F 807 -11.97 53.30 12.67
N TYR F 808 -12.64 54.42 12.39
CA TYR F 808 -14.10 54.45 12.38
C TYR F 808 -14.69 53.66 11.22
N TYR F 809 -13.96 53.49 10.12
CA TYR F 809 -14.51 52.78 8.99
C TYR F 809 -13.94 51.39 8.80
N ILE F 810 -13.03 50.95 9.66
CA ILE F 810 -12.56 49.57 9.56
C ILE F 810 -12.77 48.85 10.89
N VAL F 811 -12.18 49.36 11.97
CA VAL F 811 -12.06 48.56 13.19
C VAL F 811 -13.40 48.47 13.91
N ILE F 812 -14.13 49.59 14.00
CA ILE F 812 -15.46 49.56 14.61
C ILE F 812 -16.46 48.71 13.84
N PRO F 813 -16.59 48.82 12.50
CA PRO F 813 -17.53 47.91 11.83
C PRO F 813 -17.11 46.46 11.85
N ALA F 814 -15.81 46.16 11.74
CA ALA F 814 -15.38 44.76 11.66
C ALA F 814 -15.57 44.02 12.97
N PHE F 815 -15.65 44.74 14.08
CA PHE F 815 -15.89 44.10 15.36
C PHE F 815 -17.35 44.19 15.78
N SER F 816 -17.99 45.33 15.55
CA SER F 816 -19.36 45.53 16.01
C SER F 816 -20.35 44.77 15.13
N ARG F 817 -20.05 44.66 13.84
CA ARG F 817 -20.88 44.00 12.83
C ARG F 817 -22.29 44.58 12.79
N GLY F 818 -22.35 45.90 12.64
CA GLY F 818 -23.61 46.57 12.37
C GLY F 818 -24.58 46.67 13.52
N SER F 819 -24.11 46.50 14.75
CA SER F 819 -24.97 46.65 15.91
C SER F 819 -24.86 48.03 16.55
N CYS F 820 -23.71 48.68 16.42
CA CYS F 820 -23.52 50.01 16.98
C CYS F 820 -24.24 51.07 16.14
N CYS F 821 -24.69 52.13 16.80
CA CYS F 821 -25.49 53.16 16.16
C CYS F 821 -25.01 54.54 16.59
N THR F 822 -24.78 55.42 15.61
CA THR F 822 -24.25 56.75 15.90
C THR F 822 -25.38 57.69 16.32
N MET F 823 -25.14 58.46 17.37
CA MET F 823 -26.19 59.19 18.07
C MET F 823 -25.66 60.52 18.62
N GLY F 824 -26.58 61.45 18.79
CA GLY F 824 -26.29 62.69 19.46
C GLY F 824 -26.80 62.66 20.88
N VAL F 825 -26.23 63.53 21.72
CA VAL F 825 -26.53 63.52 23.14
C VAL F 825 -27.45 64.70 23.45
N ARG F 826 -27.95 64.73 24.67
CA ARG F 826 -28.78 65.82 25.18
C ARG F 826 -27.99 66.50 26.29
N TYR F 827 -27.17 67.49 25.92
CA TYR F 827 -26.30 68.16 26.88
C TYR F 827 -27.09 68.96 27.91
N ASP F 828 -28.17 69.62 27.47
CA ASP F 828 -28.98 70.41 28.39
C ASP F 828 -29.69 69.53 29.42
N ARG F 829 -29.92 68.27 29.10
CA ARG F 829 -30.43 67.30 30.05
C ARG F 829 -29.32 66.62 30.83
N LEU F 830 -28.06 66.82 30.45
CA LEU F 830 -26.97 66.05 31.05
C LEU F 830 -26.22 66.86 32.09
N TYR F 831 -25.80 68.08 31.74
CA TYR F 831 -25.04 68.92 32.68
C TYR F 831 -25.73 69.20 34.02
N PRO F 832 -27.04 69.44 34.13
CA PRO F 832 -27.63 69.53 35.49
C PRO F 832 -27.53 68.26 36.30
N ALA F 833 -27.37 67.10 35.66
CA ALA F 833 -27.10 65.87 36.40
C ALA F 833 -25.64 65.70 36.77
N LEU F 834 -24.75 66.50 36.20
CA LEU F 834 -23.32 66.41 36.47
C LEU F 834 -22.86 67.33 37.59
N GLN F 835 -23.72 68.25 38.05
CA GLN F 835 -23.35 69.20 39.09
C GLN F 835 -23.57 68.64 40.48
N ALA F 836 -24.21 67.48 40.61
CA ALA F 836 -24.65 66.95 41.89
C ALA F 836 -23.65 65.90 42.37
N VAL F 837 -22.54 66.36 42.95
CA VAL F 837 -21.61 65.48 43.65
C VAL F 837 -21.76 65.73 45.14
N ILE F 838 -21.45 64.71 45.94
CA ILE F 838 -21.77 64.73 47.36
C ILE F 838 -20.51 64.39 48.15
N VAL F 839 -19.36 64.80 47.62
CA VAL F 839 -18.07 64.60 48.29
C VAL F 839 -18.05 65.36 49.60
N PRO F 840 -17.81 64.68 50.72
CA PRO F 840 -17.93 65.32 52.03
C PRO F 840 -16.70 66.15 52.37
N GLU F 841 -16.81 66.89 53.46
CA GLU F 841 -15.74 67.78 53.93
C GLU F 841 -14.87 67.01 54.90
N ILE F 842 -13.68 66.64 54.46
CA ILE F 842 -12.75 65.90 55.31
C ILE F 842 -12.14 66.86 56.33
N PRO F 843 -11.89 66.43 57.56
CA PRO F 843 -11.14 67.28 58.50
C PRO F 843 -9.69 67.46 58.08
N ALA F 844 -9.12 68.58 58.51
CA ALA F 844 -7.70 68.83 58.25
C ALA F 844 -6.83 67.95 59.14
N ASP F 845 -5.59 67.75 58.69
CA ASP F 845 -4.62 66.84 59.31
C ASP F 845 -5.19 65.42 59.43
N GLU F 846 -5.88 64.99 58.37
CA GLU F 846 -6.49 63.67 58.29
C GLU F 846 -6.20 63.09 56.92
N GLU F 847 -6.24 61.77 56.82
CA GLU F 847 -5.95 61.09 55.57
C GLU F 847 -7.24 60.76 54.82
N ALA F 848 -7.16 60.80 53.50
CA ALA F 848 -8.34 60.56 52.66
C ALA F 848 -8.72 59.09 52.73
N PRO F 849 -10.01 58.76 52.87
CA PRO F 849 -10.43 57.37 52.81
C PRO F 849 -10.26 56.78 51.42
N THR F 850 -9.96 55.48 51.39
CA THR F 850 -9.79 54.76 50.14
C THR F 850 -10.90 53.74 49.91
N THR F 851 -11.09 52.83 50.85
CA THR F 851 -12.13 51.82 50.72
C THR F 851 -13.51 52.44 50.93
N PRO F 852 -14.55 51.92 50.28
CA PRO F 852 -15.90 52.45 50.49
C PRO F 852 -16.61 51.94 51.73
N GLU F 853 -15.90 51.38 52.71
CA GLU F 853 -16.56 50.84 53.88
C GLU F 853 -16.76 51.88 54.98
N ASP F 854 -15.86 52.85 55.11
CA ASP F 854 -16.00 53.85 56.15
C ASP F 854 -16.96 54.96 55.72
N PRO F 855 -17.60 55.64 56.68
CA PRO F 855 -18.56 56.70 56.32
C PRO F 855 -17.99 57.86 55.51
N ARG F 856 -16.70 58.15 55.62
CA ARG F 856 -16.14 59.31 54.94
C ARG F 856 -16.03 59.12 53.43
N HIS F 857 -16.19 57.91 52.92
CA HIS F 857 -16.10 57.69 51.48
C HIS F 857 -17.34 58.25 50.78
N PRO F 858 -17.17 58.85 49.60
CA PRO F 858 -18.35 59.36 48.87
C PRO F 858 -19.28 58.29 48.38
N LEU F 859 -18.79 57.06 48.18
CA LEU F 859 -19.61 55.97 47.67
C LEU F 859 -20.21 55.12 48.78
N HIS F 860 -20.06 55.53 50.04
CA HIS F 860 -20.66 54.84 51.16
C HIS F 860 -22.18 55.03 51.14
N ALA F 861 -22.87 54.20 51.92
CA ALA F 861 -24.33 54.21 51.91
C ALA F 861 -24.90 55.48 52.53
N HIS F 862 -24.12 56.20 53.33
CA HIS F 862 -24.61 57.45 53.91
C HIS F 862 -24.79 58.53 52.86
N GLN F 863 -23.87 58.61 51.91
CA GLN F 863 -23.82 59.69 50.95
C GLN F 863 -24.57 59.37 49.66
N LEU F 864 -25.19 58.20 49.57
CA LEU F 864 -25.90 57.80 48.36
C LEU F 864 -27.31 58.39 48.40
N VAL F 865 -27.38 59.71 48.25
CA VAL F 865 -28.67 60.41 48.20
C VAL F 865 -29.32 60.11 46.86
N PRO F 866 -30.65 60.14 46.76
CA PRO F 866 -31.29 59.93 45.45
C PRO F 866 -30.98 61.06 44.49
N ASN F 867 -30.84 60.69 43.22
CA ASN F 867 -30.63 61.61 42.09
C ASN F 867 -29.38 62.47 42.28
N SER F 868 -28.26 61.79 42.42
CA SER F 868 -26.95 62.44 42.52
C SER F 868 -26.08 61.86 41.42
N LEU F 869 -24.77 62.15 41.49
CA LEU F 869 -23.85 61.49 40.58
C LEU F 869 -23.27 60.23 41.21
N ASN F 870 -23.30 60.14 42.54
CA ASN F 870 -22.74 58.96 43.19
C ASN F 870 -23.66 57.76 43.04
N VAL F 871 -24.96 57.99 42.89
CA VAL F 871 -25.84 56.89 42.53
C VAL F 871 -25.54 56.40 41.11
N TYR F 872 -25.18 57.32 40.21
CA TYR F 872 -24.74 56.94 38.87
C TYR F 872 -23.48 56.10 38.91
N PHE F 873 -22.52 56.48 39.76
CA PHE F 873 -21.28 55.71 39.85
C PHE F 873 -21.50 54.37 40.54
N HIS F 874 -22.31 54.35 41.59
CA HIS F 874 -22.51 53.12 42.36
C HIS F 874 -23.38 52.13 41.60
N ASN F 875 -24.19 52.60 40.66
CA ASN F 875 -24.87 51.68 39.75
C ASN F 875 -23.86 50.91 38.90
N ALA F 876 -22.78 51.58 38.49
CA ALA F 876 -21.71 50.94 37.73
C ALA F 876 -20.75 50.16 38.60
N HIS F 877 -20.86 50.30 39.93
CA HIS F 877 -20.05 49.57 40.92
C HIS F 877 -18.56 49.84 40.75
N LEU F 878 -18.21 51.11 40.64
CA LEU F 878 -16.82 51.55 40.57
C LEU F 878 -16.45 52.27 41.85
N THR F 879 -15.14 52.37 42.10
CA THR F 879 -14.61 53.05 43.28
C THR F 879 -13.75 54.22 42.85
N VAL F 880 -14.09 55.42 43.32
CA VAL F 880 -13.33 56.63 43.04
C VAL F 880 -13.12 57.38 44.35
N ASP F 881 -12.19 58.33 44.31
CA ASP F 881 -11.85 59.13 45.47
C ASP F 881 -12.56 60.49 45.41
N GLY F 882 -12.34 61.32 46.44
CA GLY F 882 -13.03 62.60 46.49
C GLY F 882 -12.53 63.59 45.45
N ASP F 883 -11.20 63.69 45.31
CA ASP F 883 -10.63 64.62 44.34
C ASP F 883 -10.90 64.19 42.91
N ALA F 884 -10.97 62.88 42.67
CA ALA F 884 -11.32 62.37 41.35
C ALA F 884 -12.73 62.80 40.95
N LEU F 885 -13.65 62.83 41.91
CA LEU F 885 -14.96 63.38 41.63
C LEU F 885 -14.95 64.90 41.58
N LEU F 886 -14.02 65.55 42.29
CA LEU F 886 -14.03 67.00 42.35
C LEU F 886 -13.34 67.65 41.15
N THR F 887 -12.63 66.88 40.32
CA THR F 887 -12.02 67.46 39.12
C THR F 887 -13.04 67.86 38.07
N LEU F 888 -14.31 67.48 38.21
CA LEU F 888 -15.34 67.93 37.28
C LEU F 888 -15.55 69.44 37.36
N GLN F 889 -15.26 70.05 38.51
CA GLN F 889 -15.33 71.50 38.62
C GLN F 889 -14.29 72.15 37.71
N GLU F 890 -13.10 71.56 37.63
CA GLU F 890 -12.07 72.07 36.73
C GLU F 890 -12.41 71.75 35.28
N LEU F 891 -13.17 70.67 35.07
CA LEU F 891 -13.73 70.42 33.74
C LEU F 891 -14.67 71.55 33.31
N MET F 892 -15.51 72.01 34.22
CA MET F 892 -16.75 72.70 33.87
C MET F 892 -16.53 74.06 33.18
N GLY F 893 -15.30 74.60 33.22
CA GLY F 893 -15.02 75.84 32.51
C GLY F 893 -15.16 75.73 31.01
N ASP F 894 -14.90 74.55 30.46
CA ASP F 894 -15.11 74.28 29.04
C ASP F 894 -16.27 73.31 28.90
N MET F 895 -17.17 73.57 27.96
CA MET F 895 -18.35 72.74 27.76
C MET F 895 -18.63 72.58 26.28
N ALA F 896 -19.67 71.82 25.99
CA ALA F 896 -20.23 71.68 24.65
C ALA F 896 -21.71 72.05 24.71
N GLU F 897 -22.18 72.77 23.69
CA GLU F 897 -23.55 73.28 23.72
C GLU F 897 -24.55 72.20 23.37
N ARG F 898 -24.49 71.69 22.15
CA ARG F 898 -25.43 70.69 21.65
C ARG F 898 -24.86 70.06 20.39
N THR F 899 -25.40 68.90 20.03
CA THR F 899 -24.98 68.25 18.81
C THR F 899 -25.75 68.80 17.62
N THR F 900 -25.20 68.57 16.42
CA THR F 900 -25.80 69.07 15.19
C THR F 900 -25.42 68.15 14.04
N ALA F 901 -26.17 68.29 12.94
CA ALA F 901 -26.01 67.44 11.77
C ALA F 901 -25.32 68.23 10.67
N ILE F 902 -24.19 67.72 10.19
CA ILE F 902 -23.38 68.38 9.18
C ILE F 902 -23.48 67.58 7.89
N LEU F 903 -23.88 68.24 6.81
CA LEU F 903 -23.98 67.62 5.49
C LEU F 903 -23.03 68.37 4.57
N VAL F 904 -21.90 67.74 4.23
CA VAL F 904 -20.95 68.31 3.29
C VAL F 904 -21.16 67.64 1.95
N SER F 905 -20.70 68.30 0.89
CA SER F 905 -20.82 67.76 -0.45
C SER F 905 -19.69 68.28 -1.32
N SER F 906 -19.35 67.53 -2.35
CA SER F 906 -18.29 67.94 -3.26
C SER F 906 -18.46 67.22 -4.59
N ALA F 907 -17.80 67.77 -5.61
CA ALA F 907 -17.72 67.11 -6.89
C ALA F 907 -16.75 65.94 -6.81
N PRO F 908 -16.82 64.99 -7.74
CA PRO F 908 -15.78 63.96 -7.82
C PRO F 908 -14.44 64.58 -8.16
N ASP F 909 -13.37 63.93 -7.68
CA ASP F 909 -12.04 64.52 -7.71
C ASP F 909 -11.50 64.62 -9.14
N ALA F 910 -10.27 65.15 -9.25
CA ALA F 910 -9.66 65.39 -10.54
C ALA F 910 -9.30 64.09 -11.26
N GLY F 911 -9.31 62.96 -10.56
CA GLY F 911 -9.07 61.68 -11.21
C GLY F 911 -10.16 61.29 -12.17
N ALA F 912 -11.42 61.62 -11.85
CA ALA F 912 -12.55 61.25 -12.68
C ALA F 912 -13.41 62.45 -13.07
N ALA F 913 -12.80 63.63 -13.20
CA ALA F 913 -13.54 64.85 -13.50
C ALA F 913 -13.75 64.94 -15.00
N THR F 914 -14.91 64.49 -15.46
CA THR F 914 -15.33 64.61 -16.85
C THR F 914 -16.44 65.67 -16.87
N ALA F 915 -16.64 66.32 -18.01
CA ALA F 915 -17.62 67.41 -18.12
C ALA F 915 -19.05 66.96 -17.84
N THR F 916 -19.34 65.67 -17.96
CA THR F 916 -20.62 65.13 -17.53
C THR F 916 -20.59 64.50 -16.15
N THR F 917 -19.40 64.28 -15.58
CA THR F 917 -19.31 63.70 -14.24
C THR F 917 -19.30 64.77 -13.16
N ARG F 918 -19.02 66.03 -13.53
CA ARG F 918 -18.97 67.10 -12.53
C ARG F 918 -20.34 67.37 -11.92
N ASN F 919 -21.42 67.14 -12.65
CA ASN F 919 -22.75 67.37 -12.10
C ASN F 919 -23.16 66.31 -11.09
N MET F 920 -22.61 65.11 -11.18
CA MET F 920 -22.98 64.02 -10.28
C MET F 920 -22.24 64.20 -8.97
N ARG F 921 -22.81 64.99 -8.06
CA ARG F 921 -22.19 65.30 -6.78
C ARG F 921 -22.37 64.14 -5.81
N ILE F 922 -21.57 64.15 -4.74
CA ILE F 922 -21.69 63.16 -3.68
C ILE F 922 -22.04 63.88 -2.38
N TYR F 923 -23.00 63.33 -1.65
CA TYR F 923 -23.50 63.91 -0.41
C TYR F 923 -23.30 62.91 0.72
N ASP F 924 -22.61 63.32 1.78
CA ASP F 924 -22.44 62.47 2.93
C ASP F 924 -22.54 63.30 4.20
N GLY F 925 -22.88 62.64 5.30
CA GLY F 925 -23.15 63.36 6.54
C GLY F 925 -22.31 62.94 7.72
N ALA F 926 -22.37 63.72 8.79
CA ALA F 926 -21.65 63.44 10.02
C ALA F 926 -22.35 64.16 11.16
N LEU F 927 -22.05 63.74 12.38
CA LEU F 927 -22.56 64.40 13.58
C LEU F 927 -21.41 65.12 14.27
N TYR F 928 -21.62 66.41 14.55
CA TYR F 928 -20.70 67.14 15.42
C TYR F 928 -21.13 66.89 16.86
N HIS F 929 -20.16 66.56 17.70
CA HIS F 929 -20.37 66.30 19.13
C HIS F 929 -21.37 65.16 19.37
N GLY F 930 -21.28 64.08 18.61
CA GLY F 930 -22.13 62.93 18.78
C GLY F 930 -21.38 61.75 19.38
N LEU F 931 -22.12 60.67 19.62
CA LEU F 931 -21.55 59.45 20.18
C LEU F 931 -22.04 58.22 19.44
N ILE F 932 -21.43 57.09 19.81
CA ILE F 932 -21.85 55.76 19.43
C ILE F 932 -21.93 54.93 20.70
N MET F 933 -23.06 54.28 20.96
CA MET F 933 -23.05 53.27 22.01
C MET F 933 -22.77 51.92 21.36
N MET F 934 -22.27 50.98 22.17
CA MET F 934 -21.77 49.72 21.65
C MET F 934 -22.93 48.82 21.23
N ALA F 935 -23.76 48.45 22.20
CA ALA F 935 -25.01 47.75 21.94
C ALA F 935 -26.05 48.29 22.91
N TYR F 936 -27.32 48.21 22.51
CA TYR F 936 -28.40 48.92 23.19
C TYR F 936 -29.08 47.98 24.18
N GLN F 937 -29.22 48.45 25.41
CA GLN F 937 -29.88 47.70 26.49
C GLN F 937 -31.31 48.22 26.65
N ALA F 938 -32.28 47.39 26.30
CA ALA F 938 -33.67 47.78 26.30
C ALA F 938 -34.40 47.50 27.61
N TYR F 939 -33.75 46.83 28.55
CA TYR F 939 -34.42 46.42 29.78
C TYR F 939 -33.76 46.92 31.04
N ASP F 940 -32.80 47.86 30.93
CA ASP F 940 -32.21 48.51 32.10
C ASP F 940 -33.13 49.67 32.48
N GLU F 941 -33.97 49.45 33.47
CA GLU F 941 -34.99 50.42 33.85
C GLU F 941 -34.52 51.39 34.92
N THR F 942 -33.26 51.30 35.36
CA THR F 942 -32.76 52.26 36.33
C THR F 942 -32.55 53.63 35.70
N ILE F 943 -32.35 53.67 34.40
CA ILE F 943 -32.27 54.93 33.65
C ILE F 943 -33.37 54.91 32.61
N ALA F 944 -34.21 55.94 32.61
CA ALA F 944 -35.31 56.01 31.66
C ALA F 944 -34.76 56.14 30.24
N THR F 945 -35.43 55.49 29.29
CA THR F 945 -34.93 55.47 27.92
C THR F 945 -35.09 56.83 27.26
N GLY F 946 -34.11 57.17 26.42
CA GLY F 946 -34.13 58.46 25.76
C GLY F 946 -33.87 59.65 26.65
N THR F 947 -33.26 59.42 27.83
CA THR F 947 -33.00 60.54 28.73
C THR F 947 -31.83 61.39 28.24
N PHE F 948 -30.77 60.75 27.77
CA PHE F 948 -29.57 61.46 27.36
C PHE F 948 -29.27 61.34 25.88
N PHE F 949 -29.48 60.18 25.27
CA PHE F 949 -29.09 59.93 23.89
C PHE F 949 -30.31 59.60 23.06
N TYR F 950 -30.36 60.12 21.84
CA TYR F 950 -31.43 59.80 20.91
C TYR F 950 -30.85 59.31 19.59
N PRO F 951 -31.48 58.34 18.94
CA PRO F 951 -30.88 57.72 17.75
C PRO F 951 -31.03 58.59 16.51
N VAL F 952 -29.89 59.00 15.95
CA VAL F 952 -29.86 59.64 14.64
C VAL F 952 -28.70 59.07 13.81
N PRO F 953 -28.94 57.97 13.10
CA PRO F 953 -27.84 57.29 12.40
C PRO F 953 -27.62 57.85 11.01
N VAL F 954 -26.38 58.21 10.71
CA VAL F 954 -25.94 58.45 9.33
C VAL F 954 -24.64 57.69 9.06
N ASN F 955 -24.78 56.45 8.59
CA ASN F 955 -23.87 55.59 7.82
C ASN F 955 -24.69 54.32 7.63
N PRO F 956 -24.60 53.61 6.51
CA PRO F 956 -25.17 52.25 6.50
C PRO F 956 -24.37 51.27 7.34
N LEU F 957 -23.10 51.57 7.63
CA LEU F 957 -22.35 50.74 8.57
C LEU F 957 -22.86 50.90 9.99
N PHE F 958 -23.32 52.10 10.34
CA PHE F 958 -23.76 52.41 11.70
C PHE F 958 -25.27 52.50 11.82
N ALA F 959 -26.01 51.84 10.93
CA ALA F 959 -27.46 51.76 11.08
C ALA F 959 -27.80 50.89 12.28
N CYS F 960 -29.02 51.07 12.79
CA CYS F 960 -29.42 50.47 14.05
C CYS F 960 -30.91 50.15 14.04
N PRO F 961 -31.27 48.87 13.89
CA PRO F 961 -32.69 48.51 13.90
C PRO F 961 -33.31 48.47 15.27
N GLU F 962 -32.51 48.28 16.32
CA GLU F 962 -33.04 48.15 17.67
C GLU F 962 -32.88 49.42 18.50
N HIS F 963 -31.94 50.30 18.14
CA HIS F 963 -31.71 51.51 18.93
C HIS F 963 -32.84 52.52 18.81
N LEU F 964 -33.74 52.36 17.84
CA LEU F 964 -34.80 53.32 17.60
C LEU F 964 -35.89 53.28 18.68
N ALA F 965 -35.87 52.29 19.57
CA ALA F 965 -36.78 52.30 20.69
C ALA F 965 -36.47 53.42 21.68
N SER F 966 -35.22 53.91 21.70
CA SER F 966 -34.87 55.04 22.53
C SER F 966 -35.49 56.34 22.04
N LEU F 967 -35.86 56.41 20.77
CA LEU F 967 -36.53 57.60 20.25
C LEU F 967 -37.94 57.70 20.80
N ARG F 968 -38.39 58.93 21.03
CA ARG F 968 -39.73 59.16 21.55
C ARG F 968 -40.76 58.89 20.46
N GLY F 969 -41.77 58.09 20.80
CA GLY F 969 -42.83 57.79 19.86
C GLY F 969 -42.43 56.83 18.77
N MET F 970 -42.04 55.61 19.14
CA MET F 970 -41.75 54.55 18.20
C MET F 970 -42.74 53.42 18.43
N THR F 971 -43.44 53.03 17.37
CA THR F 971 -44.47 51.99 17.44
C THR F 971 -43.94 50.70 16.83
N ASN F 972 -44.81 49.68 16.81
CA ASN F 972 -44.47 48.41 16.19
C ASN F 972 -44.29 48.55 14.68
N ALA F 973 -45.12 49.39 14.04
CA ALA F 973 -45.03 49.58 12.61
C ALA F 973 -43.71 50.25 12.22
N ARG F 974 -43.27 51.21 13.02
CA ARG F 974 -42.00 51.88 12.76
C ARG F 974 -40.84 50.90 12.89
N ARG F 975 -40.90 50.02 13.90
CA ARG F 975 -39.86 49.01 14.07
C ARG F 975 -39.85 48.01 12.91
N VAL F 976 -41.01 47.59 12.43
CA VAL F 976 -41.03 46.57 11.39
C VAL F 976 -40.67 47.16 10.03
N LEU F 977 -40.94 48.44 9.81
CA LEU F 977 -40.46 49.08 8.58
C LEU F 977 -38.98 49.43 8.67
N ALA F 978 -38.45 49.65 9.88
CA ALA F 978 -37.03 49.93 10.03
C ALA F 978 -36.18 48.67 10.09
N LYS F 979 -36.81 47.50 10.30
CA LYS F 979 -36.05 46.26 10.36
C LYS F 979 -35.39 45.92 9.02
N MET F 980 -36.11 46.13 7.92
CA MET F 980 -35.60 45.76 6.60
C MET F 980 -34.85 46.87 5.88
N VAL F 981 -35.15 48.14 6.15
CA VAL F 981 -34.49 49.27 5.52
C VAL F 981 -33.69 50.00 6.58
N PRO F 982 -32.40 50.29 6.36
CA PRO F 982 -31.65 51.08 7.33
C PRO F 982 -32.10 52.52 7.33
N PRO F 983 -32.58 53.02 8.47
CA PRO F 983 -33.14 54.38 8.49
C PRO F 983 -32.07 55.46 8.47
N ILE F 984 -31.88 56.07 7.30
CA ILE F 984 -30.95 57.17 7.13
C ILE F 984 -31.78 58.37 6.70
N PRO F 985 -31.82 59.44 7.49
CA PRO F 985 -32.72 60.55 7.18
C PRO F 985 -32.22 61.32 5.98
N PRO F 986 -33.13 61.93 5.21
CA PRO F 986 -32.71 62.63 3.99
C PRO F 986 -31.96 63.92 4.23
N PHE F 987 -31.99 64.47 5.44
CA PHE F 987 -31.17 65.65 5.70
C PHE F 987 -29.74 65.29 6.10
N LEU F 988 -29.36 64.03 5.94
CA LEU F 988 -27.99 63.57 6.16
C LEU F 988 -27.46 62.77 4.98
N GLY F 989 -28.11 62.86 3.83
CA GLY F 989 -27.67 62.18 2.64
C GLY F 989 -28.29 60.79 2.51
N ALA F 990 -28.53 60.39 1.28
CA ALA F 990 -29.17 59.12 0.99
C ALA F 990 -28.14 58.11 0.51
N ASN F 991 -28.59 56.87 0.32
CA ASN F 991 -27.67 55.78 -0.02
C ASN F 991 -27.08 55.96 -1.40
N HIS F 992 -27.90 56.27 -2.40
CA HIS F 992 -27.40 56.31 -3.76
C HIS F 992 -26.54 57.54 -4.06
N HIS F 993 -26.47 58.50 -3.14
CA HIS F 993 -25.57 59.63 -3.32
C HIS F 993 -24.40 59.64 -2.35
N ALA F 994 -24.35 58.69 -1.41
CA ALA F 994 -23.31 58.69 -0.40
C ALA F 994 -22.03 58.06 -0.93
N THR F 995 -20.98 58.12 -0.11
CA THR F 995 -19.73 57.43 -0.43
C THR F 995 -19.81 55.97 -0.02
N ILE F 996 -19.90 55.71 1.28
CA ILE F 996 -20.05 54.35 1.80
C ILE F 996 -21.49 53.92 1.60
N ARG F 997 -21.70 52.87 0.81
CA ARG F 997 -23.05 52.51 0.41
C ARG F 997 -23.47 51.19 1.07
N GLN F 998 -24.65 50.73 0.67
CA GLN F 998 -25.24 49.52 1.25
C GLN F 998 -24.43 48.24 1.08
N PRO F 999 -23.81 47.92 -0.08
CA PRO F 999 -23.05 46.65 -0.16
C PRO F 999 -21.89 46.52 0.81
N VAL F 1000 -21.25 47.62 1.21
CA VAL F 1000 -20.21 47.53 2.23
C VAL F 1000 -20.80 47.13 3.58
N ALA F 1001 -21.97 47.68 3.91
CA ALA F 1001 -22.66 47.28 5.14
C ALA F 1001 -23.11 45.82 5.07
N TYR F 1002 -23.57 45.38 3.90
CA TYR F 1002 -23.97 43.98 3.76
C TYR F 1002 -22.77 43.05 3.88
N HIS F 1003 -21.61 43.48 3.38
CA HIS F 1003 -20.40 42.69 3.54
C HIS F 1003 -19.98 42.62 4.99
N VAL F 1004 -20.13 43.72 5.74
CA VAL F 1004 -19.59 43.68 7.10
C VAL F 1004 -20.55 42.97 8.04
N THR F 1005 -21.85 42.97 7.77
CA THR F 1005 -22.77 42.34 8.71
C THR F 1005 -23.10 40.90 8.38
N HIS F 1006 -22.71 40.41 7.21
CA HIS F 1006 -23.07 39.05 6.81
C HIS F 1006 -21.84 38.23 6.42
N SER F 1007 -20.67 38.57 6.95
CA SER F 1007 -19.46 37.79 6.76
C SER F 1007 -19.06 37.19 8.10
N LYS F 1008 -18.70 35.92 8.09
CA LYS F 1008 -18.22 35.24 9.29
C LYS F 1008 -16.92 34.55 8.92
N SER F 1009 -15.82 35.32 8.95
CA SER F 1009 -14.51 34.76 8.63
C SER F 1009 -13.55 34.84 9.80
N ASP F 1010 -13.22 36.03 10.28
CA ASP F 1010 -12.21 36.25 11.31
C ASP F 1010 -12.34 37.69 11.78
N PHE F 1011 -11.36 38.16 12.55
CA PHE F 1011 -11.30 39.56 12.95
C PHE F 1011 -10.06 40.28 12.44
N ASN F 1012 -9.09 39.57 11.86
CA ASN F 1012 -8.00 40.24 11.16
C ASN F 1012 -8.25 40.25 9.67
N THR F 1013 -8.67 39.10 9.12
CA THR F 1013 -8.98 39.01 7.70
C THR F 1013 -10.16 39.88 7.33
N LEU F 1014 -11.12 40.05 8.24
CA LEU F 1014 -12.21 40.98 7.97
C LEU F 1014 -11.71 42.42 7.88
N THR F 1015 -10.77 42.80 8.74
CA THR F 1015 -10.25 44.17 8.71
C THR F 1015 -9.45 44.41 7.43
N TYR F 1016 -8.65 43.44 7.01
CA TYR F 1016 -7.89 43.65 5.78
C TYR F 1016 -8.79 43.57 4.55
N SER F 1017 -9.86 42.79 4.60
CA SER F 1017 -10.83 42.81 3.51
C SER F 1017 -11.57 44.13 3.44
N LEU F 1018 -11.89 44.72 4.59
CA LEU F 1018 -12.56 46.01 4.62
C LEU F 1018 -11.64 47.12 4.14
N LEU F 1019 -10.33 47.00 4.40
CA LEU F 1019 -9.39 47.94 3.82
C LEU F 1019 -9.29 47.76 2.31
N GLY F 1020 -9.20 46.51 1.86
CA GLY F 1020 -9.11 46.26 0.42
C GLY F 1020 -10.36 46.65 -0.32
N GLY F 1021 -11.49 46.74 0.39
CA GLY F 1021 -12.68 47.30 -0.21
C GLY F 1021 -12.54 48.77 -0.53
N TYR F 1022 -11.93 49.55 0.37
CA TYR F 1022 -11.92 51.01 0.24
C TYR F 1022 -10.79 51.47 -0.68
N PHE F 1023 -10.85 51.00 -1.92
CA PHE F 1023 -9.91 51.39 -2.96
C PHE F 1023 -10.72 51.90 -4.14
N LYS F 1024 -10.38 53.10 -4.64
CA LYS F 1024 -11.23 53.77 -5.60
C LYS F 1024 -11.23 53.05 -6.96
N PHE F 1025 -12.35 53.18 -7.66
CA PHE F 1025 -12.52 52.61 -8.99
C PHE F 1025 -12.31 53.67 -10.07
N THR F 1026 -11.82 54.84 -9.70
CA THR F 1026 -11.42 55.86 -10.65
C THR F 1026 -10.27 55.35 -11.51
N PRO F 1027 -10.25 55.67 -12.81
CA PRO F 1027 -9.19 55.18 -13.70
C PRO F 1027 -7.76 55.54 -13.29
N ILE F 1028 -7.52 56.67 -12.63
CA ILE F 1028 -6.19 56.93 -12.10
C ILE F 1028 -5.89 56.00 -10.93
N SER F 1029 -6.86 55.82 -10.05
CA SER F 1029 -6.70 54.87 -8.95
C SER F 1029 -6.61 53.45 -9.47
N LEU F 1030 -7.35 53.14 -10.52
CA LEU F 1030 -7.27 51.80 -11.11
C LEU F 1030 -5.93 51.58 -11.78
N THR F 1031 -5.33 52.65 -12.32
CA THR F 1031 -3.96 52.58 -12.81
C THR F 1031 -2.99 52.25 -11.68
N HIS F 1032 -3.16 52.91 -10.52
CA HIS F 1032 -2.29 52.63 -9.37
C HIS F 1032 -2.44 51.18 -8.92
N GLN F 1033 -3.67 50.68 -8.84
CA GLN F 1033 -3.93 49.31 -8.41
C GLN F 1033 -3.35 48.29 -9.38
N LEU F 1034 -3.55 48.49 -10.69
CA LEU F 1034 -3.08 47.51 -11.65
C LEU F 1034 -1.56 47.54 -11.78
N ARG F 1035 -0.94 48.70 -11.55
CA ARG F 1035 0.52 48.76 -11.62
C ARG F 1035 1.17 48.14 -10.41
N THR F 1036 0.58 48.32 -9.21
CA THR F 1036 1.23 47.83 -8.01
C THR F 1036 1.15 46.30 -7.92
N GLY F 1037 -0.02 45.74 -8.16
CA GLY F 1037 -0.19 44.31 -8.00
C GLY F 1037 -1.52 43.97 -7.35
N PHE F 1038 -2.31 45.00 -7.09
CA PHE F 1038 -3.64 44.84 -6.54
C PHE F 1038 -4.56 44.18 -7.56
N HIS F 1039 -5.61 43.53 -7.06
CA HIS F 1039 -6.63 42.92 -7.91
C HIS F 1039 -7.95 43.61 -7.69
N PRO F 1040 -8.39 44.50 -8.58
CA PRO F 1040 -9.67 45.17 -8.40
C PRO F 1040 -10.83 44.20 -8.62
N GLY F 1041 -11.99 44.57 -8.11
CA GLY F 1041 -13.15 43.72 -8.18
C GLY F 1041 -13.79 43.67 -9.56
N ILE F 1042 -13.06 43.17 -10.56
CA ILE F 1042 -13.55 43.12 -11.92
C ILE F 1042 -12.74 42.03 -12.63
N ALA F 1043 -13.37 41.38 -13.61
CA ALA F 1043 -12.74 40.31 -14.36
C ALA F 1043 -12.94 40.54 -15.85
N PHE F 1044 -12.01 40.01 -16.65
CA PHE F 1044 -11.96 40.30 -18.07
C PHE F 1044 -12.06 39.01 -18.87
N THR F 1045 -12.50 39.15 -20.12
CA THR F 1045 -12.34 38.11 -21.13
C THR F 1045 -11.54 38.69 -22.28
N VAL F 1046 -10.64 37.90 -22.82
CA VAL F 1046 -9.80 38.35 -23.92
C VAL F 1046 -10.31 37.70 -25.21
N VAL F 1047 -10.29 38.45 -26.29
CA VAL F 1047 -10.71 37.98 -27.59
C VAL F 1047 -9.61 38.30 -28.58
N ARG F 1048 -9.15 37.30 -29.32
CA ARG F 1048 -8.13 37.49 -30.34
C ARG F 1048 -8.46 36.63 -31.54
N GLN F 1049 -8.20 37.17 -32.73
CA GLN F 1049 -8.48 36.48 -33.98
C GLN F 1049 -7.17 36.01 -34.59
N ASP F 1050 -7.13 34.74 -35.00
CA ASP F 1050 -5.93 34.16 -35.57
C ASP F 1050 -6.22 33.61 -36.95
N ARG F 1051 -5.27 33.80 -37.87
CA ARG F 1051 -5.39 33.38 -39.25
C ARG F 1051 -4.49 32.19 -39.52
N PHE F 1052 -4.93 31.29 -40.39
CA PHE F 1052 -4.20 30.07 -40.71
C PHE F 1052 -4.29 29.81 -42.20
N ALA F 1053 -3.17 29.38 -42.79
CA ALA F 1053 -3.17 29.01 -44.20
C ALA F 1053 -3.68 27.58 -44.33
N THR F 1054 -4.65 27.39 -45.22
CA THR F 1054 -5.25 26.09 -45.45
C THR F 1054 -5.17 25.74 -46.92
N GLU F 1055 -5.12 24.44 -47.20
CA GLU F 1055 -5.22 23.93 -48.55
C GLU F 1055 -6.62 23.36 -48.77
N GLN F 1056 -7.23 23.74 -49.88
CA GLN F 1056 -8.64 23.42 -50.12
C GLN F 1056 -8.76 22.37 -51.22
N LEU F 1057 -9.98 21.93 -51.45
CA LEU F 1057 -10.27 20.89 -52.41
C LEU F 1057 -11.66 21.14 -52.98
N LEU F 1058 -11.73 21.40 -54.29
CA LEU F 1058 -12.99 21.74 -54.95
C LEU F 1058 -13.39 20.64 -55.92
N TYR F 1059 -14.69 20.39 -55.97
CA TYR F 1059 -15.30 19.49 -56.95
C TYR F 1059 -16.37 20.26 -57.69
N ALA F 1060 -16.45 20.07 -59.01
CA ALA F 1060 -17.46 20.72 -59.83
C ALA F 1060 -18.04 19.70 -60.81
N GLU F 1061 -19.33 19.86 -61.10
CA GLU F 1061 -20.01 18.95 -62.00
C GLU F 1061 -19.67 19.30 -63.45
N ARG F 1062 -20.39 18.70 -64.40
CA ARG F 1062 -20.03 18.89 -65.79
C ARG F 1062 -20.43 20.26 -66.30
N ALA F 1063 -21.74 20.51 -66.40
CA ALA F 1063 -22.20 21.78 -66.95
C ALA F 1063 -22.45 22.79 -65.83
N SER F 1064 -21.40 23.08 -65.08
CA SER F 1064 -21.53 23.99 -63.95
C SER F 1064 -21.59 25.44 -64.39
N GLU F 1065 -21.10 25.75 -65.59
CA GLU F 1065 -21.00 27.14 -66.02
C GLU F 1065 -21.30 27.26 -67.52
N SER F 1066 -22.11 28.25 -67.87
CA SER F 1066 -22.20 28.72 -69.24
C SER F 1066 -21.28 29.93 -69.37
N TYR F 1067 -20.19 29.76 -70.11
CA TYR F 1067 -19.08 30.70 -70.02
C TYR F 1067 -18.91 31.34 -71.39
N PHE F 1068 -19.20 32.63 -71.48
CA PHE F 1068 -19.38 33.33 -72.75
C PHE F 1068 -18.12 34.10 -73.09
N VAL F 1069 -17.67 34.02 -74.34
CA VAL F 1069 -16.42 34.64 -74.77
C VAL F 1069 -16.76 35.77 -75.73
N GLY F 1070 -16.25 36.96 -75.44
CA GLY F 1070 -16.50 38.14 -76.24
C GLY F 1070 -15.48 38.34 -77.35
N GLN F 1071 -15.33 39.60 -77.74
CA GLN F 1071 -14.45 40.00 -78.83
C GLN F 1071 -13.30 40.82 -78.25
N ILE F 1072 -12.07 40.48 -78.66
CA ILE F 1072 -10.90 41.10 -78.08
C ILE F 1072 -10.61 42.45 -78.74
N GLN F 1073 -10.29 43.44 -77.92
CA GLN F 1073 -10.00 44.78 -78.39
C GLN F 1073 -8.73 45.27 -77.72
N VAL F 1074 -8.06 46.23 -78.36
CA VAL F 1074 -6.79 46.77 -77.89
C VAL F 1074 -6.95 48.25 -77.60
N HIS F 1075 -6.27 48.74 -76.57
CA HIS F 1075 -6.21 50.15 -76.24
C HIS F 1075 -4.80 50.67 -76.50
N HIS F 1076 -4.67 51.57 -77.47
CA HIS F 1076 -3.46 52.35 -77.61
C HIS F 1076 -3.33 53.25 -76.38
N HIS F 1077 -2.14 53.29 -75.80
CA HIS F 1077 -1.95 54.05 -74.57
C HIS F 1077 -0.50 54.47 -74.47
N ASP F 1078 -0.25 55.77 -74.33
CA ASP F 1078 1.10 56.28 -74.21
C ASP F 1078 1.65 55.96 -72.82
N ALA F 1079 2.97 55.85 -72.72
CA ALA F 1079 3.63 55.38 -71.51
C ALA F 1079 4.84 56.28 -71.24
N ILE F 1080 5.73 55.82 -70.37
CA ILE F 1080 6.82 56.65 -69.88
C ILE F 1080 7.82 56.96 -70.99
N GLY F 1081 8.16 55.95 -71.80
CA GLY F 1081 9.06 56.18 -72.91
C GLY F 1081 8.42 55.87 -74.25
N GLY F 1082 7.54 54.89 -74.26
CA GLY F 1082 6.92 54.46 -75.51
C GLY F 1082 5.43 54.28 -75.38
N VAL F 1083 4.93 53.11 -75.75
CA VAL F 1083 3.51 52.83 -75.75
C VAL F 1083 3.24 51.58 -74.93
N ASN F 1084 2.02 51.48 -74.41
CA ASN F 1084 1.57 50.31 -73.66
C ASN F 1084 0.29 49.82 -74.29
N PHE F 1085 0.34 48.64 -74.91
CA PHE F 1085 -0.83 48.05 -75.54
C PHE F 1085 -1.56 47.18 -74.51
N THR F 1086 -2.80 47.54 -74.22
CA THR F 1086 -3.64 46.79 -73.29
C THR F 1086 -4.67 46.00 -74.10
N LEU F 1087 -4.64 44.69 -73.97
CA LEU F 1087 -5.58 43.82 -74.65
C LEU F 1087 -6.69 43.43 -73.68
N THR F 1088 -7.93 43.77 -74.02
CA THR F 1088 -9.07 43.56 -73.14
C THR F 1088 -10.10 42.70 -73.87
N GLN F 1089 -10.58 41.66 -73.20
CA GLN F 1089 -11.59 40.77 -73.75
C GLN F 1089 -12.70 40.57 -72.73
N PRO F 1090 -13.92 41.03 -72.99
CA PRO F 1090 -15.00 40.86 -72.01
C PRO F 1090 -15.61 39.47 -72.09
N ARG F 1091 -16.15 39.03 -70.95
CA ARG F 1091 -16.70 37.69 -70.85
C ARG F 1091 -17.72 37.65 -69.72
N ALA F 1092 -18.58 36.63 -69.74
CA ALA F 1092 -19.66 36.53 -68.76
C ALA F 1092 -19.97 35.07 -68.48
N HIS F 1093 -20.57 34.82 -67.32
CA HIS F 1093 -20.79 33.46 -66.84
C HIS F 1093 -22.19 33.29 -66.26
N VAL F 1094 -22.74 32.09 -66.42
CA VAL F 1094 -24.06 31.72 -65.90
C VAL F 1094 -23.93 30.41 -65.14
N ASP F 1095 -24.52 30.35 -63.95
CA ASP F 1095 -24.60 29.11 -63.19
C ASP F 1095 -25.87 28.38 -63.62
N LEU F 1096 -25.74 27.50 -64.60
CA LEU F 1096 -26.90 26.75 -65.10
C LEU F 1096 -27.12 25.43 -64.37
N GLY F 1097 -27.11 25.49 -63.04
CA GLY F 1097 -27.50 24.36 -62.21
C GLY F 1097 -28.72 24.73 -61.38
N VAL F 1098 -29.70 23.83 -61.35
CA VAL F 1098 -30.92 24.09 -60.60
C VAL F 1098 -30.65 24.04 -59.10
N GLY F 1099 -29.72 23.19 -58.67
CA GLY F 1099 -29.37 23.09 -57.28
C GLY F 1099 -27.99 23.65 -57.03
N TYR F 1100 -27.20 22.95 -56.21
CA TYR F 1100 -25.82 23.32 -55.97
C TYR F 1100 -24.94 22.39 -56.79
N THR F 1101 -24.14 22.97 -57.68
CA THR F 1101 -23.38 22.19 -58.67
C THR F 1101 -21.89 22.16 -58.39
N ALA F 1102 -21.43 22.80 -57.33
CA ALA F 1102 -20.01 22.76 -56.97
C ALA F 1102 -19.89 22.85 -55.45
N VAL F 1103 -18.94 22.13 -54.89
CA VAL F 1103 -18.74 22.09 -53.45
C VAL F 1103 -17.23 22.08 -53.18
N CYS F 1104 -16.82 22.81 -52.13
CA CYS F 1104 -15.44 22.82 -51.67
C CYS F 1104 -15.41 22.57 -50.18
N ALA F 1105 -14.27 22.09 -49.69
CA ALA F 1105 -14.08 21.93 -48.26
C ALA F 1105 -12.60 22.05 -47.93
N THR F 1106 -12.30 22.83 -46.89
CA THR F 1106 -10.93 22.97 -46.44
C THR F 1106 -10.39 21.65 -45.92
N ALA F 1107 -9.14 21.35 -46.26
CA ALA F 1107 -8.59 20.02 -46.09
C ALA F 1107 -7.42 19.97 -45.12
N ALA F 1108 -6.35 20.72 -45.36
CA ALA F 1108 -5.14 20.61 -44.58
C ALA F 1108 -4.79 21.92 -43.93
N LEU F 1109 -3.88 21.85 -42.95
CA LEU F 1109 -3.37 23.02 -42.25
C LEU F 1109 -1.92 23.26 -42.62
N ARG F 1110 -1.64 24.46 -43.12
CA ARG F 1110 -0.27 24.90 -43.35
C ARG F 1110 0.21 25.69 -42.14
N CYS F 1111 1.29 26.42 -42.29
CA CYS F 1111 1.82 27.22 -41.19
C CYS F 1111 0.88 28.38 -40.87
N PRO F 1112 0.65 28.68 -39.59
CA PRO F 1112 -0.14 29.86 -39.25
C PRO F 1112 0.57 31.15 -39.64
N LEU F 1113 -0.18 32.07 -40.26
CA LEU F 1113 0.37 33.36 -40.64
C LEU F 1113 0.58 34.28 -39.45
N THR F 1114 -0.32 34.27 -38.48
CA THR F 1114 -0.32 35.24 -37.41
C THR F 1114 0.47 34.73 -36.21
N ASP F 1115 0.71 35.64 -35.28
CA ASP F 1115 1.42 35.36 -34.04
C ASP F 1115 0.39 35.21 -32.93
N MET F 1116 0.52 34.15 -32.13
CA MET F 1116 -0.42 33.92 -31.04
C MET F 1116 0.04 34.61 -29.76
N GLY F 1117 0.35 35.90 -29.85
CA GLY F 1117 1.01 36.63 -28.79
C GLY F 1117 0.05 37.37 -27.87
N ASN F 1118 0.61 38.31 -27.12
CA ASN F 1118 -0.12 39.14 -26.17
C ASN F 1118 0.19 40.61 -26.45
N THR F 1119 -0.52 41.20 -27.40
CA THR F 1119 -0.40 42.62 -27.70
C THR F 1119 -1.70 43.26 -27.25
N ALA F 1120 -1.62 44.12 -26.24
CA ALA F 1120 -2.81 44.71 -25.65
C ALA F 1120 -3.41 45.75 -26.57
N GLN F 1121 -4.74 45.78 -26.63
CA GLN F 1121 -5.43 46.79 -27.41
C GLN F 1121 -5.34 48.14 -26.71
N ASN F 1122 -4.94 49.16 -27.46
CA ASN F 1122 -4.90 50.53 -26.95
C ASN F 1122 -6.12 51.28 -27.43
N LEU F 1123 -6.87 51.85 -26.50
CA LEU F 1123 -8.02 52.67 -26.82
C LEU F 1123 -7.66 54.13 -27.01
N PHE F 1124 -6.38 54.48 -26.90
CA PHE F 1124 -5.94 55.85 -27.06
C PHE F 1124 -5.73 56.24 -28.51
N PHE F 1125 -5.97 55.32 -29.45
CA PHE F 1125 -5.96 55.65 -30.86
C PHE F 1125 -7.26 56.31 -31.31
N SER F 1126 -8.25 56.42 -30.44
CA SER F 1126 -9.59 56.84 -30.82
C SER F 1126 -9.81 58.31 -30.47
N ARG F 1127 -10.56 59.00 -31.32
CA ARG F 1127 -10.96 60.38 -31.10
C ARG F 1127 -12.46 60.50 -31.28
N GLY F 1128 -13.12 61.25 -30.40
CA GLY F 1128 -14.54 61.45 -30.52
C GLY F 1128 -15.31 61.42 -29.21
N GLY F 1129 -14.79 60.68 -28.22
CA GLY F 1129 -15.40 60.71 -26.91
C GLY F 1129 -15.15 62.03 -26.21
N VAL F 1130 -15.90 62.27 -25.14
CA VAL F 1130 -15.75 63.52 -24.39
C VAL F 1130 -14.44 63.49 -23.62
N PRO F 1131 -13.58 64.48 -23.77
CA PRO F 1131 -12.32 64.49 -23.03
C PRO F 1131 -12.53 64.76 -21.55
N MET F 1132 -11.53 64.37 -20.78
CA MET F 1132 -11.54 64.71 -19.37
C MET F 1132 -11.19 66.18 -19.20
N LEU F 1133 -11.58 66.74 -18.05
CA LEU F 1133 -11.48 68.19 -17.87
C LEU F 1133 -10.04 68.66 -17.81
N HIS F 1134 -9.22 67.96 -17.05
CA HIS F 1134 -7.82 68.37 -16.86
C HIS F 1134 -6.98 67.62 -17.89
N ASP F 1135 -6.37 68.38 -18.80
CA ASP F 1135 -5.56 67.77 -19.86
C ASP F 1135 -4.30 67.14 -19.31
N ASN F 1136 -3.83 67.62 -18.15
CA ASN F 1136 -2.69 67.02 -17.48
C ASN F 1136 -2.97 65.56 -17.12
N VAL F 1137 -4.19 65.28 -16.65
CA VAL F 1137 -4.55 63.92 -16.27
C VAL F 1137 -4.56 63.01 -17.49
N THR F 1138 -5.14 63.48 -18.60
CA THR F 1138 -5.19 62.68 -19.82
C THR F 1138 -3.80 62.42 -20.38
N GLU F 1139 -2.93 63.44 -20.37
CA GLU F 1139 -1.57 63.25 -20.88
C GLU F 1139 -0.78 62.28 -20.01
N SER F 1140 -0.89 62.40 -18.68
CA SER F 1140 -0.17 61.48 -17.80
C SER F 1140 -0.73 60.07 -17.91
N LEU F 1141 -2.04 59.95 -18.15
CA LEU F 1141 -2.66 58.64 -18.26
C LEU F 1141 -2.24 57.94 -19.55
N ARG F 1142 -2.18 58.70 -20.66
CA ARG F 1142 -1.67 58.14 -21.91
C ARG F 1142 -0.20 57.78 -21.81
N ARG F 1143 0.59 58.62 -21.11
CA ARG F 1143 2.01 58.35 -20.92
C ARG F 1143 2.22 57.08 -20.10
N ILE F 1144 1.40 56.87 -19.07
CA ILE F 1144 1.53 55.67 -18.25
C ILE F 1144 1.09 54.44 -19.03
N THR F 1145 -0.02 54.54 -19.77
CA THR F 1145 -0.50 53.42 -20.57
C THR F 1145 0.49 53.03 -21.65
N ALA F 1146 1.18 54.02 -22.23
CA ALA F 1146 2.18 53.74 -23.25
C ALA F 1146 3.36 52.94 -22.69
N SER F 1147 3.66 53.12 -21.40
CA SER F 1147 4.66 52.28 -20.75
C SER F 1147 4.12 50.87 -20.57
N GLY F 1148 4.97 49.88 -20.86
CA GLY F 1148 4.53 48.50 -20.74
C GLY F 1148 3.66 48.01 -21.88
N GLY F 1149 3.73 48.64 -23.05
CA GLY F 1149 2.96 48.19 -24.19
C GLY F 1149 3.77 48.32 -25.46
N ARG F 1150 3.27 47.68 -26.52
CA ARG F 1150 4.00 47.70 -27.78
C ARG F 1150 3.55 48.84 -28.68
N LEU F 1151 2.29 48.84 -29.08
CA LEU F 1151 1.74 49.81 -30.02
C LEU F 1151 1.21 51.00 -29.25
N ASN F 1152 1.58 52.20 -29.69
CA ASN F 1152 1.23 53.43 -29.00
C ASN F 1152 1.11 54.54 -30.02
N PRO F 1153 0.34 55.58 -29.74
CA PRO F 1153 0.40 56.78 -30.59
C PRO F 1153 1.75 57.46 -30.45
N THR F 1154 2.17 58.09 -31.54
CA THR F 1154 3.45 58.79 -31.55
C THR F 1154 3.40 60.03 -30.66
N GLU F 1155 4.58 60.44 -30.19
CA GLU F 1155 4.66 61.57 -29.25
C GLU F 1155 4.21 62.94 -29.77
N PRO F 1156 4.36 63.37 -31.04
CA PRO F 1156 3.91 64.73 -31.37
C PRO F 1156 2.41 64.86 -31.54
N LEU F 1157 1.64 63.75 -31.55
CA LEU F 1157 0.18 63.73 -31.68
C LEU F 1157 -0.29 64.47 -32.93
N PRO F 1158 -0.21 63.84 -34.10
CA PRO F 1158 -0.49 64.56 -35.35
C PRO F 1158 -1.96 64.89 -35.49
N ILE F 1159 -2.30 66.15 -35.32
CA ILE F 1159 -3.62 66.64 -35.68
C ILE F 1159 -3.74 66.65 -37.20
N PHE F 1160 -4.97 66.43 -37.68
CA PHE F 1160 -5.26 66.17 -39.10
C PHE F 1160 -4.39 65.02 -39.61
N GLY F 1161 -4.47 63.90 -38.89
CA GLY F 1161 -3.69 62.72 -39.20
C GLY F 1161 -4.43 61.48 -38.71
N GLY F 1162 -3.83 60.32 -38.99
CA GLY F 1162 -4.44 59.05 -38.70
C GLY F 1162 -4.04 58.36 -37.43
N LEU F 1163 -3.12 58.94 -36.65
CA LEU F 1163 -2.59 58.36 -35.40
C LEU F 1163 -2.01 56.97 -35.62
N ARG F 1164 -1.20 56.83 -36.66
CA ARG F 1164 -0.57 55.56 -36.95
C ARG F 1164 0.52 55.27 -35.92
N PRO F 1165 0.57 54.06 -35.35
CA PRO F 1165 1.65 53.72 -34.42
C PRO F 1165 2.97 53.64 -35.13
N ALA F 1166 4.04 53.93 -34.39
CA ALA F 1166 5.38 53.99 -34.96
C ALA F 1166 5.84 52.60 -35.37
N THR F 1167 6.38 52.51 -36.59
CA THR F 1167 6.89 51.24 -37.10
C THR F 1167 8.15 50.84 -36.35
N SER F 1168 8.45 49.54 -36.40
CA SER F 1168 9.53 48.96 -35.64
C SER F 1168 10.57 48.36 -36.58
N ALA F 1169 11.52 47.63 -36.02
CA ALA F 1169 12.51 46.90 -36.79
C ALA F 1169 11.88 45.60 -37.30
N GLY F 1170 12.73 44.67 -37.74
CA GLY F 1170 12.21 43.44 -38.33
C GLY F 1170 11.49 42.57 -37.33
N ILE F 1171 10.69 41.66 -37.86
CA ILE F 1171 9.81 40.83 -37.03
C ILE F 1171 10.25 39.38 -37.08
N ALA F 1172 9.86 38.61 -36.08
CA ALA F 1172 10.43 37.27 -35.90
C ALA F 1172 9.45 36.17 -36.27
N ARG F 1173 8.24 36.18 -35.72
CA ARG F 1173 7.39 35.00 -35.85
C ARG F 1173 5.98 35.34 -36.32
N GLY F 1174 5.82 36.43 -37.07
CA GLY F 1174 4.58 36.70 -37.76
C GLY F 1174 3.91 37.98 -37.31
N GLN F 1175 2.73 38.20 -37.89
CA GLN F 1175 1.96 39.40 -37.62
C GLN F 1175 1.35 39.35 -36.22
N ALA F 1176 1.53 40.43 -35.46
CA ALA F 1176 1.01 40.48 -34.10
C ALA F 1176 -0.51 40.54 -34.11
N SER F 1177 -1.13 39.79 -33.22
CA SER F 1177 -2.59 39.73 -33.12
C SER F 1177 -3.03 40.43 -31.84
N VAL F 1178 -3.89 41.43 -31.99
CA VAL F 1178 -4.33 42.22 -30.85
C VAL F 1178 -5.36 41.44 -30.05
N CYS F 1179 -5.45 41.74 -28.76
CA CYS F 1179 -6.39 41.10 -27.85
C CYS F 1179 -7.22 42.19 -27.17
N GLU F 1180 -8.51 42.20 -27.44
CA GLU F 1180 -9.43 43.18 -26.86
C GLU F 1180 -9.96 42.64 -25.54
N PHE F 1181 -10.10 43.51 -24.56
CA PHE F 1181 -10.50 43.12 -23.21
C PHE F 1181 -11.93 43.58 -22.96
N VAL F 1182 -12.79 42.65 -22.56
CA VAL F 1182 -14.19 42.94 -22.22
C VAL F 1182 -14.39 42.62 -20.74
N ALA F 1183 -14.91 43.58 -19.99
CA ALA F 1183 -15.07 43.40 -18.55
C ALA F 1183 -16.27 42.53 -18.23
N MET F 1184 -16.17 41.81 -17.11
CA MET F 1184 -17.29 41.00 -16.62
C MET F 1184 -17.25 40.99 -15.10
N PRO F 1185 -18.36 40.67 -14.41
CA PRO F 1185 -18.29 40.48 -12.96
C PRO F 1185 -17.46 39.25 -12.59
N VAL F 1186 -16.85 39.31 -11.41
CA VAL F 1186 -15.88 38.30 -10.99
C VAL F 1186 -16.55 36.95 -10.80
N SER F 1187 -17.72 36.93 -10.17
CA SER F 1187 -18.45 35.68 -9.93
C SER F 1187 -19.06 35.23 -11.25
N THR F 1188 -18.23 34.57 -12.06
CA THR F 1188 -18.65 34.08 -13.36
C THR F 1188 -18.62 32.56 -13.35
N ASP F 1189 -19.68 31.95 -13.87
CA ASP F 1189 -19.70 30.51 -14.06
C ASP F 1189 -18.58 30.13 -15.02
N LEU F 1190 -17.54 29.50 -14.51
CA LEU F 1190 -16.37 29.19 -15.31
C LEU F 1190 -16.62 28.09 -16.32
N GLN F 1191 -17.66 27.28 -16.12
CA GLN F 1191 -17.96 26.21 -17.06
C GLN F 1191 -18.50 26.75 -18.38
N TYR F 1192 -18.87 28.03 -18.42
CA TYR F 1192 -19.26 28.66 -19.68
C TYR F 1192 -18.09 28.73 -20.65
N PHE F 1193 -16.87 28.87 -20.15
CA PHE F 1193 -15.71 29.07 -20.99
C PHE F 1193 -15.02 27.77 -21.38
N ARG F 1194 -15.57 26.62 -21.03
CA ARG F 1194 -14.95 25.36 -21.43
C ARG F 1194 -15.49 24.83 -22.75
N THR F 1195 -16.51 25.48 -23.32
CA THR F 1195 -17.03 25.08 -24.62
C THR F 1195 -17.03 26.28 -25.56
N ALA F 1196 -17.66 26.13 -26.72
CA ALA F 1196 -17.75 27.24 -27.67
C ALA F 1196 -18.73 28.26 -27.13
N CYS F 1197 -18.22 29.39 -26.67
CA CYS F 1197 -19.05 30.41 -26.04
C CYS F 1197 -19.11 31.66 -26.91
N ASN F 1198 -19.80 32.68 -26.42
CA ASN F 1198 -19.95 33.96 -27.09
C ASN F 1198 -19.39 35.05 -26.19
N PRO F 1199 -18.54 35.95 -26.70
CA PRO F 1199 -17.93 36.97 -25.82
C PRO F 1199 -18.93 37.96 -25.26
N ARG F 1200 -20.09 38.10 -25.90
CA ARG F 1200 -21.09 39.05 -25.42
C ARG F 1200 -21.75 38.59 -24.13
N GLY F 1201 -21.67 37.30 -23.82
CA GLY F 1201 -22.34 36.75 -22.67
C GLY F 1201 -23.75 36.28 -22.94
N ARG F 1202 -24.28 36.54 -24.14
CA ARG F 1202 -25.62 36.15 -24.51
C ARG F 1202 -25.61 35.83 -26.00
N ALA F 1203 -25.92 34.58 -26.34
CA ALA F 1203 -25.84 34.15 -27.73
C ALA F 1203 -26.90 34.84 -28.57
N SER F 1204 -26.52 35.21 -29.79
CA SER F 1204 -27.34 36.07 -30.62
C SER F 1204 -27.18 35.64 -32.07
N GLY F 1205 -27.58 36.53 -32.98
CA GLY F 1205 -27.46 36.25 -34.40
C GLY F 1205 -28.79 36.22 -35.11
N MET F 1206 -28.75 36.15 -36.44
CA MET F 1206 -29.95 36.09 -37.25
C MET F 1206 -30.56 34.69 -37.27
N LEU F 1207 -29.82 33.69 -36.81
CA LEU F 1207 -30.11 32.29 -37.05
C LEU F 1207 -31.38 31.79 -36.36
N TYR F 1208 -31.94 32.55 -35.44
CA TYR F 1208 -33.11 32.12 -34.67
C TYR F 1208 -34.31 32.95 -35.14
N MET F 1209 -35.18 32.31 -35.93
CA MET F 1209 -36.30 32.98 -36.58
C MET F 1209 -37.50 32.03 -36.59
N GLY F 1210 -38.50 32.38 -37.37
CA GLY F 1210 -39.58 31.46 -37.65
C GLY F 1210 -40.98 32.02 -37.48
N ASP F 1211 -41.10 33.25 -37.03
CA ASP F 1211 -42.42 33.81 -36.73
C ASP F 1211 -42.67 35.19 -37.31
N ARG F 1212 -41.68 36.08 -37.31
CA ARG F 1212 -41.90 37.48 -37.62
C ARG F 1212 -40.64 38.05 -38.28
N ASP F 1213 -40.57 39.38 -38.29
CA ASP F 1213 -39.44 40.10 -38.90
C ASP F 1213 -38.49 40.69 -37.87
N ALA F 1214 -39.00 41.42 -36.89
CA ALA F 1214 -38.17 42.14 -35.93
C ALA F 1214 -37.93 41.33 -34.66
N ASP F 1215 -37.39 40.12 -34.81
CA ASP F 1215 -36.98 39.31 -33.68
C ASP F 1215 -35.47 39.21 -33.57
N ILE F 1216 -34.73 39.86 -34.46
CA ILE F 1216 -33.28 39.99 -34.28
C ILE F 1216 -32.93 40.91 -33.14
N GLU F 1217 -33.67 42.01 -32.95
CA GLU F 1217 -33.46 42.90 -31.83
C GLU F 1217 -33.87 42.30 -30.50
N ALA F 1218 -34.92 41.48 -30.48
CA ALA F 1218 -35.37 40.86 -29.24
C ALA F 1218 -34.36 39.83 -28.74
N ILE F 1219 -33.76 39.08 -29.65
CA ILE F 1219 -32.75 38.11 -29.26
C ILE F 1219 -31.48 38.82 -28.78
N MET F 1220 -31.06 39.85 -29.52
CA MET F 1220 -29.79 40.50 -29.25
C MET F 1220 -29.79 41.31 -27.96
N PHE F 1221 -30.89 42.02 -27.65
CA PHE F 1221 -30.83 43.02 -26.59
C PHE F 1221 -31.94 42.96 -25.56
N ASP F 1222 -33.08 42.32 -25.83
CA ASP F 1222 -34.24 42.41 -24.95
C ASP F 1222 -33.99 41.48 -23.77
N HIS F 1223 -34.00 42.03 -22.56
CA HIS F 1223 -33.73 41.26 -21.36
C HIS F 1223 -34.97 40.97 -20.52
N THR F 1224 -36.16 41.25 -21.04
CA THR F 1224 -37.37 40.78 -20.37
C THR F 1224 -37.45 39.27 -20.42
N GLN F 1225 -37.15 38.67 -21.56
CA GLN F 1225 -37.09 37.23 -21.72
C GLN F 1225 -35.65 36.76 -21.58
N SER F 1226 -35.50 35.46 -21.35
CA SER F 1226 -34.20 34.89 -21.01
C SER F 1226 -33.36 34.67 -22.27
N ASP F 1227 -32.18 34.10 -22.05
CA ASP F 1227 -31.26 33.81 -23.15
C ASP F 1227 -31.81 32.69 -24.02
N VAL F 1228 -31.27 32.57 -25.22
CA VAL F 1228 -31.69 31.50 -26.11
C VAL F 1228 -30.82 30.25 -25.96
N ALA F 1229 -29.51 30.40 -25.79
CA ALA F 1229 -28.63 29.23 -25.74
C ALA F 1229 -28.60 28.61 -24.35
N TYR F 1230 -28.16 29.37 -23.35
CA TYR F 1230 -28.13 28.91 -21.97
C TYR F 1230 -29.49 29.26 -21.39
N THR F 1231 -30.35 28.26 -21.41
CA THR F 1231 -31.79 28.44 -21.43
C THR F 1231 -32.29 28.52 -19.98
N ASP F 1232 -31.66 29.39 -19.20
CA ASP F 1232 -32.00 29.51 -17.78
C ASP F 1232 -31.95 30.96 -17.31
N ARG F 1233 -31.26 31.86 -18.01
CA ARG F 1233 -30.89 33.14 -17.42
C ARG F 1233 -30.91 34.20 -18.51
N ALA F 1234 -30.69 35.45 -18.10
CA ALA F 1234 -30.72 36.53 -19.08
C ALA F 1234 -29.42 36.65 -19.84
N THR F 1235 -28.32 36.98 -19.14
CA THR F 1235 -27.03 37.09 -19.78
C THR F 1235 -25.94 36.90 -18.74
N LEU F 1236 -24.78 36.39 -19.20
CA LEU F 1236 -23.67 36.10 -18.29
C LEU F 1236 -23.13 37.35 -17.63
N ASN F 1237 -22.55 38.26 -18.43
CA ASN F 1237 -22.09 39.53 -17.88
C ASN F 1237 -23.07 40.64 -18.21
N PRO F 1238 -23.72 41.24 -17.21
CA PRO F 1238 -24.63 42.35 -17.47
C PRO F 1238 -23.94 43.68 -17.71
N TRP F 1239 -22.64 43.70 -17.96
CA TRP F 1239 -21.94 44.95 -18.29
C TRP F 1239 -21.58 45.04 -19.75
N ALA F 1240 -21.84 43.99 -20.54
CA ALA F 1240 -21.49 44.02 -21.96
C ALA F 1240 -22.56 43.36 -22.80
N SER F 1241 -23.82 43.44 -22.41
CA SER F 1241 -24.87 42.73 -23.11
C SER F 1241 -26.12 43.54 -23.42
N GLN F 1242 -26.42 44.61 -22.68
CA GLN F 1242 -27.65 45.34 -22.92
C GLN F 1242 -27.51 46.25 -24.15
N LYS F 1243 -28.55 47.05 -24.39
CA LYS F 1243 -28.56 47.94 -25.55
C LYS F 1243 -27.53 49.05 -25.41
N HIS F 1244 -27.30 49.52 -24.19
CA HIS F 1244 -26.39 50.63 -23.94
C HIS F 1244 -25.46 50.32 -22.78
N SER F 1245 -24.95 49.09 -22.73
CA SER F 1245 -24.00 48.74 -21.68
C SER F 1245 -22.62 49.27 -22.03
N TYR F 1246 -21.66 49.02 -21.13
CA TYR F 1246 -20.31 49.52 -21.31
C TYR F 1246 -19.63 48.85 -22.50
N GLY F 1247 -19.68 47.52 -22.56
CA GLY F 1247 -19.11 46.81 -23.69
C GLY F 1247 -19.82 47.12 -24.99
N ASP F 1248 -21.13 47.36 -24.92
CA ASP F 1248 -21.86 47.68 -26.15
C ASP F 1248 -21.63 49.11 -26.57
N ARG F 1249 -21.44 50.03 -25.62
CA ARG F 1249 -21.09 51.40 -26.00
C ARG F 1249 -19.66 51.50 -26.51
N LEU F 1250 -18.80 50.54 -26.14
CA LEU F 1250 -17.40 50.64 -26.51
C LEU F 1250 -17.07 50.04 -27.87
N TYR F 1251 -17.56 48.84 -28.16
CA TYR F 1251 -17.08 48.09 -29.32
C TYR F 1251 -18.05 48.02 -30.49
N ASN F 1252 -19.30 48.43 -30.32
CA ASN F 1252 -20.27 48.34 -31.40
C ASN F 1252 -19.92 49.34 -32.50
N GLY F 1253 -20.11 48.91 -33.75
CA GLY F 1253 -19.82 49.77 -34.88
C GLY F 1253 -20.90 50.77 -35.20
N THR F 1254 -22.13 50.54 -34.72
CA THR F 1254 -23.20 51.50 -34.94
C THR F 1254 -22.94 52.80 -34.17
N TYR F 1255 -22.50 52.69 -32.91
CA TYR F 1255 -22.11 53.87 -32.17
C TYR F 1255 -20.83 54.50 -32.71
N ASN F 1256 -19.93 53.68 -33.25
CA ASN F 1256 -18.71 54.13 -33.95
C ASN F 1256 -17.83 54.98 -33.04
N LEU F 1257 -17.33 54.34 -31.98
CA LEU F 1257 -16.46 55.05 -31.05
C LEU F 1257 -14.99 54.93 -31.44
N THR F 1258 -14.58 53.78 -31.97
CA THR F 1258 -13.20 53.52 -32.33
C THR F 1258 -13.00 53.64 -33.84
N GLY F 1259 -13.70 54.57 -34.47
CA GLY F 1259 -13.59 54.72 -35.91
C GLY F 1259 -12.24 55.24 -36.36
N ALA F 1260 -11.69 56.20 -35.62
CA ALA F 1260 -10.40 56.77 -35.97
C ALA F 1260 -9.23 55.86 -35.62
N SER F 1261 -9.47 54.79 -34.86
CA SER F 1261 -8.40 53.86 -34.53
C SER F 1261 -8.08 53.00 -35.74
N PRO F 1262 -6.82 52.95 -36.18
CA PRO F 1262 -6.49 52.18 -37.38
C PRO F 1262 -6.36 50.68 -37.13
N ILE F 1263 -6.27 50.24 -35.88
CA ILE F 1263 -6.06 48.82 -35.60
C ILE F 1263 -7.40 48.09 -35.60
N TYR F 1264 -7.35 46.81 -35.94
CA TYR F 1264 -8.54 45.98 -36.02
C TYR F 1264 -9.01 45.60 -34.63
N SER F 1265 -10.32 45.57 -34.45
CA SER F 1265 -10.93 45.09 -33.21
C SER F 1265 -11.45 43.68 -33.45
N PRO F 1266 -10.89 42.67 -32.79
CA PRO F 1266 -11.31 41.28 -33.08
C PRO F 1266 -12.70 40.95 -32.59
N CYS F 1267 -13.25 41.71 -31.65
CA CYS F 1267 -14.62 41.52 -31.20
C CYS F 1267 -15.59 42.50 -31.84
N PHE F 1268 -15.28 42.99 -33.04
CA PHE F 1268 -16.20 43.86 -33.75
C PHE F 1268 -17.38 43.07 -34.30
N LYS F 1269 -17.14 41.86 -34.78
CA LYS F 1269 -18.20 41.09 -35.42
C LYS F 1269 -19.17 40.49 -34.43
N PHE F 1270 -18.85 40.46 -33.14
CA PHE F 1270 -19.73 39.85 -32.15
C PHE F 1270 -20.81 40.78 -31.66
N PHE F 1271 -20.60 42.10 -31.73
CA PHE F 1271 -21.52 43.04 -31.09
C PHE F 1271 -22.41 43.79 -32.07
N THR F 1272 -22.05 43.87 -33.35
CA THR F 1272 -22.84 44.64 -34.30
C THR F 1272 -23.96 43.78 -34.88
N PRO F 1273 -25.19 44.28 -34.93
CA PRO F 1273 -26.26 43.54 -35.60
C PRO F 1273 -26.06 43.57 -37.11
N ALA F 1274 -26.09 42.39 -37.72
CA ALA F 1274 -25.92 42.29 -39.17
C ALA F 1274 -27.16 42.78 -39.89
N GLU F 1275 -26.95 43.43 -41.04
CA GLU F 1275 -28.05 43.89 -41.86
C GLU F 1275 -28.79 42.70 -42.47
N VAL F 1276 -30.11 42.74 -42.42
CA VAL F 1276 -30.94 41.56 -42.67
C VAL F 1276 -32.04 41.90 -43.66
N ASN F 1277 -32.23 41.03 -44.65
CA ASN F 1277 -33.43 40.97 -45.47
C ASN F 1277 -34.07 39.61 -45.23
N THR F 1278 -35.37 39.60 -44.96
CA THR F 1278 -36.07 38.40 -44.54
C THR F 1278 -36.81 37.70 -45.67
N ASN F 1279 -36.44 37.96 -46.93
CA ASN F 1279 -37.10 37.29 -48.04
C ASN F 1279 -36.72 35.82 -48.13
N CYS F 1280 -35.42 35.52 -48.01
CA CYS F 1280 -34.96 34.15 -48.10
C CYS F 1280 -35.17 33.42 -46.78
N ASN F 1281 -35.23 32.09 -46.85
CA ASN F 1281 -35.27 31.29 -45.65
C ASN F 1281 -33.90 31.29 -44.98
N THR F 1282 -33.86 30.77 -43.74
CA THR F 1282 -32.65 30.87 -42.93
C THR F 1282 -31.52 30.00 -43.48
N LEU F 1283 -31.83 28.79 -43.93
CA LEU F 1283 -30.78 27.83 -44.24
C LEU F 1283 -30.05 28.20 -45.53
N ASP F 1284 -30.79 28.67 -46.54
CA ASP F 1284 -30.16 29.08 -47.78
C ASP F 1284 -29.31 30.34 -47.59
N ARG F 1285 -29.76 31.26 -46.74
CA ARG F 1285 -28.96 32.45 -46.50
C ARG F 1285 -27.75 32.14 -45.63
N LEU F 1286 -27.88 31.12 -44.77
CA LEU F 1286 -26.71 30.59 -44.07
C LEU F 1286 -25.70 30.01 -45.05
N LEU F 1287 -26.19 29.34 -46.10
CA LEU F 1287 -25.28 28.85 -47.13
C LEU F 1287 -24.64 29.99 -47.92
N MET F 1288 -25.38 31.06 -48.19
CA MET F 1288 -24.77 32.19 -48.90
C MET F 1288 -23.74 32.91 -48.03
N GLU F 1289 -24.00 33.01 -46.72
CA GLU F 1289 -23.04 33.64 -45.83
C GLU F 1289 -21.80 32.79 -45.59
N ALA F 1290 -21.83 31.52 -45.98
CA ALA F 1290 -20.74 30.59 -45.69
C ALA F 1290 -19.64 30.60 -46.74
N LYS F 1291 -19.78 31.38 -47.81
CA LYS F 1291 -18.79 31.38 -48.88
C LYS F 1291 -17.53 32.15 -48.46
N ALA F 1292 -16.62 32.31 -49.42
CA ALA F 1292 -15.36 32.98 -49.15
C ALA F 1292 -15.57 34.49 -49.03
N VAL F 1293 -15.84 34.95 -47.80
CA VAL F 1293 -16.10 36.36 -47.59
C VAL F 1293 -14.80 37.15 -47.67
N ALA F 1294 -14.91 38.43 -48.01
CA ALA F 1294 -13.74 39.30 -48.07
C ALA F 1294 -13.19 39.51 -46.66
N SER F 1295 -11.87 39.62 -46.58
CA SER F 1295 -11.19 39.72 -45.29
C SER F 1295 -11.47 41.08 -44.64
N GLN F 1296 -11.41 41.09 -43.31
CA GLN F 1296 -11.62 42.29 -42.51
C GLN F 1296 -10.39 42.53 -41.63
N SER F 1297 -9.22 42.43 -42.24
CA SER F 1297 -7.95 42.68 -41.57
C SER F 1297 -6.92 43.00 -42.64
N SER F 1298 -5.65 43.08 -42.24
CA SER F 1298 -4.56 43.34 -43.16
C SER F 1298 -3.54 42.23 -43.05
N THR F 1299 -2.96 41.86 -44.19
CA THR F 1299 -2.02 40.76 -44.27
C THR F 1299 -0.57 41.18 -44.36
N ASP F 1300 -0.23 42.10 -45.26
CA ASP F 1300 1.15 42.52 -45.46
C ASP F 1300 1.67 43.46 -44.38
N THR F 1301 0.81 43.96 -43.50
CA THR F 1301 1.20 44.96 -42.53
C THR F 1301 1.53 44.19 -41.23
N GLU F 1302 1.97 44.88 -40.17
CA GLU F 1302 2.62 44.24 -39.03
C GLU F 1302 1.72 44.14 -37.80
N TYR F 1303 0.74 45.02 -37.63
CA TYR F 1303 -0.01 45.07 -36.38
C TYR F 1303 -1.46 44.64 -36.51
N GLN F 1304 -1.86 44.07 -37.65
CA GLN F 1304 -3.24 43.66 -37.94
C GLN F 1304 -4.19 44.87 -37.84
N PHE F 1305 -4.01 45.78 -38.81
CA PHE F 1305 -4.82 46.98 -38.91
C PHE F 1305 -6.20 46.68 -39.50
N LYS F 1306 -6.95 47.73 -39.79
CA LYS F 1306 -8.26 47.60 -40.40
C LYS F 1306 -8.13 47.22 -41.87
N ARG F 1307 -9.29 47.07 -42.52
CA ARG F 1307 -9.33 46.64 -43.91
C ARG F 1307 -8.88 47.78 -44.81
N PRO F 1308 -7.83 47.60 -45.60
CA PRO F 1308 -7.43 48.65 -46.54
C PRO F 1308 -8.35 48.66 -47.74
N PRO F 1309 -8.75 49.84 -48.22
CA PRO F 1309 -9.60 49.89 -49.41
C PRO F 1309 -8.86 49.41 -50.65
N GLY F 1310 -9.61 48.80 -51.57
CA GLY F 1310 -9.05 48.22 -52.76
C GLY F 1310 -8.44 46.84 -52.60
N SER F 1311 -8.46 46.29 -51.39
CA SER F 1311 -7.90 44.97 -51.13
C SER F 1311 -9.01 43.94 -51.12
N THR F 1312 -9.04 43.11 -52.16
CA THR F 1312 -10.03 42.03 -52.28
C THR F 1312 -9.30 40.69 -52.15
N GLU F 1313 -9.30 40.15 -50.94
CA GLU F 1313 -8.80 38.80 -50.68
C GLU F 1313 -9.91 38.03 -49.97
N MET F 1314 -10.23 36.86 -50.50
CA MET F 1314 -11.36 36.06 -50.03
C MET F 1314 -10.86 35.00 -49.07
N THR F 1315 -11.35 35.05 -47.82
CA THR F 1315 -11.00 34.08 -46.79
C THR F 1315 -12.27 33.47 -46.24
N GLN F 1316 -12.31 32.14 -46.16
CA GLN F 1316 -13.41 31.46 -45.50
C GLN F 1316 -13.36 31.76 -44.01
N ASP F 1317 -14.52 32.10 -43.43
CA ASP F 1317 -14.58 32.60 -42.05
C ASP F 1317 -15.54 31.68 -41.29
N PRO F 1318 -15.06 30.59 -40.70
CA PRO F 1318 -15.86 29.85 -39.74
C PRO F 1318 -15.93 30.60 -38.43
N CYS F 1319 -16.88 30.17 -37.59
CA CYS F 1319 -17.20 30.75 -36.26
C CYS F 1319 -17.36 32.27 -36.31
N GLY F 1320 -17.85 32.79 -37.43
CA GLY F 1320 -18.25 34.18 -37.52
C GLY F 1320 -19.71 34.25 -37.89
N LEU F 1321 -20.17 33.25 -38.63
CA LEU F 1321 -21.57 33.12 -38.98
C LEU F 1321 -22.37 32.36 -37.92
N PHE F 1322 -21.70 31.75 -36.94
CA PHE F 1322 -22.37 31.13 -35.82
C PHE F 1322 -22.28 31.97 -34.55
N GLN F 1323 -21.52 33.06 -34.58
CA GLN F 1323 -21.33 33.98 -33.46
C GLN F 1323 -20.79 33.25 -32.23
N GLU F 1324 -19.62 32.63 -32.40
CA GLU F 1324 -19.02 31.85 -31.33
C GLU F 1324 -17.50 31.92 -31.43
N ALA F 1325 -16.84 31.68 -30.30
CA ALA F 1325 -15.39 31.65 -30.23
C ALA F 1325 -14.98 30.42 -29.42
N TYR F 1326 -13.82 29.85 -29.75
CA TYR F 1326 -13.38 28.61 -29.14
C TYR F 1326 -12.31 28.89 -28.09
N PRO F 1327 -12.34 28.23 -26.94
CA PRO F 1327 -11.31 28.45 -25.94
C PRO F 1327 -10.07 27.61 -26.20
N PRO F 1328 -8.88 28.21 -26.15
CA PRO F 1328 -7.66 27.43 -26.38
C PRO F 1328 -7.14 26.82 -25.09
N LEU F 1329 -6.02 26.10 -25.17
CA LEU F 1329 -5.39 25.54 -23.99
C LEU F 1329 -4.83 26.68 -23.15
N CYS F 1330 -5.45 26.95 -22.01
CA CYS F 1330 -5.04 28.04 -21.15
C CYS F 1330 -5.16 27.60 -19.71
N SER F 1331 -4.31 28.17 -18.86
CA SER F 1331 -4.32 27.83 -17.45
C SER F 1331 -3.90 29.05 -16.64
N SER F 1332 -4.33 29.08 -15.40
CA SER F 1332 -4.03 30.21 -14.53
C SER F 1332 -2.70 30.09 -13.82
N ASP F 1333 -1.98 29.00 -14.02
CA ASP F 1333 -0.65 28.84 -13.44
C ASP F 1333 0.18 28.03 -14.41
N ALA F 1334 1.48 28.34 -14.48
CA ALA F 1334 2.38 27.56 -15.31
C ALA F 1334 2.65 26.18 -14.76
N ALA F 1335 2.41 25.98 -13.46
CA ALA F 1335 2.61 24.66 -12.87
C ALA F 1335 1.59 23.65 -13.36
N MET F 1336 0.33 24.07 -13.50
CA MET F 1336 -0.72 23.18 -13.95
C MET F 1336 -0.65 22.86 -15.43
N LEU F 1337 -0.08 23.76 -16.24
CA LEU F 1337 -0.12 23.62 -17.68
C LEU F 1337 0.76 22.49 -18.21
N ARG F 1338 1.72 22.01 -17.42
CA ARG F 1338 2.64 21.00 -17.89
C ARG F 1338 2.96 20.02 -16.78
N THR F 1339 3.11 18.75 -17.13
CA THR F 1339 3.29 17.67 -16.17
C THR F 1339 4.70 17.11 -16.25
N ALA F 1340 5.04 16.31 -15.24
CA ALA F 1340 6.38 15.71 -15.12
C ALA F 1340 6.35 14.28 -15.64
N HIS F 1341 6.16 14.16 -16.96
CA HIS F 1341 6.10 12.85 -17.59
C HIS F 1341 6.85 12.80 -18.92
N ALA F 1342 7.37 13.93 -19.40
CA ALA F 1342 8.09 14.07 -20.68
C ALA F 1342 7.21 13.61 -21.84
N GLY F 1343 6.16 14.39 -22.09
CA GLY F 1343 5.16 14.02 -23.06
C GLY F 1343 4.02 15.02 -23.16
N GLU F 1344 2.80 14.53 -23.08
CA GLU F 1344 1.61 15.37 -23.21
C GLU F 1344 1.50 16.35 -22.05
N THR F 1345 0.61 17.33 -22.22
CA THR F 1345 0.43 18.40 -21.26
C THR F 1345 -0.37 17.93 -20.04
N GLY F 1346 -0.52 18.83 -19.08
CA GLY F 1346 -1.29 18.51 -17.88
C GLY F 1346 -2.77 18.41 -18.17
N ALA F 1347 -3.50 17.86 -17.20
CA ALA F 1347 -4.92 17.58 -17.41
C ALA F 1347 -5.80 17.86 -16.20
N ASP F 1348 -5.29 18.47 -15.14
CA ASP F 1348 -6.13 18.76 -13.99
C ASP F 1348 -7.03 19.96 -14.28
N GLU F 1349 -8.26 19.90 -13.78
CA GLU F 1349 -9.23 20.93 -14.14
C GLU F 1349 -9.05 22.20 -13.30
N VAL F 1350 -9.26 22.10 -12.00
CA VAL F 1350 -8.99 23.19 -11.07
C VAL F 1350 -8.20 22.62 -9.90
N HIS F 1351 -7.21 23.37 -9.42
CA HIS F 1351 -6.38 22.84 -8.32
C HIS F 1351 -6.86 23.32 -6.96
N LEU F 1352 -6.77 24.62 -6.68
CA LEU F 1352 -7.35 25.15 -5.47
C LEU F 1352 -8.27 26.33 -5.73
N ALA F 1353 -7.75 27.36 -6.41
CA ALA F 1353 -8.56 28.44 -6.94
C ALA F 1353 -8.18 28.77 -8.36
N GLN F 1354 -7.16 28.13 -8.92
CA GLN F 1354 -6.74 28.31 -10.30
C GLN F 1354 -7.62 27.43 -11.19
N TYR F 1355 -7.30 27.39 -12.48
CA TYR F 1355 -8.09 26.60 -13.41
C TYR F 1355 -7.22 26.27 -14.62
N LEU F 1356 -7.66 25.27 -15.38
CA LEU F 1356 -7.01 24.91 -16.65
C LEU F 1356 -8.13 24.54 -17.61
N ILE F 1357 -8.37 25.40 -18.58
CA ILE F 1357 -9.38 25.12 -19.61
C ILE F 1357 -8.74 24.30 -20.70
N ARG F 1358 -9.27 23.09 -20.92
CA ARG F 1358 -8.74 22.24 -21.96
C ARG F 1358 -9.11 22.79 -23.33
N ASP F 1359 -8.32 22.42 -24.33
CA ASP F 1359 -8.50 22.96 -25.67
C ASP F 1359 -9.76 22.38 -26.31
N ALA F 1360 -10.66 23.26 -26.75
CA ALA F 1360 -11.86 22.86 -27.47
C ALA F 1360 -11.92 23.45 -28.87
N SER F 1361 -10.82 23.99 -29.36
CA SER F 1361 -10.78 24.57 -30.69
C SER F 1361 -10.70 23.48 -31.75
N PRO F 1362 -10.95 23.81 -33.01
CA PRO F 1362 -10.67 22.85 -34.09
C PRO F 1362 -9.22 22.46 -34.23
N LEU F 1363 -8.29 23.22 -33.64
CA LEU F 1363 -6.87 22.89 -33.68
C LEU F 1363 -6.48 22.16 -32.40
N ARG F 1364 -7.10 21.00 -32.19
CA ARG F 1364 -6.82 20.20 -31.00
C ARG F 1364 -5.47 19.50 -31.09
N GLY F 1365 -5.22 18.81 -32.20
CA GLY F 1365 -4.01 18.03 -32.38
C GLY F 1365 -2.94 18.67 -33.24
N CYS F 1366 -3.12 19.92 -33.65
CA CYS F 1366 -2.14 20.65 -34.43
C CYS F 1366 -1.45 21.65 -33.51
N LEU F 1367 -0.59 22.51 -34.09
CA LEU F 1367 0.18 23.55 -33.41
C LEU F 1367 1.00 22.95 -32.27
N PRO F 1368 2.12 22.29 -32.58
CA PRO F 1368 2.82 21.49 -31.57
C PRO F 1368 3.40 22.34 -30.43
N LEU F 1369 3.45 21.73 -29.25
CA LEU F 1369 3.88 22.40 -28.02
C LEU F 1369 5.15 21.77 -27.49
N SER G 1 27.17 88.77 48.71
CA SER G 1 25.72 88.78 48.52
C SER G 1 25.18 90.21 48.55
N ASN G 2 25.92 91.11 49.21
CA ASN G 2 25.52 92.49 49.31
C ASN G 2 26.73 93.41 49.14
N PRO G 3 26.57 94.58 48.49
CA PRO G 3 25.37 95.00 47.76
C PRO G 3 25.49 94.78 46.24
N THR G 4 24.63 93.93 45.69
CA THR G 4 24.66 93.64 44.26
C THR G 4 23.36 93.65 43.41
N THR G 5 22.14 93.38 43.92
CA THR G 5 21.69 93.02 45.26
C THR G 5 21.12 91.60 45.26
N PHE G 6 20.25 91.32 44.29
CA PHE G 6 19.58 90.03 44.21
C PHE G 6 19.21 89.80 42.74
N SER G 7 19.27 88.54 42.31
CA SER G 7 18.91 88.20 40.94
C SER G 7 17.40 88.30 40.75
N VAL G 8 16.95 89.28 39.96
CA VAL G 8 15.53 89.48 39.72
C VAL G 8 15.31 89.34 38.22
N GLU G 9 16.42 89.27 37.47
CA GLU G 9 16.43 89.10 36.01
C GLU G 9 15.61 90.20 35.32
N ALA G 10 16.05 91.47 35.29
CA ALA G 10 17.43 92.04 35.29
C ALA G 10 18.45 91.32 34.38
N ILE G 11 19.71 91.76 34.41
CA ILE G 11 20.68 91.13 33.53
C ILE G 11 22.04 90.89 34.21
N ALA G 12 22.29 91.56 35.35
CA ALA G 12 23.65 91.72 35.83
C ALA G 12 24.37 90.41 36.23
N ALA G 13 23.77 89.46 37.00
CA ALA G 13 22.62 89.61 37.89
C ALA G 13 23.21 89.64 39.28
N TYR G 14 23.87 88.53 39.65
CA TYR G 14 24.98 88.42 40.61
C TYR G 14 25.50 86.98 40.53
N THR G 15 26.81 86.78 40.35
CA THR G 15 27.23 85.57 39.65
C THR G 15 27.22 84.27 40.48
N PRO G 16 27.56 84.24 41.80
CA PRO G 16 26.78 83.38 42.70
C PRO G 16 25.70 84.21 43.42
N VAL G 17 24.38 83.94 43.35
CA VAL G 17 23.61 82.69 43.11
C VAL G 17 24.06 81.67 44.16
N ALA G 18 23.36 81.72 45.30
CA ALA G 18 23.60 80.84 46.44
C ALA G 18 22.27 80.41 47.04
N LEU G 19 21.29 80.10 46.18
CA LEU G 19 19.97 79.68 46.63
C LEU G 19 19.80 78.19 46.41
N ILE G 20 18.73 77.61 46.95
CA ILE G 20 18.41 76.21 46.74
C ILE G 20 16.90 76.02 46.82
N ARG G 21 16.37 75.10 46.01
CA ARG G 21 14.95 74.84 45.83
C ARG G 21 14.21 76.11 45.43
N LEU G 22 14.81 76.86 44.52
CA LEU G 22 14.31 78.18 44.15
C LEU G 22 13.07 78.08 43.27
N LEU G 23 11.96 78.63 43.76
CA LEU G 23 10.79 78.88 42.93
C LEU G 23 10.87 80.32 42.44
N ASN G 24 12.01 80.69 41.87
CA ASN G 24 12.28 82.08 41.52
C ASN G 24 12.24 82.25 40.01
N ALA G 25 12.80 81.29 39.28
CA ALA G 25 12.75 81.30 37.83
C ALA G 25 11.30 81.15 37.35
N SER G 26 10.52 80.33 38.05
CA SER G 26 9.11 80.23 37.71
C SER G 26 8.23 79.96 38.94
N GLY G 27 7.75 81.02 39.61
CA GLY G 27 8.30 82.36 39.50
C GLY G 27 7.76 83.34 38.47
N PRO G 28 7.81 84.62 38.80
CA PRO G 28 7.57 85.65 37.77
C PRO G 28 8.88 86.17 37.17
N LEU G 29 8.79 86.82 36.01
CA LEU G 29 9.95 87.45 35.42
C LEU G 29 9.85 88.98 35.25
N GLN G 30 8.80 89.58 34.67
CA GLN G 30 7.63 89.03 33.98
C GLN G 30 7.19 89.91 32.82
N PRO G 31 7.92 89.86 31.69
CA PRO G 31 9.13 89.11 31.36
C PRO G 31 10.39 89.89 31.66
N GLY G 32 11.50 89.48 31.05
CA GLY G 32 12.76 90.20 31.14
C GLY G 32 12.69 91.59 30.54
N HIS G 33 13.56 92.49 31.00
CA HIS G 33 13.49 93.89 30.60
C HIS G 33 14.09 94.13 29.23
N ARG G 34 14.32 95.40 28.88
CA ARG G 34 14.79 95.77 27.55
C ARG G 34 16.31 95.75 27.53
N VAL G 35 16.89 94.56 27.59
CA VAL G 35 18.34 94.40 27.58
C VAL G 35 18.66 93.48 26.39
N ASP G 36 19.88 93.60 25.85
CA ASP G 36 20.31 92.94 24.61
C ASP G 36 20.20 91.42 24.61
N ILE G 37 20.65 90.77 25.69
CA ILE G 37 20.67 89.34 26.01
C ILE G 37 21.75 88.64 25.19
N ALA G 38 22.40 87.64 25.80
CA ALA G 38 23.40 86.74 25.22
C ALA G 38 23.88 85.77 26.29
N ASP G 39 24.50 86.31 27.35
CA ASP G 39 24.96 85.56 28.50
C ASP G 39 25.19 86.51 29.69
N ALA G 40 24.43 86.47 30.79
CA ALA G 40 23.24 85.66 31.19
C ALA G 40 23.40 84.13 31.23
N ARG G 41 23.02 83.46 30.14
CA ARG G 41 22.72 82.04 30.08
C ARG G 41 23.82 81.11 30.62
N SER G 42 25.07 81.35 30.22
CA SER G 42 26.17 80.51 30.69
C SER G 42 26.47 80.78 32.16
N ILE G 43 26.43 82.05 32.56
CA ILE G 43 26.73 82.47 33.92
C ILE G 43 25.62 81.97 34.84
N TYR G 44 24.42 81.77 34.29
CA TYR G 44 23.36 81.15 35.08
C TYR G 44 23.70 79.69 35.42
N THR G 45 24.07 78.89 34.42
CA THR G 45 24.22 77.46 34.67
C THR G 45 25.51 77.13 35.42
N VAL G 46 26.56 77.93 35.20
CA VAL G 46 27.82 77.67 35.89
C VAL G 46 27.64 78.05 37.36
N GLY G 47 26.72 78.97 37.62
CA GLY G 47 26.40 79.33 38.99
C GLY G 47 25.43 78.35 39.62
N ALA G 48 24.52 77.81 38.81
CA ALA G 48 23.51 76.89 39.31
C ALA G 48 24.13 75.55 39.72
N ALA G 49 25.07 75.05 38.92
CA ALA G 49 25.74 73.81 39.27
C ALA G 49 26.59 73.97 40.53
N ALA G 50 27.27 75.12 40.65
CA ALA G 50 28.03 75.42 41.86
C ALA G 50 27.13 75.63 43.07
N SER G 51 25.92 76.14 42.85
CA SER G 51 24.92 76.28 43.90
C SER G 51 24.03 75.06 44.01
N ALA G 52 24.49 73.92 43.53
CA ALA G 52 23.93 72.62 43.88
C ALA G 52 25.00 71.74 44.50
N ALA G 53 26.25 71.84 44.01
CA ALA G 53 27.36 71.16 44.67
C ALA G 53 27.63 71.73 46.06
N ARG G 54 27.62 73.06 46.20
CA ARG G 54 27.71 73.67 47.50
C ARG G 54 26.40 73.56 48.27
N ALA G 55 25.26 73.51 47.58
CA ALA G 55 23.98 73.37 48.26
C ALA G 55 23.75 71.94 48.74
N ARG G 56 24.59 71.01 48.30
CA ARG G 56 24.65 69.69 48.95
C ARG G 56 25.04 69.92 50.40
N ALA G 57 26.27 70.40 50.63
CA ALA G 57 26.81 70.76 51.95
C ALA G 57 26.61 69.69 53.00
N ASN G 58 25.35 69.51 53.41
CA ASN G 58 24.93 68.41 54.27
C ASN G 58 24.76 67.20 53.34
N HIS G 59 24.17 66.10 53.84
CA HIS G 59 24.15 64.77 53.22
C HIS G 59 25.57 64.25 53.04
N ASN G 60 26.51 64.76 53.85
CA ASN G 60 27.90 64.31 53.83
C ASN G 60 28.27 63.64 55.14
N ALA G 61 27.39 63.73 56.14
CA ALA G 61 27.47 62.86 57.31
C ALA G 61 26.70 61.59 57.02
N ASN G 62 26.14 61.50 55.81
CA ASN G 62 25.41 60.33 55.35
C ASN G 62 26.35 59.44 54.53
N THR G 63 27.22 60.09 53.76
CA THR G 63 28.32 59.44 53.06
C THR G 63 29.36 59.03 54.09
N ILE G 64 30.22 57.98 53.93
CA ILE G 64 30.51 57.04 52.83
C ILE G 64 31.07 57.77 51.60
N ARG G 65 32.34 58.14 51.71
CA ARG G 65 33.01 58.97 50.71
C ARG G 65 33.16 58.26 49.37
N ARG G 66 33.54 59.01 48.34
CA ARG G 66 33.78 58.44 47.02
C ARG G 66 35.04 57.60 47.08
N THR G 67 35.16 56.61 46.20
CA THR G 67 36.33 55.72 46.23
C THR G 67 36.94 55.61 44.84
N ALA G 68 37.82 54.63 44.67
CA ALA G 68 38.62 54.50 43.46
C ALA G 68 37.79 54.11 42.23
N MET G 69 36.57 53.59 42.41
CA MET G 69 35.63 53.24 41.34
C MET G 69 36.19 52.16 40.41
N PHE G 70 37.24 52.51 39.68
CA PHE G 70 37.87 51.62 38.72
C PHE G 70 39.13 50.99 39.30
N ALA G 71 39.92 50.33 38.45
CA ALA G 71 41.18 49.74 38.87
C ALA G 71 42.33 50.56 38.33
N GLU G 72 43.04 51.25 39.22
CA GLU G 72 44.18 52.06 38.83
C GLU G 72 45.08 52.32 40.03
N THR G 73 46.34 52.66 39.78
CA THR G 73 47.24 53.08 40.84
C THR G 73 46.81 54.46 41.36
N ASP G 74 46.66 54.71 42.68
CA ASP G 74 47.01 53.92 43.90
C ASP G 74 48.50 53.57 43.95
N PRO G 75 49.33 54.55 44.29
CA PRO G 75 50.77 54.46 44.02
C PRO G 75 51.55 53.52 44.93
N MET G 76 50.92 52.69 45.74
CA MET G 76 51.72 51.69 46.44
C MET G 76 51.87 50.46 45.54
N THR G 77 50.77 49.73 45.31
CA THR G 77 50.50 48.80 44.20
C THR G 77 51.53 47.69 43.96
N TRP G 78 52.53 47.53 44.82
CA TRP G 78 53.39 46.35 44.69
C TRP G 78 53.22 45.44 45.90
N LEU G 79 52.19 45.66 46.69
CA LEU G 79 51.91 44.77 47.80
C LEU G 79 50.55 44.11 47.66
N ARG G 80 49.67 44.73 46.89
CA ARG G 80 48.30 44.25 46.71
C ARG G 80 47.69 44.88 45.46
N PRO G 81 46.87 44.14 44.73
CA PRO G 81 46.21 44.69 43.54
C PRO G 81 45.13 45.71 43.92
N THR G 82 44.75 46.49 42.91
CA THR G 82 43.82 47.60 43.07
C THR G 82 42.51 47.30 42.38
N VAL G 83 41.41 47.39 43.13
CA VAL G 83 40.06 47.29 42.56
C VAL G 83 39.22 48.41 43.13
N GLY G 84 38.13 48.73 42.44
CA GLY G 84 37.24 49.79 42.85
C GLY G 84 35.86 49.30 43.26
N LEU G 85 35.02 50.25 43.63
CA LEU G 85 33.66 49.98 44.10
C LEU G 85 32.68 50.37 43.00
N ARG G 86 31.87 49.40 42.58
CA ARG G 86 30.66 49.72 41.82
C ARG G 86 29.56 50.15 42.77
N ARG G 87 28.96 51.31 42.51
CA ARG G 87 27.95 51.85 43.41
C ARG G 87 26.67 51.02 43.29
N THR G 88 26.62 49.96 44.07
CA THR G 88 25.40 49.19 44.25
C THR G 88 24.83 49.28 45.66
N PHE G 89 25.58 49.82 46.60
CA PHE G 89 25.19 49.98 47.99
C PHE G 89 24.57 51.35 48.22
N ASN G 90 23.75 51.44 49.26
CA ASN G 90 23.17 52.72 49.65
C ASN G 90 24.02 53.44 50.69
N PRO G 91 24.60 54.59 50.38
CA PRO G 91 25.40 55.30 51.39
C PRO G 91 24.52 56.06 52.38
N ARG G 92 24.35 55.52 53.59
CA ARG G 92 23.53 56.20 54.60
C ARG G 92 24.10 56.17 56.01
N ILE G 93 24.92 55.20 56.39
CA ILE G 93 25.51 54.99 57.73
C ILE G 93 24.51 54.91 58.90
N ILE G 94 23.40 55.65 58.82
CA ILE G 94 22.44 55.96 59.91
C ILE G 94 23.05 56.02 61.31
N PRO H 1 86.78 -26.60 -46.36
CA PRO H 1 86.85 -27.76 -47.24
C PRO H 1 85.85 -27.72 -48.40
N ALA H 2 85.99 -26.70 -49.25
CA ALA H 2 85.11 -26.56 -50.40
C ALA H 2 85.37 -27.67 -51.42
N GLY H 3 84.29 -28.14 -52.03
CA GLY H 3 84.39 -29.26 -52.94
C GLY H 3 84.57 -28.85 -54.39
N ILE H 4 85.00 -27.61 -54.61
CA ILE H 4 85.16 -27.12 -55.97
C ILE H 4 86.38 -27.77 -56.62
N ILE H 5 86.41 -27.73 -57.95
CA ILE H 5 87.52 -28.30 -58.71
C ILE H 5 88.75 -27.44 -58.50
N PRO H 6 89.92 -28.02 -58.20
CA PRO H 6 91.13 -27.22 -57.99
C PRO H 6 91.55 -26.46 -59.24
N THR H 7 92.04 -25.25 -59.04
CA THR H 7 92.47 -24.41 -60.16
C THR H 7 93.90 -24.72 -60.57
N GLY H 8 94.80 -24.81 -59.60
CA GLY H 8 96.19 -25.08 -59.89
C GLY H 8 96.79 -26.03 -58.87
N ASN H 9 97.78 -26.79 -59.33
CA ASN H 9 98.49 -27.74 -58.47
C ASN H 9 99.64 -27.03 -57.77
N VAL H 10 99.83 -27.36 -56.50
CA VAL H 10 100.88 -26.73 -55.69
C VAL H 10 102.18 -27.51 -55.89
N LEU H 11 103.24 -26.80 -56.27
CA LEU H 11 104.51 -27.44 -56.59
C LEU H 11 105.47 -27.38 -55.40
N SER H 12 105.03 -27.91 -54.25
CA SER H 12 105.86 -27.87 -53.05
C SER H 12 105.37 -28.94 -52.08
N THR H 13 106.25 -29.88 -51.74
CA THR H 13 106.01 -30.82 -50.65
C THR H 13 106.82 -30.32 -49.46
N ILE H 14 106.27 -29.36 -48.73
CA ILE H 14 106.93 -28.70 -47.62
C ILE H 14 106.02 -28.84 -46.41
N GLU H 15 106.63 -29.07 -45.25
CA GLU H 15 105.87 -29.20 -44.01
C GLU H 15 105.25 -27.84 -43.68
N VAL H 16 103.95 -27.73 -43.96
CA VAL H 16 103.26 -26.44 -43.87
C VAL H 16 103.02 -26.03 -42.42
N CYS H 17 103.08 -26.98 -41.48
CA CYS H 17 102.85 -26.65 -40.08
C CYS H 17 103.98 -25.80 -39.51
N ALA H 18 105.16 -25.84 -40.13
CA ALA H 18 106.25 -24.97 -39.72
C ALA H 18 105.92 -23.50 -40.00
N HIS H 19 105.29 -23.23 -41.14
CA HIS H 19 104.95 -21.86 -41.51
C HIS H 19 103.48 -21.55 -41.17
N ARG H 20 103.17 -21.61 -39.88
CA ARG H 20 101.85 -21.18 -39.42
C ARG H 20 101.74 -19.68 -39.27
N CYS H 21 102.86 -18.97 -39.20
CA CYS H 21 102.86 -17.53 -38.96
C CYS H 21 102.48 -16.73 -40.19
N ILE H 22 102.34 -17.39 -41.34
CA ILE H 22 101.78 -16.77 -42.54
C ILE H 22 100.43 -17.44 -42.76
N PHE H 23 99.75 -17.08 -43.85
CA PHE H 23 98.33 -17.33 -44.13
C PHE H 23 97.48 -16.59 -43.10
N ASP H 24 96.19 -16.91 -43.04
CA ASP H 24 95.34 -16.21 -42.11
C ASP H 24 94.51 -17.21 -41.32
N PHE H 25 94.26 -18.38 -41.89
CA PHE H 25 93.55 -19.45 -41.20
C PHE H 25 94.27 -20.76 -41.48
N PHE H 26 94.62 -21.47 -40.42
CA PHE H 26 95.35 -22.73 -40.54
C PHE H 26 94.65 -23.79 -39.70
N LYS H 27 94.39 -24.95 -40.30
CA LYS H 27 93.72 -26.05 -39.62
C LYS H 27 94.31 -27.36 -40.12
N GLN H 28 94.96 -28.10 -39.23
CA GLN H 28 95.60 -29.36 -39.59
C GLN H 28 94.84 -30.49 -38.91
N ILE H 29 94.29 -31.39 -39.71
CA ILE H 29 93.60 -32.57 -39.20
C ILE H 29 94.49 -33.79 -39.42
N ARG H 30 94.33 -34.79 -38.56
CA ARG H 30 95.25 -35.94 -38.61
C ARG H 30 94.92 -36.86 -39.78
N SER H 31 93.73 -37.46 -39.77
CA SER H 31 93.30 -38.30 -40.88
C SER H 31 92.01 -37.80 -41.50
N ASP H 32 90.95 -37.65 -40.71
CA ASP H 32 89.67 -37.17 -41.17
C ASP H 32 88.89 -36.67 -39.97
N ASP H 33 88.19 -35.56 -40.16
CA ASP H 33 87.45 -34.94 -39.07
C ASP H 33 86.02 -34.71 -39.53
N ASN H 34 85.10 -34.74 -38.57
CA ASN H 34 83.68 -34.58 -38.89
C ASN H 34 83.31 -33.14 -39.21
N SER H 35 84.23 -32.18 -39.08
CA SER H 35 83.91 -30.80 -39.42
C SER H 35 83.91 -30.57 -40.92
N LEU H 36 84.40 -31.53 -41.70
CA LEU H 36 84.40 -31.39 -43.15
C LEU H 36 83.02 -31.58 -43.74
N TYR H 37 82.06 -32.10 -42.96
CA TYR H 37 80.76 -32.49 -43.47
C TYR H 37 79.70 -31.62 -42.80
N SER H 38 79.37 -30.51 -43.46
CA SER H 38 78.36 -29.58 -42.95
C SER H 38 77.72 -28.85 -44.10
N ALA H 39 76.42 -28.55 -43.99
CA ALA H 39 75.72 -27.79 -45.03
C ALA H 39 75.26 -26.43 -44.52
N GLN H 40 74.35 -26.39 -43.54
CA GLN H 40 73.87 -25.21 -42.82
C GLN H 40 73.59 -23.98 -43.70
N PHE H 41 72.62 -24.05 -44.59
CA PHE H 41 72.40 -23.01 -45.58
C PHE H 41 71.15 -22.22 -45.25
N ASP H 42 71.08 -21.01 -45.79
CA ASP H 42 69.90 -20.16 -45.73
C ASP H 42 69.19 -20.18 -47.08
N ILE H 43 67.92 -19.80 -47.09
CA ILE H 43 67.13 -19.84 -48.30
C ILE H 43 66.12 -18.69 -48.30
N LEU H 44 65.92 -18.10 -49.47
CA LEU H 44 64.87 -17.10 -49.68
C LEU H 44 63.72 -17.80 -50.40
N LEU H 45 62.53 -17.72 -49.82
CA LEU H 45 61.40 -18.54 -50.25
C LEU H 45 60.49 -17.83 -51.24
N GLY H 46 60.92 -16.69 -51.77
CA GLY H 46 60.15 -15.98 -52.77
C GLY H 46 59.87 -14.55 -52.35
N THR H 47 59.61 -13.72 -53.36
CA THR H 47 59.28 -12.31 -53.16
C THR H 47 57.93 -12.02 -53.78
N TYR H 48 57.18 -11.11 -53.17
CA TYR H 48 55.85 -10.73 -53.65
C TYR H 48 55.79 -9.22 -53.86
N CYS H 49 55.29 -8.81 -55.01
CA CYS H 49 55.10 -7.41 -55.33
C CYS H 49 53.71 -7.22 -55.94
N ASN H 50 52.98 -6.23 -55.46
CA ASN H 50 51.61 -6.02 -55.88
C ASN H 50 51.54 -5.03 -57.05
N THR H 51 50.43 -5.08 -57.77
CA THR H 51 50.16 -4.14 -58.85
C THR H 51 49.02 -3.23 -58.43
N LEU H 52 49.19 -1.94 -58.66
CA LEU H 52 48.10 -1.01 -58.45
C LEU H 52 47.00 -1.26 -59.47
N ASN H 53 45.78 -0.96 -59.07
CA ASN H 53 44.66 -0.90 -60.00
C ASN H 53 44.46 0.53 -60.48
N PHE H 54 44.37 0.69 -61.79
CA PHE H 54 44.27 2.01 -62.38
C PHE H 54 42.82 2.44 -62.44
N VAL H 55 42.58 3.72 -62.19
CA VAL H 55 41.23 4.28 -62.25
C VAL H 55 41.16 5.23 -63.44
N ARG H 56 40.06 5.14 -64.18
CA ARG H 56 39.73 6.10 -65.21
C ARG H 56 38.57 6.95 -64.71
N PHE H 57 38.70 8.26 -64.88
CA PHE H 57 37.72 9.19 -64.34
C PHE H 57 36.37 9.02 -65.02
N LEU H 58 36.38 8.75 -66.32
CA LEU H 58 35.13 8.59 -67.05
C LEU H 58 34.37 7.35 -66.60
N GLU H 59 35.10 6.27 -66.29
CA GLU H 59 34.47 5.03 -65.88
C GLU H 59 33.81 5.10 -64.51
N LEU H 60 34.15 6.12 -63.71
CA LEU H 60 33.47 6.29 -62.43
C LEU H 60 32.05 6.81 -62.66
N GLY H 61 31.21 6.65 -61.64
CA GLY H 61 29.87 7.19 -61.68
C GLY H 61 29.78 8.68 -61.47
N LEU H 62 30.86 9.31 -61.04
CA LEU H 62 30.87 10.75 -60.87
C LEU H 62 31.06 11.49 -62.19
N SER H 63 31.39 10.77 -63.26
CA SER H 63 31.64 11.41 -64.55
C SER H 63 30.36 11.94 -65.18
N VAL H 64 29.19 11.46 -64.74
CA VAL H 64 27.96 11.94 -65.34
C VAL H 64 27.63 13.35 -64.87
N ALA H 65 28.17 13.77 -63.73
CA ALA H 65 27.84 15.05 -63.13
C ALA H 65 28.53 16.23 -63.80
N CYS H 66 29.41 15.98 -64.75
CA CYS H 66 30.15 17.06 -65.40
C CYS H 66 30.35 16.73 -66.87
N ILE H 67 30.48 17.78 -67.67
CA ILE H 67 30.86 17.67 -69.07
C ILE H 67 32.30 18.17 -69.21
N CYS H 68 33.16 17.33 -69.77
CA CYS H 68 34.58 17.64 -69.86
C CYS H 68 34.97 17.95 -71.29
N THR H 69 35.78 18.98 -71.44
CA THR H 69 36.29 19.35 -72.76
C THR H 69 37.72 19.87 -72.63
N LYS H 70 38.55 19.50 -73.58
CA LYS H 70 39.95 19.88 -73.56
C LYS H 70 40.12 21.29 -74.12
N PHE H 71 41.01 22.04 -73.49
CA PHE H 71 41.27 23.42 -73.87
C PHE H 71 42.76 23.71 -73.70
N PRO H 72 43.54 23.71 -74.78
CA PRO H 72 44.99 23.85 -74.63
C PRO H 72 45.44 25.21 -74.15
N GLU H 73 44.81 26.29 -74.61
CA GLU H 73 45.25 27.63 -74.25
C GLU H 73 44.52 28.18 -73.04
N LEU H 74 44.48 27.43 -71.95
CA LEU H 74 43.72 27.87 -70.78
C LEU H 74 44.50 28.85 -69.91
N ALA H 75 45.83 28.82 -69.98
CA ALA H 75 46.63 29.76 -69.18
C ALA H 75 46.52 31.19 -69.68
N TYR H 76 46.05 31.41 -70.91
CA TYR H 76 45.91 32.76 -71.44
C TYR H 76 44.51 33.33 -71.26
N VAL H 77 43.58 32.59 -70.68
CA VAL H 77 42.20 33.06 -70.53
C VAL H 77 42.14 33.95 -69.30
N ARG H 78 41.74 35.20 -69.48
CA ARG H 78 41.62 36.09 -68.34
C ARG H 78 40.30 35.91 -67.61
N ASP H 79 39.19 36.26 -68.26
CA ASP H 79 37.84 36.00 -67.72
C ASP H 79 37.06 35.24 -68.78
N GLY H 80 36.26 34.26 -68.36
CA GLY H 80 35.32 33.58 -69.23
C GLY H 80 33.91 33.78 -68.71
N VAL H 81 32.98 34.11 -69.62
CA VAL H 81 31.60 34.42 -69.23
C VAL H 81 30.63 33.59 -70.05
N ILE H 82 29.43 33.40 -69.49
CA ILE H 82 28.29 32.75 -70.13
C ILE H 82 27.05 33.60 -69.87
N GLN H 83 26.26 33.87 -70.91
CA GLN H 83 24.99 34.56 -70.73
C GLN H 83 23.84 33.57 -70.68
N PHE H 84 22.81 33.95 -69.92
CA PHE H 84 21.52 33.27 -69.91
C PHE H 84 20.44 34.29 -70.26
N GLU H 85 19.45 33.88 -71.04
CA GLU H 85 18.31 34.73 -71.38
C GLU H 85 17.03 33.93 -71.11
N VAL H 86 16.40 34.19 -69.97
CA VAL H 86 15.26 33.40 -69.51
C VAL H 86 14.05 34.32 -69.45
N GLN H 87 12.95 33.89 -70.08
CA GLN H 87 11.68 34.60 -70.03
C GLN H 87 10.69 33.82 -69.17
N GLN H 88 9.63 34.52 -68.77
CA GLN H 88 8.65 33.97 -67.84
C GLN H 88 7.23 34.12 -68.41
N PRO H 89 6.30 33.24 -68.01
CA PRO H 89 4.92 33.38 -68.50
C PRO H 89 4.15 34.52 -67.84
N MET H 90 2.86 34.63 -68.13
CA MET H 90 2.06 35.72 -67.60
C MET H 90 0.61 35.29 -67.48
N ILE H 91 -0.09 35.81 -66.46
CA ILE H 91 -1.50 35.55 -66.24
C ILE H 91 -2.27 36.84 -66.41
N ALA H 92 -3.32 36.81 -67.24
CA ALA H 92 -4.18 37.96 -67.42
C ALA H 92 -5.33 37.89 -66.42
N ARG H 93 -5.47 38.93 -65.60
CA ARG H 93 -6.50 38.97 -64.58
C ARG H 93 -7.31 40.25 -64.73
N ASP H 94 -8.32 40.39 -63.86
CA ASP H 94 -9.19 41.55 -63.81
C ASP H 94 -9.22 42.10 -62.39
N GLY H 95 -10.14 43.02 -62.15
CA GLY H 95 -10.34 43.57 -60.83
C GLY H 95 -9.36 44.68 -60.51
N PRO H 96 -9.16 44.97 -59.22
CA PRO H 96 -8.32 46.08 -58.79
C PRO H 96 -6.83 45.75 -58.78
N HIS H 97 -6.37 45.14 -59.86
CA HIS H 97 -4.98 44.73 -59.98
C HIS H 97 -4.34 45.46 -61.16
N PRO H 98 -3.08 45.88 -61.02
CA PRO H 98 -2.40 46.50 -62.16
C PRO H 98 -2.19 45.48 -63.28
N VAL H 99 -2.32 45.95 -64.51
CA VAL H 99 -2.09 45.08 -65.66
C VAL H 99 -0.60 44.78 -65.76
N ASP H 100 -0.27 43.52 -65.95
CA ASP H 100 1.13 43.09 -65.93
C ASP H 100 1.67 42.87 -67.33
N GLN H 101 2.99 43.04 -67.45
CA GLN H 101 3.73 42.78 -68.66
C GLN H 101 4.71 41.64 -68.40
N PRO H 102 5.03 40.82 -69.41
CA PRO H 102 5.97 39.72 -69.18
C PRO H 102 7.37 40.25 -68.98
N VAL H 103 8.17 39.51 -68.22
CA VAL H 103 9.51 39.91 -67.86
C VAL H 103 10.52 39.06 -68.61
N HIS H 104 11.69 39.63 -68.85
CA HIS H 104 12.85 38.90 -69.34
C HIS H 104 13.98 39.04 -68.34
N ASN H 105 14.63 37.93 -68.03
CA ASN H 105 15.73 37.91 -67.08
C ASN H 105 17.02 37.66 -67.84
N TYR H 106 18.05 38.45 -67.53
CA TYR H 106 19.35 38.33 -68.16
C TYR H 106 20.39 38.02 -67.09
N MET H 107 21.06 36.88 -67.23
CA MET H 107 22.00 36.39 -66.24
C MET H 107 23.37 36.24 -66.88
N VAL H 108 24.41 36.25 -66.04
CA VAL H 108 25.78 36.04 -66.50
C VAL H 108 26.58 35.43 -65.35
N LYS H 109 27.49 34.50 -65.69
CA LYS H 109 28.34 33.84 -64.72
C LYS H 109 29.78 33.85 -65.20
N ARG H 110 30.71 33.59 -64.28
CA ARG H 110 32.14 33.67 -64.57
C ARG H 110 32.81 32.37 -64.16
N ILE H 111 33.82 31.96 -64.95
CA ILE H 111 34.53 30.71 -64.67
C ILE H 111 35.37 30.87 -63.41
N HIS H 112 35.82 29.73 -62.89
CA HIS H 112 36.69 29.68 -61.72
C HIS H 112 37.85 28.74 -62.01
N LYS H 113 39.07 29.22 -61.79
CA LYS H 113 40.27 28.49 -62.18
C LYS H 113 40.86 27.72 -61.01
N ARG H 114 41.15 26.44 -61.24
CA ARG H 114 41.79 25.61 -60.24
C ARG H 114 43.00 24.94 -60.87
N SER H 115 43.66 24.08 -60.10
CA SER H 115 44.88 23.44 -60.55
C SER H 115 45.06 22.11 -59.83
N LEU H 116 45.96 21.29 -60.36
CA LEU H 116 46.39 20.06 -59.71
C LEU H 116 47.91 20.00 -59.73
N SER H 117 48.48 19.33 -58.73
CA SER H 117 49.93 19.21 -58.63
C SER H 117 50.29 17.83 -58.10
N ALA H 118 51.26 17.19 -58.75
CA ALA H 118 51.77 15.91 -58.31
C ALA H 118 53.29 15.94 -58.39
N ALA H 119 53.93 15.32 -57.40
CA ALA H 119 55.38 15.36 -57.29
C ALA H 119 55.98 14.10 -57.88
N PHE H 120 57.30 14.14 -58.05
CA PHE H 120 58.03 13.07 -58.71
C PHE H 120 59.49 13.23 -58.31
N ALA H 121 60.01 12.31 -57.50
CA ALA H 121 61.38 12.41 -57.02
C ALA H 121 62.27 11.48 -57.81
N ILE H 122 63.57 11.73 -57.72
CA ILE H 122 64.58 10.83 -58.27
C ILE H 122 65.83 10.97 -57.40
N ALA H 123 66.61 9.90 -57.30
CA ALA H 123 67.74 9.88 -56.40
C ALA H 123 68.98 10.42 -57.10
N SER H 124 70.03 10.68 -56.31
CA SER H 124 71.29 11.16 -56.88
C SER H 124 71.99 10.05 -57.66
N GLU H 125 72.04 8.85 -57.09
CA GLU H 125 72.62 7.71 -57.80
C GLU H 125 71.83 7.36 -59.04
N ALA H 126 70.52 7.62 -59.03
CA ALA H 126 69.72 7.38 -60.23
C ALA H 126 70.16 8.29 -61.37
N LEU H 127 70.36 9.58 -61.09
CA LEU H 127 70.85 10.50 -62.12
C LEU H 127 72.26 10.15 -62.56
N SER H 128 73.10 9.73 -61.61
CA SER H 128 74.46 9.36 -61.94
C SER H 128 74.50 8.13 -62.84
N LEU H 129 73.61 7.17 -62.59
CA LEU H 129 73.55 5.99 -63.46
C LEU H 129 72.88 6.29 -64.79
N LEU H 130 71.96 7.24 -64.82
CA LEU H 130 71.28 7.57 -66.06
C LEU H 130 72.08 8.50 -66.96
N SER H 131 73.13 9.13 -66.43
CA SER H 131 74.02 9.95 -67.26
C SER H 131 75.26 9.14 -67.62
N ASN H 132 75.17 8.43 -68.75
CA ASN H 132 76.27 7.65 -69.28
C ASN H 132 76.84 8.25 -70.56
N THR H 133 75.97 8.57 -71.52
CA THR H 133 76.30 9.11 -72.84
C THR H 133 77.27 8.18 -73.60
N TYR H 134 76.87 6.91 -73.64
CA TYR H 134 77.55 5.84 -74.39
C TYR H 134 79.01 5.67 -73.95
N VAL H 135 79.23 5.72 -72.64
CA VAL H 135 80.56 5.54 -72.09
C VAL H 135 80.71 4.25 -71.29
N ASP H 136 79.78 3.92 -70.40
CA ASP H 136 79.86 2.75 -69.55
C ASP H 136 79.16 1.58 -70.24
N GLY H 137 78.94 0.50 -69.51
CA GLY H 137 78.42 -0.70 -70.13
C GLY H 137 79.03 -2.01 -69.67
N THR H 138 79.75 -1.99 -68.55
CA THR H 138 80.18 -3.23 -67.93
C THR H 138 78.96 -3.99 -67.38
N GLU H 139 79.15 -5.29 -67.14
CA GLU H 139 78.05 -6.18 -66.83
C GLU H 139 77.54 -6.06 -65.40
N ILE H 140 78.09 -5.15 -64.60
CA ILE H 140 77.63 -4.92 -63.24
C ILE H 140 76.91 -3.58 -63.11
N ASP H 141 77.34 -2.56 -63.87
CA ASP H 141 76.64 -1.28 -63.87
C ASP H 141 75.35 -1.32 -64.68
N SER H 142 75.24 -2.24 -65.64
CA SER H 142 74.03 -2.31 -66.46
C SER H 142 72.83 -2.74 -65.64
N SER H 143 73.04 -3.64 -64.68
CA SER H 143 71.95 -4.06 -63.80
C SER H 143 71.47 -2.91 -62.93
N LEU H 144 72.41 -2.10 -62.43
CA LEU H 144 72.03 -0.94 -61.61
C LEU H 144 71.30 0.11 -62.44
N ARG H 145 71.75 0.32 -63.68
CA ARG H 145 71.05 1.25 -64.57
C ARG H 145 69.64 0.76 -64.88
N ILE H 146 69.47 -0.54 -65.08
CA ILE H 146 68.16 -1.10 -65.37
C ILE H 146 67.25 -0.98 -64.14
N ARG H 147 67.81 -1.15 -62.95
CA ARG H 147 67.03 -0.94 -61.72
C ARG H 147 66.60 0.52 -61.58
N ALA H 148 67.48 1.46 -61.94
CA ALA H 148 67.12 2.87 -61.88
C ALA H 148 66.01 3.21 -62.88
N ILE H 149 66.10 2.65 -64.10
CA ILE H 149 65.06 2.89 -65.11
C ILE H 149 63.73 2.31 -64.65
N GLN H 150 63.76 1.10 -64.06
CA GLN H 150 62.57 0.47 -63.52
C GLN H 150 61.93 1.33 -62.44
N GLN H 151 62.75 1.88 -61.54
CA GLN H 151 62.22 2.70 -60.45
C GLN H 151 61.62 4.00 -60.98
N MET H 152 62.26 4.62 -61.98
CA MET H 152 61.71 5.85 -62.55
C MET H 152 60.37 5.60 -63.23
N ALA H 153 60.27 4.49 -63.98
CA ALA H 153 59.01 4.15 -64.63
C ALA H 153 57.92 3.82 -63.62
N ARG H 154 58.28 3.13 -62.54
CA ARG H 154 57.30 2.76 -61.54
C ARG H 154 56.82 3.98 -60.75
N ASN H 155 57.68 4.99 -60.56
CA ASN H 155 57.21 6.26 -60.03
C ASN H 155 56.29 6.98 -61.01
N LEU H 156 56.68 7.01 -62.29
CA LEU H 156 55.97 7.82 -63.27
C LEU H 156 54.59 7.26 -63.56
N ARG H 157 54.42 5.94 -63.41
CA ARG H 157 53.10 5.33 -63.53
C ARG H 157 52.11 5.92 -62.52
N THR H 158 52.49 5.94 -61.25
CA THR H 158 51.59 6.45 -60.23
C THR H 158 51.43 7.95 -60.32
N VAL H 159 52.48 8.66 -60.76
CA VAL H 159 52.35 10.12 -60.94
C VAL H 159 51.32 10.44 -62.03
N LEU H 160 51.36 9.72 -63.15
CA LEU H 160 50.41 10.00 -64.21
C LEU H 160 49.03 9.43 -63.90
N ASP H 161 48.96 8.45 -62.99
CA ASP H 161 47.66 7.96 -62.54
C ASP H 161 47.01 8.91 -61.55
N SER H 162 47.82 9.71 -60.84
CA SER H 162 47.30 10.55 -59.77
C SER H 162 46.36 11.63 -60.27
N PHE H 163 46.54 12.09 -61.51
CA PHE H 163 45.63 13.11 -62.04
C PHE H 163 44.24 12.55 -62.29
N GLU H 164 44.17 11.37 -62.90
CA GLU H 164 42.89 10.69 -63.08
C GLU H 164 42.27 10.32 -61.75
N ARG H 165 43.09 10.02 -60.75
CA ARG H 165 42.54 9.67 -59.45
C ARG H 165 42.14 10.91 -58.66
N GLY H 166 42.64 12.09 -59.02
CA GLY H 166 42.34 13.30 -58.29
C GLY H 166 41.32 14.23 -58.91
N THR H 167 40.96 13.98 -60.18
CA THR H 167 39.88 14.72 -60.80
C THR H 167 38.55 14.47 -60.08
N ALA H 168 38.30 13.22 -59.69
CA ALA H 168 37.09 12.91 -58.91
C ALA H 168 37.13 13.57 -57.54
N ASP H 169 38.32 13.67 -56.95
CA ASP H 169 38.47 14.40 -55.69
C ASP H 169 38.10 15.86 -55.84
N GLN H 170 38.56 16.49 -56.91
CA GLN H 170 38.24 17.90 -57.14
C GLN H 170 36.74 18.10 -57.37
N LEU H 171 36.11 17.19 -58.12
CA LEU H 171 34.67 17.33 -58.31
C LEU H 171 33.89 17.14 -57.01
N LEU H 172 34.32 16.19 -56.16
CA LEU H 172 33.66 16.04 -54.88
C LEU H 172 33.81 17.29 -54.01
N GLY H 173 35.01 17.90 -54.05
CA GLY H 173 35.22 19.12 -53.29
C GLY H 173 34.36 20.27 -53.78
N VAL H 174 34.27 20.45 -55.10
CA VAL H 174 33.52 21.60 -55.61
C VAL H 174 32.02 21.37 -55.46
N LEU H 175 31.58 20.11 -55.50
CA LEU H 175 30.16 19.83 -55.28
C LEU H 175 29.80 20.00 -53.80
N LEU H 176 30.73 19.75 -52.88
CA LEU H 176 30.51 20.15 -51.49
C LEU H 176 30.41 21.66 -51.36
N GLU H 177 31.30 22.39 -52.05
CA GLU H 177 31.30 23.84 -51.93
C GLU H 177 30.10 24.49 -52.59
N LYS H 178 29.40 23.79 -53.49
CA LYS H 178 28.26 24.36 -54.19
C LYS H 178 26.92 24.05 -53.53
N ALA H 179 26.75 22.89 -52.93
CA ALA H 179 25.42 22.40 -52.56
C ALA H 179 24.94 23.06 -51.27
N PRO H 180 23.77 23.71 -51.29
CA PRO H 180 23.16 24.15 -50.04
C PRO H 180 22.53 22.99 -49.31
N PRO H 181 22.27 23.10 -48.01
CA PRO H 181 21.65 21.99 -47.27
C PRO H 181 20.22 21.73 -47.72
N LEU H 182 19.82 20.47 -47.66
CA LEU H 182 18.46 20.09 -48.03
C LEU H 182 17.43 20.62 -47.05
N SER H 183 17.75 20.58 -45.76
CA SER H 183 16.79 20.97 -44.73
C SER H 183 16.42 22.44 -44.82
N LEU H 184 17.28 23.27 -45.40
CA LEU H 184 16.93 24.65 -45.68
C LEU H 184 16.45 24.87 -47.12
N LEU H 185 16.89 24.05 -48.08
CA LEU H 185 16.48 24.28 -49.45
C LEU H 185 15.03 23.86 -49.69
N SER H 186 14.64 22.71 -49.16
CA SER H 186 13.32 22.15 -49.48
C SER H 186 12.14 22.98 -49.00
N PRO H 187 12.06 23.47 -47.76
CA PRO H 187 10.90 24.31 -47.39
C PRO H 187 10.92 25.71 -48.00
N ILE H 188 12.03 26.18 -48.55
CA ILE H 188 12.01 27.45 -49.28
C ILE H 188 11.26 27.27 -50.60
N ASN H 189 11.55 26.20 -51.33
CA ASN H 189 10.96 25.99 -52.63
C ASN H 189 9.51 25.50 -52.57
N LYS H 190 8.98 25.25 -51.37
CA LYS H 190 7.61 24.81 -51.19
C LYS H 190 6.74 25.86 -50.53
N PHE H 191 7.14 26.36 -49.35
CA PHE H 191 6.33 27.32 -48.62
C PHE H 191 6.41 28.73 -49.19
N GLN H 192 7.43 29.04 -49.97
CA GLN H 192 7.47 30.27 -50.75
C GLN H 192 7.11 29.92 -52.17
N PRO H 193 5.96 30.35 -52.68
CA PRO H 193 5.55 29.98 -54.04
C PRO H 193 6.40 30.64 -55.12
N GLU H 194 6.48 31.97 -55.12
CA GLU H 194 7.13 32.71 -56.19
C GLU H 194 8.31 33.53 -55.71
N GLY H 195 8.13 34.34 -54.68
CA GLY H 195 9.19 35.19 -54.17
C GLY H 195 8.67 36.59 -53.95
N HIS H 196 9.59 37.47 -53.55
CA HIS H 196 9.31 38.86 -53.17
C HIS H 196 8.22 38.92 -52.09
N LEU H 197 8.41 38.09 -51.06
CA LEU H 197 7.44 38.00 -50.00
C LEU H 197 7.53 39.20 -49.07
N ASN H 198 6.44 39.44 -48.33
CA ASN H 198 6.39 40.53 -47.36
C ASN H 198 7.09 40.11 -46.07
N ARG H 199 6.87 40.92 -45.02
CA ARG H 199 7.54 40.66 -43.75
C ARG H 199 7.01 39.41 -43.07
N VAL H 200 5.68 39.26 -43.02
CA VAL H 200 5.08 38.25 -42.15
C VAL H 200 5.26 36.84 -42.73
N ALA H 201 5.19 36.72 -44.06
CA ALA H 201 5.43 35.43 -44.69
C ALA H 201 6.88 34.99 -44.49
N ARG H 202 7.81 35.94 -44.61
CA ARG H 202 9.22 35.66 -44.35
C ARG H 202 9.46 35.26 -42.91
N ALA H 203 8.79 35.92 -41.96
CA ALA H 203 8.98 35.60 -40.54
C ALA H 203 8.46 34.20 -40.21
N ALA H 204 7.25 33.88 -40.67
CA ALA H 204 6.70 32.54 -40.44
C ALA H 204 7.54 31.48 -41.13
N LEU H 205 8.04 31.80 -42.32
CA LEU H 205 8.91 30.87 -43.03
C LEU H 205 10.21 30.63 -42.27
N LEU H 206 10.82 31.67 -41.70
CA LEU H 206 12.05 31.50 -40.95
C LEU H 206 11.83 30.67 -39.69
N SER H 207 10.68 30.84 -39.03
CA SER H 207 10.36 29.96 -37.92
C SER H 207 10.22 28.51 -38.37
N ASP H 208 9.61 28.30 -39.54
CA ASP H 208 9.50 26.95 -40.10
C ASP H 208 10.86 26.35 -40.41
N LEU H 209 11.78 27.15 -40.99
CA LEU H 209 13.12 26.66 -41.29
C LEU H 209 13.87 26.30 -40.02
N LYS H 210 13.71 27.12 -38.97
CA LYS H 210 14.36 26.86 -37.69
C LYS H 210 13.92 25.53 -37.10
N ARG H 211 12.61 25.30 -37.06
CA ARG H 211 12.10 24.03 -36.53
C ARG H 211 12.52 22.85 -37.42
N ARG H 212 12.53 23.06 -38.73
CA ARG H 212 12.88 21.98 -39.66
C ARG H 212 14.34 21.57 -39.54
N VAL H 213 15.25 22.54 -39.40
CA VAL H 213 16.65 22.18 -39.30
C VAL H 213 16.96 21.63 -37.90
N CYS H 214 16.18 22.03 -36.89
CA CYS H 214 16.34 21.39 -35.58
C CYS H 214 15.87 19.94 -35.60
N ALA H 215 14.83 19.64 -36.37
CA ALA H 215 14.32 18.27 -36.41
C ALA H 215 15.05 17.43 -37.45
N ASP H 216 15.00 17.85 -38.71
CA ASP H 216 15.50 17.08 -39.84
C ASP H 216 17.01 17.30 -39.95
N MET H 217 17.75 16.72 -39.00
CA MET H 217 19.18 16.97 -38.89
C MET H 217 20.03 15.73 -39.09
N PHE H 218 19.65 14.60 -38.53
CA PHE H 218 20.36 13.33 -38.66
C PHE H 218 19.42 12.25 -39.15
N PHE H 219 18.68 12.53 -40.22
CA PHE H 219 17.43 11.86 -40.51
C PHE H 219 17.62 10.40 -40.93
N MET H 220 18.85 9.93 -41.06
CA MET H 220 19.11 8.53 -41.33
C MET H 220 19.42 7.73 -40.08
N THR H 221 20.04 8.31 -39.06
CA THR H 221 20.32 7.59 -37.83
C THR H 221 19.27 7.78 -36.75
N ARG H 222 18.32 8.70 -36.94
CA ARG H 222 17.17 8.80 -36.04
C ARG H 222 16.07 7.86 -36.51
N HIS H 223 15.66 8.00 -37.77
CA HIS H 223 14.60 7.17 -38.34
C HIS H 223 15.19 5.98 -39.10
N ALA H 224 16.10 5.26 -38.44
CA ALA H 224 16.75 4.13 -39.06
C ALA H 224 15.85 2.90 -39.11
N ARG H 225 14.93 2.77 -38.15
CA ARG H 225 14.07 1.60 -38.08
C ARG H 225 12.90 1.66 -39.06
N GLU H 226 12.71 2.77 -39.77
CA GLU H 226 11.61 2.90 -40.71
C GLU H 226 12.15 3.01 -42.13
N PRO H 227 12.16 1.93 -42.91
CA PRO H 227 12.60 2.02 -44.31
C PRO H 227 11.68 2.86 -45.20
N ARG H 228 10.45 3.12 -44.78
CA ARG H 228 9.55 3.92 -45.62
C ARG H 228 9.89 5.39 -45.59
N LEU H 229 10.37 5.92 -44.45
CA LEU H 229 10.67 7.34 -44.36
C LEU H 229 11.92 7.71 -45.15
N ILE H 230 12.92 6.82 -45.20
CA ILE H 230 14.15 7.14 -45.91
C ILE H 230 13.91 7.21 -47.41
N SER H 231 13.19 6.23 -47.95
CA SER H 231 12.78 6.29 -49.34
C SER H 231 11.76 7.39 -49.61
N ALA H 232 11.09 7.89 -48.57
CA ALA H 232 10.21 9.03 -48.73
C ALA H 232 10.96 10.35 -48.85
N TYR H 233 12.05 10.55 -48.09
CA TYR H 233 12.70 11.84 -48.16
C TYR H 233 13.87 11.85 -49.13
N LEU H 234 14.34 10.68 -49.58
CA LEU H 234 15.27 10.67 -50.72
C LEU H 234 14.59 11.19 -51.98
N SER H 235 13.31 10.85 -52.16
CA SER H 235 12.56 11.38 -53.30
C SER H 235 12.22 12.84 -53.10
N ASP H 236 12.22 13.32 -51.86
CA ASP H 236 12.11 14.76 -51.62
C ASP H 236 13.41 15.46 -51.97
N MET H 237 14.54 14.85 -51.63
CA MET H 237 15.85 15.42 -51.95
C MET H 237 16.08 15.47 -53.45
N VAL H 238 15.75 14.41 -54.15
CA VAL H 238 16.03 14.35 -55.59
C VAL H 238 15.10 15.27 -56.36
N SER H 239 13.81 15.26 -56.01
CA SER H 239 12.85 16.14 -56.69
C SER H 239 12.74 17.49 -55.98
N CYS H 240 13.89 18.12 -55.74
CA CYS H 240 13.92 19.48 -55.21
C CYS H 240 14.90 20.35 -55.97
N THR H 241 15.85 19.78 -56.68
CA THR H 241 16.86 20.52 -57.43
C THR H 241 16.47 20.65 -58.89
N GLN H 242 16.77 21.79 -59.46
CA GLN H 242 16.38 22.06 -60.83
C GLN H 242 17.33 21.36 -61.80
N PRO H 243 16.84 20.96 -62.97
CA PRO H 243 17.73 20.39 -63.99
C PRO H 243 18.65 21.43 -64.63
N SER H 244 19.44 21.00 -65.59
CA SER H 244 20.40 21.85 -66.28
C SER H 244 20.12 21.81 -67.78
N VAL H 245 21.05 22.35 -68.57
CA VAL H 245 20.80 22.51 -69.99
C VAL H 245 20.82 21.16 -70.69
N MET H 246 20.23 21.13 -71.89
CA MET H 246 20.04 19.87 -72.61
C MET H 246 20.78 19.97 -73.94
N VAL H 247 22.05 20.36 -73.89
CA VAL H 247 22.94 20.26 -75.04
C VAL H 247 23.86 19.07 -74.79
N SER H 248 23.76 18.07 -75.66
CA SER H 248 24.50 16.82 -75.55
C SER H 248 24.36 16.06 -76.86
N ARG H 249 25.31 15.16 -77.11
CA ARG H 249 25.24 14.24 -78.23
C ARG H 249 25.12 12.80 -77.76
N ILE H 250 26.02 12.35 -76.89
CA ILE H 250 25.97 11.03 -76.29
C ILE H 250 25.96 11.19 -74.78
N THR H 251 25.09 10.44 -74.12
CA THR H 251 24.77 10.63 -72.71
C THR H 251 24.87 9.28 -72.00
N HIS H 252 25.24 9.31 -70.73
CA HIS H 252 25.31 8.11 -69.89
C HIS H 252 23.94 7.45 -69.83
N THR H 253 23.85 6.22 -70.33
CA THR H 253 22.61 5.47 -70.37
C THR H 253 22.82 4.10 -69.75
N ASN H 254 21.72 3.43 -69.41
CA ASN H 254 21.79 2.06 -68.92
C ASN H 254 21.78 1.10 -70.10
N THR H 255 21.58 -0.18 -69.82
CA THR H 255 21.56 -1.20 -70.88
C THR H 255 20.35 -1.03 -71.79
N ARG H 256 19.20 -0.67 -71.22
CA ARG H 256 17.97 -0.58 -71.99
C ARG H 256 18.01 0.59 -72.98
N GLY H 257 18.45 1.75 -72.52
CA GLY H 257 18.48 2.93 -73.36
C GLY H 257 17.99 4.18 -72.66
N ARG H 258 17.60 4.04 -71.40
CA ARG H 258 17.13 5.18 -70.62
C ARG H 258 18.32 5.97 -70.10
N GLN H 259 18.29 7.28 -70.30
CA GLN H 259 19.37 8.13 -69.80
C GLN H 259 19.28 8.25 -68.28
N VAL H 260 20.45 8.46 -67.65
CA VAL H 260 20.46 8.64 -66.21
C VAL H 260 20.31 10.12 -65.88
N ASP H 261 19.75 10.39 -64.70
CA ASP H 261 19.37 11.74 -64.34
C ASP H 261 20.22 12.35 -63.24
N GLY H 262 21.26 11.67 -62.77
CA GLY H 262 22.11 12.24 -61.76
C GLY H 262 22.99 11.21 -61.12
N VAL H 263 23.69 11.65 -60.08
CA VAL H 263 24.60 10.81 -59.32
C VAL H 263 24.35 11.06 -57.83
N LEU H 264 24.38 10.00 -57.04
CA LEU H 264 24.15 10.09 -55.60
C LEU H 264 25.39 9.56 -54.90
N VAL H 265 26.18 10.45 -54.30
CA VAL H 265 27.44 10.09 -53.68
C VAL H 265 27.23 9.89 -52.19
N THR H 266 27.66 8.73 -51.69
CA THR H 266 27.41 8.32 -50.32
C THR H 266 28.71 7.96 -49.63
N THR H 267 28.60 7.47 -48.40
CA THR H 267 29.63 6.69 -47.76
C THR H 267 29.30 5.22 -48.00
N ALA H 268 30.30 4.34 -47.87
CA ALA H 268 30.10 2.92 -48.15
C ALA H 268 29.08 2.29 -47.21
N THR H 269 29.10 2.70 -45.93
CA THR H 269 28.11 2.21 -44.97
C THR H 269 26.71 2.67 -45.36
N LEU H 270 26.57 3.93 -45.76
CA LEU H 270 25.28 4.43 -46.21
C LEU H 270 24.84 3.75 -47.50
N LYS H 271 25.78 3.43 -48.39
CA LYS H 271 25.41 2.70 -49.60
C LYS H 271 24.89 1.31 -49.26
N ARG H 272 25.52 0.64 -48.29
CA ARG H 272 25.03 -0.66 -47.86
C ARG H 272 23.64 -0.56 -47.24
N GLN H 273 23.40 0.47 -46.44
CA GLN H 273 22.09 0.66 -45.83
C GLN H 273 21.01 0.95 -46.87
N LEU H 274 21.33 1.77 -47.87
CA LEU H 274 20.35 2.10 -48.89
C LEU H 274 20.13 0.95 -49.87
N LEU H 275 21.10 0.04 -49.98
CA LEU H 275 20.88 -1.13 -50.83
C LEU H 275 20.25 -2.32 -50.11
N GLN H 276 20.32 -2.38 -48.78
CA GLN H 276 19.85 -3.59 -48.11
C GLN H 276 18.33 -3.71 -48.15
N GLY H 277 17.59 -2.60 -48.00
CA GLY H 277 16.15 -2.71 -47.99
C GLY H 277 15.36 -1.55 -48.57
N ILE H 278 16.02 -0.51 -49.07
CA ILE H 278 15.33 0.74 -49.32
C ILE H 278 15.14 0.98 -50.81
N LEU H 279 16.24 1.07 -51.57
CA LEU H 279 16.18 1.34 -52.99
C LEU H 279 16.35 0.05 -53.79
N GLN H 280 15.84 0.06 -55.00
CA GLN H 280 15.85 -1.12 -55.87
C GLN H 280 16.83 -0.90 -57.02
N ILE H 281 17.52 -1.97 -57.42
CA ILE H 281 18.41 -1.89 -58.56
C ILE H 281 17.62 -1.94 -59.85
N ASP H 282 17.90 -0.98 -60.74
CA ASP H 282 17.37 -1.01 -62.10
C ASP H 282 18.25 -1.83 -63.03
N ASP H 283 19.55 -1.54 -63.07
CA ASP H 283 20.48 -2.31 -63.88
C ASP H 283 21.87 -2.17 -63.26
N THR H 284 22.67 -3.22 -63.44
CA THR H 284 24.01 -3.28 -62.86
C THR H 284 25.11 -2.94 -63.85
N ALA H 285 24.76 -2.43 -65.03
CA ALA H 285 25.73 -2.00 -66.02
C ALA H 285 25.27 -0.68 -66.62
N ALA H 286 26.18 -0.02 -67.34
CA ALA H 286 25.87 1.29 -67.89
C ALA H 286 26.72 1.54 -69.13
N ASP H 287 26.27 2.49 -69.95
CA ASP H 287 27.01 2.96 -71.10
C ASP H 287 27.58 4.34 -70.79
N VAL H 288 28.89 4.49 -70.97
CA VAL H 288 29.58 5.73 -70.60
C VAL H 288 30.34 6.26 -71.81
N PRO H 289 30.26 7.55 -72.11
CA PRO H 289 31.12 8.13 -73.14
C PRO H 289 32.58 8.10 -72.72
N VAL H 290 33.46 7.87 -73.71
CA VAL H 290 34.88 7.67 -73.46
C VAL H 290 35.75 8.77 -74.05
N THR H 291 35.18 9.69 -74.83
CA THR H 291 35.95 10.77 -75.43
C THR H 291 35.56 12.10 -74.80
N TYR H 292 36.55 12.95 -74.53
CA TYR H 292 36.28 14.27 -73.98
C TYR H 292 35.61 15.17 -75.01
N GLY H 293 36.31 15.45 -76.11
CA GLY H 293 35.81 16.37 -77.10
C GLY H 293 36.45 17.73 -76.92
N GLU H 294 37.43 18.05 -77.75
CA GLU H 294 38.20 19.26 -77.61
C GLU H 294 37.63 20.37 -78.48
N MET H 295 38.05 21.60 -78.17
CA MET H 295 37.87 22.71 -79.09
C MET H 295 39.02 23.69 -78.91
N VAL H 296 39.44 24.30 -80.01
CA VAL H 296 40.62 25.15 -80.03
C VAL H 296 40.34 26.35 -80.92
N LEU H 297 40.83 27.52 -80.49
CA LEU H 297 40.59 28.76 -81.22
C LEU H 297 41.57 28.86 -82.37
N GLN H 298 41.06 29.24 -83.54
CA GLN H 298 41.85 29.32 -84.76
C GLN H 298 41.15 30.23 -85.75
N GLY H 299 41.91 30.69 -86.74
CA GLY H 299 41.36 31.57 -87.76
C GLY H 299 40.94 32.92 -87.25
N THR H 300 39.66 33.26 -87.47
CA THR H 300 39.17 34.56 -87.04
C THR H 300 39.13 34.69 -85.53
N ASN H 301 38.93 33.57 -84.81
CA ASN H 301 39.04 33.59 -83.36
C ASN H 301 40.45 33.97 -82.92
N LEU H 302 41.46 33.41 -83.58
CA LEU H 302 42.84 33.73 -83.25
C LEU H 302 43.16 35.19 -83.58
N VAL H 303 42.67 35.68 -84.72
CA VAL H 303 42.91 37.07 -85.12
C VAL H 303 42.30 38.03 -84.12
N THR H 304 41.05 37.77 -83.72
CA THR H 304 40.37 38.64 -82.76
C THR H 304 41.02 38.55 -81.38
N ALA H 305 41.46 37.35 -80.99
CA ALA H 305 42.09 37.19 -79.67
C ALA H 305 43.45 37.86 -79.60
N LEU H 306 44.20 37.91 -80.71
CA LEU H 306 45.46 38.63 -80.69
C LEU H 306 45.27 40.14 -80.79
N VAL H 307 44.34 40.60 -81.62
CA VAL H 307 44.24 42.04 -81.87
C VAL H 307 43.40 42.70 -80.79
N MET H 308 42.12 42.32 -80.70
CA MET H 308 41.21 43.00 -79.78
C MET H 308 41.39 42.53 -78.34
N GLY H 309 41.54 41.22 -78.15
CA GLY H 309 41.62 40.65 -76.82
C GLY H 309 40.38 39.91 -76.36
N LYS H 310 39.52 39.48 -77.28
CA LYS H 310 38.31 38.75 -76.94
C LYS H 310 38.14 37.61 -77.93
N ALA H 311 37.28 36.66 -77.58
CA ALA H 311 36.97 35.54 -78.46
C ALA H 311 35.63 34.95 -78.07
N VAL H 312 35.02 34.18 -78.97
CA VAL H 312 33.80 33.45 -78.66
C VAL H 312 33.98 32.00 -79.11
N ARG H 313 33.04 31.16 -78.67
CA ARG H 313 32.97 29.78 -79.11
C ARG H 313 32.22 29.69 -80.44
N ASN H 352 30.50 4.49 -77.10
CA ASN H 352 30.16 4.20 -75.72
C ASN H 352 30.86 2.90 -75.30
N ALA H 353 31.01 2.73 -73.99
CA ALA H 353 31.62 1.53 -73.43
C ALA H 353 30.83 1.04 -72.24
N ARG H 354 30.83 -0.28 -72.05
CA ARG H 354 30.13 -0.88 -70.92
C ARG H 354 30.96 -0.72 -69.66
N VAL H 355 30.31 -0.30 -68.58
CA VAL H 355 30.99 -0.02 -67.32
C VAL H 355 30.21 -0.66 -66.17
N PRO H 356 30.86 -1.41 -65.29
CA PRO H 356 30.18 -1.99 -64.12
C PRO H 356 29.90 -0.92 -63.08
N ALA H 357 28.64 -0.53 -62.96
CA ALA H 357 28.19 0.42 -61.95
C ALA H 357 26.73 0.15 -61.65
N ASP H 358 26.32 0.36 -60.41
CA ASP H 358 24.95 0.08 -60.01
C ASP H 358 24.07 1.31 -60.24
N LEU H 359 22.83 1.06 -60.64
CA LEU H 359 21.88 2.10 -60.99
C LEU H 359 20.58 1.85 -60.26
N VAL H 360 20.19 2.78 -59.40
CA VAL H 360 18.98 2.64 -58.62
C VAL H 360 17.95 3.66 -59.10
N ILE H 361 16.69 3.40 -58.82
CA ILE H 361 15.60 4.30 -59.16
C ILE H 361 15.04 4.88 -57.86
N VAL H 362 15.15 6.19 -57.71
CA VAL H 362 14.52 6.92 -56.62
C VAL H 362 13.56 7.94 -57.23
N GLY H 363 12.37 8.05 -56.64
CA GLY H 363 11.31 8.83 -57.23
C GLY H 363 10.88 8.30 -58.58
N ASP H 364 11.20 9.05 -59.63
CA ASP H 364 10.98 8.61 -61.00
C ASP H 364 12.21 8.88 -61.89
N LYS H 365 13.35 9.21 -61.29
CA LYS H 365 14.57 9.51 -62.01
C LYS H 365 15.63 8.47 -61.68
N LEU H 366 16.24 7.93 -62.73
CA LEU H 366 17.26 6.89 -62.59
C LEU H 366 18.60 7.54 -62.28
N VAL H 367 19.19 7.19 -61.15
CA VAL H 367 20.39 7.85 -60.64
C VAL H 367 21.50 6.84 -60.44
N PHE H 368 22.73 7.27 -60.71
CA PHE H 368 23.90 6.52 -60.28
C PHE H 368 23.99 6.56 -58.76
N LEU H 369 24.53 5.51 -58.17
CA LEU H 369 24.70 5.44 -56.73
C LEU H 369 26.13 5.02 -56.44
N GLU H 370 27.04 5.99 -56.39
CA GLU H 370 28.45 5.73 -56.21
C GLU H 370 28.84 5.96 -54.76
N ALA H 371 29.70 5.10 -54.24
CA ALA H 371 30.27 5.19 -52.90
C ALA H 371 31.78 5.07 -52.98
N LEU H 372 32.37 5.90 -53.84
CA LEU H 372 33.75 5.73 -54.28
C LEU H 372 34.73 5.97 -53.15
N GLU H 373 35.15 4.86 -52.54
CA GLU H 373 36.07 4.82 -51.42
C GLU H 373 37.11 3.72 -51.56
N ARG H 374 36.85 2.68 -52.34
CA ARG H 374 37.84 1.65 -52.61
C ARG H 374 38.59 1.92 -53.91
N ARG H 375 37.90 2.41 -54.94
CA ARG H 375 38.59 2.74 -56.20
C ARG H 375 39.51 3.92 -56.02
N VAL H 376 39.06 4.94 -55.31
CA VAL H 376 39.82 6.16 -55.05
C VAL H 376 39.83 6.34 -53.53
N TYR H 377 40.85 7.03 -53.02
CA TYR H 377 41.09 7.35 -51.60
C TYR H 377 41.48 6.16 -50.75
N GLN H 378 41.88 5.03 -51.34
CA GLN H 378 42.23 3.85 -50.56
C GLN H 378 43.74 3.72 -50.47
N ALA H 379 44.25 3.63 -49.25
CA ALA H 379 45.69 3.54 -48.94
C ALA H 379 46.47 4.73 -49.49
N THR H 380 45.87 5.91 -49.50
CA THR H 380 46.56 7.15 -49.80
C THR H 380 46.21 8.17 -48.72
N ARG H 381 47.16 9.05 -48.44
CA ARG H 381 47.15 9.82 -47.20
C ARG H 381 46.17 10.99 -47.19
N VAL H 382 45.23 11.05 -48.13
CA VAL H 382 44.25 12.12 -48.17
C VAL H 382 42.97 11.66 -47.47
N ALA H 383 42.36 12.55 -46.69
CA ALA H 383 41.14 12.22 -46.00
C ALA H 383 39.95 12.32 -46.95
N TYR H 384 39.02 11.39 -46.79
CA TYR H 384 37.83 11.33 -47.62
C TYR H 384 36.89 12.47 -47.25
N PRO H 385 36.34 13.20 -48.22
CA PRO H 385 35.21 14.09 -47.93
C PRO H 385 33.95 13.31 -47.64
N LEU H 386 32.83 14.00 -47.40
CA LEU H 386 31.60 13.46 -46.82
C LEU H 386 31.81 12.88 -45.42
N ILE H 387 32.88 13.28 -44.74
CA ILE H 387 33.09 12.94 -43.33
C ILE H 387 33.17 14.27 -42.60
N GLY H 388 32.39 15.24 -43.08
CA GLY H 388 32.48 16.59 -42.56
C GLY H 388 31.98 16.71 -41.14
N ASN H 389 32.32 17.84 -40.53
CA ASN H 389 32.03 18.12 -39.14
C ASN H 389 30.85 19.07 -39.02
N ILE H 390 30.30 19.14 -37.82
CA ILE H 390 29.28 20.13 -37.49
C ILE H 390 29.69 20.82 -36.19
N ASP H 391 29.08 21.96 -35.92
CA ASP H 391 29.35 22.74 -34.72
C ASP H 391 28.04 23.05 -34.01
N ILE H 392 27.89 22.56 -32.79
CA ILE H 392 26.70 22.78 -31.98
C ILE H 392 27.14 23.40 -30.66
N THR H 393 26.53 24.52 -30.30
CA THR H 393 26.84 25.23 -29.07
C THR H 393 25.76 24.96 -28.03
N PHE H 394 26.18 24.62 -26.83
CA PHE H 394 25.25 24.30 -25.75
C PHE H 394 25.27 25.38 -24.67
N ILE H 395 24.09 25.67 -24.13
CA ILE H 395 23.89 26.75 -23.17
C ILE H 395 23.09 26.18 -21.99
N MET H 396 23.48 26.58 -20.77
CA MET H 396 22.68 26.22 -19.61
C MET H 396 22.78 27.38 -18.63
N PRO H 397 21.69 27.76 -17.99
CA PRO H 397 21.76 28.73 -16.90
C PRO H 397 22.19 28.02 -15.64
N MET H 398 22.94 28.74 -14.82
CA MET H 398 23.70 28.11 -13.76
C MET H 398 23.22 28.48 -12.37
N GLY H 399 23.22 29.77 -12.02
CA GLY H 399 22.91 30.14 -10.66
C GLY H 399 21.57 30.83 -10.48
N VAL H 400 20.63 30.57 -11.39
CA VAL H 400 19.37 31.30 -11.39
C VAL H 400 18.49 30.85 -10.23
N PHE H 401 17.77 31.79 -9.64
CA PHE H 401 16.84 31.53 -8.55
C PHE H 401 15.46 31.98 -8.98
N GLN H 402 14.48 31.08 -8.85
CA GLN H 402 13.11 31.37 -9.24
C GLN H 402 12.50 32.32 -8.22
N ALA H 403 12.41 33.60 -8.59
CA ALA H 403 12.11 34.64 -7.60
C ALA H 403 10.64 34.62 -7.20
N ASN H 404 9.74 34.33 -8.13
CA ASN H 404 8.31 34.38 -7.84
C ASN H 404 7.94 33.21 -6.94
N SER H 405 7.04 33.49 -5.98
CA SER H 405 6.65 32.48 -5.00
C SER H 405 5.82 31.37 -5.62
N MET H 406 5.21 31.61 -6.78
CA MET H 406 4.44 30.56 -7.46
C MET H 406 5.32 29.44 -7.97
N ASP H 407 6.56 29.75 -8.34
CA ASP H 407 7.39 28.76 -9.01
C ASP H 407 8.12 27.83 -8.03
N ARG H 408 8.12 28.16 -6.74
CA ARG H 408 8.76 27.29 -5.76
C ARG H 408 7.73 26.32 -5.18
N TYR H 409 7.26 25.43 -6.07
CA TYR H 409 6.27 24.43 -5.74
C TYR H 409 6.86 23.03 -5.93
N THR H 410 6.24 22.06 -5.27
CA THR H 410 6.64 20.66 -5.37
C THR H 410 5.48 19.83 -5.93
N ARG H 411 5.82 18.78 -6.69
CA ARG H 411 4.81 18.02 -7.40
C ARG H 411 4.03 17.10 -6.46
N HIS H 412 4.68 16.56 -5.43
CA HIS H 412 4.02 15.77 -4.40
C HIS H 412 4.49 16.27 -3.05
N ALA H 413 3.95 15.67 -1.99
CA ALA H 413 4.26 16.12 -0.63
C ALA H 413 5.67 15.74 -0.23
N GLY H 414 5.94 14.44 -0.15
CA GLY H 414 7.25 13.97 0.23
C GLY H 414 8.11 13.52 -0.94
N ASP H 415 8.49 14.45 -1.82
CA ASP H 415 9.32 14.09 -2.96
C ASP H 415 10.73 13.71 -2.53
N PHE H 416 11.46 14.64 -1.92
CA PHE H 416 12.82 14.36 -1.46
C PHE H 416 12.90 14.79 -0.01
N SER H 417 12.48 13.89 0.87
CA SER H 417 12.51 14.15 2.30
C SER H 417 13.93 13.96 2.84
N THR H 418 14.22 14.66 3.93
CA THR H 418 15.54 14.58 4.54
C THR H 418 15.44 14.38 6.04
N VAL H 419 16.58 14.41 6.72
CA VAL H 419 16.63 14.26 8.17
C VAL H 419 16.72 15.61 8.88
N SER H 420 17.30 16.63 8.27
CA SER H 420 17.49 17.92 8.91
C SER H 420 16.16 18.65 9.08
N GLU H 421 16.14 19.58 10.05
CA GLU H 421 14.95 20.39 10.28
C GLU H 421 14.77 21.43 9.17
N GLN H 422 15.82 21.70 8.40
CA GLN H 422 15.75 22.60 7.26
C GLN H 422 16.06 21.78 6.01
N ASP H 423 15.14 21.77 5.06
CA ASP H 423 15.31 21.00 3.84
C ASP H 423 16.38 21.66 2.99
N PRO H 424 17.49 20.99 2.68
CA PRO H 424 18.58 21.61 1.91
C PRO H 424 18.33 21.62 0.41
N ARG H 425 17.13 22.04 0.01
CA ARG H 425 16.81 22.34 -1.37
C ARG H 425 16.13 23.69 -1.51
N GLN H 426 15.72 24.33 -0.42
CA GLN H 426 15.17 25.67 -0.47
C GLN H 426 16.26 26.72 -0.68
N PHE H 427 17.51 26.35 -0.48
CA PHE H 427 18.61 27.28 -0.71
C PHE H 427 18.78 27.53 -2.22
N PRO H 428 19.29 28.69 -2.59
CA PRO H 428 19.55 28.97 -4.01
C PRO H 428 20.61 28.02 -4.56
N PRO H 429 20.42 27.54 -5.79
CA PRO H 429 21.41 26.63 -6.38
C PRO H 429 22.72 27.34 -6.67
N GLN H 430 23.79 26.55 -6.70
CA GLN H 430 25.12 27.08 -6.97
C GLN H 430 25.89 26.28 -8.01
N GLY H 431 25.28 25.27 -8.63
CA GLY H 431 25.98 24.46 -9.60
C GLY H 431 25.04 23.93 -10.67
N ILE H 432 25.64 23.40 -11.72
CA ILE H 432 24.90 22.76 -12.80
C ILE H 432 25.52 21.39 -13.06
N PHE H 433 24.68 20.40 -13.30
CA PHE H 433 25.10 19.02 -13.51
C PHE H 433 24.65 18.57 -14.89
N PHE H 434 25.58 18.06 -15.69
CA PHE H 434 25.28 17.63 -17.05
C PHE H 434 26.05 16.35 -17.33
N TYR H 435 25.87 15.81 -18.53
CA TYR H 435 26.54 14.59 -18.93
C TYR H 435 27.73 14.88 -19.85
N ASN H 436 28.77 14.06 -19.70
CA ASN H 436 30.01 14.19 -20.44
C ASN H 436 29.84 13.53 -21.82
N LYS H 437 30.95 13.34 -22.52
CA LYS H 437 30.91 12.65 -23.81
C LYS H 437 30.62 11.17 -23.62
N ASP H 438 31.17 10.56 -22.57
CA ASP H 438 30.98 9.16 -22.30
C ASP H 438 29.79 8.88 -21.38
N GLY H 439 29.11 9.91 -20.91
CA GLY H 439 27.99 9.75 -20.00
C GLY H 439 28.32 9.92 -18.54
N ILE H 440 29.55 10.28 -18.19
CA ILE H 440 29.91 10.48 -16.80
C ILE H 440 29.35 11.82 -16.32
N LEU H 441 28.74 11.81 -15.14
CA LEU H 441 28.16 13.01 -14.57
C LEU H 441 29.26 13.97 -14.13
N THR H 442 29.31 15.14 -14.76
CA THR H 442 30.28 16.16 -14.44
C THR H 442 29.56 17.44 -14.04
N GLN H 443 30.20 18.26 -13.21
CA GLN H 443 29.55 19.42 -12.64
C GLN H 443 30.40 20.67 -12.80
N LEU H 444 29.72 21.82 -12.76
CA LEU H 444 30.35 23.14 -12.78
C LEU H 444 29.95 23.87 -11.51
N THR H 445 30.93 24.27 -10.70
CA THR H 445 30.72 25.09 -9.53
C THR H 445 31.07 26.54 -9.89
N LEU H 446 30.59 27.50 -9.08
CA LEU H 446 30.89 28.90 -9.33
C LEU H 446 32.36 29.23 -9.15
N ARG H 447 33.15 28.31 -8.57
CA ARG H 447 34.60 28.46 -8.56
C ARG H 447 35.19 28.45 -9.96
N ASP H 448 34.48 27.90 -10.94
CA ASP H 448 34.93 27.95 -12.33
C ASP H 448 34.82 29.35 -12.93
N ALA H 449 33.87 30.17 -12.48
CA ALA H 449 33.71 31.51 -13.02
C ALA H 449 34.75 32.49 -12.49
N MET H 450 35.59 32.04 -11.55
CA MET H 450 36.69 32.83 -11.04
C MET H 450 37.75 33.11 -12.09
N GLY H 451 37.76 32.34 -13.18
CA GLY H 451 38.65 32.61 -14.28
C GLY H 451 38.21 33.73 -15.19
N THR H 452 36.95 34.14 -15.09
CA THR H 452 36.40 35.20 -15.92
C THR H 452 36.06 36.46 -15.16
N ILE H 453 35.38 36.34 -14.02
CA ILE H 453 34.92 37.55 -13.33
C ILE H 453 35.98 38.13 -12.39
N CYS H 454 37.00 37.36 -12.02
CA CYS H 454 38.08 37.87 -11.19
C CYS H 454 39.24 38.38 -12.02
N HIS H 455 38.96 38.90 -13.20
CA HIS H 455 39.94 39.61 -14.02
C HIS H 455 39.90 41.09 -13.67
N SER H 456 40.80 41.86 -14.27
CA SER H 456 40.73 43.30 -14.14
C SER H 456 39.80 43.94 -15.15
N SER H 457 39.16 43.14 -16.00
CA SER H 457 38.19 43.67 -16.96
C SER H 457 36.87 44.01 -16.31
N LEU H 458 36.65 43.58 -15.07
CA LEU H 458 35.44 43.96 -14.34
C LEU H 458 35.45 45.45 -13.97
N LEU H 459 36.62 46.09 -13.98
CA LEU H 459 36.79 47.48 -13.62
C LEU H 459 37.48 48.25 -14.76
N ASP H 460 36.98 48.04 -15.97
CA ASP H 460 37.48 48.73 -17.16
C ASP H 460 36.39 49.68 -17.64
N VAL H 461 35.83 50.44 -16.69
CA VAL H 461 34.65 51.27 -16.93
C VAL H 461 34.91 52.47 -17.83
N GLU H 462 36.17 52.80 -18.11
CA GLU H 462 36.51 54.09 -18.71
C GLU H 462 35.98 54.23 -20.13
N ALA H 463 36.09 53.17 -20.94
CA ALA H 463 35.57 53.23 -22.30
C ALA H 463 34.05 53.30 -22.31
N THR H 464 33.40 52.62 -21.36
CA THR H 464 31.95 52.72 -21.21
C THR H 464 31.52 54.15 -20.89
N LEU H 465 32.26 54.82 -19.98
CA LEU H 465 31.94 56.20 -19.64
C LEU H 465 32.18 57.14 -20.81
N VAL H 466 33.26 56.91 -21.58
CA VAL H 466 33.55 57.75 -22.74
C VAL H 466 32.47 57.60 -23.79
N ALA H 467 32.00 56.37 -24.02
CA ALA H 467 30.93 56.16 -24.99
C ALA H 467 29.60 56.72 -24.48
N LEU H 468 29.36 56.66 -23.17
CA LEU H 468 28.11 57.18 -22.62
C LEU H 468 28.09 58.70 -22.59
N ARG H 469 29.27 59.34 -22.57
CA ARG H 469 29.34 60.80 -22.48
C ARG H 469 28.98 61.50 -23.78
N GLN H 470 28.82 60.77 -24.89
CA GLN H 470 28.63 61.37 -26.20
C GLN H 470 27.20 61.21 -26.72
N GLN H 471 26.21 61.31 -25.84
CA GLN H 471 24.82 61.27 -26.26
C GLN H 471 24.08 62.47 -25.67
N HIS H 472 22.78 62.54 -25.93
CA HIS H 472 21.96 63.67 -25.51
C HIS H 472 21.57 63.51 -24.05
N LEU H 473 21.86 64.51 -23.23
CA LEU H 473 21.53 64.52 -21.81
C LEU H 473 20.61 65.69 -21.51
N ASP H 474 19.56 65.43 -20.76
CA ASP H 474 18.65 66.47 -20.30
C ASP H 474 19.05 66.90 -18.89
N ARG H 475 18.67 68.13 -18.54
CA ARG H 475 18.97 68.67 -17.22
C ARG H 475 18.15 67.93 -16.16
N GLN H 476 18.77 66.98 -15.48
CA GLN H 476 18.11 66.18 -14.46
C GLN H 476 18.51 66.73 -13.10
N CYS H 477 17.66 66.49 -12.10
CA CYS H 477 17.88 67.07 -10.77
C CYS H 477 19.09 66.45 -10.10
N TYR H 478 19.61 67.15 -9.09
CA TYR H 478 20.93 66.86 -8.56
C TYR H 478 20.89 66.55 -7.07
N PHE H 479 19.93 65.74 -6.63
CA PHE H 479 19.85 65.44 -5.20
C PHE H 479 20.67 64.23 -4.82
N GLY H 480 20.55 63.14 -5.56
CA GLY H 480 21.23 61.92 -5.18
C GLY H 480 22.68 61.85 -5.57
N VAL H 481 23.24 62.89 -6.16
CA VAL H 481 24.56 62.82 -6.77
C VAL H 481 25.54 63.74 -6.05
N TYR H 482 25.06 64.86 -5.53
CA TYR H 482 25.91 65.96 -5.09
C TYR H 482 26.25 65.77 -3.62
N VAL H 483 27.53 65.96 -3.28
CA VAL H 483 28.00 66.03 -1.90
C VAL H 483 28.58 67.43 -1.69
N ALA H 484 28.22 68.05 -0.57
CA ALA H 484 28.62 69.41 -0.27
C ALA H 484 29.57 69.45 0.93
N GLU H 485 29.92 70.66 1.37
CA GLU H 485 30.73 70.87 2.56
C GLU H 485 29.90 71.51 3.65
N GLY H 486 30.37 71.37 4.89
CA GLY H 486 29.72 72.03 6.01
C GLY H 486 30.06 73.50 6.05
N THR H 487 29.20 74.26 6.74
CA THR H 487 29.36 75.71 6.82
C THR H 487 29.54 76.18 8.26
N GLU H 488 30.21 75.35 9.07
CA GLU H 488 30.64 75.61 10.46
C GLU H 488 29.54 76.26 11.32
N ASP H 489 28.31 75.82 11.11
CA ASP H 489 27.16 76.30 11.86
C ASP H 489 26.81 75.31 12.96
N THR H 490 25.67 75.55 13.60
CA THR H 490 25.29 74.80 14.79
C THR H 490 24.34 73.62 14.43
N LEU H 491 24.36 73.21 13.16
CA LEU H 491 23.65 72.05 12.60
C LEU H 491 22.13 72.22 12.60
N ASP H 492 21.62 73.32 13.16
CA ASP H 492 20.21 73.67 13.03
C ASP H 492 20.01 74.53 11.79
N VAL H 493 20.82 75.58 11.64
CA VAL H 493 20.69 76.50 10.54
C VAL H 493 21.04 75.81 9.22
N GLN H 494 22.00 74.88 9.26
CA GLN H 494 22.34 74.11 8.06
C GLN H 494 21.18 73.25 7.59
N MET H 495 20.50 72.58 8.51
CA MET H 495 19.34 71.78 8.13
C MET H 495 18.19 72.66 7.67
N GLY H 496 18.03 73.83 8.29
CA GLY H 496 17.01 74.77 7.83
C GLY H 496 17.25 75.24 6.41
N ARG H 497 18.48 75.69 6.12
CA ARG H 497 18.83 76.14 4.78
C ARG H 497 18.69 75.02 3.77
N PHE H 498 19.02 73.79 4.19
CA PHE H 498 18.76 72.63 3.34
C PHE H 498 17.26 72.45 3.10
N MET H 499 16.43 72.80 4.09
CA MET H 499 14.99 72.62 3.90
C MET H 499 14.40 73.60 2.89
N GLU H 500 14.74 74.90 3.00
CA GLU H 500 14.25 75.80 1.94
C GLU H 500 14.95 75.58 0.61
N THR H 501 16.15 75.01 0.60
CA THR H 501 16.75 74.65 -0.69
C THR H 501 16.05 73.43 -1.29
N TRP H 502 15.62 72.50 -0.43
CA TRP H 502 15.05 71.23 -0.85
C TRP H 502 13.57 71.33 -1.15
N ALA H 503 12.93 72.45 -0.79
CA ALA H 503 11.51 72.63 -1.08
C ALA H 503 11.24 72.65 -2.59
N ASP H 504 12.11 73.29 -3.36
CA ASP H 504 11.94 73.39 -4.80
C ASP H 504 13.12 72.83 -5.57
N MET H 505 13.88 71.91 -4.96
CA MET H 505 15.05 71.35 -5.63
C MET H 505 14.66 70.39 -6.75
N MET H 506 13.69 69.51 -6.49
CA MET H 506 13.29 68.50 -7.45
C MET H 506 12.14 69.02 -8.30
N PRO H 507 12.31 69.13 -9.62
CA PRO H 507 11.15 69.33 -10.50
C PRO H 507 10.44 68.03 -10.87
N HIS H 508 11.03 66.88 -10.54
CA HIS H 508 10.46 65.58 -10.87
C HIS H 508 10.96 64.54 -9.86
N HIS H 509 10.49 63.31 -10.03
CA HIS H 509 10.73 62.12 -9.21
C HIS H 509 12.15 61.63 -9.40
N PRO H 510 12.91 61.36 -8.33
CA PRO H 510 14.26 60.84 -8.49
C PRO H 510 14.24 59.43 -9.07
N HIS H 511 15.28 59.13 -9.85
CA HIS H 511 15.34 57.84 -10.54
C HIS H 511 15.96 56.74 -9.70
N TRP H 512 16.43 57.05 -8.50
CA TRP H 512 16.97 56.04 -7.60
C TRP H 512 15.98 55.59 -6.54
N VAL H 513 14.76 56.11 -6.55
CA VAL H 513 13.79 55.75 -5.52
C VAL H 513 12.88 54.61 -5.97
N ASN H 514 12.55 54.55 -7.26
CA ASN H 514 11.59 53.56 -7.77
C ASN H 514 12.17 52.15 -7.78
N GLU H 515 12.34 51.60 -6.57
CA GLU H 515 12.73 50.21 -6.41
C GLU H 515 11.53 49.29 -6.25
N HIS H 516 10.32 49.83 -6.32
CA HIS H 516 9.09 49.05 -6.28
C HIS H 516 8.84 48.28 -7.57
N LEU H 517 9.64 48.53 -8.61
CA LEU H 517 9.45 47.86 -9.88
C LEU H 517 9.76 46.37 -9.75
N THR H 518 8.93 45.54 -10.39
CA THR H 518 9.25 44.14 -10.52
C THR H 518 10.18 43.95 -11.73
N ILE H 519 10.55 42.71 -11.98
CA ILE H 519 11.54 42.44 -13.03
C ILE H 519 10.97 42.72 -14.41
N LEU H 520 9.69 42.43 -14.63
CA LEU H 520 9.09 42.63 -15.96
C LEU H 520 9.03 44.10 -16.33
N GLN H 521 8.73 44.97 -15.37
CA GLN H 521 8.69 46.40 -15.67
C GLN H 521 10.09 47.00 -15.77
N PHE H 522 11.06 46.50 -15.00
CA PHE H 522 12.42 47.00 -15.10
C PHE H 522 13.05 46.63 -16.43
N ILE H 523 12.76 45.42 -16.90
CA ILE H 523 13.29 44.95 -18.19
C ILE H 523 12.65 45.69 -19.36
N ALA H 524 11.41 46.13 -19.22
CA ALA H 524 10.62 46.69 -20.31
C ALA H 524 11.27 47.98 -20.84
N PRO H 525 11.15 48.25 -22.16
CA PRO H 525 11.92 49.34 -22.76
C PRO H 525 11.51 50.74 -22.33
N SER H 526 10.34 50.90 -21.71
CA SER H 526 9.91 52.21 -21.26
C SER H 526 10.67 52.70 -20.04
N ASN H 527 11.46 51.85 -19.40
CA ASN H 527 12.27 52.23 -18.26
C ASN H 527 13.39 53.16 -18.71
N PRO H 528 13.51 54.37 -18.15
CA PRO H 528 14.66 55.21 -18.49
C PRO H 528 15.95 54.79 -17.79
N ARG H 529 15.86 53.98 -16.75
CA ARG H 529 17.02 53.52 -16.00
C ARG H 529 17.74 52.37 -16.70
N LEU H 530 17.10 51.71 -17.67
CA LEU H 530 17.69 50.52 -18.30
C LEU H 530 18.93 50.87 -19.10
N ARG H 531 18.98 52.07 -19.68
CA ARG H 531 20.14 52.47 -20.46
C ARG H 531 21.36 52.78 -19.61
N PHE H 532 21.24 52.80 -18.29
CA PHE H 532 22.34 53.14 -17.41
C PHE H 532 22.78 51.99 -16.52
N GLU H 533 22.25 50.80 -16.74
CA GLU H 533 22.62 49.60 -15.98
C GLU H 533 23.37 48.69 -16.95
N LEU H 534 24.70 48.76 -16.91
CA LEU H 534 25.53 48.04 -17.86
C LEU H 534 26.43 47.02 -17.18
N ASN H 535 27.21 47.41 -16.27
CA ASN H 535 28.28 46.70 -15.59
C ASN H 535 27.88 46.45 -14.14
N PRO H 536 27.80 45.19 -13.69
CA PRO H 536 27.16 44.90 -12.39
C PRO H 536 27.91 45.39 -11.17
N ALA H 537 29.09 45.97 -11.31
CA ALA H 537 29.82 46.54 -10.19
C ALA H 537 29.90 48.06 -10.29
N PHE H 538 28.92 48.69 -10.94
CA PHE H 538 28.97 50.13 -11.15
C PHE H 538 27.57 50.70 -11.24
N ASP H 539 27.36 51.85 -10.60
CA ASP H 539 26.18 52.67 -10.81
C ASP H 539 26.51 53.79 -11.76
N PHE H 540 25.71 53.96 -12.80
CA PHE H 540 25.88 55.05 -13.74
C PHE H 540 24.74 56.05 -13.56
N PHE H 541 25.09 57.31 -13.36
CA PHE H 541 24.10 58.35 -13.15
C PHE H 541 24.54 59.60 -13.91
N VAL H 542 23.67 60.60 -13.96
CA VAL H 542 24.03 61.91 -14.48
C VAL H 542 24.61 62.72 -13.32
N ALA H 543 25.56 63.60 -13.62
CA ALA H 543 26.30 64.30 -12.60
C ALA H 543 26.64 65.69 -13.12
N PRO H 544 26.84 66.67 -12.24
CA PRO H 544 27.26 68.00 -12.69
C PRO H 544 28.67 67.95 -13.25
N GLY H 545 28.91 68.76 -14.28
CA GLY H 545 30.19 68.72 -14.94
C GLY H 545 31.18 69.74 -14.40
N ASP H 546 32.44 69.31 -14.36
CA ASP H 546 33.58 70.14 -13.95
C ASP H 546 33.40 70.71 -12.54
N VAL H 547 32.99 69.86 -11.61
CA VAL H 547 32.84 70.26 -10.21
C VAL H 547 33.67 69.30 -9.35
N ASP H 548 34.40 69.86 -8.40
CA ASP H 548 35.26 69.07 -7.52
C ASP H 548 34.51 68.79 -6.23
N LEU H 549 33.98 67.58 -6.11
CA LEU H 549 33.21 67.19 -4.92
C LEU H 549 34.16 66.97 -3.74
N PRO H 550 33.81 67.48 -2.55
CA PRO H 550 32.61 68.28 -2.25
C PRO H 550 32.78 69.76 -2.63
N GLY H 551 31.69 70.38 -3.06
CA GLY H 551 31.72 71.76 -3.51
C GLY H 551 30.87 72.67 -2.65
N PRO H 552 30.45 73.79 -3.21
CA PRO H 552 29.64 74.74 -2.43
C PRO H 552 28.22 74.26 -2.17
N GLN H 553 27.48 75.01 -1.36
CA GLN H 553 26.11 74.64 -1.04
C GLN H 553 25.19 74.68 -2.25
N ARG H 554 25.20 75.77 -2.97
CA ARG H 554 24.41 75.85 -4.19
C ARG H 554 25.15 75.14 -5.32
N PRO H 555 24.51 74.19 -6.00
CA PRO H 555 25.15 73.53 -7.15
C PRO H 555 25.42 74.54 -8.26
N PRO H 556 26.66 74.63 -8.74
CA PRO H 556 26.95 75.54 -9.84
C PRO H 556 26.31 75.07 -11.14
N GLU H 557 25.85 76.03 -11.92
CA GLU H 557 25.18 75.73 -13.18
C GLU H 557 26.21 75.29 -14.21
N ALA H 558 26.11 74.03 -14.63
CA ALA H 558 27.06 73.48 -15.59
C ALA H 558 26.36 72.40 -16.40
N MET H 559 26.95 72.08 -17.54
CA MET H 559 26.37 71.08 -18.43
C MET H 559 26.51 69.69 -17.80
N PRO H 560 25.43 68.92 -17.75
CA PRO H 560 25.48 67.61 -17.07
C PRO H 560 26.30 66.60 -17.85
N THR H 561 27.02 65.76 -17.10
CA THR H 561 27.79 64.65 -17.66
C THR H 561 27.37 63.37 -16.94
N VAL H 562 27.72 62.24 -17.54
CA VAL H 562 27.44 60.92 -16.97
C VAL H 562 28.71 60.44 -16.28
N ASN H 563 28.54 59.95 -15.06
CA ASN H 563 29.66 59.47 -14.25
C ASN H 563 29.35 58.08 -13.71
N ALA H 564 30.35 57.49 -13.08
CA ALA H 564 30.24 56.15 -12.51
C ALA H 564 30.67 56.18 -11.06
N THR H 565 30.19 55.21 -10.30
CA THR H 565 30.56 55.02 -8.92
C THR H 565 30.55 53.53 -8.61
N LEU H 566 31.64 53.04 -8.03
CA LEU H 566 31.80 51.63 -7.76
C LEU H 566 30.76 51.14 -6.74
N ARG H 567 30.00 50.12 -7.12
CA ARG H 567 29.08 49.45 -6.20
C ARG H 567 29.91 48.64 -5.24
N ILE H 568 30.08 49.13 -4.01
CA ILE H 568 30.94 48.43 -3.06
C ILE H 568 30.30 47.13 -2.62
N ILE H 569 29.02 47.19 -2.31
CA ILE H 569 28.33 46.10 -1.66
C ILE H 569 27.71 45.21 -2.74
N ASN H 570 27.46 43.95 -2.42
CA ASN H 570 26.64 43.14 -3.31
C ASN H 570 25.15 43.34 -3.06
N GLY H 571 24.78 43.95 -1.94
CA GLY H 571 23.41 44.30 -1.67
C GLY H 571 22.95 45.60 -2.29
N ASN H 572 23.88 46.37 -2.86
CA ASN H 572 23.50 47.60 -3.54
C ASN H 572 23.05 47.36 -4.97
N ILE H 573 23.08 46.12 -5.43
CA ILE H 573 22.44 45.77 -6.71
C ILE H 573 20.95 46.08 -6.60
N PRO H 574 20.33 46.68 -7.61
CA PRO H 574 18.91 47.05 -7.48
C PRO H 574 18.01 45.85 -7.26
N VAL H 575 16.99 46.07 -6.44
CA VAL H 575 16.03 45.06 -5.99
C VAL H 575 15.34 44.32 -7.15
N PRO H 576 14.92 44.97 -8.26
CA PRO H 576 14.42 44.17 -9.39
C PRO H 576 15.44 43.19 -9.97
N LEU H 577 16.74 43.44 -9.85
CA LEU H 577 17.70 42.49 -10.37
C LEU H 577 18.06 41.42 -9.34
N CYS H 578 18.22 41.80 -8.08
CA CYS H 578 18.48 40.86 -6.98
C CYS H 578 17.34 40.98 -5.99
N PRO H 579 16.40 40.04 -5.97
CA PRO H 579 15.13 40.28 -5.26
C PRO H 579 15.24 40.14 -3.75
N ILE H 580 14.10 40.25 -3.07
CA ILE H 580 14.05 40.12 -1.62
C ILE H 580 13.89 38.67 -1.20
N SER H 581 13.13 37.89 -1.97
CA SER H 581 12.95 36.48 -1.66
C SER H 581 14.25 35.71 -1.75
N PHE H 582 15.05 35.99 -2.78
CA PHE H 582 16.37 35.37 -2.90
C PHE H 582 17.27 35.78 -1.73
N ARG H 583 17.22 37.05 -1.35
CA ARG H 583 18.06 37.53 -0.25
C ARG H 583 17.69 36.85 1.06
N ASP H 584 16.38 36.65 1.29
CA ASP H 584 15.96 36.00 2.53
C ASP H 584 16.28 34.50 2.51
N CYS H 585 16.17 33.85 1.35
CA CYS H 585 16.57 32.44 1.28
C CYS H 585 18.08 32.28 1.49
N ARG H 586 18.87 33.21 0.96
CA ARG H 586 20.31 33.19 1.22
C ARG H 586 20.60 33.41 2.70
N GLY H 587 19.85 34.32 3.33
CA GLY H 587 20.01 34.53 4.77
C GLY H 587 19.62 33.32 5.60
N THR H 588 18.63 32.57 5.13
CA THR H 588 18.31 31.28 5.75
C THR H 588 19.48 30.33 5.60
N GLN H 589 20.14 30.33 4.44
CA GLN H 589 21.30 29.47 4.22
C GLN H 589 22.48 29.84 5.13
N LEU H 590 22.66 31.13 5.40
CA LEU H 590 23.70 31.56 6.34
C LEU H 590 23.42 31.06 7.74
N GLY H 591 22.22 31.29 8.26
CA GLY H 591 21.93 30.96 9.64
C GLY H 591 21.35 29.58 9.82
N LEU H 592 22.10 28.55 9.42
CA LEU H 592 21.59 27.18 9.52
C LEU H 592 21.68 26.68 10.96
N GLY H 593 22.90 26.59 11.49
CA GLY H 593 23.11 26.13 12.85
C GLY H 593 23.63 27.15 13.81
N ARG H 594 23.68 28.43 13.43
CA ARG H 594 24.27 29.44 14.30
C ARG H 594 23.28 29.90 15.35
N HIS H 595 23.70 30.87 16.15
CA HIS H 595 22.91 31.29 17.29
C HIS H 595 21.65 32.02 16.85
N THR H 596 20.54 31.70 17.50
CA THR H 596 19.26 32.35 17.27
C THR H 596 18.78 32.97 18.58
N MET H 597 17.95 33.99 18.45
CA MET H 597 17.43 34.71 19.61
C MET H 597 16.18 34.02 20.12
N THR H 598 16.11 33.83 21.42
CA THR H 598 14.94 33.22 22.04
C THR H 598 13.73 34.15 21.87
N PRO H 599 12.52 33.60 21.71
CA PRO H 599 11.36 34.46 21.39
C PRO H 599 11.00 35.47 22.46
N ALA H 600 11.41 35.25 23.72
CA ALA H 600 11.14 36.24 24.76
C ALA H 600 11.89 37.54 24.50
N THR H 601 13.17 37.43 24.11
CA THR H 601 13.95 38.62 23.81
C THR H 601 13.44 39.30 22.55
N ILE H 602 13.00 38.52 21.56
CA ILE H 602 12.43 39.08 20.34
C ILE H 602 11.18 39.89 20.65
N LYS H 603 10.30 39.33 21.48
CA LYS H 603 9.06 40.02 21.82
C LYS H 603 9.32 41.27 22.64
N ALA H 604 10.23 41.20 23.62
CA ALA H 604 10.52 42.36 24.45
C ALA H 604 11.18 43.49 23.65
N VAL H 605 12.16 43.15 22.81
CA VAL H 605 12.84 44.18 22.02
C VAL H 605 11.90 44.76 20.95
N LYS H 606 11.03 43.94 20.36
CA LYS H 606 10.07 44.47 19.40
C LYS H 606 9.07 45.39 20.07
N ASP H 607 8.67 45.06 21.31
CA ASP H 607 7.80 45.96 22.07
C ASP H 607 8.49 47.27 22.37
N THR H 608 9.77 47.23 22.76
CA THR H 608 10.44 48.47 23.12
C THR H 608 10.88 49.26 21.90
N PHE H 609 10.83 48.66 20.72
CA PHE H 609 11.09 49.43 19.50
C PHE H 609 9.81 50.00 18.90
N GLU H 610 8.69 49.31 19.08
CA GLU H 610 7.41 49.79 18.60
C GLU H 610 6.70 50.68 19.62
N ASP H 611 7.35 50.98 20.73
CA ASP H 611 6.76 51.79 21.78
C ASP H 611 6.78 53.26 21.37
N ARG H 612 5.64 53.93 21.52
CA ARG H 612 5.55 55.37 21.27
C ARG H 612 5.51 56.19 22.55
N ALA H 613 5.16 55.57 23.67
CA ALA H 613 5.17 56.23 24.98
C ALA H 613 6.48 56.03 25.71
N TYR H 614 7.59 55.89 24.99
CA TYR H 614 8.90 55.67 25.57
C TYR H 614 9.31 56.90 26.37
N PRO H 615 9.82 56.72 27.59
CA PRO H 615 10.15 57.88 28.42
C PRO H 615 11.36 58.63 27.86
N THR H 616 11.18 59.93 27.65
CA THR H 616 12.25 60.75 27.09
C THR H 616 13.39 60.98 28.07
N ILE H 617 13.16 60.73 29.37
CA ILE H 617 14.22 60.85 30.36
C ILE H 617 15.33 59.84 30.08
N PHE H 618 14.98 58.71 29.45
CA PHE H 618 16.00 57.78 28.95
C PHE H 618 16.87 58.45 27.90
N TYR H 619 16.27 59.22 26.99
CA TYR H 619 17.05 59.91 25.97
C TYR H 619 17.92 60.99 26.58
N MET H 620 17.39 61.71 27.59
CA MET H 620 18.21 62.71 28.28
C MET H 620 19.40 62.07 28.98
N LEU H 621 19.18 60.93 29.64
CA LEU H 621 20.26 60.25 30.34
C LEU H 621 21.31 59.73 29.37
N GLU H 622 20.87 59.18 28.23
CA GLU H 622 21.81 58.67 27.24
C GLU H 622 22.57 59.80 26.57
N ALA H 623 21.95 60.98 26.44
CA ALA H 623 22.64 62.12 25.85
C ALA H 623 23.64 62.74 26.81
N VAL H 624 23.29 62.81 28.10
CA VAL H 624 24.19 63.44 29.06
C VAL H 624 25.33 62.50 29.43
N ILE H 625 25.10 61.19 29.32
CA ILE H 625 26.15 60.25 29.68
C ILE H 625 27.16 60.13 28.55
N HIS H 626 26.70 60.35 27.30
CA HIS H 626 27.44 60.25 26.04
C HIS H 626 28.38 59.03 25.96
N GLY H 627 27.94 57.92 26.55
CA GLY H 627 28.64 56.66 26.43
C GLY H 627 30.06 56.61 26.97
N ASN H 628 30.27 57.11 28.18
CA ASN H 628 31.57 57.08 28.81
C ASN H 628 31.53 56.13 30.00
N GLU H 629 32.58 55.33 30.16
CA GLU H 629 32.61 54.32 31.22
C GLU H 629 32.66 54.96 32.60
N ARG H 630 33.44 56.05 32.74
CA ARG H 630 33.52 56.75 34.02
C ARG H 630 32.21 57.42 34.36
N ASN H 631 31.47 57.86 33.34
CA ASN H 631 30.14 58.42 33.60
C ASN H 631 29.12 57.33 33.90
N PHE H 632 29.28 56.15 33.29
CA PHE H 632 28.31 55.08 33.52
C PHE H 632 28.44 54.51 34.92
N CYS H 633 29.67 54.20 35.35
CA CYS H 633 29.83 53.56 36.65
C CYS H 633 29.62 54.52 37.80
N ALA H 634 29.49 55.82 37.54
CA ALA H 634 29.05 56.73 38.57
C ALA H 634 27.55 56.64 38.81
N LEU H 635 26.77 56.39 37.76
CA LEU H 635 25.32 56.45 37.80
C LEU H 635 24.68 55.09 38.00
N LEU H 636 25.36 54.16 38.69
CA LEU H 636 24.89 52.78 38.71
C LEU H 636 23.61 52.62 39.51
N ARG H 637 23.47 53.37 40.62
CA ARG H 637 22.24 53.30 41.40
C ARG H 637 21.05 53.84 40.63
N LEU H 638 21.22 55.02 40.01
CA LEU H 638 20.13 55.64 39.28
C LEU H 638 19.71 54.81 38.08
N LEU H 639 20.68 54.29 37.32
CA LEU H 639 20.36 53.49 36.14
C LEU H 639 19.76 52.15 36.53
N THR H 640 20.24 51.55 37.62
CA THR H 640 19.68 50.29 38.09
C THR H 640 18.22 50.47 38.52
N GLN H 641 17.95 51.52 39.30
CA GLN H 641 16.58 51.78 39.75
C GLN H 641 15.69 52.13 38.57
N CYS H 642 16.21 52.88 37.60
CA CYS H 642 15.38 53.27 36.45
C CYS H 642 15.06 52.09 35.55
N ILE H 643 16.03 51.20 35.33
CA ILE H 643 15.78 50.04 34.48
C ILE H 643 14.85 49.04 35.18
N ARG H 644 15.03 48.84 36.49
CA ARG H 644 14.12 47.97 37.23
C ARG H 644 12.72 48.56 37.30
N GLY H 645 12.61 49.89 37.36
CA GLY H 645 11.30 50.51 37.32
C GLY H 645 10.62 50.39 35.98
N TYR H 646 11.38 50.54 34.89
CA TYR H 646 10.80 50.43 33.57
C TYR H 646 10.47 49.00 33.19
N TRP H 647 11.21 48.01 33.72
CA TRP H 647 10.89 46.63 33.37
C TRP H 647 9.64 46.16 34.10
N GLU H 648 9.65 46.20 35.44
CA GLU H 648 8.50 45.67 36.17
C GLU H 648 7.35 46.66 36.27
N GLN H 649 7.02 47.32 35.17
CA GLN H 649 5.72 47.96 34.98
C GLN H 649 5.18 47.81 33.57
N SER H 650 6.01 47.53 32.57
CA SER H 650 5.51 47.31 31.21
C SER H 650 6.23 46.18 30.48
N HIS H 651 7.18 45.49 31.13
CA HIS H 651 7.91 44.35 30.58
C HIS H 651 8.63 44.70 29.28
N ARG H 652 9.25 45.87 29.24
CA ARG H 652 9.99 46.32 28.07
C ARG H 652 11.41 46.67 28.47
N VAL H 653 12.33 46.46 27.56
CA VAL H 653 13.76 46.63 27.83
C VAL H 653 14.19 48.04 27.45
N ALA H 654 14.84 48.73 28.38
CA ALA H 654 15.28 50.10 28.18
C ALA H 654 16.74 50.13 27.76
N PHE H 655 17.15 51.28 27.22
CA PHE H 655 18.52 51.56 26.78
C PHE H 655 19.00 50.58 25.71
N VAL H 656 18.21 50.40 24.66
CA VAL H 656 18.59 49.48 23.60
C VAL H 656 19.22 50.20 22.41
N ASN H 657 18.81 51.44 22.14
CA ASN H 657 19.24 52.12 20.92
C ASN H 657 20.72 52.48 20.96
N ASN H 658 21.28 52.69 22.14
CA ASN H 658 22.65 53.14 22.28
C ASN H 658 23.58 51.95 22.51
N PHE H 659 24.60 51.83 21.66
CA PHE H 659 25.47 50.67 21.76
C PHE H 659 26.43 50.75 22.94
N HIS H 660 26.90 51.95 23.29
CA HIS H 660 27.71 52.06 24.51
C HIS H 660 26.82 52.15 25.74
N MET H 661 25.79 51.33 25.81
CA MET H 661 25.00 51.05 26.99
C MET H 661 24.94 49.57 27.30
N LEU H 662 24.58 48.74 26.32
CA LEU H 662 24.37 47.33 26.61
C LEU H 662 25.66 46.56 26.82
N MET H 663 26.78 47.03 26.26
CA MET H 663 28.07 46.52 26.72
C MET H 663 28.29 46.85 28.18
N TYR H 664 28.00 48.10 28.56
CA TYR H 664 28.15 48.52 29.94
C TYR H 664 27.15 47.80 30.84
N ILE H 665 25.93 47.57 30.34
CA ILE H 665 24.92 46.88 31.13
C ILE H 665 25.32 45.43 31.36
N THR H 666 25.70 44.73 30.28
CA THR H 666 26.09 43.33 30.39
C THR H 666 27.37 43.16 31.18
N THR H 667 28.21 44.19 31.23
CA THR H 667 29.47 44.06 31.95
C THR H 667 29.32 44.41 33.43
N TYR H 668 28.74 45.57 33.75
CA TYR H 668 28.66 46.05 35.12
C TYR H 668 27.37 45.57 35.80
N LEU H 669 26.23 45.79 35.16
CA LEU H 669 24.95 45.39 35.75
C LEU H 669 24.54 44.01 35.28
N GLY H 670 25.41 43.03 35.43
CA GLY H 670 25.12 41.70 34.95
C GLY H 670 25.40 40.63 35.98
N ASN H 671 25.72 41.05 37.19
CA ASN H 671 26.11 40.12 38.24
C ASN H 671 24.99 39.84 39.24
N GLY H 672 23.84 40.47 39.09
CA GLY H 672 22.73 40.20 39.99
C GLY H 672 21.99 41.43 40.43
N GLU H 673 22.43 42.61 40.00
CA GLU H 673 21.74 43.84 40.35
C GLU H 673 20.39 43.93 39.63
N LEU H 674 20.38 43.66 38.34
CA LEU H 674 19.13 43.55 37.59
C LEU H 674 18.49 42.19 37.87
N PRO H 675 17.19 42.04 37.61
CA PRO H 675 16.58 40.72 37.73
C PRO H 675 17.11 39.75 36.68
N GLU H 676 16.74 38.47 36.86
CA GLU H 676 17.27 37.39 36.04
C GLU H 676 16.92 37.54 34.56
N VAL H 677 15.72 38.01 34.24
CA VAL H 677 15.24 37.98 32.86
C VAL H 677 15.83 39.12 32.03
N CYS H 678 16.06 40.29 32.64
CA CYS H 678 16.57 41.44 31.89
C CYS H 678 17.98 41.19 31.36
N ILE H 679 18.87 40.72 32.25
CA ILE H 679 20.25 40.48 31.85
C ILE H 679 20.34 39.34 30.86
N ASN H 680 19.38 38.41 30.90
CA ASN H 680 19.32 37.38 29.87
C ASN H 680 18.99 37.97 28.51
N ILE H 681 18.10 38.98 28.48
CA ILE H 681 17.76 39.63 27.21
C ILE H 681 18.96 40.39 26.67
N TYR H 682 19.65 41.14 27.53
CA TYR H 682 20.84 41.88 27.11
C TYR H 682 21.95 40.94 26.65
N ARG H 683 22.18 39.85 27.39
CA ARG H 683 23.21 38.89 27.01
C ARG H 683 22.84 38.18 25.72
N ASP H 684 21.55 37.94 25.48
CA ASP H 684 21.13 37.33 24.23
C ASP H 684 21.38 38.24 23.04
N LEU H 685 21.10 39.54 23.20
CA LEU H 685 21.39 40.49 22.12
C LEU H 685 22.88 40.55 21.82
N LEU H 686 23.70 40.63 22.86
CA LEU H 686 25.15 40.67 22.66
C LEU H 686 25.67 39.38 22.05
N GLN H 687 25.09 38.24 22.45
CA GLN H 687 25.53 36.97 21.90
C GLN H 687 25.15 36.83 20.44
N HIS H 688 24.00 37.39 20.05
CA HIS H 688 23.64 37.39 18.64
C HIS H 688 24.59 38.26 17.82
N VAL H 689 25.01 39.40 18.38
CA VAL H 689 25.97 40.26 17.70
C VAL H 689 27.30 39.53 17.50
N ARG H 690 27.77 38.84 18.55
CA ARG H 690 29.02 38.11 18.44
C ARG H 690 28.91 36.91 17.51
N ALA H 691 27.74 36.28 17.42
CA ALA H 691 27.55 35.19 16.48
C ALA H 691 27.57 35.69 15.04
N LEU H 692 27.03 36.89 14.80
CA LEU H 692 27.14 37.48 13.46
C LEU H 692 28.59 37.79 13.11
N ARG H 693 29.37 38.26 14.09
CA ARG H 693 30.79 38.49 13.85
C ARG H 693 31.52 37.19 13.52
N GLN H 694 31.19 36.11 14.24
CA GLN H 694 31.78 34.81 13.95
C GLN H 694 31.38 34.31 12.57
N THR H 695 30.16 34.62 12.14
CA THR H 695 29.72 34.24 10.79
C THR H 695 30.53 34.99 9.73
N ILE H 696 30.81 36.28 9.96
CA ILE H 696 31.66 37.02 9.02
C ILE H 696 33.06 36.43 8.95
N THR H 697 33.62 36.06 10.11
CA THR H 697 34.94 35.45 10.10
C THR H 697 34.94 34.08 9.41
N ASP H 698 33.83 33.33 9.55
CA ASP H 698 33.77 31.95 9.06
C ASP H 698 33.83 31.89 7.54
N PHE H 699 33.15 32.81 6.87
CA PHE H 699 33.02 32.74 5.42
C PHE H 699 34.13 33.47 4.66
N THR H 700 35.13 34.00 5.36
CA THR H 700 36.28 34.62 4.72
C THR H 700 37.53 33.81 5.02
N ILE H 701 38.52 33.93 4.14
CA ILE H 701 39.73 33.11 4.18
C ILE H 701 40.87 33.97 4.69
N GLN H 702 41.50 33.53 5.77
CA GLN H 702 42.56 34.30 6.41
C GLN H 702 43.86 34.18 5.63
N GLY H 703 44.80 35.08 5.95
CA GLY H 703 46.14 35.03 5.41
C GLY H 703 46.35 35.75 4.10
N GLU H 704 45.31 36.35 3.52
CA GLU H 704 45.46 37.09 2.26
C GLU H 704 45.24 38.56 2.56
N GLY H 705 46.30 39.24 2.96
CA GLY H 705 46.21 40.64 3.30
C GLY H 705 47.10 41.50 2.43
N HIS H 706 46.52 42.48 1.76
CA HIS H 706 47.23 43.29 0.78
C HIS H 706 47.32 44.74 1.24
N ASN H 707 48.55 45.24 1.33
CA ASN H 707 48.85 46.65 1.64
C ASN H 707 48.27 47.07 2.99
N GLY H 708 48.49 46.24 4.00
CA GLY H 708 48.11 46.59 5.36
C GLY H 708 46.61 46.52 5.63
N GLU H 709 45.88 45.81 4.78
CA GLU H 709 44.44 45.59 4.97
C GLU H 709 44.24 44.10 5.20
N THR H 710 43.57 43.75 6.30
CA THR H 710 43.32 42.35 6.60
C THR H 710 42.27 41.77 5.65
N SER H 711 42.17 40.44 5.66
CA SER H 711 41.27 39.76 4.74
C SER H 711 39.81 40.06 5.04
N GLU H 712 39.47 40.23 6.32
CA GLU H 712 38.12 40.60 6.69
C GLU H 712 37.76 41.98 6.13
N ALA H 713 38.73 42.90 6.13
CA ALA H 713 38.47 44.23 5.60
C ALA H 713 38.29 44.21 4.09
N LEU H 714 38.99 43.31 3.39
CA LEU H 714 38.78 43.19 1.95
C LEU H 714 37.48 42.50 1.61
N ASN H 715 37.03 41.55 2.42
CA ASN H 715 35.84 40.78 2.12
C ASN H 715 34.55 41.46 2.59
N ASN H 716 34.54 41.93 3.84
CA ASN H 716 33.33 42.51 4.41
C ASN H 716 33.56 43.97 4.76
N ILE H 717 32.45 44.66 5.05
CA ILE H 717 32.47 46.07 5.42
C ILE H 717 32.35 46.26 6.93
N LEU H 718 31.53 45.43 7.59
CA LEU H 718 31.37 45.52 9.03
C LEU H 718 32.67 45.20 9.78
N THR H 719 33.63 44.56 9.13
CA THR H 719 34.96 44.39 9.67
C THR H 719 35.99 45.31 9.04
N ASP H 720 35.56 46.26 8.21
CA ASP H 720 36.47 47.22 7.60
C ASP H 720 36.58 48.43 8.50
N ASP H 721 37.82 48.83 8.81
CA ASP H 721 38.02 49.94 9.73
C ASP H 721 37.86 51.29 9.06
N THR H 722 37.82 51.33 7.72
CA THR H 722 37.54 52.57 7.02
C THR H 722 36.11 53.03 7.26
N PHE H 723 35.15 52.10 7.22
CA PHE H 723 33.74 52.42 7.41
C PHE H 723 33.47 52.63 8.89
N ILE H 724 32.62 53.62 9.21
CA ILE H 724 32.39 54.00 10.59
C ILE H 724 30.90 53.90 10.91
N ALA H 725 30.62 53.83 12.21
CA ALA H 725 29.26 53.73 12.73
C ALA H 725 28.48 55.00 12.40
N PRO H 726 27.15 54.92 12.29
CA PRO H 726 26.36 56.12 12.00
C PRO H 726 26.42 57.18 13.07
N ILE H 727 26.54 56.81 14.34
CA ILE H 727 26.76 57.77 15.42
C ILE H 727 28.01 57.39 16.17
N LEU H 728 28.74 58.39 16.65
CA LEU H 728 29.96 58.19 17.40
C LEU H 728 29.85 58.87 18.75
N TRP H 729 30.32 58.19 19.79
CA TRP H 729 30.41 58.79 21.12
C TRP H 729 31.84 59.12 21.52
N ASP H 730 32.82 58.38 21.00
CA ASP H 730 34.23 58.63 21.25
C ASP H 730 34.94 58.86 19.94
N CYS H 731 36.16 59.38 20.04
CA CYS H 731 36.96 59.69 18.87
C CYS H 731 37.82 58.52 18.41
N ASP H 732 37.68 57.36 19.04
CA ASP H 732 38.58 56.24 18.73
C ASP H 732 38.32 55.64 17.36
N ALA H 733 37.07 55.67 16.89
CA ALA H 733 36.76 55.13 15.56
C ALA H 733 37.47 55.92 14.47
N LEU H 734 37.54 57.24 14.63
CA LEU H 734 38.29 58.06 13.69
C LEU H 734 39.79 57.79 13.78
N ILE H 735 40.28 57.46 14.97
CA ILE H 735 41.69 57.09 15.14
C ILE H 735 42.01 55.82 14.36
N TYR H 736 41.16 54.80 14.52
CA TYR H 736 41.41 53.54 13.83
C TYR H 736 41.18 53.66 12.33
N ARG H 737 40.29 54.56 11.91
CA ARG H 737 40.09 54.79 10.49
C ARG H 737 41.29 55.51 9.87
N ASP H 738 41.83 56.52 10.58
CA ASP H 738 42.97 57.27 10.05
C ASP H 738 44.25 56.45 10.12
N GLU H 739 44.28 55.43 10.98
CA GLU H 739 45.47 54.58 11.04
C GLU H 739 45.38 53.42 10.06
N ALA H 740 44.23 52.75 9.99
CA ALA H 740 44.16 51.48 9.28
C ALA H 740 44.13 51.66 7.77
N ALA H 741 43.59 52.78 7.29
CA ALA H 741 43.52 52.96 5.84
C ALA H 741 44.90 53.30 5.28
N ARG H 742 45.40 54.50 5.59
CA ARG H 742 46.81 54.90 5.51
C ARG H 742 47.38 54.92 4.08
N ASP H 743 46.64 54.41 3.11
CA ASP H 743 47.03 54.46 1.71
C ASP H 743 45.91 54.97 0.83
N ARG H 744 44.67 54.58 1.11
CA ARG H 744 43.51 55.16 0.46
C ARG H 744 43.34 56.57 0.98
N LEU H 745 43.43 57.56 0.08
CA LEU H 745 43.52 58.98 0.38
C LEU H 745 42.35 59.46 1.22
N PRO H 746 42.56 59.74 2.51
CA PRO H 746 41.45 60.11 3.38
C PRO H 746 41.24 61.62 3.46
N ALA H 747 40.02 61.99 3.82
CA ALA H 747 39.68 63.38 4.05
C ALA H 747 38.48 63.44 4.98
N ILE H 748 38.63 64.17 6.09
CA ILE H 748 37.57 64.34 7.07
C ILE H 748 37.18 65.81 7.08
N ARG H 749 35.88 66.09 7.12
CA ARG H 749 35.38 67.45 7.19
C ARG H 749 34.45 67.57 8.39
N VAL H 750 34.94 68.17 9.46
CA VAL H 750 34.18 68.27 10.71
C VAL H 750 33.81 69.74 10.88
N SER H 751 32.63 70.10 10.37
CA SER H 751 32.04 71.43 10.51
C SER H 751 32.95 72.52 9.97
N GLY H 752 33.20 72.47 8.67
CA GLY H 752 34.07 73.44 8.04
C GLY H 752 35.46 72.92 7.72
N ARG H 753 36.42 73.23 8.58
CA ARG H 753 37.82 72.90 8.33
C ARG H 753 38.05 71.40 8.35
N ASN H 754 39.15 70.99 7.72
CA ASN H 754 39.51 69.58 7.60
C ASN H 754 40.32 69.14 8.80
N GLY H 755 40.00 67.96 9.32
CA GLY H 755 40.70 67.40 10.45
C GLY H 755 40.04 67.75 11.78
N TYR H 756 40.28 66.88 12.76
CA TYR H 756 39.74 67.03 14.10
C TYR H 756 40.88 67.39 15.06
N GLN H 757 40.51 67.73 16.30
CA GLN H 757 41.49 68.17 17.27
C GLN H 757 41.52 67.33 18.54
N ALA H 758 40.35 66.83 18.98
CA ALA H 758 40.22 65.88 20.08
C ALA H 758 40.77 66.42 21.40
N LEU H 759 40.11 67.47 21.90
CA LEU H 759 40.41 68.04 23.21
C LEU H 759 39.32 67.55 24.16
N HIS H 760 39.72 66.82 25.20
CA HIS H 760 38.79 66.18 26.11
C HIS H 760 38.68 66.95 27.42
N PHE H 761 37.77 66.47 28.29
CA PHE H 761 37.63 66.90 29.68
C PHE H 761 37.32 68.40 29.78
N VAL H 762 36.13 68.76 29.30
CA VAL H 762 35.63 70.13 29.43
C VAL H 762 34.77 70.20 30.69
N ASP H 763 35.03 71.23 31.50
CA ASP H 763 34.34 71.46 32.76
C ASP H 763 33.37 72.63 32.65
N MET H 764 32.86 73.09 33.79
CA MET H 764 32.08 74.32 33.86
C MET H 764 32.87 75.55 33.44
N ALA H 765 34.20 75.52 33.57
CA ALA H 765 35.00 76.69 33.25
C ALA H 765 34.95 77.01 31.77
N GLY H 766 35.12 76.00 30.92
CA GLY H 766 35.24 76.22 29.50
C GLY H 766 34.29 75.43 28.62
N HIS H 767 33.01 75.33 28.99
CA HIS H 767 32.10 74.46 28.25
C HIS H 767 31.85 74.98 26.84
N ASN H 768 31.48 76.26 26.69
CA ASN H 768 31.38 76.97 25.42
C ASN H 768 30.47 76.25 24.42
N PHE H 769 29.17 76.26 24.75
CA PHE H 769 28.18 75.52 23.97
C PHE H 769 28.08 76.05 22.54
N GLN H 770 28.21 77.36 22.36
CA GLN H 770 28.17 77.96 21.02
C GLN H 770 29.55 77.99 20.39
N ARG H 771 30.15 76.81 20.20
CA ARG H 771 31.48 76.72 19.61
C ARG H 771 31.38 76.53 18.11
N ARG H 772 32.15 77.30 17.35
CA ARG H 772 32.21 77.19 15.90
C ARG H 772 33.49 76.52 15.41
N ASP H 773 34.20 75.83 16.30
CA ASP H 773 35.53 75.29 16.01
C ASP H 773 35.35 73.79 15.70
N ASN H 774 36.41 73.12 15.23
CA ASN H 774 36.34 71.71 14.89
C ASN H 774 36.97 70.84 15.98
N VAL H 775 36.75 71.22 17.23
CA VAL H 775 37.26 70.47 18.37
C VAL H 775 36.22 69.48 18.83
N LEU H 776 36.59 68.20 18.88
CA LEU H 776 35.72 67.13 19.34
C LEU H 776 36.09 66.74 20.76
N ILE H 777 35.10 66.23 21.51
CA ILE H 777 35.31 65.84 22.89
C ILE H 777 35.59 64.34 22.94
N HIS H 778 36.72 63.96 23.52
CA HIS H 778 37.10 62.55 23.55
C HIS H 778 36.60 61.86 24.81
N GLY H 779 36.49 62.58 25.91
CA GLY H 779 36.05 61.99 27.15
C GLY H 779 37.20 61.74 28.12
N ARG H 780 36.89 61.63 29.40
CA ARG H 780 37.92 61.41 30.41
C ARG H 780 38.47 60.00 30.25
N PRO H 781 39.79 59.81 30.19
CA PRO H 781 40.34 58.47 29.97
C PRO H 781 40.08 57.55 31.14
N VAL H 782 40.02 56.26 30.83
CA VAL H 782 39.61 55.25 31.81
C VAL H 782 40.69 55.04 32.88
N ARG H 783 41.95 55.04 32.47
CA ARG H 783 43.06 54.81 33.39
C ARG H 783 44.22 55.73 33.05
N GLY H 784 44.22 56.91 33.67
CA GLY H 784 45.34 57.81 33.46
C GLY H 784 45.01 59.21 33.92
N ASP H 785 45.87 60.14 33.53
CA ASP H 785 45.67 61.56 33.76
C ASP H 785 45.43 62.27 32.44
N THR H 786 44.49 63.22 32.46
CA THR H 786 44.05 63.91 31.24
C THR H 786 45.14 64.78 30.65
N GLY H 787 45.55 65.83 31.36
CA GLY H 787 46.59 66.73 30.92
C GLY H 787 46.22 67.52 29.67
N GLN H 788 47.25 68.08 29.04
CA GLN H 788 47.08 68.76 27.77
C GLN H 788 48.07 68.29 26.71
N ALA H 789 49.32 68.03 27.10
CA ALA H 789 50.32 67.62 26.13
C ALA H 789 50.27 66.12 25.85
N ILE H 790 49.50 65.38 26.63
CA ILE H 790 49.37 63.93 26.46
C ILE H 790 48.50 63.64 25.24
N PRO H 791 48.96 62.87 24.27
CA PRO H 791 48.16 62.63 23.06
C PRO H 791 47.01 61.67 23.32
N ILE H 792 46.04 61.72 22.40
CA ILE H 792 44.80 60.98 22.56
C ILE H 792 45.01 59.50 22.26
N THR H 793 44.58 58.65 23.18
CA THR H 793 44.63 57.21 23.02
C THR H 793 43.22 56.66 22.91
N PRO H 794 43.02 55.59 22.13
CA PRO H 794 41.69 54.98 22.02
C PRO H 794 41.26 54.33 23.32
N HIS H 795 39.98 54.53 23.67
CA HIS H 795 39.47 53.99 24.93
C HIS H 795 39.36 52.48 24.90
N HIS H 796 38.89 51.93 23.78
CA HIS H 796 38.50 50.54 23.71
C HIS H 796 39.23 49.85 22.57
N ASP H 797 39.10 48.53 22.53
CA ASP H 797 39.80 47.72 21.54
C ASP H 797 39.17 47.92 20.16
N ARG H 798 39.84 47.38 19.14
CA ARG H 798 39.38 47.54 17.76
C ARG H 798 38.10 46.73 17.52
N GLU H 799 37.94 45.60 18.21
CA GLU H 799 36.75 44.77 18.04
C GLU H 799 35.49 45.46 18.51
N TRP H 800 35.62 46.46 19.41
CA TRP H 800 34.48 47.26 19.80
C TRP H 800 33.89 48.00 18.61
N GLY H 801 34.74 48.49 17.71
CA GLY H 801 34.24 49.12 16.50
C GLY H 801 33.50 48.14 15.60
N ILE H 802 33.99 46.90 15.50
CA ILE H 802 33.34 45.89 14.69
C ILE H 802 31.97 45.54 15.26
N LEU H 803 31.89 45.38 16.58
CA LEU H 803 30.61 45.06 17.21
C LEU H 803 29.64 46.22 17.10
N SER H 804 30.12 47.46 17.21
CA SER H 804 29.25 48.61 17.06
C SER H 804 28.70 48.71 15.65
N LYS H 805 29.55 48.49 14.64
CA LYS H 805 29.09 48.53 13.26
C LYS H 805 28.08 47.44 12.98
N ILE H 806 28.34 46.23 13.48
CA ILE H 806 27.43 45.11 13.29
C ILE H 806 26.09 45.40 13.94
N TYR H 807 26.12 45.94 15.17
CA TYR H 807 24.89 46.24 15.89
C TYR H 807 24.07 47.31 15.16
N TYR H 808 24.70 48.45 14.85
CA TYR H 808 23.96 49.57 14.27
C TYR H 808 23.49 49.28 12.85
N TYR H 809 24.17 48.39 12.12
CA TYR H 809 23.79 48.15 10.74
C TYR H 809 23.04 46.84 10.53
N ILE H 810 22.87 46.03 11.57
CA ILE H 810 22.09 44.82 11.42
C ILE H 810 20.94 44.80 12.42
N VAL H 811 21.25 44.89 13.71
CA VAL H 811 20.25 44.57 14.73
C VAL H 811 19.25 45.71 14.86
N ILE H 812 19.72 46.96 14.87
CA ILE H 812 18.80 48.10 14.93
C ILE H 812 17.88 48.21 13.72
N PRO H 813 18.35 48.12 12.46
CA PRO H 813 17.38 48.19 11.36
C PRO H 813 16.56 46.92 11.17
N ALA H 814 16.97 45.78 11.74
CA ALA H 814 16.10 44.61 11.66
C ALA H 814 14.91 44.72 12.59
N PHE H 815 15.07 45.39 13.72
CA PHE H 815 13.97 45.57 14.65
C PHE H 815 13.14 46.80 14.33
N SER H 816 13.79 47.95 14.12
CA SER H 816 13.05 49.18 13.90
C SER H 816 12.39 49.21 12.53
N ARG H 817 13.04 48.60 11.53
CA ARG H 817 12.57 48.51 10.15
C ARG H 817 12.30 49.89 9.55
N GLY H 818 13.34 50.72 9.57
CA GLY H 818 13.27 52.01 8.92
C GLY H 818 12.41 53.04 9.60
N SER H 819 12.01 52.80 10.85
CA SER H 819 11.24 53.77 11.60
C SER H 819 12.10 54.67 12.47
N CYS H 820 13.26 54.20 12.92
CA CYS H 820 14.12 55.00 13.77
C CYS H 820 14.89 56.03 12.95
N CYS H 821 15.22 57.14 13.60
CA CYS H 821 15.89 58.27 12.96
C CYS H 821 17.03 58.75 13.85
N THR H 822 18.15 59.10 13.23
CA THR H 822 19.31 59.58 13.97
C THR H 822 19.23 61.09 14.14
N MET H 823 19.28 61.56 15.37
CA MET H 823 19.18 62.98 15.65
C MET H 823 20.31 63.47 16.54
N GLY H 824 20.65 64.73 16.35
CA GLY H 824 21.53 65.44 17.25
C GLY H 824 20.73 66.08 18.36
N VAL H 825 21.42 66.44 19.43
CA VAL H 825 20.78 66.91 20.65
C VAL H 825 21.06 68.39 20.83
N ARG H 826 20.23 69.03 21.65
CA ARG H 826 20.38 70.44 22.02
C ARG H 826 20.86 70.46 23.46
N TYR H 827 22.17 70.64 23.65
CA TYR H 827 22.71 70.65 25.00
C TYR H 827 22.42 71.95 25.73
N ASP H 828 22.33 73.07 25.01
CA ASP H 828 22.12 74.36 25.64
C ASP H 828 20.74 74.49 26.27
N ARG H 829 19.77 73.69 25.82
CA ARG H 829 18.48 73.62 26.49
C ARG H 829 18.38 72.45 27.45
N LEU H 830 19.31 71.50 27.39
CA LEU H 830 19.24 70.31 28.21
C LEU H 830 19.97 70.49 29.54
N TYR H 831 21.18 71.03 29.50
CA TYR H 831 21.99 71.15 30.72
C TYR H 831 21.40 72.10 31.77
N PRO H 832 20.87 73.29 31.44
CA PRO H 832 20.15 74.05 32.48
C PRO H 832 18.87 73.38 32.93
N ALA H 833 18.30 72.47 32.14
CA ALA H 833 17.12 71.72 32.54
C ALA H 833 17.45 70.48 33.34
N LEU H 834 18.69 70.34 33.81
CA LEU H 834 19.13 69.18 34.56
C LEU H 834 19.63 69.55 35.95
N GLN H 835 19.86 70.83 36.22
CA GLN H 835 20.43 71.29 37.48
C GLN H 835 19.39 71.35 38.60
N ALA H 836 18.11 71.20 38.27
CA ALA H 836 17.02 71.44 39.21
C ALA H 836 16.57 70.13 39.81
N VAL H 837 17.13 69.76 40.96
CA VAL H 837 16.66 68.63 41.74
C VAL H 837 16.05 69.16 43.02
N ILE H 838 15.04 68.47 43.53
CA ILE H 838 14.28 68.95 44.68
C ILE H 838 14.46 67.91 45.78
N VAL H 839 15.68 67.37 45.87
CA VAL H 839 15.96 66.41 46.94
C VAL H 839 15.92 67.13 48.28
N PRO H 840 15.05 66.73 49.21
CA PRO H 840 14.89 67.48 50.46
C PRO H 840 16.06 67.23 51.41
N GLU H 841 16.17 68.11 52.40
CA GLU H 841 17.20 68.00 53.42
C GLU H 841 16.71 67.02 54.47
N ILE H 842 17.07 65.75 54.31
CA ILE H 842 16.62 64.70 55.24
C ILE H 842 17.32 64.90 56.58
N PRO H 843 16.60 64.84 57.70
CA PRO H 843 17.24 65.01 59.01
C PRO H 843 18.14 63.83 59.34
N ALA H 844 19.14 64.11 60.18
CA ALA H 844 20.03 63.07 60.65
C ALA H 844 19.30 62.14 61.62
N ASP H 845 19.84 60.94 61.76
CA ASP H 845 19.24 59.84 62.54
C ASP H 845 17.84 59.51 62.06
N GLU H 846 17.62 59.63 60.75
CA GLU H 846 16.35 59.29 60.12
C GLU H 846 16.63 58.44 58.89
N GLU H 847 15.71 57.53 58.59
CA GLU H 847 15.90 56.56 57.52
C GLU H 847 15.51 57.17 56.17
N ALA H 848 16.16 56.69 55.12
CA ALA H 848 15.90 57.19 53.78
C ALA H 848 14.53 56.73 53.29
N PRO H 849 13.71 57.63 52.74
CA PRO H 849 12.41 57.20 52.21
C PRO H 849 12.56 56.42 50.92
N THR H 850 11.75 55.36 50.78
CA THR H 850 11.72 54.56 49.57
C THR H 850 10.41 54.71 48.82
N THR H 851 9.29 54.42 49.47
CA THR H 851 7.99 54.60 48.85
C THR H 851 7.68 56.09 48.72
N PRO H 852 6.95 56.50 47.67
CA PRO H 852 6.70 57.93 47.47
C PRO H 852 5.48 58.48 48.19
N GLU H 853 4.85 57.72 49.09
CA GLU H 853 3.67 58.22 49.78
C GLU H 853 4.00 59.15 50.93
N ASP H 854 5.20 59.06 51.49
CA ASP H 854 5.59 59.93 52.59
C ASP H 854 6.05 61.29 52.07
N PRO H 855 5.93 62.34 52.88
CA PRO H 855 6.43 63.66 52.44
C PRO H 855 7.94 63.76 52.33
N ARG H 856 8.69 62.79 52.84
CA ARG H 856 10.15 62.85 52.76
C ARG H 856 10.68 62.45 51.39
N HIS H 857 9.87 61.83 50.54
CA HIS H 857 10.35 61.35 49.26
C HIS H 857 10.46 62.50 48.25
N PRO H 858 11.44 62.43 47.34
CA PRO H 858 11.52 63.44 46.27
C PRO H 858 10.32 63.49 45.35
N LEU H 859 9.67 62.35 45.09
CA LEU H 859 8.57 62.29 44.14
C LEU H 859 7.20 62.48 44.78
N HIS H 860 7.14 62.80 46.07
CA HIS H 860 5.86 63.17 46.67
C HIS H 860 5.41 64.51 46.10
N ALA H 861 4.10 64.75 46.12
CA ALA H 861 3.55 65.97 45.54
C ALA H 861 4.00 67.23 46.28
N HIS H 862 4.41 67.09 47.55
CA HIS H 862 4.95 68.22 48.29
C HIS H 862 6.27 68.71 47.69
N GLN H 863 7.12 67.77 47.27
CA GLN H 863 8.40 68.09 46.65
C GLN H 863 8.35 67.89 45.14
N LEU H 864 7.23 68.23 44.51
CA LEU H 864 7.04 68.11 43.08
C LEU H 864 6.68 69.50 42.56
N VAL H 865 7.70 70.31 42.30
CA VAL H 865 7.53 71.67 41.80
C VAL H 865 7.60 71.58 40.29
N PRO H 866 6.90 72.44 39.53
CA PRO H 866 7.07 72.44 38.08
C PRO H 866 8.48 72.82 37.66
N ASN H 867 8.88 72.30 36.49
CA ASN H 867 10.16 72.59 35.84
C ASN H 867 11.36 72.15 36.69
N SER H 868 11.44 70.84 36.92
CA SER H 868 12.56 70.23 37.61
C SER H 868 12.79 68.84 37.04
N LEU H 869 13.73 68.10 37.62
CA LEU H 869 13.88 66.70 37.21
C LEU H 869 12.82 65.82 37.84
N ASN H 870 12.21 66.26 38.93
CA ASN H 870 11.20 65.45 39.59
C ASN H 870 9.96 65.31 38.72
N VAL H 871 9.58 66.36 38.02
CA VAL H 871 8.46 66.25 37.09
C VAL H 871 8.84 65.39 35.88
N TYR H 872 10.12 65.39 35.49
CA TYR H 872 10.55 64.51 34.41
C TYR H 872 10.46 63.05 34.80
N PHE H 873 10.83 62.73 36.03
CA PHE H 873 10.76 61.34 36.47
C PHE H 873 9.34 60.92 36.79
N HIS H 874 8.50 61.85 37.28
CA HIS H 874 7.12 61.53 37.58
C HIS H 874 6.25 61.46 36.33
N ASN H 875 6.68 62.10 35.24
CA ASN H 875 5.96 61.93 33.98
C ASN H 875 6.10 60.52 33.44
N ALA H 876 7.22 59.87 33.74
CA ALA H 876 7.47 58.50 33.31
C ALA H 876 7.07 57.47 34.35
N HIS H 877 6.56 57.92 35.51
CA HIS H 877 6.10 57.04 36.60
C HIS H 877 7.20 56.09 37.08
N LEU H 878 8.41 56.61 37.20
CA LEU H 878 9.56 55.84 37.65
C LEU H 878 10.03 56.36 39.00
N THR H 879 10.26 55.43 39.94
CA THR H 879 10.60 55.78 41.31
C THR H 879 12.11 55.68 41.52
N VAL H 880 12.71 56.74 42.06
CA VAL H 880 14.12 56.80 42.40
C VAL H 880 14.27 57.35 43.81
N ASP H 881 15.48 57.21 44.35
CA ASP H 881 15.76 57.68 45.69
C ASP H 881 16.38 59.08 45.66
N GLY H 882 16.80 59.56 46.82
CA GLY H 882 17.39 60.89 46.89
C GLY H 882 18.79 60.93 46.30
N ASP H 883 19.63 59.97 46.68
CA ASP H 883 21.02 59.95 46.20
C ASP H 883 21.10 59.63 44.71
N ALA H 884 20.11 58.89 44.18
CA ALA H 884 20.07 58.63 42.74
C ALA H 884 19.90 59.92 41.97
N LEU H 885 19.08 60.85 42.47
CA LEU H 885 18.99 62.16 41.85
C LEU H 885 20.19 63.02 42.18
N LEU H 886 20.81 62.82 43.34
CA LEU H 886 21.95 63.62 43.74
C LEU H 886 23.22 63.26 42.98
N THR H 887 23.25 62.10 42.34
CA THR H 887 24.42 61.65 41.59
C THR H 887 24.62 62.44 40.29
N LEU H 888 23.60 63.18 39.84
CA LEU H 888 23.69 63.90 38.58
C LEU H 888 24.71 65.04 38.63
N GLN H 889 24.85 65.71 39.77
CA GLN H 889 25.83 66.77 39.86
C GLN H 889 27.26 66.22 39.95
N GLU H 890 27.43 64.97 40.36
CA GLU H 890 28.74 64.35 40.24
C GLU H 890 29.00 63.90 38.80
N LEU H 891 27.92 63.52 38.10
CA LEU H 891 28.00 63.29 36.66
C LEU H 891 28.41 64.55 35.90
N MET H 892 27.94 65.70 36.37
CA MET H 892 27.90 66.97 35.65
C MET H 892 29.30 67.47 35.30
N GLY H 893 30.33 67.04 36.04
CA GLY H 893 31.67 67.56 35.83
C GLY H 893 32.27 67.24 34.47
N ASP H 894 31.84 66.12 33.88
CA ASP H 894 32.22 65.76 32.51
C ASP H 894 31.02 66.00 31.61
N MET H 895 31.22 66.68 30.50
CA MET H 895 30.12 67.08 29.65
C MET H 895 30.49 66.93 28.18
N ALA H 896 29.47 67.11 27.34
CA ALA H 896 29.64 67.23 25.90
C ALA H 896 29.12 68.59 25.47
N GLU H 897 29.88 69.28 24.62
CA GLU H 897 29.51 70.65 24.25
C GLU H 897 28.33 70.65 23.29
N ARG H 898 28.51 70.06 22.11
CA ARG H 898 27.48 70.09 21.08
C ARG H 898 27.71 68.95 20.12
N THR H 899 26.67 68.60 19.37
CA THR H 899 26.80 67.59 18.33
C THR H 899 27.26 68.23 17.03
N THR H 900 27.88 67.43 16.17
CA THR H 900 28.42 67.91 14.92
C THR H 900 28.39 66.80 13.88
N ALA H 901 28.46 67.20 12.62
CA ALA H 901 28.35 66.28 11.49
C ALA H 901 29.74 66.01 10.93
N ILE H 902 30.11 64.75 10.84
CA ILE H 902 31.41 64.33 10.33
C ILE H 902 31.21 63.67 8.98
N LEU H 903 31.88 64.20 7.97
CA LEU H 903 31.85 63.62 6.63
C LEU H 903 33.23 63.05 6.35
N VAL H 904 33.32 61.72 6.29
CA VAL H 904 34.58 61.05 5.97
C VAL H 904 34.51 60.60 4.52
N SER H 905 35.69 60.48 3.91
CA SER H 905 35.78 60.08 2.51
C SER H 905 37.00 59.21 2.33
N SER H 906 36.94 58.32 1.35
CA SER H 906 38.07 57.43 1.11
C SER H 906 38.07 56.98 -0.34
N ALA H 907 39.28 56.69 -0.83
CA ALA H 907 39.46 55.97 -2.07
C ALA H 907 39.01 54.52 -1.89
N PRO H 908 38.62 53.84 -2.97
CA PRO H 908 38.24 52.42 -2.81
C PRO H 908 39.44 51.57 -2.44
N ASP H 909 39.14 50.45 -1.79
CA ASP H 909 40.15 49.62 -1.13
C ASP H 909 41.11 49.00 -2.15
N ALA H 910 42.15 48.35 -1.62
CA ALA H 910 43.23 47.84 -2.45
C ALA H 910 42.80 46.67 -3.33
N GLY H 911 41.66 46.04 -3.03
CA GLY H 911 41.16 44.98 -3.90
C GLY H 911 40.71 45.50 -5.24
N ALA H 912 39.91 46.58 -5.25
CA ALA H 912 39.33 47.12 -6.47
C ALA H 912 39.99 48.42 -6.89
N ALA H 913 41.26 48.63 -6.55
CA ALA H 913 41.95 49.87 -6.87
C ALA H 913 42.67 49.70 -8.19
N THR H 914 42.03 50.11 -9.28
CA THR H 914 42.69 50.18 -10.57
C THR H 914 43.04 51.64 -10.86
N ALA H 915 43.54 51.89 -12.08
CA ALA H 915 44.05 53.22 -12.41
C ALA H 915 42.94 54.24 -12.60
N THR H 916 41.69 53.79 -12.77
CA THR H 916 40.58 54.71 -12.96
C THR H 916 39.57 54.73 -11.82
N THR H 917 39.66 53.79 -10.86
CA THR H 917 38.75 53.80 -9.73
C THR H 917 39.20 54.73 -8.61
N ARG H 918 40.45 55.21 -8.63
CA ARG H 918 40.91 56.08 -7.54
C ARG H 918 40.26 57.45 -7.59
N ASN H 919 39.79 57.88 -8.76
CA ASN H 919 39.04 59.12 -8.83
C ASN H 919 37.62 58.96 -8.30
N MET H 920 37.09 57.74 -8.34
CA MET H 920 35.72 57.48 -7.89
C MET H 920 35.72 57.17 -6.40
N ARG H 921 35.73 58.22 -5.59
CA ARG H 921 35.77 58.12 -4.14
C ARG H 921 34.39 57.82 -3.60
N ILE H 922 34.32 57.52 -2.30
CA ILE H 922 33.06 57.30 -1.61
C ILE H 922 32.94 58.32 -0.48
N TYR H 923 31.76 58.89 -0.32
CA TYR H 923 31.49 59.86 0.73
C TYR H 923 30.35 59.37 1.60
N ASP H 924 30.66 59.08 2.86
CA ASP H 924 29.64 58.70 3.82
C ASP H 924 29.84 59.50 5.10
N GLY H 925 28.74 59.77 5.80
CA GLY H 925 28.74 60.67 6.93
C GLY H 925 28.37 59.98 8.22
N ALA H 926 28.56 60.70 9.32
CA ALA H 926 28.17 60.24 10.64
C ALA H 926 27.99 61.46 11.54
N LEU H 927 27.33 61.24 12.67
CA LEU H 927 27.14 62.26 13.69
C LEU H 927 28.03 61.97 14.88
N TYR H 928 28.67 63.00 15.40
CA TYR H 928 29.32 62.94 16.70
C TYR H 928 28.31 63.38 17.75
N HIS H 929 28.19 62.61 18.83
CA HIS H 929 27.31 62.91 19.96
C HIS H 929 25.84 63.02 19.55
N GLY H 930 25.40 62.11 18.69
CA GLY H 930 24.01 62.06 18.28
C GLY H 930 23.28 60.86 18.88
N LEU H 931 21.96 60.96 18.89
CA LEU H 931 21.10 59.90 19.42
C LEU H 931 20.28 59.28 18.30
N ILE H 932 19.65 58.16 18.64
CA ILE H 932 18.66 57.50 17.80
C ILE H 932 17.43 57.28 18.66
N MET H 933 16.26 57.69 18.18
CA MET H 933 15.04 57.35 18.90
C MET H 933 14.28 56.26 18.14
N MET H 934 13.62 55.40 18.90
CA MET H 934 12.94 54.23 18.35
C MET H 934 11.72 54.60 17.53
N ALA H 935 10.84 55.44 18.07
CA ALA H 935 9.66 55.88 17.37
C ALA H 935 9.26 57.26 17.86
N TYR H 936 8.83 58.11 16.93
CA TYR H 936 8.48 59.49 17.23
C TYR H 936 7.02 59.54 17.64
N GLN H 937 6.72 60.36 18.65
CA GLN H 937 5.36 60.67 19.06
C GLN H 937 5.12 62.16 18.84
N ALA H 938 4.06 62.48 18.10
CA ALA H 938 3.71 63.87 17.85
C ALA H 938 2.51 64.32 18.64
N TYR H 939 1.93 63.44 19.45
CA TYR H 939 0.71 63.73 20.18
C TYR H 939 0.92 63.74 21.69
N ASP H 940 2.16 63.87 22.14
CA ASP H 940 2.47 64.04 23.56
C ASP H 940 2.82 65.51 23.77
N GLU H 941 1.89 66.26 24.36
CA GLU H 941 2.05 67.70 24.48
C GLU H 941 2.68 68.13 25.80
N THR H 942 3.11 67.19 26.64
CA THR H 942 3.70 67.58 27.91
C THR H 942 5.14 68.03 27.77
N ILE H 943 5.74 67.86 26.59
CA ILE H 943 7.04 68.42 26.25
C ILE H 943 6.90 69.10 24.90
N ALA H 944 7.37 70.34 24.80
CA ALA H 944 7.22 71.12 23.58
C ALA H 944 7.98 70.48 22.43
N THR H 945 7.46 70.68 21.22
CA THR H 945 7.94 69.94 20.05
C THR H 945 9.34 70.40 19.65
N GLY H 946 10.27 69.44 19.59
CA GLY H 946 11.64 69.73 19.24
C GLY H 946 12.39 70.55 20.26
N THR H 947 12.15 70.29 21.56
CA THR H 947 12.84 71.07 22.59
C THR H 947 14.30 70.67 22.70
N PHE H 948 14.59 69.38 22.73
CA PHE H 948 15.94 68.88 22.98
C PHE H 948 16.58 68.19 21.79
N PHE H 949 15.79 67.67 20.86
CA PHE H 949 16.31 66.90 19.74
C PHE H 949 15.76 67.44 18.44
N TYR H 950 16.60 67.47 17.41
CA TYR H 950 16.19 67.88 16.09
C TYR H 950 16.65 66.85 15.07
N PRO H 951 15.84 66.54 14.06
CA PRO H 951 16.19 65.44 13.15
C PRO H 951 17.27 65.85 12.17
N VAL H 952 18.35 65.08 12.13
CA VAL H 952 19.39 65.24 11.11
C VAL H 952 19.87 63.85 10.68
N PRO H 953 19.08 63.17 9.84
CA PRO H 953 19.37 61.76 9.54
C PRO H 953 20.42 61.55 8.46
N VAL H 954 21.40 60.69 8.72
CA VAL H 954 22.26 60.22 7.63
C VAL H 954 22.41 58.70 7.56
N ASN H 955 21.50 58.09 6.81
CA ASN H 955 21.52 56.79 6.15
C ASN H 955 20.18 56.64 5.43
N PRO H 956 20.13 55.88 4.35
CA PRO H 956 18.81 55.46 3.84
C PRO H 956 18.09 54.56 4.83
N LEU H 957 18.83 53.78 5.62
CA LEU H 957 18.21 52.94 6.65
C LEU H 957 17.61 53.78 7.77
N PHE H 958 18.24 54.91 8.10
CA PHE H 958 17.82 55.75 9.20
C PHE H 958 17.06 56.98 8.75
N ALA H 959 16.44 56.93 7.58
CA ALA H 959 15.54 57.99 7.17
C ALA H 959 14.28 57.95 8.01
N CYS H 960 13.58 59.09 8.07
CA CYS H 960 12.51 59.28 9.04
C CYS H 960 11.48 60.27 8.50
N PRO H 961 10.39 59.76 7.92
CA PRO H 961 9.36 60.68 7.40
C PRO H 961 8.55 61.34 8.50
N GLU H 962 8.33 60.67 9.62
CA GLU H 962 7.51 61.22 10.70
C GLU H 962 8.29 61.95 11.76
N HIS H 963 9.62 61.93 11.70
CA HIS H 963 10.42 62.67 12.68
C HIS H 963 10.64 64.12 12.28
N LEU H 964 10.26 64.49 11.05
CA LEU H 964 10.52 65.85 10.57
C LEU H 964 9.50 66.86 11.10
N ALA H 965 8.51 66.41 11.88
CA ALA H 965 7.58 67.35 12.48
C ALA H 965 8.19 68.11 13.64
N SER H 966 9.37 67.72 14.10
CA SER H 966 10.03 68.41 15.20
C SER H 966 10.97 69.52 14.74
N LEU H 967 11.09 69.76 13.43
CA LEU H 967 11.82 70.91 12.95
C LEU H 967 10.91 72.13 12.87
N ARG H 968 11.45 73.28 13.27
CA ARG H 968 10.70 74.52 13.20
C ARG H 968 10.54 74.96 11.76
N GLY H 969 9.32 75.33 11.38
CA GLY H 969 9.03 75.68 10.01
C GLY H 969 8.80 74.47 9.12
N MET H 970 7.83 73.63 9.49
CA MET H 970 7.45 72.45 8.72
C MET H 970 6.04 72.64 8.18
N THR H 971 5.88 72.37 6.88
CA THR H 971 4.62 72.59 6.18
C THR H 971 4.09 71.28 5.64
N ASN H 972 3.06 71.40 4.80
CA ASN H 972 2.43 70.22 4.20
C ASN H 972 3.21 69.77 2.96
N ALA H 973 3.71 70.73 2.18
CA ALA H 973 4.39 70.41 0.92
C ALA H 973 5.70 69.67 1.18
N ARG H 974 6.50 70.14 2.13
CA ARG H 974 7.76 69.47 2.41
C ARG H 974 7.52 68.11 3.08
N ARG H 975 6.44 67.99 3.85
CA ARG H 975 6.11 66.72 4.47
C ARG H 975 5.71 65.69 3.43
N VAL H 976 4.89 66.08 2.46
CA VAL H 976 4.47 65.11 1.44
C VAL H 976 5.60 64.85 0.46
N LEU H 977 6.54 65.79 0.31
CA LEU H 977 7.69 65.51 -0.55
C LEU H 977 8.73 64.65 0.17
N ALA H 978 8.73 64.67 1.50
CA ALA H 978 9.59 63.76 2.27
C ALA H 978 8.94 62.41 2.50
N LYS H 979 7.62 62.31 2.30
CA LYS H 979 6.95 61.01 2.34
C LYS H 979 7.45 60.08 1.23
N MET H 980 7.93 60.66 0.14
CA MET H 980 8.32 59.93 -1.06
C MET H 980 9.82 59.86 -1.31
N VAL H 981 10.60 60.78 -0.77
CA VAL H 981 12.05 60.81 -0.95
C VAL H 981 12.69 60.87 0.43
N PRO H 982 13.68 60.04 0.73
CA PRO H 982 14.35 60.11 2.04
C PRO H 982 15.26 61.32 2.11
N PRO H 983 15.05 62.20 3.10
CA PRO H 983 15.86 63.42 3.21
C PRO H 983 17.22 63.15 3.84
N ILE H 984 18.26 63.20 3.03
CA ILE H 984 19.63 63.16 3.52
C ILE H 984 20.34 64.40 2.98
N PRO H 985 20.90 65.25 3.84
CA PRO H 985 21.42 66.52 3.35
C PRO H 985 22.71 66.31 2.58
N PRO H 986 23.04 67.21 1.65
CA PRO H 986 24.25 67.03 0.85
C PRO H 986 25.55 67.17 1.62
N PHE H 987 25.56 67.79 2.80
CA PHE H 987 26.78 67.89 3.57
C PHE H 987 27.04 66.66 4.44
N LEU H 988 26.31 65.57 4.20
CA LEU H 988 26.53 64.31 4.90
C LEU H 988 26.60 63.13 3.93
N GLY H 989 26.67 63.41 2.64
CA GLY H 989 26.77 62.38 1.64
C GLY H 989 25.43 62.14 0.95
N ALA H 990 25.50 61.75 -0.31
CA ALA H 990 24.32 61.47 -1.11
C ALA H 990 24.20 59.96 -1.32
N ASN H 991 23.09 59.56 -1.95
CA ASN H 991 22.81 58.13 -2.11
C ASN H 991 23.77 57.47 -3.10
N HIS H 992 23.98 58.10 -4.25
CA HIS H 992 24.76 57.47 -5.31
C HIS H 992 26.27 57.51 -5.04
N HIS H 993 26.72 58.21 -4.00
CA HIS H 993 28.13 58.24 -3.66
C HIS H 993 28.47 57.53 -2.36
N ALA H 994 27.49 57.19 -1.52
CA ALA H 994 27.77 56.60 -0.23
C ALA H 994 27.97 55.10 -0.36
N THR H 995 28.19 54.45 0.78
CA THR H 995 28.33 53.00 0.84
C THR H 995 26.98 52.32 0.99
N ILE H 996 26.26 52.62 2.06
CA ILE H 996 24.92 52.06 2.29
C ILE H 996 23.91 52.85 1.46
N ARG H 997 23.22 52.17 0.55
CA ARG H 997 22.41 52.84 -0.45
C ARG H 997 20.94 52.42 -0.32
N GLN H 998 20.15 52.85 -1.31
CA GLN H 998 18.71 52.62 -1.29
C GLN H 998 18.26 51.15 -1.32
N PRO H 999 18.86 50.22 -2.10
CA PRO H 999 18.32 48.85 -2.12
C PRO H 999 18.33 48.12 -0.79
N VAL H 1000 19.32 48.32 0.08
CA VAL H 1000 19.27 47.66 1.38
C VAL H 1000 18.22 48.31 2.26
N ALA H 1001 17.94 49.60 2.04
CA ALA H 1001 16.85 50.26 2.75
C ALA H 1001 15.50 49.67 2.34
N TYR H 1002 15.32 49.41 1.04
CA TYR H 1002 14.08 48.79 0.58
C TYR H 1002 14.00 47.35 1.07
N HIS H 1003 15.13 46.66 1.13
CA HIS H 1003 15.14 45.29 1.63
C HIS H 1003 14.80 45.25 3.11
N VAL H 1004 15.15 46.29 3.85
CA VAL H 1004 14.80 46.31 5.27
C VAL H 1004 13.33 46.66 5.45
N THR H 1005 12.86 47.73 4.81
CA THR H 1005 11.52 48.21 5.09
C THR H 1005 10.41 47.45 4.38
N HIS H 1006 10.72 46.65 3.36
CA HIS H 1006 9.69 45.97 2.59
C HIS H 1006 9.86 44.45 2.61
N SER H 1007 10.42 43.91 3.69
CA SER H 1007 10.51 42.48 3.88
C SER H 1007 9.83 42.10 5.19
N LYS H 1008 8.97 41.09 5.13
CA LYS H 1008 8.28 40.57 6.32
C LYS H 1008 8.50 39.07 6.34
N SER H 1009 9.65 38.65 6.85
CA SER H 1009 9.95 37.22 6.99
C SER H 1009 10.12 36.79 8.43
N ASP H 1010 11.09 37.36 9.15
CA ASP H 1010 11.40 36.94 10.51
C ASP H 1010 12.34 37.95 11.16
N PHE H 1011 12.91 37.61 12.31
CA PHE H 1011 13.87 38.49 12.95
C PHE H 1011 15.27 37.88 13.06
N ASN H 1012 15.40 36.56 12.89
CA ASN H 1012 16.72 35.97 12.74
C ASN H 1012 17.11 35.90 11.27
N THR H 1013 16.16 35.48 10.43
CA THR H 1013 16.38 35.41 9.00
C THR H 1013 16.66 36.78 8.42
N LEU H 1014 16.01 37.83 8.94
CA LEU H 1014 16.28 39.19 8.48
C LEU H 1014 17.71 39.61 8.82
N THR H 1015 18.18 39.29 10.03
CA THR H 1015 19.54 39.68 10.42
C THR H 1015 20.58 38.93 9.59
N TYR H 1016 20.37 37.64 9.36
CA TYR H 1016 21.35 36.89 8.57
C TYR H 1016 21.30 37.27 7.10
N SER H 1017 20.11 37.64 6.60
CA SER H 1017 20.04 38.12 5.22
C SER H 1017 20.68 39.48 5.07
N LEU H 1018 20.58 40.31 6.10
CA LEU H 1018 21.27 41.60 6.06
C LEU H 1018 22.78 41.43 6.12
N LEU H 1019 23.25 40.45 6.89
CA LEU H 1019 24.68 40.17 6.93
C LEU H 1019 25.18 39.62 5.60
N GLY H 1020 24.42 38.71 5.01
CA GLY H 1020 24.77 38.21 3.69
C GLY H 1020 24.64 39.28 2.63
N GLY H 1021 23.83 40.31 2.90
CA GLY H 1021 23.76 41.43 1.99
C GLY H 1021 24.93 42.37 2.14
N TYR H 1022 25.67 42.26 3.25
CA TYR H 1022 26.82 43.14 3.51
C TYR H 1022 28.15 42.44 3.20
N PHE H 1023 28.35 42.10 1.93
CA PHE H 1023 29.59 41.49 1.49
C PHE H 1023 30.06 42.23 0.25
N LYS H 1024 31.36 42.53 0.19
CA LYS H 1024 31.90 43.31 -0.91
C LYS H 1024 31.87 42.52 -2.21
N PHE H 1025 31.65 43.23 -3.31
CA PHE H 1025 31.57 42.63 -4.63
C PHE H 1025 32.84 42.93 -5.43
N THR H 1026 33.85 43.48 -4.76
CA THR H 1026 35.20 43.65 -5.28
C THR H 1026 35.80 42.29 -5.67
N PRO H 1027 36.57 42.22 -6.77
CA PRO H 1027 37.09 40.93 -7.25
C PRO H 1027 37.95 40.13 -6.26
N ILE H 1028 38.69 40.77 -5.35
CA ILE H 1028 39.38 40.01 -4.32
C ILE H 1028 38.37 39.43 -3.33
N SER H 1029 37.40 40.26 -2.91
CA SER H 1029 36.32 39.77 -2.07
C SER H 1029 35.49 38.71 -2.79
N LEU H 1030 35.26 38.91 -4.09
CA LEU H 1030 34.52 37.94 -4.88
C LEU H 1030 35.28 36.62 -4.97
N THR H 1031 36.61 36.69 -5.01
CA THR H 1031 37.43 35.48 -4.94
C THR H 1031 37.24 34.77 -3.60
N HIS H 1032 37.22 35.52 -2.50
CA HIS H 1032 37.01 34.92 -1.18
C HIS H 1032 35.65 34.22 -1.09
N GLN H 1033 34.60 34.89 -1.58
CA GLN H 1033 33.26 34.30 -1.54
C GLN H 1033 33.16 33.07 -2.44
N LEU H 1034 33.75 33.13 -3.63
CA LEU H 1034 33.64 32.02 -4.56
C LEU H 1034 34.47 30.83 -4.08
N ARG H 1035 35.51 31.09 -3.29
CA ARG H 1035 36.33 30.00 -2.79
C ARG H 1035 35.70 29.34 -1.56
N THR H 1036 35.11 30.15 -0.67
CA THR H 1036 34.58 29.57 0.56
C THR H 1036 33.29 28.78 0.33
N GLY H 1037 32.35 29.33 -0.43
CA GLY H 1037 31.09 28.65 -0.64
C GLY H 1037 29.90 29.59 -0.66
N PHE H 1038 30.17 30.89 -0.53
CA PHE H 1038 29.14 31.90 -0.58
C PHE H 1038 28.57 32.02 -1.99
N HIS H 1039 27.36 32.55 -2.08
CA HIS H 1039 26.71 32.80 -3.36
C HIS H 1039 26.44 34.28 -3.52
N PRO H 1040 27.25 35.01 -4.28
CA PRO H 1040 26.98 36.44 -4.48
C PRO H 1040 25.77 36.64 -5.36
N GLY H 1041 25.22 37.85 -5.32
CA GLY H 1041 23.96 38.12 -5.99
C GLY H 1041 24.01 38.24 -7.50
N ILE H 1042 24.66 37.30 -8.18
CA ILE H 1042 24.69 37.23 -9.64
C ILE H 1042 24.48 35.79 -10.05
N ALA H 1043 24.31 35.57 -11.36
CA ALA H 1043 24.18 34.24 -11.94
C ALA H 1043 24.84 34.21 -13.31
N PHE H 1044 25.19 33.01 -13.75
CA PHE H 1044 25.98 32.81 -14.95
C PHE H 1044 25.27 31.90 -15.94
N THR H 1045 25.57 32.07 -17.22
CA THR H 1045 25.30 31.07 -18.25
C THR H 1045 26.62 30.67 -18.91
N VAL H 1046 26.71 29.42 -19.32
CA VAL H 1046 27.90 28.95 -20.02
C VAL H 1046 27.52 28.76 -21.47
N VAL H 1047 28.51 28.92 -22.36
CA VAL H 1047 28.37 28.60 -23.77
C VAL H 1047 29.56 27.72 -24.12
N ARG H 1048 29.31 26.62 -24.82
CA ARG H 1048 30.37 25.66 -25.12
C ARG H 1048 30.12 25.09 -26.51
N GLN H 1049 31.11 25.24 -27.39
CA GLN H 1049 30.98 24.82 -28.78
C GLN H 1049 31.58 23.43 -28.99
N ASP H 1050 30.80 22.55 -29.59
CA ASP H 1050 31.15 21.14 -29.74
C ASP H 1050 31.27 20.77 -31.21
N ARG H 1051 32.11 19.78 -31.49
CA ARG H 1051 32.28 19.25 -32.83
C ARG H 1051 31.83 17.80 -32.87
N PHE H 1052 31.13 17.44 -33.95
CA PHE H 1052 30.65 16.08 -34.15
C PHE H 1052 30.96 15.66 -35.57
N ALA H 1053 31.50 14.45 -35.74
CA ALA H 1053 31.82 13.94 -37.07
C ALA H 1053 30.57 13.34 -37.69
N THR H 1054 30.24 13.76 -38.90
CA THR H 1054 29.02 13.34 -39.56
C THR H 1054 29.33 12.76 -40.93
N GLU H 1055 28.52 11.80 -41.35
CA GLU H 1055 28.58 11.26 -42.70
C GLU H 1055 27.51 11.92 -43.56
N GLN H 1056 27.93 12.47 -44.69
CA GLN H 1056 27.06 13.29 -45.52
C GLN H 1056 26.46 12.47 -46.65
N LEU H 1057 25.70 13.16 -47.50
CA LEU H 1057 24.92 12.51 -48.55
C LEU H 1057 24.63 13.55 -49.62
N LEU H 1058 25.28 13.42 -50.77
CA LEU H 1058 25.22 14.44 -51.82
C LEU H 1058 24.58 13.90 -53.08
N TYR H 1059 23.82 14.77 -53.74
CA TYR H 1059 23.21 14.49 -55.03
C TYR H 1059 23.53 15.62 -55.99
N ALA H 1060 23.79 15.29 -57.25
CA ALA H 1060 24.08 16.30 -58.26
C ALA H 1060 23.38 15.90 -59.56
N GLU H 1061 22.99 16.89 -60.33
CA GLU H 1061 22.20 16.65 -61.55
C GLU H 1061 23.12 16.17 -62.67
N ARG H 1062 22.60 16.17 -63.90
CA ARG H 1062 23.39 15.66 -65.01
C ARG H 1062 24.46 16.65 -65.43
N ALA H 1063 24.07 17.77 -66.04
CA ALA H 1063 25.05 18.74 -66.51
C ALA H 1063 25.27 19.80 -65.43
N SER H 1064 25.75 19.34 -64.28
CA SER H 1064 25.90 20.22 -63.13
C SER H 1064 27.04 21.22 -63.34
N GLU H 1065 28.09 20.81 -64.06
CA GLU H 1065 29.24 21.67 -64.20
C GLU H 1065 29.93 21.44 -65.54
N SER H 1066 30.24 22.54 -66.23
CA SER H 1066 31.14 22.49 -67.37
C SER H 1066 32.56 22.51 -66.85
N TYR H 1067 33.34 21.51 -67.24
CA TYR H 1067 34.63 21.27 -66.61
C TYR H 1067 35.70 21.30 -67.68
N PHE H 1068 36.68 22.19 -67.52
CA PHE H 1068 37.68 22.45 -68.54
C PHE H 1068 39.00 21.85 -68.11
N VAL H 1069 39.72 21.26 -69.05
CA VAL H 1069 41.03 20.66 -68.78
C VAL H 1069 42.06 21.37 -69.64
N GLY H 1070 43.10 21.89 -69.02
CA GLY H 1070 44.19 22.53 -69.71
C GLY H 1070 45.27 21.56 -70.11
N GLN H 1071 46.49 22.08 -70.25
CA GLN H 1071 47.62 21.30 -70.73
C GLN H 1071 48.67 21.20 -69.63
N ILE H 1072 49.21 20.00 -69.45
CA ILE H 1072 50.13 19.73 -68.36
C ILE H 1072 51.50 20.33 -68.65
N GLN H 1073 52.20 20.75 -67.59
CA GLN H 1073 53.52 21.35 -67.75
C GLN H 1073 54.36 21.01 -66.53
N VAL H 1074 55.68 20.99 -66.73
CA VAL H 1074 56.63 20.37 -65.81
C VAL H 1074 57.66 21.39 -65.35
N HIS H 1075 57.81 21.51 -64.04
CA HIS H 1075 58.93 22.21 -63.42
C HIS H 1075 59.88 21.17 -62.87
N HIS H 1076 61.17 21.35 -63.05
CA HIS H 1076 62.14 20.54 -62.32
C HIS H 1076 62.80 21.41 -61.27
N HIS H 1077 62.96 20.85 -60.07
CA HIS H 1077 63.53 21.58 -58.94
C HIS H 1077 64.58 20.68 -58.30
N ASP H 1078 65.71 21.27 -57.92
CA ASP H 1078 66.80 20.51 -57.32
C ASP H 1078 66.38 20.03 -55.93
N ALA H 1079 66.99 18.94 -55.48
CA ALA H 1079 66.49 18.18 -54.34
C ALA H 1079 67.67 17.82 -53.44
N ILE H 1080 67.49 16.81 -52.59
CA ILE H 1080 68.53 16.45 -51.62
C ILE H 1080 69.79 15.96 -52.31
N GLY H 1081 69.66 15.13 -53.34
CA GLY H 1081 70.78 14.79 -54.18
C GLY H 1081 70.47 14.95 -55.65
N GLY H 1082 69.20 14.83 -56.00
CA GLY H 1082 68.78 14.80 -57.38
C GLY H 1082 67.81 15.91 -57.70
N VAL H 1083 66.79 15.62 -58.53
CA VAL H 1083 65.85 16.63 -58.97
C VAL H 1083 64.43 16.19 -58.66
N ASN H 1084 63.55 17.18 -58.55
CA ASN H 1084 62.13 16.96 -58.27
C ASN H 1084 61.33 17.52 -59.44
N PHE H 1085 60.67 16.65 -60.19
CA PHE H 1085 59.76 17.09 -61.24
C PHE H 1085 58.37 17.28 -60.66
N THR H 1086 57.85 18.50 -60.77
CA THR H 1086 56.53 18.82 -60.27
C THR H 1086 55.59 19.03 -61.46
N LEU H 1087 54.71 18.07 -61.70
CA LEU H 1087 53.78 18.16 -62.81
C LEU H 1087 52.52 18.90 -62.36
N THR H 1088 52.14 19.92 -63.11
CA THR H 1088 50.98 20.74 -62.78
C THR H 1088 50.10 20.92 -64.01
N GLN H 1089 48.81 21.16 -63.77
CA GLN H 1089 47.84 21.23 -64.86
C GLN H 1089 46.69 22.15 -64.50
N PRO H 1090 46.46 23.23 -65.25
CA PRO H 1090 45.36 24.14 -64.92
C PRO H 1090 44.02 23.66 -65.47
N ARG H 1091 42.96 24.02 -64.75
CA ARG H 1091 41.63 23.54 -65.07
C ARG H 1091 40.59 24.48 -64.46
N ALA H 1092 39.43 24.55 -65.12
CA ALA H 1092 38.40 25.51 -64.75
C ALA H 1092 37.03 24.84 -64.75
N HIS H 1093 36.11 25.41 -63.96
CA HIS H 1093 34.78 24.85 -63.79
C HIS H 1093 33.74 25.97 -63.77
N VAL H 1094 32.57 25.70 -64.38
CA VAL H 1094 31.46 26.64 -64.44
C VAL H 1094 30.19 25.92 -64.00
N ASP H 1095 29.43 26.56 -63.10
CA ASP H 1095 28.13 26.03 -62.68
C ASP H 1095 27.08 26.53 -63.68
N LEU H 1096 26.72 25.69 -64.63
CA LEU H 1096 25.73 26.07 -65.63
C LEU H 1096 24.30 25.62 -65.28
N GLY H 1097 23.88 25.93 -64.07
CA GLY H 1097 22.49 25.69 -63.67
C GLY H 1097 21.79 26.99 -63.35
N VAL H 1098 20.55 27.09 -63.82
CA VAL H 1098 19.75 28.27 -63.52
C VAL H 1098 19.37 28.31 -62.04
N GLY H 1099 18.94 27.18 -61.50
CA GLY H 1099 18.65 27.08 -60.09
C GLY H 1099 19.81 26.47 -59.33
N TYR H 1100 19.51 25.78 -58.24
CA TYR H 1100 20.51 25.06 -57.47
C TYR H 1100 20.56 23.64 -58.01
N THR H 1101 21.67 23.28 -58.64
CA THR H 1101 21.76 22.03 -59.38
C THR H 1101 22.35 20.90 -58.56
N ALA H 1102 22.70 21.14 -57.29
CA ALA H 1102 23.24 20.09 -56.43
C ALA H 1102 22.85 20.39 -54.99
N VAL H 1103 22.48 19.37 -54.24
CA VAL H 1103 21.99 19.51 -52.88
C VAL H 1103 22.58 18.40 -52.01
N CYS H 1104 23.01 18.75 -50.81
CA CYS H 1104 23.60 17.80 -49.87
C CYS H 1104 22.82 17.83 -48.56
N ALA H 1105 22.83 16.71 -47.85
CA ALA H 1105 22.16 16.63 -46.55
C ALA H 1105 22.95 15.70 -45.65
N THR H 1106 23.25 16.16 -44.44
CA THR H 1106 23.95 15.31 -43.48
C THR H 1106 23.01 14.23 -42.96
N ALA H 1107 23.51 12.99 -42.88
CA ALA H 1107 22.66 11.83 -42.65
C ALA H 1107 22.96 11.14 -41.32
N ALA H 1108 24.18 10.69 -41.10
CA ALA H 1108 24.49 9.87 -39.95
C ALA H 1108 25.43 10.61 -39.00
N LEU H 1109 25.50 10.12 -37.77
CA LEU H 1109 26.35 10.71 -36.74
C LEU H 1109 27.41 9.69 -36.35
N ARG H 1110 28.68 10.07 -36.49
CA ARG H 1110 29.78 9.29 -35.98
C ARG H 1110 30.13 9.76 -34.58
N CYS H 1111 31.32 9.40 -34.10
CA CYS H 1111 31.74 9.75 -32.75
C CYS H 1111 31.92 11.26 -32.61
N PRO H 1112 31.52 11.85 -31.49
CA PRO H 1112 31.90 13.23 -31.21
C PRO H 1112 33.40 13.36 -31.03
N LEU H 1113 33.98 14.36 -31.66
CA LEU H 1113 35.42 14.55 -31.57
C LEU H 1113 35.82 15.41 -30.39
N THR H 1114 34.89 16.21 -29.86
CA THR H 1114 35.18 17.10 -28.76
C THR H 1114 34.85 16.43 -27.43
N ASP H 1115 35.25 17.07 -26.35
CA ASP H 1115 34.97 16.62 -25.00
C ASP H 1115 33.94 17.57 -24.39
N MET H 1116 32.83 17.02 -23.90
CA MET H 1116 31.90 17.85 -23.14
C MET H 1116 32.31 17.94 -21.67
N GLY H 1117 33.50 18.47 -21.42
CA GLY H 1117 34.00 18.58 -20.06
C GLY H 1117 33.63 19.90 -19.42
N ASN H 1118 34.35 20.22 -18.35
CA ASN H 1118 34.18 21.48 -17.62
C ASN H 1118 35.54 22.17 -17.51
N THR H 1119 35.90 22.92 -18.56
CA THR H 1119 37.12 23.71 -18.57
C THR H 1119 36.73 25.17 -18.75
N ALA H 1120 36.94 25.97 -17.71
CA ALA H 1120 36.57 27.38 -17.79
C ALA H 1120 37.57 28.15 -18.65
N GLN H 1121 37.06 29.10 -19.42
CA GLN H 1121 37.92 29.97 -20.19
C GLN H 1121 38.67 30.89 -19.24
N ASN H 1122 39.99 30.89 -19.34
CA ASN H 1122 40.84 31.70 -18.48
C ASN H 1122 41.09 33.03 -19.17
N LEU H 1123 40.78 34.12 -18.48
CA LEU H 1123 40.91 35.44 -19.06
C LEU H 1123 42.26 36.08 -18.82
N PHE H 1124 43.19 35.39 -18.15
CA PHE H 1124 44.51 35.94 -17.90
C PHE H 1124 45.47 35.69 -19.05
N PHE H 1125 44.99 35.12 -20.14
CA PHE H 1125 45.77 35.01 -21.37
C PHE H 1125 45.80 36.30 -22.15
N SER H 1126 45.03 37.31 -21.76
CA SER H 1126 44.84 38.52 -22.53
C SER H 1126 45.52 39.70 -21.87
N ARG H 1127 45.99 40.63 -22.69
CA ARG H 1127 46.56 41.89 -22.23
C ARG H 1127 45.99 43.02 -23.06
N GLY H 1128 46.01 44.22 -22.50
CA GLY H 1128 45.49 45.37 -23.22
C GLY H 1128 44.55 46.23 -22.39
N GLY H 1129 43.94 45.63 -21.37
CA GLY H 1129 43.07 46.37 -20.48
C GLY H 1129 43.85 47.21 -19.50
N VAL H 1130 43.11 48.00 -18.72
CA VAL H 1130 43.71 48.84 -17.70
C VAL H 1130 44.16 47.96 -16.54
N PRO H 1131 45.44 47.94 -16.22
CA PRO H 1131 45.92 47.08 -15.14
C PRO H 1131 45.57 47.64 -13.77
N MET H 1132 45.58 46.75 -12.78
CA MET H 1132 45.35 47.17 -11.41
C MET H 1132 46.56 47.94 -10.89
N LEU H 1133 46.30 48.76 -9.87
CA LEU H 1133 47.33 49.67 -9.38
C LEU H 1133 48.47 48.93 -8.69
N HIS H 1134 48.14 47.89 -7.93
CA HIS H 1134 49.12 47.13 -7.18
C HIS H 1134 49.46 45.86 -7.94
N ASP H 1135 50.75 45.59 -8.10
CA ASP H 1135 51.17 44.39 -8.83
C ASP H 1135 51.01 43.13 -7.98
N ASN H 1136 51.13 43.26 -6.66
CA ASN H 1136 50.96 42.09 -5.80
C ASN H 1136 49.51 41.62 -5.78
N VAL H 1137 48.57 42.56 -5.95
CA VAL H 1137 47.15 42.20 -6.01
C VAL H 1137 46.86 41.34 -7.23
N THR H 1138 47.32 41.79 -8.40
CA THR H 1138 47.05 41.02 -9.61
C THR H 1138 47.89 39.74 -9.65
N GLU H 1139 49.05 39.74 -8.98
CA GLU H 1139 49.84 38.52 -8.92
C GLU H 1139 49.14 37.46 -8.07
N SER H 1140 48.64 37.85 -6.89
CA SER H 1140 47.90 36.92 -6.06
C SER H 1140 46.60 36.48 -6.74
N LEU H 1141 45.96 37.38 -7.46
CA LEU H 1141 44.70 37.06 -8.13
C LEU H 1141 44.93 36.07 -9.27
N ARG H 1142 45.98 36.27 -10.06
CA ARG H 1142 46.32 35.33 -11.12
C ARG H 1142 46.76 33.98 -10.56
N ARG H 1143 47.49 34.00 -9.44
CA ARG H 1143 47.90 32.75 -8.81
C ARG H 1143 46.70 31.95 -8.32
N ILE H 1144 45.73 32.64 -7.71
CA ILE H 1144 44.57 31.94 -7.16
C ILE H 1144 43.68 31.43 -8.28
N THR H 1145 43.49 32.24 -9.33
CA THR H 1145 42.76 31.79 -10.51
C THR H 1145 43.43 30.61 -11.19
N ALA H 1146 44.76 30.56 -11.15
CA ALA H 1146 45.49 29.42 -11.72
C ALA H 1146 45.18 28.12 -10.98
N SER H 1147 45.08 28.20 -9.65
CA SER H 1147 44.67 27.04 -8.87
C SER H 1147 43.20 26.76 -9.08
N GLY H 1148 42.83 25.49 -9.10
CA GLY H 1148 41.46 25.12 -9.37
C GLY H 1148 41.06 25.26 -10.83
N GLY H 1149 42.02 25.25 -11.73
CA GLY H 1149 41.73 25.29 -13.15
C GLY H 1149 42.73 24.45 -13.90
N ARG H 1150 42.37 24.10 -15.14
CA ARG H 1150 43.23 23.23 -15.93
C ARG H 1150 44.21 24.02 -16.79
N LEU H 1151 43.71 24.91 -17.63
CA LEU H 1151 44.54 25.68 -18.56
C LEU H 1151 44.94 26.99 -17.90
N ASN H 1152 46.23 27.26 -17.90
CA ASN H 1152 46.81 28.39 -17.20
C ASN H 1152 47.97 28.94 -18.02
N PRO H 1153 48.29 30.22 -17.86
CA PRO H 1153 49.53 30.73 -18.45
C PRO H 1153 50.74 30.13 -17.77
N THR H 1154 51.82 29.99 -18.53
CA THR H 1154 53.06 29.45 -17.98
C THR H 1154 53.68 30.42 -17.00
N GLU H 1155 54.30 29.88 -15.96
CA GLU H 1155 54.88 30.71 -14.91
C GLU H 1155 56.08 31.59 -15.31
N PRO H 1156 56.92 31.30 -16.33
CA PRO H 1156 57.93 32.31 -16.70
C PRO H 1156 57.34 33.60 -17.25
N LEU H 1157 56.11 33.56 -17.80
CA LEU H 1157 55.38 34.68 -18.37
C LEU H 1157 56.22 35.40 -19.41
N PRO H 1158 56.41 34.82 -20.59
CA PRO H 1158 57.35 35.40 -21.57
C PRO H 1158 56.78 36.67 -22.19
N ILE H 1159 57.40 37.81 -21.87
CA ILE H 1159 57.16 39.03 -22.61
C ILE H 1159 57.65 38.82 -24.04
N PHE H 1160 56.87 39.32 -25.01
CA PHE H 1160 56.92 38.86 -26.40
C PHE H 1160 56.79 37.34 -26.46
N GLY H 1161 55.60 36.87 -26.10
CA GLY H 1161 55.29 35.45 -26.12
C GLY H 1161 53.89 35.24 -26.64
N GLY H 1162 53.57 33.96 -26.86
CA GLY H 1162 52.23 33.60 -27.27
C GLY H 1162 51.34 33.29 -26.10
N LEU H 1163 51.95 33.17 -24.91
CA LEU H 1163 51.29 32.75 -23.66
C LEU H 1163 50.53 31.45 -23.85
N ARG H 1164 51.21 30.48 -24.44
CA ARG H 1164 50.68 29.15 -24.65
C ARG H 1164 50.48 28.45 -23.30
N PRO H 1165 49.35 27.80 -23.08
CA PRO H 1165 49.16 27.07 -21.82
C PRO H 1165 50.04 25.84 -21.75
N ALA H 1166 50.30 25.41 -20.52
CA ALA H 1166 51.25 24.34 -20.28
C ALA H 1166 50.73 23.01 -20.84
N THR H 1167 51.49 22.43 -21.74
CA THR H 1167 51.11 21.14 -22.31
C THR H 1167 51.27 20.04 -21.25
N SER H 1168 50.46 19.00 -21.40
CA SER H 1168 50.35 17.94 -20.41
C SER H 1168 50.69 16.60 -21.05
N ALA H 1169 50.43 15.54 -20.31
CA ALA H 1169 50.58 14.18 -20.82
C ALA H 1169 49.38 13.80 -21.68
N GLY H 1170 49.22 12.51 -21.97
CA GLY H 1170 48.21 12.02 -22.90
C GLY H 1170 46.77 12.40 -22.58
N ILE H 1171 45.94 12.49 -23.62
CA ILE H 1171 44.55 12.88 -23.44
C ILE H 1171 43.68 11.64 -23.49
N ALA H 1172 42.53 11.70 -22.82
CA ALA H 1172 41.72 10.50 -22.64
C ALA H 1172 40.66 10.36 -23.73
N ARG H 1173 39.79 11.37 -23.86
CA ARG H 1173 38.55 11.15 -24.59
C ARG H 1173 38.25 12.24 -25.61
N GLY H 1174 39.24 13.02 -26.00
CA GLY H 1174 39.05 13.96 -27.09
C GLY H 1174 39.56 15.33 -26.74
N GLN H 1175 39.16 16.30 -27.56
CA GLN H 1175 39.61 17.67 -27.39
C GLN H 1175 38.69 18.41 -26.43
N ALA H 1176 39.27 19.00 -25.40
CA ALA H 1176 38.49 19.69 -24.38
C ALA H 1176 37.99 21.02 -24.90
N SER H 1177 36.69 21.26 -24.76
CA SER H 1177 36.05 22.47 -25.25
C SER H 1177 35.82 23.42 -24.10
N VAL H 1178 36.28 24.66 -24.24
CA VAL H 1178 36.19 25.61 -23.15
C VAL H 1178 34.77 26.15 -23.03
N CYS H 1179 34.41 26.55 -21.81
CA CYS H 1179 33.09 27.12 -21.52
C CYS H 1179 33.26 28.57 -21.12
N GLU H 1180 32.57 29.47 -21.80
CA GLU H 1180 32.65 30.90 -21.54
C GLU H 1180 31.45 31.33 -20.71
N PHE H 1181 31.71 32.08 -19.64
CA PHE H 1181 30.67 32.47 -18.69
C PHE H 1181 30.20 33.88 -18.97
N VAL H 1182 28.88 34.06 -19.02
CA VAL H 1182 28.24 35.35 -19.21
C VAL H 1182 27.36 35.64 -18.00
N ALA H 1183 27.52 36.83 -17.42
CA ALA H 1183 26.77 37.19 -16.23
C ALA H 1183 25.35 37.63 -16.56
N MET H 1184 24.47 37.47 -15.59
CA MET H 1184 23.09 37.93 -15.67
C MET H 1184 22.60 38.19 -14.26
N PRO H 1185 21.51 38.95 -14.10
CA PRO H 1185 20.86 39.02 -12.78
C PRO H 1185 20.26 37.68 -12.39
N VAL H 1186 20.14 37.46 -11.08
CA VAL H 1186 19.71 36.17 -10.56
C VAL H 1186 18.26 35.90 -10.96
N SER H 1187 17.39 36.89 -10.77
CA SER H 1187 15.97 36.74 -11.09
C SER H 1187 15.80 36.76 -12.61
N THR H 1188 16.14 35.61 -13.22
CA THR H 1188 16.08 35.45 -14.66
C THR H 1188 14.96 34.48 -14.99
N ASP H 1189 14.12 34.85 -15.97
CA ASP H 1189 13.01 34.03 -16.39
C ASP H 1189 13.53 32.73 -16.98
N LEU H 1190 13.37 31.63 -16.25
CA LEU H 1190 14.02 30.38 -16.61
C LEU H 1190 13.34 29.71 -17.80
N GLN H 1191 12.14 30.14 -18.17
CA GLN H 1191 11.48 29.60 -19.35
C GLN H 1191 12.19 29.99 -20.63
N TYR H 1192 13.09 30.97 -20.57
CA TYR H 1192 13.90 31.34 -21.73
C TYR H 1192 14.86 30.23 -22.12
N PHE H 1193 15.34 29.44 -21.16
CA PHE H 1193 16.41 28.50 -21.39
C PHE H 1193 15.93 27.08 -21.71
N ARG H 1194 14.62 26.83 -21.73
CA ARG H 1194 14.15 25.49 -22.02
C ARG H 1194 13.94 25.21 -23.50
N THR H 1195 14.05 26.23 -24.35
CA THR H 1195 13.99 26.07 -25.79
C THR H 1195 15.31 26.56 -26.39
N ALA H 1196 15.37 26.59 -27.71
CA ALA H 1196 16.54 27.12 -28.41
C ALA H 1196 16.61 28.62 -28.18
N CYS H 1197 17.55 29.05 -27.35
CA CYS H 1197 17.66 30.44 -26.97
C CYS H 1197 18.95 31.05 -27.52
N ASN H 1198 19.20 32.30 -27.13
CA ASN H 1198 20.37 33.05 -27.55
C ASN H 1198 21.07 33.60 -26.31
N PRO H 1199 22.38 33.41 -26.18
CA PRO H 1199 23.05 33.75 -24.91
C PRO H 1199 23.22 35.23 -24.67
N ARG H 1200 23.03 36.07 -25.70
CA ARG H 1200 23.14 37.50 -25.51
C ARG H 1200 22.00 38.04 -24.65
N GLY H 1201 20.83 37.42 -24.73
CA GLY H 1201 19.66 37.88 -24.04
C GLY H 1201 18.68 38.62 -24.92
N ARG H 1202 19.12 39.11 -26.08
CA ARG H 1202 18.25 39.78 -27.03
C ARG H 1202 18.53 39.21 -28.41
N ALA H 1203 17.50 38.63 -29.03
CA ALA H 1203 17.67 37.97 -30.31
C ALA H 1203 17.96 38.99 -31.41
N SER H 1204 18.92 38.66 -32.26
CA SER H 1204 19.34 39.56 -33.34
C SER H 1204 19.64 38.74 -34.58
N GLY H 1205 20.28 39.37 -35.56
CA GLY H 1205 20.67 38.70 -36.78
C GLY H 1205 20.22 39.47 -38.01
N MET H 1206 20.78 39.05 -39.15
CA MET H 1206 20.45 39.65 -40.43
C MET H 1206 19.16 39.09 -41.03
N LEU H 1207 18.53 38.13 -40.36
CA LEU H 1207 17.31 37.51 -40.86
C LEU H 1207 16.11 38.44 -40.85
N TYR H 1208 16.17 39.57 -40.16
CA TYR H 1208 15.06 40.49 -40.04
C TYR H 1208 15.43 41.79 -40.75
N MET H 1209 14.66 42.15 -41.77
CA MET H 1209 14.89 43.33 -42.59
C MET H 1209 13.56 43.60 -43.29
N GLY H 1210 13.47 44.69 -44.07
CA GLY H 1210 12.23 44.95 -44.79
C GLY H 1210 11.85 46.38 -45.05
N ASP H 1211 12.44 47.34 -44.34
CA ASP H 1211 12.10 48.72 -44.66
C ASP H 1211 13.31 49.61 -44.89
N ARG H 1212 14.42 49.38 -44.17
CA ARG H 1212 15.60 50.20 -44.29
C ARG H 1212 16.83 49.30 -44.37
N ASP H 1213 17.98 49.92 -44.61
CA ASP H 1213 19.23 49.18 -44.75
C ASP H 1213 20.01 49.09 -43.44
N ALA H 1214 20.05 50.17 -42.67
CA ALA H 1214 20.82 50.21 -41.42
C ALA H 1214 19.93 49.83 -40.23
N ASP H 1215 19.25 48.68 -40.35
CA ASP H 1215 18.46 48.14 -39.27
C ASP H 1215 19.19 47.05 -38.51
N ILE H 1216 20.42 46.73 -38.90
CA ILE H 1216 21.18 45.70 -38.20
C ILE H 1216 21.72 46.21 -36.87
N GLU H 1217 21.77 47.52 -36.66
CA GLU H 1217 22.13 48.07 -35.37
C GLU H 1217 20.93 48.35 -34.47
N ALA H 1218 19.75 48.51 -35.05
CA ALA H 1218 18.55 48.70 -34.24
C ALA H 1218 18.14 47.40 -33.56
N ILE H 1219 18.27 46.28 -34.26
CA ILE H 1219 17.90 44.99 -33.68
C ILE H 1219 18.89 44.58 -32.60
N MET H 1220 20.19 44.77 -32.87
CA MET H 1220 21.22 44.31 -31.95
C MET H 1220 21.27 45.12 -30.66
N PHE H 1221 21.24 46.45 -30.73
CA PHE H 1221 21.63 47.26 -29.59
C PHE H 1221 20.60 48.30 -29.15
N ASP H 1222 19.68 48.70 -30.00
CA ASP H 1222 18.75 49.79 -29.67
C ASP H 1222 17.68 49.25 -28.74
N HIS H 1223 17.66 49.75 -27.51
CA HIS H 1223 16.75 49.26 -26.48
C HIS H 1223 15.56 50.18 -26.26
N THR H 1224 15.35 51.16 -27.14
CA THR H 1224 14.09 51.89 -27.11
C THR H 1224 12.96 51.10 -27.75
N GLN H 1225 13.28 50.02 -28.46
CA GLN H 1225 12.30 49.12 -29.03
C GLN H 1225 12.38 47.78 -28.31
N SER H 1226 11.28 47.03 -28.35
CA SER H 1226 11.22 45.74 -27.69
C SER H 1226 12.06 44.71 -28.46
N ASP H 1227 12.22 43.55 -27.83
CA ASP H 1227 12.90 42.44 -28.48
C ASP H 1227 12.07 41.93 -29.65
N VAL H 1228 12.73 41.24 -30.58
CA VAL H 1228 12.01 40.72 -31.74
C VAL H 1228 11.41 39.35 -31.44
N ALA H 1229 12.09 38.54 -30.64
CA ALA H 1229 11.60 37.20 -30.35
C ALA H 1229 10.57 37.22 -29.24
N TYR H 1230 10.97 37.65 -28.04
CA TYR H 1230 10.07 37.76 -26.90
C TYR H 1230 9.55 39.19 -26.88
N THR H 1231 8.49 39.44 -27.64
CA THR H 1231 8.09 40.79 -28.01
C THR H 1231 7.21 41.47 -26.95
N ASP H 1232 7.68 41.37 -25.71
CA ASP H 1232 7.04 42.08 -24.61
C ASP H 1232 8.06 42.72 -23.68
N ARG H 1233 9.33 42.74 -24.06
CA ARG H 1233 10.40 43.23 -23.20
C ARG H 1233 11.59 43.61 -24.06
N ALA H 1234 12.52 44.35 -23.46
CA ALA H 1234 13.66 44.86 -24.22
C ALA H 1234 14.75 43.80 -24.37
N THR H 1235 15.34 43.37 -23.26
CA THR H 1235 16.37 42.35 -23.28
C THR H 1235 16.35 41.60 -21.95
N LEU H 1236 16.74 40.32 -21.99
CA LEU H 1236 16.57 39.48 -20.81
C LEU H 1236 17.53 39.89 -19.70
N ASN H 1237 18.84 39.89 -19.97
CA ASN H 1237 19.77 40.44 -19.01
C ASN H 1237 20.39 41.72 -19.57
N PRO H 1238 20.33 42.82 -18.83
CA PRO H 1238 20.90 44.09 -19.32
C PRO H 1238 22.38 44.25 -19.02
N TRP H 1239 23.11 43.18 -18.74
CA TRP H 1239 24.54 43.28 -18.50
C TRP H 1239 25.37 42.78 -19.67
N ALA H 1240 24.73 42.21 -20.70
CA ALA H 1240 25.46 41.70 -21.85
C ALA H 1240 24.74 41.99 -23.15
N SER H 1241 24.00 43.10 -23.22
CA SER H 1241 23.18 43.36 -24.39
C SER H 1241 23.29 44.76 -24.97
N GLN H 1242 23.73 45.77 -24.22
CA GLN H 1242 23.76 47.13 -24.71
C GLN H 1242 24.98 47.37 -25.59
N LYS H 1243 25.18 48.62 -26.00
CA LYS H 1243 26.25 48.94 -26.95
C LYS H 1243 27.61 48.81 -26.30
N HIS H 1244 27.71 49.15 -25.01
CA HIS H 1244 28.98 49.07 -24.29
C HIS H 1244 28.80 48.43 -22.93
N SER H 1245 27.94 47.41 -22.86
CA SER H 1245 27.72 46.71 -21.62
C SER H 1245 28.89 45.79 -21.31
N TYR H 1246 28.81 45.12 -20.15
CA TYR H 1246 29.93 44.33 -19.66
C TYR H 1246 30.20 43.13 -20.55
N GLY H 1247 29.17 42.35 -20.87
CA GLY H 1247 29.34 41.23 -21.78
C GLY H 1247 29.74 41.64 -23.17
N ASP H 1248 29.27 42.81 -23.63
CA ASP H 1248 29.69 43.30 -24.93
C ASP H 1248 31.11 43.86 -24.88
N ARG H 1249 31.51 44.46 -23.76
CA ARG H 1249 32.88 44.94 -23.65
C ARG H 1249 33.87 43.81 -23.50
N LEU H 1250 33.41 42.63 -23.08
CA LEU H 1250 34.31 41.53 -22.76
C LEU H 1250 34.48 40.53 -23.89
N TYR H 1251 33.46 40.29 -24.71
CA TYR H 1251 33.52 39.22 -25.70
C TYR H 1251 33.36 39.66 -27.15
N ASN H 1252 33.07 40.93 -27.42
CA ASN H 1252 32.94 41.37 -28.80
C ASN H 1252 34.31 41.42 -29.46
N GLY H 1253 34.36 41.02 -30.74
CA GLY H 1253 35.61 41.02 -31.46
C GLY H 1253 36.05 42.34 -32.02
N THR H 1254 35.13 43.30 -32.13
CA THR H 1254 35.49 44.62 -32.63
C THR H 1254 36.38 45.35 -31.62
N TYR H 1255 36.03 45.28 -30.34
CA TYR H 1255 36.80 45.94 -29.30
C TYR H 1255 38.13 45.26 -29.03
N ASN H 1256 38.19 43.93 -29.21
CA ASN H 1256 39.43 43.13 -29.21
C ASN H 1256 40.16 43.25 -27.87
N LEU H 1257 39.53 42.73 -26.82
CA LEU H 1257 40.20 42.68 -25.53
C LEU H 1257 40.96 41.38 -25.35
N THR H 1258 40.44 40.28 -25.90
CA THR H 1258 41.06 38.97 -25.78
C THR H 1258 41.90 38.64 -27.01
N GLY H 1259 42.57 39.64 -27.57
CA GLY H 1259 43.40 39.41 -28.74
C GLY H 1259 44.61 38.55 -28.45
N ALA H 1260 45.24 38.75 -27.30
CA ALA H 1260 46.40 37.96 -26.93
C ALA H 1260 46.07 36.53 -26.58
N SER H 1261 44.82 36.24 -26.22
CA SER H 1261 44.44 34.90 -25.79
C SER H 1261 44.33 33.98 -26.99
N PRO H 1262 45.08 32.88 -27.04
CA PRO H 1262 44.94 31.93 -28.14
C PRO H 1262 43.76 30.98 -27.97
N ILE H 1263 43.05 31.05 -26.84
CA ILE H 1263 41.93 30.16 -26.57
C ILE H 1263 40.70 30.68 -27.29
N TYR H 1264 40.04 29.79 -28.01
CA TYR H 1264 38.83 30.15 -28.74
C TYR H 1264 37.70 30.48 -27.78
N SER H 1265 36.97 31.54 -28.08
CA SER H 1265 35.85 31.99 -27.25
C SER H 1265 34.54 31.62 -27.92
N PRO H 1266 33.75 30.70 -27.36
CA PRO H 1266 32.62 30.14 -28.09
C PRO H 1266 31.44 31.07 -28.26
N CYS H 1267 31.41 32.21 -27.56
CA CYS H 1267 30.35 33.18 -27.75
C CYS H 1267 30.82 34.42 -28.50
N PHE H 1268 31.89 34.30 -29.28
CA PHE H 1268 32.33 35.41 -30.11
C PHE H 1268 31.39 35.61 -31.29
N LYS H 1269 30.81 34.52 -31.81
CA LYS H 1269 29.94 34.64 -32.98
C LYS H 1269 28.58 35.23 -32.64
N PHE H 1270 28.21 35.27 -31.37
CA PHE H 1270 26.93 35.86 -30.97
C PHE H 1270 27.05 37.35 -30.72
N PHE H 1271 28.20 37.81 -30.23
CA PHE H 1271 28.35 39.19 -29.77
C PHE H 1271 28.97 40.11 -30.83
N THR H 1272 29.30 39.60 -32.01
CA THR H 1272 29.98 40.39 -33.01
C THR H 1272 29.04 40.73 -34.16
N PRO H 1273 28.84 42.01 -34.47
CA PRO H 1273 27.95 42.37 -35.59
C PRO H 1273 28.60 42.00 -36.91
N ALA H 1274 27.97 41.06 -37.62
CA ALA H 1274 28.49 40.63 -38.91
C ALA H 1274 28.25 41.71 -39.95
N GLU H 1275 29.21 41.85 -40.86
CA GLU H 1275 29.06 42.76 -41.98
C GLU H 1275 28.03 42.20 -42.96
N VAL H 1276 27.13 43.07 -43.42
CA VAL H 1276 25.97 42.67 -44.18
C VAL H 1276 25.94 43.44 -45.51
N ASN H 1277 25.55 42.74 -46.57
CA ASN H 1277 25.33 43.33 -47.89
C ASN H 1277 23.85 43.20 -48.23
N THR H 1278 23.24 44.31 -48.63
CA THR H 1278 21.80 44.35 -48.84
C THR H 1278 21.40 44.22 -50.31
N ASN H 1279 22.33 43.87 -51.20
CA ASN H 1279 21.98 43.72 -52.61
C ASN H 1279 21.10 42.48 -52.83
N CYS H 1280 21.39 41.39 -52.14
CA CYS H 1280 20.55 40.20 -52.18
C CYS H 1280 19.46 40.31 -51.12
N ASN H 1281 18.41 39.50 -51.29
CA ASN H 1281 17.36 39.51 -50.29
C ASN H 1281 17.75 38.66 -49.08
N THR H 1282 16.78 38.42 -48.19
CA THR H 1282 17.08 37.69 -46.96
C THR H 1282 17.31 36.21 -47.23
N LEU H 1283 16.50 35.62 -48.09
CA LEU H 1283 16.56 34.17 -48.30
C LEU H 1283 17.81 33.76 -49.06
N ASP H 1284 18.16 34.52 -50.10
CA ASP H 1284 19.38 34.17 -50.84
C ASP H 1284 20.63 34.39 -50.00
N ARG H 1285 20.69 35.43 -49.15
CA ARG H 1285 21.87 35.52 -48.30
C ARG H 1285 21.87 34.43 -47.24
N LEU H 1286 20.69 33.95 -46.84
CA LEU H 1286 20.64 32.82 -45.91
C LEU H 1286 21.21 31.58 -46.55
N LEU H 1287 20.91 31.35 -47.83
CA LEU H 1287 21.47 30.17 -48.50
C LEU H 1287 22.95 30.33 -48.83
N MET H 1288 23.43 31.55 -49.13
CA MET H 1288 24.88 31.72 -49.27
C MET H 1288 25.62 31.54 -47.95
N GLU H 1289 24.99 31.92 -46.84
CA GLU H 1289 25.58 31.62 -45.55
C GLU H 1289 25.46 30.15 -45.17
N ALA H 1290 24.46 29.44 -45.72
CA ALA H 1290 24.17 28.08 -45.31
C ALA H 1290 25.16 27.06 -45.84
N LYS H 1291 26.06 27.44 -46.74
CA LYS H 1291 27.00 26.50 -47.32
C LYS H 1291 28.07 26.12 -46.29
N ALA H 1292 29.03 25.31 -46.74
CA ALA H 1292 30.08 24.85 -45.84
C ALA H 1292 31.06 25.98 -45.54
N VAL H 1293 30.80 26.72 -44.46
CA VAL H 1293 31.68 27.79 -44.05
C VAL H 1293 32.95 27.21 -43.47
N ALA H 1294 34.06 27.95 -43.58
CA ALA H 1294 35.33 27.49 -43.05
C ALA H 1294 35.28 27.42 -41.52
N SER H 1295 36.10 26.53 -40.96
CA SER H 1295 36.12 26.34 -39.52
C SER H 1295 36.72 27.56 -38.83
N GLN H 1296 36.36 27.74 -37.56
CA GLN H 1296 36.89 28.82 -36.75
C GLN H 1296 37.55 28.29 -35.48
N SER H 1297 37.72 26.98 -35.39
CA SER H 1297 38.40 26.36 -34.25
C SER H 1297 39.53 25.50 -34.78
N SER H 1298 40.18 24.76 -33.89
CA SER H 1298 41.32 23.92 -34.26
C SER H 1298 41.00 22.47 -33.95
N THR H 1299 41.53 21.57 -34.77
CA THR H 1299 41.17 20.16 -34.71
C THR H 1299 42.27 19.26 -34.18
N ASP H 1300 43.54 19.60 -34.38
CA ASP H 1300 44.62 18.70 -34.00
C ASP H 1300 45.18 18.99 -32.62
N THR H 1301 44.94 20.17 -32.08
CA THR H 1301 45.50 20.55 -30.79
C THR H 1301 44.68 20.00 -29.63
N GLU H 1302 44.98 20.43 -28.40
CA GLU H 1302 44.33 19.86 -27.22
C GLU H 1302 43.26 20.75 -26.59
N TYR H 1303 43.47 22.07 -26.52
CA TYR H 1303 42.55 22.91 -25.76
C TYR H 1303 41.56 23.70 -26.62
N GLN H 1304 41.39 23.37 -27.90
CA GLN H 1304 40.53 24.09 -28.84
C GLN H 1304 40.93 25.56 -28.96
N PHE H 1305 42.13 25.75 -29.50
CA PHE H 1305 42.64 27.10 -29.73
C PHE H 1305 41.97 27.76 -30.93
N LYS H 1306 42.41 28.99 -31.21
CA LYS H 1306 41.90 29.76 -32.33
C LYS H 1306 42.33 29.14 -33.66
N ARG H 1307 41.70 29.58 -34.73
CA ARG H 1307 41.91 28.99 -36.04
C ARG H 1307 43.30 29.36 -36.54
N PRO H 1308 44.17 28.39 -36.84
CA PRO H 1308 45.51 28.73 -37.30
C PRO H 1308 45.47 29.28 -38.71
N PRO H 1309 46.32 30.25 -39.04
CA PRO H 1309 46.30 30.84 -40.39
C PRO H 1309 46.76 29.83 -41.43
N GLY H 1310 46.05 29.82 -42.57
CA GLY H 1310 46.32 28.87 -43.62
C GLY H 1310 45.61 27.54 -43.48
N SER H 1311 44.87 27.32 -42.41
CA SER H 1311 44.16 26.08 -42.20
C SER H 1311 42.84 26.12 -42.96
N THR H 1312 42.63 25.13 -43.84
CA THR H 1312 41.43 25.06 -44.67
C THR H 1312 40.66 23.80 -44.30
N GLU H 1313 39.79 23.92 -43.30
CA GLU H 1313 38.85 22.85 -42.93
C GLU H 1313 37.45 23.42 -43.01
N MET H 1314 36.58 22.74 -43.74
CA MET H 1314 35.20 23.17 -43.92
C MET H 1314 34.29 22.33 -43.03
N THR H 1315 33.58 23.00 -42.13
CA THR H 1315 32.61 22.37 -41.26
C THR H 1315 31.26 23.04 -41.45
N GLN H 1316 30.20 22.26 -41.61
CA GLN H 1316 28.86 22.82 -41.65
C GLN H 1316 28.50 23.40 -40.29
N ASP H 1317 27.86 24.55 -40.29
CA ASP H 1317 27.63 25.33 -39.08
C ASP H 1317 26.17 25.74 -38.96
N PRO H 1318 25.33 24.92 -38.35
CA PRO H 1318 24.05 25.43 -37.85
C PRO H 1318 24.16 26.19 -36.54
N CYS H 1319 23.02 26.77 -36.16
CA CYS H 1319 22.84 27.67 -34.99
C CYS H 1319 23.93 28.75 -34.89
N GLY H 1320 24.49 29.15 -36.03
CA GLY H 1320 25.41 30.26 -36.11
C GLY H 1320 24.94 31.22 -37.17
N LEU H 1321 24.17 30.68 -38.12
CA LEU H 1321 23.45 31.48 -39.09
C LEU H 1321 22.06 31.85 -38.60
N PHE H 1322 21.53 31.13 -37.62
CA PHE H 1322 20.32 31.53 -36.92
C PHE H 1322 20.60 32.30 -35.63
N GLN H 1323 21.86 32.32 -35.18
CA GLN H 1323 22.31 32.98 -33.95
C GLN H 1323 21.51 32.50 -32.73
N GLU H 1324 21.48 31.17 -32.55
CA GLU H 1324 20.81 30.56 -31.41
C GLU H 1324 21.70 29.47 -30.83
N ALA H 1325 21.26 28.91 -29.71
CA ALA H 1325 22.00 27.88 -29.01
C ALA H 1325 21.03 26.88 -28.40
N TYR H 1326 21.39 25.61 -28.43
CA TYR H 1326 20.50 24.54 -27.96
C TYR H 1326 20.85 24.14 -26.54
N PRO H 1327 19.88 24.04 -25.64
CA PRO H 1327 20.17 23.59 -24.28
C PRO H 1327 20.10 22.07 -24.17
N PRO H 1328 21.12 21.45 -23.59
CA PRO H 1328 21.08 19.99 -23.40
C PRO H 1328 20.55 19.61 -22.04
N LEU H 1329 20.57 18.31 -21.72
CA LEU H 1329 20.05 17.80 -20.46
C LEU H 1329 20.95 18.26 -19.33
N CYS H 1330 20.48 19.23 -18.55
CA CYS H 1330 21.22 19.75 -17.42
C CYS H 1330 20.27 19.90 -16.24
N SER H 1331 20.83 19.89 -15.04
CA SER H 1331 20.04 20.04 -13.84
C SER H 1331 20.90 20.59 -12.72
N SER H 1332 20.25 21.22 -11.74
CA SER H 1332 20.94 21.74 -10.58
C SER H 1332 21.16 20.71 -9.49
N ASP H 1333 20.52 19.55 -9.58
CA ASP H 1333 20.67 18.52 -8.56
C ASP H 1333 20.87 17.18 -9.23
N ALA H 1334 21.87 16.43 -8.78
CA ALA H 1334 22.09 15.09 -9.29
C ALA H 1334 21.02 14.11 -8.83
N ALA H 1335 20.25 14.47 -7.80
CA ALA H 1335 19.19 13.60 -7.31
C ALA H 1335 18.05 13.49 -8.32
N MET H 1336 17.66 14.59 -8.94
CA MET H 1336 16.50 14.61 -9.80
C MET H 1336 16.83 14.29 -11.25
N LEU H 1337 18.11 14.19 -11.60
CA LEU H 1337 18.46 13.98 -13.00
C LEU H 1337 18.26 12.53 -13.41
N ARG H 1338 18.21 11.60 -12.46
CA ARG H 1338 17.98 10.19 -12.73
C ARG H 1338 16.80 9.70 -11.91
N THR H 1339 16.05 8.74 -12.44
CA THR H 1339 14.93 8.15 -11.73
C THR H 1339 15.21 6.69 -11.39
N ALA H 1340 14.43 6.17 -10.44
CA ALA H 1340 14.62 4.82 -9.91
C ALA H 1340 13.65 3.86 -10.59
N HIS H 1341 13.94 3.55 -11.85
CA HIS H 1341 13.09 2.66 -12.63
C HIS H 1341 13.92 1.74 -13.52
N ALA H 1342 15.26 1.84 -13.47
CA ALA H 1342 16.19 1.08 -14.29
C ALA H 1342 15.91 1.28 -15.79
N GLY H 1343 16.16 2.51 -16.24
CA GLY H 1343 15.82 2.89 -17.59
C GLY H 1343 16.13 4.34 -17.90
N GLU H 1344 15.15 5.07 -18.42
CA GLU H 1344 15.30 6.45 -18.83
C GLU H 1344 15.59 7.36 -17.63
N THR H 1345 15.96 8.59 -17.92
CA THR H 1345 16.26 9.58 -16.90
C THR H 1345 14.99 10.28 -16.43
N GLY H 1346 15.15 11.15 -15.42
CA GLY H 1346 14.01 11.80 -14.83
C GLY H 1346 13.42 12.88 -15.73
N ALA H 1347 12.25 13.38 -15.33
CA ALA H 1347 11.56 14.38 -16.12
C ALA H 1347 10.91 15.48 -15.28
N ASP H 1348 11.04 15.45 -13.96
CA ASP H 1348 10.45 16.49 -13.13
C ASP H 1348 11.27 17.78 -13.25
N GLU H 1349 10.59 18.85 -13.64
CA GLU H 1349 11.28 20.08 -14.04
C GLU H 1349 11.78 20.90 -12.86
N VAL H 1350 10.95 21.14 -11.86
CA VAL H 1350 11.33 21.95 -10.71
C VAL H 1350 10.82 21.29 -9.44
N HIS H 1351 11.69 21.13 -8.44
CA HIS H 1351 11.26 20.43 -7.24
C HIS H 1351 10.94 21.36 -6.07
N LEU H 1352 11.91 22.12 -5.57
CA LEU H 1352 11.52 23.17 -4.64
C LEU H 1352 12.14 24.48 -5.08
N ALA H 1353 13.45 24.46 -5.30
CA ALA H 1353 14.15 25.61 -5.88
C ALA H 1353 15.19 25.20 -6.90
N GLN H 1354 15.39 23.89 -7.12
CA GLN H 1354 16.30 23.41 -8.15
C GLN H 1354 15.58 23.41 -9.48
N TYR H 1355 16.23 22.91 -10.53
CA TYR H 1355 15.59 22.85 -11.84
C TYR H 1355 16.22 21.75 -12.65
N LEU H 1356 15.47 21.28 -13.65
CA LEU H 1356 15.94 20.29 -14.61
C LEU H 1356 15.47 20.75 -15.97
N ILE H 1357 16.41 20.94 -16.90
CA ILE H 1357 16.10 21.43 -18.23
C ILE H 1357 16.16 20.25 -19.19
N ARG H 1358 15.03 19.88 -19.77
CA ARG H 1358 14.97 18.75 -20.68
C ARG H 1358 15.73 19.06 -21.95
N ASP H 1359 16.19 18.00 -22.61
CA ASP H 1359 17.09 18.15 -23.74
C ASP H 1359 16.29 18.63 -24.95
N ALA H 1360 16.71 19.75 -25.54
CA ALA H 1360 16.09 20.29 -26.73
C ALA H 1360 17.06 20.36 -27.90
N SER H 1361 18.26 19.81 -27.77
CA SER H 1361 19.26 19.79 -28.82
C SER H 1361 18.86 18.83 -29.92
N PRO H 1362 19.47 18.93 -31.11
CA PRO H 1362 19.22 17.91 -32.15
C PRO H 1362 19.66 16.51 -31.78
N LEU H 1363 20.49 16.35 -30.75
CA LEU H 1363 20.96 15.04 -30.31
C LEU H 1363 20.05 14.52 -29.20
N ARG H 1364 18.83 14.15 -29.58
CA ARG H 1364 17.87 13.59 -28.65
C ARG H 1364 17.97 12.07 -28.54
N GLY H 1365 18.00 11.37 -29.67
CA GLY H 1365 18.09 9.93 -29.66
C GLY H 1365 19.50 9.40 -29.82
N CYS H 1366 20.49 10.25 -29.60
CA CYS H 1366 21.89 9.85 -29.70
C CYS H 1366 22.60 10.18 -28.39
N LEU H 1367 23.95 10.01 -28.37
CA LEU H 1367 24.81 10.26 -27.22
C LEU H 1367 24.33 9.51 -25.98
N PRO H 1368 24.61 8.21 -25.89
CA PRO H 1368 24.02 7.36 -24.84
C PRO H 1368 24.41 7.81 -23.44
N LEU H 1369 23.46 7.64 -22.51
CA LEU H 1369 23.58 8.14 -21.16
C LEU H 1369 24.06 7.05 -20.20
N SER I 1 -28.27 87.76 50.42
CA SER I 1 -29.07 86.56 50.64
C SER I 1 -30.52 86.93 50.92
N ASN I 2 -30.73 88.06 51.57
CA ASN I 2 -32.05 88.52 51.95
C ASN I 2 -32.21 90.01 51.64
N PRO I 3 -33.42 90.47 51.28
CA PRO I 3 -34.65 89.68 51.08
C PRO I 3 -34.93 89.32 49.62
N THR I 4 -34.99 88.02 49.33
CA THR I 4 -35.32 87.56 47.99
C THR I 4 -36.35 86.43 47.80
N THR I 5 -36.63 85.48 48.72
CA THR I 5 -36.06 85.21 50.04
C THR I 5 -35.36 83.85 50.06
N PHE I 6 -36.03 82.83 49.53
CA PHE I 6 -35.47 81.48 49.51
C PHE I 6 -36.14 80.75 48.35
N SER I 7 -35.37 79.92 47.65
CA SER I 7 -35.89 79.16 46.51
C SER I 7 -36.82 78.07 46.99
N VAL I 8 -38.10 78.19 46.65
CA VAL I 8 -39.11 77.21 47.06
C VAL I 8 -39.56 76.50 45.80
N GLU I 9 -39.15 77.03 44.64
CA GLU I 9 -39.38 76.45 43.33
C GLU I 9 -40.87 76.26 43.03
N ALA I 10 -41.68 77.31 42.81
CA ALA I 10 -41.44 78.68 42.25
C ALA I 10 -40.55 78.81 41.00
N ILE I 11 -40.69 79.93 40.30
CA ILE I 11 -40.01 80.15 39.02
C ILE I 11 -39.32 81.51 39.13
N ALA I 12 -39.30 82.08 40.33
CA ALA I 12 -38.79 83.44 40.47
C ALA I 12 -37.27 83.56 40.29
N ALA I 13 -36.40 82.73 40.90
CA ALA I 13 -36.59 81.95 42.11
C ALA I 13 -35.69 82.57 43.17
N TYR I 14 -34.36 82.49 42.93
CA TYR I 14 -33.32 83.48 43.21
C TYR I 14 -32.01 82.91 42.68
N THR I 15 -31.13 83.73 42.07
CA THR I 15 -30.16 83.15 41.15
C THR I 15 -28.93 82.55 41.85
N PRO I 16 -28.22 83.21 42.81
CA PRO I 16 -27.46 82.40 43.78
C PRO I 16 -28.20 82.32 45.11
N VAL I 17 -28.61 81.17 45.67
CA VAL I 17 -28.21 79.75 45.52
C VAL I 17 -26.73 79.65 45.87
N ALA I 18 -26.47 79.42 47.16
CA ALA I 18 -25.15 79.15 47.69
C ALA I 18 -25.24 78.08 48.76
N LEU I 19 -26.07 77.06 48.52
CA LEU I 19 -26.21 75.93 49.44
C LEU I 19 -25.32 74.79 48.96
N ILE I 20 -25.33 73.67 49.69
CA ILE I 20 -24.60 72.48 49.29
C ILE I 20 -25.31 71.27 49.93
N ARG I 21 -25.22 70.11 49.27
CA ARG I 21 -25.82 68.84 49.69
C ARG I 21 -27.33 69.00 49.83
N LEU I 22 -27.94 69.71 48.89
CA LEU I 22 -29.34 70.06 48.98
C LEU I 22 -30.23 68.84 48.70
N LEU I 23 -30.97 68.41 49.73
CA LEU I 23 -32.05 67.46 49.55
C LEU I 23 -33.35 68.23 49.42
N ASN I 24 -33.36 69.24 48.55
CA ASN I 24 -34.47 70.18 48.47
C ASN I 24 -35.18 70.02 47.14
N ALA I 25 -34.41 69.76 46.09
CA ALA I 25 -34.98 69.43 44.79
C ALA I 25 -35.75 68.12 44.90
N SER I 26 -35.19 67.13 45.57
CA SER I 26 -35.93 65.87 45.71
C SER I 26 -35.69 65.18 47.05
N GLY I 27 -36.48 65.51 48.07
CA GLY I 27 -37.28 66.73 48.13
C GLY I 27 -38.69 66.76 47.59
N PRO I 28 -39.50 67.68 48.14
CA PRO I 28 -40.78 67.98 47.51
C PRO I 28 -40.71 69.20 46.59
N LEU I 29 -41.71 69.37 45.75
CA LEU I 29 -41.77 70.54 44.88
C LEU I 29 -42.99 71.47 45.07
N GLN I 30 -44.25 70.99 45.09
CA GLN I 30 -44.77 69.64 44.85
C GLN I 30 -46.13 69.65 44.16
N PRO I 31 -46.14 69.78 42.83
CA PRO I 31 -45.08 70.14 41.87
C PRO I 31 -44.96 71.64 41.70
N GLY I 32 -44.40 72.07 40.57
CA GLY I 32 -44.33 73.48 40.23
C GLY I 32 -45.70 74.11 40.04
N HIS I 33 -45.80 75.40 40.34
CA HIS I 33 -47.09 76.10 40.36
C HIS I 33 -47.50 76.61 38.98
N ARG I 34 -48.49 77.49 38.96
CA ARG I 34 -49.05 78.05 37.71
C ARG I 34 -48.26 79.29 37.33
N VAL I 35 -47.02 79.10 36.88
CA VAL I 35 -46.20 80.18 36.34
C VAL I 35 -45.85 79.77 34.91
N ASP I 36 -45.52 80.75 34.06
CA ASP I 36 -45.28 80.54 32.64
C ASP I 36 -44.11 79.61 32.34
N ILE I 37 -42.93 79.92 32.89
CA ILE I 37 -41.62 79.26 32.81
C ILE I 37 -41.02 79.40 31.40
N ALA I 38 -39.74 79.71 31.33
CA ALA I 38 -38.86 79.19 30.29
C ALA I 38 -37.52 78.84 30.93
N ASP I 39 -37.09 79.73 31.82
CA ASP I 39 -35.74 79.74 32.38
C ASP I 39 -35.71 80.57 33.65
N ALA I 40 -35.69 80.01 34.88
CA ALA I 40 -35.56 78.61 35.36
C ALA I 40 -34.28 77.87 34.98
N ARG I 41 -34.32 77.11 33.89
CA ARG I 41 -33.40 75.99 33.62
C ARG I 41 -31.91 76.32 33.68
N SER I 42 -31.44 77.32 32.94
CA SER I 42 -30.03 77.65 32.94
C SER I 42 -29.63 78.40 34.20
N ILE I 43 -30.59 79.16 34.77
CA ILE I 43 -30.38 79.94 35.99
C ILE I 43 -30.05 78.99 37.14
N TYR I 44 -30.76 77.88 37.20
CA TYR I 44 -30.47 76.84 38.19
C TYR I 44 -29.10 76.23 37.96
N THR I 45 -28.74 75.99 36.70
CA THR I 45 -27.51 75.28 36.37
C THR I 45 -26.27 76.10 36.71
N VAL I 46 -26.26 77.38 36.29
CA VAL I 46 -25.11 78.24 36.52
C VAL I 46 -25.06 78.59 38.00
N GLY I 47 -26.22 78.58 38.65
CA GLY I 47 -26.28 78.77 40.08
C GLY I 47 -25.66 77.60 40.83
N ALA I 48 -25.98 76.38 40.42
CA ALA I 48 -25.50 75.17 41.08
C ALA I 48 -24.00 75.00 40.88
N ALA I 49 -23.50 75.28 39.67
CA ALA I 49 -22.08 75.14 39.39
C ALA I 49 -21.26 76.14 40.20
N ALA I 50 -21.71 77.39 40.25
CA ALA I 50 -21.05 78.39 41.07
C ALA I 50 -21.27 78.15 42.55
N SER I 51 -22.31 77.41 42.90
CA SER I 51 -22.60 77.04 44.28
C SER I 51 -21.93 75.76 44.69
N ALA I 52 -21.18 75.13 43.78
CA ALA I 52 -20.33 74.00 44.10
C ALA I 52 -18.86 74.41 44.03
N ALA I 53 -18.52 75.32 43.12
CA ALA I 53 -17.20 75.95 43.16
C ALA I 53 -17.01 76.76 44.42
N ARG I 54 -18.05 77.46 44.86
CA ARG I 54 -18.03 78.12 46.16
C ARG I 54 -18.16 77.13 47.31
N ALA I 55 -18.76 75.96 47.05
CA ALA I 55 -18.83 74.93 48.08
C ALA I 55 -17.52 74.15 48.20
N ARG I 56 -16.59 74.37 47.27
CA ARG I 56 -15.22 73.92 47.49
C ARG I 56 -14.71 74.65 48.73
N ALA I 57 -14.55 75.97 48.63
CA ALA I 57 -14.14 76.86 49.73
C ALA I 57 -12.91 76.36 50.49
N ASN I 58 -13.09 75.32 51.29
CA ASN I 58 -11.98 74.54 51.81
C ASN I 58 -11.54 73.54 50.74
N HIS I 59 -10.79 72.51 51.15
CA HIS I 59 -10.14 71.51 50.28
C HIS I 59 -9.02 72.17 49.48
N ASN I 60 -8.65 73.41 49.86
CA ASN I 60 -7.53 74.13 49.28
C ASN I 60 -6.37 74.21 50.26
N ALA I 61 -6.57 73.74 51.48
CA ALA I 61 -5.49 73.50 52.43
C ALA I 61 -4.98 72.09 52.26
N ASN I 62 -5.57 71.36 51.31
CA ASN I 62 -5.12 70.03 50.93
C ASN I 62 -4.33 70.12 49.62
N THR I 63 -4.62 71.15 48.85
CA THR I 63 -3.83 71.53 47.68
C THR I 63 -2.49 72.11 48.15
N ILE I 64 -1.34 71.97 47.44
CA ILE I 64 -1.00 71.33 46.14
C ILE I 64 -1.77 72.00 45.01
N ARG I 65 -1.37 73.23 44.70
CA ARG I 65 -2.14 74.12 43.84
C ARG I 65 -2.15 73.68 42.39
N ARG I 66 -2.85 74.43 41.55
CA ARG I 66 -2.99 74.10 40.13
C ARG I 66 -1.65 74.25 39.44
N THR I 67 -1.42 73.45 38.40
CA THR I 67 -0.12 73.45 37.73
C THR I 67 -0.28 73.84 36.26
N ALA I 68 0.76 73.63 35.46
CA ALA I 68 0.83 74.22 34.13
C ALA I 68 0.26 73.33 33.03
N MET I 69 -0.43 72.22 33.37
CA MET I 69 -0.88 71.23 32.39
C MET I 69 0.22 70.74 31.47
N PHE I 70 0.40 71.44 30.36
CA PHE I 70 1.33 71.05 29.30
C PHE I 70 2.53 71.97 29.29
N ALA I 71 3.37 71.86 28.28
CA ALA I 71 4.61 72.62 28.17
C ALA I 71 4.36 73.90 27.39
N GLU I 72 4.33 75.03 28.08
CA GLU I 72 4.07 76.31 27.43
C GLU I 72 4.69 77.45 28.21
N THR I 73 4.84 78.61 27.57
CA THR I 73 5.38 79.80 28.23
C THR I 73 4.40 80.32 29.29
N ASP I 74 4.79 80.59 30.56
CA ASP I 74 6.14 80.67 31.18
C ASP I 74 7.12 81.62 30.49
N PRO I 75 6.97 82.93 30.75
CA PRO I 75 7.53 83.95 29.86
C PRO I 75 9.05 84.05 29.82
N MET I 76 9.80 83.14 30.45
CA MET I 76 11.24 83.20 30.23
C MET I 76 11.66 82.28 29.09
N THR I 77 11.61 80.96 29.32
CA THR I 77 12.00 79.91 28.37
C THR I 77 13.40 80.06 27.77
N TRP I 78 14.24 80.95 28.33
CA TRP I 78 15.58 81.13 27.77
C TRP I 78 16.62 80.70 28.78
N LEU I 79 16.16 80.12 29.88
CA LEU I 79 17.06 79.52 30.87
C LEU I 79 16.56 78.15 31.28
N ARG I 80 15.29 77.87 30.99
CA ARG I 80 14.62 76.75 31.62
C ARG I 80 13.43 76.29 30.79
N PRO I 81 13.55 75.18 30.06
CA PRO I 81 12.39 74.64 29.34
C PRO I 81 11.27 74.24 30.28
N THR I 82 10.05 74.53 29.85
CA THR I 82 8.86 74.27 30.64
C THR I 82 8.39 72.84 30.43
N VAL I 83 8.04 72.17 31.52
CA VAL I 83 7.43 70.85 31.46
C VAL I 83 6.24 70.85 32.40
N GLY I 84 5.09 70.43 31.90
CA GLY I 84 3.89 70.39 32.69
C GLY I 84 3.69 69.06 33.40
N LEU I 85 2.96 69.13 34.51
CA LEU I 85 2.61 67.97 35.32
C LEU I 85 1.39 67.30 34.71
N ARG I 86 1.48 66.00 34.49
CA ARG I 86 0.28 65.17 34.35
C ARG I 86 -0.22 64.79 35.72
N ARG I 87 -1.41 65.27 36.08
CA ARG I 87 -1.89 65.16 37.45
C ARG I 87 -2.42 63.75 37.68
N THR I 88 -1.48 62.82 37.88
CA THR I 88 -1.82 61.46 38.27
C THR I 88 -1.37 61.12 39.68
N PHE I 89 -0.78 62.07 40.41
CA PHE I 89 -0.44 61.89 41.81
C PHE I 89 -1.69 62.07 42.67
N ASN I 90 -1.50 61.93 43.97
CA ASN I 90 -2.59 62.13 44.91
C ASN I 90 -2.37 63.44 45.65
N PRO I 91 -3.11 64.51 45.34
CA PRO I 91 -2.93 65.76 46.07
C PRO I 91 -3.61 65.77 47.43
N ARG I 92 -2.83 65.63 48.49
CA ARG I 92 -3.36 65.70 49.85
C ARG I 92 -2.54 66.55 50.82
N ILE I 93 -1.24 66.74 50.56
CA ILE I 93 -0.25 67.58 51.28
C ILE I 93 -0.15 67.36 52.79
N ILE I 94 -1.21 66.82 53.43
CA ILE I 94 -1.37 66.58 54.87
C ILE I 94 -0.72 67.62 55.80
N SER J 1 -55.19 42.53 71.41
CA SER J 1 -54.31 41.72 72.23
C SER J 1 -55.04 41.16 73.45
N ASN J 2 -55.72 42.06 74.17
CA ASN J 2 -56.51 41.69 75.33
C ASN J 2 -57.80 42.49 75.39
N PRO J 3 -58.91 41.89 75.83
CA PRO J 3 -59.08 40.46 76.13
C PRO J 3 -59.71 39.67 74.98
N THR J 4 -58.97 38.69 74.46
CA THR J 4 -59.46 37.90 73.33
C THR J 4 -59.38 36.35 73.34
N THR J 5 -58.46 35.65 74.04
CA THR J 5 -57.40 36.06 74.96
C THR J 5 -56.00 35.87 74.36
N PHE J 6 -55.74 34.67 73.88
CA PHE J 6 -54.43 34.34 73.31
C PHE J 6 -54.67 33.13 72.39
N SER J 7 -53.99 33.12 71.25
CA SER J 7 -54.18 32.07 70.25
C SER J 7 -53.71 30.72 70.78
N VAL J 8 -54.65 29.80 70.95
CA VAL J 8 -54.38 28.51 71.57
C VAL J 8 -54.63 27.43 70.52
N GLU J 9 -55.13 27.86 69.35
CA GLU J 9 -55.32 27.06 68.13
C GLU J 9 -56.08 25.74 68.38
N ALA J 10 -57.40 25.76 68.67
CA ALA J 10 -58.51 26.71 68.31
C ALA J 10 -58.55 27.23 66.85
N ILE J 11 -59.63 27.92 66.50
CA ILE J 11 -59.74 28.52 65.17
C ILE J 11 -60.28 29.94 65.23
N ALA J 12 -60.30 30.55 66.42
CA ALA J 12 -60.91 31.87 66.53
C ALA J 12 -60.13 32.97 65.78
N ALA J 13 -58.79 33.06 65.83
CA ALA J 13 -57.91 32.65 66.93
C ALA J 13 -57.73 33.92 67.75
N TYR J 14 -57.07 34.90 67.11
CA TYR J 14 -57.23 36.35 67.27
C TYR J 14 -56.35 36.98 66.19
N THR J 15 -56.87 37.95 65.43
CA THR J 15 -56.37 38.17 64.07
C THR J 15 -54.97 38.80 64.00
N PRO J 16 -54.64 39.94 64.69
CA PRO J 16 -53.26 40.06 65.17
C PRO J 16 -53.14 39.56 66.60
N VAL J 17 -52.31 38.58 66.99
CA VAL J 17 -51.02 38.04 66.47
C VAL J 17 -50.02 39.20 66.44
N ALA J 18 -49.37 39.36 67.59
CA ALA J 18 -48.38 40.40 67.82
C ALA J 18 -47.20 39.84 68.61
N LEU J 19 -46.78 38.63 68.23
CA LEU J 19 -45.66 37.96 68.88
C LEU J 19 -44.46 37.92 67.94
N ILE J 20 -43.27 37.61 68.46
CA ILE J 20 -42.07 37.54 67.63
C ILE J 20 -41.36 36.21 67.85
N ARG J 21 -40.84 35.62 66.76
CA ARG J 21 -39.99 34.42 66.75
C ARG J 21 -40.61 33.26 67.51
N LEU J 22 -41.90 32.99 67.28
CA LEU J 22 -42.68 32.12 68.13
C LEU J 22 -42.33 30.64 67.93
N LEU J 23 -41.93 29.99 69.02
CA LEU J 23 -41.87 28.53 69.08
C LEU J 23 -43.19 28.03 69.67
N ASN J 24 -44.31 28.51 69.15
CA ASN J 24 -45.60 28.27 69.78
C ASN J 24 -46.24 27.19 68.93
N ALA J 25 -46.10 27.31 67.60
CA ALA J 25 -46.66 26.34 66.68
C ALA J 25 -46.00 24.98 66.85
N SER J 26 -44.67 24.93 66.85
CA SER J 26 -44.03 23.62 66.96
C SER J 26 -42.84 23.63 67.90
N GLY J 27 -43.07 23.43 69.20
CA GLY J 27 -44.37 23.61 69.85
C GLY J 27 -45.35 22.46 69.95
N PRO J 28 -46.20 22.52 70.98
CA PRO J 28 -47.33 21.58 71.08
C PRO J 28 -48.59 22.15 70.46
N LEU J 29 -49.55 21.29 70.09
CA LEU J 29 -50.87 21.78 69.68
C LEU J 29 -52.04 21.28 70.54
N GLN J 30 -52.27 19.97 70.76
CA GLN J 30 -51.56 18.77 70.27
C GLN J 30 -52.51 17.61 70.06
N PRO J 31 -53.27 17.61 68.94
CA PRO J 31 -53.45 18.57 67.86
C PRO J 31 -54.62 19.53 68.10
N GLY J 32 -55.14 20.10 67.01
CA GLY J 32 -56.30 20.98 67.08
C GLY J 32 -57.56 20.31 67.57
N HIS J 33 -58.52 21.10 68.06
CA HIS J 33 -59.71 20.60 68.71
C HIS J 33 -60.79 20.17 67.72
N ARG J 34 -62.01 19.96 68.21
CA ARG J 34 -63.13 19.50 67.41
C ARG J 34 -63.94 20.72 66.95
N VAL J 35 -63.50 21.33 65.85
CA VAL J 35 -64.15 22.52 65.29
C VAL J 35 -64.40 22.30 63.80
N ASP J 36 -64.94 23.32 63.13
CA ASP J 36 -65.29 23.21 61.72
C ASP J 36 -64.09 23.40 60.81
N ILE J 37 -63.51 24.62 60.85
CA ILE J 37 -62.28 25.14 60.24
C ILE J 37 -62.35 25.19 58.71
N ALA J 38 -61.94 26.31 58.13
CA ALA J 38 -61.22 26.33 56.87
C ALA J 38 -60.15 27.41 56.94
N ASP J 39 -60.47 28.48 57.68
CA ASP J 39 -59.77 29.76 57.75
C ASP J 39 -59.95 30.32 59.17
N ALA J 40 -58.97 30.26 60.10
CA ALA J 40 -57.61 29.68 60.12
C ALA J 40 -56.59 30.25 59.14
N ARG J 41 -56.40 29.56 58.00
CA ARG J 41 -55.23 29.70 57.13
C ARG J 41 -54.93 31.12 56.69
N SER J 42 -55.93 31.83 56.17
CA SER J 42 -55.73 33.20 55.69
C SER J 42 -55.53 34.16 56.85
N ILE J 43 -56.34 34.01 57.91
CA ILE J 43 -56.31 34.88 59.09
C ILE J 43 -54.97 34.71 59.79
N TYR J 44 -54.45 33.49 59.80
CA TYR J 44 -53.12 33.26 60.34
C TYR J 44 -52.05 33.97 59.51
N THR J 45 -52.18 33.90 58.18
CA THR J 45 -51.14 34.40 57.30
C THR J 45 -51.04 35.92 57.35
N VAL J 46 -52.20 36.60 57.32
CA VAL J 46 -52.23 38.06 57.30
C VAL J 46 -51.77 38.57 58.65
N GLY J 47 -52.02 37.80 59.71
CA GLY J 47 -51.55 38.15 61.03
C GLY J 47 -50.06 37.95 61.18
N ALA J 48 -49.53 36.87 60.59
CA ALA J 48 -48.11 36.56 60.68
C ALA J 48 -47.27 37.57 59.92
N ALA J 49 -47.75 37.98 58.74
CA ALA J 49 -47.02 38.99 57.97
C ALA J 49 -47.04 40.34 58.66
N ALA J 50 -48.18 40.70 59.26
CA ALA J 50 -48.26 41.94 60.01
C ALA J 50 -47.42 41.89 61.28
N SER J 51 -47.28 40.70 61.88
CA SER J 51 -46.47 40.51 63.07
C SER J 51 -45.01 40.28 62.75
N ALA J 52 -44.62 40.45 61.48
CA ALA J 52 -43.22 40.54 61.09
C ALA J 52 -42.90 41.95 60.61
N ALA J 53 -43.86 42.57 59.91
CA ALA J 53 -43.72 43.99 59.57
C ALA J 53 -43.70 44.87 60.81
N ARG J 54 -44.52 44.54 61.81
CA ARG J 54 -44.43 45.23 63.08
C ARG J 54 -43.19 44.78 63.84
N ALA J 55 -42.79 43.52 63.69
CA ALA J 55 -41.60 43.00 64.34
C ALA J 55 -40.32 43.60 63.78
N ARG J 56 -40.40 44.31 62.65
CA ARG J 56 -39.30 45.18 62.27
C ARG J 56 -39.11 46.19 63.39
N ALA J 57 -40.09 47.09 63.59
CA ALA J 57 -40.08 48.12 64.63
C ALA J 57 -38.75 48.87 64.73
N ASN J 58 -37.74 48.21 65.28
CA ASN J 58 -36.36 48.67 65.15
C ASN J 58 -35.82 48.25 63.79
N HIS J 59 -34.49 48.28 63.63
CA HIS J 59 -33.74 48.09 62.39
C HIS J 59 -33.98 49.23 61.41
N ASN J 60 -34.85 50.18 61.77
CA ASN J 60 -35.03 51.44 61.07
C ASN J 60 -34.18 52.53 61.70
N ALA J 61 -33.47 52.19 62.76
CA ALA J 61 -32.39 53.01 63.29
C ALA J 61 -31.11 52.61 62.59
N ASN J 62 -31.21 51.69 61.64
CA ASN J 62 -30.07 51.24 60.85
C ASN J 62 -30.26 51.63 59.38
N THR J 63 -31.51 51.78 58.96
CA THR J 63 -31.84 52.42 57.70
C THR J 63 -31.47 53.90 57.79
N ILE J 64 -31.04 54.62 56.73
CA ILE J 64 -30.85 54.33 55.28
C ILE J 64 -32.20 53.98 54.63
N ARG J 65 -33.01 55.01 54.42
CA ARG J 65 -34.39 54.89 53.99
C ARG J 65 -34.50 54.32 52.59
N ARG J 66 -35.65 53.75 52.25
CA ARG J 66 -35.91 53.23 50.91
C ARG J 66 -35.94 54.37 49.90
N THR J 67 -35.64 54.08 48.64
CA THR J 67 -35.52 55.13 47.64
C THR J 67 -36.41 54.88 46.44
N ALA J 68 -36.20 55.66 45.38
CA ALA J 68 -37.08 55.69 44.22
C ALA J 68 -36.95 54.45 43.34
N MET J 69 -36.07 53.50 43.68
CA MET J 69 -35.86 52.24 42.96
C MET J 69 -35.43 52.47 41.53
N PHE J 70 -36.41 52.77 40.68
CA PHE J 70 -36.22 52.89 39.25
C PHE J 70 -36.26 54.35 38.88
N ALA J 71 -36.26 54.67 37.59
CA ALA J 71 -36.29 56.05 37.14
C ALA J 71 -37.72 56.48 36.89
N GLU J 72 -38.27 57.30 37.78
CA GLU J 72 -39.64 57.80 37.63
C GLU J 72 -39.79 59.15 38.30
N THR J 73 -40.81 59.91 37.91
CA THR J 73 -41.06 61.23 38.50
C THR J 73 -41.54 61.08 39.95
N ASP J 74 -40.93 61.72 40.98
CA ASP J 74 -39.95 62.84 41.06
C ASP J 74 -40.57 64.03 40.30
N PRO J 75 -41.49 64.72 40.97
CA PRO J 75 -42.51 65.52 40.27
C PRO J 75 -42.00 66.76 39.55
N MET J 76 -40.71 67.08 39.53
CA MET J 76 -40.32 68.14 38.62
C MET J 76 -39.82 67.60 37.29
N THR J 77 -38.68 66.90 37.33
CA THR J 77 -37.94 66.40 36.16
C THR J 77 -37.66 67.45 35.09
N TRP J 78 -37.73 68.75 35.43
CA TRP J 78 -37.49 69.77 34.41
C TRP J 78 -36.23 70.56 34.73
N LEU J 79 -35.49 70.15 35.76
CA LEU J 79 -34.19 70.74 36.01
C LEU J 79 -33.19 69.68 36.43
N ARG J 80 -33.60 68.42 36.45
CA ARG J 80 -32.78 67.32 36.94
C ARG J 80 -33.34 65.97 36.53
N PRO J 81 -32.53 65.09 35.94
CA PRO J 81 -32.98 63.73 35.64
C PRO J 81 -33.12 62.92 36.92
N THR J 82 -33.84 61.81 36.82
CA THR J 82 -34.05 60.95 37.97
C THR J 82 -33.46 59.56 37.73
N VAL J 83 -32.68 59.10 38.71
CA VAL J 83 -32.05 57.78 38.71
C VAL J 83 -32.08 57.26 40.13
N GLY J 84 -32.54 56.01 40.29
CA GLY J 84 -32.66 55.41 41.60
C GLY J 84 -31.50 54.49 41.94
N LEU J 85 -31.37 54.20 43.24
CA LEU J 85 -30.36 53.29 43.75
C LEU J 85 -30.76 51.84 43.45
N ARG J 86 -29.81 51.10 42.89
CA ARG J 86 -29.90 49.66 42.81
C ARG J 86 -29.30 49.04 44.07
N ARG J 87 -30.15 48.53 44.96
CA ARG J 87 -29.72 48.21 46.32
C ARG J 87 -28.83 46.97 46.31
N THR J 88 -27.53 47.20 46.19
CA THR J 88 -26.52 46.19 46.46
C THR J 88 -25.58 46.57 47.58
N PHE J 89 -25.77 47.74 48.20
CA PHE J 89 -24.98 48.18 49.33
C PHE J 89 -25.53 47.59 50.62
N ASN J 90 -24.77 47.72 51.69
CA ASN J 90 -25.19 47.19 52.98
C ASN J 90 -25.73 48.35 53.81
N PRO J 91 -27.04 48.41 54.05
CA PRO J 91 -27.59 49.52 54.85
C PRO J 91 -27.47 49.30 56.34
N ARG J 92 -26.60 50.05 57.02
CA ARG J 92 -26.42 49.89 58.46
C ARG J 92 -26.29 51.19 59.24
N ILE J 93 -25.94 52.32 58.62
CA ILE J 93 -25.74 53.69 59.10
C ILE J 93 -24.74 53.80 60.26
N ILE J 94 -24.59 52.74 61.07
CA ILE J 94 -23.69 52.58 62.23
C ILE J 94 -23.60 53.82 63.13
N SER K 1 -25.82 1.38 94.24
CA SER K 1 -24.45 0.95 93.96
C SER K 1 -24.02 -0.15 94.92
N ASN K 2 -24.78 -0.32 96.01
CA ASN K 2 -24.43 -1.24 97.07
C ASN K 2 -25.66 -2.01 97.56
N PRO K 3 -25.50 -3.24 98.08
CA PRO K 3 -24.29 -4.06 97.89
C PRO K 3 -24.46 -5.18 96.85
N THR K 4 -23.53 -5.23 95.90
CA THR K 4 -23.42 -6.32 94.93
C THR K 4 -22.02 -6.97 94.75
N THR K 5 -20.88 -6.24 94.67
CA THR K 5 -20.68 -4.81 94.86
C THR K 5 -19.96 -4.12 93.68
N PHE K 6 -18.79 -4.64 93.30
CA PHE K 6 -18.07 -4.14 92.12
C PHE K 6 -17.77 -5.31 91.16
N SER K 7 -17.78 -5.00 89.87
CA SER K 7 -17.38 -5.91 88.82
C SER K 7 -15.88 -6.18 88.90
N VAL K 8 -15.50 -7.43 89.17
CA VAL K 8 -14.10 -7.78 89.21
C VAL K 8 -13.89 -8.89 88.18
N GLU K 9 -15.01 -9.38 87.62
CA GLU K 9 -15.03 -10.40 86.56
C GLU K 9 -14.28 -11.66 86.97
N ALA K 10 -14.76 -12.48 87.93
CA ALA K 10 -16.16 -12.79 88.36
C ALA K 10 -17.18 -12.96 87.24
N ILE K 11 -18.46 -13.04 87.59
CA ILE K 11 -19.46 -13.39 86.58
C ILE K 11 -20.73 -12.55 86.61
N ALA K 12 -21.01 -11.88 87.72
CA ALA K 12 -22.41 -11.50 87.96
C ALA K 12 -22.92 -10.34 87.08
N ALA K 13 -22.23 -9.19 86.91
CA ALA K 13 -21.20 -8.61 87.76
C ALA K 13 -21.92 -7.58 88.62
N TYR K 14 -22.47 -6.56 87.94
CA TYR K 14 -23.65 -5.77 88.34
C TYR K 14 -24.02 -4.94 87.12
N THR K 15 -25.30 -4.94 86.73
CA THR K 15 -25.63 -4.63 85.34
C THR K 15 -25.46 -3.15 85.00
N PRO K 16 -25.89 -2.18 85.85
CA PRO K 16 -25.20 -0.87 85.81
C PRO K 16 -24.16 -0.77 86.93
N VAL K 17 -22.84 -0.68 86.72
CA VAL K 17 -22.02 -0.19 85.58
C VAL K 17 -22.42 1.26 85.33
N ALA K 18 -21.77 2.12 86.10
CA ALA K 18 -21.95 3.57 86.04
C ALA K 18 -20.58 4.24 86.11
N LEU K 19 -19.60 3.67 85.41
CA LEU K 19 -18.25 4.21 85.39
C LEU K 19 -17.98 4.89 84.05
N ILE K 20 -16.94 5.72 84.00
CA ILE K 20 -16.61 6.43 82.76
C ILE K 20 -15.18 6.10 82.35
N ARG K 21 -15.00 5.77 81.06
CA ARG K 21 -13.70 5.54 80.42
C ARG K 21 -12.86 4.52 81.17
N LEU K 22 -13.44 3.39 81.52
CA LEU K 22 -12.79 2.43 82.41
C LEU K 22 -11.67 1.68 81.69
N LEU K 23 -10.45 1.82 82.21
CA LEU K 23 -9.36 0.93 81.82
C LEU K 23 -9.24 -0.18 82.86
N ASN K 24 -10.37 -0.79 83.17
CA ASN K 24 -10.44 -1.81 84.21
C ASN K 24 -10.32 -3.18 83.57
N ALA K 25 -10.83 -3.32 82.35
CA ALA K 25 -10.68 -4.54 81.58
C ALA K 25 -9.21 -4.77 81.24
N SER K 26 -8.49 -3.69 80.93
CA SER K 26 -7.05 -3.79 80.74
C SER K 26 -6.30 -2.53 81.15
N GLY K 27 -5.85 -2.42 82.39
CA GLY K 27 -6.29 -3.26 83.50
C GLY K 27 -5.68 -4.63 83.74
N PRO K 28 -5.94 -5.20 84.90
CA PRO K 28 -5.74 -6.64 85.07
C PRO K 28 -7.02 -7.42 84.82
N LEU K 29 -6.91 -8.70 84.50
CA LEU K 29 -8.11 -9.52 84.32
C LEU K 29 -8.31 -10.57 85.43
N GLN K 30 -7.34 -11.43 85.80
CA GLN K 30 -6.03 -11.72 85.21
C GLN K 30 -5.67 -13.20 85.28
N PRO K 31 -6.38 -14.07 84.53
CA PRO K 31 -7.54 -13.89 83.64
C PRO K 31 -8.85 -14.11 84.38
N GLY K 32 -9.92 -14.38 83.64
CA GLY K 32 -11.20 -14.74 84.24
C GLY K 32 -11.15 -16.07 84.96
N HIS K 33 -12.02 -16.24 85.96
CA HIS K 33 -11.99 -17.43 86.81
C HIS K 33 -12.61 -18.65 86.13
N ARG K 34 -12.88 -19.70 86.91
CA ARG K 34 -13.28 -21.00 86.36
C ARG K 34 -14.80 -21.14 86.45
N VAL K 35 -15.54 -20.33 85.71
CA VAL K 35 -17.00 -20.46 85.69
C VAL K 35 -17.40 -20.56 84.21
N ASP K 36 -18.54 -21.19 83.92
CA ASP K 36 -18.95 -21.60 82.59
C ASP K 36 -19.19 -20.44 81.62
N ILE K 37 -19.99 -19.46 82.04
CA ILE K 37 -20.44 -18.18 81.45
C ILE K 37 -21.20 -18.38 80.14
N ALA K 38 -22.28 -17.62 79.97
CA ALA K 38 -22.90 -17.43 78.66
C ALA K 38 -23.16 -15.96 78.40
N ASP K 39 -23.50 -15.24 79.46
CA ASP K 39 -23.71 -13.79 79.46
C ASP K 39 -23.58 -13.22 80.88
N ALA K 40 -22.46 -12.61 81.29
CA ALA K 40 -21.20 -12.20 80.61
C ALA K 40 -21.38 -11.24 79.43
N ARG K 41 -21.33 -11.76 78.20
CA ARG K 41 -21.16 -10.93 77.01
C ARG K 41 -22.26 -9.91 76.76
N SER K 42 -23.53 -10.36 76.77
CA SER K 42 -24.64 -9.47 76.43
C SER K 42 -24.87 -8.40 77.50
N ILE K 43 -24.89 -8.82 78.76
CA ILE K 43 -25.17 -7.92 79.87
C ILE K 43 -24.02 -6.93 80.08
N TYR K 44 -22.84 -7.25 79.55
CA TYR K 44 -21.74 -6.31 79.58
C TYR K 44 -22.01 -5.16 78.62
N THR K 45 -22.41 -5.46 77.38
CA THR K 45 -22.60 -4.41 76.39
C THR K 45 -23.85 -3.59 76.68
N VAL K 46 -24.89 -4.24 77.24
CA VAL K 46 -26.11 -3.53 77.61
C VAL K 46 -25.79 -2.51 78.70
N GLY K 47 -24.96 -2.91 79.66
CA GLY K 47 -24.55 -1.99 80.70
C GLY K 47 -23.57 -0.93 80.22
N ALA K 48 -22.73 -1.28 79.27
CA ALA K 48 -21.74 -0.35 78.73
C ALA K 48 -22.40 0.76 77.93
N ALA K 49 -23.42 0.40 77.13
CA ALA K 49 -24.16 1.42 76.38
C ALA K 49 -24.89 2.37 77.30
N ALA K 50 -25.46 1.83 78.39
CA ALA K 50 -26.07 2.67 79.41
C ALA K 50 -25.04 3.56 80.10
N SER K 51 -23.86 3.03 80.38
CA SER K 51 -22.78 3.80 81.00
C SER K 51 -22.02 4.66 79.99
N ALA K 52 -22.59 4.90 78.81
CA ALA K 52 -22.19 5.97 77.93
C ALA K 52 -23.34 6.94 77.70
N ALA K 53 -24.57 6.42 77.59
CA ALA K 53 -25.73 7.29 77.48
C ALA K 53 -25.98 8.04 78.78
N ARG K 54 -25.85 7.38 79.92
CA ARG K 54 -25.91 8.08 81.20
C ARG K 54 -24.61 8.80 81.50
N ALA K 55 -23.49 8.36 80.93
CA ALA K 55 -22.25 9.09 81.07
C ALA K 55 -22.23 10.36 80.23
N ARG K 56 -23.19 10.51 79.31
CA ARG K 56 -23.40 11.79 78.66
C ARG K 56 -23.76 12.80 79.74
N ALA K 57 -24.93 12.64 80.38
CA ALA K 57 -25.40 13.43 81.52
C ALA K 57 -25.25 14.94 81.32
N ASN K 58 -24.00 15.41 81.41
CA ASN K 58 -23.66 16.76 80.97
C ASN K 58 -23.49 16.78 79.46
N HIS K 59 -22.83 17.84 78.94
CA HIS K 59 -22.69 18.21 77.53
C HIS K 59 -24.04 18.67 76.97
N ASN K 60 -25.07 18.70 77.81
CA ASN K 60 -26.39 19.18 77.43
C ASN K 60 -26.57 20.65 77.80
N ALA K 61 -25.53 21.25 78.38
CA ALA K 61 -25.42 22.70 78.49
C ALA K 61 -24.73 23.23 77.25
N ASN K 62 -24.42 22.35 76.31
CA ASN K 62 -23.80 22.71 75.04
C ASN K 62 -24.77 22.44 73.88
N THR K 63 -25.60 21.42 74.01
CA THR K 63 -26.71 21.19 73.10
C THR K 63 -27.73 22.31 73.29
N ILE K 64 -28.50 22.80 72.28
CA ILE K 64 -28.77 22.37 70.88
C ILE K 64 -29.48 21.00 70.89
N ARG K 65 -30.75 21.05 71.26
CA ARG K 65 -31.62 19.89 71.40
C ARG K 65 -31.83 19.19 70.05
N ARG K 66 -31.92 17.86 70.06
CA ARG K 66 -32.18 17.09 68.85
C ARG K 66 -33.54 17.41 68.27
N THR K 67 -33.74 17.19 66.97
CA THR K 67 -34.99 17.55 66.32
C THR K 67 -35.51 16.41 65.47
N ALA K 68 -36.48 16.71 64.62
CA ALA K 68 -37.19 15.71 63.83
C ALA K 68 -36.40 15.20 62.64
N MET K 69 -35.23 15.77 62.35
CA MET K 69 -34.32 15.33 61.29
C MET K 69 -34.97 15.40 59.91
N PHE K 70 -35.94 14.53 59.67
CA PHE K 70 -36.65 14.46 58.41
C PHE K 70 -37.95 15.25 58.48
N ALA K 71 -38.82 15.09 57.50
CA ALA K 71 -40.11 15.77 57.49
C ALA K 71 -41.20 14.80 57.92
N GLU K 72 -41.92 15.15 58.97
CA GLU K 72 -42.99 14.32 59.50
C GLU K 72 -43.91 15.14 60.39
N THR K 73 -45.10 14.62 60.68
CA THR K 73 -46.01 15.24 61.65
C THR K 73 -45.49 15.05 63.08
N ASP K 74 -45.38 16.07 63.94
CA ASP K 74 -45.81 17.50 63.90
C ASP K 74 -47.30 17.65 63.55
N PRO K 75 -48.16 17.43 64.55
CA PRO K 75 -49.54 17.01 64.31
C PRO K 75 -50.45 18.02 63.65
N MET K 76 -50.01 19.25 63.35
CA MET K 76 -50.94 20.13 62.66
C MET K 76 -50.78 20.09 61.13
N THR K 77 -49.63 20.50 60.58
CA THR K 77 -49.32 20.54 59.14
C THR K 77 -50.38 21.22 58.26
N TRP K 78 -51.32 21.96 58.85
CA TRP K 78 -52.36 22.57 58.03
C TRP K 78 -52.16 24.07 57.90
N LEU K 79 -51.10 24.59 58.52
CA LEU K 79 -50.74 25.99 58.28
C LEU K 79 -49.23 26.18 58.26
N ARG K 80 -48.46 25.10 58.38
CA ARG K 80 -47.00 25.19 58.33
C ARG K 80 -46.37 23.86 57.92
N PRO K 81 -45.84 23.76 56.71
CA PRO K 81 -45.13 22.53 56.30
C PRO K 81 -43.86 22.32 57.13
N THR K 82 -43.47 21.06 57.25
CA THR K 82 -42.45 20.64 58.20
C THR K 82 -41.16 20.28 57.47
N VAL K 83 -40.05 20.82 57.96
CA VAL K 83 -38.72 20.51 57.45
C VAL K 83 -37.78 20.33 58.64
N GLY K 84 -37.07 19.21 58.66
CA GLY K 84 -36.10 18.95 59.71
C GLY K 84 -34.70 19.38 59.32
N LEU K 85 -33.76 19.15 60.23
CA LEU K 85 -32.37 19.60 60.07
C LEU K 85 -31.59 18.47 59.42
N ARG K 86 -30.59 18.83 58.63
CA ARG K 86 -29.47 17.93 58.38
C ARG K 86 -28.33 18.28 59.32
N ARG K 87 -28.03 17.36 60.24
CA ARG K 87 -27.14 17.65 61.37
C ARG K 87 -25.70 17.75 60.87
N THR K 88 -25.37 18.93 60.34
CA THR K 88 -24.02 19.23 59.88
C THR K 88 -23.35 20.34 60.65
N PHE K 89 -24.06 20.99 61.57
CA PHE K 89 -23.52 22.13 62.30
C PHE K 89 -22.71 21.67 63.52
N ASN K 90 -22.23 22.65 64.28
CA ASN K 90 -21.45 22.39 65.48
C ASN K 90 -22.27 22.71 66.72
N PRO K 91 -22.81 21.72 67.42
CA PRO K 91 -23.53 22.03 68.66
C PRO K 91 -22.60 22.26 69.83
N ARG K 92 -22.40 23.53 70.19
CA ARG K 92 -21.66 23.84 71.41
C ARG K 92 -22.24 24.99 72.23
N ILE K 93 -23.02 25.89 71.62
CA ILE K 93 -23.77 27.03 72.19
C ILE K 93 -22.92 28.01 73.02
N ILE K 94 -21.69 27.64 73.38
CA ILE K 94 -20.73 28.45 74.14
C ILE K 94 -21.31 28.92 75.47
N SER L 1 30.37 2.01 92.17
CA SER L 1 31.20 3.02 91.53
C SER L 1 32.59 3.07 92.16
N ASN L 2 32.64 2.98 93.48
CA ASN L 2 33.89 3.04 94.22
C ASN L 2 33.97 1.91 95.25
N PRO L 3 35.17 1.37 95.51
CA PRO L 3 36.44 1.67 94.83
C PRO L 3 36.77 0.71 93.70
N THR L 4 36.84 1.24 92.47
CA THR L 4 37.15 0.44 91.29
C THR L 4 38.30 0.91 90.37
N THR L 5 38.56 2.21 90.09
CA THR L 5 37.84 3.43 90.49
C THR L 5 37.03 4.00 89.34
N PHE L 6 37.66 4.18 88.18
CA PHE L 6 36.98 4.78 87.05
C PHE L 6 37.57 4.19 85.77
N SER L 7 36.74 4.09 84.73
CA SER L 7 37.14 3.54 83.43
C SER L 7 38.17 4.47 82.78
N VAL L 8 39.42 4.00 82.70
CA VAL L 8 40.50 4.84 82.20
C VAL L 8 41.03 4.20 80.92
N GLU L 9 40.55 2.99 80.62
CA GLU L 9 40.83 2.25 79.39
C GLU L 9 42.31 2.16 79.03
N ALA L 10 43.17 1.40 79.74
CA ALA L 10 42.98 0.14 80.51
C ALA L 10 42.06 -0.97 79.92
N ILE L 11 42.17 -2.16 80.51
CA ILE L 11 41.32 -3.28 80.11
C ILE L 11 40.79 -3.91 81.41
N ALA L 12 40.63 -3.10 82.45
CA ALA L 12 40.18 -3.74 83.69
C ALA L 12 38.65 -3.98 83.67
N ALA L 13 37.76 -3.00 83.40
CA ALA L 13 37.89 -1.56 83.59
C ALA L 13 36.96 -1.20 84.75
N TYR L 14 35.64 -1.37 84.51
CA TYR L 14 34.58 -1.79 85.44
C TYR L 14 33.30 -1.82 84.63
N THR L 15 32.41 -2.80 84.84
CA THR L 15 31.37 -2.99 83.83
C THR L 15 30.22 -1.97 83.87
N PRO L 16 29.90 -1.27 85.00
CA PRO L 16 29.39 0.09 84.84
C PRO L 16 30.48 1.15 85.09
N VAL L 17 30.87 2.03 84.15
CA VAL L 17 30.23 2.58 82.94
C VAL L 17 28.88 3.16 83.43
N ALA L 18 29.00 4.32 84.07
CA ALA L 18 27.88 5.04 84.66
C ALA L 18 28.01 6.51 84.32
N LEU L 19 28.32 6.79 83.07
CA LEU L 19 28.53 8.16 82.62
C LEU L 19 27.47 8.50 81.57
N ILE L 20 27.18 9.78 81.39
CA ILE L 20 26.24 10.20 80.34
C ILE L 20 26.95 11.17 79.40
N ARG L 21 26.71 11.02 78.10
CA ARG L 21 27.24 11.86 77.02
C ARG L 21 28.76 11.98 77.10
N LEU L 22 29.43 10.86 77.36
CA LEU L 22 30.85 10.87 77.72
C LEU L 22 31.76 11.29 76.57
N LEU L 23 32.55 12.33 76.80
CA LEU L 23 33.62 12.72 75.89
C LEU L 23 34.91 12.08 76.36
N ASN L 24 34.87 10.78 76.65
CA ASN L 24 35.96 10.13 77.36
C ASN L 24 36.70 9.19 76.43
N ALA L 25 35.97 8.48 75.59
CA ALA L 25 36.58 7.68 74.54
C ALA L 25 37.26 8.60 73.52
N SER L 26 36.65 9.76 73.27
CA SER L 26 37.29 10.74 72.41
C SER L 26 36.98 12.18 72.81
N GLY L 27 37.79 12.78 73.68
CA GLY L 27 38.69 12.07 74.59
C GLY L 27 40.10 11.70 74.19
N PRO L 28 41.00 11.64 75.17
CA PRO L 28 42.30 10.99 74.93
C PRO L 28 42.18 9.48 75.09
N LEU L 29 43.15 8.74 74.56
CA LEU L 29 43.14 7.29 74.72
C LEU L 29 44.24 6.75 75.66
N GLN L 30 45.55 7.04 75.50
CA GLN L 30 46.24 7.81 74.45
C GLN L 30 47.64 7.27 74.17
N PRO L 31 47.75 6.08 73.54
CA PRO L 31 46.76 5.12 73.08
C PRO L 31 46.43 4.07 74.13
N GLY L 32 45.90 2.94 73.69
CA GLY L 32 45.64 1.82 74.56
C GLY L 32 46.88 1.24 75.20
N HIS L 33 46.75 0.79 76.45
CA HIS L 33 47.87 0.28 77.25
C HIS L 33 48.21 -1.12 76.73
N ARG L 34 49.44 -1.59 76.94
CA ARG L 34 49.84 -2.88 76.37
C ARG L 34 49.44 -4.01 77.31
N VAL L 35 48.19 -4.47 77.18
CA VAL L 35 47.69 -5.65 77.88
C VAL L 35 47.15 -6.55 76.77
N ASP L 36 46.55 -7.70 77.11
CA ASP L 36 46.16 -8.75 76.17
C ASP L 36 45.13 -8.36 75.11
N ILE L 37 43.99 -7.83 75.57
CA ILE L 37 42.76 -7.33 74.91
C ILE L 37 42.04 -8.47 74.18
N ALA L 38 40.69 -8.43 74.24
CA ALA L 38 39.77 -9.38 73.62
C ALA L 38 38.34 -8.97 73.93
N ASP L 39 38.01 -8.92 75.23
CA ASP L 39 36.72 -8.44 75.72
C ASP L 39 36.84 -7.92 77.16
N ALA L 40 36.88 -6.59 77.40
CA ALA L 40 36.80 -5.39 76.53
C ALA L 40 35.54 -5.21 75.68
N ARG L 41 35.57 -5.63 74.41
CA ARG L 41 34.58 -5.23 73.41
C ARG L 41 33.14 -5.60 73.73
N SER L 42 32.90 -6.82 74.23
CA SER L 42 31.54 -7.22 74.57
C SER L 42 31.04 -6.49 75.80
N ILE L 43 31.89 -6.42 76.83
CA ILE L 43 31.58 -5.76 78.10
C ILE L 43 31.33 -4.28 77.86
N TYR L 44 32.07 -3.68 76.91
CA TYR L 44 31.86 -2.27 76.60
C TYR L 44 30.47 -2.02 76.03
N THR L 45 30.02 -2.84 75.09
CA THR L 45 28.71 -2.62 74.47
C THR L 45 27.59 -2.90 75.47
N VAL L 46 27.74 -3.98 76.25
CA VAL L 46 26.77 -4.37 77.26
C VAL L 46 26.69 -3.28 78.31
N GLY L 47 27.83 -2.73 78.69
CA GLY L 47 27.87 -1.62 79.61
C GLY L 47 27.25 -0.34 79.06
N ALA L 48 27.58 -0.01 77.81
CA ALA L 48 27.16 1.25 77.21
C ALA L 48 25.65 1.31 77.01
N ALA L 49 25.06 0.23 76.51
CA ALA L 49 23.61 0.20 76.31
C ALA L 49 22.87 0.27 77.63
N ALA L 50 23.38 -0.44 78.64
CA ALA L 50 22.79 -0.39 79.97
C ALA L 50 22.98 0.97 80.62
N SER L 51 24.04 1.69 80.26
CA SER L 51 24.29 3.02 80.79
C SER L 51 23.61 4.11 79.98
N ALA L 52 22.78 3.73 79.01
CA ALA L 52 21.91 4.67 78.33
C ALA L 52 20.44 4.40 78.69
N ALA L 53 20.09 3.12 78.88
CA ALA L 53 18.72 2.78 79.26
C ALA L 53 18.32 3.35 80.61
N ARG L 54 19.19 3.24 81.62
CA ARG L 54 19.00 3.96 82.87
C ARG L 54 19.49 5.40 82.82
N ALA L 55 20.22 5.79 81.77
CA ALA L 55 20.46 7.21 81.59
C ALA L 55 19.22 7.92 81.03
N ARG L 56 18.23 7.16 80.59
CA ARG L 56 16.90 7.73 80.42
C ARG L 56 16.43 8.25 81.77
N ALA L 57 16.23 7.36 82.74
CA ALA L 57 15.81 7.67 84.12
C ALA L 57 14.57 8.55 84.18
N ASN L 58 14.74 9.81 83.77
CA ASN L 58 13.65 10.69 83.39
C ASN L 58 13.20 10.33 81.98
N HIS L 59 12.48 11.25 81.31
CA HIS L 59 11.75 11.03 80.07
C HIS L 59 10.64 10.03 80.33
N ASN L 60 10.17 9.97 81.58
CA ASN L 60 9.05 9.14 81.97
C ASN L 60 7.94 9.98 82.60
N ALA L 61 8.24 11.25 82.88
CA ALA L 61 7.22 12.21 83.27
C ALA L 61 6.71 12.91 82.02
N ASN L 62 7.16 12.46 80.85
CA ASN L 62 6.69 12.97 79.57
C ASN L 62 5.98 11.87 78.78
N THR L 63 6.50 10.65 78.87
CA THR L 63 5.76 9.48 78.39
C THR L 63 4.65 9.19 79.39
N ILE L 64 3.46 8.65 79.05
CA ILE L 64 2.94 7.90 77.87
C ILE L 64 3.66 6.54 77.83
N ARG L 65 3.23 5.67 78.74
CA ARG L 65 3.73 4.32 78.92
C ARG L 65 3.48 3.49 77.66
N ARG L 66 4.37 2.54 77.37
CA ARG L 66 4.29 1.72 76.16
C ARG L 66 3.03 0.86 76.12
N THR L 67 2.64 0.46 74.92
CA THR L 67 1.40 -0.26 74.71
C THR L 67 1.65 -1.56 73.94
N ALA L 68 0.59 -2.21 73.51
CA ALA L 68 0.67 -3.55 72.93
C ALA L 68 1.27 -3.59 71.53
N MET L 69 1.30 -2.46 70.82
CA MET L 69 1.77 -2.35 69.42
C MET L 69 0.98 -3.24 68.47
N PHE L 70 1.11 -4.55 68.62
CA PHE L 70 0.42 -5.51 67.76
C PHE L 70 -0.86 -6.00 68.43
N ALA L 71 -1.51 -7.00 67.85
CA ALA L 71 -2.76 -7.51 68.38
C ALA L 71 -2.53 -8.90 68.96
N GLU L 72 -2.67 -9.01 70.29
CA GLU L 72 -2.51 -10.27 70.99
C GLU L 72 -3.19 -10.19 72.36
N THR L 73 -3.41 -11.34 72.99
CA THR L 73 -3.96 -11.38 74.34
C THR L 73 -2.93 -10.87 75.36
N ASP L 74 -3.26 -9.99 76.33
CA ASP L 74 -4.56 -9.38 76.75
C ASP L 74 -5.63 -10.40 77.10
N PRO L 75 -5.52 -10.99 78.29
CA PRO L 75 -6.16 -12.28 78.58
C PRO L 75 -7.68 -12.28 78.65
N MET L 76 -8.37 -11.17 78.38
CA MET L 76 -9.82 -11.30 78.33
C MET L 76 -10.28 -11.86 76.99
N THR L 77 -10.26 -11.04 75.93
CA THR L 77 -10.61 -11.39 74.55
C THR L 77 -11.94 -12.13 74.36
N TRP L 78 -12.83 -12.15 75.35
CA TRP L 78 -14.12 -12.77 75.12
C TRP L 78 -15.26 -11.76 75.26
N LEU L 79 -14.91 -10.51 75.53
CA LEU L 79 -15.96 -9.49 75.63
C LEU L 79 -15.56 -8.22 74.88
N ARG L 80 -14.36 -8.21 74.29
CA ARG L 80 -13.90 -7.12 73.43
C ARG L 80 -12.65 -7.54 72.65
N PRO L 81 -12.46 -7.03 71.44
CA PRO L 81 -11.24 -7.36 70.68
C PRO L 81 -10.03 -6.60 71.19
N THR L 82 -8.88 -6.95 70.64
CA THR L 82 -7.62 -6.30 70.94
C THR L 82 -7.01 -5.72 69.66
N VAL L 83 -6.71 -4.42 69.69
CA VAL L 83 -5.93 -3.78 68.64
C VAL L 83 -4.81 -3.00 69.28
N GLY L 84 -3.64 -3.07 68.68
CA GLY L 84 -2.47 -2.40 69.20
C GLY L 84 -2.39 -0.96 68.74
N LEU L 85 -1.29 -0.32 69.10
CA LEU L 85 -1.02 1.08 68.78
C LEU L 85 0.21 1.21 67.89
N ARG L 86 0.04 1.89 66.77
CA ARG L 86 1.16 2.27 65.92
C ARG L 86 1.76 3.57 66.41
N ARG L 87 3.01 3.52 66.87
CA ARG L 87 3.66 4.66 67.50
C ARG L 87 4.08 5.67 66.43
N THR L 88 3.10 6.50 66.03
CA THR L 88 3.35 7.60 65.13
C THR L 88 3.04 8.97 65.72
N PHE L 89 2.85 9.05 67.04
CA PHE L 89 2.45 10.29 67.69
C PHE L 89 3.62 10.90 68.45
N ASN L 90 3.36 12.03 69.08
CA ASN L 90 4.39 12.69 69.89
C ASN L 90 4.09 12.45 71.37
N PRO L 91 4.81 11.55 72.05
CA PRO L 91 4.58 11.38 73.48
C PRO L 91 5.27 12.45 74.31
N ARG L 92 4.52 13.44 74.77
CA ARG L 92 5.10 14.54 75.53
C ARG L 92 4.28 15.00 76.74
N ILE L 93 2.96 14.74 76.77
CA ILE L 93 1.92 15.18 77.72
C ILE L 93 1.97 16.63 78.23
N ILE L 94 3.16 17.25 78.26
CA ILE L 94 3.37 18.65 78.67
C ILE L 94 2.87 18.92 80.10
N ALA M 1 75.93 -60.49 -25.37
CA ALA M 1 75.23 -60.50 -26.65
C ALA M 1 73.80 -61.00 -26.49
N MET M 2 73.56 -61.74 -25.39
CA MET M 2 72.26 -62.31 -25.10
C MET M 2 71.95 -62.11 -23.63
N PRO M 3 70.71 -61.77 -23.29
CA PRO M 3 70.32 -61.64 -21.88
C PRO M 3 70.36 -62.99 -21.17
N PHE M 4 70.59 -62.94 -19.85
CA PHE M 4 70.69 -64.15 -19.04
C PHE M 4 69.34 -64.40 -18.36
N GLU M 5 68.46 -65.09 -19.08
CA GLU M 5 67.14 -65.39 -18.53
C GLU M 5 67.23 -66.55 -17.56
N ILE M 6 66.61 -66.38 -16.39
CA ILE M 6 66.51 -67.42 -15.37
C ILE M 6 65.05 -67.78 -15.21
N GLU M 7 64.74 -69.07 -15.33
CA GLU M 7 63.36 -69.55 -15.34
C GLU M 7 63.08 -70.27 -14.03
N VAL M 8 62.71 -69.50 -13.00
CA VAL M 8 62.36 -70.09 -11.72
C VAL M 8 60.96 -70.70 -11.80
N LEU M 9 60.88 -72.01 -11.62
CA LEU M 9 59.64 -72.74 -11.81
C LEU M 9 58.85 -72.70 -10.51
N LEU M 10 57.66 -72.08 -10.57
CA LEU M 10 56.77 -72.09 -9.42
C LEU M 10 56.25 -73.51 -9.18
N PRO M 11 56.26 -73.98 -7.93
CA PRO M 11 55.92 -75.40 -7.68
C PRO M 11 54.49 -75.75 -8.00
N GLY M 12 53.56 -74.79 -7.94
CA GLY M 12 52.21 -75.02 -8.40
C GLY M 12 51.19 -75.37 -7.32
N GLU M 13 51.61 -75.67 -6.10
CA GLU M 13 50.67 -75.93 -5.01
C GLU M 13 50.42 -74.69 -4.16
N LEU M 14 50.66 -73.50 -4.70
CA LEU M 14 50.34 -72.28 -3.98
C LEU M 14 48.84 -72.03 -3.99
N SER M 15 48.37 -71.28 -3.00
CA SER M 15 46.97 -70.90 -2.95
C SER M 15 46.70 -69.84 -4.02
N PRO M 16 45.44 -69.70 -4.44
CA PRO M 16 45.09 -68.58 -5.34
C PRO M 16 45.37 -67.20 -4.74
N ALA M 17 45.32 -67.08 -3.41
CA ALA M 17 45.58 -65.80 -2.77
C ALA M 17 47.06 -65.45 -2.71
N GLU M 18 47.95 -66.44 -2.90
CA GLU M 18 49.39 -66.17 -2.87
C GLU M 18 49.96 -65.90 -4.25
N THR M 19 49.37 -66.47 -5.31
CA THR M 19 49.86 -66.22 -6.65
C THR M 19 49.64 -64.77 -7.06
N SER M 20 48.50 -64.18 -6.68
CA SER M 20 48.25 -62.78 -6.98
C SER M 20 49.19 -61.88 -6.19
N ALA M 21 49.51 -62.27 -4.96
CA ALA M 21 50.48 -61.51 -4.17
C ALA M 21 51.88 -61.63 -4.76
N LEU M 22 52.14 -62.73 -5.47
CA LEU M 22 53.41 -62.84 -6.19
C LEU M 22 53.39 -62.02 -7.47
N GLN M 23 52.22 -61.89 -8.10
CA GLN M 23 52.06 -60.97 -9.23
C GLN M 23 52.31 -59.53 -8.81
N LYS M 24 51.89 -59.16 -7.60
CA LYS M 24 52.08 -57.79 -7.12
C LYS M 24 53.56 -57.50 -6.90
N CYS M 25 54.36 -58.53 -6.62
CA CYS M 25 55.82 -58.39 -6.50
C CYS M 25 56.49 -58.78 -7.81
N GLU M 26 56.42 -57.86 -8.77
CA GLU M 26 56.84 -58.11 -10.15
C GLU M 26 58.16 -57.43 -10.50
N GLY M 27 58.52 -56.36 -9.78
CA GLY M 27 59.74 -55.65 -10.12
C GLY M 27 60.72 -55.55 -8.97
N LYS M 28 60.80 -56.59 -8.15
CA LYS M 28 61.67 -56.59 -6.98
C LYS M 28 62.91 -57.43 -7.27
N ILE M 29 63.91 -57.27 -6.41
CA ILE M 29 65.24 -57.84 -6.61
C ILE M 29 65.34 -59.14 -5.82
N ILE M 30 65.85 -60.18 -6.46
CA ILE M 30 66.14 -61.45 -5.80
C ILE M 30 67.62 -61.76 -6.03
N THR M 31 68.22 -62.50 -5.11
CA THR M 31 69.63 -62.83 -5.19
C THR M 31 69.83 -64.33 -5.37
N PHE M 32 70.84 -64.66 -6.18
CA PHE M 32 71.15 -66.03 -6.54
C PHE M 32 72.55 -66.39 -6.05
N SER M 33 72.79 -67.68 -5.87
CA SER M 33 74.08 -68.13 -5.39
C SER M 33 75.09 -68.31 -6.51
N THR M 34 74.79 -69.17 -7.49
CA THR M 34 75.71 -69.46 -8.59
C THR M 34 75.01 -69.34 -9.93
N LEU M 35 74.11 -68.36 -10.05
CA LEU M 35 73.33 -68.07 -11.25
C LEU M 35 72.54 -69.28 -11.75
N ARG M 36 72.98 -69.85 -12.88
CA ARG M 36 72.39 -70.98 -13.61
C ARG M 36 71.05 -70.62 -14.23
N HIS M 37 70.75 -71.23 -15.38
CA HIS M 37 69.53 -70.91 -16.12
C HIS M 37 68.29 -71.41 -15.40
N ARG M 38 68.27 -72.67 -15.03
CA ARG M 38 67.12 -73.24 -14.34
C ARG M 38 67.40 -73.30 -12.84
N ALA M 39 66.56 -72.63 -12.05
CA ALA M 39 66.71 -72.64 -10.60
C ALA M 39 65.34 -72.85 -9.97
N SER M 40 65.35 -73.13 -8.67
CA SER M 40 64.13 -73.38 -7.92
C SER M 40 63.92 -72.28 -6.89
N LEU M 41 62.70 -72.22 -6.35
CA LEU M 41 62.33 -71.17 -5.41
C LEU M 41 63.00 -71.35 -4.06
N VAL M 42 63.54 -72.54 -3.78
CA VAL M 42 64.23 -72.78 -2.51
C VAL M 42 65.52 -71.97 -2.45
N ASP M 43 66.23 -71.85 -3.58
CA ASP M 43 67.55 -71.23 -3.61
C ASP M 43 67.52 -69.72 -3.45
N ILE M 44 66.36 -69.08 -3.54
CA ILE M 44 66.25 -67.63 -3.44
C ILE M 44 65.58 -67.18 -2.14
N ALA M 45 65.06 -68.11 -1.36
CA ALA M 45 64.31 -67.76 -0.17
C ALA M 45 65.25 -67.61 1.03
N LEU M 46 64.65 -67.45 2.22
CA LEU M 46 65.42 -67.24 3.45
C LEU M 46 66.12 -68.49 3.94
N SER M 47 65.84 -69.67 3.37
CA SER M 47 66.56 -70.87 3.78
C SER M 47 68.00 -70.83 3.29
N SER M 48 68.27 -70.10 2.21
CA SER M 48 69.62 -70.00 1.69
C SER M 48 70.48 -69.00 2.46
N TYR M 49 69.87 -68.12 3.25
CA TYR M 49 70.61 -67.12 4.01
C TYR M 49 71.02 -67.61 5.39
N TYR M 50 70.74 -68.87 5.73
CA TYR M 50 71.09 -69.38 7.04
C TYR M 50 72.59 -69.52 7.20
N ILE M 51 73.12 -69.03 8.31
CA ILE M 51 74.54 -69.10 8.61
C ILE M 51 74.84 -70.15 9.67
N ASN M 52 73.97 -70.28 10.68
CA ASN M 52 74.21 -71.15 11.82
C ASN M 52 72.97 -71.98 12.14
N GLY M 53 72.12 -72.23 11.14
CA GLY M 53 70.80 -72.76 11.41
C GLY M 53 69.85 -71.75 12.02
N ALA M 54 70.19 -70.48 11.94
CA ALA M 54 69.50 -69.36 12.58
C ALA M 54 69.36 -68.26 11.54
N PRO M 55 68.29 -67.46 11.59
CA PRO M 55 68.12 -66.43 10.57
C PRO M 55 69.11 -65.28 10.72
N PRO M 56 69.63 -64.78 9.60
CA PRO M 56 70.87 -63.98 9.63
C PRO M 56 70.69 -62.62 10.28
N ASP M 57 71.73 -62.20 11.00
CA ASP M 57 71.78 -60.86 11.56
C ASP M 57 72.26 -59.89 10.47
N THR M 58 72.46 -58.63 10.84
CA THR M 58 72.74 -57.61 9.85
C THR M 58 74.16 -57.71 9.29
N LEU M 59 75.13 -58.20 10.08
CA LEU M 59 76.47 -58.42 9.54
C LEU M 59 76.46 -59.51 8.48
N SER M 60 75.84 -60.65 8.80
CA SER M 60 75.79 -61.76 7.86
C SER M 60 74.95 -61.45 6.64
N LEU M 61 73.95 -60.58 6.78
CA LEU M 61 73.06 -60.31 5.65
C LEU M 61 73.68 -59.31 4.68
N LEU M 62 74.39 -58.29 5.18
CA LEU M 62 75.22 -57.48 4.30
C LEU M 62 76.35 -58.29 3.67
N GLU M 63 76.93 -59.23 4.42
CA GLU M 63 77.95 -60.09 3.84
C GLU M 63 77.37 -60.96 2.71
N ALA M 64 76.16 -61.46 2.89
CA ALA M 64 75.50 -62.23 1.85
C ALA M 64 75.18 -61.38 0.62
N TYR M 65 74.71 -60.15 0.84
CA TYR M 65 74.40 -59.29 -0.30
C TYR M 65 75.67 -58.85 -1.03
N ARG M 66 76.79 -58.76 -0.31
CA ARG M 66 78.06 -58.48 -0.98
C ARG M 66 78.60 -59.72 -1.69
N MET M 67 78.24 -60.91 -1.23
CA MET M 67 78.81 -62.12 -1.78
C MET M 67 78.01 -62.69 -2.95
N ARG M 68 76.70 -62.83 -2.82
CA ARG M 68 75.91 -63.48 -3.85
C ARG M 68 75.56 -62.50 -4.97
N PHE M 69 75.03 -63.04 -6.06
CA PHE M 69 74.73 -62.29 -7.27
C PHE M 69 73.27 -61.91 -7.30
N ALA M 70 72.99 -60.67 -7.69
CA ALA M 70 71.62 -60.17 -7.71
C ALA M 70 70.96 -60.43 -9.06
N ALA M 71 69.64 -60.30 -9.07
CA ALA M 71 68.84 -60.42 -10.29
C ALA M 71 67.55 -59.64 -10.11
N VAL M 72 66.92 -59.33 -11.23
CA VAL M 72 65.69 -58.54 -11.24
C VAL M 72 64.60 -59.38 -11.90
N ILE M 73 63.48 -59.55 -11.19
CA ILE M 73 62.34 -60.29 -11.72
C ILE M 73 61.69 -59.46 -12.82
N THR M 74 61.46 -60.07 -13.98
CA THR M 74 60.94 -59.36 -15.14
C THR M 74 59.49 -59.70 -15.43
N ARG M 75 59.17 -60.96 -15.69
CA ARG M 75 57.81 -61.36 -16.04
C ARG M 75 57.39 -62.50 -15.13
N VAL M 76 56.18 -62.42 -14.58
CA VAL M 76 55.64 -63.51 -13.80
C VAL M 76 54.40 -64.04 -14.51
N ILE M 77 54.58 -65.01 -15.39
CA ILE M 77 53.46 -65.69 -16.03
C ILE M 77 52.98 -66.75 -15.04
N PRO M 78 51.72 -67.21 -15.11
CA PRO M 78 51.29 -68.25 -14.17
C PRO M 78 52.02 -69.57 -14.35
N GLY M 79 52.84 -69.93 -13.36
CA GLY M 79 53.59 -71.15 -13.38
C GLY M 79 55.10 -70.98 -13.48
N LYS M 80 55.57 -69.82 -13.94
CA LYS M 80 57.00 -69.57 -14.06
C LYS M 80 57.35 -68.18 -13.53
N LEU M 81 58.54 -68.06 -12.96
CA LEU M 81 59.08 -66.80 -12.51
C LEU M 81 60.34 -66.50 -13.33
N LEU M 82 60.35 -65.37 -14.02
CA LEU M 82 61.44 -65.00 -14.90
C LEU M 82 62.29 -63.92 -14.25
N ALA M 83 63.61 -64.03 -14.38
CA ALA M 83 64.52 -63.06 -13.83
C ALA M 83 65.65 -62.80 -14.82
N HIS M 84 66.28 -61.64 -14.68
CA HIS M 84 67.39 -61.25 -15.53
C HIS M 84 68.58 -60.85 -14.66
N ALA M 85 69.77 -61.19 -15.13
CA ALA M 85 70.98 -60.97 -14.32
C ALA M 85 71.35 -59.50 -14.31
N ILE M 86 71.92 -59.06 -13.20
CA ILE M 86 72.35 -57.68 -13.00
C ILE M 86 73.82 -57.68 -12.60
N GLY M 87 74.62 -56.85 -13.26
CA GLY M 87 76.01 -56.70 -12.93
C GLY M 87 76.93 -57.74 -13.52
N VAL M 88 76.37 -58.80 -14.10
CA VAL M 88 77.18 -59.79 -14.80
C VAL M 88 77.82 -59.19 -16.04
N GLY M 89 77.06 -58.41 -16.80
CA GLY M 89 77.53 -57.81 -18.03
C GLY M 89 76.67 -58.12 -19.23
N THR M 90 75.73 -59.04 -19.09
CA THR M 90 74.83 -59.36 -20.18
C THR M 90 73.81 -58.24 -20.36
N PRO M 91 73.66 -57.71 -21.57
CA PRO M 91 72.68 -56.63 -21.80
C PRO M 91 71.27 -57.16 -21.75
N THR M 92 70.42 -56.40 -21.07
CA THR M 92 69.03 -56.80 -20.80
C THR M 92 68.09 -55.75 -21.36
N PRO M 93 67.20 -56.11 -22.30
CA PRO M 93 66.31 -55.10 -22.90
C PRO M 93 65.14 -54.79 -22.00
N GLY M 94 65.00 -53.51 -21.65
CA GLY M 94 63.85 -53.02 -20.92
C GLY M 94 63.71 -53.53 -19.50
N LEU M 95 64.66 -53.18 -18.63
CA LEU M 95 64.52 -53.49 -17.23
C LEU M 95 63.49 -52.58 -16.59
N PHE M 96 63.01 -53.00 -15.42
CA PHE M 96 62.22 -52.13 -14.56
C PHE M 96 62.32 -52.68 -13.15
N ILE M 97 62.49 -51.78 -12.18
CA ILE M 97 62.44 -52.14 -10.78
C ILE M 97 61.36 -51.30 -10.12
N GLN M 98 60.79 -51.84 -9.06
CA GLN M 98 59.89 -51.08 -8.21
C GLN M 98 60.64 -50.83 -6.90
N ASN M 99 60.61 -49.60 -6.45
CA ASN M 99 61.32 -49.25 -5.23
C ASN M 99 60.57 -49.70 -3.98
N THR M 100 61.32 -50.11 -2.97
CA THR M 100 60.77 -50.58 -1.71
C THR M 100 61.11 -49.66 -0.55
N SER M 101 61.89 -48.62 -0.79
CA SER M 101 62.30 -47.70 0.26
C SER M 101 61.11 -46.86 0.72
N PRO M 102 61.16 -46.33 1.95
CA PRO M 102 60.18 -45.32 2.35
C PRO M 102 60.44 -43.93 1.78
N VAL M 103 61.49 -43.75 1.00
CA VAL M 103 61.84 -42.45 0.44
C VAL M 103 61.57 -42.47 -1.06
N ASP M 104 61.47 -41.28 -1.64
CA ASP M 104 61.24 -41.17 -3.07
C ASP M 104 62.53 -41.44 -3.84
N LEU M 105 62.37 -41.69 -5.14
CA LEU M 105 63.48 -41.80 -6.07
C LEU M 105 63.27 -40.78 -7.18
N CYS M 106 64.29 -39.97 -7.44
CA CYS M 106 64.24 -38.99 -8.50
C CYS M 106 64.98 -39.50 -9.73
N ASN M 107 64.90 -38.73 -10.81
CA ASN M 107 65.62 -39.08 -12.02
C ASN M 107 67.12 -38.88 -11.81
N GLY M 108 67.91 -39.78 -12.38
CA GLY M 108 69.35 -39.70 -12.30
C GLY M 108 69.97 -40.25 -11.03
N ASP M 109 69.17 -40.78 -10.11
CA ASP M 109 69.70 -41.36 -8.89
C ASP M 109 70.37 -42.69 -9.18
N TYR M 110 71.37 -43.01 -8.36
CA TYR M 110 72.01 -44.32 -8.40
C TYR M 110 71.44 -45.19 -7.29
N ILE M 111 71.58 -46.50 -7.43
CA ILE M 111 70.89 -47.47 -6.59
C ILE M 111 71.90 -48.25 -5.78
N CYS M 112 71.71 -48.28 -4.46
CA CYS M 112 72.50 -49.10 -3.56
C CYS M 112 71.56 -49.99 -2.76
N LEU M 113 71.93 -51.26 -2.61
CA LEU M 113 71.06 -52.26 -2.00
C LEU M 113 71.54 -52.60 -0.60
N LEU M 114 70.62 -52.56 0.35
CA LEU M 114 70.86 -53.02 1.71
C LEU M 114 69.58 -53.63 2.24
N PRO M 115 69.67 -54.62 3.14
CA PRO M 115 68.47 -55.32 3.60
C PRO M 115 67.63 -54.43 4.49
N PRO M 116 66.32 -54.70 4.61
CA PRO M 116 65.44 -53.80 5.37
C PRO M 116 65.76 -53.79 6.86
N VAL M 117 65.73 -52.60 7.44
CA VAL M 117 66.06 -52.40 8.85
C VAL M 117 64.90 -51.67 9.53
N TYR M 118 63.72 -51.73 8.92
CA TYR M 118 62.55 -51.03 9.41
C TYR M 118 61.42 -51.99 9.78
N GLY M 119 61.77 -53.19 10.24
CA GLY M 119 60.78 -54.15 10.71
C GLY M 119 60.37 -55.21 9.73
N SER M 120 61.06 -55.32 8.58
CA SER M 120 60.79 -56.33 7.54
C SER M 120 59.34 -56.25 7.05
N ALA M 121 59.03 -55.10 6.45
CA ALA M 121 57.63 -54.80 6.12
C ALA M 121 57.12 -55.64 4.96
N ASP M 122 57.91 -55.78 3.90
CA ASP M 122 57.48 -56.50 2.70
C ASP M 122 57.25 -58.00 2.97
N SER M 123 58.32 -58.74 3.28
CA SER M 123 58.33 -60.06 3.91
C SER M 123 57.22 -61.01 3.43
N ILE M 124 57.26 -61.33 2.14
CA ILE M 124 56.24 -62.21 1.57
C ILE M 124 56.42 -63.62 2.12
N ARG M 125 55.32 -64.22 2.55
CA ARG M 125 55.33 -65.53 3.18
C ARG M 125 54.64 -66.53 2.26
N LEU M 126 55.34 -67.60 1.92
CA LEU M 126 54.76 -68.70 1.16
C LEU M 126 54.64 -69.86 2.15
N ASP M 127 53.56 -69.87 2.92
CA ASP M 127 53.42 -70.87 3.98
C ASP M 127 52.75 -72.14 3.48
N SER M 128 52.24 -72.15 2.25
CA SER M 128 51.76 -73.38 1.64
C SER M 128 52.91 -74.33 1.36
N VAL M 129 53.98 -73.82 0.74
CA VAL M 129 55.18 -74.63 0.54
C VAL M 129 56.04 -74.59 1.80
N GLY M 130 56.16 -73.41 2.42
CA GLY M 130 56.90 -73.29 3.65
C GLY M 130 58.19 -72.50 3.52
N LEU M 131 58.21 -71.51 2.63
CA LEU M 131 59.39 -70.70 2.40
C LEU M 131 59.04 -69.23 2.58
N GLU M 132 60.03 -68.44 2.96
CA GLU M 132 59.87 -67.00 3.15
C GLU M 132 60.88 -66.26 2.28
N ILE M 133 60.42 -65.28 1.53
CA ILE M 133 61.26 -64.51 0.62
C ILE M 133 61.29 -63.07 1.11
N VAL M 134 62.50 -62.52 1.29
CA VAL M 134 62.69 -61.14 1.68
C VAL M 134 63.30 -60.40 0.49
N PHE M 135 62.98 -59.12 0.36
CA PHE M 135 63.46 -58.33 -0.76
C PHE M 135 64.33 -57.19 -0.28
N PRO M 136 65.46 -56.93 -0.96
CA PRO M 136 66.35 -55.84 -0.53
C PRO M 136 65.72 -54.47 -0.66
N LEU M 137 66.14 -53.57 0.21
CA LEU M 137 65.60 -52.21 0.25
C LEU M 137 66.35 -51.35 -0.76
N THR M 138 65.62 -50.78 -1.72
CA THR M 138 66.21 -50.03 -2.83
C THR M 138 66.33 -48.57 -2.41
N ILE M 139 67.48 -48.22 -1.87
CA ILE M 139 67.75 -46.86 -1.38
C ILE M 139 68.63 -46.14 -2.38
N PRO M 140 68.34 -44.88 -2.72
CA PRO M 140 69.23 -44.13 -3.61
C PRO M 140 70.58 -43.86 -2.97
N GLN M 141 71.52 -43.48 -3.83
CA GLN M 141 72.82 -43.01 -3.38
C GLN M 141 72.65 -41.66 -2.67
N THR M 142 73.71 -41.23 -1.98
CA THR M 142 73.77 -40.04 -1.13
C THR M 142 72.80 -40.08 0.04
N LEU M 143 72.26 -41.27 0.35
CA LEU M 143 71.50 -41.48 1.56
C LEU M 143 71.88 -42.75 2.31
N MET M 144 72.65 -43.66 1.70
CA MET M 144 73.01 -44.90 2.38
C MET M 144 73.86 -44.63 3.60
N ARG M 145 74.76 -43.66 3.51
CA ARG M 145 75.63 -43.29 4.63
C ARG M 145 74.80 -42.75 5.79
N GLU M 146 73.91 -41.79 5.52
CA GLU M 146 73.09 -41.19 6.56
C GLU M 146 72.13 -42.19 7.19
N ILE M 147 71.51 -43.05 6.37
CA ILE M 147 70.59 -44.05 6.92
C ILE M 147 71.34 -45.05 7.78
N ILE M 148 72.47 -45.60 7.31
CA ILE M 148 73.16 -46.61 8.09
C ILE M 148 73.75 -46.01 9.37
N ALA M 149 74.19 -44.74 9.30
CA ALA M 149 74.73 -44.08 10.48
C ALA M 149 73.65 -43.80 11.51
N LYS M 150 72.48 -43.32 11.06
CA LYS M 150 71.42 -43.01 12.01
C LYS M 150 70.80 -44.28 12.59
N VAL M 151 70.75 -45.36 11.82
CA VAL M 151 70.23 -46.63 12.34
C VAL M 151 71.17 -47.21 13.39
N VAL M 152 72.49 -47.18 13.15
CA VAL M 152 73.39 -47.72 14.16
C VAL M 152 73.49 -46.78 15.36
N ALA M 153 73.25 -45.47 15.14
CA ALA M 153 73.21 -44.53 16.26
C ALA M 153 71.98 -44.77 17.15
N ARG M 154 70.83 -45.04 16.52
CA ARG M 154 69.65 -45.42 17.27
C ARG M 154 69.85 -46.75 18.00
N ALA M 155 70.61 -47.68 17.40
CA ALA M 155 70.96 -48.91 18.09
C ALA M 155 71.80 -48.66 19.33
N VAL M 156 72.78 -47.76 19.23
CA VAL M 156 73.62 -47.41 20.37
C VAL M 156 72.79 -46.73 21.47
N GLU M 157 71.90 -45.81 21.07
CA GLU M 157 71.13 -45.06 22.06
C GLU M 157 70.05 -45.93 22.70
N ASP M 158 69.57 -46.95 21.99
CA ASP M 158 68.45 -47.75 22.48
C ASP M 158 68.85 -48.64 23.65
N LEU M 159 70.14 -48.90 23.81
CA LEU M 159 70.62 -49.73 24.92
C LEU M 159 71.11 -48.87 26.07
N ASN M 160 65.66 -55.26 16.90
CA ASN M 160 66.89 -55.06 17.64
C ASN M 160 67.72 -56.35 17.65
N LEU M 161 67.69 -57.06 16.52
CA LEU M 161 68.45 -58.28 16.31
C LEU M 161 69.87 -57.99 15.84
N MET M 162 70.26 -56.73 15.80
CA MET M 162 71.48 -56.23 15.19
C MET M 162 72.55 -55.84 16.21
N PHE M 163 72.69 -56.62 17.29
CA PHE M 163 73.74 -56.41 18.26
C PHE M 163 75.13 -56.67 17.69
N SER M 164 75.22 -57.39 16.56
CA SER M 164 76.53 -57.72 15.99
C SER M 164 77.23 -56.47 15.45
N ILE M 165 76.48 -55.59 14.78
CA ILE M 165 77.06 -54.34 14.27
C ILE M 165 77.54 -53.46 15.42
N ASN M 166 76.73 -53.38 16.48
CA ASN M 166 77.11 -52.59 17.64
C ASN M 166 78.33 -53.16 18.34
N GLU M 167 78.40 -54.49 18.47
CA GLU M 167 79.55 -55.11 19.12
C GLU M 167 80.80 -54.90 18.28
N GLY M 168 80.66 -54.96 16.95
CA GLY M 168 81.81 -54.69 16.09
C GLY M 168 82.28 -53.25 16.20
N CYS M 169 81.36 -52.30 16.23
CA CYS M 169 81.75 -50.90 16.30
C CYS M 169 82.32 -50.55 17.67
N LEU M 170 81.80 -51.18 18.73
CA LEU M 170 82.32 -50.89 20.07
C LEU M 170 83.68 -51.56 20.29
N LEU M 171 83.88 -52.75 19.74
CA LEU M 171 85.14 -53.45 19.93
C LEU M 171 86.28 -52.80 19.17
N ILE M 172 86.03 -52.43 17.91
CA ILE M 172 87.09 -51.87 17.07
C ILE M 172 87.47 -50.47 17.53
N LEU M 173 86.48 -49.63 17.82
CA LEU M 173 86.75 -48.20 17.92
C LEU M 173 87.03 -47.76 19.36
N ALA M 174 86.63 -48.54 20.36
CA ALA M 174 86.79 -48.14 21.76
C ALA M 174 87.75 -49.05 22.51
N LEU M 175 87.59 -50.38 22.40
CA LEU M 175 88.34 -51.29 23.24
C LEU M 175 89.82 -51.35 22.83
N ILE M 176 90.09 -51.31 21.53
CA ILE M 176 91.47 -51.34 21.05
C ILE M 176 92.16 -49.98 21.12
N PRO M 177 91.60 -48.86 20.61
CA PRO M 177 92.33 -47.60 20.75
C PRO M 177 92.12 -47.02 22.15
N ARG M 178 93.20 -46.51 22.74
CA ARG M 178 93.17 -46.01 24.12
C ARG M 178 93.15 -44.49 24.18
N LEU M 179 92.52 -43.82 23.22
CA LEU M 179 92.33 -42.37 23.13
C LEU M 179 93.64 -41.58 23.06
N LEU M 180 94.78 -42.23 22.88
CA LEU M 180 96.09 -41.59 22.80
C LEU M 180 96.82 -42.05 21.55
N ALA M 181 96.07 -42.20 20.46
CA ALA M 181 96.51 -42.89 19.24
C ALA M 181 97.10 -44.26 19.59
N LEU M 182 96.24 -45.11 20.16
CA LEU M 182 96.50 -46.45 20.69
C LEU M 182 97.41 -46.44 21.91
N LEU M 183 97.77 -45.26 22.44
CA LEU M 183 98.70 -45.10 23.56
C LEU M 183 100.02 -45.80 23.30
N ILE M 184 100.48 -45.75 22.06
CA ILE M 184 101.66 -46.49 21.63
C ILE M 184 102.28 -45.77 20.43
N PRO M 185 101.49 -45.42 19.41
CA PRO M 185 102.04 -44.65 18.28
C PRO M 185 102.57 -43.29 18.68
N ARG M 186 101.94 -42.61 19.66
CA ARG M 186 102.47 -41.36 20.15
C ARG M 186 103.80 -41.57 20.88
N LEU M 187 103.92 -42.66 21.64
CA LEU M 187 105.16 -42.96 22.31
C LEU M 187 106.23 -43.46 21.33
N LEU M 188 105.80 -44.14 20.26
CA LEU M 188 106.75 -44.65 19.28
C LEU M 188 107.32 -43.52 18.42
N ALA M 189 106.46 -42.61 17.95
CA ALA M 189 106.91 -41.55 17.06
C ALA M 189 107.63 -40.42 17.78
N LEU M 190 107.56 -40.37 19.11
CA LEU M 190 108.21 -39.30 19.86
C LEU M 190 109.72 -39.51 19.89
N VAL M 191 92.81 -31.59 11.27
CA VAL M 191 92.71 -31.67 12.72
C VAL M 191 94.05 -32.09 13.32
N THR M 192 95.12 -31.40 12.92
CA THR M 192 96.46 -31.70 13.40
C THR M 192 96.59 -31.21 14.84
N ARG M 193 96.16 -32.05 15.78
CA ARG M 193 96.14 -31.68 17.19
C ARG M 193 96.78 -32.79 18.01
N GLU M 194 97.48 -32.39 19.07
CA GLU M 194 98.08 -33.32 20.02
C GLU M 194 97.63 -33.08 21.45
N ALA M 195 97.18 -31.87 21.76
CA ALA M 195 96.65 -31.55 23.09
C ALA M 195 95.13 -31.75 23.10
N ALA M 196 94.48 -31.20 24.13
CA ALA M 196 93.03 -31.15 24.32
C ALA M 196 92.39 -32.53 24.41
N GLN M 197 92.42 -33.30 23.32
CA GLN M 197 91.86 -34.64 23.34
C GLN M 197 92.70 -35.58 24.20
N LEU M 198 94.01 -35.36 24.25
CA LEU M 198 94.88 -36.21 25.06
C LEU M 198 94.72 -35.90 26.55
N ILE M 199 94.29 -34.67 26.88
CA ILE M 199 94.07 -34.31 28.28
C ILE M 199 92.89 -35.07 28.85
N HIS M 200 91.76 -35.07 28.13
CA HIS M 200 90.63 -35.89 28.52
C HIS M 200 90.92 -37.38 28.40
N PRO M 201 91.84 -37.82 27.54
CA PRO M 201 92.15 -39.27 27.47
C PRO M 201 92.71 -39.85 28.76
N GLU M 202 93.50 -39.07 29.51
CA GLU M 202 94.04 -39.56 30.77
C GLU M 202 92.94 -39.72 31.81
N ALA M 203 92.00 -38.78 31.86
CA ALA M 203 90.84 -38.94 32.73
C ALA M 203 89.95 -40.11 32.32
N PRO M 204 89.61 -40.28 31.04
CA PRO M 204 88.71 -41.38 30.64
C PRO M 204 89.45 -42.70 30.56
N MET M 205 89.22 -43.56 31.56
CA MET M 205 89.76 -44.92 31.54
C MET M 205 88.88 -45.77 32.47
N LEU M 206 87.96 -46.53 31.89
CA LEU M 206 87.10 -47.42 32.66
C LEU M 206 87.64 -48.85 32.72
N MET M 207 88.75 -49.13 32.05
CA MET M 207 89.31 -50.48 32.02
C MET M 207 90.82 -50.44 31.75
N LEU M 208 105.47 -56.19 21.98
CA LEU M 208 105.03 -57.42 21.30
C LEU M 208 103.49 -57.65 21.31
N PRO M 209 102.77 -57.36 22.41
CA PRO M 209 101.31 -57.31 22.27
C PRO M 209 100.84 -56.17 21.39
N ILE M 210 101.64 -55.10 21.26
CA ILE M 210 101.24 -53.98 20.42
C ILE M 210 101.24 -54.36 18.95
N TYR M 211 102.14 -55.27 18.56
CA TYR M 211 102.13 -55.85 17.21
C TYR M 211 100.78 -56.51 16.91
N GLU M 212 100.33 -57.36 17.83
CA GLU M 212 99.06 -58.05 17.67
C GLU M 212 97.90 -57.07 17.65
N THR M 213 97.94 -56.03 18.50
CA THR M 213 96.77 -55.17 18.58
C THR M 213 96.68 -54.23 17.38
N ILE M 214 97.82 -53.78 16.83
CA ILE M 214 97.77 -52.98 15.60
C ILE M 214 97.30 -53.83 14.42
N SER M 215 97.85 -55.05 14.29
CA SER M 215 97.44 -55.92 13.20
C SER M 215 95.95 -56.25 13.27
N SER M 216 95.47 -56.60 14.47
CA SER M 216 94.07 -56.93 14.65
C SER M 216 93.17 -55.73 14.41
N TRP M 217 93.60 -54.53 14.85
CA TRP M 217 92.77 -53.35 14.67
C TRP M 217 92.61 -52.99 13.21
N ILE M 218 93.73 -52.94 12.46
CA ILE M 218 93.60 -52.52 11.06
C ILE M 218 92.91 -53.59 10.23
N SER M 219 93.13 -54.87 10.56
CA SER M 219 92.44 -55.95 9.85
C SER M 219 90.94 -55.91 10.10
N THR M 220 90.52 -55.84 11.37
CA THR M 220 89.11 -55.92 11.68
C THR M 220 88.38 -54.65 11.27
N SER M 221 89.03 -53.48 11.40
CA SER M 221 88.44 -52.24 10.94
C SER M 221 88.28 -52.21 9.43
N SER M 222 89.27 -52.71 8.69
CA SER M 222 89.14 -52.73 7.24
C SER M 222 88.07 -53.72 6.79
N ARG M 223 87.94 -54.85 7.51
CA ARG M 223 86.88 -55.80 7.19
C ARG M 223 85.50 -55.19 7.42
N LEU M 224 85.33 -54.48 8.55
CA LEU M 224 84.05 -53.84 8.83
C LEU M 224 83.74 -52.74 7.83
N GLY M 225 84.76 -51.96 7.44
CA GLY M 225 84.54 -50.95 6.42
C GLY M 225 84.22 -51.53 5.05
N ASP M 226 84.83 -52.67 4.72
CA ASP M 226 84.59 -53.27 3.42
C ASP M 226 83.21 -53.90 3.32
N THR M 227 82.74 -54.53 4.40
CA THR M 227 81.43 -55.17 4.32
C THR M 227 80.29 -54.16 4.34
N LEU M 228 80.50 -52.98 4.93
CA LEU M 228 79.57 -51.87 4.79
C LEU M 228 80.00 -50.92 3.67
N GLY M 229 80.32 -51.48 2.51
CA GLY M 229 80.89 -50.67 1.46
C GLY M 229 80.43 -51.02 0.06
N THR M 230 79.23 -51.58 -0.07
CA THR M 230 78.71 -51.92 -1.38
C THR M 230 78.43 -50.67 -2.20
N ARG M 231 78.62 -50.79 -3.51
CA ARG M 231 78.60 -49.66 -4.42
C ARG M 231 77.31 -49.63 -5.23
N ALA M 232 77.23 -48.65 -6.14
CA ALA M 232 76.06 -48.50 -6.98
C ALA M 232 75.96 -49.65 -7.97
N ILE M 233 74.72 -50.07 -8.25
CA ILE M 233 74.48 -51.19 -9.15
C ILE M 233 73.51 -50.85 -10.27
N LEU M 234 72.59 -49.89 -10.08
CA LEU M 234 71.66 -49.47 -11.11
C LEU M 234 71.58 -47.94 -11.14
N ARG M 235 71.05 -47.42 -12.25
CA ARG M 235 70.81 -45.98 -12.39
C ARG M 235 69.42 -45.78 -12.96
N VAL M 236 68.63 -44.91 -12.31
CA VAL M 236 67.28 -44.63 -12.77
C VAL M 236 67.33 -43.67 -13.95
N CYS M 237 66.76 -44.07 -15.08
CA CYS M 237 66.76 -43.26 -16.30
C CYS M 237 65.33 -43.28 -16.86
N VAL M 238 64.52 -42.33 -16.40
CA VAL M 238 63.15 -42.23 -16.88
C VAL M 238 63.12 -41.37 -18.14
N PHE M 239 62.53 -41.91 -19.21
CA PHE M 239 62.41 -41.22 -20.49
C PHE M 239 60.94 -41.12 -20.83
N ASP M 240 60.43 -39.88 -20.86
CA ASP M 240 59.02 -39.57 -21.06
C ASP M 240 58.14 -40.28 -20.03
N GLY M 241 58.35 -39.90 -18.77
CA GLY M 241 57.61 -40.43 -17.66
C GLY M 241 57.63 -39.50 -16.47
N PRO M 242 57.39 -40.04 -15.27
CA PRO M 242 57.43 -39.20 -14.08
C PRO M 242 58.87 -38.87 -13.68
N SER M 243 59.07 -37.64 -13.22
CA SER M 243 60.39 -37.25 -12.74
C SER M 243 60.72 -37.96 -11.43
N THR M 244 59.78 -37.98 -10.50
CA THR M 244 59.95 -38.66 -9.22
C THR M 244 59.26 -40.02 -9.25
N VAL M 245 59.73 -40.91 -8.38
CA VAL M 245 59.19 -42.27 -8.28
C VAL M 245 58.81 -42.49 -6.82
N HIS M 246 57.50 -42.51 -6.55
CA HIS M 246 57.00 -42.68 -5.20
C HIS M 246 57.17 -44.12 -4.75
N PRO M 247 57.08 -44.39 -3.44
CA PRO M 247 57.10 -45.79 -2.98
C PRO M 247 55.97 -46.62 -3.58
N GLY M 248 56.33 -47.86 -3.97
CA GLY M 248 55.41 -48.76 -4.62
C GLY M 248 55.27 -48.58 -6.12
N ASP M 249 55.94 -47.60 -6.71
CA ASP M 249 55.80 -47.31 -8.13
C ASP M 249 56.87 -48.02 -8.93
N ARG M 250 56.65 -48.09 -10.25
CA ARG M 250 57.56 -48.78 -11.16
C ARG M 250 58.30 -47.76 -12.02
N THR M 251 59.56 -48.03 -12.31
CA THR M 251 60.39 -47.10 -13.05
C THR M 251 61.38 -47.85 -13.92
N ALA M 252 61.89 -47.18 -14.95
CA ALA M 252 62.87 -47.77 -15.84
C ALA M 252 64.28 -47.46 -15.36
N VAL M 253 65.19 -48.41 -15.58
CA VAL M 253 66.57 -48.31 -15.10
C VAL M 253 67.53 -48.73 -16.20
N ILE M 254 68.82 -48.54 -15.92
CA ILE M 254 69.92 -49.09 -16.70
C ILE M 254 70.94 -49.66 -15.73
N GLN M 255 71.79 -50.55 -16.23
CA GLN M 255 72.89 -51.05 -15.42
C GLN M 255 74.03 -50.05 -15.43
N VAL M 256 74.90 -50.17 -14.43
CA VAL M 256 76.04 -49.27 -14.31
C VAL M 256 77.19 -49.97 -13.59
N ALA N 1 -83.66 -51.25 -27.52
CA ALA N 1 -82.60 -51.45 -28.49
C ALA N 1 -82.30 -50.17 -29.26
N MET N 2 -83.21 -49.23 -29.19
CA MET N 2 -83.04 -47.93 -29.81
C MET N 2 -83.21 -46.82 -28.78
N PRO N 3 -82.41 -45.76 -28.86
CA PRO N 3 -82.57 -44.64 -27.93
C PRO N 3 -83.89 -43.92 -28.16
N PHE N 4 -84.46 -43.38 -27.07
CA PHE N 4 -85.75 -42.69 -27.13
C PHE N 4 -85.49 -41.21 -27.42
N GLU N 5 -85.34 -40.90 -28.70
CA GLU N 5 -85.10 -39.53 -29.12
C GLU N 5 -86.40 -38.73 -29.05
N ILE N 6 -86.36 -37.59 -28.39
CA ILE N 6 -87.50 -36.69 -28.29
C ILE N 6 -87.17 -35.44 -29.11
N GLU N 7 -88.04 -35.10 -30.04
CA GLU N 7 -87.82 -34.02 -31.00
C GLU N 7 -88.75 -32.86 -30.63
N VAL N 8 -88.25 -31.98 -29.75
CA VAL N 8 -89.05 -30.83 -29.34
C VAL N 8 -88.91 -29.73 -30.40
N LEU N 9 -90.05 -29.29 -30.93
CA LEU N 9 -90.06 -28.32 -32.02
C LEU N 9 -90.10 -26.91 -31.42
N LEU N 10 -89.03 -26.16 -31.64
CA LEU N 10 -89.03 -24.75 -31.26
C LEU N 10 -90.00 -24.00 -32.15
N PRO N 11 -90.83 -23.10 -31.59
CA PRO N 11 -91.87 -22.45 -32.39
C PRO N 11 -91.34 -21.47 -33.42
N GLY N 12 -90.09 -21.03 -33.30
CA GLY N 12 -89.49 -20.19 -34.32
C GLY N 12 -89.82 -18.71 -34.20
N GLU N 13 -90.65 -18.31 -33.24
CA GLU N 13 -90.94 -16.91 -33.01
C GLU N 13 -90.13 -16.33 -31.85
N LEU N 14 -89.03 -16.97 -31.49
CA LEU N 14 -88.22 -16.51 -30.37
C LEU N 14 -87.32 -15.36 -30.79
N SER N 15 -86.95 -14.54 -29.80
CA SER N 15 -85.93 -13.53 -30.00
C SER N 15 -84.57 -14.19 -30.21
N PRO N 16 -83.68 -13.58 -30.98
CA PRO N 16 -82.33 -14.17 -31.12
C PRO N 16 -81.50 -14.09 -29.85
N ALA N 17 -81.87 -13.22 -28.92
CA ALA N 17 -81.19 -13.15 -27.63
C ALA N 17 -81.47 -14.35 -26.74
N GLU N 18 -82.60 -15.04 -26.94
CA GLU N 18 -82.96 -16.20 -26.13
C GLU N 18 -82.64 -17.52 -26.81
N THR N 19 -82.46 -17.51 -28.13
CA THR N 19 -81.98 -18.70 -28.82
C THR N 19 -80.55 -19.02 -28.41
N SER N 20 -79.73 -17.99 -28.18
CA SER N 20 -78.40 -18.20 -27.63
C SER N 20 -78.47 -18.75 -26.20
N ALA N 21 -79.46 -18.31 -25.43
CA ALA N 21 -79.64 -18.83 -24.08
C ALA N 21 -80.05 -20.30 -24.11
N LEU N 22 -80.89 -20.70 -25.07
CA LEU N 22 -81.25 -22.10 -25.20
C LEU N 22 -80.09 -22.94 -25.71
N GLN N 23 -79.24 -22.35 -26.56
CA GLN N 23 -78.01 -23.03 -26.98
C GLN N 23 -77.06 -23.25 -25.82
N LYS N 24 -76.95 -22.26 -24.93
CA LYS N 24 -76.11 -22.42 -23.74
C LYS N 24 -76.68 -23.50 -22.81
N CYS N 25 -78.00 -23.51 -22.63
CA CYS N 25 -78.65 -24.55 -21.81
C CYS N 25 -78.79 -25.82 -22.64
N GLU N 26 -77.68 -26.55 -22.73
CA GLU N 26 -77.54 -27.67 -23.65
C GLU N 26 -77.51 -29.02 -22.95
N GLY N 27 -77.17 -29.05 -21.67
CA GLY N 27 -77.08 -30.32 -20.97
C GLY N 27 -77.84 -30.36 -19.67
N LYS N 28 -79.01 -29.73 -19.63
CA LYS N 28 -79.84 -29.72 -18.45
C LYS N 28 -80.96 -30.75 -18.58
N ILE N 29 -81.73 -30.91 -17.50
CA ILE N 29 -82.73 -31.96 -17.38
C ILE N 29 -84.11 -31.32 -17.54
N ILE N 30 -84.94 -31.90 -18.40
CA ILE N 30 -86.33 -31.48 -18.57
C ILE N 30 -87.22 -32.67 -18.27
N THR N 31 -88.47 -32.40 -17.92
CA THR N 31 -89.41 -33.46 -17.60
C THR N 31 -90.52 -33.52 -18.64
N PHE N 32 -91.24 -34.64 -18.63
CA PHE N 32 -92.32 -34.88 -19.57
C PHE N 32 -93.49 -35.56 -18.85
N SER N 33 -94.67 -35.43 -19.44
CA SER N 33 -95.86 -36.03 -18.82
C SER N 33 -96.07 -37.47 -19.27
N THR N 34 -96.28 -37.70 -20.55
CA THR N 34 -96.50 -39.03 -21.10
C THR N 34 -95.52 -39.32 -22.24
N LEU N 35 -94.31 -38.78 -22.12
CA LEU N 35 -93.22 -38.90 -23.09
C LEU N 35 -93.61 -38.42 -24.48
N ARG N 36 -93.75 -39.36 -25.42
CA ARG N 36 -94.02 -39.17 -26.85
C ARG N 36 -92.86 -38.52 -27.58
N HIS N 37 -92.70 -38.83 -28.87
CA HIS N 37 -91.57 -38.34 -29.63
C HIS N 37 -91.71 -36.85 -29.96
N ARG N 38 -92.74 -36.50 -30.70
CA ARG N 38 -92.96 -35.10 -31.08
C ARG N 38 -93.72 -34.38 -29.98
N ALA N 39 -93.09 -33.37 -29.39
CA ALA N 39 -93.69 -32.62 -28.29
C ALA N 39 -93.45 -31.13 -28.50
N SER N 40 -94.33 -30.33 -27.91
CA SER N 40 -94.27 -28.89 -27.99
C SER N 40 -93.52 -28.34 -26.80
N LEU N 41 -93.17 -27.06 -26.88
CA LEU N 41 -92.43 -26.42 -25.80
C LEU N 41 -93.31 -26.14 -24.60
N VAL N 42 -94.63 -26.19 -24.76
CA VAL N 42 -95.54 -25.95 -23.64
C VAL N 42 -95.46 -27.09 -22.63
N ASP N 43 -95.30 -28.33 -23.11
CA ASP N 43 -95.37 -29.51 -22.26
C ASP N 43 -94.20 -29.65 -21.31
N ILE N 44 -93.10 -28.91 -21.51
CA ILE N 44 -91.96 -28.96 -20.60
C ILE N 44 -91.81 -27.68 -19.80
N ALA N 45 -92.60 -26.66 -20.09
CA ALA N 45 -92.49 -25.38 -19.38
C ALA N 45 -93.21 -25.47 -18.04
N LEU N 46 -93.10 -24.39 -17.26
CA LEU N 46 -93.69 -24.37 -15.92
C LEU N 46 -95.22 -24.26 -15.96
N SER N 47 -95.80 -23.90 -17.10
CA SER N 47 -97.25 -23.79 -17.19
C SER N 47 -97.94 -25.15 -17.05
N SER N 48 -97.22 -26.23 -17.35
CA SER N 48 -97.77 -27.57 -17.18
C SER N 48 -97.70 -28.05 -15.73
N TYR N 49 -97.02 -27.31 -14.85
CA TYR N 49 -96.80 -27.73 -13.48
C TYR N 49 -97.86 -27.18 -12.52
N TYR N 50 -98.85 -26.45 -13.02
CA TYR N 50 -99.86 -25.84 -12.16
C TYR N 50 -100.80 -26.90 -11.61
N ILE N 51 -101.21 -26.73 -10.36
CA ILE N 51 -102.14 -27.64 -9.71
C ILE N 51 -103.48 -26.97 -9.43
N ASN N 52 -103.48 -25.68 -9.09
CA ASN N 52 -104.71 -24.97 -8.73
C ASN N 52 -104.78 -23.62 -9.43
N GLY N 53 -104.23 -23.53 -10.64
CA GLY N 53 -104.11 -22.25 -11.31
C GLY N 53 -103.02 -21.36 -10.77
N ALA N 54 -102.14 -21.88 -9.92
CA ALA N 54 -101.09 -21.15 -9.25
C ALA N 54 -99.77 -21.88 -9.42
N PRO N 55 -98.64 -21.19 -9.34
CA PRO N 55 -97.34 -21.86 -9.33
C PRO N 55 -97.22 -22.76 -8.11
N PRO N 56 -96.61 -23.93 -8.27
CA PRO N 56 -96.61 -24.93 -7.20
C PRO N 56 -95.65 -24.57 -6.08
N ASP N 57 -95.96 -25.09 -4.89
CA ASP N 57 -95.08 -24.97 -3.74
C ASP N 57 -94.01 -26.06 -3.82
N THR N 58 -93.22 -26.23 -2.76
CA THR N 58 -92.14 -27.20 -2.77
C THR N 58 -92.64 -28.64 -2.73
N LEU N 59 -93.65 -28.93 -1.90
CA LEU N 59 -94.19 -30.29 -1.76
C LEU N 59 -94.78 -30.80 -3.06
N SER N 60 -95.63 -29.99 -3.70
CA SER N 60 -96.25 -30.40 -4.96
C SER N 60 -95.22 -30.50 -6.08
N LEU N 61 -94.15 -29.71 -6.00
CA LEU N 61 -93.10 -29.81 -7.01
C LEU N 61 -92.25 -31.07 -6.80
N LEU N 62 -92.05 -31.47 -5.54
CA LEU N 62 -91.47 -32.78 -5.25
C LEU N 62 -92.34 -33.90 -5.80
N GLU N 63 -93.67 -33.78 -5.63
CA GLU N 63 -94.58 -34.80 -6.15
C GLU N 63 -94.55 -34.83 -7.66
N ALA N 64 -94.44 -33.66 -8.30
CA ALA N 64 -94.38 -33.61 -9.76
C ALA N 64 -93.10 -34.23 -10.30
N TYR N 65 -91.95 -33.97 -9.66
CA TYR N 65 -90.72 -34.64 -10.08
C TYR N 65 -90.77 -36.14 -9.79
N ARG N 66 -91.50 -36.57 -8.77
CA ARG N 66 -91.60 -38.01 -8.52
C ARG N 66 -92.52 -38.69 -9.52
N MET N 67 -93.55 -37.99 -10.00
CA MET N 67 -94.55 -38.62 -10.85
C MET N 67 -94.21 -38.51 -12.34
N ARG N 68 -93.65 -37.39 -12.77
CA ARG N 68 -93.32 -37.19 -14.17
C ARG N 68 -92.01 -37.90 -14.53
N PHE N 69 -91.71 -37.93 -15.82
CA PHE N 69 -90.59 -38.68 -16.35
C PHE N 69 -89.48 -37.73 -16.80
N ALA N 70 -88.26 -38.01 -16.37
CA ALA N 70 -87.14 -37.14 -16.66
C ALA N 70 -86.63 -37.35 -18.08
N ALA N 71 -85.93 -36.34 -18.58
CA ALA N 71 -85.25 -36.40 -19.86
C ALA N 71 -84.11 -35.40 -19.83
N VAL N 72 -83.14 -35.58 -20.72
CA VAL N 72 -81.98 -34.71 -20.79
C VAL N 72 -81.83 -34.16 -22.20
N ILE N 73 -81.55 -32.87 -22.30
CA ILE N 73 -81.27 -32.25 -23.59
C ILE N 73 -79.87 -32.66 -24.04
N THR N 74 -79.74 -33.07 -25.30
CA THR N 74 -78.46 -33.48 -25.84
C THR N 74 -77.90 -32.47 -26.84
N ARG N 75 -78.67 -32.13 -27.87
CA ARG N 75 -78.20 -31.24 -28.92
C ARG N 75 -79.21 -30.12 -29.12
N VAL N 76 -78.70 -28.88 -29.20
CA VAL N 76 -79.54 -27.75 -29.55
C VAL N 76 -79.11 -27.25 -30.92
N ILE N 77 -79.83 -27.68 -31.96
CA ILE N 77 -79.63 -27.17 -33.31
C ILE N 77 -80.61 -26.02 -33.51
N PRO N 78 -80.38 -25.09 -34.45
CA PRO N 78 -81.32 -23.97 -34.61
C PRO N 78 -82.71 -24.39 -35.05
N GLY N 79 -83.71 -24.06 -34.23
CA GLY N 79 -85.10 -24.33 -34.55
C GLY N 79 -85.63 -25.65 -34.02
N LYS N 80 -84.77 -26.50 -33.47
CA LYS N 80 -85.18 -27.83 -33.03
C LYS N 80 -84.46 -28.18 -31.75
N LEU N 81 -85.18 -28.78 -30.80
CA LEU N 81 -84.61 -29.17 -29.51
C LEU N 81 -84.67 -30.67 -29.38
N LEU N 82 -83.51 -31.30 -29.19
CA LEU N 82 -83.41 -32.75 -29.11
C LEU N 82 -83.26 -33.17 -27.65
N ALA N 83 -83.86 -34.30 -27.30
CA ALA N 83 -83.81 -34.80 -25.94
C ALA N 83 -83.73 -36.32 -25.95
N HIS N 84 -83.22 -36.88 -24.85
CA HIS N 84 -83.18 -38.32 -24.63
C HIS N 84 -83.78 -38.63 -23.27
N ALA N 85 -84.51 -39.73 -23.20
CA ALA N 85 -85.19 -40.11 -21.96
C ALA N 85 -84.24 -40.83 -21.02
N ILE N 86 -84.51 -40.74 -19.72
CA ILE N 86 -83.69 -41.35 -18.68
C ILE N 86 -84.58 -42.23 -17.82
N GLY N 87 -84.13 -43.46 -17.57
CA GLY N 87 -84.78 -44.33 -16.61
C GLY N 87 -85.80 -45.27 -17.18
N VAL N 88 -86.23 -45.07 -18.43
CA VAL N 88 -87.15 -46.02 -19.05
C VAL N 88 -86.43 -47.33 -19.36
N GLY N 89 -85.12 -47.28 -19.59
CA GLY N 89 -84.34 -48.47 -19.88
C GLY N 89 -83.75 -48.51 -21.27
N THR N 90 -84.09 -47.54 -22.12
CA THR N 90 -83.54 -47.51 -23.47
C THR N 90 -82.07 -47.11 -23.42
N PRO N 91 -81.22 -47.73 -24.24
CA PRO N 91 -79.80 -47.37 -24.21
C PRO N 91 -79.55 -46.04 -24.90
N THR N 92 -78.80 -45.18 -24.21
CA THR N 92 -78.49 -43.84 -24.70
C THR N 92 -77.00 -43.71 -24.90
N PRO N 93 -76.52 -43.53 -26.14
CA PRO N 93 -75.08 -43.44 -26.38
C PRO N 93 -74.54 -42.06 -26.06
N GLY N 94 -73.62 -42.01 -25.11
CA GLY N 94 -72.90 -40.79 -24.78
C GLY N 94 -73.73 -39.67 -24.22
N LEU N 95 -74.28 -39.85 -23.01
CA LEU N 95 -74.97 -38.76 -22.35
C LEU N 95 -73.97 -37.77 -21.77
N PHE N 96 -74.46 -36.58 -21.46
CA PHE N 96 -73.71 -35.61 -20.69
C PHE N 96 -74.70 -34.67 -20.02
N ILE N 97 -74.40 -34.26 -18.79
CA ILE N 97 -75.24 -33.31 -18.08
C ILE N 97 -74.37 -32.16 -17.62
N GLN N 98 -75.03 -31.02 -17.41
CA GLN N 98 -74.41 -29.82 -16.86
C GLN N 98 -75.00 -29.62 -15.47
N ASN N 99 -74.17 -29.75 -14.45
CA ASN N 99 -74.67 -29.60 -13.09
C ASN N 99 -75.09 -28.16 -12.80
N THR N 100 -76.15 -28.02 -12.02
CA THR N 100 -76.65 -26.71 -11.62
C THR N 100 -76.48 -26.45 -10.13
N SER N 101 -75.95 -27.43 -9.39
CA SER N 101 -75.78 -27.26 -7.96
C SER N 101 -74.63 -26.28 -7.67
N PRO N 102 -74.67 -25.60 -6.53
CA PRO N 102 -73.52 -24.79 -6.11
C PRO N 102 -72.35 -25.60 -5.62
N VAL N 103 -72.50 -26.92 -5.45
CA VAL N 103 -71.44 -27.76 -4.90
C VAL N 103 -70.74 -28.48 -6.04
N ASP N 104 -69.51 -28.93 -5.76
CA ASP N 104 -68.74 -29.66 -6.73
C ASP N 104 -69.23 -31.11 -6.82
N LEU N 105 -68.91 -31.74 -7.94
CA LEU N 105 -69.20 -33.15 -8.18
C LEU N 105 -67.91 -33.87 -8.48
N CYS N 106 -67.66 -34.97 -7.78
CA CYS N 106 -66.50 -35.80 -8.05
C CYS N 106 -66.91 -37.00 -8.89
N ASN N 107 -65.93 -37.81 -9.24
CA ASN N 107 -66.21 -39.05 -9.97
C ASN N 107 -66.89 -40.06 -9.05
N GLY N 108 -67.90 -40.75 -9.58
CA GLY N 108 -68.54 -41.84 -8.88
C GLY N 108 -69.73 -41.46 -8.02
N ASP N 109 -70.00 -40.18 -7.82
CA ASP N 109 -71.18 -39.79 -7.05
C ASP N 109 -72.45 -40.06 -7.83
N TYR N 110 -73.54 -40.23 -7.09
CA TYR N 110 -74.85 -40.48 -7.68
C TYR N 110 -75.68 -39.21 -7.61
N ILE N 111 -76.70 -39.14 -8.45
CA ILE N 111 -77.42 -37.91 -8.73
C ILE N 111 -78.83 -37.99 -8.17
N CYS N 112 -79.19 -37.00 -7.37
CA CYS N 112 -80.56 -36.84 -6.86
C CYS N 112 -81.12 -35.54 -7.38
N LEU N 113 -82.35 -35.58 -7.88
CA LEU N 113 -83.00 -34.42 -8.47
C LEU N 113 -84.02 -33.85 -7.50
N LEU N 114 -83.85 -32.57 -7.15
CA LEU N 114 -84.81 -31.85 -6.33
C LEU N 114 -84.89 -30.43 -6.85
N PRO N 115 -86.04 -29.75 -6.68
CA PRO N 115 -86.20 -28.42 -7.25
C PRO N 115 -85.34 -27.40 -6.54
N PRO N 116 -85.03 -26.27 -7.19
CA PRO N 116 -84.13 -25.29 -6.58
C PRO N 116 -84.73 -24.63 -5.34
N VAL N 117 -83.89 -24.49 -4.32
CA VAL N 117 -84.28 -23.91 -3.04
C VAL N 117 -83.31 -22.79 -2.71
N TYR N 118 -82.67 -22.23 -3.73
CA TYR N 118 -81.71 -21.15 -3.57
C TYR N 118 -82.20 -19.87 -4.22
N GLY N 119 -83.52 -19.68 -4.27
CA GLY N 119 -84.09 -18.51 -4.92
C GLY N 119 -84.37 -18.66 -6.39
N SER N 120 -84.29 -19.88 -6.94
CA SER N 120 -84.50 -20.18 -8.36
C SER N 120 -83.56 -19.36 -9.24
N ALA N 121 -82.27 -19.66 -9.09
CA ALA N 121 -81.24 -18.88 -9.77
C ALA N 121 -81.26 -19.08 -11.28
N ASP N 122 -81.48 -20.32 -11.73
CA ASP N 122 -81.45 -20.62 -13.16
C ASP N 122 -82.56 -19.92 -13.95
N SER N 123 -83.83 -20.33 -13.73
CA SER N 123 -85.07 -19.61 -14.06
C SER N 123 -85.05 -18.89 -15.42
N ILE N 124 -84.89 -19.67 -16.49
CA ILE N 124 -84.83 -19.08 -17.82
C ILE N 124 -86.23 -18.64 -18.23
N ARG N 125 -86.34 -17.44 -18.79
CA ARG N 125 -87.61 -16.82 -19.13
C ARG N 125 -87.70 -16.62 -20.63
N LEU N 126 -88.80 -17.08 -21.23
CA LEU N 126 -89.07 -16.91 -22.66
C LEU N 126 -90.30 -16.03 -22.80
N ASP N 127 -90.09 -14.72 -22.83
CA ASP N 127 -91.21 -13.79 -22.86
C ASP N 127 -91.78 -13.64 -24.26
N SER N 128 -91.10 -14.18 -25.28
CA SER N 128 -91.60 -14.09 -26.65
C SER N 128 -92.87 -14.90 -26.83
N VAL N 129 -92.85 -16.15 -26.35
CA VAL N 129 -94.07 -16.96 -26.37
C VAL N 129 -94.89 -16.71 -25.11
N GLY N 130 -94.21 -16.56 -23.98
CA GLY N 130 -94.89 -16.33 -22.71
C GLY N 130 -94.77 -17.51 -21.77
N LEU N 131 -93.64 -18.22 -21.84
CA LEU N 131 -93.40 -19.39 -21.04
C LEU N 131 -92.13 -19.18 -20.21
N GLU N 132 -92.11 -19.81 -19.04
CA GLU N 132 -90.94 -19.87 -18.19
C GLU N 132 -90.58 -21.32 -17.96
N ILE N 133 -89.29 -21.62 -18.01
CA ILE N 133 -88.78 -22.98 -17.86
C ILE N 133 -87.87 -23.03 -16.64
N VAL N 134 -88.12 -23.98 -15.75
CA VAL N 134 -87.29 -24.20 -14.57
C VAL N 134 -86.56 -25.53 -14.75
N PHE N 135 -85.37 -25.63 -14.16
CA PHE N 135 -84.56 -26.83 -14.29
C PHE N 135 -84.30 -27.43 -12.92
N PRO N 136 -84.36 -28.75 -12.78
CA PRO N 136 -84.11 -29.37 -11.47
C PRO N 136 -82.65 -29.21 -11.05
N LEU N 137 -82.44 -29.20 -9.75
CA LEU N 137 -81.13 -28.94 -9.18
C LEU N 137 -80.40 -30.28 -8.99
N THR N 138 -79.24 -30.41 -9.60
CA THR N 138 -78.52 -31.68 -9.69
C THR N 138 -77.61 -31.80 -8.46
N ILE N 139 -78.15 -32.34 -7.38
CA ILE N 139 -77.45 -32.47 -6.11
C ILE N 139 -76.88 -33.88 -5.99
N PRO N 140 -75.61 -34.03 -5.61
CA PRO N 140 -75.03 -35.37 -5.47
C PRO N 140 -75.64 -36.14 -4.32
N GLN N 141 -75.47 -37.45 -4.37
CA GLN N 141 -75.93 -38.33 -3.30
C GLN N 141 -75.06 -38.12 -2.06
N THR N 142 -75.61 -38.54 -0.92
CA THR N 142 -75.09 -38.36 0.45
C THR N 142 -75.01 -36.89 0.83
N LEU N 143 -75.66 -36.02 0.04
CA LEU N 143 -75.87 -34.63 0.40
C LEU N 143 -77.32 -34.21 0.32
N MET N 144 -78.21 -35.06 -0.17
CA MET N 144 -79.62 -34.68 -0.32
C MET N 144 -80.29 -34.50 1.03
N ARG N 145 -80.09 -35.47 1.94
CA ARG N 145 -80.70 -35.42 3.26
C ARG N 145 -80.22 -34.21 4.05
N GLU N 146 -78.92 -33.94 3.99
CA GLU N 146 -78.34 -32.83 4.73
C GLU N 146 -78.85 -31.49 4.21
N ILE N 147 -78.91 -31.32 2.89
CA ILE N 147 -79.31 -30.04 2.32
C ILE N 147 -80.81 -29.82 2.52
N ILE N 148 -81.62 -30.88 2.46
CA ILE N 148 -83.06 -30.68 2.64
C ILE N 148 -83.37 -30.46 4.12
N ALA N 149 -82.57 -31.06 5.01
CA ALA N 149 -82.72 -30.79 6.43
C ALA N 149 -82.34 -29.36 6.77
N LYS N 150 -81.27 -28.85 6.16
CA LYS N 150 -80.89 -27.47 6.41
C LYS N 150 -81.92 -26.50 5.86
N VAL N 151 -82.50 -26.78 4.69
CA VAL N 151 -83.53 -25.89 4.13
C VAL N 151 -84.77 -25.89 5.01
N VAL N 152 -85.22 -27.07 5.47
CA VAL N 152 -86.41 -27.13 6.32
C VAL N 152 -86.14 -26.46 7.68
N ALA N 153 -84.94 -26.67 8.24
CA ALA N 153 -84.61 -26.06 9.53
C ALA N 153 -84.51 -24.55 9.42
N ARG N 154 -83.92 -24.04 8.35
CA ARG N 154 -83.84 -22.59 8.16
C ARG N 154 -85.22 -21.98 7.90
N ALA N 155 -86.08 -22.70 7.17
CA ALA N 155 -87.44 -22.21 6.94
C ALA N 155 -88.24 -22.18 8.24
N VAL N 156 -88.04 -23.18 9.11
CA VAL N 156 -88.73 -23.20 10.40
C VAL N 156 -88.21 -22.07 11.29
N GLU N 157 -86.88 -21.88 11.34
CA GLU N 157 -86.30 -20.86 12.19
C GLU N 157 -86.62 -19.46 11.70
N ASP N 158 -86.88 -19.30 10.40
CA ASP N 158 -87.27 -18.00 9.86
C ASP N 158 -88.64 -17.57 10.37
N LEU N 159 -89.54 -18.52 10.60
CA LEU N 159 -90.85 -18.20 11.15
C LEU N 159 -90.77 -17.85 12.63
N ASN N 160 -89.76 -17.45 0.51
CA ASN N 160 -90.09 -18.35 1.60
C ASN N 160 -91.43 -19.04 1.35
N LEU N 161 -91.46 -19.89 0.33
CA LEU N 161 -92.67 -20.58 -0.10
C LEU N 161 -92.70 -22.04 0.31
N MET N 162 -91.89 -22.44 1.29
CA MET N 162 -91.86 -23.79 1.80
C MET N 162 -92.80 -24.00 2.99
N PHE N 163 -93.90 -23.25 3.03
CA PHE N 163 -94.83 -23.31 4.16
C PHE N 163 -95.54 -24.66 4.24
N SER N 164 -95.78 -25.30 3.09
CA SER N 164 -96.50 -26.57 3.08
C SER N 164 -95.66 -27.68 3.70
N ILE N 165 -94.36 -27.71 3.40
CA ILE N 165 -93.47 -28.72 3.98
C ILE N 165 -93.37 -28.55 5.49
N ASN N 166 -93.21 -27.31 5.96
CA ASN N 166 -93.11 -27.07 7.40
C ASN N 166 -94.43 -27.37 8.09
N GLU N 167 -95.56 -27.05 7.45
CA GLU N 167 -96.86 -27.37 8.02
C GLU N 167 -97.07 -28.88 8.12
N GLY N 168 -96.65 -29.62 7.10
CA GLY N 168 -96.72 -31.07 7.18
C GLY N 168 -95.80 -31.65 8.24
N CYS N 169 -94.61 -31.05 8.41
CA CYS N 169 -93.68 -31.53 9.42
C CYS N 169 -94.19 -31.27 10.83
N LEU N 170 -94.80 -30.11 11.07
CA LEU N 170 -95.30 -29.81 12.40
C LEU N 170 -96.58 -30.57 12.70
N LEU N 171 -97.41 -30.80 11.66
CA LEU N 171 -98.69 -31.48 11.88
C LEU N 171 -98.49 -32.94 12.22
N ILE N 172 -97.60 -33.63 11.51
CA ILE N 172 -97.40 -35.06 11.74
C ILE N 172 -96.65 -35.28 13.04
N LEU N 173 -95.53 -34.60 13.23
CA LEU N 173 -94.54 -35.02 14.21
C LEU N 173 -94.83 -34.48 15.61
N ALA N 174 -95.56 -33.38 15.72
CA ALA N 174 -95.75 -32.71 17.01
C ALA N 174 -97.16 -32.85 17.55
N LEU N 175 -98.18 -32.50 16.75
CA LEU N 175 -99.55 -32.44 17.26
C LEU N 175 -100.10 -33.83 17.55
N ILE N 176 -99.75 -34.82 16.73
CA ILE N 176 -100.30 -36.17 16.90
C ILE N 176 -99.56 -36.95 18.00
N PRO N 177 -98.22 -37.06 18.03
CA PRO N 177 -97.62 -37.78 19.16
C PRO N 177 -97.49 -36.86 20.37
N ARG N 178 -97.92 -37.34 21.53
CA ARG N 178 -97.94 -36.54 22.75
C ARG N 178 -96.79 -36.88 23.70
N LEU N 179 -95.62 -37.21 23.16
CA LEU N 179 -94.37 -37.46 23.86
C LEU N 179 -94.41 -38.67 24.80
N LEU N 180 -95.43 -39.52 24.72
CA LEU N 180 -95.58 -40.70 25.56
C LEU N 180 -96.00 -41.91 24.74
N ALA N 181 -95.43 -42.05 23.54
CA ALA N 181 -95.81 -43.05 22.55
C ALA N 181 -97.31 -42.98 22.26
N LEU N 182 -97.71 -41.81 21.77
CA LEU N 182 -99.09 -41.40 21.46
C LEU N 182 -99.98 -41.31 22.70
N LEU N 183 -99.40 -41.48 23.91
CA LEU N 183 -100.13 -41.53 25.18
C LEU N 183 -101.24 -42.58 25.16
N ILE N 184 -100.98 -43.69 24.48
CA ILE N 184 -101.97 -44.75 24.31
C ILE N 184 -101.25 -46.07 24.07
N PRO N 185 -100.29 -46.14 23.15
CA PRO N 185 -99.52 -47.38 22.97
C PRO N 185 -98.70 -47.76 24.20
N ARG N 186 -98.19 -46.78 24.95
CA ARG N 186 -97.57 -47.10 26.23
C ARG N 186 -98.60 -47.60 27.23
N LEU N 187 -99.83 -47.05 27.18
CA LEU N 187 -100.89 -47.52 28.06
C LEU N 187 -101.44 -48.86 27.59
N LEU N 188 -101.49 -49.09 26.28
CA LEU N 188 -102.01 -50.35 25.77
C LEU N 188 -101.01 -51.49 25.99
N ALA N 189 -99.71 -51.20 25.87
CA ALA N 189 -98.70 -52.22 26.07
C ALA N 189 -98.42 -52.50 27.54
N LEU N 190 -98.94 -51.69 28.45
CA LEU N 190 -98.74 -51.91 29.88
C LEU N 190 -99.90 -52.70 30.48
N VAL N 191 -81.31 -47.14 22.59
CA VAL N 191 -81.71 -46.18 23.62
C VAL N 191 -83.10 -46.53 24.15
N THR N 192 -83.22 -47.70 24.77
CA THR N 192 -84.46 -48.15 25.38
C THR N 192 -84.55 -47.58 26.79
N ARG N 193 -85.31 -46.50 26.95
CA ARG N 193 -85.48 -45.85 28.23
C ARG N 193 -86.95 -45.54 28.45
N GLU N 194 -87.35 -45.48 29.72
CA GLU N 194 -88.73 -45.19 30.09
C GLU N 194 -88.88 -43.88 30.85
N ALA N 195 -87.86 -43.47 31.59
CA ALA N 195 -87.92 -42.24 32.38
C ALA N 195 -87.41 -41.06 31.56
N ALA N 196 -87.14 -39.95 32.25
CA ALA N 196 -86.53 -38.73 31.71
C ALA N 196 -87.36 -38.07 30.62
N GLN N 197 -87.50 -38.75 29.48
CA GLN N 197 -88.35 -38.23 28.40
C GLN N 197 -89.82 -38.25 28.80
N LEU N 198 -90.21 -39.21 29.65
CA LEU N 198 -91.59 -39.27 30.12
C LEU N 198 -91.87 -38.19 31.17
N ILE N 199 -90.88 -37.87 32.01
CA ILE N 199 -91.05 -36.82 33.00
C ILE N 199 -91.13 -35.47 32.32
N HIS N 200 -90.29 -35.24 31.31
CA HIS N 200 -90.40 -34.04 30.50
C HIS N 200 -91.68 -34.01 29.68
N PRO N 201 -92.29 -35.14 29.33
CA PRO N 201 -93.57 -35.09 28.58
C PRO N 201 -94.71 -34.49 29.36
N GLU N 202 -94.73 -34.65 30.68
CA GLU N 202 -95.85 -34.17 31.48
C GLU N 202 -95.89 -32.64 31.53
N ALA N 203 -94.74 -32.01 31.72
CA ALA N 203 -94.67 -30.54 31.69
C ALA N 203 -94.95 -29.98 30.30
N PRO N 204 -94.36 -30.50 29.22
CA PRO N 204 -94.58 -29.91 27.89
C PRO N 204 -95.92 -30.35 27.30
N MET N 205 -96.88 -29.43 27.28
CA MET N 205 -98.18 -29.68 26.66
C MET N 205 -98.77 -28.32 26.30
N LEU N 206 -98.67 -27.96 25.01
CA LEU N 206 -99.20 -26.69 24.54
C LEU N 206 -100.71 -26.71 24.35
N MET N 207 -101.34 -27.87 24.41
CA MET N 207 -102.78 -27.99 24.26
C MET N 207 -103.33 -29.07 25.18
N LEU N 208 -111.75 -45.38 20.72
CA LEU N 208 -112.32 -44.95 19.44
C LEU N 208 -111.50 -43.87 18.67
N PRO N 209 -111.14 -42.72 19.28
CA PRO N 209 -110.39 -41.74 18.47
C PRO N 209 -108.93 -42.10 18.30
N ILE N 210 -108.42 -43.03 19.11
CA ILE N 210 -107.04 -43.49 18.94
C ILE N 210 -106.87 -44.24 17.63
N TYR N 211 -107.94 -44.92 17.19
CA TYR N 211 -107.95 -45.55 15.85
C TYR N 211 -107.70 -44.51 14.77
N GLU N 212 -108.46 -43.41 14.83
CA GLU N 212 -108.33 -42.35 13.84
C GLU N 212 -106.95 -41.71 13.92
N THR N 213 -106.40 -41.50 15.12
CA THR N 213 -105.13 -40.80 15.21
C THR N 213 -103.97 -41.68 14.76
N ILE N 214 -104.03 -43.00 15.01
CA ILE N 214 -102.98 -43.89 14.52
C ILE N 214 -103.06 -44.02 13.00
N SER N 215 -104.28 -44.15 12.46
CA SER N 215 -104.45 -44.29 11.03
C SER N 215 -103.96 -43.06 10.29
N SER N 216 -104.39 -41.88 10.76
CA SER N 216 -103.96 -40.62 10.14
C SER N 216 -102.46 -40.42 10.27
N TRP N 217 -101.88 -40.74 11.44
CA TRP N 217 -100.45 -40.50 11.63
C TRP N 217 -99.60 -41.38 10.75
N ILE N 218 -99.87 -42.70 10.72
CA ILE N 218 -98.98 -43.56 9.94
C ILE N 218 -99.21 -43.34 8.45
N SER N 219 -100.45 -43.03 8.05
CA SER N 219 -100.72 -42.75 6.64
C SER N 219 -100.01 -41.48 6.17
N THR N 220 -100.16 -40.39 6.91
CA THR N 220 -99.60 -39.12 6.46
C THR N 220 -98.08 -39.10 6.62
N SER N 221 -97.55 -39.76 7.66
CA SER N 221 -96.11 -39.87 7.81
C SER N 221 -95.50 -40.72 6.72
N SER N 222 -96.14 -41.83 6.35
CA SER N 222 -95.62 -42.65 5.27
C SER N 222 -95.70 -41.93 3.93
N ARG N 223 -96.76 -41.13 3.73
CA ARG N 223 -96.86 -40.34 2.51
C ARG N 223 -95.78 -39.27 2.42
N LEU N 224 -95.50 -38.60 3.54
CA LEU N 224 -94.43 -37.60 3.54
C LEU N 224 -93.06 -38.24 3.34
N GLY N 225 -92.85 -39.42 3.93
CA GLY N 225 -91.60 -40.13 3.71
C GLY N 225 -91.44 -40.61 2.28
N ASP N 226 -92.56 -41.02 1.65
CA ASP N 226 -92.50 -41.43 0.25
C ASP N 226 -92.23 -40.24 -0.66
N THR N 227 -92.74 -39.06 -0.30
CA THR N 227 -92.43 -37.86 -1.07
C THR N 227 -90.96 -37.47 -0.92
N LEU N 228 -90.44 -37.44 0.29
CA LEU N 228 -89.01 -37.16 0.52
C LEU N 228 -88.20 -38.45 0.53
N GLY N 229 -88.42 -39.31 -0.46
CA GLY N 229 -87.74 -40.58 -0.53
C GLY N 229 -87.24 -40.88 -1.93
N THR N 230 -86.92 -39.84 -2.68
CA THR N 230 -86.45 -40.00 -4.04
C THR N 230 -85.06 -40.62 -4.06
N ARG N 231 -84.77 -41.37 -5.12
CA ARG N 231 -83.57 -42.18 -5.21
C ARG N 231 -82.68 -41.71 -6.34
N ALA N 232 -81.49 -42.31 -6.40
CA ALA N 232 -80.51 -41.93 -7.40
C ALA N 232 -80.94 -42.38 -8.79
N ILE N 233 -80.71 -41.52 -9.78
CA ILE N 233 -81.14 -41.77 -11.13
C ILE N 233 -79.98 -41.77 -12.12
N LEU N 234 -78.89 -41.06 -11.84
CA LEU N 234 -77.73 -41.01 -12.71
C LEU N 234 -76.47 -41.30 -11.92
N ARG N 235 -75.46 -41.82 -12.61
CA ARG N 235 -74.12 -42.01 -12.06
C ARG N 235 -73.14 -41.27 -12.95
N VAL N 236 -72.36 -40.37 -12.37
CA VAL N 236 -71.31 -39.70 -13.13
C VAL N 236 -70.11 -40.62 -13.25
N CYS N 237 -69.60 -40.75 -14.48
CA CYS N 237 -68.46 -41.64 -14.77
C CYS N 237 -67.55 -40.90 -15.75
N VAL N 238 -66.59 -40.15 -15.22
CA VAL N 238 -65.61 -39.47 -16.06
C VAL N 238 -64.47 -40.43 -16.33
N PHE N 239 -64.18 -40.64 -17.62
CA PHE N 239 -63.15 -41.58 -18.05
C PHE N 239 -62.10 -40.78 -18.81
N ASP N 240 -60.92 -40.64 -18.20
CA ASP N 240 -59.80 -39.86 -18.72
C ASP N 240 -60.19 -38.40 -18.94
N GLY N 241 -60.51 -37.72 -17.84
CA GLY N 241 -60.86 -36.33 -17.87
C GLY N 241 -60.64 -35.65 -16.52
N PRO N 242 -61.29 -34.50 -16.31
CA PRO N 242 -61.18 -33.82 -15.02
C PRO N 242 -61.89 -34.61 -13.93
N SER N 243 -61.26 -34.67 -12.76
CA SER N 243 -61.80 -35.46 -11.66
C SER N 243 -62.99 -34.77 -11.01
N THR N 244 -62.88 -33.47 -10.74
CA THR N 244 -63.95 -32.72 -10.11
C THR N 244 -64.72 -31.92 -11.17
N VAL N 245 -66.01 -31.78 -10.94
CA VAL N 245 -66.90 -31.09 -11.87
C VAL N 245 -67.41 -29.84 -11.17
N HIS N 246 -66.91 -28.68 -11.59
CA HIS N 246 -67.33 -27.41 -11.03
C HIS N 246 -68.75 -27.08 -11.49
N PRO N 247 -69.45 -26.19 -10.80
CA PRO N 247 -70.77 -25.73 -11.29
C PRO N 247 -70.65 -25.05 -12.65
N GLY N 248 -71.57 -25.40 -13.54
CA GLY N 248 -71.56 -24.91 -14.90
C GLY N 248 -70.76 -25.75 -15.88
N ASP N 249 -70.07 -26.78 -15.42
CA ASP N 249 -69.27 -27.62 -16.30
C ASP N 249 -70.08 -28.81 -16.80
N ARG N 250 -69.65 -29.37 -17.92
CA ARG N 250 -70.32 -30.50 -18.54
C ARG N 250 -69.57 -31.78 -18.21
N THR N 251 -70.30 -32.82 -17.81
CA THR N 251 -69.68 -34.07 -17.41
C THR N 251 -70.49 -35.25 -17.96
N ALA N 252 -69.79 -36.34 -18.25
CA ALA N 252 -70.42 -37.52 -18.80
C ALA N 252 -71.07 -38.33 -17.69
N VAL N 253 -72.20 -38.97 -18.00
CA VAL N 253 -72.94 -39.80 -17.06
C VAL N 253 -73.35 -41.10 -17.74
N ILE N 254 -73.82 -42.04 -16.91
CA ILE N 254 -74.37 -43.30 -17.36
C ILE N 254 -75.69 -43.53 -16.63
N GLN N 255 -76.57 -44.30 -17.26
CA GLN N 255 -77.83 -44.65 -16.65
C GLN N 255 -77.63 -45.66 -15.52
N VAL N 256 -78.47 -45.56 -14.50
CA VAL N 256 -78.42 -46.49 -13.38
C VAL N 256 -79.82 -46.67 -12.81
N ALA O 1 82.27 -48.91 -28.15
CA ALA O 1 81.94 -49.98 -27.21
C ALA O 1 82.78 -51.22 -27.49
N MET O 2 84.10 -51.04 -27.52
CA MET O 2 85.02 -52.13 -27.79
C MET O 2 86.04 -52.20 -26.66
N PRO O 3 86.56 -53.39 -26.36
CA PRO O 3 87.57 -53.49 -25.28
C PRO O 3 88.88 -52.83 -25.68
N PHE O 4 89.55 -52.26 -24.69
CA PHE O 4 90.82 -51.56 -24.93
C PHE O 4 91.91 -52.60 -25.11
N GLU O 5 92.10 -53.01 -26.35
CA GLU O 5 93.09 -54.04 -26.65
C GLU O 5 94.49 -53.46 -26.53
N ILE O 6 95.30 -54.07 -25.66
CA ILE O 6 96.68 -53.64 -25.44
C ILE O 6 97.58 -54.68 -26.10
N GLU O 7 98.39 -54.24 -27.04
CA GLU O 7 99.23 -55.12 -27.84
C GLU O 7 100.68 -54.77 -27.60
N VAL O 8 101.45 -55.74 -27.11
CA VAL O 8 102.86 -55.54 -26.79
C VAL O 8 103.70 -56.41 -27.71
N LEU O 9 104.77 -55.83 -28.24
CA LEU O 9 105.60 -56.49 -29.24
C LEU O 9 106.72 -57.27 -28.56
N LEU O 10 107.05 -58.43 -29.12
CA LEU O 10 108.18 -59.18 -28.62
C LEU O 10 109.36 -59.04 -29.58
N PRO O 11 110.59 -59.00 -29.07
CA PRO O 11 111.75 -59.00 -29.97
C PRO O 11 111.88 -60.33 -30.70
N GLY O 12 112.50 -60.27 -31.88
CA GLY O 12 112.61 -61.44 -32.74
C GLY O 12 113.70 -62.42 -32.36
N GLU O 13 114.52 -62.10 -31.36
CA GLU O 13 115.60 -62.99 -30.94
C GLU O 13 115.22 -63.86 -29.77
N ILE O 14 113.95 -63.86 -29.37
CA ILE O 14 113.51 -64.66 -28.22
C ILE O 14 113.48 -66.12 -28.63
N SER O 15 114.10 -66.98 -27.81
CA SER O 15 114.17 -68.41 -28.09
C SER O 15 112.78 -69.04 -28.06
N PRO O 16 112.55 -70.06 -28.89
CA PRO O 16 111.22 -70.71 -28.91
C PRO O 16 110.82 -71.37 -27.61
N ALA O 17 111.79 -71.76 -26.78
CA ALA O 17 111.45 -72.27 -25.44
C ALA O 17 110.85 -71.17 -24.59
N GLU O 18 111.35 -69.94 -24.71
CA GLU O 18 110.77 -68.82 -23.99
C GLU O 18 109.36 -68.49 -24.49
N THR O 19 109.12 -68.63 -25.80
CA THR O 19 107.78 -68.43 -26.32
C THR O 19 106.82 -69.51 -25.81
N SER O 20 107.30 -70.75 -25.72
CA SER O 20 106.48 -71.82 -25.17
C SER O 20 106.17 -71.56 -23.70
N ALA O 21 107.15 -71.05 -22.95
CA ALA O 21 106.91 -70.70 -21.55
C ALA O 21 105.91 -69.57 -21.43
N LEU O 22 105.95 -68.60 -22.35
CA LEU O 22 104.98 -67.51 -22.33
C LEU O 22 103.59 -67.99 -22.69
N GLN O 23 103.48 -68.93 -23.64
CA GLN O 23 102.19 -69.52 -23.97
C GLN O 23 101.63 -70.31 -22.80
N LYS O 24 102.49 -71.03 -22.08
CA LYS O 24 102.06 -71.72 -20.87
C LYS O 24 101.68 -70.73 -19.78
N CYS O 25 102.29 -69.55 -19.76
CA CYS O 25 101.99 -68.51 -18.79
C CYS O 25 100.93 -67.54 -19.31
N GLU O 26 100.06 -68.00 -20.20
CA GLU O 26 98.96 -67.16 -20.68
C GLU O 26 97.86 -67.11 -19.63
N GLY O 27 97.23 -65.94 -19.51
CA GLY O 27 96.11 -65.75 -18.61
C GLY O 27 96.42 -64.97 -17.36
N LYS O 28 97.68 -64.70 -17.07
CA LYS O 28 98.06 -64.01 -15.85
C LYS O 28 97.84 -62.51 -16.01
N ILE O 29 98.22 -61.73 -15.00
CA ILE O 29 97.98 -60.30 -14.95
C ILE O 29 99.31 -59.57 -15.03
N ILE O 30 99.39 -58.58 -15.93
CA ILE O 30 100.57 -57.72 -16.04
C ILE O 30 100.12 -56.28 -15.92
N THR O 31 101.00 -55.44 -15.39
CA THR O 31 100.67 -54.04 -15.10
C THR O 31 101.41 -53.12 -16.05
N PHE O 32 100.67 -52.19 -16.65
CA PHE O 32 101.22 -51.14 -17.50
C PHE O 32 101.17 -49.80 -16.78
N SER O 33 101.97 -48.87 -17.28
CA SER O 33 101.87 -47.47 -16.90
C SER O 33 101.76 -46.65 -18.18
N THR O 34 100.86 -45.66 -18.17
CA THR O 34 100.57 -44.79 -19.32
C THR O 34 100.16 -45.62 -20.54
N LEU O 35 98.95 -46.17 -20.44
CA LEU O 35 98.41 -47.13 -21.41
C LEU O 35 98.49 -46.63 -22.85
N ARG O 36 99.08 -47.46 -23.70
CA ARG O 36 99.17 -47.21 -25.13
C ARG O 36 98.76 -48.48 -25.86
N HIS O 37 98.35 -48.32 -27.12
CA HIS O 37 98.00 -49.48 -27.93
C HIS O 37 99.21 -50.34 -28.29
N ARG O 38 100.40 -49.76 -28.32
CA ARG O 38 101.61 -50.51 -28.67
C ARG O 38 102.71 -50.15 -27.67
N ALA O 39 102.89 -51.00 -26.67
CA ALA O 39 103.92 -50.82 -25.67
C ALA O 39 105.15 -51.67 -26.02
N SER O 40 106.10 -51.74 -25.09
CA SER O 40 107.30 -52.54 -25.26
C SER O 40 107.37 -53.58 -24.16
N LEU O 41 108.18 -54.61 -24.40
CA LEU O 41 108.35 -55.67 -23.40
C LEU O 41 109.10 -55.16 -22.18
N VAL O 42 109.89 -54.10 -22.34
CA VAL O 42 110.58 -53.47 -21.22
C VAL O 42 109.60 -52.85 -20.24
N ASP O 43 108.45 -52.38 -20.74
CA ASP O 43 107.49 -51.66 -19.90
C ASP O 43 106.84 -52.58 -18.87
N ILE O 44 106.60 -53.85 -19.23
CA ILE O 44 105.92 -54.76 -18.31
C ILE O 44 106.86 -55.55 -17.42
N ALA O 45 108.17 -55.53 -17.71
CA ALA O 45 109.09 -56.38 -16.98
C ALA O 45 109.44 -55.77 -15.63
N LEU O 46 110.31 -56.46 -14.89
CA LEU O 46 110.73 -55.99 -13.57
C LEU O 46 111.60 -54.75 -13.66
N SER O 47 112.18 -54.47 -14.84
CA SER O 47 113.03 -53.30 -15.01
C SER O 47 112.25 -52.00 -14.86
N SER O 48 110.93 -52.03 -15.11
CA SER O 48 110.14 -50.82 -14.96
C SER O 48 109.67 -50.60 -13.53
N TYR O 49 109.78 -51.61 -12.66
CA TYR O 49 109.35 -51.44 -11.28
C TYR O 49 110.44 -50.87 -10.39
N TYR O 50 111.62 -50.59 -10.94
CA TYR O 50 112.78 -50.29 -10.12
C TYR O 50 112.67 -48.94 -9.41
N ILE O 51 112.49 -48.99 -8.09
CA ILE O 51 112.99 -47.93 -7.24
C ILE O 51 114.51 -47.87 -7.41
N ASN O 52 115.05 -46.64 -7.37
CA ASN O 52 116.37 -46.31 -7.91
C ASN O 52 117.51 -47.22 -7.46
N GLY O 53 118.06 -47.98 -8.41
CA GLY O 53 119.12 -48.93 -8.13
C GLY O 53 118.63 -50.32 -7.76
N ALA O 54 118.09 -50.46 -6.55
CA ALA O 54 117.80 -51.77 -6.00
C ALA O 54 116.47 -52.32 -6.52
N PRO O 55 116.33 -53.65 -6.58
CA PRO O 55 115.01 -54.23 -6.87
C PRO O 55 114.03 -53.90 -5.77
N PRO O 56 112.74 -53.79 -6.08
CA PRO O 56 111.79 -53.22 -5.12
C PRO O 56 111.53 -54.12 -3.93
N ASP O 57 111.21 -53.48 -2.81
CA ASP O 57 110.81 -54.17 -1.60
C ASP O 57 109.32 -54.52 -1.67
N THR O 58 108.74 -54.96 -0.55
CA THR O 58 107.33 -55.30 -0.57
C THR O 58 106.45 -54.06 -0.60
N LEU O 59 106.80 -53.04 0.19
CA LEU O 59 106.00 -51.81 0.24
C LEU O 59 106.10 -51.04 -1.08
N SER O 60 107.28 -51.06 -1.70
CA SER O 60 107.44 -50.41 -3.00
C SER O 60 106.58 -51.06 -4.07
N LEU O 61 106.56 -52.40 -4.11
CA LEU O 61 105.71 -53.07 -5.08
C LEU O 61 104.24 -52.90 -4.74
N LEU O 62 103.91 -52.77 -3.45
CA LEU O 62 102.53 -52.53 -3.05
C LEU O 62 102.04 -51.16 -3.51
N GLU O 63 102.88 -50.12 -3.42
CA GLU O 63 102.46 -48.82 -3.92
C GLU O 63 102.50 -48.78 -5.44
N ALA O 64 103.39 -49.57 -6.05
CA ALA O 64 103.45 -49.62 -7.51
C ALA O 64 102.23 -50.29 -8.11
N TYR O 65 101.71 -51.32 -7.44
CA TYR O 65 100.55 -52.03 -7.97
C TYR O 65 99.27 -51.23 -7.89
N ARG O 66 99.23 -50.17 -7.07
CA ARG O 66 98.11 -49.26 -7.08
C ARG O 66 98.40 -47.97 -7.84
N MET O 67 99.67 -47.69 -8.14
CA MET O 67 100.01 -46.55 -8.98
C MET O 67 99.81 -46.81 -10.47
N ARG O 68 99.67 -48.07 -10.88
CA ARG O 68 99.71 -48.47 -12.28
C ARG O 68 98.34 -48.92 -12.76
N PHE O 69 98.26 -49.16 -14.07
CA PHE O 69 97.07 -49.70 -14.71
C PHE O 69 97.27 -51.20 -14.92
N ALA O 70 96.26 -51.98 -14.56
CA ALA O 70 96.36 -53.42 -14.71
C ALA O 70 95.94 -53.85 -16.12
N ALA O 71 96.38 -55.04 -16.50
CA ALA O 71 95.98 -55.63 -17.78
C ALA O 71 96.04 -57.14 -17.64
N VAL O 72 95.27 -57.82 -18.47
CA VAL O 72 95.16 -59.28 -18.44
C VAL O 72 95.60 -59.82 -19.79
N ILE O 73 96.59 -60.71 -19.79
CA ILE O 73 97.02 -61.35 -21.03
C ILE O 73 95.94 -62.31 -21.49
N THR O 74 95.53 -62.18 -22.75
CA THR O 74 94.39 -62.93 -23.25
C THR O 74 94.69 -63.80 -24.46
N ARG O 75 95.79 -63.58 -25.16
CA ARG O 75 96.16 -64.41 -26.30
C ARG O 75 97.65 -64.22 -26.58
N VAL O 76 98.34 -65.31 -26.88
CA VAL O 76 99.76 -65.29 -27.17
C VAL O 76 99.93 -65.87 -28.58
N ILE O 77 99.96 -64.98 -29.58
CA ILE O 77 100.26 -65.37 -30.95
C ILE O 77 101.77 -65.31 -31.11
N PRO O 78 102.39 -65.96 -32.11
CA PRO O 78 103.84 -65.87 -32.24
C PRO O 78 104.34 -64.47 -32.56
N GLY O 79 105.09 -63.89 -31.63
CA GLY O 79 105.71 -62.60 -31.80
C GLY O 79 105.00 -61.45 -31.10
N LYS O 80 103.75 -61.63 -30.70
CA LYS O 80 102.95 -60.55 -30.11
C LYS O 80 102.07 -61.13 -29.01
N LEU O 81 101.91 -60.37 -27.93
CA LEU O 81 100.91 -60.67 -26.91
C LEU O 81 99.72 -59.75 -27.13
N LEU O 82 98.56 -60.16 -26.64
CA LEU O 82 97.38 -59.30 -26.63
C LEU O 82 96.91 -59.19 -25.18
N ALA O 83 96.42 -58.02 -24.81
CA ALA O 83 95.93 -57.80 -23.46
C ALA O 83 94.73 -56.89 -23.49
N HIS O 84 93.91 -56.99 -22.45
CA HIS O 84 92.74 -56.15 -22.28
C HIS O 84 92.90 -55.31 -21.02
N ALA O 85 92.67 -54.01 -21.13
CA ALA O 85 92.72 -53.15 -19.96
C ALA O 85 91.48 -53.36 -19.11
N ILE O 86 91.64 -53.32 -17.79
CA ILE O 86 90.56 -53.63 -16.88
C ILE O 86 90.31 -52.53 -15.85
N GLY O 87 91.30 -51.69 -15.55
CA GLY O 87 91.06 -50.60 -14.62
C GLY O 87 90.21 -49.50 -15.22
N VAL O 88 90.31 -49.30 -16.52
CA VAL O 88 89.54 -48.28 -17.23
C VAL O 88 88.10 -48.77 -17.40
N GLY O 89 87.22 -47.87 -17.82
CA GLY O 89 85.82 -48.18 -17.93
C GLY O 89 85.40 -48.90 -19.19
N THR O 90 86.33 -49.23 -20.09
CA THR O 90 85.97 -49.92 -21.32
C THR O 90 85.57 -51.36 -21.02
N PRO O 91 84.39 -51.80 -21.44
CA PRO O 91 83.93 -53.14 -21.08
C PRO O 91 84.68 -54.24 -21.81
N THR O 92 84.79 -55.39 -21.16
CA THR O 92 85.42 -56.56 -21.73
C THR O 92 84.42 -57.71 -21.68
N PRO O 93 84.04 -58.30 -22.79
CA PRO O 93 83.10 -59.42 -22.75
C PRO O 93 83.48 -60.78 -22.13
N GLY O 94 84.52 -61.51 -22.59
CA GLY O 94 84.90 -62.72 -21.92
C GLY O 94 86.32 -62.64 -21.40
N LEU O 95 86.47 -62.62 -20.08
CA LEU O 95 87.78 -62.53 -19.45
C LEU O 95 88.06 -63.80 -18.67
N PHE O 96 89.32 -64.17 -18.60
CA PHE O 96 89.71 -65.29 -17.77
C PHE O 96 91.10 -65.05 -17.22
N ILE O 97 91.25 -65.27 -15.92
CA ILE O 97 92.53 -65.26 -15.25
C ILE O 97 92.77 -66.66 -14.71
N GLN O 98 94.00 -66.93 -14.35
CA GLN O 98 94.31 -68.20 -13.70
C GLN O 98 94.86 -67.95 -12.31
N ASN O 99 94.60 -68.88 -11.41
CA ASN O 99 94.83 -68.68 -9.98
C ASN O 99 96.31 -68.73 -9.68
N THR O 100 96.92 -67.55 -9.52
CA THR O 100 98.31 -67.45 -9.08
C THR O 100 98.29 -67.11 -7.60
N SER O 101 98.11 -68.13 -6.77
CA SER O 101 98.09 -68.03 -5.32
C SER O 101 98.15 -69.44 -4.74
N PRO O 102 98.50 -69.60 -3.47
CA PRO O 102 98.26 -70.88 -2.79
C PRO O 102 96.88 -71.00 -2.14
N VAL O 103 95.93 -70.16 -2.53
CA VAL O 103 94.65 -70.02 -1.84
C VAL O 103 93.51 -70.26 -2.83
N ASP O 104 92.55 -71.08 -2.42
CA ASP O 104 91.38 -71.37 -3.23
C ASP O 104 90.48 -70.13 -3.33
N LEU O 105 89.82 -69.99 -4.47
CA LEU O 105 88.88 -68.90 -4.71
C LEU O 105 87.45 -69.43 -4.70
N CYS O 106 86.61 -68.84 -3.86
CA CYS O 106 85.19 -69.18 -3.87
C CYS O 106 84.48 -68.37 -4.95
N ASN O 107 83.32 -68.86 -5.37
CA ASN O 107 82.56 -68.24 -6.45
C ASN O 107 81.91 -66.97 -5.91
N GLY O 108 82.56 -65.84 -6.10
CA GLY O 108 81.97 -64.57 -5.70
C GLY O 108 82.92 -63.66 -4.95
N ASP O 109 84.13 -64.13 -4.68
CA ASP O 109 85.09 -63.34 -3.93
C ASP O 109 85.66 -62.21 -4.77
N TYR O 110 85.88 -61.07 -4.14
CA TYR O 110 86.61 -59.97 -4.75
C TYR O 110 88.10 -60.25 -4.58
N ILE O 111 88.88 -60.03 -5.63
CA ILE O 111 90.30 -60.37 -5.61
C ILE O 111 91.12 -59.09 -5.67
N CYS O 112 92.33 -59.16 -5.14
CA CYS O 112 93.25 -58.03 -5.13
C CYS O 112 94.60 -58.48 -5.65
N LEU O 113 95.51 -57.52 -5.80
CA LEU O 113 96.86 -57.78 -6.30
C LEU O 113 97.87 -57.42 -5.24
N LEU O 114 98.77 -58.35 -4.93
CA LEU O 114 99.83 -58.12 -3.97
C LEU O 114 101.14 -58.69 -4.50
N PRO O 115 102.29 -58.24 -3.97
CA PRO O 115 103.56 -58.83 -4.39
C PRO O 115 103.64 -60.28 -3.93
N PRO O 116 104.44 -61.10 -4.60
CA PRO O 116 104.59 -62.49 -4.17
C PRO O 116 105.36 -62.61 -2.87
N VAL O 117 104.64 -62.87 -1.78
CA VAL O 117 105.24 -62.92 -0.46
C VAL O 117 105.01 -64.24 0.26
N PHE O 118 104.17 -65.13 -0.28
CA PHE O 118 103.91 -66.39 0.41
C PHE O 118 105.08 -67.35 0.30
N GLY O 119 105.96 -67.14 -0.66
CA GLY O 119 107.11 -68.01 -0.84
C GLY O 119 107.50 -68.13 -2.29
N SER O 120 108.81 -68.12 -2.56
CA SER O 120 109.40 -68.20 -3.90
C SER O 120 108.88 -67.10 -4.82
N ALA O 121 109.01 -67.32 -6.13
CA ALA O 121 108.50 -66.36 -7.10
C ALA O 121 108.25 -67.11 -8.40
N ASP O 122 106.98 -67.28 -8.76
CA ASP O 122 106.66 -67.84 -10.07
C ASP O 122 106.90 -66.78 -11.12
N GLU O 123 108.15 -66.65 -11.57
CA GLU O 123 108.54 -65.61 -12.50
C GLU O 123 109.19 -66.25 -13.73
N ILE O 124 109.08 -65.55 -14.85
CA ILE O 124 109.67 -66.00 -16.10
C ILE O 124 110.83 -65.08 -16.42
N ARG O 125 112.01 -65.66 -16.60
CA ARG O 125 113.21 -64.88 -16.89
C ARG O 125 113.57 -65.13 -18.35
N LEU O 126 113.79 -64.04 -19.08
CA LEU O 126 114.15 -64.11 -20.49
C LEU O 126 115.62 -63.78 -20.68
N ASP O 127 116.47 -64.80 -20.70
CA ASP O 127 117.90 -64.60 -20.82
C ASP O 127 118.33 -64.20 -22.23
N SER O 128 117.43 -64.29 -23.21
CA SER O 128 117.75 -63.80 -24.56
C SER O 128 117.91 -62.29 -24.57
N VAL O 129 117.07 -61.59 -23.82
CA VAL O 129 117.13 -60.13 -23.74
C VAL O 129 117.57 -59.63 -22.38
N GLY O 130 117.84 -60.50 -21.42
CA GLY O 130 118.27 -60.07 -20.12
C GLY O 130 117.19 -59.44 -19.27
N LEU O 131 115.92 -59.75 -19.52
CA LEU O 131 114.80 -59.22 -18.77
C LEU O 131 114.06 -60.34 -18.06
N GLU O 132 113.46 -60.02 -16.92
CA GLU O 132 112.62 -60.95 -16.19
C GLU O 132 111.31 -60.26 -15.83
N ILE O 133 110.21 -61.03 -15.86
CA ILE O 133 108.88 -60.50 -15.63
C ILE O 133 108.32 -61.16 -14.38
N VAL O 134 107.64 -60.39 -13.55
CA VAL O 134 107.01 -60.90 -12.34
C VAL O 134 105.51 -60.76 -12.50
N PHE O 135 104.77 -61.69 -11.91
CA PHE O 135 103.33 -61.71 -11.98
C PHE O 135 102.74 -61.52 -10.59
N PRO O 136 101.85 -60.54 -10.41
CA PRO O 136 101.23 -60.35 -9.09
C PRO O 136 100.36 -61.54 -8.70
N LEU O 137 100.35 -61.82 -7.41
CA LEU O 137 99.57 -62.92 -6.88
C LEU O 137 98.13 -62.43 -6.69
N THR O 138 97.16 -63.28 -7.03
CA THR O 138 95.75 -62.93 -6.91
C THR O 138 95.13 -63.71 -5.76
N ILE O 139 94.87 -63.02 -4.65
CA ILE O 139 94.27 -63.67 -3.49
C ILE O 139 92.95 -62.97 -3.19
N PRO O 140 92.00 -63.63 -2.52
CA PRO O 140 90.70 -62.98 -2.25
C PRO O 140 90.84 -61.84 -1.26
N GLN O 141 89.85 -60.96 -1.30
CA GLN O 141 89.67 -60.00 -0.21
C GLN O 141 89.18 -60.76 1.02
N THR O 142 89.36 -60.15 2.20
CA THR O 142 89.30 -60.70 3.57
C THR O 142 90.44 -61.66 3.85
N LEU O 143 91.37 -61.82 2.94
CA LEU O 143 92.71 -62.34 3.19
C LEU O 143 93.76 -61.30 2.82
N MET O 144 93.46 -60.48 1.82
CA MET O 144 94.22 -59.26 1.54
C MET O 144 94.38 -58.40 2.79
N ARG O 145 93.31 -58.24 3.55
CA ARG O 145 93.35 -57.34 4.69
C ARG O 145 94.22 -57.90 5.80
N GLU O 146 94.21 -59.23 5.97
CA GLU O 146 95.07 -59.84 6.98
C GLU O 146 96.54 -59.79 6.56
N ILE O 147 96.83 -59.98 5.27
CA ILE O 147 98.21 -59.86 4.80
C ILE O 147 98.74 -58.44 4.99
N ILE O 148 97.94 -57.45 4.62
CA ILE O 148 98.33 -56.05 4.81
C ILE O 148 98.47 -55.73 6.29
N ALA O 149 97.63 -56.33 7.13
CA ALA O 149 97.74 -56.12 8.57
C ALA O 149 99.06 -56.63 9.11
N LYS O 150 99.45 -57.85 8.72
CA LYS O 150 100.72 -58.40 9.18
C LYS O 150 101.91 -57.59 8.65
N VAL O 151 101.84 -57.16 7.39
CA VAL O 151 102.96 -56.41 6.79
C VAL O 151 103.11 -55.05 7.46
N VAL O 152 102.00 -54.34 7.68
CA VAL O 152 102.08 -53.01 8.28
C VAL O 152 102.51 -53.10 9.74
N ALA O 153 102.02 -54.10 10.47
CA ALA O 153 102.43 -54.26 11.86
C ALA O 153 103.91 -54.59 11.97
N ARG O 154 104.42 -55.46 11.08
CA ARG O 154 105.84 -55.76 11.06
C ARG O 154 106.65 -54.54 10.67
N ALA O 155 106.12 -53.70 9.78
CA ALA O 155 106.81 -52.46 9.40
C ALA O 155 106.91 -51.49 10.57
N VAL O 156 105.82 -51.38 11.36
CA VAL O 156 105.83 -50.51 12.53
C VAL O 156 106.84 -51.01 13.56
N GLU O 157 106.90 -52.33 13.76
CA GLU O 157 107.84 -52.84 14.75
C GLU O 157 109.29 -52.78 14.26
N ARG O 158 109.51 -52.82 12.95
CA ARG O 158 110.87 -52.65 12.46
C ARG O 158 111.31 -51.19 12.55
N THR O 159 110.41 -50.25 12.26
CA THR O 159 110.79 -48.84 12.36
C THR O 159 110.73 -48.32 13.79
N ALA O 160 110.20 -49.11 14.73
CA ALA O 160 110.21 -48.70 16.13
C ALA O 160 111.62 -48.75 16.71
N ALA O 161 112.41 -49.74 16.33
CA ALA O 161 113.76 -49.89 16.84
C ALA O 161 114.64 -50.63 15.85
N ASP O 162 105.97 -64.97 11.24
CA ASP O 162 104.73 -64.47 10.64
C ASP O 162 103.99 -65.59 9.92
N VAL O 163 102.97 -66.13 10.57
CA VAL O 163 102.15 -67.20 10.02
C VAL O 163 100.73 -66.70 9.88
N ILE O 164 99.97 -67.32 8.98
CA ILE O 164 98.59 -66.95 8.72
C ILE O 164 97.78 -68.21 8.42
N CYS O 165 96.53 -68.23 8.86
CA CYS O 165 95.66 -69.39 8.73
C CYS O 165 94.45 -69.02 7.88
N TYR O 166 94.13 -69.88 6.91
CA TYR O 166 92.93 -69.69 6.08
C TYR O 166 92.42 -71.09 5.76
N ASN O 167 91.38 -71.51 6.49
CA ASN O 167 90.80 -72.86 6.40
C ASN O 167 91.86 -73.94 6.65
N GLY O 168 92.62 -73.80 7.73
CA GLY O 168 93.76 -74.66 7.95
C GLY O 168 94.90 -74.28 7.01
N ARG O 169 95.90 -75.16 6.98
CA ARG O 169 97.07 -75.05 6.08
C ARG O 169 97.78 -73.71 6.26
N ARG O 170 98.43 -73.58 7.42
CA ARG O 170 99.11 -72.35 7.79
C ARG O 170 100.21 -72.01 6.78
N TYR O 171 100.21 -70.75 6.33
CA TYR O 171 101.20 -70.26 5.39
C TYR O 171 102.18 -69.33 6.10
N GLU O 172 103.43 -69.34 5.64
CA GLU O 172 104.49 -68.54 6.22
C GLU O 172 104.79 -67.35 5.33
N LEU O 173 104.77 -66.15 5.91
CA LEU O 173 105.09 -64.95 5.17
C LEU O 173 106.60 -64.75 5.07
N GLU O 174 107.03 -64.18 3.96
CA GLU O 174 108.44 -63.93 3.67
C GLU O 174 108.62 -62.50 3.16
N THR O 175 108.05 -61.54 3.89
CA THR O 175 108.07 -60.15 3.45
C THR O 175 109.48 -59.56 3.53
N ASN O 176 109.83 -58.76 2.54
CA ASN O 176 111.19 -58.25 2.38
C ASN O 176 111.22 -56.74 2.59
N LEU O 177 111.43 -56.34 3.83
CA LEU O 177 111.65 -54.93 4.15
C LEU O 177 113.14 -54.68 4.24
N GLN O 178 113.69 -53.94 3.28
CA GLN O 178 115.10 -53.55 3.28
C GLN O 178 115.23 -52.10 2.86
N HIS O 179 114.30 -51.27 3.34
CA HIS O 179 114.36 -49.84 3.08
C HIS O 179 113.58 -49.12 4.19
N ARG O 180 114.02 -47.91 4.52
CA ARG O 180 113.30 -47.05 5.46
C ARG O 180 113.13 -45.69 4.78
N ASP O 181 112.13 -45.60 3.92
CA ASP O 181 111.68 -44.33 3.36
C ASP O 181 110.16 -44.18 3.39
N GLY O 182 109.42 -45.26 3.15
CA GLY O 182 107.97 -45.23 3.18
C GLY O 182 107.35 -45.64 4.48
N SER O 183 108.17 -46.04 5.46
CA SER O 183 107.65 -46.39 6.77
C SER O 183 107.03 -45.18 7.46
N ASP O 184 107.67 -44.01 7.31
CA ASP O 184 107.09 -42.78 7.85
C ASP O 184 105.79 -42.44 7.15
N ALA O 185 105.69 -42.76 5.85
CA ALA O 185 104.43 -42.57 5.13
C ALA O 185 103.34 -43.49 5.67
N ALA O 186 103.70 -44.73 6.01
CA ALA O 186 102.73 -45.66 6.60
C ALA O 186 102.26 -45.18 7.97
N ILE O 187 103.21 -44.71 8.80
CA ILE O 187 102.85 -44.15 10.10
C ILE O 187 101.93 -42.95 9.94
N ARG O 188 102.23 -42.08 8.97
CA ARG O 188 101.39 -40.94 8.69
C ARG O 188 99.99 -41.37 8.25
N THR O 189 99.90 -42.40 7.41
CA THR O 189 98.59 -42.87 6.94
C THR O 189 97.74 -43.40 8.09
N LEU O 190 98.33 -44.22 8.96
CA LEU O 190 97.57 -44.71 10.12
C LEU O 190 97.18 -43.58 11.08
N VAL O 191 98.07 -42.62 11.34
CA VAL O 191 97.69 -41.61 12.33
C VAL O 191 96.65 -40.64 11.76
N LEU O 192 96.71 -40.32 10.47
CA LEU O 192 95.68 -39.47 9.88
C LEU O 192 94.36 -40.22 9.73
N ASN O 193 94.40 -41.53 9.56
CA ASN O 193 93.14 -42.28 9.54
C ASN O 193 92.55 -42.39 10.95
N LEU O 194 93.40 -42.52 11.96
CA LEU O 194 92.92 -42.70 13.32
C LEU O 194 92.35 -41.41 13.90
N MET O 195 93.07 -40.29 13.72
CA MET O 195 92.73 -39.04 14.39
C MET O 195 91.41 -38.47 13.91
N PHE O 196 90.94 -38.87 12.73
CA PHE O 196 89.64 -38.43 12.26
C PHE O 196 88.47 -39.09 13.00
N SER O 197 88.73 -40.12 13.80
CA SER O 197 87.67 -40.79 14.54
C SER O 197 87.85 -40.75 16.04
N ILE O 198 89.09 -41.00 16.52
CA ILE O 198 89.40 -41.41 17.90
C ILE O 198 88.73 -40.54 18.96
N ASN O 199 88.94 -39.22 18.91
CA ASN O 199 88.48 -38.33 19.96
C ASN O 199 86.96 -38.38 20.17
N GLU O 200 86.18 -37.97 19.16
CA GLU O 200 84.73 -37.90 19.32
C GLU O 200 84.13 -39.29 19.51
N GLY O 201 84.49 -40.23 18.62
CA GLY O 201 83.86 -41.55 18.68
C GLY O 201 84.19 -42.29 19.96
N THR O 202 85.47 -42.29 20.34
CA THR O 202 85.90 -43.05 21.50
C THR O 202 85.41 -42.42 22.79
N THR O 203 85.37 -41.08 22.90
CA THR O 203 84.82 -40.47 24.10
C THR O 203 83.33 -40.76 24.26
N LEU O 204 82.55 -40.60 23.19
CA LEU O 204 81.11 -40.85 23.29
C LEU O 204 80.80 -42.31 23.59
N ILE O 205 81.34 -43.24 22.79
CA ILE O 205 81.00 -44.64 23.05
C ILE O 205 81.79 -45.21 24.22
N LEU O 206 82.81 -44.51 24.72
CA LEU O 206 83.45 -44.91 25.96
C LEU O 206 82.58 -44.53 27.15
N THR O 207 81.90 -43.39 27.08
CA THR O 207 80.87 -43.08 28.06
C THR O 207 79.75 -44.11 28.00
N LEU O 208 79.37 -44.52 26.79
CA LEU O 208 78.35 -45.56 26.63
C LEU O 208 78.77 -46.90 27.24
N ILE O 209 80.01 -47.33 27.01
CA ILE O 209 80.41 -48.63 27.56
C ILE O 209 80.72 -48.52 29.05
N THR O 210 81.09 -47.33 29.54
CA THR O 210 81.23 -47.13 30.98
C THR O 210 79.89 -47.24 31.67
N ARG O 211 78.83 -46.75 31.02
CA ARG O 211 77.47 -47.05 31.49
C ARG O 211 77.19 -48.54 31.39
N LEU O 212 77.65 -49.19 30.32
CA LEU O 212 77.43 -50.63 30.16
C LEU O 212 78.24 -51.45 31.17
N LEU O 213 79.50 -51.10 31.37
CA LEU O 213 80.36 -51.88 32.26
C LEU O 213 80.07 -51.56 33.73
N ARG O 214 79.05 -30.44 14.44
CA ARG O 214 79.08 -31.90 14.35
C ARG O 214 78.09 -32.52 15.34
N PHE O 215 77.14 -33.29 14.81
CA PHE O 215 76.19 -33.99 15.67
C PHE O 215 76.90 -35.08 16.46
N PRO O 216 76.63 -35.21 17.76
CA PRO O 216 77.14 -36.37 18.50
C PRO O 216 76.49 -37.66 18.02
N ILE O 217 77.25 -38.75 18.12
CA ILE O 217 76.86 -40.14 17.86
C ILE O 217 76.61 -40.41 16.37
N TYR O 218 76.05 -39.45 15.64
CA TYR O 218 75.69 -39.64 14.24
C TYR O 218 76.83 -39.34 13.29
N GLU O 219 77.45 -38.16 13.39
CA GLU O 219 78.48 -37.78 12.43
C GLU O 219 79.76 -38.57 12.65
N ALA O 220 79.98 -39.02 13.89
CA ALA O 220 81.15 -39.83 14.21
C ALA O 220 81.12 -41.15 13.45
N ILE O 221 79.94 -41.75 13.31
CA ILE O 221 79.81 -42.99 12.55
C ILE O 221 80.13 -42.77 11.08
N SER O 222 79.64 -41.67 10.49
CA SER O 222 79.90 -41.39 9.08
C SER O 222 81.39 -41.16 8.82
N SER O 223 82.03 -40.37 9.69
CA SER O 223 83.48 -40.18 9.58
C SER O 223 84.22 -41.50 9.78
N TRP O 224 83.74 -42.33 10.70
CA TRP O 224 84.36 -43.63 10.96
C TRP O 224 84.31 -44.53 9.74
N ILE O 225 83.15 -44.64 9.10
CA ILE O 225 83.03 -45.59 8.00
C ILE O 225 83.78 -45.06 6.77
N SER O 226 83.81 -43.73 6.58
CA SER O 226 84.60 -43.16 5.49
C SER O 226 86.09 -43.43 5.70
N THR O 227 86.58 -43.24 6.93
CA THR O 227 88.00 -43.49 7.20
C THR O 227 88.32 -44.97 7.14
N SER O 228 87.36 -45.83 7.50
CA SER O 228 87.60 -47.27 7.41
C SER O 228 87.73 -47.72 5.96
N SER O 229 86.86 -47.20 5.07
CA SER O 229 86.98 -47.53 3.65
C SER O 229 88.28 -47.01 3.06
N ARG O 230 88.66 -45.78 3.44
CA ARG O 230 89.92 -45.22 2.94
C ARG O 230 91.14 -46.01 3.43
N LEU O 231 91.10 -46.45 4.70
CA LEU O 231 92.21 -47.24 5.23
C LEU O 231 92.27 -48.61 4.56
N GLY O 232 91.10 -49.20 4.26
CA GLY O 232 91.10 -50.48 3.59
C GLY O 232 91.65 -50.41 2.17
N ASP O 233 91.24 -49.39 1.42
CA ASP O 233 91.69 -49.29 0.04
C ASP O 233 93.05 -48.59 -0.11
N THR O 234 93.59 -48.00 0.95
CA THR O 234 94.83 -47.25 0.85
C THR O 234 96.06 -48.11 1.10
N LEU O 235 96.10 -48.83 2.23
CA LEU O 235 97.28 -49.61 2.59
C LEU O 235 97.45 -50.85 1.71
N GLY O 236 96.41 -51.27 1.01
CA GLY O 236 96.50 -52.48 0.21
C GLY O 236 96.25 -52.25 -1.27
N THR O 237 95.21 -52.88 -1.80
CA THR O 237 94.90 -52.84 -3.22
C THR O 237 93.41 -52.62 -3.39
N ARG O 238 93.02 -52.00 -4.51
CA ARG O 238 91.68 -51.47 -4.75
C ARG O 238 90.61 -52.55 -4.97
N ALA O 239 90.96 -53.85 -4.94
CA ALA O 239 90.05 -54.98 -5.17
C ALA O 239 89.41 -54.87 -6.56
N ILE O 240 90.27 -55.05 -7.56
CA ILE O 240 89.97 -54.67 -8.93
C ILE O 240 88.93 -55.57 -9.59
N LEU O 241 88.93 -56.87 -9.28
CA LEU O 241 88.12 -57.82 -10.03
C LEU O 241 87.23 -58.63 -9.10
N ARG O 242 86.29 -59.36 -9.70
CA ARG O 242 85.40 -60.25 -8.96
C ARG O 242 85.13 -61.49 -9.79
N VAL O 243 85.42 -62.65 -9.22
CA VAL O 243 85.26 -63.92 -9.93
C VAL O 243 83.78 -64.28 -10.03
N CYS O 244 83.36 -64.73 -11.22
CA CYS O 244 81.97 -65.06 -11.47
C CYS O 244 81.94 -66.05 -12.63
N VAL O 245 81.78 -67.33 -12.32
CA VAL O 245 81.70 -68.38 -13.32
C VAL O 245 80.28 -68.95 -13.30
N PHE O 246 79.69 -69.09 -14.49
CA PHE O 246 78.31 -69.56 -14.59
C PHE O 246 78.24 -71.07 -14.49
N ASP O 247 78.86 -71.77 -15.44
CA ASP O 247 78.93 -73.22 -15.45
C ASP O 247 80.37 -73.62 -15.18
N GLY O 248 80.58 -74.37 -14.11
CA GLY O 248 81.90 -74.78 -13.70
C GLY O 248 81.96 -75.08 -12.22
N PRO O 249 83.16 -75.25 -11.69
CA PRO O 249 83.30 -75.59 -10.26
C PRO O 249 82.95 -74.40 -9.37
N SER O 250 82.53 -74.73 -8.15
CA SER O 250 82.27 -73.69 -7.16
C SER O 250 83.57 -73.06 -6.68
N THR O 251 84.56 -73.88 -6.34
CA THR O 251 85.86 -73.41 -5.90
C THR O 251 86.91 -73.91 -6.88
N VAL O 252 87.96 -73.12 -7.07
CA VAL O 252 88.97 -73.39 -8.09
C VAL O 252 90.34 -73.51 -7.42
N HIS O 253 91.04 -74.58 -7.76
CA HIS O 253 92.37 -74.84 -7.26
C HIS O 253 93.38 -73.90 -7.94
N PRO O 254 94.56 -73.73 -7.34
CA PRO O 254 95.62 -72.98 -8.04
C PRO O 254 95.98 -73.63 -9.38
N GLY O 255 96.11 -72.78 -10.39
CA GLY O 255 96.35 -73.25 -11.74
C GLY O 255 95.12 -73.45 -12.59
N ASP O 256 93.94 -73.01 -12.13
CA ASP O 256 92.71 -73.18 -12.87
C ASP O 256 92.21 -71.84 -13.39
N ARG O 257 91.55 -71.87 -14.55
CA ARG O 257 91.09 -70.66 -15.23
C ARG O 257 89.64 -70.39 -14.88
N THR O 258 89.33 -69.13 -14.55
CA THR O 258 88.01 -68.72 -14.10
C THR O 258 87.51 -67.54 -14.93
N ALA O 259 86.25 -67.57 -15.30
CA ALA O 259 85.62 -66.39 -15.89
C ALA O 259 85.45 -65.32 -14.81
N VAL O 260 85.91 -64.12 -15.11
CA VAL O 260 85.94 -63.03 -14.13
C VAL O 260 85.29 -61.80 -14.73
N ILE O 261 84.39 -61.19 -13.97
CA ILE O 261 83.77 -59.92 -14.35
C ILE O 261 84.47 -58.80 -13.58
N GLN O 262 84.33 -57.58 -14.09
CA GLN O 262 84.98 -56.43 -13.48
C GLN O 262 84.06 -55.74 -12.48
N VAL O 263 84.67 -55.07 -11.51
CA VAL O 263 83.94 -54.21 -10.58
C VAL O 263 84.60 -52.84 -10.54
N ALA P 1 -76.31 -58.91 -20.87
CA ALA P 1 -77.58 -58.35 -20.45
C ALA P 1 -78.74 -59.17 -21.00
N MET P 2 -79.23 -60.12 -20.21
CA MET P 2 -80.33 -60.98 -20.60
C MET P 2 -81.37 -61.00 -19.49
N PRO P 3 -82.65 -61.21 -19.83
CA PRO P 3 -83.67 -61.38 -18.80
C PRO P 3 -83.42 -62.63 -17.98
N PHE P 4 -83.74 -62.57 -16.69
CA PHE P 4 -83.54 -63.70 -15.80
C PHE P 4 -84.79 -64.58 -15.94
N GLU P 5 -84.81 -65.35 -17.02
CA GLU P 5 -85.97 -66.18 -17.34
C GLU P 5 -86.01 -67.39 -16.43
N ILE P 6 -87.15 -67.62 -15.78
CA ILE P 6 -87.33 -68.77 -14.91
C ILE P 6 -88.53 -69.57 -15.40
N GLU P 7 -88.40 -70.88 -15.32
CA GLU P 7 -89.36 -71.82 -15.89
C GLU P 7 -90.01 -72.64 -14.79
N VAL P 8 -91.33 -72.74 -14.81
CA VAL P 8 -92.07 -73.68 -13.99
C VAL P 8 -92.67 -74.73 -14.92
N LEU P 9 -92.57 -75.99 -14.52
CA LEU P 9 -93.00 -77.09 -15.38
C LEU P 9 -94.40 -77.53 -14.99
N LEU P 10 -95.33 -77.38 -15.91
CA LEU P 10 -96.69 -77.82 -15.66
C LEU P 10 -96.79 -79.33 -15.85
N PRO P 11 -97.39 -80.05 -14.90
CA PRO P 11 -97.58 -81.49 -15.08
C PRO P 11 -98.53 -81.80 -16.24
N GLY P 12 -98.33 -82.96 -16.85
CA GLY P 12 -99.06 -83.31 -18.06
C GLY P 12 -100.50 -83.71 -17.85
N GLU P 13 -100.92 -83.94 -16.61
CA GLU P 13 -102.28 -84.38 -16.33
C GLU P 13 -103.23 -83.21 -16.06
N ILE P 14 -102.81 -81.98 -16.30
CA ILE P 14 -103.67 -80.82 -16.15
C ILE P 14 -104.72 -80.83 -17.25
N SER P 15 -105.98 -80.58 -16.88
CA SER P 15 -107.07 -80.55 -17.83
C SER P 15 -106.89 -79.40 -18.82
N PRO P 16 -107.35 -79.57 -20.07
CA PRO P 16 -107.22 -78.48 -21.06
C PRO P 16 -107.96 -77.21 -20.70
N ALA P 17 -109.08 -77.32 -19.98
CA ALA P 17 -109.78 -76.12 -19.52
C ALA P 17 -108.93 -75.33 -18.53
N GLU P 18 -108.20 -76.04 -17.65
CA GLU P 18 -107.33 -75.36 -16.70
C GLU P 18 -106.14 -74.71 -17.40
N THR P 19 -105.60 -75.35 -18.44
CA THR P 19 -104.53 -74.74 -19.21
C THR P 19 -105.03 -73.50 -19.95
N SER P 20 -106.25 -73.56 -20.48
CA SER P 20 -106.82 -72.39 -21.15
C SER P 20 -107.06 -71.25 -20.17
N ALA P 21 -107.52 -71.57 -18.96
CA ALA P 21 -107.70 -70.54 -17.94
C ALA P 21 -106.36 -69.94 -17.50
N LEU P 22 -105.33 -70.77 -17.41
CA LEU P 22 -104.00 -70.27 -17.05
C LEU P 22 -103.43 -69.39 -18.15
N GLN P 23 -103.66 -69.74 -19.41
CA GLN P 23 -103.24 -68.90 -20.52
C GLN P 23 -104.01 -67.58 -20.52
N LYS P 24 -105.31 -67.64 -20.23
CA LYS P 24 -106.11 -66.42 -20.13
C LYS P 24 -105.68 -65.54 -18.97
N CYS P 25 -105.13 -66.14 -17.91
CA CYS P 25 -104.66 -65.39 -16.75
C CYS P 25 -103.17 -65.08 -16.81
N GLU P 26 -102.60 -64.96 -18.01
CA GLU P 26 -101.20 -64.57 -18.12
C GLU P 26 -101.04 -63.07 -17.89
N GLY P 27 -99.79 -62.66 -17.63
CA GLY P 27 -99.48 -61.27 -17.38
C GLY P 27 -99.49 -60.87 -15.91
N LYS P 28 -100.07 -61.68 -15.03
CA LYS P 28 -100.11 -61.34 -13.61
C LYS P 28 -98.79 -61.72 -12.95
N ILE P 29 -98.75 -61.67 -11.62
CA ILE P 29 -97.52 -61.75 -10.86
C ILE P 29 -97.51 -63.02 -10.03
N ILE P 30 -96.39 -63.74 -10.04
CA ILE P 30 -96.18 -64.89 -9.17
C ILE P 30 -94.91 -64.67 -8.35
N THR P 31 -94.96 -65.09 -7.10
CA THR P 31 -93.87 -64.86 -6.16
C THR P 31 -93.12 -66.15 -5.87
N PHE P 32 -91.80 -66.08 -5.89
CA PHE P 32 -90.92 -67.22 -5.65
C PHE P 32 -90.07 -66.98 -4.41
N SER P 33 -89.52 -68.08 -3.89
CA SER P 33 -88.46 -68.04 -2.89
C SER P 33 -87.34 -68.94 -3.36
N THR P 34 -86.10 -68.48 -3.17
CA THR P 34 -84.88 -69.18 -3.60
C THR P 34 -84.91 -69.48 -5.10
N LEU P 35 -84.76 -68.39 -5.87
CA LEU P 35 -84.85 -68.44 -7.32
C LEU P 35 -83.89 -69.44 -7.95
N ARG P 36 -84.43 -70.28 -8.82
CA ARG P 36 -83.65 -71.18 -9.66
C ARG P 36 -84.21 -71.10 -11.08
N HIS P 37 -83.42 -71.55 -12.05
CA HIS P 37 -83.85 -71.50 -13.44
C HIS P 37 -85.04 -72.41 -13.72
N ARG P 38 -85.15 -73.53 -12.98
CA ARG P 38 -86.28 -74.45 -13.15
C ARG P 38 -86.92 -74.63 -11.78
N ALA P 39 -88.07 -73.98 -11.57
CA ALA P 39 -88.84 -74.18 -10.37
C ALA P 39 -90.01 -75.13 -10.67
N SER P 40 -90.85 -75.39 -9.68
CA SER P 40 -91.98 -76.29 -9.84
C SER P 40 -93.26 -75.54 -9.52
N LEU P 41 -94.39 -76.17 -9.86
CA LEU P 41 -95.69 -75.53 -9.69
C LEU P 41 -96.04 -75.32 -8.22
N VAL P 42 -95.55 -76.20 -7.35
CA VAL P 42 -95.94 -76.15 -5.94
C VAL P 42 -95.28 -74.99 -5.21
N ASP P 43 -94.21 -74.40 -5.77
CA ASP P 43 -93.55 -73.30 -5.10
C ASP P 43 -94.33 -72.01 -5.20
N ILE P 44 -95.16 -71.88 -6.25
CA ILE P 44 -95.90 -70.63 -6.46
C ILE P 44 -97.36 -70.71 -6.00
N ALA P 45 -97.84 -71.90 -5.64
CA ALA P 45 -99.24 -72.04 -5.27
C ALA P 45 -99.46 -71.51 -3.85
N LEU P 46 -100.71 -71.63 -3.39
CA LEU P 46 -101.05 -71.23 -2.03
C LEU P 46 -100.45 -72.17 -0.99
N SER P 47 -100.04 -73.38 -1.38
CA SER P 47 -99.49 -74.33 -0.42
C SER P 47 -98.15 -73.88 0.12
N SER P 48 -97.43 -73.02 -0.61
CA SER P 48 -96.12 -72.58 -0.15
C SER P 48 -96.23 -71.41 0.84
N TYR P 49 -97.39 -70.77 0.94
CA TYR P 49 -97.53 -69.60 1.81
C TYR P 49 -97.90 -69.98 3.23
N TYR P 50 -98.05 -71.27 3.53
CA TYR P 50 -98.66 -71.68 4.78
C TYR P 50 -97.73 -71.49 5.96
N ILE P 51 -98.17 -70.72 6.95
CA ILE P 51 -97.75 -70.98 8.32
C ILE P 51 -98.34 -72.32 8.74
N ASN P 52 -97.62 -73.03 9.64
CA ASN P 52 -97.88 -74.44 9.94
C ASN P 52 -99.32 -74.71 10.37
N GLY P 53 -100.06 -75.39 9.51
CA GLY P 53 -101.47 -75.66 9.73
C GLY P 53 -102.39 -74.61 9.14
N ALA P 54 -102.25 -73.37 9.60
CA ALA P 54 -103.22 -72.33 9.29
C ALA P 54 -102.99 -71.72 7.92
N PRO P 55 -104.07 -71.43 7.18
CA PRO P 55 -103.93 -70.59 5.99
C PRO P 55 -103.51 -69.19 6.38
N PRO P 56 -102.78 -68.48 5.51
CA PRO P 56 -102.17 -67.22 5.93
C PRO P 56 -103.21 -66.13 6.16
N ASP P 57 -102.94 -65.32 7.18
CA ASP P 57 -103.78 -64.17 7.51
C ASP P 57 -103.33 -62.98 6.68
N THR P 58 -103.82 -61.78 7.03
CA THR P 58 -103.42 -60.60 6.27
C THR P 58 -101.98 -60.19 6.58
N LEU P 59 -101.65 -60.04 7.86
CA LEU P 59 -100.31 -59.57 8.23
C LEU P 59 -99.24 -60.59 7.84
N SER P 60 -99.57 -61.88 7.90
CA SER P 60 -98.64 -62.91 7.46
C SER P 60 -98.36 -62.80 5.96
N LEU P 61 -99.39 -62.49 5.17
CA LEU P 61 -99.19 -62.32 3.74
C LEU P 61 -98.41 -61.04 3.43
N LEU P 62 -98.63 -59.97 4.21
CA LEU P 62 -97.80 -58.78 4.06
C LEU P 62 -96.34 -59.07 4.40
N GLU P 63 -96.09 -59.93 5.39
CA GLU P 63 -94.71 -60.33 5.67
C GLU P 63 -94.13 -61.16 4.53
N ALA P 64 -94.90 -62.11 4.01
CA ALA P 64 -94.40 -63.02 2.99
C ALA P 64 -94.17 -62.30 1.67
N TYR P 65 -94.92 -61.23 1.40
CA TYR P 65 -94.73 -60.49 0.15
C TYR P 65 -93.47 -59.64 0.18
N ARG P 66 -92.82 -59.49 1.33
CA ARG P 66 -91.50 -58.90 1.41
C ARG P 66 -90.39 -59.92 1.61
N MET P 67 -90.68 -61.08 2.23
CA MET P 67 -89.68 -62.13 2.35
C MET P 67 -89.29 -62.76 1.02
N ARG P 68 -90.16 -62.69 0.01
CA ARG P 68 -90.01 -63.45 -1.22
C ARG P 68 -89.54 -62.55 -2.35
N PHE P 69 -89.30 -63.17 -3.50
CA PHE P 69 -89.00 -62.48 -4.75
C PHE P 69 -90.21 -62.62 -5.65
N ALA P 70 -90.61 -61.53 -6.29
CA ALA P 70 -91.72 -61.58 -7.22
C ALA P 70 -91.24 -61.83 -8.65
N ALA P 71 -92.18 -62.24 -9.50
CA ALA P 71 -91.90 -62.44 -10.91
C ALA P 71 -93.19 -62.23 -11.69
N VAL P 72 -93.06 -61.91 -12.97
CA VAL P 72 -94.19 -61.59 -13.82
C VAL P 72 -94.27 -62.64 -14.92
N ILE P 73 -95.45 -63.24 -15.08
CA ILE P 73 -95.69 -64.17 -16.18
C ILE P 73 -95.69 -63.39 -17.49
N THR P 74 -94.95 -63.89 -18.49
CA THR P 74 -94.88 -63.25 -19.79
C THR P 74 -95.36 -64.13 -20.94
N ARG P 75 -95.45 -65.44 -20.76
CA ARG P 75 -95.87 -66.32 -21.85
C ARG P 75 -96.40 -67.61 -21.27
N VAL P 76 -97.44 -68.16 -21.90
CA VAL P 76 -98.01 -69.45 -21.53
C VAL P 76 -98.01 -70.29 -22.80
N ILE P 77 -97.11 -71.26 -22.87
CA ILE P 77 -97.06 -72.23 -23.96
C ILE P 77 -97.37 -73.58 -23.33
N PRO P 78 -97.79 -74.61 -24.10
CA PRO P 78 -98.17 -75.89 -23.47
C PRO P 78 -97.06 -76.59 -22.71
N GLY P 79 -97.31 -76.86 -21.42
CA GLY P 79 -96.42 -77.62 -20.58
C GLY P 79 -95.56 -76.81 -19.64
N LYS P 80 -95.43 -75.50 -19.87
CA LYS P 80 -94.48 -74.68 -19.11
C LYS P 80 -94.92 -73.23 -19.15
N LEU P 81 -94.57 -72.48 -18.10
CA LEU P 81 -94.77 -71.04 -18.08
C LEU P 81 -93.40 -70.39 -18.08
N LEU P 82 -93.34 -69.13 -18.51
CA LEU P 82 -92.12 -68.36 -18.52
C LEU P 82 -92.35 -67.10 -17.70
N ALA P 83 -91.40 -66.78 -16.82
CA ALA P 83 -91.52 -65.63 -15.96
C ALA P 83 -90.21 -64.86 -15.93
N HIS P 84 -90.32 -63.55 -15.69
CA HIS P 84 -89.17 -62.67 -15.58
C HIS P 84 -89.09 -62.16 -14.16
N ALA P 85 -87.92 -62.33 -13.54
CA ALA P 85 -87.74 -61.84 -12.18
C ALA P 85 -87.61 -60.33 -12.18
N ILE P 86 -88.24 -59.68 -11.21
CA ILE P 86 -88.30 -58.23 -11.18
C ILE P 86 -87.60 -57.62 -9.97
N GLY P 87 -87.51 -58.33 -8.85
CA GLY P 87 -86.82 -57.78 -7.69
C GLY P 87 -85.32 -57.66 -7.91
N VAL P 88 -84.73 -58.63 -8.60
CA VAL P 88 -83.30 -58.69 -8.82
C VAL P 88 -82.88 -57.64 -9.83
N GLY P 89 -81.57 -57.41 -9.97
CA GLY P 89 -81.05 -56.35 -10.79
C GLY P 89 -80.96 -56.61 -12.28
N THR P 90 -81.40 -57.78 -12.74
CA THR P 90 -81.30 -58.07 -14.17
C THR P 90 -82.36 -57.29 -14.94
N PRO P 91 -81.99 -56.57 -15.99
CA PRO P 91 -82.98 -55.78 -16.73
C PRO P 91 -83.90 -56.65 -17.57
N THR P 92 -85.06 -56.08 -17.90
CA THR P 92 -86.05 -56.73 -18.77
C THR P 92 -86.41 -55.74 -19.86
N PRO P 93 -86.42 -56.14 -21.14
CA PRO P 93 -86.67 -55.19 -22.22
C PRO P 93 -88.11 -54.65 -22.26
N GLY P 94 -89.09 -55.53 -22.29
CA GLY P 94 -90.47 -55.11 -22.23
C GLY P 94 -91.31 -55.98 -21.33
N LEU P 95 -91.86 -55.40 -20.28
CA LEU P 95 -92.76 -56.11 -19.38
C LEU P 95 -94.18 -55.64 -19.59
N PHE P 96 -95.13 -56.51 -19.31
CA PHE P 96 -96.53 -56.12 -19.32
C PHE P 96 -97.24 -56.85 -18.20
N ILE P 97 -97.99 -56.10 -17.39
CA ILE P 97 -98.82 -56.65 -16.34
C ILE P 97 -100.25 -56.24 -16.65
N GLN P 98 -101.20 -57.01 -16.12
CA GLN P 98 -102.60 -56.67 -16.29
C GLN P 98 -103.16 -56.16 -14.96
N ASN P 99 -104.10 -55.24 -15.05
CA ASN P 99 -104.60 -54.56 -13.85
C ASN P 99 -105.52 -55.51 -13.09
N THR P 100 -104.93 -56.24 -12.13
CA THR P 100 -105.69 -57.13 -11.27
C THR P 100 -106.02 -56.40 -9.97
N SER P 101 -106.95 -55.45 -10.08
CA SER P 101 -107.36 -54.61 -8.96
C SER P 101 -108.68 -53.92 -9.32
N PRO P 102 -109.44 -53.43 -8.35
CA PRO P 102 -110.61 -52.60 -8.66
C PRO P 102 -110.33 -51.11 -8.78
N VAL P 103 -109.06 -50.71 -8.86
CA VAL P 103 -108.67 -49.31 -8.82
C VAL P 103 -108.03 -48.94 -10.16
N ASP P 104 -108.49 -47.86 -10.76
CA ASP P 104 -107.91 -47.37 -11.99
C ASP P 104 -106.50 -46.87 -11.75
N LEU P 105 -105.59 -47.22 -12.66
CA LEU P 105 -104.18 -46.88 -12.54
C LEU P 105 -103.88 -45.69 -13.45
N CYS P 106 -103.31 -44.65 -12.87
CA CYS P 106 -102.87 -43.50 -13.64
C CYS P 106 -101.43 -43.71 -14.11
N ASN P 107 -101.04 -42.94 -15.12
CA ASN P 107 -99.70 -43.03 -15.68
C ASN P 107 -98.71 -42.35 -14.74
N GLY P 108 -97.68 -43.09 -14.34
CA GLY P 108 -96.60 -42.50 -13.56
C GLY P 108 -96.46 -43.03 -12.15
N ASP P 109 -97.46 -43.76 -11.66
CA ASP P 109 -97.46 -44.21 -10.28
C ASP P 109 -96.50 -45.38 -10.09
N TYR P 110 -96.26 -45.71 -8.82
CA TYR P 110 -95.46 -46.86 -8.45
C TYR P 110 -96.38 -47.98 -7.99
N ILE P 111 -96.20 -49.16 -8.57
CA ILE P 111 -97.08 -50.30 -8.32
C ILE P 111 -96.57 -51.08 -7.11
N CYS P 112 -97.49 -51.48 -6.25
CA CYS P 112 -97.16 -52.18 -5.01
C CYS P 112 -98.01 -53.43 -4.92
N LEU P 113 -97.53 -54.41 -4.16
CA LEU P 113 -98.20 -55.69 -4.01
C LEU P 113 -98.67 -55.89 -2.58
N LEU P 114 -99.88 -56.39 -2.43
CA LEU P 114 -100.52 -56.74 -1.18
C LEU P 114 -101.62 -57.75 -1.43
N PRO P 115 -101.99 -58.58 -0.44
CA PRO P 115 -102.95 -59.65 -0.70
C PRO P 115 -104.33 -59.10 -1.00
N PRO P 116 -105.21 -59.91 -1.63
CA PRO P 116 -106.56 -59.44 -1.93
C PRO P 116 -107.40 -59.23 -0.67
N VAL P 117 -107.68 -57.97 -0.37
CA VAL P 117 -108.43 -57.60 0.81
C VAL P 117 -109.74 -56.89 0.47
N PHE P 118 -109.93 -56.45 -0.78
CA PHE P 118 -111.15 -55.75 -1.14
C PHE P 118 -112.36 -56.67 -1.19
N GLY P 119 -112.14 -57.97 -1.38
CA GLY P 119 -113.25 -58.91 -1.44
C GLY P 119 -112.93 -60.09 -2.31
N SER P 120 -113.33 -61.29 -1.85
CA SER P 120 -113.08 -62.56 -2.53
C SER P 120 -111.61 -62.81 -2.77
N ALA P 121 -111.29 -63.70 -3.71
CA ALA P 121 -109.91 -63.97 -4.08
C ALA P 121 -109.91 -64.47 -5.52
N ASP P 122 -109.37 -63.67 -6.43
CA ASP P 122 -109.27 -64.09 -7.82
C ASP P 122 -108.19 -65.15 -7.95
N GLU P 123 -108.60 -66.42 -7.86
CA GLU P 123 -107.66 -67.53 -7.80
C GLU P 123 -108.06 -68.59 -8.82
N ILE P 124 -107.06 -69.31 -9.30
CA ILE P 124 -107.24 -70.42 -10.22
C ILE P 124 -107.07 -71.72 -9.45
N ARG P 125 -108.13 -72.50 -9.38
CA ARG P 125 -108.13 -73.72 -8.57
C ARG P 125 -107.91 -74.91 -9.51
N LEU P 126 -106.69 -75.43 -9.51
CA LEU P 126 -106.34 -76.58 -10.32
C LEU P 126 -106.73 -77.86 -9.61
N ASP P 127 -107.83 -78.48 -10.02
CA ASP P 127 -108.34 -79.67 -9.35
C ASP P 127 -107.67 -80.95 -9.83
N SER P 128 -106.85 -80.89 -10.89
CA SER P 128 -106.14 -82.08 -11.35
C SER P 128 -105.09 -82.52 -10.33
N VAL P 129 -104.41 -81.56 -9.70
CA VAL P 129 -103.43 -81.84 -8.66
C VAL P 129 -103.89 -81.37 -7.29
N GLY P 130 -104.99 -80.65 -7.19
CA GLY P 130 -105.47 -80.19 -5.90
C GLY P 130 -104.77 -78.97 -5.35
N LEU P 131 -104.19 -78.14 -6.20
CA LEU P 131 -103.52 -76.92 -5.79
C LEU P 131 -104.25 -75.71 -6.33
N GLU P 132 -104.22 -74.62 -5.57
CA GLU P 132 -104.79 -73.34 -6.00
C GLU P 132 -103.71 -72.28 -5.91
N ILE P 133 -103.77 -71.28 -6.80
CA ILE P 133 -102.76 -70.24 -6.90
C ILE P 133 -103.44 -68.89 -6.73
N VAL P 134 -102.81 -68.01 -5.96
CA VAL P 134 -103.38 -66.70 -5.63
C VAL P 134 -102.43 -65.62 -6.09
N PHE P 135 -102.96 -64.66 -6.85
CA PHE P 135 -102.19 -63.59 -7.44
C PHE P 135 -102.30 -62.33 -6.61
N PRO P 136 -101.23 -61.55 -6.48
CA PRO P 136 -101.29 -60.34 -5.65
C PRO P 136 -102.12 -59.25 -6.31
N LEU P 137 -102.49 -58.25 -5.50
CA LEU P 137 -103.38 -57.18 -5.91
C LEU P 137 -102.56 -55.92 -6.13
N THR P 138 -102.63 -55.35 -7.34
CA THR P 138 -101.76 -54.26 -7.75
C THR P 138 -102.43 -52.91 -7.54
N ILE P 139 -102.08 -52.24 -6.46
CA ILE P 139 -102.60 -50.91 -6.13
C ILE P 139 -101.43 -49.93 -6.09
N PRO P 140 -101.59 -48.72 -6.64
CA PRO P 140 -100.48 -47.76 -6.65
C PRO P 140 -100.17 -47.23 -5.27
N GLN P 141 -99.14 -46.39 -5.21
CA GLN P 141 -98.87 -45.64 -3.99
C GLN P 141 -99.96 -44.60 -3.77
N THR P 142 -99.92 -43.98 -2.58
CA THR P 142 -100.88 -43.03 -2.01
C THR P 142 -102.26 -43.64 -1.79
N LEU P 143 -102.44 -44.93 -2.03
CA LEU P 143 -103.64 -45.66 -1.64
C LEU P 143 -103.32 -46.92 -0.87
N MET P 144 -102.27 -47.64 -1.24
CA MET P 144 -101.85 -48.80 -0.48
C MET P 144 -101.33 -48.38 0.89
N ARG P 145 -100.80 -47.16 0.98
CA ARG P 145 -100.45 -46.59 2.28
C ARG P 145 -101.68 -46.45 3.16
N GLU P 146 -102.80 -46.01 2.59
CA GLU P 146 -104.03 -45.88 3.37
C GLU P 146 -104.58 -47.24 3.77
N ILE P 147 -104.47 -48.24 2.89
CA ILE P 147 -104.92 -49.59 3.22
C ILE P 147 -104.09 -50.17 4.36
N ILE P 148 -102.77 -49.96 4.31
CA ILE P 148 -101.89 -50.38 5.39
C ILE P 148 -102.22 -49.64 6.68
N ALA P 149 -102.57 -48.35 6.56
CA ALA P 149 -102.95 -47.58 7.74
C ALA P 149 -104.19 -48.16 8.42
N LYS P 150 -105.21 -48.48 7.62
CA LYS P 150 -106.44 -49.07 8.16
C LYS P 150 -106.17 -50.44 8.78
N VAL P 151 -105.37 -51.27 8.11
CA VAL P 151 -105.13 -52.63 8.59
C VAL P 151 -104.31 -52.61 9.89
N VAL P 152 -103.29 -51.76 9.95
CA VAL P 152 -102.46 -51.67 11.15
C VAL P 152 -103.26 -51.11 12.32
N ALA P 153 -104.10 -50.10 12.07
CA ALA P 153 -104.94 -49.56 13.13
C ALA P 153 -105.94 -50.60 13.64
N ARG P 154 -106.52 -51.39 12.72
CA ARG P 154 -107.43 -52.45 13.14
C ARG P 154 -106.71 -53.53 13.93
N ALA P 155 -105.46 -53.83 13.56
CA ALA P 155 -104.67 -54.80 14.31
C ALA P 155 -104.38 -54.31 15.72
N VAL P 156 -104.04 -53.03 15.87
CA VAL P 156 -103.78 -52.46 17.19
C VAL P 156 -105.04 -52.47 18.05
N GLU P 157 -106.19 -52.12 17.47
CA GLU P 157 -107.43 -52.14 18.24
C GLU P 157 -107.87 -53.55 18.60
N ARG P 158 -107.60 -54.53 17.73
CA ARG P 158 -107.95 -55.91 18.07
C ARG P 158 -107.02 -56.48 19.12
N THR P 159 -105.75 -56.06 19.11
CA THR P 159 -104.81 -56.52 20.12
C THR P 159 -105.04 -55.88 21.48
N ALA P 160 -105.43 -54.59 21.51
CA ALA P 160 -105.58 -53.87 22.78
C ALA P 160 -106.74 -54.42 23.60
N ALA P 161 -107.85 -54.77 22.96
CA ALA P 161 -109.00 -55.30 23.67
C ALA P 161 -109.68 -56.42 22.91
N ASP P 162 -115.09 -51.58 7.77
CA ASP P 162 -114.06 -50.63 7.38
C ASP P 162 -114.32 -50.22 5.94
N VAL P 163 -114.06 -48.95 5.62
CA VAL P 163 -114.35 -48.39 4.31
C VAL P 163 -113.19 -47.49 3.89
N ILE P 164 -112.92 -47.45 2.59
CA ILE P 164 -111.85 -46.63 2.03
C ILE P 164 -112.42 -45.82 0.86
N CYS P 165 -111.87 -44.63 0.63
CA CYS P 165 -112.32 -43.75 -0.44
C CYS P 165 -111.14 -43.41 -1.32
N TYR P 166 -111.29 -43.63 -2.63
CA TYR P 166 -110.26 -43.26 -3.60
C TYR P 166 -110.97 -42.70 -4.83
N ASN P 167 -111.02 -41.37 -4.93
CA ASN P 167 -111.74 -40.65 -5.98
C ASN P 167 -113.20 -41.08 -6.05
N GLY P 168 -113.84 -41.18 -4.90
CA GLY P 168 -115.19 -41.66 -4.83
C GLY P 168 -115.26 -43.17 -5.04
N ARG P 169 -116.50 -43.66 -5.12
CA ARG P 169 -116.83 -45.07 -5.36
C ARG P 169 -116.17 -45.97 -4.31
N ARG P 170 -116.66 -45.81 -3.08
CA ARG P 170 -116.02 -46.36 -1.90
C ARG P 170 -115.95 -47.88 -1.93
N TYR P 171 -114.94 -48.44 -1.27
CA TYR P 171 -114.73 -49.87 -1.19
C TYR P 171 -114.65 -50.31 0.26
N GLU P 172 -115.09 -51.54 0.52
CA GLU P 172 -115.12 -52.10 1.87
C GLU P 172 -114.03 -53.15 1.99
N LEU P 173 -113.24 -53.05 3.06
CA LEU P 173 -112.15 -54.00 3.29
C LEU P 173 -112.66 -55.23 4.04
N GLU P 174 -111.95 -56.34 3.86
CA GLU P 174 -112.32 -57.63 4.43
C GLU P 174 -111.09 -58.31 5.05
N THR P 175 -110.39 -57.58 5.91
CA THR P 175 -109.16 -58.09 6.53
C THR P 175 -109.44 -59.29 7.42
N ASN P 176 -108.57 -60.29 7.33
CA ASN P 176 -108.74 -61.55 8.06
C ASN P 176 -107.65 -61.70 9.11
N LEU P 177 -107.96 -61.24 10.32
CA LEU P 177 -107.01 -61.29 11.43
C LEU P 177 -107.46 -62.35 12.42
N GLN P 178 -106.73 -63.47 12.49
CA GLN P 178 -107.05 -64.57 13.38
C GLN P 178 -105.79 -65.13 14.03
N HIS P 179 -104.93 -64.24 14.53
CA HIS P 179 -103.76 -64.66 15.28
C HIS P 179 -103.31 -63.51 16.16
N ARG P 180 -102.53 -63.83 17.21
CA ARG P 180 -101.78 -62.84 17.97
C ARG P 180 -100.36 -63.38 18.11
N ASP P 181 -99.56 -63.19 17.08
CA ASP P 181 -98.11 -63.37 17.21
C ASP P 181 -97.32 -62.25 16.57
N GLY P 182 -97.75 -61.75 15.41
CA GLY P 182 -97.09 -60.66 14.73
C GLY P 182 -97.54 -59.29 15.13
N SER P 183 -98.59 -59.21 15.94
CA SER P 183 -99.03 -57.93 16.47
C SER P 183 -97.99 -57.36 17.43
N ASP P 184 -97.32 -58.23 18.19
CA ASP P 184 -96.23 -57.81 19.05
C ASP P 184 -95.09 -57.24 18.21
N ALA P 185 -94.77 -57.88 17.10
CA ALA P 185 -93.73 -57.36 16.21
C ALA P 185 -94.14 -56.04 15.57
N ALA P 186 -95.43 -55.90 15.23
CA ALA P 186 -95.92 -54.65 14.63
C ALA P 186 -95.84 -53.50 15.62
N ILE P 187 -96.27 -53.73 16.87
CA ILE P 187 -96.16 -52.70 17.91
C ILE P 187 -94.70 -52.38 18.19
N ARG P 188 -93.84 -53.41 18.19
CA ARG P 188 -92.42 -53.20 18.45
C ARG P 188 -91.76 -52.37 17.35
N THR P 189 -92.08 -52.64 16.08
CA THR P 189 -91.46 -51.87 15.01
C THR P 189 -92.08 -50.48 14.92
N LEU P 190 -93.34 -50.32 15.34
CA LEU P 190 -93.96 -49.00 15.39
C LEU P 190 -93.29 -48.12 16.43
N VAL P 191 -93.10 -48.65 17.64
CA VAL P 191 -92.45 -47.85 18.68
C VAL P 191 -90.96 -47.71 18.39
N LEU P 192 -90.37 -48.65 17.63
CA LEU P 192 -88.97 -48.51 17.24
C LEU P 192 -88.78 -47.39 16.23
N ASN P 193 -89.70 -47.26 15.28
CA ASN P 193 -89.64 -46.16 14.34
C ASN P 193 -90.08 -44.85 14.99
N LEU P 194 -90.80 -44.94 16.11
CA LEU P 194 -91.41 -43.77 16.71
C LEU P 194 -90.49 -43.12 17.75
N MET P 195 -89.81 -43.94 18.56
CA MET P 195 -88.94 -43.44 19.63
C MET P 195 -87.69 -42.80 19.07
N PHE P 196 -87.27 -43.17 17.85
CA PHE P 196 -86.10 -42.55 17.23
C PHE P 196 -86.38 -41.12 16.79
N SER P 197 -87.64 -40.67 16.83
CA SER P 197 -87.99 -39.30 16.52
C SER P 197 -88.47 -38.52 17.74
N ILE P 198 -89.40 -39.10 18.52
CA ILE P 198 -90.29 -38.36 19.43
C ILE P 198 -89.59 -37.38 20.35
N ASN P 199 -88.57 -37.83 21.09
CA ASN P 199 -87.98 -37.00 22.15
C ASN P 199 -87.39 -35.70 21.60
N GLU P 200 -86.34 -35.79 20.77
CA GLU P 200 -85.70 -34.60 20.24
C GLU P 200 -86.65 -33.81 19.34
N GLY P 201 -87.26 -34.47 18.34
CA GLY P 201 -88.05 -33.73 17.37
C GLY P 201 -89.28 -33.08 18.00
N THR P 202 -90.02 -33.87 18.78
CA THR P 202 -91.26 -33.38 19.37
C THR P 202 -91.00 -32.28 20.38
N THR P 203 -89.97 -32.41 21.23
CA THR P 203 -89.70 -31.32 22.18
C THR P 203 -89.26 -30.04 21.47
N LEU P 204 -88.36 -30.14 20.48
CA LEU P 204 -87.87 -28.94 19.82
C LEU P 204 -88.98 -28.23 19.04
N ILE P 205 -89.67 -28.95 18.15
CA ILE P 205 -90.72 -28.24 17.41
C ILE P 205 -91.98 -28.08 18.24
N LEU P 206 -92.06 -28.67 19.43
CA LEU P 206 -93.14 -28.37 20.36
C LEU P 206 -92.95 -27.01 21.00
N THR P 207 -91.70 -26.67 21.38
CA THR P 207 -91.42 -25.29 21.75
C THR P 207 -91.64 -24.34 20.57
N LEU P 208 -91.31 -24.78 19.35
CA LEU P 208 -91.57 -23.94 18.19
C LEU P 208 -93.07 -23.67 17.98
N ILE P 209 -93.91 -24.69 18.13
CA ILE P 209 -95.35 -24.47 17.89
C ILE P 209 -96.01 -23.84 19.10
N THR P 210 -95.40 -23.96 20.29
CA THR P 210 -95.88 -23.20 21.44
C THR P 210 -95.58 -21.72 21.28
N ARG P 211 -94.42 -21.40 20.69
CA ARG P 211 -94.16 -20.03 20.26
C ARG P 211 -95.14 -19.60 19.18
N LEU P 212 -95.49 -20.53 18.28
CA LEU P 212 -96.52 -20.25 17.27
C LEU P 212 -97.88 -20.06 17.93
N LEU P 213 -98.21 -20.88 18.92
CA LEU P 213 -99.49 -20.76 19.63
C LEU P 213 -99.46 -19.59 20.60
N ARG P 214 -75.56 -34.32 19.14
CA ARG P 214 -76.72 -33.99 18.30
C ARG P 214 -76.96 -32.48 18.23
N PHE P 215 -76.79 -31.92 17.04
CA PHE P 215 -77.17 -30.53 16.80
C PHE P 215 -78.69 -30.42 16.80
N PRO P 216 -79.27 -29.49 17.55
CA PRO P 216 -80.73 -29.39 17.58
C PRO P 216 -81.31 -28.82 16.30
N ILE P 217 -82.58 -29.16 16.05
CA ILE P 217 -83.40 -28.81 14.88
C ILE P 217 -82.90 -29.50 13.60
N TYR P 218 -81.58 -29.59 13.44
CA TYR P 218 -80.94 -30.17 12.26
C TYR P 218 -80.97 -31.69 12.26
N GLU P 219 -80.45 -32.34 13.31
CA GLU P 219 -80.34 -33.79 13.30
C GLU P 219 -81.69 -34.46 13.44
N ALA P 220 -82.64 -33.78 14.09
CA ALA P 220 -83.97 -34.34 14.29
C ALA P 220 -84.70 -34.52 12.96
N ILE P 221 -84.50 -33.59 12.03
CA ILE P 221 -85.18 -33.68 10.73
C ILE P 221 -84.64 -34.85 9.92
N SER P 222 -83.32 -35.05 9.92
CA SER P 222 -82.72 -36.18 9.21
C SER P 222 -83.15 -37.51 9.82
N SER P 223 -83.16 -37.58 11.16
CA SER P 223 -83.65 -38.79 11.82
C SER P 223 -85.12 -39.04 11.49
N TRP P 224 -85.92 -37.97 11.43
CA TRP P 224 -87.34 -38.12 11.14
C TRP P 224 -87.58 -38.62 9.73
N ILE P 225 -86.87 -38.07 8.75
CA ILE P 225 -87.11 -38.47 7.36
C ILE P 225 -86.62 -39.90 7.13
N SER P 226 -85.51 -40.28 7.77
CA SER P 226 -85.03 -41.66 7.66
C SER P 226 -86.03 -42.63 8.29
N THR P 227 -86.54 -42.30 9.48
CA THR P 227 -87.48 -43.19 10.15
C THR P 227 -88.81 -43.24 9.43
N SER P 228 -89.22 -42.14 8.79
CA SER P 228 -90.47 -42.13 8.03
C SER P 228 -90.35 -42.99 6.78
N SER P 229 -89.19 -42.93 6.09
CA SER P 229 -88.96 -43.80 4.95
C SER P 229 -88.97 -45.27 5.37
N ARG P 230 -88.30 -45.58 6.49
CA ARG P 230 -88.29 -46.96 6.99
C ARG P 230 -89.69 -47.43 7.38
N LEU P 231 -90.47 -46.56 8.03
CA LEU P 231 -91.82 -46.92 8.43
C LEU P 231 -92.72 -47.14 7.23
N GLY P 232 -92.60 -46.30 6.21
CA GLY P 232 -93.39 -46.49 5.01
C GLY P 232 -93.01 -47.73 4.24
N ASP P 233 -91.73 -48.10 4.26
CA ASP P 233 -91.27 -49.19 3.41
C ASP P 233 -91.23 -50.55 4.10
N THR P 234 -91.29 -50.61 5.43
CA THR P 234 -91.30 -51.90 6.13
C THR P 234 -92.71 -52.41 6.42
N LEU P 235 -93.63 -51.52 6.79
CA LEU P 235 -95.01 -51.96 7.02
C LEU P 235 -95.75 -52.27 5.73
N GLY P 236 -95.30 -51.71 4.61
CA GLY P 236 -95.98 -51.90 3.35
C GLY P 236 -95.25 -52.81 2.37
N THR P 237 -94.88 -52.25 1.21
CA THR P 237 -94.23 -53.01 0.15
C THR P 237 -93.17 -52.12 -0.48
N ARG P 238 -92.13 -52.74 -1.03
CA ARG P 238 -90.89 -52.10 -1.49
C ARG P 238 -91.09 -51.18 -2.71
N ALA P 239 -92.29 -51.11 -3.29
CA ALA P 239 -92.61 -50.31 -4.49
C ALA P 239 -91.77 -50.76 -5.69
N ILE P 240 -92.09 -51.97 -6.15
CA ILE P 240 -91.21 -52.72 -7.03
C ILE P 240 -91.36 -52.30 -8.48
N LEU P 241 -92.52 -51.78 -8.87
CA LEU P 241 -92.80 -51.50 -10.28
C LEU P 241 -93.29 -50.08 -10.47
N ARG P 242 -93.26 -49.63 -11.72
CA ARG P 242 -93.71 -48.29 -12.08
C ARG P 242 -94.28 -48.30 -13.49
N VAL P 243 -95.57 -47.99 -13.61
CA VAL P 243 -96.25 -48.06 -14.90
C VAL P 243 -95.83 -46.89 -15.78
N CYS P 244 -95.59 -47.19 -17.06
CA CYS P 244 -95.18 -46.16 -18.02
C CYS P 244 -95.52 -46.68 -19.42
N VAL P 245 -96.63 -46.18 -19.98
CA VAL P 245 -97.03 -46.54 -21.34
C VAL P 245 -96.63 -45.42 -22.27
N PHE P 246 -96.01 -45.78 -23.40
CA PHE P 246 -95.51 -44.78 -24.33
C PHE P 246 -96.63 -44.24 -25.21
N ASP P 247 -97.28 -45.12 -25.97
CA ASP P 247 -98.43 -44.78 -26.77
C ASP P 247 -99.61 -45.63 -26.30
N GLY P 248 -100.67 -44.97 -25.83
CA GLY P 248 -101.82 -45.66 -25.31
C GLY P 248 -102.61 -44.81 -24.34
N PRO P 249 -103.52 -45.43 -23.61
CA PRO P 249 -104.34 -44.67 -22.65
C PRO P 249 -103.52 -44.24 -21.44
N SER P 250 -103.76 -43.01 -20.99
CA SER P 250 -103.10 -42.51 -19.80
C SER P 250 -103.62 -43.18 -18.55
N THR P 251 -104.91 -43.47 -18.50
CA THR P 251 -105.53 -44.23 -17.42
C THR P 251 -106.04 -45.55 -17.96
N VAL P 252 -105.86 -46.62 -17.19
CA VAL P 252 -106.16 -47.97 -17.65
C VAL P 252 -107.22 -48.59 -16.74
N HIS P 253 -108.23 -49.20 -17.36
CA HIS P 253 -109.27 -49.92 -16.66
C HIS P 253 -108.76 -51.28 -16.21
N PRO P 254 -109.41 -51.90 -15.21
CA PRO P 254 -109.04 -53.26 -14.81
C PRO P 254 -109.20 -54.25 -15.94
N GLY P 255 -108.25 -55.18 -16.04
CA GLY P 255 -108.27 -56.21 -17.05
C GLY P 255 -107.50 -55.91 -18.31
N ASP P 256 -106.77 -54.80 -18.38
CA ASP P 256 -106.02 -54.45 -19.57
C ASP P 256 -104.52 -54.41 -19.27
N ARG P 257 -103.72 -54.48 -20.33
CA ARG P 257 -102.29 -54.70 -20.24
C ARG P 257 -101.54 -53.38 -20.45
N THR P 258 -100.57 -53.11 -19.58
CA THR P 258 -99.78 -51.88 -19.64
C THR P 258 -98.29 -52.21 -19.59
N ALA P 259 -97.49 -51.37 -20.24
CA ALA P 259 -96.04 -51.53 -20.19
C ALA P 259 -95.50 -50.93 -18.90
N VAL P 260 -94.65 -51.69 -18.22
CA VAL P 260 -94.14 -51.32 -16.90
C VAL P 260 -92.61 -51.37 -16.93
N ILE P 261 -91.98 -50.31 -16.41
CA ILE P 261 -90.54 -50.25 -16.26
C ILE P 261 -90.18 -50.59 -14.83
N GLN P 262 -88.88 -50.81 -14.60
CA GLN P 262 -88.42 -51.35 -13.33
C GLN P 262 -88.02 -50.23 -12.37
N VAL P 263 -88.31 -50.46 -11.09
CA VAL P 263 -87.88 -49.54 -10.03
C VAL P 263 -87.77 -50.32 -8.71
N ALA Q 1 79.28 -50.64 -37.97
CA ALA Q 1 79.63 -51.21 -36.68
C ALA Q 1 79.09 -52.63 -36.55
N ALA Q 2 79.71 -53.56 -37.27
CA ALA Q 2 79.31 -54.97 -37.27
C ALA Q 2 80.37 -55.79 -36.57
N ALA Q 3 79.95 -56.60 -35.59
CA ALA Q 3 80.86 -57.50 -34.89
C ALA Q 3 80.08 -58.70 -34.39
N ALA Q 4 80.76 -59.85 -34.38
CA ALA Q 4 80.30 -61.15 -33.89
C ALA Q 4 79.14 -61.75 -34.70
N ALA Q 5 79.05 -63.08 -34.69
CA ALA Q 5 77.98 -63.79 -35.37
C ALA Q 5 77.82 -65.16 -34.72
N ALA Q 6 76.67 -65.79 -34.97
CA ALA Q 6 76.39 -67.12 -34.44
C ALA Q 6 75.73 -68.01 -35.49
N ALA Q 7 76.02 -67.77 -36.76
CA ALA Q 7 75.45 -68.53 -37.87
C ALA Q 7 76.55 -69.43 -38.43
N ALA Q 8 76.72 -70.59 -37.83
CA ALA Q 8 77.78 -71.54 -38.18
C ALA Q 8 77.20 -72.90 -38.54
N ALA Q 9 76.16 -72.91 -39.37
CA ALA Q 9 75.59 -74.17 -39.84
C ALA Q 9 76.58 -74.90 -40.75
N ALA Q 10 77.18 -74.18 -41.71
CA ALA Q 10 78.15 -74.67 -42.68
C ALA Q 10 77.61 -75.86 -43.47
N ALA Q 11 78.06 -77.06 -43.13
CA ALA Q 11 77.57 -78.28 -43.77
C ALA Q 11 76.25 -78.70 -43.14
N ALA Q 12 75.85 -79.95 -43.36
CA ALA Q 12 74.63 -80.45 -42.75
C ALA Q 12 74.80 -80.57 -41.23
N ALA Q 13 73.81 -80.08 -40.49
CA ALA Q 13 73.82 -80.11 -39.05
C ALA Q 13 73.21 -81.43 -38.56
N ALA Q 14 72.94 -81.51 -37.26
CA ALA Q 14 72.46 -82.74 -36.64
C ALA Q 14 70.94 -82.74 -36.58
N ALA Q 15 70.38 -83.75 -35.93
CA ALA Q 15 68.94 -83.92 -35.81
C ALA Q 15 68.37 -82.94 -34.78
N ALA Q 16 67.13 -82.51 -35.03
CA ALA Q 16 66.41 -81.62 -34.11
C ALA Q 16 65.58 -82.38 -33.09
N ALA Q 17 65.58 -83.70 -33.15
CA ALA Q 17 64.80 -84.55 -32.25
C ALA Q 17 65.74 -85.46 -31.47
N ALA Q 18 66.79 -84.87 -30.87
CA ALA Q 18 68.01 -85.51 -30.41
C ALA Q 18 67.85 -86.80 -29.61
N ALA Q 19 66.69 -87.03 -29.00
CA ALA Q 19 66.40 -88.32 -28.40
C ALA Q 19 66.33 -89.45 -29.42
N ALA Q 20 66.06 -89.13 -30.68
CA ALA Q 20 65.99 -90.12 -31.75
C ALA Q 20 66.44 -89.44 -33.05
N PHE Q 21 68.31 -53.78 -33.38
CA PHE Q 21 68.81 -53.22 -32.11
C PHE Q 21 70.24 -52.67 -32.14
N LYS Q 22 70.39 -51.48 -31.56
CA LYS Q 22 71.68 -50.86 -31.32
C LYS Q 22 71.60 -50.03 -30.05
N SER Q 23 72.68 -50.01 -29.27
CA SER Q 23 72.72 -49.23 -28.03
C SER Q 23 73.75 -48.11 -28.08
N THR Q 24 75.04 -48.45 -28.25
CA THR Q 24 76.17 -47.52 -28.35
C THR Q 24 76.21 -46.52 -27.19
N THR Q 25 75.36 -45.49 -27.24
CA THR Q 25 75.42 -44.37 -26.31
C THR Q 25 74.08 -44.23 -25.59
N GLN Q 26 74.14 -44.02 -24.28
CA GLN Q 26 72.96 -43.89 -23.43
C GLN Q 26 72.71 -42.42 -23.15
N LEU Q 27 71.49 -41.96 -23.45
CA LEU Q 27 71.10 -40.57 -23.29
C LEU Q 27 70.18 -40.42 -22.07
N ILE Q 28 69.87 -39.17 -21.72
CA ILE Q 28 69.07 -38.87 -20.55
C ILE Q 28 68.30 -37.58 -20.83
N GLN Q 29 67.23 -37.37 -20.07
CA GLN Q 29 66.35 -36.22 -20.31
C GLN Q 29 65.64 -35.85 -19.02
N GLN Q 30 65.63 -34.56 -18.71
CA GLN Q 30 64.92 -34.06 -17.54
C GLN Q 30 64.36 -32.68 -17.85
N VAL Q 31 63.20 -32.39 -17.28
CA VAL Q 31 62.59 -31.06 -17.37
C VAL Q 31 63.02 -30.25 -16.15
N SER Q 32 63.09 -28.94 -16.32
CA SER Q 32 63.64 -28.08 -15.28
C SER Q 32 63.11 -26.67 -15.49
N LEU Q 33 63.62 -25.73 -14.69
CA LEU Q 33 63.30 -24.32 -14.83
C LEU Q 33 64.55 -23.55 -15.22
N THR Q 34 64.34 -22.38 -15.83
CA THR Q 34 65.43 -21.53 -16.25
C THR Q 34 65.77 -20.46 -15.23
N ASP Q 35 65.47 -20.69 -13.94
CA ASP Q 35 65.93 -19.80 -12.89
C ASP Q 35 67.45 -19.81 -12.81
N PHE Q 36 68.05 -20.98 -12.92
CA PHE Q 36 69.45 -21.13 -13.28
C PHE Q 36 69.47 -21.80 -14.65
N PHE Q 37 70.45 -21.41 -15.48
CA PHE Q 37 70.78 -22.01 -16.78
C PHE Q 37 69.74 -21.73 -17.85
N ARG Q 38 70.19 -21.39 -19.06
CA ARG Q 38 69.32 -21.16 -20.20
C ARG Q 38 69.96 -21.81 -21.42
N PRO Q 39 69.27 -22.72 -22.10
CA PRO Q 39 69.94 -23.52 -23.14
C PRO Q 39 70.26 -22.76 -24.41
N ASP Q 40 69.46 -21.75 -24.76
CA ASP Q 40 69.64 -21.07 -26.04
C ASP Q 40 70.92 -20.26 -26.08
N ILE Q 41 71.36 -19.73 -24.94
CA ILE Q 41 72.66 -19.07 -24.89
C ILE Q 41 73.80 -20.07 -24.90
N GLU Q 42 73.65 -21.17 -24.15
CA GLU Q 42 74.74 -22.11 -23.94
C GLU Q 42 75.06 -22.89 -25.21
N HIS Q 43 76.29 -23.39 -25.28
CA HIS Q 43 76.76 -24.10 -26.45
C HIS Q 43 76.18 -25.52 -26.46
N ALA Q 44 76.36 -26.18 -27.61
CA ALA Q 44 75.76 -27.50 -27.81
C ALA Q 44 76.44 -28.56 -26.95
N GLY Q 45 77.76 -28.51 -26.84
CA GLY Q 45 78.44 -29.45 -25.98
C GLY Q 45 79.02 -28.81 -24.74
N SER Q 46 78.39 -29.03 -23.59
CA SER Q 46 78.83 -28.44 -22.33
C SER Q 46 78.82 -29.53 -21.27
N THR Q 47 78.94 -29.13 -20.01
CA THR Q 47 78.76 -30.03 -18.89
C THR Q 47 77.73 -29.44 -17.95
N VAL Q 48 76.63 -30.15 -17.76
CA VAL Q 48 75.50 -29.65 -16.98
C VAL Q 48 75.43 -30.43 -15.67
N LEU Q 49 75.06 -29.73 -14.61
CA LEU Q 49 74.98 -30.30 -13.27
C LEU Q 49 73.58 -30.11 -12.71
N ILE Q 50 73.15 -31.07 -11.89
CA ILE Q 50 71.83 -30.99 -11.26
C ILE Q 50 71.99 -30.71 -9.77
N LEU Q 51 71.15 -29.82 -9.27
CA LEU Q 51 71.14 -29.44 -7.87
C LEU Q 51 70.05 -30.23 -7.16
N ARG Q 52 70.34 -31.48 -6.84
CA ARG Q 52 69.40 -32.35 -6.15
C ARG Q 52 69.80 -32.38 -4.68
N HIS Q 53 69.16 -31.54 -3.88
CA HIS Q 53 69.37 -31.63 -2.45
C HIS Q 53 68.41 -32.65 -1.85
N PRO Q 54 68.92 -33.64 -1.10
CA PRO Q 54 68.05 -34.70 -0.56
C PRO Q 54 67.17 -34.27 0.60
N THR Q 55 67.10 -32.97 0.93
CA THR Q 55 66.20 -32.49 1.95
C THR Q 55 64.73 -32.60 1.56
N ASP Q 56 64.44 -32.80 0.28
CA ASP Q 56 63.08 -32.88 -0.23
C ASP Q 56 62.45 -34.27 -0.11
N LEU Q 57 62.95 -35.13 0.78
CA LEU Q 57 62.44 -36.49 0.93
C LEU Q 57 62.06 -36.78 2.38
N PRO Q 58 61.01 -36.10 2.94
CA PRO Q 58 60.62 -36.31 4.33
C PRO Q 58 59.53 -37.36 4.49
N ALA Q 59 59.76 -38.55 3.94
CA ALA Q 59 58.72 -39.57 3.86
C ALA Q 59 59.02 -40.83 4.66
N LEU Q 60 60.00 -40.79 5.56
CA LEU Q 60 60.35 -41.96 6.35
C LEU Q 60 59.96 -41.77 7.82
N ALA Q 61 60.20 -42.82 8.61
CA ALA Q 61 59.83 -42.84 10.01
C ALA Q 61 60.90 -42.26 10.93
N ARG Q 62 62.11 -42.00 10.43
CA ARG Q 62 63.17 -41.43 11.25
C ARG Q 62 63.22 -39.90 11.17
N HIS Q 63 62.36 -39.29 10.36
CA HIS Q 63 62.15 -37.84 10.28
C HIS Q 63 63.44 -37.10 9.92
N ARG Q 64 63.90 -37.34 8.69
CA ARG Q 64 65.15 -36.79 8.18
C ARG Q 64 64.84 -35.52 7.37
N ALA Q 65 65.11 -34.36 7.97
CA ALA Q 65 65.16 -33.09 7.25
C ALA Q 65 66.06 -32.11 8.00
N PRO Q 66 67.38 -32.35 8.05
CA PRO Q 66 68.26 -31.46 8.82
C PRO Q 66 68.74 -30.28 7.98
N PRO Q 67 68.41 -29.06 8.40
CA PRO Q 67 68.98 -27.90 7.70
C PRO Q 67 70.45 -27.67 8.02
N GLY Q 68 70.93 -28.20 9.15
CA GLY Q 68 72.33 -28.11 9.49
C GLY Q 68 72.49 -27.72 10.95
N ARG Q 69 73.71 -27.31 11.28
CA ARG Q 69 74.06 -26.85 12.61
C ARG Q 69 74.56 -25.41 12.51
N GLN Q 70 74.01 -24.53 13.36
CA GLN Q 70 74.11 -23.07 13.21
C GLN Q 70 73.67 -22.65 11.81
N THR Q 71 72.52 -23.18 11.38
CA THR Q 71 72.08 -23.13 9.99
C THR Q 71 71.07 -22.01 9.73
N GLU Q 72 71.01 -20.99 10.59
CA GLU Q 72 70.08 -19.88 10.37
C GLU Q 72 70.43 -19.11 9.10
N ARG Q 73 71.73 -18.84 8.90
CA ARG Q 73 72.17 -18.19 7.67
C ARG Q 73 71.92 -19.06 6.44
N LEU Q 74 72.20 -20.37 6.57
CA LEU Q 74 72.00 -21.29 5.46
C LEU Q 74 70.52 -21.42 5.10
N ALA Q 75 69.66 -21.58 6.11
CA ALA Q 75 68.23 -21.71 5.86
C ALA Q 75 67.65 -20.43 5.28
N GLU Q 76 68.05 -19.28 5.82
CA GLU Q 76 67.56 -17.99 5.30
C GLU Q 76 67.98 -17.80 3.85
N ALA Q 77 69.27 -18.03 3.55
CA ALA Q 77 69.78 -17.82 2.20
C ALA Q 77 69.15 -18.78 1.21
N TRP Q 78 69.11 -20.08 1.54
CA TRP Q 78 68.56 -21.08 0.63
C TRP Q 78 67.06 -20.87 0.40
N GLY Q 79 66.30 -20.61 1.47
CA GLY Q 79 64.88 -20.43 1.33
C GLY Q 79 64.50 -19.19 0.54
N GLN Q 80 65.06 -18.04 0.89
CA GLN Q 80 64.64 -16.82 0.20
C GLN Q 80 65.33 -16.69 -1.16
N LEU Q 81 66.38 -17.48 -1.40
CA LEU Q 81 66.92 -17.59 -2.77
C LEU Q 81 65.99 -18.42 -3.64
N LEU Q 82 65.42 -19.49 -3.09
CA LEU Q 82 64.41 -20.25 -3.83
C LEU Q 82 63.15 -19.43 -4.04
N GLU Q 83 62.85 -18.52 -3.11
CA GLU Q 83 61.71 -17.61 -3.28
C GLU Q 83 62.01 -16.54 -4.33
N ALA Q 84 63.25 -16.04 -4.36
CA ALA Q 84 63.58 -14.94 -5.27
C ALA Q 84 63.70 -15.40 -6.72
N SER Q 85 64.33 -16.56 -6.95
CA SER Q 85 64.50 -17.06 -8.31
C SER Q 85 63.19 -17.61 -8.86
N ARG Q 86 61.73 -30.32 -6.29
CA ARG Q 86 62.32 -30.65 -7.58
C ARG Q 86 63.78 -30.20 -7.62
N ALA Q 87 64.44 -30.41 -8.76
CA ALA Q 87 65.85 -30.07 -8.91
C ALA Q 87 66.06 -29.36 -10.25
N TYR Q 88 66.74 -28.23 -10.21
CA TYR Q 88 67.08 -27.50 -11.42
C TYR Q 88 68.32 -28.10 -12.08
N VAL Q 89 68.71 -27.51 -13.19
CA VAL Q 89 69.96 -27.84 -13.86
C VAL Q 89 70.78 -26.58 -14.00
N THR Q 90 72.10 -26.71 -13.82
CA THR Q 90 73.03 -25.61 -14.06
C THR Q 90 74.15 -26.13 -14.95
N SER Q 91 74.58 -25.31 -15.89
CA SER Q 91 75.74 -25.66 -16.68
C SER Q 91 77.01 -25.33 -15.91
N LEU Q 92 78.15 -25.65 -16.52
CA LEU Q 92 79.42 -25.24 -15.92
C LEU Q 92 79.83 -23.88 -16.45
N SER Q 93 78.90 -22.93 -16.37
CA SER Q 93 79.21 -21.52 -16.53
C SER Q 93 78.53 -20.66 -15.47
N PHE Q 94 77.47 -21.14 -14.84
CA PHE Q 94 76.89 -20.42 -13.71
C PHE Q 94 77.75 -20.57 -12.47
N ILE Q 95 78.29 -21.77 -12.23
CA ILE Q 95 79.14 -21.98 -11.06
C ILE Q 95 80.48 -21.25 -11.23
N ALA Q 96 81.01 -21.24 -12.45
CA ALA Q 96 82.27 -20.54 -12.71
C ALA Q 96 82.10 -19.04 -12.57
N ALA Q 97 81.00 -18.49 -13.09
CA ALA Q 97 80.77 -17.05 -12.98
C ALA Q 97 80.27 -16.66 -11.60
N CYS Q 98 79.81 -17.63 -10.81
CA CYS Q 98 79.32 -17.33 -9.48
C CYS Q 98 80.44 -16.95 -8.53
N ARG Q 99 81.57 -17.63 -8.60
CA ARG Q 99 82.72 -17.37 -7.74
C ARG Q 99 83.95 -17.12 -8.58
N ALA Q 100 83.80 -16.28 -9.61
CA ALA Q 100 84.88 -15.96 -10.53
C ALA Q 100 85.94 -15.05 -9.93
N GLU Q 101 85.68 -14.44 -8.78
CA GLU Q 101 86.61 -13.51 -8.16
C GLU Q 101 87.71 -14.19 -7.36
N GLU Q 102 87.78 -15.53 -7.41
CA GLU Q 102 88.77 -16.27 -6.64
C GLU Q 102 89.71 -17.10 -7.52
N TYR Q 103 89.30 -17.43 -8.75
CA TYR Q 103 90.14 -18.18 -9.68
C TYR Q 103 91.41 -17.41 -10.02
N THR Q 104 92.45 -18.15 -10.40
CA THR Q 104 93.76 -17.54 -10.66
C THR Q 104 93.73 -16.68 -11.92
N ASP Q 105 93.21 -17.23 -13.02
CA ASP Q 105 93.17 -16.51 -14.29
C ASP Q 105 92.10 -15.44 -14.21
N LYS Q 106 92.51 -14.20 -13.95
CA LYS Q 106 91.53 -13.14 -13.71
C LYS Q 106 90.89 -12.65 -15.01
N GLN Q 107 91.50 -12.97 -16.15
CA GLN Q 107 90.95 -12.50 -17.43
C GLN Q 107 89.73 -13.32 -17.83
N ALA Q 108 89.88 -14.65 -17.89
CA ALA Q 108 88.81 -15.50 -18.40
C ALA Q 108 87.65 -15.57 -17.41
N ALA Q 109 87.94 -15.49 -16.11
CA ALA Q 109 86.88 -15.46 -15.10
C ALA Q 109 86.03 -14.20 -15.24
N GLU Q 110 86.68 -13.05 -15.42
CA GLU Q 110 85.95 -11.81 -15.62
C GLU Q 110 85.16 -11.82 -16.91
N ALA Q 111 85.75 -12.38 -17.97
CA ALA Q 111 85.05 -12.47 -19.25
C ALA Q 111 83.81 -13.37 -19.15
N ASN Q 112 83.95 -14.51 -18.47
CA ASN Q 112 82.82 -15.41 -18.30
C ASN Q 112 81.73 -14.80 -17.43
N ARG Q 113 82.13 -14.10 -16.37
CA ARG Q 113 81.14 -13.43 -15.51
C ARG Q 113 80.41 -12.34 -16.27
N THR Q 114 81.13 -11.56 -17.08
CA THR Q 114 80.50 -10.52 -17.89
C THR Q 114 79.54 -11.12 -18.91
N ALA Q 115 79.94 -12.22 -19.55
CA ALA Q 115 79.06 -12.87 -20.53
C ALA Q 115 77.81 -13.42 -19.86
N ILE Q 116 77.94 -13.99 -18.66
CA ILE Q 116 76.78 -14.52 -17.95
C ILE Q 116 75.84 -13.39 -17.53
N VAL Q 117 76.37 -12.34 -16.91
CA VAL Q 117 75.49 -11.26 -16.45
C VAL Q 117 74.95 -10.41 -17.58
N SER Q 118 75.53 -10.48 -18.78
CA SER Q 118 75.00 -9.73 -19.91
C SER Q 118 73.96 -10.54 -20.68
N ALA Q 119 74.28 -11.80 -20.98
CA ALA Q 119 73.38 -12.62 -21.79
C ALA Q 119 72.15 -13.07 -20.99
N TYR Q 120 72.37 -13.48 -19.74
CA TYR Q 120 71.28 -14.02 -18.94
C TYR Q 120 70.52 -12.92 -18.24
N GLY Q 121 69.20 -12.89 -18.45
CA GLY Q 121 68.33 -11.96 -17.75
C GLY Q 121 68.55 -10.51 -18.13
N CYS Q 122 68.00 -9.60 -17.31
CA CYS Q 122 68.17 -8.18 -17.55
C CYS Q 122 68.91 -7.49 -16.41
N SER Q 123 68.37 -7.53 -15.19
CA SER Q 123 68.95 -6.77 -14.10
C SER Q 123 69.11 -7.55 -12.81
N ARG Q 124 68.30 -8.58 -12.59
CA ARG Q 124 68.28 -9.34 -11.35
C ARG Q 124 69.39 -10.38 -11.27
N MET Q 125 70.09 -10.63 -12.39
CA MET Q 125 71.01 -11.76 -12.42
C MET Q 125 72.28 -11.45 -11.61
N GLY Q 126 72.64 -10.17 -11.47
CA GLY Q 126 73.73 -9.82 -10.58
C GLY Q 126 73.44 -10.19 -9.14
N ALA Q 127 72.22 -9.89 -8.67
CA ALA Q 127 71.79 -10.31 -7.34
C ALA Q 127 71.74 -11.82 -7.24
N ARG Q 128 71.31 -12.48 -8.32
CA ARG Q 128 71.23 -13.94 -8.35
C ARG Q 128 72.59 -14.59 -8.11
N LEU Q 129 73.60 -14.20 -8.90
CA LEU Q 129 74.94 -14.77 -8.71
C LEU Q 129 75.56 -14.36 -7.38
N ILE Q 130 75.40 -13.11 -6.93
CA ILE Q 130 76.06 -12.70 -5.69
C ILE Q 130 75.45 -13.42 -4.49
N ARG Q 131 74.14 -13.67 -4.52
CA ARG Q 131 73.54 -14.30 -3.34
C ARG Q 131 73.65 -15.82 -3.44
N PHE Q 132 73.80 -16.34 -4.66
CA PHE Q 132 74.20 -17.75 -4.79
C PHE Q 132 75.59 -17.98 -4.23
N SER Q 133 76.50 -17.03 -4.47
CA SER Q 133 77.82 -17.10 -3.84
C SER Q 133 77.72 -17.00 -2.32
N GLU Q 134 76.83 -16.14 -1.83
CA GLU Q 134 76.61 -16.05 -0.39
C GLU Q 134 76.07 -17.36 0.18
N CYS Q 135 75.20 -18.04 -0.58
CA CYS Q 135 74.67 -19.33 -0.15
C CYS Q 135 75.76 -20.40 -0.13
N LEU Q 136 76.65 -20.39 -1.12
CA LEU Q 136 77.77 -21.32 -1.12
C LEU Q 136 78.71 -21.08 0.06
N ARG Q 137 78.96 -19.80 0.38
CA ARG Q 137 79.76 -19.47 1.56
C ARG Q 137 79.08 -19.92 2.84
N ALA Q 138 77.75 -19.78 2.91
CA ALA Q 138 77.00 -20.21 4.09
C ALA Q 138 77.04 -21.73 4.23
N MET Q 139 76.98 -22.46 3.12
CA MET Q 139 77.05 -23.92 3.20
C MET Q 139 78.43 -24.39 3.63
N VAL Q 140 79.49 -23.81 3.07
CA VAL Q 140 80.83 -24.26 3.45
C VAL Q 140 81.17 -23.79 4.87
N GLN Q 141 80.55 -22.72 5.33
CA GLN Q 141 80.79 -22.25 6.70
C GLN Q 141 80.15 -23.17 7.73
N CYS Q 142 78.97 -23.71 7.43
CA CYS Q 142 78.22 -24.50 8.39
C CYS Q 142 78.53 -26.00 8.33
N HIS Q 143 79.61 -26.38 7.62
CA HIS Q 143 80.11 -27.75 7.56
C HIS Q 143 79.08 -28.74 6.99
N VAL Q 144 78.19 -28.27 6.11
CA VAL Q 144 77.53 -29.20 5.19
C VAL Q 144 77.92 -28.78 3.78
N PHE Q 145 78.63 -29.68 3.09
CA PHE Q 145 79.46 -29.26 1.98
C PHE Q 145 78.63 -29.11 0.71
N PRO Q 146 79.09 -28.28 -0.23
CA PRO Q 146 78.39 -28.19 -1.53
C PRO Q 146 78.43 -29.48 -2.32
N HIS Q 147 79.49 -30.28 -2.20
CA HIS Q 147 79.40 -31.63 -2.74
C HIS Q 147 78.53 -32.48 -1.82
N ARG Q 148 78.00 -33.58 -2.39
CA ARG Q 148 76.80 -34.35 -2.03
C ARG Q 148 75.54 -33.61 -2.46
N PHE Q 149 75.68 -32.36 -2.88
CA PHE Q 149 74.80 -31.69 -3.81
C PHE Q 149 75.61 -31.48 -5.08
N ILE Q 150 74.95 -30.96 -6.12
CA ILE Q 150 75.56 -30.57 -7.40
C ILE Q 150 76.29 -31.75 -8.02
N SER Q 151 75.55 -32.71 -8.56
CA SER Q 151 76.12 -33.89 -9.16
C SER Q 151 76.12 -33.77 -10.68
N PHE Q 152 77.01 -34.53 -11.32
CA PHE Q 152 77.13 -34.49 -12.78
C PHE Q 152 75.92 -35.13 -13.43
N PHE Q 153 75.45 -34.53 -14.52
CA PHE Q 153 74.24 -34.95 -15.22
C PHE Q 153 74.53 -35.46 -16.63
N GLY Q 154 75.15 -34.65 -17.48
CA GLY Q 154 75.34 -35.06 -18.86
C GLY Q 154 76.12 -34.04 -19.65
N SER Q 155 75.99 -34.12 -20.97
CA SER Q 155 76.81 -33.33 -21.88
C SER Q 155 76.03 -32.32 -22.71
N LEU Q 156 74.70 -32.25 -22.55
CA LEU Q 156 73.76 -31.31 -23.17
C LEU Q 156 73.59 -31.60 -24.66
N LEU Q 157 72.36 -31.48 -25.14
CA LEU Q 157 72.01 -31.72 -26.54
C LEU Q 157 70.86 -30.80 -26.91
N GLU Q 158 70.11 -31.19 -27.95
CA GLU Q 158 69.27 -30.34 -28.77
C GLU Q 158 68.24 -29.43 -28.08
N TYR Q 159 67.66 -29.87 -26.94
CA TYR Q 159 66.70 -29.14 -26.10
C TYR Q 159 65.41 -28.71 -26.84
N THR Q 160 64.42 -28.22 -26.09
CA THR Q 160 63.22 -27.66 -26.69
C THR Q 160 62.96 -26.21 -26.30
N ILE Q 161 62.93 -25.94 -24.98
CA ILE Q 161 62.54 -24.70 -24.27
C ILE Q 161 61.19 -24.11 -24.68
N GLN Q 162 60.39 -23.75 -23.68
CA GLN Q 162 59.11 -23.07 -23.88
C GLN Q 162 58.76 -22.34 -22.60
N ASP Q 163 58.57 -21.02 -22.70
CA ASP Q 163 58.35 -20.11 -21.56
C ASP Q 163 59.56 -20.25 -20.64
N ASN Q 164 59.37 -20.38 -19.33
CA ASN Q 164 60.49 -20.64 -18.44
C ASN Q 164 60.69 -22.13 -18.16
N LEU Q 165 59.84 -22.98 -18.71
CA LEU Q 165 60.00 -24.42 -18.53
C LEU Q 165 60.98 -24.96 -19.57
N CYS Q 166 62.04 -25.60 -19.09
CA CYS Q 166 63.11 -26.10 -19.94
C CYS Q 166 63.05 -27.61 -20.02
N ASN Q 167 63.25 -28.15 -21.21
CA ASN Q 167 63.34 -29.60 -21.41
C ASN Q 167 64.66 -29.88 -22.11
N ILE Q 168 65.56 -30.55 -21.42
CA ILE Q 168 66.94 -30.72 -21.88
C ILE Q 168 67.24 -32.21 -22.02
N THR Q 169 67.96 -32.56 -23.09
CA THR Q 169 68.47 -33.91 -23.30
C THR Q 169 69.99 -33.86 -23.25
N ALA Q 170 70.61 -34.91 -22.74
CA ALA Q 170 72.05 -34.92 -22.54
C ALA Q 170 72.60 -36.32 -22.71
N VAL Q 171 73.88 -36.39 -23.11
CA VAL Q 171 74.61 -37.65 -23.16
C VAL Q 171 75.18 -37.87 -21.75
N ALA Q 172 74.63 -38.85 -21.04
CA ALA Q 172 75.04 -39.06 -19.66
C ALA Q 172 76.11 -40.13 -19.54
N LYS Q 173 76.15 -41.06 -20.50
CA LYS Q 173 77.11 -42.14 -20.46
C LYS Q 173 77.39 -42.59 -21.88
N GLY Q 174 78.65 -42.86 -22.17
CA GLY Q 174 79.05 -43.30 -23.49
C GLY Q 174 79.98 -42.31 -24.14
N PRO Q 175 80.51 -42.66 -25.31
CA PRO Q 175 81.43 -41.77 -26.01
C PRO Q 175 80.73 -40.55 -26.56
N GLN Q 176 81.43 -39.41 -26.52
CA GLN Q 176 81.05 -38.24 -27.29
C GLN Q 176 81.44 -38.51 -28.75
N GLU Q 177 81.04 -37.62 -29.65
CA GLU Q 177 81.18 -37.78 -31.11
C GLU Q 177 80.46 -39.02 -31.60
N ALA Q 178 79.42 -39.43 -30.87
CA ALA Q 178 78.58 -40.55 -31.23
C ALA Q 178 77.10 -40.23 -31.14
N ALA Q 179 76.75 -38.99 -30.78
CA ALA Q 179 75.36 -38.55 -30.84
C ALA Q 179 75.05 -38.07 -32.25
N ARG Q 180 73.83 -37.58 -32.45
CA ARG Q 180 73.42 -37.03 -33.74
C ARG Q 180 72.41 -35.92 -33.46
N THR Q 181 72.88 -34.67 -33.56
CA THR Q 181 72.02 -33.50 -33.39
C THR Q 181 71.68 -32.95 -34.77
N ASP Q 182 70.39 -32.78 -35.04
CA ASP Q 182 69.99 -32.20 -36.31
C ASP Q 182 70.22 -30.70 -36.35
N LYS Q 183 70.06 -30.02 -35.21
CA LYS Q 183 70.17 -28.56 -35.16
C LYS Q 183 71.57 -28.09 -34.81
N THR Q 184 72.56 -28.59 -35.54
CA THR Q 184 73.91 -28.05 -35.49
C THR Q 184 74.57 -28.30 -36.84
N SER Q 185 75.65 -27.57 -37.10
CA SER Q 185 76.18 -27.46 -38.45
C SER Q 185 76.76 -28.78 -38.94
N THR Q 186 77.62 -29.41 -38.15
CA THR Q 186 78.29 -30.62 -38.57
C THR Q 186 77.63 -31.89 -38.08
N ARG Q 187 76.49 -31.77 -37.38
CA ARG Q 187 75.65 -32.85 -36.86
C ARG Q 187 76.38 -33.72 -35.84
N ARG Q 188 77.50 -33.25 -35.30
CA ARG Q 188 78.18 -33.92 -34.19
C ARG Q 188 78.68 -32.85 -33.23
N VAL Q 189 78.82 -33.21 -31.97
CA VAL Q 189 79.18 -32.26 -30.94
C VAL Q 189 80.39 -32.76 -30.17
N THR Q 190 81.18 -31.81 -29.68
CA THR Q 190 82.31 -32.11 -28.81
C THR Q 190 82.25 -31.19 -27.60
N ALA Q 191 82.62 -31.73 -26.44
CA ALA Q 191 82.45 -31.01 -25.19
C ALA Q 191 83.45 -29.87 -25.07
N ASN Q 192 83.04 -28.82 -24.37
CA ASN Q 192 83.92 -27.67 -24.14
C ASN Q 192 83.59 -27.03 -22.81
N ILE Q 193 84.60 -26.43 -22.19
CA ILE Q 193 84.47 -25.81 -20.88
C ILE Q 193 85.11 -24.43 -20.92
N PRO Q 194 84.76 -23.51 -20.02
CA PRO Q 194 85.52 -22.27 -19.91
C PRO Q 194 86.92 -22.53 -19.37
N ALA Q 195 87.83 -21.58 -19.65
CA ALA Q 195 89.23 -21.80 -19.33
C ALA Q 195 89.50 -21.80 -17.83
N CYS Q 196 88.72 -21.06 -17.05
CA CYS Q 196 88.97 -21.00 -15.62
C CYS Q 196 88.52 -22.25 -14.90
N VAL Q 197 87.65 -23.04 -15.53
CA VAL Q 197 87.17 -24.27 -14.91
C VAL Q 197 88.05 -25.43 -15.37
N PHE Q 198 89.19 -25.11 -15.94
CA PHE Q 198 90.11 -26.11 -16.47
C PHE Q 198 91.33 -26.19 -15.59
N TRP Q 199 91.89 -27.39 -15.47
CA TRP Q 199 93.09 -27.64 -14.68
C TRP Q 199 93.81 -28.83 -15.29
N ASP Q 200 95.10 -28.67 -15.58
CA ASP Q 200 95.89 -29.74 -16.19
C ASP Q 200 96.95 -30.13 -15.17
N VAL Q 201 96.61 -31.04 -14.26
CA VAL Q 201 97.50 -31.33 -13.14
C VAL Q 201 98.67 -32.23 -13.53
N ASP Q 202 98.64 -32.86 -14.70
CA ASP Q 202 99.78 -33.69 -15.09
C ASP Q 202 100.95 -32.84 -15.56
N LYS Q 203 100.69 -31.72 -16.21
CA LYS Q 203 101.80 -30.86 -16.61
C LYS Q 203 102.34 -30.06 -15.43
N ASP Q 204 101.53 -29.86 -14.39
CA ASP Q 204 102.03 -29.18 -13.20
C ASP Q 204 102.88 -30.11 -12.34
N LEU Q 205 102.52 -31.39 -12.30
CA LEU Q 205 103.31 -32.35 -11.53
C LEU Q 205 104.56 -32.82 -12.26
N HIS Q 206 104.73 -32.40 -13.52
CA HIS Q 206 105.88 -32.77 -14.35
C HIS Q 206 106.03 -34.28 -14.48
N LEU Q 207 104.89 -34.96 -14.60
CA LEU Q 207 104.84 -36.43 -14.61
C LEU Q 207 104.08 -36.82 -15.86
N SER Q 208 104.81 -36.98 -16.96
CA SER Q 208 104.33 -37.43 -18.28
C SER Q 208 103.29 -36.50 -18.90
N ALA Q 209 102.95 -36.77 -20.16
CA ALA Q 209 101.90 -36.00 -20.83
C ALA Q 209 101.00 -36.90 -21.65
N ASP Q 210 101.50 -38.08 -22.01
CA ASP Q 210 100.84 -38.95 -22.97
C ASP Q 210 100.28 -40.19 -22.30
N GLY Q 211 99.25 -40.75 -22.92
CA GLY Q 211 98.56 -41.90 -22.40
C GLY Q 211 97.09 -41.61 -22.16
N LEU Q 212 96.42 -42.59 -21.55
CA LEU Q 212 95.00 -42.45 -21.22
C LEU Q 212 94.87 -41.56 -20.01
N LYS Q 213 94.13 -40.45 -20.14
CA LYS Q 213 93.99 -39.48 -19.08
C LYS Q 213 92.56 -39.50 -18.56
N HIS Q 214 92.41 -39.68 -17.25
CA HIS Q 214 91.10 -39.56 -16.63
C HIS Q 214 90.68 -38.11 -16.53
N VAL Q 215 89.38 -37.87 -16.58
CA VAL Q 215 88.81 -36.54 -16.39
C VAL Q 215 88.10 -36.54 -15.05
N PHE Q 216 88.34 -35.50 -14.25
CA PHE Q 216 87.81 -35.42 -12.90
C PHE Q 216 87.05 -34.11 -12.72
N LEU Q 217 86.14 -34.11 -11.75
CA LEU Q 217 85.49 -32.90 -11.28
C LEU Q 217 85.99 -32.64 -9.87
N VAL Q 218 86.65 -31.50 -9.65
CA VAL Q 218 87.34 -31.22 -8.41
C VAL Q 218 86.71 -30.00 -7.76
N PHE Q 219 86.28 -30.15 -6.52
CA PHE Q 219 85.91 -29.04 -5.65
C PHE Q 219 87.09 -28.74 -4.74
N VAL Q 220 87.43 -27.47 -4.59
CA VAL Q 220 88.47 -27.04 -3.67
C VAL Q 220 87.84 -26.15 -2.61
N TYR Q 221 88.21 -26.38 -1.35
CA TYR Q 221 87.65 -25.67 -0.21
C TYR Q 221 88.74 -24.85 0.46
N THR Q 222 88.37 -23.63 0.87
CA THR Q 222 89.29 -22.71 1.52
C THR Q 222 88.65 -22.23 2.81
N GLN Q 223 88.90 -22.94 3.90
CA GLN Q 223 88.42 -22.52 5.21
C GLN Q 223 89.20 -21.28 5.65
N ARG Q 224 88.48 -20.31 6.23
CA ARG Q 224 88.97 -18.97 6.56
C ARG Q 224 89.62 -18.31 5.35
N ARG Q 225 90.90 -17.96 5.47
CA ARG Q 225 91.71 -17.35 4.41
C ARG Q 225 91.06 -16.05 3.90
N GLN Q 226 90.97 -15.08 4.81
CA GLN Q 226 90.41 -13.75 4.56
C GLN Q 226 88.97 -13.86 4.03
N ARG Q 227 88.21 -14.80 4.61
CA ARG Q 227 86.80 -15.04 4.29
C ARG Q 227 86.59 -15.33 2.80
N GLU Q 228 87.18 -16.43 2.34
CA GLU Q 228 87.03 -16.85 0.96
C GLU Q 228 86.10 -18.06 0.88
N GLY Q 229 85.96 -18.62 -0.32
CA GLY Q 229 84.95 -19.64 -0.55
C GLY Q 229 85.40 -20.87 -1.30
N VAL Q 230 84.70 -21.16 -2.40
CA VAL Q 230 84.80 -22.44 -3.09
C VAL Q 230 85.01 -22.18 -4.58
N ARG Q 231 85.73 -23.10 -5.23
CA ARG Q 231 85.87 -23.09 -6.67
C ARG Q 231 85.51 -24.47 -7.21
N LEU Q 232 85.34 -24.55 -8.52
CA LEU Q 232 85.16 -25.83 -9.20
C LEU Q 232 86.20 -25.95 -10.30
N HIS Q 233 86.76 -27.14 -10.45
CA HIS Q 233 87.76 -27.41 -11.47
C HIS Q 233 87.39 -28.68 -12.22
N LEU Q 234 87.71 -28.71 -13.50
CA LEU Q 234 87.62 -29.93 -14.29
C LEU Q 234 89.06 -30.34 -14.60
N ALA Q 235 89.57 -31.30 -13.85
CA ALA Q 235 90.98 -31.66 -13.89
C ALA Q 235 91.20 -32.91 -14.72
N LEU Q 236 92.17 -32.85 -15.62
CA LEU Q 236 92.62 -34.00 -16.40
C LEU Q 236 93.86 -34.57 -15.74
N SER Q 237 93.83 -35.87 -15.47
CA SER Q 237 94.94 -36.53 -14.80
C SER Q 237 95.07 -37.96 -15.30
N GLN Q 238 96.30 -38.43 -15.44
CA GLN Q 238 96.49 -39.84 -15.75
C GLN Q 238 96.49 -40.71 -14.50
N LEU Q 239 96.52 -40.10 -13.31
CA LEU Q 239 96.54 -40.85 -12.07
C LEU Q 239 95.22 -41.57 -11.85
N ASN Q 240 95.28 -42.63 -11.05
CA ASN Q 240 94.13 -43.48 -10.82
C ASN Q 240 93.12 -42.75 -9.92
N GLU Q 241 91.92 -43.30 -9.85
CA GLU Q 241 90.87 -42.70 -9.01
C GLU Q 241 91.20 -42.83 -7.53
N GLN Q 242 91.76 -43.98 -7.13
CA GLN Q 242 92.22 -44.13 -5.75
C GLN Q 242 93.36 -43.19 -5.44
N CYS Q 243 94.27 -43.01 -6.40
CA CYS Q 243 95.29 -41.97 -6.31
C CYS Q 243 94.67 -40.63 -6.71
N PHE Q 244 95.52 -39.63 -7.00
CA PHE Q 244 95.15 -38.27 -7.40
C PHE Q 244 94.58 -37.48 -6.21
N GLY Q 245 94.30 -38.16 -5.11
CA GLY Q 245 94.08 -37.46 -3.86
C GLY Q 245 95.39 -36.99 -3.26
N ARG Q 246 96.47 -37.73 -3.53
CA ARG Q 246 97.79 -37.24 -3.17
C ARG Q 246 98.24 -36.15 -4.13
N GLY Q 247 97.73 -36.16 -5.36
CA GLY Q 247 98.00 -35.07 -6.28
C GLY Q 247 97.36 -33.77 -5.86
N ILE Q 248 96.23 -33.86 -5.15
CA ILE Q 248 95.62 -32.66 -4.61
C ILE Q 248 96.20 -32.34 -3.24
N GLY Q 249 96.64 -33.36 -2.50
CA GLY Q 249 97.36 -33.12 -1.26
C GLY Q 249 98.71 -32.46 -1.49
N PHE Q 250 99.44 -32.94 -2.49
CA PHE Q 250 100.56 -32.18 -3.02
C PHE Q 250 100.03 -31.00 -3.83
N LEU Q 251 100.93 -30.07 -4.15
CA LEU Q 251 100.65 -28.89 -4.98
C LEU Q 251 99.64 -27.97 -4.30
N LEU Q 252 98.38 -28.39 -4.24
CA LEU Q 252 97.33 -27.53 -3.67
C LEU Q 252 97.53 -27.34 -2.18
N GLY Q 253 97.79 -28.43 -1.46
CA GLY Q 253 97.99 -28.32 -0.02
C GLY Q 253 99.33 -27.81 0.41
N ALA Q 254 100.30 -27.75 -0.51
CA ALA Q 254 101.64 -27.29 -0.18
C ALA Q 254 101.75 -25.77 -0.14
N ARG Q 255 100.97 -25.06 -0.96
CA ARG Q 255 101.10 -23.61 -1.07
C ARG Q 255 100.21 -22.97 -0.02
N ILE Q 256 100.63 -23.08 1.23
CA ILE Q 256 99.88 -22.53 2.36
C ILE Q 256 100.82 -21.82 3.32
N CYS Q 257 91.09 -28.90 7.56
CA CYS Q 257 90.61 -30.25 7.30
C CYS Q 257 89.52 -30.25 6.24
N MET Q 258 89.43 -31.37 5.52
CA MET Q 258 88.44 -31.59 4.46
C MET Q 258 88.53 -30.51 3.38
N TYR Q 259 89.71 -30.45 2.75
CA TYR Q 259 90.06 -29.35 1.87
C TYR Q 259 89.60 -29.53 0.43
N ALA Q 260 89.29 -30.76 0.01
CA ALA Q 260 88.90 -30.98 -1.37
C ALA Q 260 88.02 -32.22 -1.46
N ALA Q 261 87.30 -32.32 -2.58
CA ALA Q 261 86.45 -33.47 -2.84
C ALA Q 261 86.34 -33.62 -4.35
N TYR Q 262 86.77 -34.77 -4.86
CA TYR Q 262 86.85 -35.01 -6.29
C TYR Q 262 86.06 -36.25 -6.67
N THR Q 263 85.52 -36.25 -7.89
CA THR Q 263 84.82 -37.39 -8.43
C THR Q 263 85.28 -37.65 -9.86
N LEU Q 264 85.03 -38.87 -10.33
CA LEU Q 264 85.41 -39.25 -11.69
C LEU Q 264 84.22 -39.03 -12.61
N ILE Q 265 84.48 -38.39 -13.74
CA ILE Q 265 83.42 -38.05 -14.68
C ILE Q 265 83.54 -38.82 -15.99
N GLY Q 266 84.74 -39.17 -16.43
CA GLY Q 266 84.92 -39.87 -17.69
C GLY Q 266 86.39 -39.96 -18.02
N THR Q 267 86.69 -40.71 -19.08
CA THR Q 267 88.06 -40.94 -19.50
C THR Q 267 88.26 -40.44 -20.93
N ILE Q 268 89.52 -40.17 -21.28
CA ILE Q 268 89.92 -39.85 -22.65
C ILE Q 268 90.87 -40.95 -23.13
N PRO Q 269 90.41 -41.87 -23.98
CA PRO Q 269 91.26 -43.00 -24.38
C PRO Q 269 92.17 -42.74 -25.57
N SER Q 270 92.37 -41.49 -25.98
CA SER Q 270 93.22 -41.22 -27.12
C SER Q 270 94.69 -41.40 -26.76
N GLU Q 271 95.55 -41.33 -27.78
CA GLU Q 271 96.98 -41.45 -27.56
C GLU Q 271 97.53 -40.21 -26.86
N SER Q 272 97.42 -39.06 -27.50
CA SER Q 272 97.79 -37.78 -26.91
C SER Q 272 96.61 -36.84 -27.01
N VAL Q 273 96.27 -36.19 -25.89
CA VAL Q 273 95.09 -35.34 -25.86
C VAL Q 273 95.35 -34.05 -26.64
N ARG Q 274 94.28 -33.47 -27.16
CA ARG Q 274 94.36 -32.23 -27.93
C ARG Q 274 93.48 -31.19 -27.27
N TYR Q 275 93.96 -29.96 -27.21
CA TYR Q 275 93.18 -28.83 -26.76
C TYR Q 275 93.03 -27.83 -27.90
N THR Q 276 92.08 -26.93 -27.76
CA THR Q 276 91.88 -25.86 -28.74
C THR Q 276 91.32 -24.67 -27.99
N ARG Q 277 92.15 -23.66 -27.78
CA ARG Q 277 91.76 -22.49 -26.99
C ARG Q 277 91.13 -21.40 -27.84
N ARG Q 278 90.39 -21.79 -28.88
CA ARG Q 278 89.76 -20.83 -29.79
C ARG Q 278 88.73 -19.99 -29.04
N MET Q 279 88.60 -18.74 -29.44
CA MET Q 279 87.70 -17.81 -28.77
C MET Q 279 86.27 -18.16 -29.14
N GLU Q 280 85.35 -17.97 -28.19
CA GLU Q 280 83.98 -18.42 -28.34
C GLU Q 280 83.02 -17.24 -28.39
N ARG Q 281 81.99 -17.38 -29.24
CA ARG Q 281 80.94 -16.38 -29.41
C ARG Q 281 79.78 -16.77 -28.49
N PHE Q 282 79.88 -16.39 -27.21
CA PHE Q 282 79.00 -16.99 -26.21
C PHE Q 282 77.62 -16.34 -26.15
N GLY Q 283 77.55 -15.10 -25.69
CA GLY Q 283 76.27 -14.45 -25.48
C GLY Q 283 76.29 -12.95 -25.69
N GLY Q 284 77.23 -12.47 -26.49
CA GLY Q 284 77.51 -11.05 -26.57
C GLY Q 284 78.90 -10.67 -26.17
N TYR Q 285 79.62 -11.53 -25.48
CA TYR Q 285 81.01 -11.30 -25.11
C TYR Q 285 81.77 -12.61 -25.24
N ASN Q 286 83.08 -12.48 -25.48
CA ASN Q 286 83.89 -13.62 -25.90
C ASN Q 286 84.56 -14.29 -24.71
N VAL Q 287 84.52 -15.63 -24.69
CA VAL Q 287 85.08 -16.41 -23.59
C VAL Q 287 86.04 -17.47 -24.13
N PRO Q 288 87.09 -17.83 -23.38
CA PRO Q 288 88.05 -18.82 -23.88
C PRO Q 288 87.67 -20.27 -23.63
N THR Q 289 86.92 -20.89 -24.53
CA THR Q 289 86.61 -22.29 -24.40
C THR Q 289 87.84 -23.15 -24.68
N ILE Q 290 87.79 -24.41 -24.23
CA ILE Q 290 88.95 -25.31 -24.20
C ILE Q 290 88.82 -26.39 -25.27
N TRP Q 291 87.57 -26.83 -25.52
CA TRP Q 291 87.20 -27.66 -26.68
C TRP Q 291 87.94 -29.01 -26.66
N LEU Q 292 87.63 -29.80 -25.65
CA LEU Q 292 88.19 -31.15 -25.54
C LEU Q 292 87.68 -32.03 -26.68
N GLU Q 293 88.51 -33.00 -27.07
CA GLU Q 293 88.20 -33.86 -28.21
C GLU Q 293 88.38 -35.31 -27.80
N GLY Q 294 87.41 -36.16 -28.17
CA GLY Q 294 87.48 -37.57 -27.89
C GLY Q 294 87.29 -37.92 -26.44
N VAL Q 295 86.11 -37.66 -25.90
CA VAL Q 295 85.84 -37.84 -24.48
C VAL Q 295 84.79 -38.93 -24.32
N VAL Q 296 85.09 -39.91 -23.46
CA VAL Q 296 84.16 -40.98 -23.14
C VAL Q 296 83.68 -40.75 -21.71
N TRP Q 297 82.40 -40.44 -21.55
CA TRP Q 297 81.85 -40.19 -20.23
C TRP Q 297 81.61 -41.49 -19.49
N GLY Q 298 81.58 -41.41 -18.17
CA GLY Q 298 81.35 -42.58 -17.35
C GLY Q 298 81.24 -42.26 -15.87
N GLY Q 299 81.75 -43.14 -15.03
CA GLY Q 299 81.78 -42.90 -13.60
C GLY Q 299 80.47 -43.26 -12.92
N THR Q 300 80.56 -43.50 -11.61
CA THR Q 300 79.42 -43.93 -10.82
C THR Q 300 79.00 -42.88 -9.79
N ASN Q 301 79.54 -41.65 -9.90
CA ASN Q 301 79.21 -40.53 -9.03
C ASN Q 301 79.51 -40.86 -7.56
N THR Q 302 80.79 -41.09 -7.27
CA THR Q 302 81.25 -41.35 -5.92
C THR Q 302 82.25 -40.26 -5.56
N TRP Q 303 81.86 -39.37 -4.67
CA TRP Q 303 82.68 -38.22 -4.29
C TRP Q 303 83.72 -38.68 -3.29
N ASN Q 304 84.92 -39.01 -3.78
CA ASN Q 304 86.03 -39.31 -2.91
C ASN Q 304 86.45 -38.02 -2.21
N GLU Q 305 86.43 -38.02 -0.88
CA GLU Q 305 86.69 -36.83 -0.09
C GLU Q 305 88.09 -36.91 0.49
N CYS Q 306 88.89 -35.88 0.23
CA CYS Q 306 90.26 -35.85 0.73
C CYS Q 306 90.43 -34.79 1.81
N ALA R 1 -72.77 -63.69 -28.59
CA ALA R 1 -73.81 -62.84 -28.00
C ALA R 1 -74.56 -62.07 -29.08
N ALA R 2 -75.29 -62.80 -29.92
CA ALA R 2 -76.08 -62.21 -30.99
C ALA R 2 -77.54 -62.58 -30.79
N ALA R 3 -78.42 -61.59 -30.86
CA ALA R 3 -79.85 -61.81 -30.69
C ALA R 3 -80.62 -60.69 -31.36
N ALA R 4 -81.93 -60.93 -31.55
CA ALA R 4 -82.92 -60.01 -32.11
C ALA R 4 -82.70 -59.69 -33.58
N ALA R 5 -83.78 -59.34 -34.28
CA ALA R 5 -83.70 -59.06 -35.71
C ALA R 5 -84.61 -57.89 -36.05
N ALA R 6 -84.23 -57.15 -37.10
CA ALA R 6 -85.00 -56.00 -37.56
C ALA R 6 -85.08 -55.96 -39.09
N ALA R 7 -84.76 -57.06 -39.75
CA ALA R 7 -84.77 -57.16 -41.20
C ALA R 7 -85.96 -58.03 -41.59
N ALA R 8 -87.11 -57.39 -41.77
CA ALA R 8 -88.37 -58.08 -42.09
C ALA R 8 -88.91 -57.64 -43.44
N ALA R 9 -88.02 -57.52 -44.43
CA ALA R 9 -88.45 -57.17 -45.78
C ALA R 9 -89.21 -58.31 -46.43
N ALA R 10 -88.66 -59.53 -46.36
CA ALA R 10 -89.22 -60.76 -46.91
C ALA R 10 -89.54 -60.64 -48.40
N ALA R 11 -90.83 -60.53 -48.72
CA ALA R 11 -91.26 -60.38 -50.11
C ALA R 11 -91.14 -58.92 -50.53
N ALA R 12 -91.79 -58.55 -51.64
CA ALA R 12 -91.82 -57.17 -52.06
C ALA R 12 -92.61 -56.33 -51.07
N ALA R 13 -92.03 -55.20 -50.65
CA ALA R 13 -92.62 -54.36 -49.62
C ALA R 13 -93.68 -53.44 -50.24
N ALA R 14 -94.15 -52.48 -49.46
CA ALA R 14 -95.21 -51.58 -49.88
C ALA R 14 -94.59 -50.34 -50.53
N ALA R 15 -95.43 -49.31 -50.72
CA ALA R 15 -95.01 -48.07 -51.34
C ALA R 15 -94.37 -47.14 -50.33
N ALA R 16 -93.23 -46.55 -50.70
CA ALA R 16 -92.52 -45.60 -49.84
C ALA R 16 -93.01 -44.17 -50.03
N ALA R 17 -94.03 -43.97 -50.86
CA ALA R 17 -94.61 -42.66 -51.11
C ALA R 17 -96.08 -42.67 -50.73
N ALA R 18 -96.36 -43.17 -49.51
CA ALA R 18 -97.66 -43.63 -49.01
C ALA R 18 -98.88 -42.82 -49.41
N ALA R 19 -98.74 -41.50 -49.56
CA ALA R 19 -99.85 -40.67 -50.00
C ALA R 19 -100.25 -40.94 -51.45
N ALA R 20 -99.40 -41.60 -52.22
CA ALA R 20 -99.70 -41.97 -53.60
C ALA R 20 -98.98 -43.28 -53.89
N PHE R 21 -70.96 -50.98 -32.27
CA PHE R 21 -71.25 -50.87 -30.83
C PHE R 21 -71.48 -52.19 -30.07
N LYS R 22 -71.04 -52.20 -28.81
CA LYS R 22 -71.42 -53.19 -27.81
C LYS R 22 -71.41 -52.49 -26.45
N SER R 23 -72.08 -53.12 -25.48
CA SER R 23 -72.16 -52.58 -24.13
C SER R 23 -71.43 -53.44 -23.10
N THR R 24 -71.81 -54.71 -22.99
CA THR R 24 -71.19 -55.71 -22.10
C THR R 24 -71.19 -55.25 -20.65
N THR R 25 -70.07 -54.67 -20.20
CA THR R 25 -69.92 -54.17 -18.84
C THR R 25 -69.30 -52.78 -18.87
N GLN R 26 -69.46 -52.05 -17.77
CA GLN R 26 -69.11 -50.63 -17.72
C GLN R 26 -68.02 -50.43 -16.68
N LEU R 27 -66.93 -49.80 -17.07
CA LEU R 27 -65.74 -49.66 -16.24
C LEU R 27 -65.71 -48.28 -15.59
N ILE R 28 -64.59 -47.99 -14.90
CA ILE R 28 -64.42 -46.73 -14.19
C ILE R 28 -62.91 -46.54 -14.01
N GLN R 29 -62.48 -45.29 -13.89
CA GLN R 29 -61.07 -44.97 -13.72
C GLN R 29 -60.93 -43.76 -12.83
N GLN R 30 -60.01 -43.84 -11.87
CA GLN R 30 -59.76 -42.72 -10.96
C GLN R 30 -58.29 -42.73 -10.57
N VAL R 31 -57.68 -41.55 -10.59
CA VAL R 31 -56.29 -41.34 -10.21
C VAL R 31 -56.24 -40.86 -8.77
N SER R 32 -55.37 -41.47 -7.96
CA SER R 32 -55.25 -41.08 -6.56
C SER R 32 -53.80 -41.26 -6.14
N LEU R 33 -53.56 -41.21 -4.82
CA LEU R 33 -52.23 -41.35 -4.25
C LEU R 33 -52.06 -42.72 -3.62
N THR R 34 -50.81 -43.13 -3.45
CA THR R 34 -50.46 -44.45 -2.97
C THR R 34 -50.17 -44.43 -1.46
N ASP R 35 -50.70 -43.43 -0.75
CA ASP R 35 -50.57 -43.42 0.71
C ASP R 35 -51.30 -44.61 1.33
N PHE R 36 -52.51 -44.88 0.87
CA PHE R 36 -53.21 -46.12 1.14
C PHE R 36 -53.39 -46.82 -0.19
N PHE R 37 -53.37 -48.16 -0.17
CA PHE R 37 -53.53 -49.04 -1.34
C PHE R 37 -52.37 -48.96 -2.32
N ARG R 38 -51.80 -50.10 -2.68
CA ARG R 38 -50.81 -50.18 -3.75
C ARG R 38 -51.16 -51.35 -4.66
N PRO R 39 -51.29 -51.12 -5.97
CA PRO R 39 -51.89 -52.16 -6.83
C PRO R 39 -50.96 -53.32 -7.12
N ASP R 40 -49.66 -53.08 -7.26
CA ASP R 40 -48.76 -54.12 -7.76
C ASP R 40 -48.52 -55.23 -6.74
N ILE R 41 -48.69 -54.94 -5.44
CA ILE R 41 -48.68 -56.02 -4.47
C ILE R 41 -49.94 -56.86 -4.59
N GLU R 42 -51.11 -56.22 -4.62
CA GLU R 42 -52.35 -56.95 -4.52
C GLU R 42 -52.72 -57.64 -5.83
N HIS R 43 -53.68 -58.54 -5.73
CA HIS R 43 -54.08 -59.38 -6.85
C HIS R 43 -54.90 -58.58 -7.86
N ALA R 44 -55.24 -59.25 -8.97
CA ALA R 44 -55.97 -58.58 -10.03
C ALA R 44 -57.41 -58.29 -9.62
N GLY R 45 -58.10 -59.27 -9.04
CA GLY R 45 -59.49 -59.07 -8.71
C GLY R 45 -59.77 -59.01 -7.22
N SER R 46 -60.07 -57.82 -6.73
CA SER R 46 -60.34 -57.59 -5.32
C SER R 46 -61.55 -56.67 -5.22
N THR R 47 -61.74 -56.04 -4.07
CA THR R 47 -62.70 -54.96 -3.92
C THR R 47 -61.97 -53.72 -3.45
N VAL R 48 -62.24 -52.59 -4.08
CA VAL R 48 -61.56 -51.34 -3.80
C VAL R 48 -62.61 -50.32 -3.35
N LEU R 49 -62.26 -49.53 -2.33
CA LEU R 49 -63.15 -48.57 -1.71
C LEU R 49 -62.54 -47.18 -1.78
N ILE R 50 -63.39 -46.15 -1.73
CA ILE R 50 -62.93 -44.77 -1.86
C ILE R 50 -63.35 -43.97 -0.63
N LEU R 51 -62.43 -43.16 -0.14
CA LEU R 51 -62.66 -42.25 0.99
C LEU R 51 -63.01 -40.87 0.44
N ARG R 52 -64.31 -40.64 0.24
CA ARG R 52 -64.80 -39.33 -0.19
C ARG R 52 -65.59 -38.73 0.97
N HIS R 53 -64.92 -37.91 1.75
CA HIS R 53 -65.61 -37.18 2.80
C HIS R 53 -66.18 -35.88 2.23
N PRO R 54 -67.46 -35.58 2.48
CA PRO R 54 -68.08 -34.38 1.89
C PRO R 54 -67.61 -33.06 2.47
N THR R 55 -66.60 -33.04 3.34
CA THR R 55 -66.02 -31.79 3.82
C THR R 55 -65.23 -31.07 2.74
N ASP R 56 -64.94 -31.72 1.61
CA ASP R 56 -64.26 -31.10 0.48
C ASP R 56 -65.21 -30.40 -0.47
N LEU R 57 -66.43 -30.03 -0.04
CA LEU R 57 -67.39 -29.33 -0.89
C LEU R 57 -67.90 -28.05 -0.22
N PRO R 58 -67.00 -27.05 0.07
CA PRO R 58 -67.43 -25.82 0.74
C PRO R 58 -67.75 -24.69 -0.23
N ALA R 59 -68.55 -24.98 -1.25
CA ALA R 59 -68.85 -24.02 -2.30
C ALA R 59 -70.31 -23.59 -2.31
N LEU R 60 -71.05 -23.87 -1.26
CA LEU R 60 -72.47 -23.55 -1.18
C LEU R 60 -72.68 -22.25 -0.41
N ALA R 61 -73.92 -21.80 -0.40
CA ALA R 61 -74.29 -20.57 0.29
C ALA R 61 -74.74 -20.79 1.72
N ARG R 62 -74.88 -22.05 2.16
CA ARG R 62 -75.37 -22.35 3.49
C ARG R 62 -74.26 -22.71 4.47
N HIS R 63 -73.00 -22.67 4.03
CA HIS R 63 -71.80 -22.83 4.86
C HIS R 63 -71.77 -24.18 5.59
N ARG R 64 -71.66 -25.25 4.80
CA ARG R 64 -71.59 -26.61 5.32
C ARG R 64 -70.14 -27.07 5.30
N ALA R 65 -69.52 -27.14 6.47
CA ALA R 65 -68.24 -27.81 6.64
C ALA R 65 -68.12 -28.37 8.06
N PRO R 66 -68.93 -29.35 8.45
CA PRO R 66 -68.93 -29.80 9.84
C PRO R 66 -67.89 -30.90 10.08
N PRO R 67 -66.92 -30.66 10.96
CA PRO R 67 -66.02 -31.76 11.35
C PRO R 67 -66.69 -32.78 12.26
N GLY R 68 -67.54 -32.32 13.17
CA GLY R 68 -68.25 -33.21 14.07
C GLY R 68 -68.48 -32.53 15.40
N ARG R 69 -69.08 -33.28 16.33
CA ARG R 69 -69.30 -32.82 17.69
C ARG R 69 -68.18 -33.37 18.57
N GLN R 70 -67.60 -32.50 19.39
CA GLN R 70 -66.39 -32.79 20.18
C GLN R 70 -65.29 -33.32 19.28
N THR R 71 -65.08 -32.64 18.15
CA THR R 71 -64.28 -33.13 17.05
C THR R 71 -62.80 -32.85 17.19
N GLU R 72 -62.32 -32.59 18.42
CA GLU R 72 -60.89 -32.34 18.62
C GLU R 72 -60.07 -33.58 18.28
N ARG R 73 -60.46 -34.74 18.79
CA ARG R 73 -59.76 -35.98 18.46
C ARG R 73 -59.95 -36.35 16.99
N LEU R 74 -61.13 -36.08 16.43
CA LEU R 74 -61.41 -36.43 15.04
C LEU R 74 -60.60 -35.57 14.09
N ALA R 75 -60.62 -34.25 14.29
CA ALA R 75 -59.86 -33.35 13.43
C ALA R 75 -58.37 -33.55 13.59
N GLU R 76 -57.90 -33.73 14.84
CA GLU R 76 -56.48 -33.99 15.07
C GLU R 76 -56.04 -35.29 14.42
N ALA R 77 -56.87 -36.34 14.53
CA ALA R 77 -56.53 -37.63 13.94
C ALA R 77 -56.47 -37.57 12.43
N TRP R 78 -57.50 -36.97 11.80
CA TRP R 78 -57.53 -36.91 10.35
C TRP R 78 -56.43 -36.00 9.80
N GLY R 79 -56.16 -34.87 10.46
CA GLY R 79 -55.09 -33.99 10.00
C GLY R 79 -53.71 -34.59 10.13
N GLN R 80 -53.42 -35.20 11.29
CA GLN R 80 -52.11 -35.80 11.50
C GLN R 80 -51.92 -37.03 10.61
N LEU R 81 -53.00 -37.80 10.37
CA LEU R 81 -52.93 -38.93 9.46
C LEU R 81 -52.71 -38.49 8.02
N LEU R 82 -53.41 -37.44 7.57
CA LEU R 82 -53.26 -36.98 6.20
C LEU R 82 -51.88 -36.38 5.96
N GLU R 83 -51.35 -35.64 6.93
CA GLU R 83 -50.06 -34.98 6.70
C GLU R 83 -48.89 -35.93 6.98
N ALA R 84 -49.10 -36.96 7.81
CA ALA R 84 -48.03 -37.90 8.10
C ALA R 84 -47.82 -38.89 6.96
N SER R 85 -48.89 -39.29 6.30
CA SER R 85 -48.79 -40.26 5.21
C SER R 85 -48.28 -39.61 3.94
N ARG R 86 -58.59 -34.08 -2.14
CA ARG R 86 -58.82 -35.17 -3.08
C ARG R 86 -59.29 -36.44 -2.36
N ALA R 87 -59.61 -37.47 -3.14
CA ALA R 87 -60.16 -38.71 -2.62
C ALA R 87 -59.17 -39.84 -2.83
N TYR R 88 -59.01 -40.68 -1.82
CA TYR R 88 -58.06 -41.79 -1.86
C TYR R 88 -58.78 -43.09 -2.24
N VAL R 89 -58.00 -44.16 -2.35
CA VAL R 89 -58.54 -45.50 -2.53
C VAL R 89 -57.93 -46.42 -1.48
N THR R 90 -58.74 -47.31 -0.94
CA THR R 90 -58.29 -48.39 -0.05
C THR R 90 -58.96 -49.68 -0.50
N SER R 91 -58.19 -50.77 -0.51
CA SER R 91 -58.80 -52.05 -0.80
C SER R 91 -59.44 -52.63 0.46
N LEU R 92 -59.97 -53.84 0.32
CA LEU R 92 -60.51 -54.52 1.49
C LEU R 92 -59.42 -55.41 2.11
N SER R 93 -58.24 -54.83 2.29
CA SER R 93 -57.20 -55.42 3.11
C SER R 93 -56.55 -54.42 4.02
N PHE R 94 -56.58 -53.13 3.69
CA PHE R 94 -56.14 -52.11 4.63
C PHE R 94 -57.18 -51.89 5.72
N ILE R 95 -58.46 -51.94 5.36
CA ILE R 95 -59.52 -51.83 6.36
C ILE R 95 -59.52 -53.06 7.27
N ALA R 96 -59.27 -54.24 6.70
CA ALA R 96 -59.21 -55.45 7.50
C ALA R 96 -58.01 -55.46 8.43
N ALA R 97 -56.84 -55.02 7.94
CA ALA R 97 -55.65 -55.01 8.79
C ALA R 97 -55.70 -53.86 9.79
N CYS R 98 -56.50 -52.82 9.51
CA CYS R 98 -56.62 -51.69 10.43
C CYS R 98 -57.30 -52.11 11.72
N ARG R 99 -58.31 -52.97 11.63
CA ARG R 99 -59.02 -53.46 12.80
C ARG R 99 -58.98 -54.98 12.84
N ALA R 100 -57.80 -55.54 12.64
CA ALA R 100 -57.62 -56.98 12.68
C ALA R 100 -57.72 -57.57 14.08
N GLU R 101 -57.65 -56.75 15.12
CA GLU R 101 -57.68 -57.23 16.49
C GLU R 101 -59.08 -57.46 17.02
N GLU R 102 -60.10 -57.51 16.15
CA GLU R 102 -61.47 -57.70 16.59
C GLU R 102 -62.21 -58.79 15.81
N TYR R 103 -61.70 -59.21 14.65
CA TYR R 103 -62.34 -60.26 13.87
C TYR R 103 -62.22 -61.61 14.56
N THR R 104 -63.11 -62.53 14.17
CA THR R 104 -63.19 -63.82 14.85
C THR R 104 -62.00 -64.71 14.49
N ASP R 105 -61.72 -64.87 13.20
CA ASP R 105 -60.65 -65.77 12.76
C ASP R 105 -59.31 -65.09 13.01
N LYS R 106 -58.69 -65.42 14.14
CA LYS R 106 -57.46 -64.73 14.54
C LYS R 106 -56.27 -65.18 13.71
N GLN R 107 -56.31 -66.38 13.14
CA GLN R 107 -55.22 -66.86 12.30
C GLN R 107 -55.12 -66.05 11.01
N ALA R 108 -56.25 -65.91 10.30
CA ALA R 108 -56.23 -65.19 9.03
C ALA R 108 -56.08 -63.70 9.25
N ALA R 109 -56.62 -63.17 10.35
CA ALA R 109 -56.44 -61.75 10.66
C ALA R 109 -54.97 -61.43 10.95
N GLU R 110 -54.31 -62.30 11.72
CA GLU R 110 -52.88 -62.09 11.99
C GLU R 110 -52.05 -62.26 10.72
N ALA R 111 -52.41 -63.24 9.88
CA ALA R 111 -51.69 -63.42 8.62
C ALA R 111 -51.86 -62.22 7.70
N ASN R 112 -53.09 -61.69 7.62
CA ASN R 112 -53.36 -60.51 6.80
C ASN R 112 -52.62 -59.29 7.34
N ARG R 113 -52.60 -59.13 8.67
CA ARG R 113 -51.89 -58.01 9.29
C ARG R 113 -50.39 -58.09 9.02
N THR R 114 -49.81 -59.27 9.17
CA THR R 114 -48.38 -59.43 8.90
C THR R 114 -48.06 -59.21 7.43
N ALA R 115 -48.93 -59.68 6.53
CA ALA R 115 -48.71 -59.47 5.10
C ALA R 115 -48.81 -57.98 4.75
N ILE R 116 -49.73 -57.25 5.39
CA ILE R 116 -49.86 -55.83 5.12
C ILE R 116 -48.65 -55.07 5.64
N VAL R 117 -48.26 -55.31 6.90
CA VAL R 117 -47.12 -54.58 7.45
C VAL R 117 -45.78 -55.03 6.89
N SER R 118 -45.72 -56.16 6.19
CA SER R 118 -44.49 -56.55 5.52
C SER R 118 -44.43 -55.98 4.10
N ALA R 119 -45.50 -56.16 3.33
CA ALA R 119 -45.48 -55.73 1.94
C ALA R 119 -45.57 -54.21 1.81
N TYR R 120 -46.45 -53.58 2.58
CA TYR R 120 -46.65 -52.15 2.47
C TYR R 120 -45.60 -51.40 3.29
N GLY R 121 -44.93 -50.44 2.65
CA GLY R 121 -43.97 -49.59 3.33
C GLY R 121 -42.73 -50.32 3.81
N CYS R 122 -41.91 -49.66 4.63
CA CYS R 122 -40.76 -50.29 5.24
C CYS R 122 -40.89 -50.36 6.76
N SER R 123 -41.05 -49.23 7.43
CA SER R 123 -41.15 -49.19 8.89
C SER R 123 -42.30 -48.35 9.39
N ARG R 124 -42.74 -47.35 8.63
CA ARG R 124 -43.78 -46.43 9.08
C ARG R 124 -45.19 -46.95 8.83
N MET R 125 -45.31 -48.15 8.25
CA MET R 125 -46.62 -48.65 7.88
C MET R 125 -47.43 -49.05 9.10
N GLY R 126 -46.77 -49.63 10.12
CA GLY R 126 -47.46 -49.95 11.36
C GLY R 126 -47.95 -48.70 12.08
N ALA R 127 -47.17 -47.63 12.01
CA ALA R 127 -47.63 -46.34 12.51
C ALA R 127 -48.86 -45.87 11.73
N ARG R 128 -48.86 -46.07 10.41
CA ARG R 128 -50.02 -45.71 9.60
C ARG R 128 -51.26 -46.51 10.01
N LEU R 129 -51.09 -47.81 10.25
CA LEU R 129 -52.21 -48.64 10.72
C LEU R 129 -52.75 -48.18 12.07
N ILE R 130 -51.87 -47.87 13.03
CA ILE R 130 -52.35 -47.51 14.37
C ILE R 130 -52.99 -46.12 14.36
N ARG R 131 -52.46 -45.21 13.53
CA ARG R 131 -53.10 -43.90 13.37
C ARG R 131 -54.46 -44.01 12.70
N PHE R 132 -54.59 -44.91 11.71
CA PHE R 132 -55.89 -45.10 11.07
C PHE R 132 -56.90 -45.72 12.03
N SER R 133 -56.45 -46.65 12.88
CA SER R 133 -57.35 -47.24 13.86
C SER R 133 -57.82 -46.21 14.88
N GLU R 134 -56.90 -45.36 15.35
CA GLU R 134 -57.30 -44.27 16.26
C GLU R 134 -58.23 -43.29 15.56
N CYS R 135 -58.03 -43.08 14.26
CA CYS R 135 -58.90 -42.20 13.50
C CYS R 135 -60.32 -42.75 13.42
N LEU R 136 -60.46 -44.05 13.14
CA LEU R 136 -61.79 -44.66 13.11
C LEU R 136 -62.45 -44.65 14.49
N ARG R 137 -61.67 -44.85 15.55
CA ARG R 137 -62.22 -44.68 16.90
C ARG R 137 -62.73 -43.26 17.12
N ALA R 138 -62.00 -42.27 16.60
CA ALA R 138 -62.42 -40.88 16.71
C ALA R 138 -63.70 -40.60 15.94
N MET R 139 -63.85 -41.20 14.74
CA MET R 139 -65.12 -41.06 14.02
C MET R 139 -66.28 -41.70 14.78
N VAL R 140 -66.07 -42.87 15.36
CA VAL R 140 -67.17 -43.56 16.02
C VAL R 140 -67.59 -42.84 17.31
N GLN R 141 -66.62 -42.34 18.09
CA GLN R 141 -66.98 -41.64 19.33
C GLN R 141 -67.71 -40.32 19.07
N CYS R 142 -67.33 -39.60 18.02
CA CYS R 142 -67.95 -38.31 17.75
C CYS R 142 -69.28 -38.43 17.00
N HIS R 143 -69.78 -39.66 16.81
CA HIS R 143 -71.02 -39.96 16.11
C HIS R 143 -71.02 -39.41 14.68
N VAL R 144 -69.86 -39.40 14.06
CA VAL R 144 -69.71 -39.18 12.63
C VAL R 144 -69.29 -40.52 12.05
N PHE R 145 -70.26 -41.30 11.58
CA PHE R 145 -70.03 -42.73 11.36
C PHE R 145 -69.09 -42.99 10.19
N PRO R 146 -68.37 -44.12 10.21
CA PRO R 146 -67.59 -44.52 9.04
C PRO R 146 -68.43 -44.72 7.79
N HIS R 147 -69.65 -45.20 7.90
CA HIS R 147 -70.52 -45.15 6.73
C HIS R 147 -70.98 -43.71 6.50
N ARG R 148 -71.33 -43.44 5.24
CA ARG R 148 -71.40 -42.15 4.53
C ARG R 148 -70.00 -41.66 4.16
N PHE R 149 -68.98 -42.34 4.66
CA PHE R 149 -67.68 -42.43 4.02
C PHE R 149 -67.53 -43.87 3.54
N ILE R 150 -66.43 -44.15 2.83
CA ILE R 150 -66.09 -45.46 2.30
C ILE R 150 -67.21 -45.99 1.40
N SER R 151 -67.18 -45.59 0.14
CA SER R 151 -68.11 -46.09 -0.85
C SER R 151 -67.43 -47.15 -1.73
N PHE R 152 -68.23 -48.09 -2.22
CA PHE R 152 -67.70 -49.12 -3.09
C PHE R 152 -67.35 -48.51 -4.45
N PHE R 153 -66.22 -48.93 -5.01
CA PHE R 153 -65.70 -48.36 -6.24
C PHE R 153 -65.70 -49.36 -7.39
N GLY R 154 -65.08 -50.51 -7.22
CA GLY R 154 -65.02 -51.48 -8.30
C GLY R 154 -64.26 -52.72 -7.90
N SER R 155 -63.78 -53.46 -8.90
CA SER R 155 -63.13 -54.74 -8.66
C SER R 155 -61.68 -54.81 -9.13
N LEU R 156 -61.12 -53.70 -9.59
CA LEU R 156 -59.69 -53.48 -9.89
C LEU R 156 -59.25 -54.21 -11.16
N LEU R 157 -58.46 -53.55 -11.99
CA LEU R 157 -57.98 -54.10 -13.25
C LEU R 157 -56.57 -53.55 -13.49
N GLU R 158 -56.15 -53.55 -14.76
CA GLU R 158 -54.77 -53.46 -15.21
C GLU R 158 -53.88 -52.39 -14.58
N TYR R 159 -54.45 -51.24 -14.20
CA TYR R 159 -53.78 -50.11 -13.52
C TYR R 159 -52.57 -49.55 -14.28
N THR R 160 -51.99 -48.46 -13.78
CA THR R 160 -50.78 -47.92 -14.39
C THR R 160 -49.60 -47.83 -13.45
N ILE R 161 -49.77 -47.14 -12.31
CA ILE R 161 -48.82 -46.71 -11.27
C ILE R 161 -47.50 -46.12 -11.81
N GLN R 162 -47.14 -44.94 -11.29
CA GLN R 162 -45.87 -44.31 -11.59
C GLN R 162 -45.50 -43.40 -10.43
N ASP R 163 -44.37 -43.70 -9.79
CA ASP R 163 -43.83 -42.97 -8.62
C ASP R 163 -44.87 -43.02 -7.51
N ASN R 164 -45.21 -41.90 -6.89
CA ASN R 164 -46.18 -41.87 -5.80
C ASN R 164 -47.61 -41.92 -6.34
N LEU R 165 -47.84 -41.38 -7.54
CA LEU R 165 -49.19 -41.34 -8.11
C LEU R 165 -49.70 -42.73 -8.45
N CYS R 166 -50.97 -42.95 -8.20
CA CYS R 166 -51.62 -44.24 -8.41
C CYS R 166 -52.78 -44.08 -9.37
N ASN R 167 -52.77 -44.86 -10.45
CA ASN R 167 -53.85 -44.85 -11.43
C ASN R 167 -54.41 -46.27 -11.50
N ILE R 168 -55.72 -46.39 -11.26
CA ILE R 168 -56.39 -47.68 -11.24
C ILE R 168 -57.61 -47.64 -12.14
N THR R 169 -57.96 -48.80 -12.71
CA THR R 169 -59.19 -49.00 -13.44
C THR R 169 -59.93 -50.17 -12.82
N ALA R 170 -61.25 -50.06 -12.73
CA ALA R 170 -62.04 -51.05 -12.03
C ALA R 170 -63.36 -51.28 -12.76
N VAL R 171 -64.00 -52.40 -12.44
CA VAL R 171 -65.31 -52.72 -13.01
C VAL R 171 -66.36 -52.17 -12.05
N ALA R 172 -66.99 -51.06 -12.44
CA ALA R 172 -67.94 -50.41 -11.54
C ALA R 172 -69.26 -51.17 -11.47
N LYS R 173 -69.76 -51.64 -12.61
CA LYS R 173 -70.99 -52.40 -12.63
C LYS R 173 -70.96 -53.35 -13.82
N GLY R 174 -71.77 -54.41 -13.73
CA GLY R 174 -71.78 -55.44 -14.73
C GLY R 174 -71.21 -56.73 -14.20
N PRO R 175 -71.31 -57.80 -14.97
CA PRO R 175 -70.77 -59.09 -14.53
C PRO R 175 -69.25 -59.10 -14.53
N GLN R 176 -68.69 -59.98 -13.70
CA GLN R 176 -67.27 -60.30 -13.78
C GLN R 176 -67.07 -61.30 -14.91
N GLU R 177 -65.81 -61.73 -15.12
CA GLU R 177 -65.35 -62.60 -16.21
C GLU R 177 -65.82 -62.13 -17.59
N ALA R 178 -66.12 -60.83 -17.73
CA ALA R 178 -66.48 -60.24 -18.99
C ALA R 178 -65.55 -59.11 -19.41
N ALA R 179 -64.52 -58.82 -18.62
CA ALA R 179 -63.50 -57.85 -18.99
C ALA R 179 -62.48 -58.52 -19.91
N ARG R 180 -61.38 -57.82 -20.17
CA ARG R 180 -60.25 -58.38 -20.92
C ARG R 180 -59.00 -57.62 -20.45
N THR R 181 -58.22 -58.25 -19.58
CA THR R 181 -56.98 -57.69 -19.09
C THR R 181 -55.82 -58.48 -19.68
N ASP R 182 -54.92 -57.78 -20.36
CA ASP R 182 -53.81 -58.47 -21.02
C ASP R 182 -52.74 -58.92 -20.03
N LYS R 183 -52.59 -58.22 -18.90
CA LYS R 183 -51.48 -58.49 -17.99
C LYS R 183 -51.87 -59.47 -16.88
N THR R 184 -52.38 -60.64 -17.28
CA THR R 184 -52.58 -61.73 -16.35
C THR R 184 -52.53 -63.04 -17.13
N SER R 185 -52.53 -64.15 -16.39
CA SER R 185 -52.25 -65.45 -17.00
C SER R 185 -53.39 -65.90 -17.91
N THR R 186 -54.62 -65.84 -17.43
CA THR R 186 -55.76 -66.37 -18.17
C THR R 186 -56.54 -65.30 -18.91
N ARG R 187 -56.04 -64.07 -18.96
CA ARG R 187 -56.63 -62.91 -19.63
C ARG R 187 -58.01 -62.54 -19.09
N ARG R 188 -58.41 -63.07 -17.94
CA ARG R 188 -59.68 -62.74 -17.31
C ARG R 188 -59.45 -62.59 -15.81
N VAL R 189 -60.46 -62.07 -15.12
CA VAL R 189 -60.33 -61.68 -13.72
C VAL R 189 -61.51 -62.26 -12.93
N THR R 190 -61.19 -62.87 -11.78
CA THR R 190 -62.19 -63.28 -10.81
C THR R 190 -61.85 -62.68 -9.45
N ALA R 191 -62.88 -62.37 -8.67
CA ALA R 191 -62.71 -61.57 -7.47
C ALA R 191 -62.48 -62.43 -6.24
N ASN R 192 -61.77 -61.86 -5.26
CA ASN R 192 -61.53 -62.53 -4.00
C ASN R 192 -61.48 -61.52 -2.86
N ILE R 193 -61.67 -62.01 -1.64
CA ILE R 193 -61.58 -61.19 -0.44
C ILE R 193 -60.80 -61.95 0.62
N PRO R 194 -60.18 -61.28 1.59
CA PRO R 194 -59.61 -62.00 2.74
C PRO R 194 -60.71 -62.66 3.55
N ALA R 195 -60.37 -63.78 4.20
CA ALA R 195 -61.37 -64.63 4.83
C ALA R 195 -61.99 -63.98 6.06
N CYS R 196 -61.30 -63.02 6.67
CA CYS R 196 -61.85 -62.38 7.86
C CYS R 196 -62.95 -61.40 7.50
N VAL R 197 -63.00 -60.94 6.26
CA VAL R 197 -64.00 -59.95 5.85
C VAL R 197 -65.21 -60.67 5.28
N PHE R 198 -65.19 -62.00 5.32
CA PHE R 198 -66.25 -62.81 4.72
C PHE R 198 -67.23 -63.24 5.80
N TRP R 199 -68.50 -63.36 5.41
CA TRP R 199 -69.58 -63.73 6.32
C TRP R 199 -70.66 -64.40 5.49
N ASP R 200 -71.05 -65.61 5.88
CA ASP R 200 -72.12 -66.34 5.20
C ASP R 200 -73.27 -66.42 6.20
N VAL R 201 -74.21 -65.47 6.09
CA VAL R 201 -75.27 -65.38 7.09
C VAL R 201 -76.35 -66.43 6.90
N ASP R 202 -76.40 -67.10 5.75
CA ASP R 202 -77.42 -68.12 5.54
C ASP R 202 -77.08 -69.40 6.28
N LYS R 203 -75.80 -69.79 6.32
CA LYS R 203 -75.42 -70.96 7.08
C LYS R 203 -75.42 -70.68 8.58
N ASP R 204 -75.27 -69.41 8.98
CA ASP R 204 -75.38 -69.07 10.39
C ASP R 204 -76.82 -69.09 10.86
N LEU R 205 -77.75 -68.58 10.04
CA LEU R 205 -79.15 -68.59 10.40
C LEU R 205 -79.83 -69.93 10.13
N HIS R 206 -79.11 -70.88 9.53
CA HIS R 206 -79.62 -72.22 9.20
C HIS R 206 -80.86 -72.13 8.32
N LEU R 207 -80.75 -71.34 7.25
CA LEU R 207 -81.89 -71.05 6.37
C LEU R 207 -81.40 -71.18 4.93
N SER R 208 -81.58 -72.38 4.36
CA SER R 208 -81.34 -72.73 2.96
C SER R 208 -79.89 -72.58 2.51
N ALA R 209 -79.58 -73.04 1.30
CA ALA R 209 -78.22 -72.98 0.78
C ALA R 209 -78.16 -72.47 -0.64
N ASP R 210 -79.23 -72.64 -1.41
CA ASP R 210 -79.24 -72.34 -2.83
C ASP R 210 -80.11 -71.13 -3.13
N GLY R 211 -80.04 -70.69 -4.38
CA GLY R 211 -80.78 -69.54 -4.86
C GLY R 211 -79.87 -68.41 -5.26
N LEU R 212 -80.49 -67.32 -5.72
CA LEU R 212 -79.76 -66.11 -6.06
C LEU R 212 -79.28 -65.47 -4.77
N LYS R 213 -77.97 -65.34 -4.61
CA LYS R 213 -77.37 -64.81 -3.40
C LYS R 213 -76.99 -63.34 -3.60
N HIS R 214 -77.64 -62.46 -2.86
CA HIS R 214 -77.22 -61.07 -2.81
C HIS R 214 -75.90 -60.96 -2.06
N VAL R 215 -75.11 -59.96 -2.44
CA VAL R 215 -73.87 -59.64 -1.75
C VAL R 215 -74.06 -58.29 -1.07
N PHE R 216 -73.62 -58.19 0.19
CA PHE R 216 -73.77 -56.98 0.96
C PHE R 216 -72.42 -56.57 1.53
N LEU R 217 -72.23 -55.28 1.70
CA LEU R 217 -71.09 -54.72 2.42
C LEU R 217 -71.62 -54.16 3.73
N VAL R 218 -71.23 -54.79 4.84
CA VAL R 218 -71.85 -54.54 6.14
C VAL R 218 -70.83 -53.88 7.05
N PHE R 219 -71.22 -52.75 7.63
CA PHE R 219 -70.46 -52.12 8.70
C PHE R 219 -71.12 -52.44 10.02
N VAL R 220 -70.36 -53.04 10.94
CA VAL R 220 -70.85 -53.41 12.26
C VAL R 220 -70.22 -52.48 13.28
N TYR R 221 -71.03 -52.00 14.23
CA TYR R 221 -70.59 -51.08 15.26
C TYR R 221 -70.68 -51.75 16.62
N THR R 222 -69.65 -51.53 17.45
CA THR R 222 -69.60 -52.05 18.81
C THR R 222 -69.43 -50.85 19.74
N GLN R 223 -70.54 -50.34 20.26
CA GLN R 223 -70.51 -49.18 21.13
C GLN R 223 -69.97 -49.57 22.51
N ARG R 224 -68.99 -48.79 22.99
CA ARG R 224 -68.21 -49.08 24.19
C ARG R 224 -67.59 -50.48 24.10
N ARG R 225 -67.99 -51.37 25.01
CA ARG R 225 -67.64 -52.80 24.98
C ARG R 225 -66.12 -52.98 25.02
N GLN R 226 -65.54 -52.56 26.14
CA GLN R 226 -64.09 -52.61 26.41
C GLN R 226 -63.30 -51.84 25.34
N ARG R 227 -63.82 -50.65 24.99
CA ARG R 227 -63.16 -49.68 24.12
C ARG R 227 -62.82 -50.25 22.74
N GLU R 228 -63.77 -51.02 22.21
CA GLU R 228 -63.57 -51.67 20.91
C GLU R 228 -64.07 -50.76 19.80
N GLY R 229 -63.81 -51.16 18.55
CA GLY R 229 -64.11 -50.33 17.41
C GLY R 229 -65.07 -50.93 16.42
N VAL R 230 -64.68 -50.97 15.14
CA VAL R 230 -65.56 -51.38 14.06
C VAL R 230 -64.88 -52.47 13.25
N ARG R 231 -65.70 -53.30 12.62
CA ARG R 231 -65.23 -54.27 11.65
C ARG R 231 -66.02 -54.09 10.37
N LEU R 232 -65.49 -54.63 9.28
CA LEU R 232 -66.19 -54.64 8.02
C LEU R 232 -66.45 -56.10 7.63
N HIS R 233 -67.67 -56.38 7.20
CA HIS R 233 -68.05 -57.71 6.77
C HIS R 233 -68.67 -57.66 5.39
N LEU R 234 -68.26 -58.59 4.54
CA LEU R 234 -68.84 -58.76 3.21
C LEU R 234 -69.74 -59.98 3.29
N ALA R 235 -71.05 -59.74 3.37
CA ALA R 235 -72.00 -60.80 3.65
C ALA R 235 -72.73 -61.25 2.39
N LEU R 236 -72.88 -62.56 2.27
CA LEU R 236 -73.71 -63.17 1.23
C LEU R 236 -75.05 -63.53 1.87
N SER R 237 -76.14 -63.19 1.20
CA SER R 237 -77.46 -63.43 1.77
C SER R 237 -78.48 -63.63 0.67
N GLN R 238 -79.42 -64.54 0.88
CA GLN R 238 -80.52 -64.69 -0.05
C GLN R 238 -81.72 -63.82 0.31
N LEU R 239 -81.61 -63.03 1.38
CA LEU R 239 -82.69 -62.14 1.77
C LEU R 239 -82.75 -60.94 0.84
N ASN R 240 -83.90 -60.27 0.83
CA ASN R 240 -84.07 -59.05 0.04
C ASN R 240 -83.29 -57.91 0.70
N GLU R 241 -83.10 -56.83 -0.06
CA GLU R 241 -82.37 -55.69 0.46
C GLU R 241 -83.16 -54.96 1.55
N GLN R 242 -84.49 -54.96 1.42
CA GLN R 242 -85.32 -54.45 2.51
C GLN R 242 -85.26 -55.36 3.73
N CYS R 243 -85.08 -56.66 3.49
CA CYS R 243 -84.80 -57.61 4.56
C CYS R 243 -83.31 -57.55 4.89
N PHE R 244 -82.81 -58.54 5.64
CA PHE R 244 -81.43 -58.72 6.04
C PHE R 244 -81.00 -57.67 7.09
N GLY R 245 -81.82 -56.64 7.31
CA GLY R 245 -81.65 -55.82 8.48
C GLY R 245 -82.06 -56.54 9.73
N ARG R 246 -83.11 -57.36 9.63
CA ARG R 246 -83.49 -58.23 10.75
C ARG R 246 -82.48 -59.36 10.91
N GLY R 247 -81.83 -59.76 9.82
CA GLY R 247 -80.78 -60.76 9.92
C GLY R 247 -79.57 -60.27 10.69
N ILE R 248 -79.31 -58.96 10.64
CA ILE R 248 -78.25 -58.38 11.46
C ILE R 248 -78.78 -58.06 12.86
N GLY R 249 -80.05 -57.70 12.96
CA GLY R 249 -80.66 -57.50 14.27
C GLY R 249 -80.75 -58.79 15.07
N PHE R 250 -81.09 -59.88 14.41
CA PHE R 250 -80.95 -61.19 15.02
C PHE R 250 -79.48 -61.60 14.95
N LEU R 251 -79.13 -62.66 15.70
CA LEU R 251 -77.80 -63.27 15.72
C LEU R 251 -76.73 -62.33 16.25
N LEU R 252 -76.42 -61.26 15.50
CA LEU R 252 -75.43 -60.29 15.95
C LEU R 252 -75.90 -59.58 17.21
N GLY R 253 -77.18 -59.22 17.25
CA GLY R 253 -77.75 -58.67 18.47
C GLY R 253 -78.10 -59.70 19.53
N ALA R 254 -78.22 -60.97 19.14
CA ALA R 254 -78.52 -62.02 20.11
C ALA R 254 -77.34 -62.36 20.99
N ARG R 255 -76.13 -62.44 20.44
CA ARG R 255 -74.93 -62.71 21.22
C ARG R 255 -74.45 -61.38 21.81
N ILE R 256 -74.87 -61.13 23.04
CA ILE R 256 -74.58 -59.87 23.71
C ILE R 256 -74.55 -60.09 25.22
N CYS R 257 -78.06 -48.50 20.12
CA CYS R 257 -78.61 -47.87 18.93
C CYS R 257 -77.53 -47.63 17.89
N MET R 258 -77.95 -47.38 16.65
CA MET R 258 -77.10 -46.97 15.54
C MET R 258 -76.02 -48.04 15.27
N TYR R 259 -76.41 -49.30 15.40
CA TYR R 259 -75.46 -50.39 15.59
C TYR R 259 -74.93 -51.01 14.30
N ALA R 260 -75.62 -50.84 13.18
CA ALA R 260 -75.14 -51.48 11.95
C ALA R 260 -75.58 -50.66 10.75
N ALA R 261 -74.82 -50.80 9.67
CA ALA R 261 -75.11 -50.08 8.43
C ALA R 261 -74.59 -50.92 7.27
N TYR R 262 -75.47 -51.21 6.31
CA TYR R 262 -75.14 -52.10 5.20
C TYR R 262 -75.68 -51.53 3.91
N THR R 263 -75.03 -51.90 2.80
CA THR R 263 -75.47 -51.52 1.47
C THR R 263 -75.41 -52.72 0.54
N LEU R 264 -76.17 -52.64 -0.55
CA LEU R 264 -76.13 -53.68 -1.57
C LEU R 264 -75.02 -53.38 -2.56
N ILE R 265 -74.25 -54.40 -2.90
CA ILE R 265 -73.12 -54.24 -3.81
C ILE R 265 -73.30 -55.04 -5.10
N GLY R 266 -73.87 -56.24 -5.04
CA GLY R 266 -74.06 -57.03 -6.25
C GLY R 266 -74.82 -58.30 -5.94
N THR R 267 -75.15 -59.02 -7.01
CA THR R 267 -75.88 -60.28 -6.89
C THR R 267 -75.10 -61.40 -7.55
N ILE R 268 -75.35 -62.62 -7.08
CA ILE R 268 -74.77 -63.83 -7.66
C ILE R 268 -75.89 -64.67 -8.26
N PRO R 269 -76.06 -64.68 -9.58
CA PRO R 269 -77.19 -65.39 -10.18
C PRO R 269 -76.96 -66.89 -10.43
N SER R 270 -75.93 -67.47 -9.85
CA SER R 270 -75.66 -68.89 -10.07
C SER R 270 -76.67 -69.74 -9.30
N GLU R 271 -76.76 -71.01 -9.69
CA GLU R 271 -77.65 -71.95 -9.03
C GLU R 271 -77.16 -72.26 -7.61
N SER R 272 -75.90 -72.67 -7.50
CA SER R 272 -75.25 -72.91 -6.22
C SER R 272 -73.90 -72.19 -6.24
N VAL R 273 -73.62 -71.42 -5.19
CA VAL R 273 -72.38 -70.65 -5.14
C VAL R 273 -71.21 -71.59 -4.91
N ARG R 274 -70.04 -71.18 -5.43
CA ARG R 274 -68.81 -71.96 -5.30
C ARG R 274 -67.74 -71.10 -4.66
N TYR R 275 -66.95 -71.69 -3.78
CA TYR R 275 -65.87 -71.00 -3.09
C TYR R 275 -64.55 -71.70 -3.40
N THR R 276 -63.46 -71.05 -3.00
CA THR R 276 -62.14 -71.66 -3.09
C THR R 276 -61.27 -71.00 -2.02
N ARG R 277 -61.00 -71.73 -0.94
CA ARG R 277 -60.21 -71.19 0.16
C ARG R 277 -58.71 -71.39 -0.04
N ARG R 278 -58.23 -71.37 -1.28
CA ARG R 278 -56.84 -71.64 -1.58
C ARG R 278 -55.93 -70.57 -0.98
N MET R 279 -54.76 -71.01 -0.51
CA MET R 279 -53.77 -70.09 0.03
C MET R 279 -53.19 -69.24 -1.09
N GLU R 280 -52.94 -67.97 -0.79
CA GLU R 280 -52.42 -67.04 -1.79
C GLU R 280 -51.14 -66.39 -1.29
N ARG R 281 -50.16 -66.30 -2.19
CA ARG R 281 -48.92 -65.59 -1.90
C ARG R 281 -49.19 -64.10 -2.09
N PHE R 282 -49.34 -63.39 -0.97
CA PHE R 282 -49.74 -61.98 -1.04
C PHE R 282 -48.53 -61.12 -1.41
N GLY R 283 -47.51 -61.14 -0.56
CA GLY R 283 -46.26 -60.47 -0.86
C GLY R 283 -45.09 -61.29 -0.35
N GLY R 284 -45.27 -62.61 -0.35
CA GLY R 284 -44.37 -63.53 0.33
C GLY R 284 -44.96 -64.16 1.57
N TYR R 285 -46.25 -63.92 1.84
CA TYR R 285 -46.92 -64.44 3.02
C TYR R 285 -48.29 -64.97 2.61
N ASN R 286 -48.81 -65.89 3.44
CA ASN R 286 -50.02 -66.63 3.10
C ASN R 286 -51.26 -65.92 3.64
N VAL R 287 -52.19 -65.59 2.75
CA VAL R 287 -53.46 -64.96 3.12
C VAL R 287 -54.60 -65.79 2.53
N PRO R 288 -55.58 -66.20 3.33
CA PRO R 288 -56.66 -67.06 2.81
C PRO R 288 -57.74 -66.32 2.04
N THR R 289 -57.54 -66.12 0.74
CA THR R 289 -58.58 -65.51 -0.08
C THR R 289 -59.73 -66.49 -0.31
N ILE R 290 -60.86 -65.97 -0.81
CA ILE R 290 -62.11 -66.70 -0.85
C ILE R 290 -62.46 -67.09 -2.27
N TRP R 291 -62.08 -66.25 -3.24
CA TRP R 291 -62.21 -66.52 -4.69
C TRP R 291 -63.67 -66.75 -5.09
N LEU R 292 -64.47 -65.69 -4.94
CA LEU R 292 -65.86 -65.74 -5.39
C LEU R 292 -65.92 -65.88 -6.91
N GLU R 293 -66.90 -66.65 -7.37
CA GLU R 293 -67.01 -67.00 -8.78
C GLU R 293 -68.34 -66.51 -9.33
N GLY R 294 -68.29 -65.84 -10.48
CA GLY R 294 -69.48 -65.43 -11.20
C GLY R 294 -70.36 -64.43 -10.49
N VAL R 295 -69.76 -63.38 -9.95
CA VAL R 295 -70.50 -62.33 -9.25
C VAL R 295 -70.83 -61.23 -10.25
N VAL R 296 -72.00 -60.62 -10.08
CA VAL R 296 -72.46 -59.54 -10.93
C VAL R 296 -72.55 -58.28 -10.08
N TRP R 297 -71.65 -57.34 -10.30
CA TRP R 297 -71.66 -56.10 -9.53
C TRP R 297 -72.82 -55.22 -9.96
N GLY R 298 -73.31 -54.43 -9.01
CA GLY R 298 -74.44 -53.56 -9.25
C GLY R 298 -74.68 -52.66 -8.08
N GLY R 299 -75.95 -52.49 -7.69
CA GLY R 299 -76.28 -51.73 -6.50
C GLY R 299 -76.33 -50.23 -6.78
N THR R 300 -76.99 -49.52 -5.86
CA THR R 300 -77.21 -48.09 -6.00
C THR R 300 -76.51 -47.29 -4.91
N ASN R 301 -75.62 -47.93 -4.14
CA ASN R 301 -74.81 -47.30 -3.09
C ASN R 301 -75.68 -46.60 -2.05
N THR R 302 -76.78 -47.26 -1.69
CA THR R 302 -77.71 -46.74 -0.69
C THR R 302 -77.45 -47.42 0.64
N TRP R 303 -77.13 -46.64 1.66
CA TRP R 303 -76.80 -47.16 2.99
C TRP R 303 -78.09 -47.32 3.79
N ASN R 304 -78.73 -48.47 3.66
CA ASN R 304 -79.82 -48.82 4.56
C ASN R 304 -79.23 -49.10 5.93
N GLU R 305 -79.58 -48.28 6.92
CA GLU R 305 -78.98 -48.38 8.25
C GLU R 305 -80.05 -48.91 9.20
N CYS R 306 -79.69 -49.90 10.00
CA CYS R 306 -80.61 -50.49 10.97
C CYS R 306 -80.53 -49.74 12.30
#